data_6MEM
#
_entry.id   6MEM
#
loop_
_entity.id
_entity.type
_entity.pdbx_description
1 polymer 'Chlorophyll A/B binding protein 1'
2 polymer 'Chlorophyll A/B binding protein 5'
3 polymer 'Chlorophyll A/B binding protein 3'
4 polymer 'Chlorophyll A/B binding protein 7'
5 polymer 'Chlorophyll A/B binding protein 4'
6 polymer 'Chlorophyll A/B binding protein 9'
7 polymer 'Chlorophyll A/B binding protein 8'
8 polymer 'Chlorophyll A/B binding protein 2'
9 polymer 'Chlorophyll A/B binding protein 6'
10 polymer PsaA
11 polymer 'Chlorophyll A/B binding protein 10'
12 polymer PsaB
13 polymer 'Chlorophyll A/B binding protein 11'
14 polymer PsaC
15 polymer 'Chlorophyll A/B binding protein 12'
16 polymer PsaD
17 polymer PsaE
18 polymer PsaF
19 polymer PsaG
20 polymer PsaH
21 polymer PsaI
22 polymer PsaJ
23 polymer PsaK
24 polymer PsaL
#
loop_
_entity_poly.entity_id
_entity_poly.type
_entity_poly.pdbx_seq_one_letter_code
_entity_poly.pdbx_strand_id
1 'polypeptide(L)'
;(UNK)(UNK)(UNK)(UNK)(UNK)(UNK)(UNK)(UNK)(UNK)(UNK)(UNK)(UNK)(UNK)(UNK)(UNK)(UNK)
(UNK)(UNK)(UNK)(UNK)(UNK)(UNK)(UNK)(UNK)(UNK)(UNK)(UNK)(UNK)(UNK)(UNK)(UNK)(UNK)
(UNK)(UNK)(UNK)(UNK)(UNK)(UNK)(UNK)(UNK)(UNK)(UNK)(UNK)(UNK)(UNK)(UNK)(UNK)(UNK)
(UNK)(UNK)(UNK)(UNK)(UNK)(UNK)(UNK)(UNK)(UNK)(UNK)(UNK)(UNK)(UNK)(UNK)(UNK)(UNK)
(UNK)(UNK)(UNK)(UNK)(UNK)(UNK)(UNK)(UNK)(UNK)(UNK)(UNK)(UNK)(UNK)(UNK)(UNK)(UNK)
(UNK)(UNK)(UNK)(UNK)(UNK)(UNK)(UNK)(UNK)(UNK)(UNK)(UNK)(UNK)(UNK)(UNK)(UNK)(UNK)
(UNK)(UNK)(UNK)(UNK)(UNK)(UNK)(UNK)(UNK)(UNK)(UNK)(UNK)(UNK)(UNK)(UNK)(UNK)(UNK)
(UNK)(UNK)(UNK)(UNK)(UNK)(UNK)(UNK)(UNK)(UNK)(UNK)(UNK)(UNK)(UNK)(UNK)(UNK)(UNK)
(UNK)(UNK)(UNK)(UNK)(UNK)(UNK)(UNK)(UNK)(UNK)(UNK)(UNK)(UNK)(UNK)(UNK)(UNK)(UNK)
(UNK)(UNK)(UNK)(UNK)(UNK)(UNK)(UNK)(UNK)(UNK)(UNK)(UNK)(UNK)(UNK)(UNK)(UNK)(UNK)
(UNK)(UNK)(UNK)(UNK)(UNK)(UNK)(UNK)(UNK)(UNK)(UNK)(UNK)(UNK)(UNK)(UNK)(UNK)(UNK)
(UNK)(UNK)(UNK)(UNK)(UNK)(UNK)(UNK)(UNK)(UNK)(UNK)(UNK)(UNK)(UNK)(UNK)(UNK)(UNK)
(UNK)
;
A
2 'polypeptide(L)'
;(UNK)(UNK)(UNK)(UNK)(UNK)(UNK)(UNK)(UNK)(UNK)(UNK)(UNK)(UNK)(UNK)(UNK)(UNK)(UNK)
(UNK)(UNK)(UNK)(UNK)(UNK)(UNK)(UNK)(UNK)(UNK)(UNK)(UNK)(UNK)(UNK)(UNK)(UNK)(UNK)
(UNK)(UNK)(UNK)(UNK)(UNK)(UNK)(UNK)(UNK)(UNK)(UNK)(UNK)(UNK)(UNK)(UNK)(UNK)(UNK)
(UNK)(UNK)(UNK)(UNK)(UNK)(UNK)(UNK)(UNK)(UNK)(UNK)(UNK)(UNK)(UNK)(UNK)(UNK)(UNK)
(UNK)(UNK)(UNK)(UNK)(UNK)(UNK)(UNK)(UNK)(UNK)(UNK)(UNK)(UNK)(UNK)(UNK)(UNK)(UNK)
(UNK)(UNK)(UNK)(UNK)(UNK)(UNK)(UNK)(UNK)(UNK)(UNK)(UNK)(UNK)(UNK)(UNK)(UNK)(UNK)
(UNK)(UNK)(UNK)(UNK)(UNK)(UNK)(UNK)(UNK)(UNK)(UNK)(UNK)(UNK)(UNK)(UNK)(UNK)(UNK)
(UNK)(UNK)(UNK)(UNK)(UNK)(UNK)(UNK)(UNK)(UNK)(UNK)(UNK)(UNK)(UNK)(UNK)(UNK)(UNK)
(UNK)(UNK)(UNK)(UNK)(UNK)(UNK)(UNK)(UNK)(UNK)(UNK)(UNK)(UNK)(UNK)(UNK)(UNK)(UNK)
(UNK)(UNK)(UNK)(UNK)(UNK)(UNK)(UNK)(UNK)(UNK)(UNK)(UNK)(UNK)(UNK)(UNK)(UNK)(UNK)
(UNK)(UNK)(UNK)(UNK)(UNK)(UNK)(UNK)(UNK)(UNK)(UNK)(UNK)(UNK)(UNK)(UNK)(UNK)(UNK)
(UNK)(UNK)(UNK)(UNK)(UNK)(UNK)(UNK)(UNK)(UNK)(UNK)(UNK)(UNK)(UNK)(UNK)(UNK)(UNK)
(UNK)(UNK)(UNK)
;
B
3 'polypeptide(L)'
;(UNK)(UNK)(UNK)(UNK)(UNK)(UNK)(UNK)(UNK)(UNK)(UNK)(UNK)(UNK)(UNK)(UNK)(UNK)(UNK)
(UNK)(UNK)(UNK)(UNK)(UNK)(UNK)(UNK)(UNK)(UNK)(UNK)(UNK)(UNK)(UNK)(UNK)(UNK)(UNK)
(UNK)(UNK)(UNK)(UNK)(UNK)(UNK)(UNK)(UNK)(UNK)(UNK)(UNK)(UNK)(UNK)(UNK)(UNK)(UNK)
(UNK)(UNK)(UNK)(UNK)(UNK)(UNK)(UNK)(UNK)(UNK)(UNK)(UNK)(UNK)(UNK)(UNK)(UNK)(UNK)
(UNK)(UNK)(UNK)(UNK)(UNK)(UNK)(UNK)(UNK)(UNK)(UNK)(UNK)(UNK)(UNK)(UNK)(UNK)(UNK)
(UNK)(UNK)(UNK)(UNK)(UNK)(UNK)(UNK)(UNK)(UNK)(UNK)(UNK)(UNK)(UNK)(UNK)(UNK)(UNK)
(UNK)(UNK)(UNK)(UNK)(UNK)(UNK)(UNK)(UNK)(UNK)(UNK)(UNK)(UNK)(UNK)(UNK)(UNK)(UNK)
(UNK)(UNK)(UNK)(UNK)(UNK)(UNK)(UNK)(UNK)(UNK)(UNK)(UNK)(UNK)(UNK)(UNK)(UNK)(UNK)
(UNK)(UNK)(UNK)(UNK)(UNK)(UNK)(UNK)(UNK)(UNK)(UNK)(UNK)(UNK)(UNK)(UNK)(UNK)(UNK)
(UNK)(UNK)(UNK)(UNK)(UNK)(UNK)(UNK)(UNK)(UNK)(UNK)(UNK)(UNK)(UNK)(UNK)(UNK)(UNK)
(UNK)(UNK)(UNK)(UNK)(UNK)(UNK)(UNK)(UNK)(UNK)(UNK)(UNK)(UNK)(UNK)(UNK)(UNK)(UNK)
(UNK)(UNK)(UNK)(UNK)(UNK)(UNK)(UNK)(UNK)(UNK)(UNK)(UNK)(UNK)(UNK)(UNK)(UNK)(UNK)
(UNK)(UNK)(UNK)(UNK)(UNK)(UNK)(UNK)(UNK)(UNK)(UNK)(UNK)(UNK)(UNK)(UNK)(UNK)(UNK)
;
C
4 'polypeptide(L)'
;(UNK)(UNK)(UNK)(UNK)(UNK)(UNK)(UNK)(UNK)(UNK)(UNK)(UNK)(UNK)(UNK)(UNK)(UNK)(UNK)
(UNK)(UNK)(UNK)(UNK)(UNK)(UNK)(UNK)(UNK)(UNK)(UNK)(UNK)(UNK)(UNK)(UNK)(UNK)(UNK)
(UNK)(UNK)(UNK)(UNK)(UNK)(UNK)(UNK)(UNK)(UNK)(UNK)(UNK)(UNK)(UNK)(UNK)(UNK)(UNK)
(UNK)(UNK)(UNK)(UNK)(UNK)(UNK)(UNK)(UNK)(UNK)(UNK)(UNK)(UNK)(UNK)(UNK)(UNK)(UNK)
(UNK)(UNK)(UNK)(UNK)(UNK)(UNK)(UNK)(UNK)(UNK)(UNK)(UNK)(UNK)(UNK)(UNK)(UNK)(UNK)
(UNK)(UNK)(UNK)(UNK)(UNK)(UNK)(UNK)(UNK)(UNK)(UNK)(UNK)(UNK)(UNK)(UNK)(UNK)(UNK)
(UNK)(UNK)(UNK)(UNK)(UNK)(UNK)(UNK)(UNK)(UNK)(UNK)(UNK)(UNK)(UNK)(UNK)(UNK)(UNK)
(UNK)(UNK)(UNK)(UNK)(UNK)(UNK)(UNK)(UNK)(UNK)(UNK)(UNK)(UNK)(UNK)(UNK)(UNK)(UNK)
(UNK)(UNK)(UNK)(UNK)(UNK)(UNK)(UNK)(UNK)(UNK)(UNK)(UNK)(UNK)(UNK)(UNK)(UNK)(UNK)
(UNK)(UNK)(UNK)(UNK)(UNK)(UNK)(UNK)(UNK)(UNK)(UNK)(UNK)(UNK)(UNK)(UNK)(UNK)(UNK)
(UNK)(UNK)(UNK)(UNK)(UNK)(UNK)(UNK)(UNK)(UNK)(UNK)(UNK)(UNK)(UNK)(UNK)(UNK)(UNK)
(UNK)(UNK)(UNK)(UNK)(UNK)(UNK)(UNK)(UNK)(UNK)(UNK)(UNK)(UNK)(UNK)(UNK)(UNK)(UNK)
(UNK)(UNK)(UNK)(UNK)(UNK)(UNK)(UNK)(UNK)(UNK)(UNK)(UNK)(UNK)(UNK)(UNK)
;
D
5 'polypeptide(L)'
;(UNK)(UNK)(UNK)(UNK)(UNK)(UNK)(UNK)(UNK)(UNK)(UNK)(UNK)(UNK)(UNK)(UNK)(UNK)(UNK)
(UNK)(UNK)(UNK)(UNK)(UNK)(UNK)(UNK)(UNK)(UNK)(UNK)(UNK)(UNK)(UNK)(UNK)(UNK)(UNK)
(UNK)(UNK)(UNK)(UNK)(UNK)(UNK)(UNK)(UNK)(UNK)(UNK)(UNK)(UNK)(UNK)(UNK)(UNK)(UNK)
(UNK)(UNK)(UNK)(UNK)(UNK)(UNK)(UNK)(UNK)(UNK)(UNK)(UNK)(UNK)(UNK)(UNK)(UNK)(UNK)
(UNK)(UNK)(UNK)(UNK)(UNK)(UNK)(UNK)(UNK)(UNK)(UNK)(UNK)(UNK)(UNK)(UNK)(UNK)(UNK)
(UNK)(UNK)(UNK)(UNK)(UNK)(UNK)(UNK)(UNK)(UNK)(UNK)(UNK)(UNK)(UNK)(UNK)(UNK)(UNK)
(UNK)(UNK)(UNK)(UNK)(UNK)(UNK)(UNK)(UNK)(UNK)(UNK)(UNK)(UNK)(UNK)(UNK)(UNK)(UNK)
(UNK)(UNK)(UNK)(UNK)(UNK)(UNK)(UNK)(UNK)(UNK)(UNK)(UNK)(UNK)(UNK)(UNK)(UNK)(UNK)
(UNK)(UNK)(UNK)(UNK)(UNK)(UNK)(UNK)(UNK)(UNK)(UNK)(UNK)(UNK)(UNK)(UNK)(UNK)(UNK)
(UNK)(UNK)(UNK)(UNK)(UNK)(UNK)(UNK)(UNK)(UNK)(UNK)(UNK)(UNK)(UNK)(UNK)(UNK)(UNK)
(UNK)(UNK)(UNK)(UNK)(UNK)(UNK)(UNK)(UNK)(UNK)(UNK)(UNK)(UNK)(UNK)(UNK)(UNK)(UNK)
(UNK)(UNK)(UNK)(UNK)(UNK)(UNK)(UNK)(UNK)(UNK)(UNK)(UNK)(UNK)(UNK)(UNK)(UNK)(UNK)
(UNK)(UNK)(UNK)(UNK)(UNK)(UNK)(UNK)(UNK)(UNK)(UNK)(UNK)(UNK)(UNK)(UNK)(UNK)(UNK)
(UNK)(UNK)(UNK)(UNK)(UNK)(UNK)(UNK)(UNK)(UNK)(UNK)(UNK)(UNK)(UNK)
;
E
6 'polypeptide(L)'
;(UNK)(UNK)(UNK)(UNK)(UNK)(UNK)(UNK)(UNK)(UNK)(UNK)(UNK)(UNK)(UNK)(UNK)(UNK)(UNK)
(UNK)(UNK)(UNK)(UNK)(UNK)(UNK)(UNK)(UNK)(UNK)(UNK)(UNK)(UNK)(UNK)(UNK)(UNK)(UNK)
(UNK)(UNK)(UNK)(UNK)(UNK)(UNK)(UNK)(UNK)(UNK)(UNK)(UNK)(UNK)(UNK)(UNK)(UNK)(UNK)
(UNK)(UNK)(UNK)(UNK)(UNK)(UNK)(UNK)(UNK)(UNK)(UNK)(UNK)(UNK)(UNK)(UNK)(UNK)(UNK)
(UNK)(UNK)(UNK)(UNK)(UNK)(UNK)(UNK)(UNK)(UNK)(UNK)(UNK)(UNK)(UNK)(UNK)(UNK)(UNK)
(UNK)(UNK)(UNK)(UNK)(UNK)(UNK)(UNK)(UNK)(UNK)(UNK)(UNK)(UNK)(UNK)(UNK)(UNK)(UNK)
(UNK)(UNK)(UNK)(UNK)(UNK)(UNK)(UNK)(UNK)(UNK)(UNK)(UNK)(UNK)(UNK)(UNK)(UNK)(UNK)
(UNK)(UNK)(UNK)(UNK)(UNK)(UNK)(UNK)(UNK)(UNK)(UNK)(UNK)(UNK)(UNK)(UNK)(UNK)(UNK)
(UNK)(UNK)(UNK)(UNK)(UNK)(UNK)(UNK)(UNK)(UNK)(UNK)(UNK)(UNK)(UNK)(UNK)(UNK)(UNK)
(UNK)(UNK)(UNK)(UNK)(UNK)(UNK)(UNK)(UNK)(UNK)(UNK)(UNK)(UNK)(UNK)(UNK)(UNK)(UNK)
(UNK)(UNK)(UNK)(UNK)(UNK)(UNK)(UNK)(UNK)(UNK)(UNK)(UNK)(UNK)(UNK)(UNK)(UNK)(UNK)
(UNK)(UNK)(UNK)(UNK)(UNK)(UNK)(UNK)(UNK)(UNK)(UNK)(UNK)(UNK)(UNK)(UNK)(UNK)(UNK)
(UNK)(UNK)(UNK)(UNK)(UNK)(UNK)(UNK)(UNK)(UNK)(UNK)(UNK)(UNK)(UNK)(UNK)(UNK)(UNK)
(UNK)(UNK)(UNK)(UNK)(UNK)(UNK)(UNK)(UNK)(UNK)(UNK)
;
F
7 'polypeptide(L)'
;(UNK)(UNK)(UNK)(UNK)(UNK)(UNK)(UNK)(UNK)(UNK)(UNK)(UNK)(UNK)(UNK)(UNK)(UNK)(UNK)
(UNK)(UNK)(UNK)(UNK)(UNK)(UNK)(UNK)(UNK)(UNK)(UNK)(UNK)(UNK)(UNK)(UNK)(UNK)(UNK)
(UNK)(UNK)(UNK)(UNK)(UNK)(UNK)(UNK)(UNK)(UNK)(UNK)(UNK)(UNK)(UNK)(UNK)(UNK)(UNK)
(UNK)(UNK)(UNK)(UNK)(UNK)(UNK)(UNK)(UNK)(UNK)(UNK)(UNK)(UNK)(UNK)(UNK)(UNK)(UNK)
(UNK)(UNK)(UNK)(UNK)(UNK)(UNK)(UNK)(UNK)(UNK)(UNK)(UNK)(UNK)(UNK)(UNK)(UNK)(UNK)
(UNK)(UNK)(UNK)(UNK)(UNK)(UNK)(UNK)(UNK)(UNK)(UNK)(UNK)(UNK)(UNK)(UNK)(UNK)(UNK)
(UNK)(UNK)(UNK)(UNK)(UNK)(UNK)(UNK)(UNK)(UNK)(UNK)(UNK)(UNK)(UNK)(UNK)(UNK)(UNK)
(UNK)(UNK)(UNK)(UNK)(UNK)(UNK)(UNK)(UNK)(UNK)(UNK)(UNK)(UNK)(UNK)(UNK)(UNK)(UNK)
(UNK)(UNK)(UNK)(UNK)(UNK)(UNK)(UNK)(UNK)(UNK)(UNK)(UNK)(UNK)(UNK)(UNK)(UNK)(UNK)
(UNK)(UNK)(UNK)(UNK)(UNK)(UNK)(UNK)(UNK)(UNK)(UNK)(UNK)(UNK)(UNK)(UNK)(UNK)(UNK)
(UNK)(UNK)(UNK)(UNK)(UNK)(UNK)(UNK)(UNK)(UNK)(UNK)(UNK)(UNK)(UNK)(UNK)(UNK)(UNK)
(UNK)(UNK)(UNK)(UNK)(UNK)(UNK)(UNK)(UNK)(UNK)(UNK)(UNK)(UNK)(UNK)(UNK)(UNK)(UNK)
(UNK)(UNK)(UNK)(UNK)(UNK)(UNK)(UNK)(UNK)(UNK)(UNK)(UNK)(UNK)(UNK)(UNK)(UNK)(UNK)
(UNK)(UNK)(UNK)(UNK)(UNK)(UNK)(UNK)(UNK)(UNK)(UNK)(UNK)
;
G
8 'polypeptide(L)'
;(UNK)(UNK)(UNK)(UNK)(UNK)(UNK)(UNK)(UNK)(UNK)(UNK)(UNK)(UNK)(UNK)(UNK)(UNK)(UNK)
(UNK)(UNK)(UNK)(UNK)(UNK)(UNK)(UNK)(UNK)(UNK)(UNK)(UNK)(UNK)(UNK)(UNK)(UNK)(UNK)
(UNK)(UNK)(UNK)(UNK)(UNK)(UNK)(UNK)(UNK)(UNK)(UNK)(UNK)(UNK)(UNK)(UNK)(UNK)(UNK)
(UNK)(UNK)(UNK)(UNK)(UNK)(UNK)(UNK)(UNK)(UNK)(UNK)(UNK)(UNK)(UNK)(UNK)(UNK)(UNK)
(UNK)(UNK)(UNK)(UNK)(UNK)(UNK)(UNK)(UNK)(UNK)(UNK)(UNK)(UNK)(UNK)(UNK)(UNK)(UNK)
(UNK)(UNK)(UNK)(UNK)(UNK)(UNK)(UNK)(UNK)(UNK)(UNK)(UNK)(UNK)(UNK)(UNK)(UNK)(UNK)
(UNK)(UNK)(UNK)(UNK)(UNK)(UNK)(UNK)(UNK)(UNK)(UNK)(UNK)(UNK)(UNK)(UNK)(UNK)(UNK)
(UNK)(UNK)(UNK)(UNK)(UNK)(UNK)(UNK)(UNK)(UNK)(UNK)(UNK)(UNK)(UNK)(UNK)(UNK)(UNK)
(UNK)(UNK)(UNK)(UNK)(UNK)(UNK)(UNK)(UNK)(UNK)(UNK)(UNK)(UNK)(UNK)(UNK)(UNK)(UNK)
(UNK)(UNK)(UNK)(UNK)(UNK)(UNK)(UNK)(UNK)(UNK)(UNK)(UNK)(UNK)(UNK)(UNK)(UNK)(UNK)
(UNK)(UNK)(UNK)(UNK)(UNK)(UNK)(UNK)(UNK)(UNK)(UNK)(UNK)(UNK)(UNK)(UNK)(UNK)(UNK)
(UNK)(UNK)(UNK)(UNK)(UNK)(UNK)(UNK)(UNK)(UNK)(UNK)(UNK)(UNK)(UNK)(UNK)(UNK)(UNK)
(UNK)(UNK)(UNK)(UNK)(UNK)(UNK)
;
H
9 'polypeptide(L)'
;(UNK)(UNK)(UNK)(UNK)(UNK)(UNK)(UNK)(UNK)(UNK)(UNK)(UNK)(UNK)(UNK)(UNK)(UNK)(UNK)
(UNK)(UNK)(UNK)(UNK)(UNK)(UNK)(UNK)(UNK)(UNK)(UNK)(UNK)(UNK)(UNK)(UNK)(UNK)(UNK)
(UNK)(UNK)(UNK)(UNK)(UNK)(UNK)(UNK)(UNK)(UNK)(UNK)(UNK)(UNK)(UNK)(UNK)(UNK)(UNK)
(UNK)(UNK)(UNK)(UNK)(UNK)(UNK)(UNK)(UNK)(UNK)(UNK)(UNK)(UNK)(UNK)(UNK)(UNK)(UNK)
(UNK)(UNK)(UNK)(UNK)(UNK)(UNK)(UNK)(UNK)(UNK)(UNK)(UNK)(UNK)(UNK)(UNK)(UNK)(UNK)
(UNK)(UNK)(UNK)(UNK)(UNK)(UNK)(UNK)(UNK)(UNK)(UNK)(UNK)(UNK)(UNK)(UNK)(UNK)(UNK)
(UNK)(UNK)(UNK)(UNK)(UNK)(UNK)(UNK)(UNK)(UNK)(UNK)(UNK)(UNK)(UNK)(UNK)(UNK)(UNK)
(UNK)(UNK)(UNK)(UNK)(UNK)(UNK)(UNK)(UNK)(UNK)(UNK)(UNK)(UNK)(UNK)(UNK)(UNK)(UNK)
(UNK)(UNK)(UNK)(UNK)(UNK)(UNK)(UNK)(UNK)(UNK)(UNK)(UNK)(UNK)(UNK)(UNK)(UNK)(UNK)
(UNK)(UNK)(UNK)(UNK)(UNK)(UNK)(UNK)(UNK)(UNK)(UNK)(UNK)(UNK)(UNK)(UNK)(UNK)(UNK)
(UNK)(UNK)(UNK)(UNK)(UNK)(UNK)(UNK)(UNK)(UNK)(UNK)(UNK)(UNK)(UNK)(UNK)(UNK)(UNK)
(UNK)(UNK)(UNK)(UNK)(UNK)(UNK)(UNK)(UNK)(UNK)(UNK)(UNK)(UNK)(UNK)(UNK)(UNK)(UNK)
(UNK)(UNK)(UNK)(UNK)
;
I
10 'polypeptide(L)'
;(UNK)(UNK)(UNK)(UNK)(UNK)(UNK)(UNK)(UNK)(UNK)(UNK)(UNK)(UNK)(UNK)(UNK)(UNK)(UNK)
(UNK)(UNK)(UNK)(UNK)(UNK)(UNK)(UNK)(UNK)(UNK)(UNK)(UNK)(UNK)(UNK)(UNK)(UNK)(UNK)
(UNK)(UNK)(UNK)(UNK)(UNK)(UNK)(UNK)(UNK)(UNK)(UNK)(UNK)(UNK)(UNK)(UNK)(UNK)(UNK)
(UNK)(UNK)(UNK)(UNK)(UNK)(UNK)(UNK)(UNK)(UNK)(UNK)(UNK)(UNK)(UNK)(UNK)(UNK)(UNK)
(UNK)(UNK)(UNK)(UNK)(UNK)(UNK)(UNK)(UNK)(UNK)(UNK)(UNK)(UNK)(UNK)(UNK)(UNK)(UNK)
(UNK)(UNK)(UNK)(UNK)(UNK)(UNK)(UNK)(UNK)(UNK)(UNK)(UNK)(UNK)(UNK)(UNK)(UNK)(UNK)
(UNK)(UNK)(UNK)(UNK)(UNK)(UNK)(UNK)(UNK)(UNK)(UNK)(UNK)(UNK)(UNK)(UNK)(UNK)(UNK)
(UNK)(UNK)(UNK)(UNK)(UNK)(UNK)(UNK)(UNK)(UNK)(UNK)(UNK)(UNK)(UNK)(UNK)(UNK)(UNK)
(UNK)(UNK)(UNK)(UNK)(UNK)(UNK)(UNK)(UNK)(UNK)(UNK)(UNK)(UNK)(UNK)(UNK)(UNK)(UNK)
(UNK)(UNK)(UNK)(UNK)(UNK)(UNK)(UNK)(UNK)(UNK)(UNK)(UNK)(UNK)(UNK)(UNK)(UNK)(UNK)
(UNK)(UNK)(UNK)(UNK)(UNK)(UNK)(UNK)(UNK)(UNK)(UNK)(UNK)(UNK)(UNK)(UNK)(UNK)(UNK)
(UNK)(UNK)(UNK)(UNK)(UNK)(UNK)(UNK)(UNK)(UNK)(UNK)(UNK)(UNK)(UNK)(UNK)(UNK)(UNK)
(UNK)(UNK)(UNK)(UNK)(UNK)(UNK)(UNK)(UNK)(UNK)(UNK)(UNK)(UNK)(UNK)(UNK)(UNK)(UNK)
(UNK)(UNK)(UNK)(UNK)(UNK)(UNK)(UNK)(UNK)(UNK)(UNK)(UNK)(UNK)(UNK)(UNK)(UNK)(UNK)
(UNK)(UNK)(UNK)(UNK)(UNK)(UNK)(UNK)(UNK)(UNK)(UNK)(UNK)(UNK)(UNK)(UNK)(UNK)(UNK)
(UNK)(UNK)(UNK)(UNK)(UNK)(UNK)(UNK)(UNK)(UNK)(UNK)(UNK)(UNK)(UNK)(UNK)(UNK)(UNK)
(UNK)(UNK)(UNK)(UNK)(UNK)(UNK)(UNK)(UNK)(UNK)(UNK)(UNK)(UNK)(UNK)(UNK)(UNK)(UNK)
(UNK)(UNK)(UNK)(UNK)(UNK)(UNK)(UNK)(UNK)(UNK)(UNK)(UNK)(UNK)(UNK)(UNK)(UNK)(UNK)
(UNK)(UNK)(UNK)(UNK)(UNK)(UNK)(UNK)(UNK)(UNK)(UNK)(UNK)(UNK)(UNK)(UNK)(UNK)(UNK)
(UNK)(UNK)(UNK)(UNK)(UNK)(UNK)(UNK)(UNK)(UNK)(UNK)(UNK)(UNK)(UNK)(UNK)(UNK)(UNK)
(UNK)(UNK)(UNK)(UNK)(UNK)(UNK)(UNK)(UNK)(UNK)(UNK)(UNK)(UNK)(UNK)(UNK)(UNK)(UNK)
(UNK)(UNK)(UNK)(UNK)(UNK)(UNK)(UNK)(UNK)(UNK)(UNK)(UNK)(UNK)(UNK)(UNK)(UNK)(UNK)
(UNK)(UNK)(UNK)(UNK)(UNK)(UNK)(UNK)(UNK)(UNK)(UNK)(UNK)(UNK)(UNK)(UNK)(UNK)(UNK)
(UNK)(UNK)(UNK)(UNK)(UNK)(UNK)(UNK)(UNK)(UNK)(UNK)(UNK)(UNK)(UNK)(UNK)(UNK)(UNK)
(UNK)(UNK)(UNK)(UNK)(UNK)(UNK)(UNK)(UNK)(UNK)(UNK)(UNK)(UNK)(UNK)(UNK)(UNK)(UNK)
(UNK)(UNK)(UNK)(UNK)(UNK)(UNK)(UNK)(UNK)(UNK)(UNK)(UNK)(UNK)(UNK)(UNK)(UNK)(UNK)
(UNK)(UNK)(UNK)(UNK)(UNK)(UNK)(UNK)(UNK)(UNK)(UNK)(UNK)(UNK)(UNK)(UNK)(UNK)(UNK)
(UNK)(UNK)(UNK)(UNK)(UNK)(UNK)(UNK)(UNK)(UNK)(UNK)(UNK)(UNK)(UNK)(UNK)(UNK)(UNK)
(UNK)(UNK)(UNK)(UNK)(UNK)(UNK)(UNK)(UNK)(UNK)(UNK)(UNK)(UNK)(UNK)(UNK)(UNK)(UNK)
(UNK)(UNK)(UNK)(UNK)(UNK)(UNK)(UNK)(UNK)(UNK)(UNK)(UNK)(UNK)(UNK)(UNK)(UNK)(UNK)
(UNK)(UNK)(UNK)(UNK)(UNK)(UNK)(UNK)(UNK)(UNK)(UNK)(UNK)(UNK)(UNK)(UNK)(UNK)(UNK)
(UNK)(UNK)(UNK)(UNK)(UNK)(UNK)(UNK)(UNK)(UNK)(UNK)(UNK)(UNK)(UNK)(UNK)(UNK)(UNK)
(UNK)(UNK)(UNK)(UNK)(UNK)(UNK)(UNK)(UNK)(UNK)(UNK)(UNK)(UNK)(UNK)(UNK)(UNK)(UNK)
(UNK)(UNK)(UNK)(UNK)(UNK)(UNK)(UNK)(UNK)(UNK)(UNK)(UNK)(UNK)(UNK)(UNK)(UNK)(UNK)
(UNK)(UNK)(UNK)(UNK)(UNK)(UNK)(UNK)(UNK)(UNK)(UNK)(UNK)(UNK)(UNK)(UNK)(UNK)(UNK)
(UNK)(UNK)(UNK)(UNK)(UNK)(UNK)(UNK)(UNK)(UNK)(UNK)(UNK)(UNK)(UNK)(UNK)(UNK)(UNK)
(UNK)(UNK)(UNK)(UNK)(UNK)(UNK)(UNK)(UNK)(UNK)(UNK)(UNK)(UNK)(UNK)(UNK)(UNK)(UNK)
(UNK)(UNK)(UNK)(UNK)(UNK)(UNK)(UNK)(UNK)(UNK)(UNK)(UNK)(UNK)(UNK)(UNK)(UNK)(UNK)
(UNK)(UNK)(UNK)(UNK)(UNK)(UNK)(UNK)(UNK)(UNK)(UNK)(UNK)(UNK)(UNK)(UNK)(UNK)(UNK)
(UNK)(UNK)(UNK)(UNK)(UNK)(UNK)(UNK)(UNK)(UNK)(UNK)(UNK)(UNK)(UNK)(UNK)(UNK)(UNK)
(UNK)(UNK)(UNK)(UNK)(UNK)(UNK)(UNK)(UNK)(UNK)(UNK)(UNK)(UNK)(UNK)(UNK)(UNK)(UNK)
(UNK)(UNK)(UNK)(UNK)(UNK)(UNK)(UNK)(UNK)(UNK)(UNK)(UNK)(UNK)(UNK)(UNK)(UNK)(UNK)
(UNK)(UNK)(UNK)(UNK)(UNK)(UNK)(UNK)(UNK)(UNK)(UNK)(UNK)(UNK)(UNK)(UNK)(UNK)(UNK)
(UNK)(UNK)(UNK)(UNK)(UNK)(UNK)(UNK)(UNK)(UNK)(UNK)(UNK)(UNK)(UNK)(UNK)(UNK)(UNK)
(UNK)(UNK)(UNK)(UNK)(UNK)(UNK)(UNK)(UNK)(UNK)(UNK)(UNK)(UNK)(UNK)(UNK)(UNK)(UNK)
(UNK)(UNK)(UNK)(UNK)(UNK)(UNK)(UNK)(UNK)(UNK)(UNK)(UNK)(UNK)(UNK)(UNK)(UNK)(UNK)
(UNK)(UNK)(UNK)(UNK)(UNK)(UNK)(UNK)
;
J
11 'polypeptide(L)'
;(UNK)(UNK)(UNK)(UNK)(UNK)(UNK)(UNK)(UNK)(UNK)(UNK)(UNK)(UNK)(UNK)(UNK)(UNK)(UNK)
(UNK)(UNK)(UNK)(UNK)(UNK)(UNK)(UNK)(UNK)(UNK)(UNK)(UNK)(UNK)(UNK)(UNK)(UNK)(UNK)
(UNK)(UNK)(UNK)(UNK)(UNK)(UNK)(UNK)(UNK)(UNK)(UNK)(UNK)(UNK)(UNK)(UNK)(UNK)(UNK)
(UNK)(UNK)(UNK)(UNK)(UNK)(UNK)(UNK)(UNK)(UNK)(UNK)(UNK)(UNK)(UNK)(UNK)(UNK)(UNK)
(UNK)(UNK)(UNK)(UNK)(UNK)(UNK)(UNK)(UNK)(UNK)(UNK)(UNK)(UNK)(UNK)(UNK)(UNK)(UNK)
(UNK)(UNK)(UNK)(UNK)(UNK)(UNK)(UNK)(UNK)(UNK)(UNK)(UNK)(UNK)(UNK)(UNK)(UNK)(UNK)
(UNK)(UNK)(UNK)(UNK)(UNK)(UNK)(UNK)(UNK)(UNK)(UNK)(UNK)(UNK)(UNK)(UNK)(UNK)(UNK)
(UNK)(UNK)(UNK)(UNK)(UNK)(UNK)(UNK)(UNK)(UNK)(UNK)(UNK)(UNK)(UNK)(UNK)(UNK)(UNK)
(UNK)(UNK)(UNK)(UNK)(UNK)(UNK)(UNK)(UNK)(UNK)(UNK)(UNK)(UNK)(UNK)(UNK)(UNK)(UNK)
(UNK)(UNK)(UNK)(UNK)(UNK)(UNK)(UNK)(UNK)(UNK)(UNK)(UNK)(UNK)(UNK)(UNK)(UNK)(UNK)
(UNK)(UNK)(UNK)(UNK)(UNK)(UNK)(UNK)(UNK)(UNK)(UNK)(UNK)(UNK)(UNK)(UNK)(UNK)(UNK)
(UNK)(UNK)(UNK)(UNK)(UNK)(UNK)(UNK)(UNK)(UNK)(UNK)(UNK)(UNK)(UNK)(UNK)(UNK)(UNK)
(UNK)(UNK)(UNK)(UNK)(UNK)(UNK)(UNK)(UNK)(UNK)(UNK)(UNK)(UNK)(UNK)(UNK)(UNK)(UNK)
(UNK)(UNK)(UNK)(UNK)(UNK)(UNK)(UNK)(UNK)(UNK)(UNK)(UNK)(UNK)(UNK)(UNK)(UNK)
;
K
12 'polypeptide(L)'
;(UNK)(UNK)(UNK)(UNK)(UNK)(UNK)(UNK)(UNK)(UNK)(UNK)(UNK)(UNK)(UNK)(UNK)(UNK)(UNK)
(UNK)(UNK)(UNK)(UNK)(UNK)(UNK)(UNK)(UNK)(UNK)(UNK)(UNK)(UNK)(UNK)(UNK)(UNK)(UNK)
(UNK)(UNK)(UNK)(UNK)(UNK)(UNK)(UNK)(UNK)(UNK)(UNK)(UNK)(UNK)(UNK)(UNK)(UNK)(UNK)
(UNK)(UNK)(UNK)(UNK)(UNK)(UNK)(UNK)(UNK)(UNK)(UNK)(UNK)(UNK)(UNK)(UNK)(UNK)(UNK)
(UNK)(UNK)(UNK)(UNK)(UNK)(UNK)(UNK)(UNK)(UNK)(UNK)(UNK)(UNK)(UNK)(UNK)(UNK)(UNK)
(UNK)(UNK)(UNK)(UNK)(UNK)(UNK)(UNK)(UNK)(UNK)(UNK)(UNK)(UNK)(UNK)(UNK)(UNK)(UNK)
(UNK)(UNK)(UNK)(UNK)(UNK)(UNK)(UNK)(UNK)(UNK)(UNK)(UNK)(UNK)(UNK)(UNK)(UNK)(UNK)
(UNK)(UNK)(UNK)(UNK)(UNK)(UNK)(UNK)(UNK)(UNK)(UNK)(UNK)(UNK)(UNK)(UNK)(UNK)(UNK)
(UNK)(UNK)(UNK)(UNK)(UNK)(UNK)(UNK)(UNK)(UNK)(UNK)(UNK)(UNK)(UNK)(UNK)(UNK)(UNK)
(UNK)(UNK)(UNK)(UNK)(UNK)(UNK)(UNK)(UNK)(UNK)(UNK)(UNK)(UNK)(UNK)(UNK)(UNK)(UNK)
(UNK)(UNK)(UNK)(UNK)(UNK)(UNK)(UNK)(UNK)(UNK)(UNK)(UNK)(UNK)(UNK)(UNK)(UNK)(UNK)
(UNK)(UNK)(UNK)(UNK)(UNK)(UNK)(UNK)(UNK)(UNK)(UNK)(UNK)(UNK)(UNK)(UNK)(UNK)(UNK)
(UNK)(UNK)(UNK)(UNK)(UNK)(UNK)(UNK)(UNK)(UNK)(UNK)(UNK)(UNK)(UNK)(UNK)(UNK)(UNK)
(UNK)(UNK)(UNK)(UNK)(UNK)(UNK)(UNK)(UNK)(UNK)(UNK)(UNK)(UNK)(UNK)(UNK)(UNK)(UNK)
(UNK)(UNK)(UNK)(UNK)(UNK)(UNK)(UNK)(UNK)(UNK)(UNK)(UNK)(UNK)(UNK)(UNK)(UNK)(UNK)
(UNK)(UNK)(UNK)(UNK)(UNK)(UNK)(UNK)(UNK)(UNK)(UNK)(UNK)(UNK)(UNK)(UNK)(UNK)(UNK)
(UNK)(UNK)(UNK)(UNK)(UNK)(UNK)(UNK)(UNK)(UNK)(UNK)(UNK)(UNK)(UNK)(UNK)(UNK)(UNK)
(UNK)(UNK)(UNK)(UNK)(UNK)(UNK)(UNK)(UNK)(UNK)(UNK)(UNK)(UNK)(UNK)(UNK)(UNK)(UNK)
(UNK)(UNK)(UNK)(UNK)(UNK)(UNK)(UNK)(UNK)(UNK)(UNK)(UNK)(UNK)(UNK)(UNK)(UNK)(UNK)
(UNK)(UNK)(UNK)(UNK)(UNK)(UNK)(UNK)(UNK)(UNK)(UNK)(UNK)(UNK)(UNK)(UNK)(UNK)(UNK)
(UNK)(UNK)(UNK)(UNK)(UNK)(UNK)(UNK)(UNK)(UNK)(UNK)(UNK)(UNK)(UNK)(UNK)(UNK)(UNK)
(UNK)(UNK)(UNK)(UNK)(UNK)(UNK)(UNK)(UNK)(UNK)(UNK)(UNK)(UNK)(UNK)(UNK)(UNK)(UNK)
(UNK)(UNK)(UNK)(UNK)(UNK)(UNK)(UNK)(UNK)(UNK)(UNK)(UNK)(UNK)(UNK)(UNK)(UNK)(UNK)
(UNK)(UNK)(UNK)(UNK)(UNK)(UNK)(UNK)(UNK)(UNK)(UNK)(UNK)(UNK)(UNK)(UNK)(UNK)(UNK)
(UNK)(UNK)(UNK)(UNK)(UNK)(UNK)(UNK)(UNK)(UNK)(UNK)(UNK)(UNK)(UNK)(UNK)(UNK)(UNK)
(UNK)(UNK)(UNK)(UNK)(UNK)(UNK)(UNK)(UNK)(UNK)(UNK)(UNK)(UNK)(UNK)(UNK)(UNK)(UNK)
(UNK)(UNK)(UNK)(UNK)(UNK)(UNK)(UNK)(UNK)(UNK)(UNK)(UNK)(UNK)(UNK)(UNK)(UNK)(UNK)
(UNK)(UNK)(UNK)(UNK)(UNK)(UNK)(UNK)(UNK)(UNK)(UNK)(UNK)(UNK)(UNK)(UNK)(UNK)(UNK)
(UNK)(UNK)(UNK)(UNK)(UNK)(UNK)(UNK)(UNK)(UNK)(UNK)(UNK)(UNK)(UNK)(UNK)(UNK)(UNK)
(UNK)(UNK)(UNK)(UNK)(UNK)(UNK)(UNK)(UNK)(UNK)(UNK)(UNK)(UNK)(UNK)(UNK)(UNK)(UNK)
(UNK)(UNK)(UNK)(UNK)(UNK)(UNK)(UNK)(UNK)(UNK)(UNK)(UNK)(UNK)(UNK)(UNK)(UNK)(UNK)
(UNK)(UNK)(UNK)(UNK)(UNK)(UNK)(UNK)(UNK)(UNK)(UNK)(UNK)(UNK)(UNK)(UNK)(UNK)(UNK)
(UNK)(UNK)(UNK)(UNK)(UNK)(UNK)(UNK)(UNK)(UNK)(UNK)(UNK)(UNK)(UNK)(UNK)(UNK)(UNK)
(UNK)(UNK)(UNK)(UNK)(UNK)(UNK)(UNK)(UNK)(UNK)(UNK)(UNK)(UNK)(UNK)(UNK)(UNK)(UNK)
(UNK)(UNK)(UNK)(UNK)(UNK)(UNK)(UNK)(UNK)(UNK)(UNK)(UNK)(UNK)(UNK)(UNK)(UNK)(UNK)
(UNK)(UNK)(UNK)(UNK)(UNK)(UNK)(UNK)(UNK)(UNK)(UNK)(UNK)(UNK)(UNK)(UNK)(UNK)(UNK)
(UNK)(UNK)(UNK)(UNK)(UNK)(UNK)(UNK)(UNK)(UNK)(UNK)(UNK)(UNK)(UNK)(UNK)(UNK)(UNK)
(UNK)(UNK)(UNK)(UNK)(UNK)(UNK)(UNK)(UNK)(UNK)(UNK)(UNK)(UNK)(UNK)(UNK)(UNK)(UNK)
(UNK)(UNK)(UNK)(UNK)(UNK)(UNK)(UNK)(UNK)(UNK)(UNK)(UNK)(UNK)(UNK)(UNK)(UNK)(UNK)
(UNK)(UNK)(UNK)(UNK)(UNK)(UNK)(UNK)(UNK)(UNK)(UNK)(UNK)(UNK)(UNK)(UNK)(UNK)(UNK)
(UNK)(UNK)(UNK)(UNK)(UNK)(UNK)(UNK)(UNK)(UNK)(UNK)(UNK)(UNK)(UNK)(UNK)(UNK)(UNK)
(UNK)(UNK)(UNK)(UNK)(UNK)(UNK)(UNK)(UNK)(UNK)(UNK)(UNK)(UNK)(UNK)(UNK)(UNK)(UNK)
(UNK)(UNK)(UNK)(UNK)(UNK)(UNK)(UNK)(UNK)(UNK)(UNK)(UNK)(UNK)(UNK)(UNK)(UNK)(UNK)
(UNK)(UNK)(UNK)(UNK)(UNK)(UNK)(UNK)(UNK)(UNK)(UNK)(UNK)(UNK)(UNK)(UNK)(UNK)(UNK)
(UNK)(UNK)(UNK)(UNK)(UNK)(UNK)(UNK)(UNK)(UNK)(UNK)(UNK)(UNK)(UNK)(UNK)(UNK)(UNK)
(UNK)(UNK)(UNK)(UNK)(UNK)(UNK)(UNK)(UNK)(UNK)(UNK)(UNK)(UNK)(UNK)
;
L
13 'polypeptide(L)'
;(UNK)(UNK)(UNK)(UNK)(UNK)(UNK)(UNK)(UNK)(UNK)(UNK)(UNK)(UNK)(UNK)(UNK)(UNK)(UNK)
(UNK)(UNK)(UNK)(UNK)(UNK)(UNK)(UNK)(UNK)(UNK)(UNK)(UNK)(UNK)(UNK)(UNK)(UNK)(UNK)
(UNK)(UNK)(UNK)(UNK)(UNK)(UNK)(UNK)(UNK)(UNK)(UNK)(UNK)(UNK)(UNK)(UNK)(UNK)(UNK)
(UNK)(UNK)(UNK)(UNK)(UNK)(UNK)(UNK)(UNK)(UNK)(UNK)(UNK)(UNK)(UNK)(UNK)(UNK)(UNK)
(UNK)(UNK)(UNK)(UNK)(UNK)(UNK)(UNK)(UNK)(UNK)(UNK)(UNK)(UNK)(UNK)(UNK)(UNK)(UNK)
(UNK)(UNK)(UNK)(UNK)(UNK)(UNK)(UNK)(UNK)(UNK)(UNK)(UNK)(UNK)(UNK)(UNK)(UNK)(UNK)
(UNK)(UNK)(UNK)(UNK)(UNK)(UNK)(UNK)(UNK)(UNK)(UNK)(UNK)(UNK)(UNK)(UNK)(UNK)(UNK)
(UNK)(UNK)(UNK)(UNK)(UNK)(UNK)(UNK)(UNK)(UNK)(UNK)(UNK)(UNK)(UNK)(UNK)(UNK)(UNK)
(UNK)(UNK)(UNK)(UNK)(UNK)(UNK)(UNK)(UNK)(UNK)(UNK)(UNK)(UNK)(UNK)(UNK)(UNK)(UNK)
(UNK)(UNK)(UNK)(UNK)(UNK)(UNK)(UNK)(UNK)(UNK)(UNK)(UNK)(UNK)(UNK)(UNK)(UNK)(UNK)
(UNK)(UNK)(UNK)(UNK)(UNK)(UNK)(UNK)(UNK)(UNK)(UNK)(UNK)(UNK)(UNK)(UNK)(UNK)(UNK)
(UNK)(UNK)(UNK)(UNK)(UNK)(UNK)(UNK)(UNK)(UNK)(UNK)(UNK)(UNK)(UNK)(UNK)(UNK)(UNK)
(UNK)(UNK)(UNK)(UNK)(UNK)(UNK)(UNK)(UNK)(UNK)(UNK)(UNK)(UNK)(UNK)(UNK)(UNK)(UNK)
(UNK)(UNK)(UNK)(UNK)(UNK)(UNK)(UNK)(UNK)(UNK)(UNK)(UNK)(UNK)(UNK)(UNK)(UNK)(UNK)
;
M
14 'polypeptide(L)'
;(UNK)(UNK)(UNK)(UNK)(UNK)(UNK)(UNK)(UNK)(UNK)(UNK)(UNK)(UNK)(UNK)(UNK)(UNK)(UNK)
(UNK)(UNK)(UNK)(UNK)(UNK)(UNK)(UNK)(UNK)(UNK)(UNK)(UNK)(UNK)(UNK)(UNK)(UNK)(UNK)
(UNK)(UNK)(UNK)(UNK)(UNK)(UNK)(UNK)(UNK)(UNK)(UNK)(UNK)(UNK)(UNK)(UNK)(UNK)(UNK)
(UNK)(UNK)(UNK)(UNK)(UNK)(UNK)(UNK)(UNK)(UNK)(UNK)(UNK)(UNK)(UNK)(UNK)(UNK)(UNK)
(UNK)(UNK)(UNK)(UNK)(UNK)(UNK)(UNK)(UNK)(UNK)(UNK)(UNK)(UNK)(UNK)(UNK)(UNK)(UNK)
;
N
15 'polypeptide(L)'
;(UNK)(UNK)(UNK)(UNK)(UNK)(UNK)(UNK)(UNK)(UNK)(UNK)(UNK)(UNK)(UNK)(UNK)(UNK)(UNK)
(UNK)(UNK)(UNK)(UNK)(UNK)(UNK)(UNK)(UNK)(UNK)(UNK)(UNK)(UNK)(UNK)(UNK)(UNK)(UNK)
(UNK)(UNK)(UNK)(UNK)(UNK)(UNK)(UNK)(UNK)(UNK)(UNK)(UNK)(UNK)(UNK)(UNK)(UNK)(UNK)
(UNK)(UNK)(UNK)(UNK)(UNK)(UNK)(UNK)(UNK)(UNK)(UNK)(UNK)(UNK)(UNK)(UNK)(UNK)(UNK)
(UNK)(UNK)(UNK)(UNK)(UNK)(UNK)(UNK)(UNK)(UNK)(UNK)(UNK)(UNK)(UNK)(UNK)(UNK)(UNK)
(UNK)(UNK)(UNK)(UNK)(UNK)(UNK)(UNK)(UNK)(UNK)(UNK)(UNK)(UNK)(UNK)(UNK)(UNK)(UNK)
(UNK)(UNK)(UNK)(UNK)(UNK)(UNK)(UNK)(UNK)(UNK)(UNK)(UNK)(UNK)(UNK)(UNK)(UNK)(UNK)
(UNK)(UNK)(UNK)(UNK)(UNK)(UNK)(UNK)(UNK)(UNK)(UNK)(UNK)(UNK)(UNK)(UNK)(UNK)(UNK)
(UNK)(UNK)(UNK)(UNK)(UNK)(UNK)(UNK)(UNK)(UNK)(UNK)(UNK)(UNK)(UNK)(UNK)(UNK)(UNK)
(UNK)(UNK)(UNK)(UNK)(UNK)(UNK)(UNK)(UNK)(UNK)(UNK)(UNK)(UNK)(UNK)(UNK)(UNK)(UNK)
(UNK)(UNK)(UNK)(UNK)(UNK)(UNK)(UNK)(UNK)(UNK)(UNK)(UNK)(UNK)(UNK)(UNK)(UNK)(UNK)
(UNK)(UNK)(UNK)(UNK)(UNK)(UNK)(UNK)(UNK)(UNK)(UNK)(UNK)(UNK)(UNK)(UNK)(UNK)(UNK)
(UNK)(UNK)(UNK)(UNK)(UNK)(UNK)(UNK)(UNK)(UNK)(UNK)(UNK)(UNK)(UNK)(UNK)(UNK)(UNK)
(UNK)(UNK)(UNK)(UNK)(UNK)(UNK)(UNK)(UNK)(UNK)(UNK)(UNK)(UNK)(UNK)(UNK)(UNK)(UNK)
(UNK)
;
O
16 'polypeptide(L)'
;(UNK)(UNK)(UNK)(UNK)(UNK)(UNK)(UNK)(UNK)(UNK)(UNK)(UNK)(UNK)(UNK)(UNK)(UNK)(UNK)
(UNK)(UNK)(UNK)(UNK)(UNK)(UNK)(UNK)(UNK)(UNK)(UNK)(UNK)(UNK)(UNK)(UNK)(UNK)(UNK)
(UNK)(UNK)(UNK)(UNK)(UNK)(UNK)(UNK)(UNK)(UNK)(UNK)(UNK)(UNK)(UNK)(UNK)(UNK)(UNK)
(UNK)(UNK)(UNK)(UNK)(UNK)(UNK)(UNK)(UNK)(UNK)(UNK)(UNK)(UNK)(UNK)(UNK)(UNK)(UNK)
(UNK)(UNK)(UNK)(UNK)(UNK)(UNK)(UNK)(UNK)(UNK)(UNK)(UNK)(UNK)(UNK)(UNK)(UNK)(UNK)
(UNK)(UNK)(UNK)(UNK)(UNK)(UNK)(UNK)(UNK)(UNK)(UNK)(UNK)(UNK)(UNK)(UNK)(UNK)(UNK)
(UNK)(UNK)(UNK)(UNK)(UNK)(UNK)(UNK)(UNK)(UNK)(UNK)(UNK)(UNK)(UNK)(UNK)(UNK)(UNK)
(UNK)(UNK)(UNK)(UNK)(UNK)(UNK)(UNK)(UNK)(UNK)(UNK)(UNK)(UNK)(UNK)(UNK)(UNK)(UNK)
(UNK)(UNK)(UNK)(UNK)(UNK)(UNK)(UNK)(UNK)(UNK)(UNK)(UNK)(UNK)(UNK)(UNK)(UNK)
;
P
17 'polypeptide(L)'
;(UNK)(UNK)(UNK)(UNK)(UNK)(UNK)(UNK)(UNK)(UNK)(UNK)(UNK)(UNK)(UNK)(UNK)(UNK)(UNK)
(UNK)(UNK)(UNK)(UNK)(UNK)(UNK)(UNK)(UNK)(UNK)(UNK)(UNK)(UNK)(UNK)(UNK)(UNK)(UNK)
(UNK)(UNK)(UNK)(UNK)(UNK)(UNK)(UNK)(UNK)(UNK)(UNK)(UNK)(UNK)(UNK)(UNK)(UNK)(UNK)
(UNK)(UNK)(UNK)(UNK)(UNK)(UNK)(UNK)(UNK)(UNK)(UNK)(UNK)(UNK)(UNK)(UNK)(UNK)(UNK)
(UNK)(UNK)
;
Q
18 'polypeptide(L)'
;(UNK)(UNK)(UNK)(UNK)(UNK)(UNK)(UNK)(UNK)(UNK)(UNK)(UNK)(UNK)(UNK)(UNK)(UNK)(UNK)
(UNK)(UNK)(UNK)(UNK)(UNK)(UNK)(UNK)(UNK)(UNK)(UNK)(UNK)(UNK)(UNK)(UNK)(UNK)(UNK)
(UNK)(UNK)(UNK)(UNK)(UNK)(UNK)(UNK)(UNK)(UNK)(UNK)(UNK)(UNK)(UNK)(UNK)(UNK)(UNK)
(UNK)(UNK)(UNK)(UNK)(UNK)(UNK)(UNK)(UNK)(UNK)(UNK)(UNK)(UNK)(UNK)(UNK)(UNK)(UNK)
(UNK)(UNK)(UNK)(UNK)(UNK)(UNK)(UNK)(UNK)(UNK)(UNK)(UNK)(UNK)(UNK)(UNK)(UNK)(UNK)
(UNK)(UNK)(UNK)(UNK)(UNK)(UNK)(UNK)(UNK)(UNK)(UNK)(UNK)(UNK)(UNK)(UNK)(UNK)(UNK)
(UNK)(UNK)(UNK)(UNK)(UNK)(UNK)(UNK)(UNK)(UNK)(UNK)(UNK)(UNK)(UNK)(UNK)(UNK)(UNK)
(UNK)(UNK)(UNK)(UNK)(UNK)(UNK)(UNK)(UNK)(UNK)(UNK)(UNK)(UNK)(UNK)(UNK)(UNK)(UNK)
(UNK)(UNK)(UNK)(UNK)(UNK)(UNK)(UNK)(UNK)(UNK)(UNK)(UNK)(UNK)(UNK)(UNK)(UNK)(UNK)
(UNK)(UNK)(UNK)(UNK)(UNK)(UNK)(UNK)(UNK)(UNK)(UNK)
;
R
19 'polypeptide(L)'
;(UNK)(UNK)(UNK)(UNK)(UNK)(UNK)(UNK)(UNK)(UNK)(UNK)(UNK)(UNK)(UNK)(UNK)(UNK)(UNK)
(UNK)(UNK)(UNK)(UNK)(UNK)(UNK)(UNK)(UNK)(UNK)(UNK)(UNK)(UNK)(UNK)(UNK)(UNK)(UNK)
(UNK)(UNK)(UNK)(UNK)(UNK)(UNK)(UNK)(UNK)(UNK)(UNK)(UNK)(UNK)(UNK)(UNK)(UNK)(UNK)
(UNK)(UNK)(UNK)(UNK)(UNK)(UNK)(UNK)(UNK)(UNK)(UNK)(UNK)(UNK)(UNK)(UNK)(UNK)(UNK)
(UNK)(UNK)(UNK)(UNK)(UNK)(UNK)(UNK)(UNK)(UNK)(UNK)(UNK)(UNK)(UNK)(UNK)(UNK)(UNK)
(UNK)(UNK)(UNK)(UNK)(UNK)(UNK)(UNK)(UNK)(UNK)(UNK)(UNK)(UNK)(UNK)(UNK)(UNK)(UNK)
(UNK)
;
S
20 'polypeptide(L)'
;(UNK)(UNK)(UNK)(UNK)(UNK)(UNK)(UNK)(UNK)(UNK)(UNK)(UNK)(UNK)(UNK)(UNK)(UNK)(UNK)
(UNK)(UNK)(UNK)(UNK)(UNK)(UNK)(UNK)(UNK)(UNK)(UNK)(UNK)(UNK)(UNK)(UNK)(UNK)(UNK)
(UNK)(UNK)(UNK)(UNK)(UNK)(UNK)(UNK)(UNK)(UNK)(UNK)(UNK)(UNK)(UNK)(UNK)(UNK)(UNK)
(UNK)(UNK)(UNK)(UNK)(UNK)(UNK)(UNK)(UNK)(UNK)(UNK)(UNK)(UNK)(UNK)(UNK)(UNK)(UNK)
(UNK)(UNK)(UNK)(UNK)(UNK)(UNK)(UNK)(UNK)(UNK)(UNK)(UNK)(UNK)(UNK)(UNK)(UNK)(UNK)
(UNK)(UNK)(UNK)(UNK)(UNK)(UNK)(UNK)(UNK)
;
T
21 'polypeptide(L)'
;(UNK)(UNK)(UNK)(UNK)(UNK)(UNK)(UNK)(UNK)(UNK)(UNK)(UNK)(UNK)(UNK)(UNK)(UNK)(UNK)
(UNK)(UNK)(UNK)(UNK)(UNK)(UNK)(UNK)(UNK)(UNK)(UNK)(UNK)(UNK)(UNK)(UNK)
;
U
22 'polypeptide(L)'
;(UNK)(UNK)(UNK)(UNK)(UNK)(UNK)(UNK)(UNK)(UNK)(UNK)(UNK)(UNK)(UNK)(UNK)(UNK)(UNK)
(UNK)(UNK)(UNK)(UNK)(UNK)(UNK)(UNK)(UNK)(UNK)(UNK)(UNK)(UNK)(UNK)(UNK)(UNK)(UNK)
(UNK)(UNK)(UNK)(UNK)(UNK)(UNK)(UNK)(UNK)(UNK)(UNK)
;
V
23 'polypeptide(L)'
;(UNK)(UNK)(UNK)(UNK)(UNK)(UNK)(UNK)(UNK)(UNK)(UNK)(UNK)(UNK)(UNK)(UNK)(UNK)(UNK)
(UNK)(UNK)(UNK)(UNK)(UNK)(UNK)(UNK)(UNK)(UNK)(UNK)(UNK)(UNK)(UNK)(UNK)(UNK)(UNK)
(UNK)(UNK)(UNK)(UNK)(UNK)(UNK)(UNK)(UNK)(UNK)(UNK)(UNK)(UNK)(UNK)(UNK)(UNK)(UNK)
(UNK)(UNK)(UNK)(UNK)(UNK)(UNK)(UNK)(UNK)(UNK)(UNK)(UNK)(UNK)(UNK)(UNK)(UNK)(UNK)
(UNK)(UNK)(UNK)(UNK)(UNK)(UNK)(UNK)(UNK)(UNK)(UNK)(UNK)(UNK)(UNK)
;
W
24 'polypeptide(L)'
;(UNK)(UNK)(UNK)(UNK)(UNK)(UNK)(UNK)(UNK)(UNK)(UNK)(UNK)(UNK)(UNK)(UNK)(UNK)(UNK)
(UNK)(UNK)(UNK)(UNK)(UNK)(UNK)(UNK)(UNK)(UNK)(UNK)(UNK)(UNK)(UNK)(UNK)(UNK)(UNK)
(UNK)(UNK)(UNK)(UNK)(UNK)(UNK)(UNK)(UNK)(UNK)(UNK)(UNK)(UNK)(UNK)(UNK)(UNK)(UNK)
(UNK)(UNK)(UNK)(UNK)(UNK)(UNK)(UNK)(UNK)(UNK)(UNK)(UNK)(UNK)(UNK)(UNK)(UNK)(UNK)
(UNK)(UNK)(UNK)(UNK)(UNK)(UNK)(UNK)(UNK)(UNK)(UNK)(UNK)(UNK)(UNK)(UNK)(UNK)(UNK)
(UNK)(UNK)(UNK)(UNK)(UNK)(UNK)(UNK)(UNK)(UNK)(UNK)(UNK)(UNK)(UNK)(UNK)(UNK)(UNK)
(UNK)(UNK)(UNK)(UNK)(UNK)(UNK)(UNK)(UNK)(UNK)(UNK)(UNK)(UNK)(UNK)(UNK)(UNK)(UNK)
(UNK)(UNK)(UNK)(UNK)(UNK)(UNK)(UNK)(UNK)(UNK)(UNK)(UNK)(UNK)(UNK)(UNK)(UNK)(UNK)
(UNK)(UNK)(UNK)(UNK)(UNK)(UNK)(UNK)(UNK)(UNK)(UNK)(UNK)(UNK)(UNK)(UNK)(UNK)(UNK)
(UNK)(UNK)(UNK)(UNK)(UNK)(UNK)(UNK)(UNK)(UNK)(UNK)(UNK)(UNK)(UNK)
;
X
#
# COMPACT_ATOMS: atom_id res chain seq x y z
N UNK A 1 92.20 -26.05 -18.41
CA UNK A 1 90.81 -25.64 -18.34
C UNK A 1 89.93 -26.60 -19.12
N UNK A 2 88.91 -27.16 -18.45
CA UNK A 2 88.04 -28.11 -19.10
C UNK A 2 87.15 -27.45 -20.14
N UNK A 3 86.68 -26.24 -19.87
CA UNK A 3 85.78 -25.53 -20.77
C UNK A 3 86.38 -24.15 -21.03
N UNK A 4 87.13 -24.00 -22.13
CA UNK A 4 87.71 -22.69 -22.46
C UNK A 4 86.65 -21.60 -22.53
N UNK A 5 86.97 -20.45 -21.94
CA UNK A 5 86.07 -19.33 -21.87
C UNK A 5 85.30 -19.21 -20.58
N UNK A 6 85.33 -20.26 -19.74
CA UNK A 6 84.57 -20.30 -18.49
C UNK A 6 85.48 -19.97 -17.31
N UNK A 7 85.06 -19.08 -16.42
CA UNK A 7 85.87 -18.78 -15.24
C UNK A 7 86.01 -20.01 -14.36
N UNK A 8 87.25 -20.36 -14.02
CA UNK A 8 87.49 -21.48 -13.13
C UNK A 8 86.88 -21.20 -11.76
N UNK A 9 86.46 -22.24 -11.03
CA UNK A 9 85.96 -22.03 -9.67
C UNK A 9 87.03 -21.39 -8.79
N UNK A 10 86.55 -20.74 -7.72
CA UNK A 10 87.45 -20.00 -6.85
C UNK A 10 88.43 -20.92 -6.14
N UNK A 11 88.02 -22.15 -5.86
CA UNK A 11 88.82 -23.07 -5.06
C UNK A 11 89.62 -24.07 -5.90
N UNK A 12 89.56 -23.98 -7.22
CA UNK A 12 90.31 -24.86 -8.11
C UNK A 12 91.36 -24.03 -8.84
N UNK A 13 92.59 -24.06 -8.34
CA UNK A 13 93.68 -23.28 -8.91
C UNK A 13 94.49 -24.05 -9.95
N UNK A 14 94.19 -25.32 -10.17
CA UNK A 14 94.90 -26.13 -11.12
C UNK A 14 96.06 -26.93 -10.54
N UNK A 15 96.40 -26.71 -9.27
CA UNK A 15 97.55 -27.39 -8.68
C UNK A 15 97.29 -28.87 -8.45
N UNK A 16 96.05 -29.23 -8.14
CA UNK A 16 95.73 -30.61 -7.82
C UNK A 16 95.89 -31.52 -9.04
N UNK A 17 96.15 -32.81 -8.82
CA UNK A 17 96.24 -33.73 -9.97
C UNK A 17 94.88 -33.91 -10.63
N UNK A 18 94.85 -33.75 -11.95
CA UNK A 18 93.60 -33.85 -12.67
C UNK A 18 92.63 -32.71 -12.45
N UNK A 19 93.11 -31.59 -11.91
CA UNK A 19 92.27 -30.42 -11.67
C UNK A 19 92.24 -29.57 -12.93
N UNK A 20 91.17 -29.70 -13.71
CA UNK A 20 90.94 -28.86 -14.87
C UNK A 20 89.85 -27.83 -14.64
N UNK A 21 89.42 -27.64 -13.40
CA UNK A 21 88.44 -26.62 -13.08
C UNK A 21 87.01 -27.03 -13.27
N UNK A 22 86.70 -28.32 -13.19
CA UNK A 22 85.37 -28.83 -13.46
C UNK A 22 84.66 -29.15 -12.14
N UNK A 23 83.72 -28.29 -11.75
CA UNK A 23 82.80 -28.56 -10.67
C UNK A 23 81.57 -27.67 -10.82
N UNK A 24 80.82 -27.80 -11.93
CA UNK A 24 79.74 -26.83 -12.21
C UNK A 24 78.68 -26.76 -11.13
N UNK A 25 78.57 -27.77 -10.27
CA UNK A 25 77.62 -27.75 -9.16
C UNK A 25 78.25 -27.28 -7.86
N UNK A 26 79.53 -26.89 -7.88
CA UNK A 26 80.22 -26.38 -6.70
C UNK A 26 80.18 -27.38 -5.55
N UNK A 27 80.30 -28.67 -5.88
CA UNK A 27 80.24 -29.71 -4.86
C UNK A 27 81.49 -29.72 -3.99
N UNK A 28 82.58 -29.10 -4.43
CA UNK A 28 83.78 -29.01 -3.62
C UNK A 28 83.92 -27.66 -2.92
N UNK A 29 82.81 -26.94 -2.80
CA UNK A 29 82.82 -25.64 -2.14
C UNK A 29 83.37 -25.75 -0.71
N UNK A 30 82.89 -26.73 0.05
CA UNK A 30 83.44 -27.00 1.37
C UNK A 30 84.73 -27.81 1.20
N UNK A 31 85.83 -27.41 1.86
CA UNK A 31 87.10 -28.13 1.63
C UNK A 31 87.10 -29.56 2.12
N UNK A 32 86.50 -29.84 3.29
CA UNK A 32 86.47 -31.21 3.80
C UNK A 32 85.84 -32.15 2.79
N UNK A 33 84.67 -31.78 2.27
CA UNK A 33 84.00 -32.59 1.26
C UNK A 33 84.88 -32.76 0.03
N UNK A 34 85.62 -31.72 -0.36
CA UNK A 34 86.46 -31.82 -1.54
C UNK A 34 87.57 -32.83 -1.34
N UNK A 35 88.23 -32.80 -0.19
CA UNK A 35 89.28 -33.77 0.11
C UNK A 35 88.73 -35.20 0.09
N UNK A 36 87.62 -35.41 0.80
CA UNK A 36 86.93 -36.70 0.74
C UNK A 36 86.65 -37.10 -0.69
N UNK A 37 86.31 -36.13 -1.55
CA UNK A 37 86.01 -36.42 -2.94
C UNK A 37 87.25 -36.82 -3.73
N UNK A 38 88.40 -36.24 -3.40
CA UNK A 38 89.64 -36.66 -4.06
C UNK A 38 89.96 -38.11 -3.73
N UNK A 39 89.86 -38.46 -2.44
CA UNK A 39 90.04 -39.84 -2.04
C UNK A 39 89.07 -40.77 -2.80
N UNK A 40 87.77 -40.49 -2.68
CA UNK A 40 86.77 -41.38 -3.26
C UNK A 40 86.92 -41.47 -4.78
N UNK A 41 87.24 -40.34 -5.42
CA UNK A 41 87.47 -40.36 -6.87
C UNK A 41 88.61 -41.28 -7.23
N UNK A 42 89.72 -41.23 -6.47
CA UNK A 42 90.81 -42.15 -6.76
C UNK A 42 90.40 -43.60 -6.53
N UNK A 43 89.57 -43.85 -5.52
CA UNK A 43 89.14 -45.23 -5.26
C UNK A 43 88.32 -45.76 -6.43
N UNK A 44 87.35 -44.96 -6.90
CA UNK A 44 86.57 -45.37 -8.07
C UNK A 44 87.45 -45.54 -9.30
N UNK A 45 88.41 -44.63 -9.49
CA UNK A 45 89.28 -44.71 -10.65
C UNK A 45 90.10 -45.99 -10.65
N UNK A 46 90.55 -46.41 -9.47
CA UNK A 46 91.40 -47.61 -9.39
C UNK A 46 90.56 -48.88 -9.50
N UNK A 47 89.40 -48.92 -8.85
CA UNK A 47 88.48 -50.04 -9.06
C UNK A 47 88.12 -50.19 -10.53
N UNK A 48 87.89 -49.06 -11.21
CA UNK A 48 87.54 -49.13 -12.63
C UNK A 48 88.74 -49.57 -13.48
N UNK A 49 89.93 -49.08 -13.16
CA UNK A 49 91.11 -49.46 -13.92
C UNK A 49 91.41 -50.95 -13.76
N UNK A 50 91.07 -51.53 -12.60
CA UNK A 50 91.20 -52.98 -12.46
C UNK A 50 90.06 -53.72 -13.15
N UNK A 51 88.85 -53.18 -13.09
CA UNK A 51 87.67 -53.93 -13.51
C UNK A 51 87.45 -53.92 -15.01
N UNK A 52 87.93 -52.90 -15.72
CA UNK A 52 87.73 -52.86 -17.17
C UNK A 52 88.41 -54.02 -17.88
N UNK A 53 89.71 -54.29 -17.67
CA UNK A 53 90.29 -55.47 -18.32
C UNK A 53 89.70 -56.77 -17.81
N UNK A 54 89.37 -56.85 -16.52
CA UNK A 54 88.67 -58.02 -16.02
C UNK A 54 87.33 -58.26 -16.70
N UNK A 55 86.75 -57.21 -17.29
CA UNK A 55 85.54 -57.34 -18.08
C UNK A 55 85.86 -57.71 -19.53
N UNK A 56 86.91 -57.15 -20.10
CA UNK A 56 87.16 -57.29 -21.53
C UNK A 56 87.93 -58.56 -21.90
N UNK A 57 88.98 -58.89 -21.15
CA UNK A 57 89.91 -59.96 -21.50
C UNK A 57 89.23 -61.34 -21.49
N UNK A 58 88.46 -61.71 -20.46
CA UNK A 58 87.72 -62.98 -20.55
C UNK A 58 86.74 -63.04 -21.70
N UNK A 59 86.30 -61.90 -22.22
CA UNK A 59 85.44 -61.89 -23.41
C UNK A 59 86.24 -62.16 -24.68
N UNK A 60 87.45 -61.59 -24.78
CA UNK A 60 88.31 -61.89 -25.92
C UNK A 60 88.63 -63.38 -26.00
N UNK A 61 88.76 -64.03 -24.85
CA UNK A 61 88.93 -65.47 -24.80
C UNK A 61 87.57 -66.15 -24.90
N UNK A 62 87.57 -67.49 -24.81
CA UNK A 62 86.34 -68.23 -24.95
C UNK A 62 85.37 -68.06 -23.79
N UNK A 63 85.86 -67.59 -22.64
CA UNK A 63 85.00 -67.43 -21.47
C UNK A 63 83.88 -66.44 -21.77
N UNK A 64 82.82 -66.51 -20.98
CA UNK A 64 81.68 -65.65 -21.17
C UNK A 64 82.02 -64.19 -20.93
N UNK A 65 81.04 -63.33 -21.21
CA UNK A 65 81.22 -61.91 -20.97
C UNK A 65 81.07 -61.62 -19.48
N UNK A 66 81.24 -60.35 -19.11
CA UNK A 66 81.20 -59.98 -17.70
C UNK A 66 79.85 -60.25 -17.06
N UNK A 67 78.78 -60.31 -17.87
CA UNK A 67 77.45 -60.59 -17.33
C UNK A 67 77.28 -62.09 -17.08
N UNK A 68 77.60 -62.91 -18.09
CA UNK A 68 77.47 -64.35 -17.95
C UNK A 68 78.33 -64.89 -16.82
N UNK A 69 79.48 -64.28 -16.58
CA UNK A 69 80.41 -64.76 -15.54
C UNK A 69 79.88 -64.55 -14.13
N UNK A 70 78.66 -64.06 -13.96
CA UNK A 70 78.03 -63.93 -12.65
C UNK A 70 76.83 -64.84 -12.49
N UNK A 71 76.52 -65.65 -13.49
CA UNK A 71 75.18 -66.24 -13.62
C UNK A 71 74.98 -67.53 -12.82
N UNK A 72 76.05 -68.26 -12.51
CA UNK A 72 75.87 -69.52 -11.79
C UNK A 72 75.24 -69.32 -10.42
N UNK A 73 75.45 -68.16 -9.80
CA UNK A 73 74.96 -67.92 -8.45
C UNK A 73 73.44 -67.78 -8.40
N UNK A 74 72.82 -67.42 -9.52
CA UNK A 74 71.36 -67.33 -9.56
C UNK A 74 70.71 -68.68 -9.32
N UNK A 75 71.26 -69.76 -9.96
CA UNK A 75 70.76 -71.10 -9.75
C UNK A 75 71.41 -71.72 -8.51
N UNK A 76 70.68 -72.60 -7.80
CA UNK A 76 71.10 -72.94 -6.43
C UNK A 76 72.39 -73.74 -6.35
N UNK A 77 72.56 -74.75 -7.19
CA UNK A 77 73.75 -75.59 -7.10
C UNK A 77 74.94 -75.02 -7.84
N UNK A 78 74.93 -73.71 -8.07
CA UNK A 78 75.94 -73.05 -8.87
C UNK A 78 77.38 -73.27 -8.43
N UNK A 79 78.25 -73.55 -9.39
CA UNK A 79 79.68 -73.68 -9.15
C UNK A 79 80.42 -72.88 -10.21
N UNK A 80 81.40 -72.10 -9.77
CA UNK A 80 82.10 -71.20 -10.66
C UNK A 80 83.07 -71.96 -11.57
N UNK A 81 83.48 -71.29 -12.64
CA UNK A 81 84.49 -71.80 -13.57
C UNK A 81 85.51 -70.70 -13.82
N UNK A 82 86.73 -70.89 -13.34
CA UNK A 82 87.84 -69.99 -13.64
C UNK A 82 88.72 -70.65 -14.68
N UNK A 83 88.79 -70.06 -15.88
CA UNK A 83 89.50 -70.64 -17.02
C UNK A 83 88.98 -72.05 -17.31
N UNK A 84 87.65 -72.17 -17.40
CA UNK A 84 87.01 -73.43 -17.67
C UNK A 84 87.08 -74.45 -16.56
N UNK A 85 87.72 -74.13 -15.43
CA UNK A 85 87.91 -75.09 -14.35
C UNK A 85 86.82 -74.92 -13.30
N UNK A 86 85.97 -75.92 -13.07
CA UNK A 86 84.97 -75.81 -12.01
C UNK A 86 85.62 -75.70 -10.64
N UNK A 87 85.99 -74.48 -10.24
CA UNK A 87 86.67 -74.28 -8.96
C UNK A 87 85.78 -74.79 -7.82
N UNK A 88 86.31 -75.49 -6.82
CA UNK A 88 85.42 -76.16 -5.86
C UNK A 88 84.64 -75.20 -4.99
N UNK A 89 85.23 -74.07 -4.61
CA UNK A 89 84.56 -73.11 -3.74
C UNK A 89 83.61 -72.19 -4.50
N UNK A 90 83.32 -72.48 -5.76
CA UNK A 90 82.53 -71.62 -6.63
C UNK A 90 81.08 -71.44 -6.21
N UNK A 91 80.62 -72.10 -5.16
CA UNK A 91 79.27 -71.89 -4.68
C UNK A 91 79.11 -70.48 -4.12
N UNK A 92 77.91 -69.93 -4.26
CA UNK A 92 77.68 -68.54 -3.92
C UNK A 92 77.89 -68.23 -2.44
N UNK A 93 77.33 -68.98 -1.49
CA UNK A 93 77.58 -68.63 -0.08
C UNK A 93 79.05 -68.67 0.31
N UNK A 94 79.83 -69.60 -0.25
CA UNK A 94 81.25 -69.70 0.05
C UNK A 94 81.98 -68.42 -0.32
N UNK A 95 82.08 -68.13 -1.62
CA UNK A 95 82.76 -66.92 -2.09
C UNK A 95 82.10 -65.65 -1.59
N UNK A 96 80.84 -65.73 -1.14
CA UNK A 96 80.15 -64.57 -0.60
C UNK A 96 80.64 -64.24 0.80
N UNK A 97 80.71 -65.26 1.67
CA UNK A 97 81.30 -65.07 2.99
C UNK A 97 82.77 -64.64 2.86
N UNK A 98 83.51 -65.33 1.98
CA UNK A 98 84.90 -64.97 1.73
C UNK A 98 85.01 -63.49 1.34
N UNK A 99 84.21 -63.08 0.36
CA UNK A 99 84.28 -61.70 -0.13
C UNK A 99 83.93 -60.71 0.97
N UNK A 100 82.90 -61.00 1.76
CA UNK A 100 82.51 -60.08 2.83
C UNK A 100 83.63 -59.88 3.84
N UNK A 101 84.19 -60.99 4.34
CA UNK A 101 85.23 -60.86 5.37
C UNK A 101 86.46 -60.15 4.80
N UNK A 102 86.95 -60.59 3.64
CA UNK A 102 88.17 -60.03 3.08
C UNK A 102 87.99 -58.55 2.74
N UNK A 103 86.98 -58.24 1.91
CA UNK A 103 86.76 -56.86 1.47
C UNK A 103 86.49 -55.96 2.67
N UNK A 104 85.64 -56.42 3.59
CA UNK A 104 85.31 -55.61 4.77
C UNK A 104 86.56 -55.28 5.57
N UNK A 105 87.42 -56.28 5.80
CA UNK A 105 88.65 -56.03 6.55
C UNK A 105 89.51 -54.98 5.85
N UNK A 106 89.85 -55.23 4.58
CA UNK A 106 90.76 -54.34 3.86
C UNK A 106 90.22 -52.90 3.83
N UNK A 107 89.01 -52.74 3.30
CA UNK A 107 88.45 -51.41 3.14
C UNK A 107 88.29 -50.71 4.49
N UNK A 108 87.88 -51.45 5.52
CA UNK A 108 87.78 -50.84 6.84
C UNK A 108 89.15 -50.41 7.36
N UNK A 109 90.21 -51.12 6.98
CA UNK A 109 91.55 -50.63 7.26
C UNK A 109 91.75 -49.26 6.63
N UNK A 110 91.24 -49.05 5.42
CA UNK A 110 91.30 -47.70 4.88
C UNK A 110 90.43 -46.73 5.68
N UNK A 111 89.35 -47.21 6.30
CA UNK A 111 88.46 -46.32 7.05
C UNK A 111 89.13 -45.79 8.31
N UNK A 112 90.04 -46.56 8.91
CA UNK A 112 90.63 -46.23 10.20
C UNK A 112 91.97 -45.51 10.08
N UNK A 113 92.30 -45.00 8.89
CA UNK A 113 93.49 -44.18 8.70
C UNK A 113 93.06 -42.82 8.18
N UNK A 114 93.59 -41.76 8.78
CA UNK A 114 93.28 -40.38 8.40
C UNK A 114 94.58 -39.58 8.49
N UNK A 115 95.26 -39.42 7.35
CA UNK A 115 96.47 -38.61 7.31
C UNK A 115 96.22 -37.11 7.09
N UNK A 116 95.40 -36.75 6.07
CA UNK A 116 94.58 -37.48 5.10
C UNK A 116 95.28 -37.81 3.79
N UNK A 117 96.51 -37.31 3.59
CA UNK A 117 97.16 -37.48 2.30
C UNK A 117 97.46 -38.95 2.01
N UNK A 118 97.60 -39.78 3.04
CA UNK A 118 97.81 -41.20 2.82
C UNK A 118 96.54 -41.90 2.33
N UNK A 119 95.37 -41.35 2.63
CA UNK A 119 94.12 -41.93 2.13
C UNK A 119 94.01 -41.84 0.62
N UNK A 120 94.70 -40.87 0.00
CA UNK A 120 94.81 -40.82 -1.45
C UNK A 120 96.00 -41.63 -1.94
N UNK A 121 97.20 -41.26 -1.51
CA UNK A 121 98.44 -41.86 -1.99
C UNK A 121 99.23 -42.42 -0.81
N UNK A 122 98.93 -43.66 -0.39
CA UNK A 122 99.65 -44.23 0.77
C UNK A 122 101.08 -44.62 0.46
N UNK A 123 101.28 -45.42 -0.60
CA UNK A 123 102.63 -45.82 -0.95
C UNK A 123 103.18 -46.88 -0.01
N UNK A 124 104.47 -46.78 0.27
CA UNK A 124 105.14 -47.76 1.10
C UNK A 124 105.08 -49.15 0.50
N UNK A 125 104.36 -50.06 1.16
CA UNK A 125 104.19 -51.40 0.62
C UNK A 125 103.51 -51.37 -0.75
N UNK A 126 102.70 -50.35 -1.01
CA UNK A 126 102.02 -50.21 -2.27
C UNK A 126 102.83 -49.44 -3.31
N UNK A 127 104.05 -49.06 -2.98
CA UNK A 127 105.02 -48.56 -3.96
C UNK A 127 106.36 -49.26 -3.78
N UNK A 128 106.41 -50.59 -3.96
CA UNK A 128 107.70 -51.28 -3.80
C UNK A 128 108.71 -50.89 -4.86
N UNK A 129 108.28 -50.69 -6.10
CA UNK A 129 109.18 -50.21 -7.14
C UNK A 129 109.57 -48.75 -6.94
N UNK A 130 108.95 -48.05 -5.99
CA UNK A 130 109.37 -46.71 -5.63
C UNK A 130 109.16 -45.66 -6.69
N UNK A 131 108.02 -45.69 -7.39
CA UNK A 131 107.74 -44.66 -8.39
C UNK A 131 107.49 -43.29 -7.76
N UNK A 132 107.42 -43.21 -6.43
CA UNK A 132 107.34 -41.93 -5.73
C UNK A 132 108.70 -41.27 -5.58
N UNK A 133 109.73 -41.79 -6.27
CA UNK A 133 111.08 -41.26 -6.22
C UNK A 133 111.11 -39.77 -6.53
N UNK A 134 111.00 -39.43 -7.81
CA UNK A 134 110.99 -38.04 -8.25
C UNK A 134 109.62 -37.44 -7.99
N UNK A 135 109.51 -36.48 -7.06
CA UNK A 135 108.19 -35.87 -6.79
C UNK A 135 107.57 -35.21 -8.01
N UNK A 136 108.40 -34.70 -8.93
CA UNK A 136 107.88 -34.23 -10.20
C UNK A 136 107.31 -35.39 -11.02
N UNK A 137 108.09 -36.45 -11.19
CA UNK A 137 107.62 -37.62 -11.94
C UNK A 137 106.51 -38.36 -11.19
N UNK A 138 106.54 -38.32 -9.85
CA UNK A 138 105.48 -38.93 -9.06
C UNK A 138 104.17 -38.15 -9.20
N UNK A 139 104.27 -36.81 -9.26
CA UNK A 139 103.08 -35.99 -9.47
C UNK A 139 102.55 -36.14 -10.90
N UNK A 140 103.46 -36.21 -11.89
CA UNK A 140 103.04 -36.49 -13.25
C UNK A 140 102.38 -37.86 -13.34
N UNK A 141 102.85 -38.81 -12.55
CA UNK A 141 102.18 -40.10 -12.44
C UNK A 141 100.82 -39.95 -11.74
N UNK A 142 100.66 -38.92 -10.90
CA UNK A 142 99.35 -38.67 -10.32
C UNK A 142 98.36 -38.20 -11.36
N UNK A 143 98.77 -37.24 -12.20
CA UNK A 143 97.97 -36.88 -13.36
C UNK A 143 97.71 -38.12 -14.22
N UNK A 144 98.72 -39.00 -14.32
CA UNK A 144 98.61 -40.22 -15.12
C UNK A 144 97.50 -41.11 -14.59
N UNK A 145 97.53 -41.38 -13.30
CA UNK A 145 96.52 -42.22 -12.68
C UNK A 145 95.14 -41.60 -12.78
N UNK A 146 95.04 -40.28 -12.57
CA UNK A 146 93.72 -39.66 -12.52
C UNK A 146 93.07 -39.67 -13.90
N UNK A 147 93.84 -39.37 -14.95
CA UNK A 147 93.27 -39.38 -16.29
C UNK A 147 92.97 -40.81 -16.75
N UNK A 148 93.89 -41.75 -16.46
CA UNK A 148 93.63 -43.16 -16.77
C UNK A 148 92.36 -43.66 -16.08
N UNK A 149 92.19 -43.31 -14.81
CA UNK A 149 91.07 -43.81 -14.05
C UNK A 149 89.75 -43.18 -14.48
N UNK A 150 89.75 -41.87 -14.73
CA UNK A 150 88.55 -41.24 -15.27
C UNK A 150 88.15 -41.87 -16.60
N UNK A 151 89.15 -42.13 -17.45
CA UNK A 151 88.88 -42.82 -18.71
C UNK A 151 88.23 -44.19 -18.46
N UNK A 152 88.80 -44.97 -17.54
CA UNK A 152 88.24 -46.27 -17.23
C UNK A 152 86.80 -46.16 -16.71
N UNK A 153 86.52 -45.14 -15.90
CA UNK A 153 85.16 -44.93 -15.41
C UNK A 153 84.18 -44.67 -16.55
N UNK A 154 84.56 -43.75 -17.45
CA UNK A 154 83.73 -43.51 -18.63
C UNK A 154 83.48 -44.79 -19.42
N UNK A 155 84.54 -45.58 -19.63
CA UNK A 155 84.40 -46.84 -20.35
C UNK A 155 83.41 -47.77 -19.65
N UNK A 156 83.51 -47.88 -18.32
CA UNK A 156 82.57 -48.71 -17.57
C UNK A 156 81.14 -48.25 -17.76
N UNK A 157 80.92 -46.93 -17.75
CA UNK A 157 79.59 -46.41 -18.04
C UNK A 157 79.14 -46.87 -19.43
N UNK A 158 80.04 -46.80 -20.41
CA UNK A 158 79.70 -47.29 -21.74
C UNK A 158 79.31 -48.76 -21.74
N UNK A 159 79.99 -49.56 -20.92
CA UNK A 159 79.69 -50.99 -20.87
C UNK A 159 78.31 -51.23 -20.26
N UNK A 160 78.00 -50.53 -19.17
CA UNK A 160 76.70 -50.74 -18.53
C UNK A 160 75.55 -50.25 -19.41
N UNK A 161 75.73 -49.10 -20.05
CA UNK A 161 74.66 -48.55 -20.88
C UNK A 161 74.47 -49.38 -22.14
N UNK A 162 75.58 -49.83 -22.75
CA UNK A 162 75.46 -50.76 -23.88
C UNK A 162 74.77 -52.05 -23.45
N UNK A 163 75.09 -52.54 -22.24
CA UNK A 163 74.47 -53.75 -21.75
C UNK A 163 72.96 -53.56 -21.57
N UNK A 164 72.55 -52.35 -21.17
CA UNK A 164 71.12 -52.07 -21.08
C UNK A 164 70.49 -51.92 -22.47
N UNK A 165 71.25 -51.41 -23.44
CA UNK A 165 70.75 -51.21 -24.80
C UNK A 165 70.87 -52.45 -25.65
N UNK A 166 71.59 -53.47 -25.18
CA UNK A 166 71.68 -54.76 -25.88
C UNK A 166 71.84 -55.84 -24.83
N UNK A 167 70.74 -56.21 -24.17
CA UNK A 167 70.84 -57.19 -23.08
C UNK A 167 71.46 -58.49 -23.55
N UNK A 168 72.44 -58.97 -22.80
CA UNK A 168 73.19 -60.15 -23.19
C UNK A 168 74.17 -59.87 -24.30
N UNK A 169 75.03 -58.89 -24.11
CA UNK A 169 76.02 -58.51 -25.11
C UNK A 169 77.42 -58.57 -24.51
N UNK A 170 78.40 -58.11 -25.29
CA UNK A 170 79.72 -57.85 -24.80
C UNK A 170 80.24 -56.56 -25.42
N UNK A 171 81.02 -55.79 -24.67
CA UNK A 171 81.64 -54.58 -25.26
C UNK A 171 82.33 -54.84 -26.59
N UNK A 172 83.03 -55.96 -26.72
CA UNK A 172 83.67 -56.30 -27.98
C UNK A 172 82.69 -56.89 -28.98
N UNK A 173 81.64 -57.55 -28.50
CA UNK A 173 80.55 -57.94 -29.39
C UNK A 173 79.85 -56.72 -29.96
N UNK A 174 79.56 -55.73 -29.11
CA UNK A 174 79.03 -54.45 -29.59
C UNK A 174 79.98 -53.80 -30.58
N UNK A 175 81.28 -53.81 -30.26
CA UNK A 175 82.26 -53.19 -31.15
C UNK A 175 82.26 -53.87 -32.51
N UNK A 176 82.25 -55.20 -32.53
CA UNK A 176 82.23 -55.91 -33.81
C UNK A 176 80.94 -55.64 -34.58
N UNK A 177 79.81 -55.60 -33.87
CA UNK A 177 78.56 -55.23 -34.52
C UNK A 177 78.67 -53.86 -35.17
N UNK A 178 79.39 -52.95 -34.54
CA UNK A 178 79.60 -51.63 -35.14
C UNK A 178 80.55 -51.72 -36.34
N UNK A 179 81.64 -52.49 -36.21
CA UNK A 179 82.60 -52.59 -37.29
C UNK A 179 82.01 -53.24 -38.53
N UNK A 180 80.95 -54.04 -38.38
CA UNK A 180 80.27 -54.61 -39.54
C UNK A 180 79.70 -53.50 -40.42
N UNK A 181 78.85 -52.64 -39.85
CA UNK A 181 78.26 -51.53 -40.58
C UNK A 181 78.21 -50.33 -39.65
N UNK A 182 79.29 -49.53 -39.62
CA UNK A 182 79.32 -48.38 -38.70
C UNK A 182 78.25 -47.35 -38.98
N UNK A 183 77.83 -47.20 -40.25
CA UNK A 183 76.85 -46.19 -40.60
C UNK A 183 75.42 -46.63 -40.32
N UNK A 184 75.19 -47.92 -40.13
CA UNK A 184 73.86 -48.41 -39.79
C UNK A 184 73.80 -49.09 -38.43
N UNK A 185 74.95 -49.33 -37.78
CA UNK A 185 75.01 -49.82 -36.42
C UNK A 185 75.63 -48.72 -35.56
N UNK A 186 74.79 -48.06 -34.77
CA UNK A 186 75.18 -46.87 -34.03
C UNK A 186 74.32 -46.78 -32.79
N UNK A 187 74.73 -45.94 -31.84
CA UNK A 187 73.84 -45.54 -30.77
C UNK A 187 72.59 -44.88 -31.32
N UNK A 188 72.63 -44.41 -32.58
CA UNK A 188 71.47 -43.74 -33.15
C UNK A 188 70.22 -44.61 -33.14
N UNK A 189 70.38 -45.92 -33.35
CA UNK A 189 69.24 -46.82 -33.33
C UNK A 189 68.70 -47.01 -31.91
N UNK A 190 69.56 -46.96 -30.90
CA UNK A 190 69.09 -47.07 -29.53
C UNK A 190 68.42 -45.77 -29.07
N UNK A 191 69.04 -44.63 -29.38
CA UNK A 191 68.40 -43.35 -29.09
C UNK A 191 67.13 -43.17 -29.90
N UNK A 192 67.09 -43.69 -31.13
CA UNK A 192 65.90 -43.56 -31.97
C UNK A 192 65.46 -44.95 -32.40
N UNK A 193 64.56 -45.61 -31.65
CA UNK A 193 64.02 -46.92 -32.04
C UNK A 193 63.19 -46.86 -33.33
N UNK B 1 -4.95 62.07 -66.92
CA UNK B 1 -5.93 61.03 -67.27
C UNK B 1 -5.82 59.85 -66.32
N UNK B 2 -6.83 59.68 -65.47
CA UNK B 2 -6.82 58.57 -64.52
C UNK B 2 -7.87 57.49 -64.79
N UNK B 3 -7.72 56.36 -64.10
CA UNK B 3 -8.51 55.16 -64.32
C UNK B 3 -9.96 55.30 -63.85
N UNK B 4 -10.15 56.07 -62.78
CA UNK B 4 -11.47 56.37 -62.25
C UNK B 4 -11.73 57.87 -62.26
N UNK B 5 -12.45 58.35 -63.27
CA UNK B 5 -12.82 59.78 -63.38
C UNK B 5 -13.56 60.28 -62.14
N UNK B 6 -12.99 61.28 -61.48
CA UNK B 6 -13.58 61.87 -60.30
C UNK B 6 -12.97 61.38 -59.00
N UNK B 7 -12.12 60.37 -59.10
CA UNK B 7 -11.46 59.81 -57.93
C UNK B 7 -10.04 60.36 -57.84
N UNK B 8 -9.69 60.95 -56.69
CA UNK B 8 -8.35 61.54 -56.50
C UNK B 8 -7.23 60.49 -56.57
N UNK B 9 -6.20 60.81 -57.34
CA UNK B 9 -5.05 59.90 -57.50
C UNK B 9 -4.05 60.07 -56.37
N UNK B 10 -3.35 58.98 -55.99
CA UNK B 10 -2.36 58.97 -54.91
C UNK B 10 -1.31 60.07 -55.05
N UNK B 11 -0.69 60.43 -53.92
CA UNK B 11 0.27 61.52 -53.88
C UNK B 11 1.55 61.20 -54.66
N UNK B 12 1.89 59.91 -54.74
CA UNK B 12 3.12 59.49 -55.40
C UNK B 12 2.94 59.18 -56.88
N UNK B 13 1.71 59.25 -57.36
CA UNK B 13 1.42 59.03 -58.77
C UNK B 13 1.00 60.34 -59.45
N UNK B 14 1.94 60.96 -60.15
CA UNK B 14 1.71 62.25 -60.80
C UNK B 14 1.34 62.07 -62.27
N UNK B 15 1.59 60.88 -62.79
CA UNK B 15 1.30 60.59 -64.19
C UNK B 15 2.47 60.78 -65.11
N UNK B 16 3.66 60.91 -64.52
CA UNK B 16 4.87 61.12 -65.32
C UNK B 16 5.49 59.80 -65.75
N UNK B 17 4.88 58.70 -65.34
CA UNK B 17 5.37 57.37 -65.68
C UNK B 17 4.51 56.81 -66.81
N UNK B 18 5.12 56.00 -67.69
CA UNK B 18 4.35 55.38 -68.78
C UNK B 18 3.28 54.44 -68.24
N UNK B 19 2.02 54.76 -68.52
CA UNK B 19 0.91 53.96 -68.06
C UNK B 19 0.40 54.39 -66.68
N UNK B 20 0.92 55.49 -66.17
CA UNK B 20 0.51 56.01 -64.87
C UNK B 20 -0.89 56.61 -64.97
N UNK B 21 -1.89 55.83 -64.59
CA UNK B 21 -3.28 56.29 -64.64
C UNK B 21 -3.85 56.40 -63.24
N UNK B 22 -2.97 56.44 -62.25
CA UNK B 22 -3.37 56.63 -60.86
C UNK B 22 -4.13 55.47 -60.25
N UNK B 23 -3.84 54.25 -60.71
CA UNK B 23 -4.52 53.08 -60.18
C UNK B 23 -3.68 52.36 -59.11
N UNK B 24 -4.04 52.58 -57.86
CA UNK B 24 -3.44 51.86 -56.74
C UNK B 24 -4.31 51.94 -55.50
N UNK B 25 -5.45 51.23 -55.51
CA UNK B 25 -6.40 51.25 -54.39
C UNK B 25 -5.77 50.76 -53.08
N UNK B 26 -4.92 49.75 -53.16
CA UNK B 26 -4.32 49.16 -51.98
C UNK B 26 -3.10 49.93 -51.49
N UNK B 27 -2.68 50.92 -52.26
CA UNK B 27 -1.53 51.73 -51.90
C UNK B 27 -0.25 50.92 -51.79
N UNK B 28 -0.07 49.98 -52.71
CA UNK B 28 1.10 49.11 -52.69
C UNK B 28 2.37 49.82 -53.11
N UNK B 29 2.24 50.88 -53.91
CA UNK B 29 3.38 51.63 -54.37
C UNK B 29 3.68 52.84 -53.51
N UNK B 30 3.21 52.82 -52.27
CA UNK B 30 3.43 53.94 -51.36
C UNK B 30 4.92 54.06 -51.03
N UNK B 31 5.61 52.93 -51.01
CA UNK B 31 7.06 52.92 -50.85
C UNK B 31 7.73 53.03 -52.21
N UNK B 32 8.56 54.07 -52.39
CA UNK B 32 9.24 54.38 -53.66
C UNK B 32 10.05 53.22 -54.24
N UNK B 33 10.86 52.56 -53.40
CA UNK B 33 11.66 51.43 -53.85
C UNK B 33 10.78 50.30 -54.34
N UNK B 34 9.77 49.98 -53.54
CA UNK B 34 8.77 48.98 -53.90
C UNK B 34 8.08 49.34 -55.21
N UNK B 35 7.77 50.62 -55.40
CA UNK B 35 7.12 51.10 -56.61
C UNK B 35 8.00 50.90 -57.84
N UNK B 36 9.30 51.17 -57.69
CA UNK B 36 10.25 50.96 -58.79
C UNK B 36 10.31 49.47 -59.16
N UNK B 37 10.47 48.62 -58.14
CA UNK B 37 10.45 47.18 -58.36
C UNK B 37 9.17 46.74 -59.06
N UNK B 38 8.05 47.34 -58.68
CA UNK B 38 6.76 47.00 -59.25
C UNK B 38 6.70 47.40 -60.72
N UNK B 39 7.34 48.52 -61.05
CA UNK B 39 7.42 48.94 -62.44
C UNK B 39 8.17 47.89 -63.26
N UNK B 40 9.34 47.51 -62.76
CA UNK B 40 10.15 46.48 -63.44
C UNK B 40 9.37 45.18 -63.64
N UNK B 41 8.84 44.64 -62.54
CA UNK B 41 8.13 43.36 -62.58
C UNK B 41 6.85 43.42 -63.41
N UNK B 42 6.21 44.59 -63.44
CA UNK B 42 5.02 44.74 -64.25
C UNK B 42 5.42 44.64 -65.72
N UNK B 43 6.52 45.29 -66.07
CA UNK B 43 7.03 45.19 -67.44
C UNK B 43 7.41 43.75 -67.81
N UNK B 44 8.01 43.03 -66.86
CA UNK B 44 8.40 41.64 -67.11
C UNK B 44 7.18 40.75 -67.35
N UNK B 45 6.19 40.86 -66.46
CA UNK B 45 4.94 40.12 -66.60
C UNK B 45 4.29 40.46 -67.94
N UNK B 46 4.35 41.75 -68.29
CA UNK B 46 3.77 42.25 -69.53
C UNK B 46 4.40 41.60 -70.75
N UNK B 47 5.73 41.57 -70.78
CA UNK B 47 6.44 41.03 -71.94
C UNK B 47 6.24 39.53 -72.05
N UNK B 48 6.20 38.86 -70.90
CA UNK B 48 5.96 37.43 -70.90
C UNK B 48 4.56 37.12 -71.43
N UNK B 49 3.60 37.95 -71.03
CA UNK B 49 2.22 37.77 -71.46
C UNK B 49 2.07 38.07 -72.95
N UNK B 50 2.75 39.12 -73.41
CA UNK B 50 2.70 39.51 -74.81
C UNK B 50 3.35 38.47 -75.70
N UNK B 51 4.27 37.69 -75.14
CA UNK B 51 4.84 36.57 -75.91
C UNK B 51 3.93 35.35 -75.81
N UNK B 52 3.24 35.21 -74.68
CA UNK B 52 2.41 34.04 -74.42
C UNK B 52 1.11 34.01 -75.21
N UNK B 53 0.37 35.12 -75.17
CA UNK B 53 -0.96 35.20 -75.78
C UNK B 53 -1.04 34.76 -77.26
N UNK B 54 -0.18 35.31 -78.14
CA UNK B 54 -0.27 34.83 -79.52
C UNK B 54 0.25 33.40 -79.64
N UNK B 55 1.10 32.99 -78.71
CA UNK B 55 1.62 31.63 -78.69
C UNK B 55 0.59 30.62 -78.21
N UNK B 56 -0.55 31.14 -77.75
CA UNK B 56 -1.66 30.31 -77.30
C UNK B 56 -2.69 30.21 -78.41
N UNK B 57 -2.84 31.31 -79.14
CA UNK B 57 -3.87 31.41 -80.17
C UNK B 57 -3.43 30.86 -81.53
N UNK B 58 -2.21 31.18 -81.93
CA UNK B 58 -1.71 30.76 -83.25
C UNK B 58 -1.65 29.25 -83.49
N UNK B 59 -1.00 28.47 -82.59
CA UNK B 59 -0.92 27.04 -82.88
C UNK B 59 -2.29 26.34 -82.77
N UNK B 60 -3.28 27.02 -82.20
CA UNK B 60 -4.62 26.47 -82.11
C UNK B 60 -5.35 26.60 -83.44
N UNK B 61 -5.13 27.72 -84.13
CA UNK B 61 -5.74 27.95 -85.43
C UNK B 61 -5.01 27.18 -86.52
N UNK B 62 -3.71 27.45 -86.65
CA UNK B 62 -2.89 26.82 -87.69
C UNK B 62 -2.57 25.38 -87.35
N UNK B 63 -1.80 25.17 -86.30
CA UNK B 63 -1.35 23.84 -85.91
C UNK B 63 -2.45 22.91 -85.45
N UNK B 64 -3.69 23.40 -85.44
CA UNK B 64 -4.85 22.62 -85.05
C UNK B 64 -4.67 21.97 -83.68
N UNK B 65 -3.94 22.66 -82.81
CA UNK B 65 -3.64 22.15 -81.48
C UNK B 65 -4.40 22.87 -80.38
N UNK B 66 -3.85 22.83 -79.18
CA UNK B 66 -4.49 23.41 -78.02
C UNK B 66 -3.45 23.68 -76.93
N UNK B 67 -3.51 24.86 -76.32
CA UNK B 67 -2.49 25.26 -75.34
C UNK B 67 -2.55 24.44 -74.05
N UNK B 68 -3.59 23.62 -73.91
CA UNK B 68 -3.71 22.74 -72.75
C UNK B 68 -3.44 21.29 -73.15
N UNK B 69 -3.83 20.94 -74.37
CA UNK B 69 -3.56 19.61 -74.90
C UNK B 69 -2.10 19.47 -75.27
N UNK B 70 -1.43 20.60 -75.48
CA UNK B 70 0.00 20.60 -75.79
C UNK B 70 0.84 20.29 -74.55
N UNK B 71 0.18 20.22 -73.40
CA UNK B 71 0.86 19.93 -72.14
C UNK B 71 0.84 18.42 -71.87
N UNK B 72 -0.17 17.75 -72.41
CA UNK B 72 -0.46 16.37 -72.03
C UNK B 72 0.52 15.32 -72.55
N UNK B 73 1.37 15.69 -73.51
CA UNK B 73 2.32 14.73 -74.07
C UNK B 73 3.31 14.25 -73.02
N UNK B 74 3.58 15.11 -72.04
CA UNK B 74 4.45 14.74 -70.92
C UNK B 74 3.62 13.99 -69.89
N UNK B 75 4.18 13.81 -68.69
CA UNK B 75 3.52 13.10 -67.60
C UNK B 75 3.21 11.64 -67.92
N UNK B 76 3.81 11.11 -68.99
CA UNK B 76 3.63 9.72 -69.37
C UNK B 76 4.95 9.15 -69.89
N UNK B 77 5.16 7.83 -69.72
CA UNK B 77 6.43 7.19 -70.08
C UNK B 77 6.85 7.41 -71.54
N UNK B 78 5.89 7.69 -72.42
CA UNK B 78 6.20 7.99 -73.80
C UNK B 78 7.06 9.22 -73.93
N UNK B 79 6.48 10.38 -73.60
CA UNK B 79 7.21 11.63 -73.57
C UNK B 79 7.73 12.06 -74.93
N UNK B 80 6.82 12.21 -75.89
CA UNK B 80 7.20 12.66 -77.23
C UNK B 80 6.48 13.97 -77.56
N UNK B 81 7.24 14.95 -78.03
CA UNK B 81 6.70 16.26 -78.34
C UNK B 81 6.76 16.55 -79.84
N UNK B 82 5.90 17.46 -80.30
CA UNK B 82 5.84 17.81 -81.71
C UNK B 82 5.83 19.32 -81.91
N UNK B 83 6.53 19.78 -82.94
CA UNK B 83 6.56 21.20 -83.29
C UNK B 83 6.22 21.35 -84.76
N UNK B 84 5.16 22.11 -85.04
CA UNK B 84 4.66 22.28 -86.41
C UNK B 84 4.32 20.93 -87.04
N UNK B 85 3.90 19.98 -86.20
CA UNK B 85 3.55 18.65 -86.64
C UNK B 85 4.72 17.68 -86.65
N UNK B 86 5.94 18.22 -86.73
CA UNK B 86 7.14 17.41 -86.79
C UNK B 86 7.67 17.02 -85.41
N UNK B 87 7.72 15.71 -85.13
CA UNK B 87 8.23 15.20 -83.85
C UNK B 87 9.69 15.56 -83.62
N UNK B 88 9.95 16.34 -82.58
CA UNK B 88 11.31 16.76 -82.24
C UNK B 88 12.08 15.64 -81.55
N UNK B 89 13.34 15.44 -81.95
CA UNK B 89 14.20 14.36 -81.42
C UNK B 89 14.58 14.55 -79.96
N UNK B 90 14.95 15.77 -79.58
CA UNK B 90 15.34 16.06 -78.20
C UNK B 90 14.15 16.45 -77.34
N UNK B 91 12.94 16.25 -77.88
CA UNK B 91 11.72 16.65 -77.20
C UNK B 91 11.22 15.67 -76.15
N UNK B 92 12.00 15.50 -75.08
CA UNK B 92 11.57 14.70 -73.94
C UNK B 92 11.62 15.57 -72.69
N UNK B 93 10.81 15.23 -71.70
CA UNK B 93 10.66 16.07 -70.50
C UNK B 93 11.97 16.42 -69.78
N UNK B 94 12.77 15.42 -69.38
CA UNK B 94 13.97 15.75 -68.59
C UNK B 94 14.98 16.63 -69.34
N UNK B 95 15.18 16.34 -70.63
CA UNK B 95 16.15 17.08 -71.44
C UNK B 95 15.78 18.55 -71.57
N UNK B 96 14.58 18.80 -72.08
CA UNK B 96 14.12 20.17 -72.26
C UNK B 96 13.95 20.88 -70.93
N UNK B 97 13.74 20.11 -69.86
CA UNK B 97 13.63 20.68 -68.53
C UNK B 97 14.99 21.20 -68.08
N UNK B 98 16.03 20.41 -68.31
CA UNK B 98 17.39 20.82 -67.98
C UNK B 98 17.83 22.03 -68.81
N UNK B 99 17.58 21.96 -70.12
CA UNK B 99 17.92 23.05 -71.02
C UNK B 99 17.23 24.36 -70.63
N UNK B 100 15.91 24.27 -70.44
CA UNK B 100 15.11 25.41 -70.04
C UNK B 100 15.60 25.99 -68.72
N UNK B 101 15.84 25.11 -67.75
CA UNK B 101 16.34 25.52 -66.45
C UNK B 101 17.64 26.31 -66.56
N UNK B 102 18.65 25.71 -67.17
CA UNK B 102 19.95 26.35 -67.32
C UNK B 102 19.86 27.69 -68.07
N UNK B 103 19.23 27.68 -69.24
CA UNK B 103 19.10 28.88 -70.06
C UNK B 103 18.39 30.02 -69.33
N UNK B 104 17.19 29.73 -68.83
CA UNK B 104 16.38 30.75 -68.17
C UNK B 104 17.02 31.24 -66.88
N UNK B 105 17.70 30.34 -66.16
CA UNK B 105 18.38 30.74 -64.93
C UNK B 105 19.52 31.69 -65.26
N UNK B 106 20.28 31.35 -66.29
CA UNK B 106 21.38 32.18 -66.73
C UNK B 106 20.91 33.58 -67.13
N UNK B 107 19.90 33.65 -67.99
CA UNK B 107 19.44 34.95 -68.47
C UNK B 107 18.76 35.79 -67.37
N UNK B 108 17.98 35.14 -66.53
CA UNK B 108 17.28 35.84 -65.44
C UNK B 108 18.27 36.37 -64.41
N UNK B 109 19.22 35.52 -64.01
CA UNK B 109 20.22 35.95 -63.04
C UNK B 109 21.12 37.02 -63.64
N UNK B 110 21.32 36.95 -64.95
CA UNK B 110 22.12 37.97 -65.64
C UNK B 110 21.37 39.30 -65.62
N UNK B 111 20.05 39.23 -65.70
CA UNK B 111 19.22 40.43 -65.57
C UNK B 111 19.26 40.94 -64.14
N UNK B 112 19.47 40.02 -63.19
CA UNK B 112 19.48 40.36 -61.78
C UNK B 112 20.71 41.19 -61.38
N UNK B 113 21.78 41.06 -62.14
CA UNK B 113 23.04 41.73 -61.81
C UNK B 113 23.08 43.22 -62.17
N UNK B 114 22.11 43.66 -62.96
CA UNK B 114 22.04 45.07 -63.35
C UNK B 114 21.72 45.94 -62.14
N UNK B 115 22.40 47.08 -62.01
CA UNK B 115 22.19 47.96 -60.88
C UNK B 115 21.32 49.17 -61.23
N UNK B 116 21.51 49.71 -62.42
CA UNK B 116 20.73 50.87 -62.87
C UNK B 116 19.25 50.51 -62.98
N UNK B 117 18.40 51.24 -62.26
CA UNK B 117 16.96 50.96 -62.20
C UNK B 117 16.26 51.22 -63.53
N UNK B 118 16.81 52.12 -64.34
CA UNK B 118 16.21 52.46 -65.62
C UNK B 118 16.55 51.41 -66.69
N UNK B 119 17.69 50.73 -66.53
CA UNK B 119 18.09 49.71 -67.46
C UNK B 119 17.63 48.32 -67.00
N UNK B 120 17.16 48.25 -65.76
CA UNK B 120 16.63 47.02 -65.22
C UNK B 120 15.26 46.74 -65.84
N UNK B 121 14.63 47.80 -66.34
CA UNK B 121 13.35 47.70 -67.01
C UNK B 121 13.47 48.03 -68.49
N UNK B 122 14.35 48.96 -68.82
CA UNK B 122 14.62 49.34 -70.20
C UNK B 122 16.10 49.19 -70.52
N UNK B 123 16.55 47.95 -70.79
CA UNK B 123 17.97 47.65 -70.99
C UNK B 123 18.57 48.32 -72.22
N UNK B 124 17.91 48.20 -73.37
CA UNK B 124 18.41 48.76 -74.60
C UNK B 124 19.71 48.11 -75.05
N UNK B 125 20.56 48.88 -75.72
CA UNK B 125 21.84 48.39 -76.19
C UNK B 125 21.71 47.27 -77.20
N UNK B 126 22.12 46.08 -76.80
CA UNK B 126 22.03 44.91 -77.65
C UNK B 126 20.57 44.54 -77.91
N UNK B 127 19.70 44.94 -76.99
CA UNK B 127 18.28 44.61 -77.09
C UNK B 127 17.51 45.66 -77.88
N UNK B 128 18.23 46.61 -78.48
CA UNK B 128 17.61 47.61 -79.33
C UNK B 128 18.41 47.83 -80.61
N UNK B 129 18.34 46.87 -81.55
CA UNK B 129 19.11 46.97 -82.80
C UNK B 129 18.54 48.04 -83.73
N UNK B 130 17.24 48.26 -83.68
CA UNK B 130 16.60 49.24 -84.55
C UNK B 130 16.72 50.65 -83.99
N UNK B 131 17.33 50.76 -82.81
CA UNK B 131 17.59 52.05 -82.20
C UNK B 131 16.35 52.89 -82.00
N UNK B 132 15.22 52.23 -81.75
CA UNK B 132 13.96 52.92 -81.56
C UNK B 132 13.90 53.71 -80.25
N UNK B 133 14.93 53.57 -79.43
CA UNK B 133 14.96 54.26 -78.14
C UNK B 133 15.90 55.46 -78.15
N UNK B 134 16.48 55.75 -79.32
CA UNK B 134 17.44 56.83 -79.46
C UNK B 134 16.81 58.20 -79.24
N UNK B 135 15.57 58.36 -79.69
CA UNK B 135 14.83 59.60 -79.49
C UNK B 135 14.01 59.54 -78.20
N UNK B 136 14.26 60.48 -77.28
CA UNK B 136 13.61 60.52 -75.96
C UNK B 136 12.08 60.53 -76.01
N UNK B 137 11.50 61.42 -76.81
CA UNK B 137 10.05 61.57 -76.87
C UNK B 137 9.40 60.33 -77.47
N UNK B 138 10.04 59.79 -78.50
CA UNK B 138 9.58 58.58 -79.14
C UNK B 138 9.72 57.41 -78.17
N UNK B 139 10.76 57.48 -77.34
CA UNK B 139 10.97 56.44 -76.33
C UNK B 139 9.81 56.46 -75.35
N UNK B 140 9.43 57.65 -74.88
CA UNK B 140 8.31 57.76 -73.93
C UNK B 140 7.00 57.24 -74.54
N UNK B 141 6.72 57.66 -75.77
CA UNK B 141 5.49 57.25 -76.45
C UNK B 141 5.44 55.72 -76.60
N UNK B 142 6.54 55.16 -77.09
CA UNK B 142 6.64 53.72 -77.29
C UNK B 142 6.58 52.95 -75.97
N UNK B 143 7.05 53.59 -74.89
CA UNK B 143 6.96 53.03 -73.54
C UNK B 143 5.50 52.89 -73.12
N UNK B 144 4.74 53.97 -73.29
CA UNK B 144 3.32 53.95 -72.98
C UNK B 144 2.63 52.84 -73.78
N UNK B 145 2.97 52.76 -75.07
CA UNK B 145 2.38 51.74 -75.93
C UNK B 145 2.72 50.34 -75.45
N UNK B 146 3.95 50.17 -74.95
CA UNK B 146 4.42 48.88 -74.48
C UNK B 146 3.66 48.45 -73.24
N UNK B 147 3.57 49.35 -72.26
CA UNK B 147 2.89 49.01 -71.01
C UNK B 147 1.41 48.74 -71.24
N UNK B 148 0.80 49.44 -72.19
CA UNK B 148 -0.62 49.23 -72.46
C UNK B 148 -0.89 47.90 -73.17
N UNK B 149 -0.16 47.63 -74.25
CA UNK B 149 -0.31 46.34 -74.93
C UNK B 149 -0.01 45.19 -73.97
N UNK B 150 0.99 45.38 -73.12
CA UNK B 150 1.36 44.38 -72.14
C UNK B 150 0.27 44.08 -71.13
N UNK B 151 -0.31 45.15 -70.57
CA UNK B 151 -1.41 44.98 -69.62
C UNK B 151 -2.61 44.29 -70.26
N UNK B 152 -2.92 44.69 -71.49
CA UNK B 152 -4.02 44.05 -72.21
C UNK B 152 -3.72 42.57 -72.44
N UNK B 153 -2.45 42.25 -72.66
CA UNK B 153 -2.03 40.87 -72.84
C UNK B 153 -2.21 40.07 -71.56
N UNK B 154 -1.88 40.69 -70.42
CA UNK B 154 -2.07 40.08 -69.13
C UNK B 154 -3.55 39.77 -68.90
N UNK B 155 -4.42 40.74 -69.22
CA UNK B 155 -5.85 40.55 -69.07
C UNK B 155 -6.32 39.39 -69.97
N UNK B 156 -5.75 39.31 -71.16
CA UNK B 156 -6.09 38.22 -72.08
C UNK B 156 -5.68 36.86 -71.50
N UNK B 157 -4.53 36.83 -70.84
CA UNK B 157 -4.04 35.60 -70.23
C UNK B 157 -4.98 35.15 -69.10
N UNK B 158 -5.42 36.12 -68.30
CA UNK B 158 -6.41 35.83 -67.25
C UNK B 158 -7.66 35.23 -67.90
N UNK B 159 -8.07 35.83 -69.01
CA UNK B 159 -9.21 35.32 -69.75
C UNK B 159 -9.02 33.88 -70.17
N UNK B 160 -7.84 33.56 -70.68
CA UNK B 160 -7.55 32.21 -71.13
C UNK B 160 -7.65 31.22 -69.98
N UNK B 161 -7.04 31.57 -68.85
CA UNK B 161 -6.98 30.65 -67.71
C UNK B 161 -8.35 30.41 -67.07
N UNK B 162 -9.12 31.49 -66.92
CA UNK B 162 -10.45 31.36 -66.33
C UNK B 162 -11.38 30.60 -67.27
N UNK B 163 -11.30 30.91 -68.56
CA UNK B 163 -12.11 30.22 -69.56
C UNK B 163 -11.73 28.74 -69.64
N UNK B 164 -10.48 28.43 -69.30
CA UNK B 164 -10.03 27.05 -69.27
C UNK B 164 -10.57 26.35 -68.03
N UNK B 165 -10.63 27.09 -66.92
CA UNK B 165 -11.17 26.54 -65.69
C UNK B 165 -12.66 26.23 -65.84
N UNK B 166 -13.36 27.07 -66.60
CA UNK B 166 -14.80 26.90 -66.79
C UNK B 166 -15.11 25.81 -67.82
N UNK B 167 -14.36 25.79 -68.91
CA UNK B 167 -14.53 24.81 -69.97
C UNK B 167 -13.24 24.05 -70.22
N UNK B 168 -12.93 23.05 -69.37
CA UNK B 168 -11.69 22.29 -69.47
C UNK B 168 -11.54 21.53 -70.79
N UNK B 169 -10.33 21.55 -71.36
CA UNK B 169 -10.05 20.84 -72.58
C UNK B 169 -10.31 21.63 -73.85
N UNK B 170 -10.86 22.83 -73.69
CA UNK B 170 -11.20 23.67 -74.84
C UNK B 170 -10.38 24.96 -74.84
N UNK B 171 -9.85 25.30 -76.01
CA UNK B 171 -9.04 26.50 -76.15
C UNK B 171 -9.87 27.76 -76.23
N UNK B 172 -9.20 28.92 -76.16
CA UNK B 172 -9.86 30.24 -76.21
C UNK B 172 -10.53 30.52 -77.54
N UNK B 173 -9.91 30.08 -78.64
CA UNK B 173 -10.43 30.37 -79.97
C UNK B 173 -11.68 29.53 -80.21
N UNK B 174 -11.69 28.35 -79.62
CA UNK B 174 -12.82 27.42 -79.68
C UNK B 174 -13.99 28.04 -78.94
N UNK B 175 -13.69 28.71 -77.82
CA UNK B 175 -14.70 29.41 -77.05
C UNK B 175 -15.21 30.64 -77.78
N UNK B 176 -14.34 31.27 -78.55
CA UNK B 176 -14.73 32.42 -79.36
C UNK B 176 -15.72 31.98 -80.42
N UNK B 177 -15.44 30.84 -81.04
CA UNK B 177 -16.33 30.29 -82.06
C UNK B 177 -17.66 29.89 -81.43
N UNK B 178 -17.60 29.28 -80.25
CA UNK B 178 -18.79 28.86 -79.52
C UNK B 178 -19.65 30.08 -79.20
N UNK B 179 -19.01 31.18 -78.85
CA UNK B 179 -19.71 32.43 -78.59
C UNK B 179 -20.34 32.97 -79.87
N UNK B 180 -19.62 32.85 -80.98
CA UNK B 180 -20.12 33.33 -82.26
C UNK B 180 -21.33 32.51 -82.72
N UNK B 181 -21.44 31.29 -82.21
CA UNK B 181 -22.59 30.43 -82.52
C UNK B 181 -23.88 31.07 -82.01
N UNK B 182 -24.07 31.04 -80.70
CA UNK B 182 -25.21 31.72 -80.08
C UNK B 182 -24.71 32.72 -79.03
N UNK B 183 -24.45 33.95 -79.46
CA UNK B 183 -23.91 35.00 -78.58
C UNK B 183 -24.82 35.28 -77.39
N UNK B 184 -26.12 35.11 -77.58
CA UNK B 184 -27.10 35.41 -76.54
C UNK B 184 -27.41 34.18 -75.67
N UNK B 185 -26.75 33.07 -75.94
CA UNK B 185 -26.97 31.85 -75.17
C UNK B 185 -25.66 31.26 -74.66
N UNK B 186 -24.59 31.48 -75.42
CA UNK B 186 -23.27 30.98 -75.05
C UNK B 186 -22.40 32.08 -74.44
N UNK B 187 -22.56 32.30 -73.14
CA UNK B 187 -21.85 33.36 -72.45
C UNK B 187 -21.34 32.91 -71.09
N UNK B 188 -20.91 33.87 -70.27
CA UNK B 188 -20.39 33.59 -68.94
C UNK B 188 -21.52 33.28 -67.97
N UNK B 189 -22.75 33.61 -68.36
CA UNK B 189 -23.91 33.40 -67.52
C UNK B 189 -24.02 31.97 -66.99
N UNK B 190 -23.85 31.01 -67.88
CA UNK B 190 -23.94 29.59 -67.54
C UNK B 190 -22.97 29.21 -66.43
N UNK B 191 -21.92 30.01 -66.24
CA UNK B 191 -20.94 29.77 -65.21
C UNK B 191 -21.26 30.60 -63.97
N UNK B 192 -21.74 31.83 -64.19
CA UNK B 192 -21.98 32.75 -63.09
C UNK B 192 -23.30 32.48 -62.37
N UNK B 193 -24.41 32.66 -63.09
CA UNK B 193 -25.73 32.49 -62.49
C UNK B 193 -26.35 31.17 -62.95
N UNK B 194 -25.51 30.18 -63.21
CA UNK B 194 -25.97 28.89 -63.66
C UNK B 194 -25.61 27.78 -62.68
N UNK B 195 -26.35 26.67 -62.75
CA UNK B 195 -27.43 26.52 -63.72
C UNK B 195 -28.74 26.18 -63.01
N UNK C 1 40.90 29.57 -40.28
CA UNK C 1 41.64 30.23 -39.21
C UNK C 1 41.06 31.60 -38.89
N UNK C 2 39.80 31.83 -39.27
CA UNK C 2 39.14 33.11 -39.07
C UNK C 2 37.87 32.85 -38.27
N UNK C 3 37.82 33.39 -37.05
CA UNK C 3 36.60 33.31 -36.25
C UNK C 3 35.46 34.04 -36.93
N UNK C 4 34.25 33.50 -36.79
CA UNK C 4 33.07 34.02 -37.47
C UNK C 4 31.93 34.07 -36.47
N UNK C 5 31.84 35.16 -35.69
CA UNK C 5 30.85 35.17 -34.59
C UNK C 5 29.42 35.26 -35.05
N UNK C 6 29.12 36.12 -36.03
CA UNK C 6 27.76 36.35 -36.48
C UNK C 6 27.35 35.45 -37.64
N UNK C 7 28.00 34.30 -37.80
CA UNK C 7 27.67 33.43 -38.91
C UNK C 7 26.25 32.89 -38.77
N UNK C 8 25.60 32.56 -39.89
CA UNK C 8 24.26 31.97 -39.80
C UNK C 8 24.33 30.57 -39.21
N UNK C 9 23.55 30.33 -38.18
CA UNK C 9 23.59 29.07 -37.45
C UNK C 9 22.52 28.12 -37.96
N UNK C 10 22.66 26.85 -37.58
CA UNK C 10 21.64 25.87 -37.91
C UNK C 10 20.32 26.18 -37.20
N UNK C 11 20.39 26.63 -35.95
CA UNK C 11 19.20 26.99 -35.19
C UNK C 11 19.21 28.49 -34.96
N UNK C 12 18.61 29.28 -35.85
CA UNK C 12 18.56 30.73 -35.64
C UNK C 12 18.04 31.09 -34.26
N UNK C 13 18.69 32.06 -33.64
CA UNK C 13 18.41 32.42 -32.27
C UNK C 13 19.27 31.69 -31.25
N UNK C 14 19.66 30.45 -31.55
CA UNK C 14 20.44 29.68 -30.59
C UNK C 14 21.86 30.23 -30.47
N UNK C 15 22.51 29.85 -29.39
CA UNK C 15 23.91 30.20 -29.17
C UNK C 15 24.79 29.05 -29.62
N UNK C 16 25.80 29.30 -30.45
CA UNK C 16 26.68 28.22 -30.87
C UNK C 16 27.53 27.75 -29.70
N UNK C 17 27.96 26.48 -29.70
CA UNK C 17 28.84 26.03 -28.64
C UNK C 17 30.19 26.72 -28.73
N UNK C 18 30.89 26.89 -27.60
CA UNK C 18 32.15 27.66 -27.62
C UNK C 18 33.24 27.03 -28.46
N UNK C 19 33.18 25.72 -28.73
CA UNK C 19 34.22 25.08 -29.54
C UNK C 19 33.97 25.20 -31.03
N UNK C 20 32.90 25.86 -31.45
CA UNK C 20 32.62 26.16 -32.85
C UNK C 20 32.56 27.69 -32.99
N UNK C 21 33.67 28.28 -33.44
CA UNK C 21 33.78 29.72 -33.55
C UNK C 21 33.57 30.24 -34.96
N UNK C 22 33.32 29.35 -35.92
CA UNK C 22 33.20 29.73 -37.31
C UNK C 22 34.47 29.59 -38.12
N UNK C 23 35.56 29.14 -37.51
CA UNK C 23 36.81 28.98 -38.24
C UNK C 23 36.75 27.79 -39.19
N UNK C 24 36.14 26.69 -38.75
CA UNK C 24 36.06 25.50 -39.59
C UNK C 24 35.16 25.76 -40.80
N UNK C 25 35.51 25.22 -41.96
CA UNK C 25 34.57 25.28 -43.10
C UNK C 25 33.34 24.44 -42.81
N UNK C 26 32.18 24.97 -43.19
CA UNK C 26 30.94 24.29 -42.89
C UNK C 26 30.50 24.37 -41.45
N UNK C 27 30.94 25.40 -40.73
CA UNK C 27 30.58 25.58 -39.32
C UNK C 27 29.27 26.34 -39.24
N UNK C 28 28.18 25.64 -38.93
CA UNK C 28 26.89 26.25 -38.66
C UNK C 28 26.53 26.19 -37.19
N UNK C 29 27.49 25.83 -36.32
CA UNK C 29 27.25 25.77 -34.90
C UNK C 29 26.53 24.54 -34.41
N UNK C 30 26.60 23.43 -35.16
CA UNK C 30 25.80 22.24 -34.88
C UNK C 30 26.68 21.17 -34.25
N UNK C 31 26.51 20.96 -32.94
CA UNK C 31 27.10 19.86 -32.21
C UNK C 31 26.34 19.72 -30.88
N UNK C 32 25.04 19.45 -30.92
CA UNK C 32 24.25 19.49 -29.68
C UNK C 32 24.68 18.49 -28.63
N UNK C 33 25.28 17.37 -29.04
CA UNK C 33 25.75 16.35 -28.10
C UNK C 33 27.19 16.56 -27.68
N UNK C 34 27.81 17.66 -28.09
CA UNK C 34 29.20 17.92 -27.74
C UNK C 34 30.17 16.84 -28.18
N UNK C 35 29.97 16.29 -29.38
CA UNK C 35 30.87 15.25 -29.85
C UNK C 35 32.23 15.81 -30.24
N UNK C 36 32.29 17.07 -30.64
CA UNK C 36 33.56 17.72 -30.89
C UNK C 36 33.91 18.69 -29.77
N UNK C 37 33.45 18.36 -28.57
CA UNK C 37 33.59 19.28 -27.43
C UNK C 37 35.05 19.53 -27.08
N UNK C 38 35.87 18.47 -27.06
CA UNK C 38 37.29 18.73 -26.84
C UNK C 38 38.00 18.88 -28.18
N UNK C 39 39.10 19.65 -28.21
CA UNK C 39 39.76 19.92 -29.49
C UNK C 39 40.28 18.67 -30.21
N UNK C 40 40.78 17.70 -29.46
CA UNK C 40 41.33 16.48 -30.06
C UNK C 40 40.26 15.74 -30.87
N UNK C 41 39.11 15.50 -30.24
CA UNK C 41 38.04 14.78 -30.92
C UNK C 41 37.46 15.60 -32.07
N UNK C 42 37.43 16.92 -31.95
CA UNK C 42 36.94 17.73 -33.06
C UNK C 42 37.88 17.65 -34.26
N UNK C 43 39.19 17.67 -34.00
CA UNK C 43 40.18 17.45 -35.04
C UNK C 43 39.92 16.13 -35.77
N UNK C 44 39.92 15.04 -35.00
CA UNK C 44 39.63 13.72 -35.55
C UNK C 44 38.36 13.72 -36.38
N UNK C 45 37.28 14.25 -35.81
CA UNK C 45 35.98 14.20 -36.48
C UNK C 45 35.94 15.08 -37.72
N UNK C 46 36.78 16.13 -37.77
CA UNK C 46 36.88 16.93 -38.99
C UNK C 46 37.45 16.07 -40.11
N UNK C 47 38.52 15.33 -39.82
CA UNK C 47 39.03 14.39 -40.81
C UNK C 47 37.96 13.36 -41.19
N UNK C 48 37.25 12.83 -40.20
CA UNK C 48 36.20 11.85 -40.46
C UNK C 48 35.16 12.42 -41.41
N UNK C 49 34.50 13.50 -41.01
CA UNK C 49 33.48 14.14 -41.85
C UNK C 49 33.97 14.40 -43.25
N UNK C 50 35.25 14.77 -43.38
CA UNK C 50 35.81 15.02 -44.70
C UNK C 50 35.85 13.74 -45.54
N UNK C 51 36.40 12.67 -44.98
CA UNK C 51 36.53 11.41 -45.74
C UNK C 51 35.15 10.83 -46.05
N UNK C 52 34.26 10.77 -45.05
CA UNK C 52 32.88 10.35 -45.29
C UNK C 52 32.24 11.18 -46.40
N UNK C 53 32.48 12.49 -46.39
CA UNK C 53 31.89 13.36 -47.40
C UNK C 53 32.38 12.99 -48.80
N UNK C 54 33.68 12.76 -48.94
CA UNK C 54 34.22 12.46 -50.27
C UNK C 54 33.75 11.09 -50.76
N UNK C 55 33.84 10.07 -49.90
CA UNK C 55 33.33 8.75 -50.26
C UNK C 55 31.85 8.82 -50.62
N UNK C 56 31.08 9.62 -49.88
CA UNK C 56 29.65 9.69 -50.14
C UNK C 56 29.36 10.46 -51.42
N UNK C 57 30.24 11.36 -51.83
CA UNK C 57 30.05 12.04 -53.12
C UNK C 57 30.34 11.10 -54.27
N UNK C 58 31.46 10.36 -54.19
CA UNK C 58 31.74 9.34 -55.20
C UNK C 58 30.62 8.31 -55.24
N UNK C 59 30.08 7.93 -54.08
CA UNK C 59 28.99 6.97 -54.06
C UNK C 59 27.70 7.53 -54.63
N UNK C 60 27.37 8.78 -54.29
CA UNK C 60 26.20 9.41 -54.89
C UNK C 60 26.30 9.42 -56.41
N UNK C 61 27.51 9.67 -56.93
CA UNK C 61 27.70 9.58 -58.37
C UNK C 61 27.46 8.16 -58.87
N UNK C 62 28.12 7.17 -58.25
CA UNK C 62 28.04 5.81 -58.74
C UNK C 62 26.67 5.19 -58.66
N UNK C 63 25.84 5.61 -57.70
CA UNK C 63 24.44 5.19 -57.68
C UNK C 63 23.63 5.97 -58.70
N UNK C 64 23.61 7.29 -58.55
CA UNK C 64 22.60 8.08 -59.24
C UNK C 64 22.86 8.23 -60.73
N UNK C 65 24.11 8.42 -61.12
CA UNK C 65 24.41 8.64 -62.54
C UNK C 65 24.18 7.36 -63.35
N UNK C 66 24.77 6.21 -63.00
CA UNK C 66 24.50 5.01 -63.81
C UNK C 66 23.06 4.53 -63.74
N UNK C 67 22.41 4.63 -62.57
CA UNK C 67 20.99 4.27 -62.50
C UNK C 67 20.17 5.17 -63.42
N UNK C 68 20.53 6.45 -63.49
CA UNK C 68 19.80 7.40 -64.32
C UNK C 68 20.02 7.13 -65.81
N UNK C 69 21.26 6.82 -66.19
CA UNK C 69 21.55 6.56 -67.60
C UNK C 69 20.96 5.23 -68.04
N UNK C 70 21.17 4.17 -67.26
CA UNK C 70 20.61 2.87 -67.58
C UNK C 70 19.09 2.89 -67.58
N UNK C 71 18.49 3.75 -66.74
CA UNK C 71 17.05 3.98 -66.84
C UNK C 71 16.65 4.48 -68.21
N UNK C 72 17.55 5.20 -68.88
CA UNK C 72 17.37 5.59 -70.27
C UNK C 72 17.97 4.52 -71.18
N UNK C 73 17.94 4.76 -72.49
CA UNK C 73 18.46 3.79 -73.43
C UNK C 73 19.95 3.93 -73.66
N UNK C 74 20.70 4.30 -72.62
CA UNK C 74 22.11 4.64 -72.77
C UNK C 74 23.00 3.50 -72.32
N UNK C 75 22.85 3.07 -71.07
CA UNK C 75 23.73 2.06 -70.50
C UNK C 75 22.93 0.83 -70.08
N UNK C 76 23.67 -0.24 -69.76
CA UNK C 76 23.12 -1.49 -69.29
C UNK C 76 23.48 -1.79 -67.84
N UNK C 77 24.06 -0.83 -67.13
CA UNK C 77 24.65 -1.09 -65.83
C UNK C 77 23.58 -1.60 -64.86
N UNK C 78 23.89 -2.64 -64.08
CA UNK C 78 22.89 -3.19 -63.15
C UNK C 78 22.66 -2.32 -61.93
N UNK C 79 21.78 -2.77 -61.03
CA UNK C 79 21.41 -1.99 -59.87
C UNK C 79 22.56 -1.94 -58.87
N UNK C 80 22.84 -0.75 -58.35
CA UNK C 80 23.93 -0.57 -57.41
C UNK C 80 23.80 -1.47 -56.19
N UNK C 81 22.56 -1.77 -55.79
CA UNK C 81 22.34 -2.59 -54.60
C UNK C 81 22.87 -4.00 -54.79
N UNK C 82 22.71 -4.55 -55.99
CA UNK C 82 23.04 -5.94 -56.27
C UNK C 82 24.35 -6.09 -57.05
N UNK C 83 25.11 -5.01 -57.22
CA UNK C 83 26.35 -5.09 -57.99
C UNK C 83 27.42 -5.94 -57.31
N UNK C 84 27.29 -6.20 -56.01
CA UNK C 84 28.26 -7.04 -55.33
C UNK C 84 28.16 -8.51 -55.68
N UNK C 85 26.94 -8.98 -55.96
CA UNK C 85 26.73 -10.38 -56.32
C UNK C 85 27.31 -10.75 -57.67
N UNK C 86 27.56 -9.76 -58.53
CA UNK C 86 27.97 -10.03 -59.90
C UNK C 86 29.31 -10.78 -59.93
N UNK C 87 29.54 -11.46 -61.04
CA UNK C 87 30.79 -12.19 -61.28
C UNK C 87 31.64 -11.39 -62.24
N UNK C 88 32.76 -10.87 -61.75
CA UNK C 88 33.71 -10.14 -62.55
C UNK C 88 34.85 -11.09 -62.92
N UNK C 89 35.90 -10.56 -63.56
CA UNK C 89 36.95 -11.41 -64.10
C UNK C 89 37.58 -12.32 -63.05
N UNK C 90 37.33 -12.07 -61.76
CA UNK C 90 37.75 -12.97 -60.72
C UNK C 90 36.78 -12.85 -59.55
N UNK C 91 36.95 -13.72 -58.57
CA UNK C 91 36.11 -13.72 -57.39
C UNK C 91 36.21 -12.42 -56.62
N UNK C 92 35.09 -11.98 -56.05
CA UNK C 92 35.08 -10.68 -55.37
C UNK C 92 36.01 -10.67 -54.17
N UNK C 93 36.19 -11.81 -53.50
CA UNK C 93 37.05 -11.84 -52.32
C UNK C 93 38.47 -11.41 -52.67
N UNK C 94 39.05 -12.00 -53.72
CA UNK C 94 40.41 -11.63 -54.08
C UNK C 94 40.48 -10.18 -54.53
N UNK C 95 39.44 -9.69 -55.21
CA UNK C 95 39.33 -8.26 -55.49
C UNK C 95 39.36 -7.45 -54.21
N UNK C 96 38.66 -7.95 -53.18
CA UNK C 96 38.56 -7.26 -51.92
C UNK C 96 39.90 -7.24 -51.21
N UNK C 97 40.67 -8.32 -51.31
CA UNK C 97 41.98 -8.37 -50.68
C UNK C 97 42.94 -7.42 -51.39
N UNK C 98 42.92 -7.40 -52.71
CA UNK C 98 43.60 -6.35 -53.47
C UNK C 98 43.26 -4.98 -52.90
N UNK C 99 41.95 -4.73 -52.77
CA UNK C 99 41.46 -3.46 -52.26
C UNK C 99 42.02 -3.15 -50.87
N UNK C 100 42.01 -4.14 -49.98
CA UNK C 100 42.52 -3.93 -48.63
C UNK C 100 44.02 -3.64 -48.62
N UNK C 101 44.76 -4.19 -49.59
CA UNK C 101 46.19 -3.93 -49.64
C UNK C 101 46.46 -2.50 -50.10
N UNK C 102 45.96 -2.14 -51.29
CA UNK C 102 46.26 -0.82 -51.84
C UNK C 102 45.62 0.29 -51.00
N UNK C 103 44.31 0.18 -50.77
CA UNK C 103 43.62 1.11 -49.89
C UNK C 103 44.25 1.12 -48.50
N UNK C 104 44.75 -0.03 -48.04
CA UNK C 104 45.46 -0.06 -46.77
C UNK C 104 46.71 0.79 -46.79
N UNK C 105 47.42 0.80 -47.91
CA UNK C 105 48.58 1.68 -48.05
C UNK C 105 48.16 3.14 -47.96
N UNK C 106 47.22 3.55 -48.81
CA UNK C 106 46.78 4.95 -48.83
C UNK C 106 46.29 5.40 -47.46
N UNK C 107 45.34 4.65 -46.88
CA UNK C 107 44.80 4.98 -45.57
C UNK C 107 45.87 4.95 -44.50
N UNK C 108 46.87 4.08 -44.63
CA UNK C 108 47.94 4.03 -43.66
C UNK C 108 48.78 5.30 -43.67
N UNK C 109 49.09 5.81 -44.86
CA UNK C 109 49.87 7.05 -44.92
C UNK C 109 49.02 8.25 -44.46
N UNK C 110 47.75 8.30 -44.87
CA UNK C 110 46.87 9.34 -44.35
C UNK C 110 46.81 9.29 -42.82
N UNK C 111 46.79 8.07 -42.27
CA UNK C 111 46.81 7.84 -40.84
C UNK C 111 48.06 8.46 -40.20
N UNK C 112 49.24 8.12 -40.75
CA UNK C 112 50.48 8.74 -40.26
C UNK C 112 50.44 10.25 -40.35
N UNK C 113 49.71 10.79 -41.34
CA UNK C 113 49.60 12.24 -41.44
C UNK C 113 48.76 12.82 -40.30
N UNK C 114 47.60 12.23 -40.02
CA UNK C 114 46.78 12.73 -38.92
C UNK C 114 47.54 12.67 -37.61
N UNK C 115 48.20 11.53 -37.34
CA UNK C 115 48.90 11.40 -36.06
C UNK C 115 50.17 12.24 -36.00
N UNK C 116 50.81 12.48 -37.14
CA UNK C 116 52.09 13.22 -37.19
C UNK C 116 52.10 14.05 -38.46
N UNK C 117 51.47 15.23 -38.43
CA UNK C 117 51.34 16.03 -39.65
C UNK C 117 52.70 16.35 -40.28
N UNK C 118 52.75 16.23 -41.62
CA UNK C 118 53.93 16.54 -42.40
C UNK C 118 54.89 15.38 -42.59
N UNK C 119 54.89 14.41 -41.67
CA UNK C 119 55.88 13.33 -41.68
C UNK C 119 55.75 12.40 -42.88
N UNK C 120 54.75 12.58 -43.74
CA UNK C 120 54.39 11.59 -44.74
C UNK C 120 54.40 12.18 -46.16
N UNK C 121 54.94 13.40 -46.31
CA UNK C 121 54.82 14.13 -47.57
C UNK C 121 55.82 13.70 -48.64
N UNK C 122 56.86 12.94 -48.30
CA UNK C 122 57.88 12.57 -49.26
C UNK C 122 57.62 11.19 -49.85
N UNK C 123 57.81 11.08 -51.15
CA UNK C 123 57.82 9.79 -51.84
C UNK C 123 58.95 8.93 -51.26
N UNK C 124 58.67 7.73 -50.75
CA UNK C 124 59.74 6.89 -50.20
C UNK C 124 60.66 6.29 -51.23
N UNK C 125 60.42 6.52 -52.52
CA UNK C 125 61.31 6.07 -53.58
C UNK C 125 61.96 7.27 -54.29
N UNK C 126 61.15 8.19 -54.80
CA UNK C 126 61.62 9.34 -55.55
C UNK C 126 61.38 10.60 -54.73
N UNK C 127 62.32 10.99 -53.88
CA UNK C 127 62.06 12.09 -52.92
C UNK C 127 61.74 13.43 -53.54
N UNK C 128 62.17 13.71 -54.77
CA UNK C 128 61.96 15.02 -55.37
C UNK C 128 60.50 15.32 -55.66
N UNK C 129 59.60 14.34 -55.51
CA UNK C 129 58.20 14.54 -55.88
C UNK C 129 57.46 15.38 -54.83
N UNK C 130 57.27 14.81 -53.63
CA UNK C 130 56.75 15.53 -52.47
C UNK C 130 55.31 16.02 -52.63
N UNK C 131 54.76 16.61 -51.56
CA UNK C 131 53.40 17.12 -51.53
C UNK C 131 53.39 18.52 -50.95
N UNK C 132 52.50 19.37 -51.47
CA UNK C 132 52.51 20.79 -51.16
C UNK C 132 51.62 21.18 -49.99
N UNK C 133 50.63 20.37 -49.65
CA UNK C 133 49.66 20.78 -48.65
C UNK C 133 50.29 20.96 -47.28
N UNK C 134 49.83 21.99 -46.56
CA UNK C 134 50.24 22.23 -45.19
C UNK C 134 49.13 22.00 -44.20
N UNK C 135 47.93 21.68 -44.66
CA UNK C 135 46.79 21.41 -43.79
C UNK C 135 46.41 19.94 -43.89
N UNK C 136 46.10 19.33 -42.74
CA UNK C 136 45.68 17.93 -42.72
C UNK C 136 44.31 17.81 -43.39
N UNK C 137 44.17 16.80 -44.24
CA UNK C 137 42.94 16.59 -44.97
C UNK C 137 42.91 17.22 -46.35
N UNK C 138 43.92 18.03 -46.69
CA UNK C 138 44.01 18.69 -47.98
C UNK C 138 45.45 18.51 -48.46
N UNK C 139 45.80 17.32 -48.95
CA UNK C 139 47.21 16.97 -49.15
C UNK C 139 47.91 17.78 -50.23
N UNK C 140 47.18 18.24 -51.25
CA UNK C 140 47.86 18.95 -52.31
C UNK C 140 48.80 18.06 -53.09
N UNK C 141 49.81 18.68 -53.69
CA UNK C 141 50.74 17.97 -54.54
C UNK C 141 50.17 17.73 -55.92
N UNK C 142 51.07 17.31 -56.83
CA UNK C 142 50.66 17.06 -58.21
C UNK C 142 49.57 16.01 -58.30
N UNK C 143 49.61 15.01 -57.41
CA UNK C 143 48.65 13.91 -57.49
C UNK C 143 47.24 14.37 -57.07
N UNK C 144 47.15 15.02 -55.92
CA UNK C 144 45.85 15.32 -55.32
C UNK C 144 45.39 16.75 -55.60
N UNK C 145 46.25 17.59 -56.17
CA UNK C 145 45.85 18.94 -56.54
C UNK C 145 46.64 19.37 -57.79
N UNK C 146 46.49 18.66 -58.91
CA UNK C 146 47.31 18.99 -60.08
C UNK C 146 47.00 20.36 -60.66
N UNK C 147 45.74 20.80 -60.62
CA UNK C 147 45.37 22.10 -61.15
C UNK C 147 45.70 23.25 -60.21
N UNK C 148 46.18 22.96 -59.00
CA UNK C 148 46.54 23.99 -58.06
C UNK C 148 45.40 24.76 -57.45
N UNK C 149 44.15 24.39 -57.74
CA UNK C 149 43.01 25.08 -57.16
C UNK C 149 42.99 25.00 -55.63
N UNK C 150 43.87 24.21 -55.03
CA UNK C 150 43.85 23.99 -53.59
C UNK C 150 44.78 24.86 -52.78
N UNK C 151 45.84 25.37 -53.40
CA UNK C 151 46.78 26.26 -52.74
C UNK C 151 46.40 27.68 -53.13
N UNK C 152 45.74 28.38 -52.23
CA UNK C 152 45.25 29.72 -52.52
C UNK C 152 45.15 30.51 -51.21
N UNK C 153 44.54 31.68 -51.28
CA UNK C 153 44.40 32.54 -50.13
C UNK C 153 43.33 32.00 -49.18
N UNK C 154 43.40 32.33 -47.90
CA UNK C 154 42.25 32.14 -47.02
C UNK C 154 41.05 32.94 -47.53
N UNK C 155 39.87 32.53 -47.06
CA UNK C 155 38.57 33.06 -47.49
C UNK C 155 38.18 32.52 -48.86
N UNK C 156 39.16 32.27 -49.72
CA UNK C 156 38.89 31.49 -50.94
C UNK C 156 38.90 30.01 -50.62
N UNK C 157 39.95 29.54 -49.94
CA UNK C 157 39.97 28.16 -49.47
C UNK C 157 38.81 27.88 -48.52
N UNK C 158 38.40 28.87 -47.73
CA UNK C 158 37.26 28.67 -46.86
C UNK C 158 35.97 28.52 -47.68
N UNK C 159 35.82 29.32 -48.73
CA UNK C 159 34.67 29.19 -49.61
C UNK C 159 34.62 27.82 -50.25
N UNK C 160 35.74 27.39 -50.85
CA UNK C 160 35.76 26.12 -51.57
C UNK C 160 35.60 24.93 -50.61
N UNK C 161 36.31 24.94 -49.48
CA UNK C 161 36.19 23.85 -48.52
C UNK C 161 34.78 23.78 -47.94
N UNK C 162 34.16 24.94 -47.71
CA UNK C 162 32.76 24.96 -47.31
C UNK C 162 31.89 24.29 -48.38
N UNK C 163 32.13 24.61 -49.65
CA UNK C 163 31.42 23.93 -50.74
C UNK C 163 31.61 22.43 -50.69
N UNK C 164 32.85 21.98 -50.48
CA UNK C 164 33.15 20.56 -50.44
C UNK C 164 32.39 19.87 -49.31
N UNK C 165 32.38 20.47 -48.13
CA UNK C 165 31.77 19.82 -46.96
C UNK C 165 30.25 19.81 -47.10
N UNK C 166 29.67 20.88 -47.64
CA UNK C 166 28.22 20.89 -47.79
C UNK C 166 27.77 19.90 -48.86
N UNK C 167 28.48 19.85 -49.99
CA UNK C 167 28.19 18.83 -50.99
C UNK C 167 28.34 17.43 -50.39
N UNK C 168 29.35 17.22 -49.55
CA UNK C 168 29.57 15.91 -48.98
C UNK C 168 28.52 15.50 -47.97
N UNK C 169 28.02 16.46 -47.19
CA UNK C 169 26.91 16.18 -46.28
C UNK C 169 25.67 15.78 -47.08
N UNK C 170 25.32 16.59 -48.08
CA UNK C 170 24.20 16.24 -48.95
C UNK C 170 24.38 14.83 -49.54
N UNK C 171 25.61 14.50 -49.94
CA UNK C 171 25.85 13.21 -50.58
C UNK C 171 25.73 12.06 -49.59
N UNK C 172 26.16 12.26 -48.34
CA UNK C 172 25.93 11.24 -47.31
C UNK C 172 24.44 10.96 -47.16
N UNK C 173 23.65 12.02 -46.95
CA UNK C 173 22.21 11.85 -46.83
C UNK C 173 21.61 11.18 -48.06
N UNK C 174 22.15 11.47 -49.25
CA UNK C 174 21.58 10.91 -50.47
C UNK C 174 21.91 9.43 -50.63
N UNK C 175 23.15 9.04 -50.34
CA UNK C 175 23.53 7.64 -50.43
C UNK C 175 22.69 6.80 -49.49
N UNK C 176 22.63 7.21 -48.21
CA UNK C 176 21.75 6.48 -47.29
C UNK C 176 20.30 6.56 -47.74
N UNK C 177 19.94 7.64 -48.43
CA UNK C 177 18.58 7.75 -48.96
C UNK C 177 18.26 6.65 -49.95
N UNK C 178 19.11 6.48 -50.96
CA UNK C 178 18.89 5.41 -51.94
C UNK C 178 18.93 4.05 -51.26
N UNK C 179 19.77 3.89 -50.24
CA UNK C 179 19.78 2.65 -49.46
C UNK C 179 18.41 2.33 -48.88
N UNK C 180 17.95 3.18 -47.95
CA UNK C 180 16.67 2.91 -47.29
C UNK C 180 15.50 2.90 -48.26
N UNK C 181 15.62 3.61 -49.39
CA UNK C 181 14.59 3.54 -50.42
C UNK C 181 14.55 2.15 -51.05
N UNK C 182 15.69 1.67 -51.52
CA UNK C 182 15.74 0.36 -52.16
C UNK C 182 15.31 -0.74 -51.20
N UNK C 183 15.55 -0.57 -49.89
CA UNK C 183 15.04 -1.53 -48.92
C UNK C 183 13.54 -1.38 -48.77
N UNK C 184 13.05 -0.13 -48.70
CA UNK C 184 11.63 0.13 -48.48
C UNK C 184 10.83 -0.12 -49.75
N UNK C 185 11.09 0.67 -50.79
CA UNK C 185 10.53 0.39 -52.11
C UNK C 185 11.25 -0.83 -52.70
N UNK C 186 10.85 -1.20 -53.91
CA UNK C 186 11.46 -2.33 -54.59
C UNK C 186 12.26 -1.99 -55.84
N UNK C 187 12.53 -0.71 -56.09
CA UNK C 187 13.16 -0.26 -57.31
C UNK C 187 14.43 0.52 -57.00
N UNK C 188 15.06 1.04 -58.06
CA UNK C 188 16.14 1.98 -57.90
C UNK C 188 15.63 3.35 -57.56
N UNK C 189 16.56 4.23 -57.17
CA UNK C 189 16.14 5.55 -56.70
C UNK C 189 15.44 6.38 -57.76
N UNK C 190 15.85 6.25 -59.02
CA UNK C 190 15.25 7.06 -60.08
C UNK C 190 13.79 6.68 -60.29
N UNK C 191 13.44 5.41 -60.04
CA UNK C 191 12.04 5.01 -60.11
C UNK C 191 11.24 5.61 -58.96
N UNK C 192 11.85 5.73 -57.78
CA UNK C 192 11.20 6.44 -56.69
C UNK C 192 10.98 7.90 -57.05
N UNK C 193 11.97 8.51 -57.72
CA UNK C 193 11.84 9.90 -58.13
C UNK C 193 10.69 10.08 -59.12
N UNK C 194 10.62 9.21 -60.13
CA UNK C 194 9.58 9.35 -61.14
C UNK C 194 8.21 9.01 -60.57
N UNK C 195 8.12 7.92 -59.81
CA UNK C 195 6.86 7.55 -59.18
C UNK C 195 6.35 8.66 -58.27
N UNK C 196 7.27 9.36 -57.60
CA UNK C 196 6.87 10.49 -56.77
C UNK C 196 6.48 11.69 -57.62
N UNK C 197 7.19 11.93 -58.72
CA UNK C 197 6.84 13.06 -59.57
C UNK C 197 5.49 12.89 -60.23
N UNK C 198 5.08 11.64 -60.47
CA UNK C 198 3.77 11.41 -61.10
C UNK C 198 2.63 11.77 -60.16
N UNK C 199 2.73 11.34 -58.90
CA UNK C 199 1.69 11.59 -57.90
C UNK C 199 2.36 11.90 -56.57
N UNK C 200 2.89 13.11 -56.40
CA UNK C 200 3.60 13.43 -55.16
C UNK C 200 2.71 13.46 -53.94
N UNK C 201 1.42 13.78 -54.12
CA UNK C 201 0.52 13.77 -52.98
C UNK C 201 0.32 12.39 -52.39
N UNK C 202 0.49 11.34 -53.20
CA UNK C 202 0.22 9.98 -52.77
C UNK C 202 1.46 9.10 -52.77
N UNK C 203 2.13 8.93 -53.90
CA UNK C 203 3.29 8.06 -53.98
C UNK C 203 4.42 8.58 -53.10
N UNK C 204 4.44 8.15 -51.84
CA UNK C 204 5.41 8.64 -50.86
C UNK C 204 5.91 7.51 -49.97
N UNK C 205 6.30 7.87 -48.74
CA UNK C 205 6.48 6.87 -47.69
C UNK C 205 5.19 6.06 -47.52
N UNK C 206 4.05 6.74 -47.64
CA UNK C 206 2.76 6.22 -47.23
C UNK C 206 2.00 5.53 -48.37
N UNK C 207 2.66 5.28 -49.50
CA UNK C 207 2.08 4.42 -50.52
C UNK C 207 2.26 2.94 -50.21
N UNK C 208 2.89 2.61 -49.08
CA UNK C 208 3.12 1.23 -48.69
C UNK C 208 2.54 0.95 -47.30
N UNK D 1 -74.23 78.81 -6.77
CA UNK D 1 -74.03 78.82 -5.31
C UNK D 1 -75.30 78.51 -4.56
N UNK D 2 -76.43 79.00 -5.06
CA UNK D 2 -77.73 78.71 -4.47
C UNK D 2 -78.60 77.97 -5.47
N UNK D 3 -78.79 76.67 -5.22
CA UNK D 3 -79.49 75.82 -6.18
C UNK D 3 -80.05 74.60 -5.47
N UNK D 4 -81.13 74.01 -6.03
CA UNK D 4 -81.69 72.77 -5.48
C UNK D 4 -80.68 71.63 -5.62
N UNK D 5 -80.65 70.73 -4.64
CA UNK D 5 -79.67 69.66 -4.66
C UNK D 5 -80.30 68.28 -4.79
N UNK D 6 -79.49 67.30 -5.15
CA UNK D 6 -79.94 65.92 -5.27
C UNK D 6 -80.26 65.33 -3.91
N UNK D 7 -79.55 65.82 -2.89
CA UNK D 7 -79.71 65.34 -1.53
C UNK D 7 -79.90 66.53 -0.61
N UNK D 8 -81.15 67.00 -0.45
CA UNK D 8 -81.50 68.13 0.43
C UNK D 8 -80.91 67.98 1.82
N UNK D 9 -80.25 69.03 2.30
CA UNK D 9 -79.63 69.01 3.61
C UNK D 9 -78.16 68.66 3.55
N UNK D 10 -77.64 68.51 2.34
CA UNK D 10 -76.22 68.16 2.16
C UNK D 10 -75.45 69.33 1.55
N UNK D 11 -74.14 69.34 1.78
CA UNK D 11 -73.28 70.37 1.22
C UNK D 11 -72.67 69.89 -0.09
N UNK D 12 -72.90 70.63 -1.18
CA UNK D 12 -72.35 70.26 -2.48
C UNK D 12 -70.83 70.34 -2.47
N UNK D 13 -70.17 69.45 -3.23
CA UNK D 13 -68.70 69.44 -3.33
C UNK D 13 -68.15 70.77 -3.85
N UNK D 14 -66.95 71.15 -3.41
CA UNK D 14 -66.31 72.42 -3.76
C UNK D 14 -66.18 72.65 -5.26
N UNK D 15 -65.94 71.59 -6.03
CA UNK D 15 -65.72 71.72 -7.46
C UNK D 15 -67.01 71.94 -8.26
N UNK D 16 -68.15 71.73 -7.61
CA UNK D 16 -69.45 71.98 -8.26
C UNK D 16 -70.04 73.30 -7.80
N UNK D 17 -69.71 74.37 -8.52
CA UNK D 17 -70.18 75.72 -8.18
C UNK D 17 -71.68 75.87 -8.43
N UNK D 18 -72.12 75.39 -9.58
CA UNK D 18 -73.50 75.56 -9.99
C UNK D 18 -73.56 76.38 -11.26
N UNK D 19 -72.38 76.68 -11.79
CA UNK D 19 -72.26 77.45 -13.02
C UNK D 19 -72.36 76.54 -14.24
N UNK D 20 -72.49 75.24 -13.97
CA UNK D 20 -72.56 74.24 -15.03
C UNK D 20 -73.99 73.78 -15.19
N UNK D 21 -74.47 73.70 -16.44
CA UNK D 21 -75.84 73.21 -16.70
C UNK D 21 -76.04 71.78 -16.19
N UNK D 22 -77.00 71.60 -15.29
CA UNK D 22 -77.29 70.29 -14.74
C UNK D 22 -76.61 70.02 -13.41
N UNK D 23 -76.05 71.07 -12.81
CA UNK D 23 -75.36 70.96 -11.53
C UNK D 23 -76.35 70.84 -10.37
N UNK D 24 -76.37 69.68 -9.74
CA UNK D 24 -77.23 69.46 -8.58
C UNK D 24 -76.42 68.94 -7.40
N UNK D 25 -75.11 69.10 -7.49
CA UNK D 25 -74.21 68.71 -6.42
C UNK D 25 -74.07 67.22 -6.24
N UNK D 26 -74.35 66.47 -7.30
CA UNK D 26 -74.23 65.02 -7.23
C UNK D 26 -72.89 64.54 -7.80
N UNK D 27 -72.00 64.17 -6.88
CA UNK D 27 -70.76 63.47 -7.24
C UNK D 27 -70.17 62.84 -5.97
N UNK D 28 -70.89 61.85 -5.40
CA UNK D 28 -70.51 61.32 -4.09
C UNK D 28 -69.19 60.55 -4.10
N UNK D 29 -68.68 60.21 -5.29
CA UNK D 29 -67.41 59.51 -5.40
C UNK D 29 -66.28 60.46 -5.82
N UNK D 30 -66.64 61.71 -6.09
CA UNK D 30 -65.66 62.73 -6.45
C UNK D 30 -64.97 62.42 -7.76
N UNK D 31 -65.73 61.92 -8.73
CA UNK D 31 -65.16 61.54 -10.03
C UNK D 31 -64.89 62.76 -10.90
N UNK D 32 -65.34 63.92 -10.45
CA UNK D 32 -65.12 65.17 -11.17
C UNK D 32 -64.40 66.20 -10.32
N UNK D 33 -63.69 65.73 -9.30
CA UNK D 33 -62.96 66.61 -8.39
C UNK D 33 -61.85 67.39 -9.10
N UNK D 34 -61.17 66.72 -10.03
CA UNK D 34 -60.14 67.37 -10.83
C UNK D 34 -60.80 68.12 -11.98
N UNK D 35 -60.38 69.37 -12.22
CA UNK D 35 -60.94 70.23 -13.28
C UNK D 35 -60.95 69.57 -14.66
N UNK D 36 -59.82 69.03 -15.10
CA UNK D 36 -59.75 68.38 -16.40
C UNK D 36 -60.68 67.17 -16.48
N UNK D 37 -60.71 66.39 -15.41
CA UNK D 37 -61.59 65.23 -15.34
C UNK D 37 -63.06 65.65 -15.37
N UNK D 38 -63.38 66.73 -14.67
CA UNK D 38 -64.74 67.25 -14.63
C UNK D 38 -65.17 67.72 -16.02
N UNK D 39 -64.24 68.35 -16.71
CA UNK D 39 -64.46 68.91 -18.04
C UNK D 39 -64.68 67.80 -19.07
N UNK D 40 -63.79 66.81 -19.05
CA UNK D 40 -63.89 65.66 -19.93
C UNK D 40 -65.19 64.90 -19.66
N UNK D 41 -65.53 64.76 -18.37
CA UNK D 41 -66.77 64.12 -17.97
C UNK D 41 -68.00 64.90 -18.42
N UNK D 42 -67.85 66.22 -18.51
CA UNK D 42 -68.94 67.05 -19.03
C UNK D 42 -69.18 66.73 -20.49
N UNK D 43 -68.10 66.72 -21.28
CA UNK D 43 -68.24 66.38 -22.69
C UNK D 43 -68.82 64.97 -22.88
N UNK D 44 -68.29 64.02 -22.11
CA UNK D 44 -68.74 62.64 -22.17
C UNK D 44 -70.22 62.52 -21.82
N UNK D 45 -70.65 63.27 -20.82
CA UNK D 45 -72.05 63.27 -20.43
C UNK D 45 -72.90 63.87 -21.54
N UNK D 46 -72.36 64.87 -22.23
CA UNK D 46 -73.07 65.47 -23.36
C UNK D 46 -73.31 64.46 -24.47
N UNK D 47 -72.24 63.88 -25.00
CA UNK D 47 -72.37 62.91 -26.10
C UNK D 47 -73.19 61.69 -25.69
N UNK D 48 -73.01 61.22 -24.46
CA UNK D 48 -73.83 60.14 -23.92
C UNK D 48 -75.30 60.52 -23.95
N UNK D 49 -75.57 61.74 -23.51
CA UNK D 49 -76.94 62.26 -23.45
C UNK D 49 -77.60 62.31 -24.81
N UNK D 50 -76.87 62.84 -25.79
CA UNK D 50 -77.42 63.02 -27.12
C UNK D 50 -77.59 61.70 -27.86
N UNK D 51 -76.60 60.83 -27.77
CA UNK D 51 -76.70 59.50 -28.35
C UNK D 51 -77.84 58.70 -27.72
N UNK D 52 -78.01 58.86 -26.42
CA UNK D 52 -79.05 58.13 -25.70
C UNK D 52 -80.44 58.71 -25.96
N UNK D 53 -80.52 59.99 -26.29
CA UNK D 53 -81.80 60.59 -26.65
C UNK D 53 -82.20 60.12 -28.04
N UNK D 54 -81.25 60.18 -28.97
CA UNK D 54 -81.46 59.66 -30.31
C UNK D 54 -81.85 58.19 -30.26
N UNK D 55 -81.22 57.44 -29.37
CA UNK D 55 -81.49 56.03 -29.21
C UNK D 55 -82.86 55.76 -28.61
N UNK D 56 -83.18 56.46 -27.53
CA UNK D 56 -84.46 56.31 -26.86
C UNK D 56 -85.62 56.63 -27.80
N UNK D 57 -85.49 57.72 -28.54
CA UNK D 57 -86.47 58.05 -29.58
C UNK D 57 -86.50 56.92 -30.61
N UNK D 58 -85.31 56.44 -30.97
CA UNK D 58 -85.17 55.42 -32.00
C UNK D 58 -85.72 54.04 -31.67
N UNK D 59 -85.94 53.76 -30.39
CA UNK D 59 -86.52 52.48 -30.01
C UNK D 59 -87.96 52.61 -29.49
N UNK D 60 -88.29 53.77 -28.93
CA UNK D 60 -89.60 53.96 -28.33
C UNK D 60 -90.61 54.51 -29.32
N UNK D 61 -90.18 55.43 -30.18
CA UNK D 61 -91.09 55.96 -31.21
C UNK D 61 -91.51 54.92 -32.25
N UNK D 62 -90.55 54.17 -32.83
CA UNK D 62 -90.98 53.16 -33.81
C UNK D 62 -91.77 52.02 -33.19
N UNK D 63 -91.38 51.58 -31.99
CA UNK D 63 -92.06 50.47 -31.33
C UNK D 63 -93.50 50.83 -30.99
N UNK D 64 -93.74 52.12 -30.74
CA UNK D 64 -95.06 52.60 -30.39
C UNK D 64 -95.93 52.69 -31.64
N UNK D 65 -95.31 53.03 -32.76
CA UNK D 65 -96.02 53.08 -34.05
C UNK D 65 -96.18 51.69 -34.62
N UNK D 66 -95.27 50.78 -34.25
CA UNK D 66 -95.33 49.41 -34.71
C UNK D 66 -96.53 48.71 -34.08
N UNK D 67 -96.81 49.04 -32.82
CA UNK D 67 -97.95 48.48 -32.11
C UNK D 67 -99.26 48.91 -32.76
N UNK D 68 -99.25 50.05 -33.43
CA UNK D 68 -100.40 50.50 -34.19
C UNK D 68 -100.28 50.01 -35.63
N UNK D 69 -101.19 50.45 -36.49
CA UNK D 69 -101.17 50.05 -37.88
C UNK D 69 -100.30 50.94 -38.74
N UNK D 70 -99.56 51.83 -38.09
CA UNK D 70 -98.74 52.81 -38.81
C UNK D 70 -97.47 52.19 -39.40
N UNK D 71 -96.73 51.45 -38.57
CA UNK D 71 -95.50 50.81 -39.03
C UNK D 71 -95.49 49.32 -38.74
N UNK D 72 -94.48 48.62 -39.28
CA UNK D 72 -94.33 47.19 -39.06
C UNK D 72 -92.87 46.79 -38.84
N UNK D 73 -92.07 47.75 -38.40
CA UNK D 73 -90.65 47.52 -38.12
C UNK D 73 -90.46 46.50 -37.01
N UNK D 74 -89.47 45.61 -37.15
CA UNK D 74 -89.22 44.57 -36.14
C UNK D 74 -88.70 45.14 -34.83
N UNK D 75 -88.49 44.27 -33.85
CA UNK D 75 -88.02 44.67 -32.54
C UNK D 75 -86.65 45.34 -32.61
N UNK D 76 -86.46 46.37 -31.79
CA UNK D 76 -85.19 47.10 -31.75
C UNK D 76 -84.08 46.18 -31.28
N UNK D 77 -84.44 45.21 -30.45
CA UNK D 77 -83.46 44.31 -29.83
C UNK D 77 -82.91 43.32 -30.84
N UNK D 78 -83.68 43.05 -31.89
CA UNK D 78 -83.27 42.06 -32.89
C UNK D 78 -83.10 42.69 -34.28
N UNK D 79 -83.08 44.02 -34.33
CA UNK D 79 -82.96 44.73 -35.60
C UNK D 79 -81.55 44.66 -36.15
N UNK D 80 -80.60 44.31 -35.29
CA UNK D 80 -79.20 44.24 -35.69
C UNK D 80 -78.81 42.90 -36.26
N UNK D 81 -79.37 41.83 -35.70
CA UNK D 81 -78.99 40.47 -36.10
C UNK D 81 -79.54 40.05 -37.45
N UNK D 82 -80.23 40.96 -38.14
CA UNK D 82 -80.79 40.64 -39.44
C UNK D 82 -79.88 41.07 -40.58
N UNK D 83 -80.26 40.74 -41.80
CA UNK D 83 -79.43 41.03 -42.97
C UNK D 83 -79.97 42.24 -43.75
N UNK D 84 -79.07 42.93 -44.43
CA UNK D 84 -79.42 44.10 -45.23
C UNK D 84 -78.86 43.97 -46.64
N UNK D 85 -78.87 45.07 -47.39
CA UNK D 85 -78.39 45.04 -48.77
C UNK D 85 -76.91 44.66 -48.87
N UNK D 86 -76.15 45.00 -47.84
CA UNK D 86 -74.78 44.54 -47.71
C UNK D 86 -74.58 43.95 -46.32
N UNK D 87 -73.45 43.27 -46.11
CA UNK D 87 -73.14 42.71 -44.81
C UNK D 87 -73.03 43.81 -43.76
N UNK D 88 -73.35 43.48 -42.52
CA UNK D 88 -73.35 44.46 -41.44
C UNK D 88 -71.95 44.98 -41.14
N UNK D 89 -70.94 44.19 -41.48
CA UNK D 89 -69.55 44.55 -41.23
C UNK D 89 -69.08 45.68 -42.15
N UNK D 90 -69.58 45.68 -43.39
CA UNK D 90 -69.27 46.76 -44.33
C UNK D 90 -69.87 48.07 -43.83
N UNK D 91 -71.13 47.99 -43.41
CA UNK D 91 -71.84 49.12 -42.82
C UNK D 91 -71.07 49.62 -41.60
N UNK D 92 -70.52 48.69 -40.84
CA UNK D 92 -69.77 49.02 -39.64
C UNK D 92 -68.46 49.72 -39.98
N UNK D 93 -67.82 49.30 -41.07
CA UNK D 93 -66.58 49.95 -41.52
C UNK D 93 -66.84 51.38 -41.99
N UNK D 94 -67.89 51.55 -42.80
CA UNK D 94 -68.26 52.89 -43.27
C UNK D 94 -68.60 53.78 -42.06
N UNK D 95 -69.32 53.21 -41.11
CA UNK D 95 -69.65 53.91 -39.88
C UNK D 95 -68.38 54.32 -39.15
N UNK D 96 -67.39 53.42 -39.11
CA UNK D 96 -66.15 53.69 -38.41
C UNK D 96 -65.34 54.81 -39.07
N UNK D 97 -65.33 54.86 -40.40
CA UNK D 97 -64.58 55.93 -41.06
C UNK D 97 -65.31 57.29 -40.96
N UNK D 98 -66.62 57.29 -41.15
CA UNK D 98 -67.40 58.53 -41.10
C UNK D 98 -67.46 59.11 -39.67
N UNK D 99 -68.03 58.32 -38.77
CA UNK D 99 -68.09 58.69 -37.36
C UNK D 99 -66.67 58.88 -36.81
N UNK D 100 -65.70 58.18 -37.40
CA UNK D 100 -64.31 58.35 -37.02
C UNK D 100 -63.80 59.73 -37.37
N UNK D 101 -64.21 60.23 -38.53
CA UNK D 101 -63.88 61.59 -38.93
C UNK D 101 -64.52 62.60 -37.98
N UNK D 102 -65.83 62.48 -37.79
CA UNK D 102 -66.56 63.42 -36.93
C UNK D 102 -66.00 63.46 -35.51
N UNK D 103 -65.83 62.29 -34.92
CA UNK D 103 -65.30 62.16 -33.57
C UNK D 103 -63.84 62.59 -33.52
N UNK D 104 -63.16 62.49 -34.65
CA UNK D 104 -61.77 62.94 -34.73
C UNK D 104 -61.69 64.44 -34.58
N UNK D 105 -62.47 65.15 -35.39
CA UNK D 105 -62.50 66.60 -35.32
C UNK D 105 -63.02 67.09 -33.97
N UNK D 106 -64.01 66.39 -33.44
CA UNK D 106 -64.54 66.74 -32.11
C UNK D 106 -63.51 66.52 -31.01
N UNK D 107 -62.69 65.48 -31.15
CA UNK D 107 -61.64 65.19 -30.19
C UNK D 107 -60.59 66.29 -30.23
N UNK D 108 -60.21 66.69 -31.45
CA UNK D 108 -59.29 67.80 -31.63
C UNK D 108 -59.85 69.07 -31.03
N UNK D 109 -61.17 69.21 -31.07
CA UNK D 109 -61.85 70.35 -30.47
C UNK D 109 -61.76 70.32 -28.95
N UNK D 110 -61.96 69.15 -28.36
CA UNK D 110 -61.91 69.02 -26.91
C UNK D 110 -60.50 69.29 -26.39
N UNK D 111 -59.50 68.76 -27.12
CA UNK D 111 -58.11 68.93 -26.70
C UNK D 111 -57.53 70.28 -27.09
N UNK D 112 -58.16 70.95 -28.05
CA UNK D 112 -57.75 72.29 -28.46
C UNK D 112 -58.94 73.04 -29.08
N UNK D 113 -59.65 73.82 -28.26
CA UNK D 113 -60.93 74.51 -28.54
C UNK D 113 -61.09 75.12 -29.92
N UNK D 114 -60.04 75.77 -30.43
CA UNK D 114 -60.16 76.55 -31.66
C UNK D 114 -59.84 75.86 -32.97
N UNK D 115 -58.96 74.87 -32.92
CA UNK D 115 -58.31 74.36 -34.13
C UNK D 115 -59.21 73.72 -35.19
N UNK D 116 -60.44 73.36 -34.84
CA UNK D 116 -61.30 72.63 -35.78
C UNK D 116 -62.60 73.36 -36.13
N UNK D 117 -62.55 74.69 -36.22
CA UNK D 117 -63.74 75.47 -36.54
C UNK D 117 -63.90 75.80 -38.02
N UNK D 118 -62.83 75.61 -38.80
CA UNK D 118 -62.83 75.96 -40.21
C UNK D 118 -62.86 74.75 -41.14
N UNK D 119 -63.57 74.88 -42.25
CA UNK D 119 -63.70 73.83 -43.25
C UNK D 119 -62.42 73.74 -44.10
N UNK D 120 -61.74 72.59 -44.04
CA UNK D 120 -60.48 72.35 -44.75
C UNK D 120 -60.56 72.52 -46.27
N UNK D 121 -61.72 72.24 -46.86
CA UNK D 121 -61.89 72.40 -48.30
C UNK D 121 -62.26 73.84 -48.65
N UNK D 122 -63.35 74.32 -48.06
CA UNK D 122 -63.83 75.67 -48.31
C UNK D 122 -63.68 76.55 -47.06
N UNK D 123 -62.62 77.37 -47.02
CA UNK D 123 -62.32 78.21 -45.86
C UNK D 123 -63.38 79.27 -45.60
N UNK D 124 -64.37 79.36 -46.50
CA UNK D 124 -65.46 80.30 -46.35
C UNK D 124 -66.38 79.94 -45.19
N UNK D 125 -66.64 78.64 -45.02
CA UNK D 125 -67.56 78.17 -43.99
C UNK D 125 -66.88 77.90 -42.65
N UNK D 126 -67.44 78.47 -41.58
CA UNK D 126 -66.88 78.30 -40.25
C UNK D 126 -67.96 78.00 -39.22
N UNK D 127 -67.55 77.50 -38.06
CA UNK D 127 -68.48 77.24 -36.96
C UNK D 127 -68.44 78.38 -35.95
N UNK D 128 -69.62 78.76 -35.44
CA UNK D 128 -69.72 79.91 -34.55
C UNK D 128 -69.87 79.53 -33.07
N UNK D 129 -69.50 78.29 -32.74
CA UNK D 129 -69.57 77.85 -31.36
C UNK D 129 -68.50 78.51 -30.51
N UNK D 130 -68.89 78.99 -29.34
CA UNK D 130 -67.97 79.69 -28.46
C UNK D 130 -67.28 78.74 -27.50
N UNK D 131 -68.06 77.90 -26.82
CA UNK D 131 -67.53 76.93 -25.88
C UNK D 131 -67.73 75.50 -26.38
N UNK D 132 -66.79 74.62 -26.01
CA UNK D 132 -66.77 73.25 -26.50
C UNK D 132 -67.99 72.45 -26.05
N UNK D 133 -68.40 71.50 -26.90
CA UNK D 133 -69.59 70.71 -26.65
C UNK D 133 -70.79 71.30 -27.34
N UNK D 134 -70.58 72.48 -27.92
CA UNK D 134 -71.65 73.21 -28.60
C UNK D 134 -71.08 73.86 -29.86
N UNK D 135 -70.99 73.07 -30.96
CA UNK D 135 -70.32 73.45 -32.20
C UNK D 135 -70.97 74.64 -32.91
N UNK D 136 -72.29 74.67 -32.98
CA UNK D 136 -73.00 75.74 -33.65
C UNK D 136 -72.83 75.73 -35.15
N UNK D 137 -72.58 76.89 -35.73
CA UNK D 137 -72.41 77.01 -37.17
C UNK D 137 -73.71 76.76 -37.92
N UNK D 138 -73.64 76.73 -39.25
CA UNK D 138 -74.83 76.53 -40.07
C UNK D 138 -75.26 75.06 -40.03
N UNK D 139 -74.30 74.16 -39.94
CA UNK D 139 -74.58 72.72 -39.96
C UNK D 139 -75.24 72.22 -38.68
N UNK D 140 -74.76 72.69 -37.53
CA UNK D 140 -75.26 72.18 -36.25
C UNK D 140 -76.21 73.14 -35.54
N UNK D 141 -76.33 74.36 -36.06
CA UNK D 141 -77.28 75.32 -35.50
C UNK D 141 -77.82 76.26 -36.58
N UNK D 142 -78.65 75.73 -37.50
CA UNK D 142 -79.19 76.55 -38.58
C UNK D 142 -80.26 77.53 -38.12
N UNK D 143 -80.88 77.27 -36.97
CA UNK D 143 -81.92 78.15 -36.45
C UNK D 143 -81.37 79.24 -35.55
N UNK D 144 -80.07 79.17 -35.28
CA UNK D 144 -79.40 80.18 -34.47
C UNK D 144 -79.81 80.18 -33.01
N UNK D 145 -80.46 79.10 -32.59
CA UNK D 145 -80.93 78.99 -31.21
C UNK D 145 -79.78 78.71 -30.24
N UNK D 146 -78.61 78.40 -30.79
CA UNK D 146 -77.44 78.06 -29.99
C UNK D 146 -76.74 79.26 -29.38
N UNK D 147 -77.00 80.44 -29.94
CA UNK D 147 -76.39 81.67 -29.44
C UNK D 147 -77.43 82.60 -28.84
N UNK D 148 -77.35 82.80 -27.53
CA UNK D 148 -78.28 83.68 -26.83
C UNK D 148 -77.71 84.17 -25.51
N UNK D 149 -78.58 84.67 -24.63
CA UNK D 149 -78.19 85.13 -23.32
C UNK D 149 -77.78 83.95 -22.44
N UNK D 150 -76.85 84.19 -21.50
CA UNK D 150 -76.37 83.14 -20.60
C UNK D 150 -77.49 82.45 -19.82
N UNK D 151 -78.57 83.17 -19.53
CA UNK D 151 -79.72 82.59 -18.83
C UNK D 151 -80.40 81.55 -19.70
N UNK D 152 -80.72 81.95 -20.94
CA UNK D 152 -81.38 81.05 -21.88
C UNK D 152 -80.50 79.85 -22.22
N UNK D 153 -79.19 80.09 -22.35
CA UNK D 153 -78.26 79.01 -22.60
C UNK D 153 -78.22 78.03 -21.43
N UNK D 154 -78.17 78.57 -20.22
CA UNK D 154 -78.24 77.75 -19.01
C UNK D 154 -79.49 76.88 -19.00
N UNK D 155 -80.64 77.50 -19.25
CA UNK D 155 -81.92 76.82 -19.24
C UNK D 155 -81.98 75.71 -20.29
N UNK D 156 -81.64 76.06 -21.52
CA UNK D 156 -81.69 75.13 -22.65
C UNK D 156 -80.73 73.96 -22.47
N UNK D 157 -79.52 74.24 -22.02
CA UNK D 157 -78.52 73.20 -21.80
C UNK D 157 -78.90 72.31 -20.62
N UNK D 158 -79.59 72.89 -19.64
CA UNK D 158 -80.10 72.12 -18.51
C UNK D 158 -81.19 71.15 -18.97
N UNK D 159 -82.07 71.65 -19.84
CA UNK D 159 -83.11 70.82 -20.44
C UNK D 159 -82.48 69.68 -21.25
N UNK D 160 -81.47 70.03 -22.03
CA UNK D 160 -80.74 69.08 -22.87
C UNK D 160 -80.14 67.97 -22.03
N UNK D 161 -79.40 68.37 -21.00
CA UNK D 161 -78.72 67.40 -20.16
C UNK D 161 -79.69 66.53 -19.37
N UNK D 162 -80.79 67.11 -18.89
CA UNK D 162 -81.79 66.35 -18.15
C UNK D 162 -82.52 65.32 -19.01
N UNK D 163 -83.02 65.78 -20.17
CA UNK D 163 -83.60 64.86 -21.14
C UNK D 163 -82.59 63.78 -21.51
N UNK D 164 -81.31 64.15 -21.47
CA UNK D 164 -80.23 63.21 -21.68
C UNK D 164 -80.14 62.12 -20.61
N UNK D 165 -80.21 62.52 -19.34
CA UNK D 165 -80.18 61.58 -18.22
C UNK D 165 -81.36 60.61 -18.35
N UNK D 166 -82.54 61.19 -18.52
CA UNK D 166 -83.77 60.41 -18.65
C UNK D 166 -83.66 59.43 -19.82
N UNK D 167 -83.03 59.88 -20.90
CA UNK D 167 -82.84 59.04 -22.07
C UNK D 167 -81.89 57.87 -21.82
N UNK D 168 -80.75 58.14 -21.18
CA UNK D 168 -79.78 57.11 -20.83
C UNK D 168 -80.45 56.03 -19.99
N UNK D 169 -81.11 56.45 -18.92
CA UNK D 169 -81.84 55.54 -18.05
C UNK D 169 -82.90 54.77 -18.83
N UNK D 170 -83.51 55.44 -19.81
CA UNK D 170 -84.56 54.82 -20.62
C UNK D 170 -84.03 53.71 -21.54
N UNK D 171 -82.88 53.97 -22.16
CA UNK D 171 -82.26 53.00 -23.05
C UNK D 171 -81.77 51.78 -22.28
N UNK D 172 -81.08 52.04 -21.18
CA UNK D 172 -80.65 50.95 -20.29
C UNK D 172 -81.86 50.12 -19.84
N UNK D 173 -82.94 50.84 -19.51
CA UNK D 173 -84.18 50.21 -19.13
C UNK D 173 -84.72 49.31 -20.22
N UNK D 174 -84.68 49.79 -21.46
CA UNK D 174 -85.15 49.02 -22.61
C UNK D 174 -84.36 47.72 -22.75
N UNK D 175 -83.04 47.85 -22.67
CA UNK D 175 -82.15 46.70 -22.78
C UNK D 175 -82.47 45.66 -21.71
N UNK D 176 -82.39 46.05 -20.44
CA UNK D 176 -82.67 45.12 -19.35
C UNK D 176 -84.08 44.51 -19.41
N UNK D 177 -85.06 45.32 -19.80
CA UNK D 177 -86.43 44.84 -19.92
C UNK D 177 -86.58 43.79 -21.00
N UNK D 178 -85.98 44.03 -22.16
CA UNK D 178 -86.08 43.04 -23.23
C UNK D 178 -85.29 41.79 -22.87
N UNK D 179 -84.26 41.94 -22.04
CA UNK D 179 -83.54 40.79 -21.52
C UNK D 179 -84.44 39.95 -20.62
N UNK D 180 -85.13 40.61 -19.69
CA UNK D 180 -85.99 39.91 -18.73
C UNK D 180 -87.30 39.39 -19.32
N UNK D 181 -88.18 40.31 -19.72
CA UNK D 181 -89.52 39.94 -20.19
C UNK D 181 -89.51 39.16 -21.49
N UNK D 182 -88.68 39.59 -22.44
CA UNK D 182 -88.58 38.93 -23.73
C UNK D 182 -89.52 39.48 -24.78
N UNK D 183 -90.14 40.62 -24.47
CA UNK D 183 -91.01 41.30 -25.42
C UNK D 183 -90.64 42.78 -25.53
N UNK D 184 -91.34 43.50 -26.39
CA UNK D 184 -91.07 44.91 -26.59
C UNK D 184 -91.38 45.77 -25.38
N UNK D 185 -90.81 46.99 -25.33
CA UNK D 185 -91.01 47.91 -24.21
C UNK D 185 -92.46 48.41 -24.13
N UNK D 186 -93.10 48.58 -25.28
CA UNK D 186 -94.49 49.02 -25.32
C UNK D 186 -95.40 47.95 -24.73
N UNK D 187 -95.09 46.69 -25.02
CA UNK D 187 -95.83 45.56 -24.46
C UNK D 187 -95.74 45.60 -22.94
N UNK D 188 -94.55 45.90 -22.45
CA UNK D 188 -94.33 46.04 -21.01
C UNK D 188 -95.13 47.19 -20.43
N UNK D 189 -95.15 48.31 -21.14
CA UNK D 189 -95.85 49.51 -20.69
C UNK D 189 -97.35 49.21 -20.55
N UNK D 190 -97.91 48.58 -21.58
CA UNK D 190 -99.32 48.22 -21.58
C UNK D 190 -99.65 47.17 -20.51
N UNK D 191 -98.75 46.20 -20.32
CA UNK D 191 -98.93 45.18 -19.31
C UNK D 191 -98.96 45.81 -17.91
N UNK D 192 -98.07 46.77 -17.67
CA UNK D 192 -97.99 47.46 -16.39
C UNK D 192 -99.21 48.36 -16.18
N UNK D 193 -99.66 49.02 -17.25
CA UNK D 193 -100.84 49.87 -17.17
C UNK D 193 -102.09 49.02 -16.89
N UNK D 194 -102.10 47.81 -17.42
CA UNK D 194 -103.23 46.89 -17.25
C UNK D 194 -103.35 46.37 -15.81
N UNK D 195 -102.20 46.06 -15.21
CA UNK D 195 -102.17 45.50 -13.86
C UNK D 195 -100.88 45.90 -13.14
N UNK D 196 -100.84 47.12 -12.57
CA UNK D 196 -99.63 47.63 -11.90
C UNK D 196 -99.35 46.88 -10.60
N UNK D 197 -100.33 46.16 -10.09
CA UNK D 197 -100.18 45.46 -8.83
C UNK D 197 -99.30 44.22 -8.92
N UNK D 198 -99.40 43.49 -10.03
CA UNK D 198 -98.67 42.24 -10.17
C UNK D 198 -97.72 42.21 -11.36
N UNK D 199 -98.15 42.80 -12.48
CA UNK D 199 -97.34 42.80 -13.69
C UNK D 199 -96.15 43.77 -13.58
N UNK D 200 -95.20 43.42 -12.73
CA UNK D 200 -93.99 44.21 -12.55
C UNK D 200 -92.76 43.34 -12.77
N UNK D 201 -91.67 43.68 -12.09
CA UNK D 201 -90.44 42.90 -12.21
C UNK D 201 -90.54 41.59 -11.44
N UNK D 202 -91.40 41.58 -10.41
CA UNK D 202 -91.58 40.39 -9.59
C UNK D 202 -92.56 39.41 -10.22
N UNK D 203 -92.99 39.73 -11.44
CA UNK D 203 -93.90 38.86 -12.18
C UNK D 203 -93.12 37.76 -12.91
N UNK D 204 -91.81 37.75 -12.72
CA UNK D 204 -90.95 36.76 -13.38
C UNK D 204 -89.87 36.24 -12.44
N UNK D 205 -89.42 37.09 -11.52
CA UNK D 205 -88.35 36.73 -10.59
C UNK D 205 -88.84 36.08 -9.32
N UNK D 206 -90.13 36.23 -9.03
CA UNK D 206 -90.74 35.63 -7.84
C UNK D 206 -92.12 35.06 -8.13
N UNK E 1 -13.09 46.90 -11.77
CA UNK E 1 -12.43 45.60 -11.86
C UNK E 1 -13.37 44.48 -11.41
N UNK E 2 -14.23 44.01 -12.31
CA UNK E 2 -15.12 42.89 -11.96
C UNK E 2 -14.32 41.62 -11.70
N UNK E 3 -14.63 40.97 -10.58
CA UNK E 3 -13.92 39.78 -10.14
C UNK E 3 -14.87 38.59 -10.09
N UNK E 4 -14.41 37.46 -10.61
CA UNK E 4 -15.22 36.24 -10.71
C UNK E 4 -14.51 35.11 -9.98
N UNK E 5 -15.10 34.65 -8.88
CA UNK E 5 -14.58 33.52 -8.11
C UNK E 5 -13.11 33.74 -7.73
N UNK E 6 -12.78 34.96 -7.33
CA UNK E 6 -11.43 35.27 -6.91
C UNK E 6 -11.14 34.61 -5.57
N UNK E 7 -9.85 34.60 -5.20
CA UNK E 7 -9.41 34.11 -3.91
C UNK E 7 -8.30 35.03 -3.39
N UNK E 8 -7.95 34.83 -2.12
CA UNK E 8 -6.82 35.56 -1.56
C UNK E 8 -5.53 35.22 -2.29
N UNK E 9 -5.39 33.97 -2.72
CA UNK E 9 -4.25 33.59 -3.55
C UNK E 9 -4.29 34.30 -4.89
N UNK E 10 -5.43 34.22 -5.59
CA UNK E 10 -5.53 34.79 -6.93
C UNK E 10 -5.25 36.28 -6.93
N UNK E 11 -5.95 37.04 -6.07
CA UNK E 11 -5.74 38.48 -6.00
C UNK E 11 -4.36 38.86 -5.47
N UNK E 12 -3.60 37.91 -4.93
CA UNK E 12 -2.24 38.19 -4.50
C UNK E 12 -1.33 38.52 -5.68
N UNK E 13 -1.62 37.96 -6.85
CA UNK E 13 -0.77 38.16 -8.01
C UNK E 13 -1.52 38.66 -9.24
N UNK E 14 -2.74 38.18 -9.48
CA UNK E 14 -3.52 38.67 -10.61
C UNK E 14 -3.85 40.13 -10.38
N UNK E 15 -3.20 41.01 -11.14
CA UNK E 15 -3.12 42.42 -10.83
C UNK E 15 -4.16 43.27 -11.55
N UNK E 16 -4.91 42.70 -12.49
CA UNK E 16 -5.75 43.48 -13.37
C UNK E 16 -5.05 44.06 -14.57
N UNK E 17 -3.71 44.07 -14.57
CA UNK E 17 -2.95 44.60 -15.70
C UNK E 17 -2.93 43.64 -16.87
N UNK E 18 -3.10 42.34 -16.62
CA UNK E 18 -3.09 41.36 -17.70
C UNK E 18 -4.40 41.46 -18.48
N UNK E 19 -4.35 41.47 -19.82
CA UNK E 19 -5.57 41.66 -20.60
C UNK E 19 -6.59 40.54 -20.34
N UNK E 20 -7.81 40.95 -20.03
CA UNK E 20 -8.86 40.01 -19.70
C UNK E 20 -8.91 39.58 -18.25
N UNK E 21 -8.21 40.29 -17.36
CA UNK E 21 -8.09 39.87 -15.96
C UNK E 21 -9.43 40.02 -15.24
N UNK E 22 -9.96 38.90 -14.75
CA UNK E 22 -11.06 38.90 -13.80
C UNK E 22 -10.66 38.33 -12.44
N UNK E 23 -9.36 38.16 -12.20
CA UNK E 23 -8.87 37.67 -10.93
C UNK E 23 -9.29 36.25 -10.61
N UNK E 24 -9.29 35.36 -11.61
CA UNK E 24 -9.84 34.02 -11.48
C UNK E 24 -8.72 32.99 -11.66
N UNK E 25 -8.26 32.43 -10.55
CA UNK E 25 -7.31 31.31 -10.57
C UNK E 25 -7.51 30.50 -9.29
N UNK E 26 -8.65 29.80 -9.17
CA UNK E 26 -8.94 29.10 -7.92
C UNK E 26 -7.94 28.01 -7.57
N UNK E 27 -7.21 27.48 -8.55
CA UNK E 27 -6.17 26.51 -8.28
C UNK E 27 -4.80 27.16 -8.10
N UNK E 28 -4.69 28.47 -8.28
CA UNK E 28 -3.43 29.15 -8.12
C UNK E 28 -2.39 28.75 -9.13
N UNK E 29 -2.81 28.46 -10.37
CA UNK E 29 -1.85 28.01 -11.38
C UNK E 29 -0.89 29.12 -11.78
N UNK E 30 -1.34 30.36 -11.78
CA UNK E 30 -0.50 31.51 -12.09
C UNK E 30 0.17 32.09 -10.84
N UNK E 31 0.18 31.35 -9.74
CA UNK E 31 0.86 31.81 -8.53
C UNK E 31 2.36 31.92 -8.80
N UNK E 32 2.97 33.10 -8.61
CA UNK E 32 4.38 33.27 -8.96
C UNK E 32 5.36 32.69 -7.95
N UNK E 33 4.89 32.12 -6.85
CA UNK E 33 5.81 31.58 -5.83
C UNK E 33 6.66 30.46 -6.41
N UNK E 34 6.05 29.31 -6.67
CA UNK E 34 6.76 28.25 -7.34
C UNK E 34 6.67 28.41 -8.85
N UNK E 35 7.81 28.54 -9.52
CA UNK E 35 7.84 28.72 -10.97
C UNK E 35 8.94 27.85 -11.56
N UNK E 36 8.54 26.89 -12.38
CA UNK E 36 9.47 26.15 -13.20
C UNK E 36 9.04 26.24 -14.65
N UNK E 37 9.19 25.16 -15.41
CA UNK E 37 8.72 25.16 -16.77
C UNK E 37 7.20 25.19 -16.84
N UNK E 38 6.68 26.05 -17.72
CA UNK E 38 5.28 26.02 -18.13
C UNK E 38 4.29 26.43 -17.04
N UNK E 39 4.76 26.67 -15.82
CA UNK E 39 3.93 27.25 -14.77
C UNK E 39 4.30 28.72 -14.53
N UNK E 40 5.15 29.29 -15.36
CA UNK E 40 5.35 30.73 -15.37
C UNK E 40 4.06 31.40 -15.79
N UNK E 41 3.58 32.41 -15.05
CA UNK E 41 2.31 33.07 -15.43
C UNK E 41 2.37 33.69 -16.82
N UNK E 42 3.52 34.23 -17.20
CA UNK E 42 3.69 34.76 -18.57
C UNK E 42 3.39 33.67 -19.59
N UNK E 43 3.96 32.49 -19.41
CA UNK E 43 3.75 31.39 -20.35
C UNK E 43 2.29 31.01 -20.43
N UNK E 44 1.59 31.04 -19.30
CA UNK E 44 0.16 30.70 -19.32
C UNK E 44 -0.65 31.78 -20.02
N UNK E 45 -0.21 33.05 -19.96
CA UNK E 45 -0.91 34.11 -20.67
C UNK E 45 -0.71 33.99 -22.18
N UNK E 46 0.55 33.86 -22.61
CA UNK E 46 0.84 33.62 -24.01
C UNK E 46 0.13 32.38 -24.51
N UNK E 47 0.01 31.35 -23.67
CA UNK E 47 -0.69 30.14 -24.05
C UNK E 47 -2.18 30.35 -24.22
N UNK E 48 -2.80 31.10 -23.30
CA UNK E 48 -4.21 31.43 -23.46
C UNK E 48 -4.44 32.22 -24.74
N UNK E 49 -3.49 33.11 -25.08
CA UNK E 49 -3.62 33.90 -26.30
C UNK E 49 -3.56 33.00 -27.53
N UNK E 50 -2.55 32.13 -27.60
CA UNK E 50 -2.35 31.29 -28.79
C UNK E 50 -3.50 30.28 -28.93
N UNK E 51 -3.78 29.54 -27.85
CA UNK E 51 -4.94 28.65 -27.84
C UNK E 51 -6.21 29.39 -28.24
N UNK E 52 -6.36 30.64 -27.80
CA UNK E 52 -7.55 31.40 -28.14
C UNK E 52 -7.64 31.72 -29.62
N UNK E 53 -6.52 32.15 -30.22
CA UNK E 53 -6.52 32.49 -31.65
C UNK E 53 -6.79 31.26 -32.52
N UNK E 54 -6.01 30.19 -32.29
CA UNK E 54 -6.26 28.93 -33.00
C UNK E 54 -7.70 28.47 -32.80
N UNK E 55 -8.24 28.67 -31.61
CA UNK E 55 -9.61 28.25 -31.33
C UNK E 55 -10.64 29.12 -32.05
N UNK E 56 -10.30 30.38 -32.32
CA UNK E 56 -11.16 31.18 -33.20
C UNK E 56 -11.21 30.57 -34.59
N UNK E 57 -10.02 30.37 -35.19
CA UNK E 57 -9.97 29.77 -36.51
C UNK E 57 -10.72 28.45 -36.58
N UNK E 58 -10.52 27.59 -35.58
CA UNK E 58 -11.16 26.28 -35.58
C UNK E 58 -12.66 26.35 -35.34
N UNK E 59 -13.08 27.23 -34.44
CA UNK E 59 -14.51 27.41 -34.19
C UNK E 59 -15.23 27.84 -35.45
N UNK E 60 -14.59 28.67 -36.28
CA UNK E 60 -15.20 29.06 -37.54
C UNK E 60 -15.16 27.91 -38.55
N UNK E 61 -13.95 27.42 -38.86
CA UNK E 61 -13.79 26.46 -39.93
C UNK E 61 -14.40 25.10 -39.67
N UNK E 62 -14.73 24.79 -38.42
CA UNK E 62 -15.34 23.51 -38.11
C UNK E 62 -16.81 23.48 -38.52
N UNK E 63 -17.52 24.59 -38.30
CA UNK E 63 -18.93 24.67 -38.61
C UNK E 63 -19.21 25.29 -39.98
N UNK E 64 -18.22 25.97 -40.57
CA UNK E 64 -18.45 26.69 -41.83
C UNK E 64 -18.91 25.78 -42.96
N UNK E 65 -18.16 24.74 -43.37
CA UNK E 65 -18.58 24.00 -44.57
C UNK E 65 -19.89 23.26 -44.40
N UNK E 66 -20.23 22.87 -43.18
CA UNK E 66 -21.54 22.28 -42.92
C UNK E 66 -22.65 23.29 -43.21
N UNK E 67 -22.55 24.48 -42.60
CA UNK E 67 -23.55 25.51 -42.80
C UNK E 67 -23.69 25.90 -44.27
N UNK E 68 -22.57 26.25 -44.91
CA UNK E 68 -22.61 26.59 -46.32
C UNK E 68 -23.16 25.43 -47.15
N UNK E 69 -22.90 24.19 -46.71
CA UNK E 69 -23.45 23.04 -47.40
C UNK E 69 -24.95 22.94 -47.29
N UNK E 70 -25.52 23.42 -46.19
CA UNK E 70 -26.98 23.45 -46.04
C UNK E 70 -27.62 24.24 -47.18
N UNK E 71 -27.41 25.56 -47.18
CA UNK E 71 -27.87 26.43 -48.26
C UNK E 71 -26.68 27.28 -48.69
N UNK E 72 -26.13 26.99 -49.86
CA UNK E 72 -24.97 27.72 -50.34
C UNK E 72 -24.45 27.12 -51.63
N UNK E 73 -23.39 27.74 -52.13
CA UNK E 73 -22.80 27.37 -53.41
C UNK E 73 -21.65 26.37 -53.28
N UNK E 74 -21.37 25.87 -52.08
CA UNK E 74 -20.26 24.94 -51.90
C UNK E 74 -20.71 23.56 -52.37
N UNK E 75 -19.88 22.84 -53.13
CA UNK E 75 -20.25 21.47 -53.53
C UNK E 75 -20.37 20.55 -52.32
N UNK E 76 -21.46 19.78 -52.28
CA UNK E 76 -21.72 18.91 -51.15
C UNK E 76 -20.68 17.79 -51.00
N UNK E 77 -19.87 17.53 -52.03
CA UNK E 77 -18.75 16.62 -51.87
C UNK E 77 -17.77 17.13 -50.83
N UNK E 78 -17.57 18.46 -50.80
CA UNK E 78 -16.62 19.08 -49.88
C UNK E 78 -17.27 19.63 -48.62
N UNK E 79 -18.61 19.73 -48.58
CA UNK E 79 -19.33 20.30 -47.44
C UNK E 79 -19.63 19.18 -46.45
N UNK E 80 -18.84 19.11 -45.38
CA UNK E 80 -18.93 18.03 -44.41
C UNK E 80 -18.94 18.60 -42.99
N UNK E 81 -19.04 17.70 -42.03
CA UNK E 81 -18.75 18.07 -40.65
C UNK E 81 -17.25 18.10 -40.41
N UNK E 82 -16.85 18.83 -39.37
CA UNK E 82 -15.42 18.96 -39.07
C UNK E 82 -14.79 17.61 -38.79
N UNK E 83 -15.53 16.70 -38.14
CA UNK E 83 -14.96 15.42 -37.75
C UNK E 83 -15.03 14.38 -38.87
N UNK E 84 -15.88 14.58 -39.88
CA UNK E 84 -15.93 13.71 -41.04
C UNK E 84 -15.04 14.19 -42.17
N UNK E 85 -14.27 15.25 -41.94
CA UNK E 85 -13.43 15.84 -42.97
C UNK E 85 -12.32 14.90 -43.43
N UNK E 86 -12.06 13.82 -42.70
CA UNK E 86 -10.84 13.07 -42.84
C UNK E 86 -9.91 13.26 -41.66
N UNK E 87 -10.24 14.19 -40.78
CA UNK E 87 -9.51 14.34 -39.52
C UNK E 87 -9.53 13.03 -38.75
N UNK E 88 -10.72 12.49 -38.52
CA UNK E 88 -10.90 11.22 -37.84
C UNK E 88 -11.40 10.21 -38.87
N UNK E 89 -10.55 9.30 -39.35
CA UNK E 89 -10.95 8.36 -40.41
C UNK E 89 -12.19 7.56 -40.05
N UNK E 90 -12.31 7.00 -38.82
CA UNK E 90 -13.54 6.27 -38.49
C UNK E 90 -14.78 7.14 -38.46
N UNK E 91 -14.65 8.46 -38.25
CA UNK E 91 -15.82 9.33 -38.35
C UNK E 91 -16.16 9.62 -39.81
N UNK E 92 -15.19 9.53 -40.69
CA UNK E 92 -15.35 9.83 -42.10
C UNK E 92 -14.04 10.27 -42.69
N UNK E 93 -13.93 10.14 -44.01
CA UNK E 93 -12.69 10.51 -44.69
C UNK E 93 -13.02 11.03 -46.08
N UNK E 94 -12.08 11.80 -46.63
CA UNK E 94 -12.18 12.36 -47.96
C UNK E 94 -10.83 12.21 -48.65
N UNK E 95 -10.87 11.97 -49.96
CA UNK E 95 -9.65 11.78 -50.74
C UNK E 95 -9.27 13.12 -51.36
N UNK E 96 -8.25 13.77 -50.79
CA UNK E 96 -7.73 15.02 -51.32
C UNK E 96 -6.66 14.73 -52.36
N UNK E 97 -5.93 15.76 -52.78
CA UNK E 97 -4.81 15.57 -53.68
C UNK E 97 -3.64 14.84 -53.03
N UNK E 98 -3.73 14.55 -51.73
CA UNK E 98 -2.67 13.83 -51.02
C UNK E 98 -3.29 12.82 -50.07
N UNK E 99 -2.44 12.00 -49.47
CA UNK E 99 -2.85 10.82 -48.71
C UNK E 99 -3.20 11.13 -47.26
N UNK E 100 -3.31 12.41 -46.90
CA UNK E 100 -3.65 12.87 -45.55
C UNK E 100 -2.51 12.67 -44.56
N UNK E 101 -1.61 11.72 -44.83
CA UNK E 101 -0.38 11.62 -44.05
C UNK E 101 0.73 12.49 -44.65
N UNK E 102 0.86 12.49 -45.98
CA UNK E 102 1.73 13.45 -46.63
C UNK E 102 1.26 14.88 -46.35
N UNK E 103 -0.06 15.08 -46.29
CA UNK E 103 -0.59 16.35 -45.82
C UNK E 103 -0.12 16.67 -44.41
N UNK E 104 -0.09 15.66 -43.55
CA UNK E 104 0.33 15.89 -42.16
C UNK E 104 1.81 16.21 -42.07
N UNK E 105 2.65 15.48 -42.80
CA UNK E 105 4.07 15.79 -42.83
C UNK E 105 4.29 17.21 -43.35
N UNK E 106 3.59 17.56 -44.43
CA UNK E 106 3.70 18.90 -44.98
C UNK E 106 3.32 19.97 -43.96
N UNK E 107 2.15 19.83 -43.35
CA UNK E 107 1.69 20.82 -42.37
C UNK E 107 2.63 20.90 -41.18
N UNK E 108 3.21 19.77 -40.76
CA UNK E 108 4.17 19.81 -39.67
C UNK E 108 5.48 20.46 -40.10
N UNK E 109 5.78 20.49 -41.39
CA UNK E 109 6.94 21.22 -41.86
C UNK E 109 6.68 22.72 -41.81
N UNK E 110 5.61 23.17 -42.46
CA UNK E 110 5.27 24.60 -42.48
C UNK E 110 5.09 25.12 -41.05
N UNK E 111 4.17 24.52 -40.30
CA UNK E 111 4.03 24.84 -38.88
C UNK E 111 5.33 24.67 -38.14
N UNK E 112 6.20 23.78 -38.62
CA UNK E 112 7.54 23.66 -38.07
C UNK E 112 8.27 24.99 -38.11
N UNK E 113 8.40 25.59 -39.29
CA UNK E 113 9.09 26.86 -39.39
C UNK E 113 8.39 27.95 -38.59
N UNK E 114 7.08 28.15 -38.85
CA UNK E 114 6.36 29.25 -38.20
C UNK E 114 6.47 29.16 -36.68
N UNK E 115 6.18 27.98 -36.13
CA UNK E 115 6.15 27.81 -34.68
C UNK E 115 7.55 27.89 -34.07
N UNK E 116 8.53 27.25 -34.71
CA UNK E 116 9.91 27.33 -34.20
C UNK E 116 10.36 28.77 -34.09
N UNK E 117 10.16 29.56 -35.15
CA UNK E 117 10.61 30.95 -35.10
C UNK E 117 9.84 31.74 -34.05
N UNK E 118 8.52 31.56 -34.00
CA UNK E 118 7.70 32.16 -32.94
C UNK E 118 8.32 31.91 -31.56
N UNK E 119 8.65 30.64 -31.29
CA UNK E 119 9.29 30.30 -30.03
C UNK E 119 10.59 31.05 -29.85
N UNK E 120 11.39 31.16 -30.91
CA UNK E 120 12.66 31.89 -30.77
C UNK E 120 12.44 33.34 -30.40
N UNK E 121 11.31 33.93 -30.83
CA UNK E 121 10.99 35.25 -30.30
C UNK E 121 10.62 35.20 -28.83
N UNK E 122 10.02 34.09 -28.37
CA UNK E 122 9.75 33.98 -26.94
C UNK E 122 11.03 33.84 -26.12
N UNK E 123 11.97 33.00 -26.58
CA UNK E 123 13.17 32.71 -25.81
C UNK E 123 14.21 33.81 -25.93
N UNK E 124 14.38 34.37 -27.12
CA UNK E 124 15.30 35.48 -27.35
C UNK E 124 14.60 36.48 -28.26
N UNK E 125 13.94 37.49 -27.69
CA UNK E 125 13.20 38.45 -28.51
C UNK E 125 14.11 39.14 -29.52
N UNK E 126 13.58 39.30 -30.73
CA UNK E 126 14.32 39.95 -31.80
C UNK E 126 15.34 39.09 -32.50
N UNK E 127 15.54 37.84 -32.06
CA UNK E 127 16.55 36.98 -32.68
C UNK E 127 16.13 36.51 -34.06
N UNK E 128 14.85 36.62 -34.41
CA UNK E 128 14.36 36.14 -35.69
C UNK E 128 14.44 37.19 -36.78
N UNK E 129 15.01 38.36 -36.48
CA UNK E 129 15.21 39.37 -37.50
C UNK E 129 16.69 39.62 -37.77
N UNK E 130 17.53 38.65 -37.42
CA UNK E 130 18.98 38.81 -37.53
C UNK E 130 19.55 37.88 -38.60
N UNK E 131 19.50 36.56 -38.39
CA UNK E 131 20.04 35.63 -39.38
C UNK E 131 19.30 35.76 -40.70
N UNK E 132 20.00 35.49 -41.80
CA UNK E 132 19.43 35.65 -43.12
C UNK E 132 18.25 34.70 -43.33
N UNK E 133 17.09 35.28 -43.63
CA UNK E 133 15.87 34.52 -43.87
C UNK E 133 15.22 34.95 -45.19
N UNK E 134 16.06 35.24 -46.20
CA UNK E 134 15.59 35.75 -47.49
C UNK E 134 14.71 36.98 -47.29
N UNK E 135 15.20 37.94 -46.54
CA UNK E 135 14.36 39.04 -46.11
C UNK E 135 13.40 38.62 -45.03
N UNK E 136 12.27 39.31 -44.96
CA UNK E 136 11.22 39.06 -43.97
C UNK E 136 11.69 39.29 -42.54
N UNK E 137 13.01 39.46 -42.35
CA UNK E 137 13.58 39.54 -41.02
C UNK E 137 12.99 40.69 -40.22
N UNK E 138 12.74 41.84 -40.87
CA UNK E 138 12.36 43.05 -40.15
C UNK E 138 11.07 42.84 -39.37
N UNK E 139 10.05 42.28 -40.02
CA UNK E 139 8.83 41.96 -39.29
C UNK E 139 8.97 40.85 -38.26
N UNK E 140 10.09 40.13 -38.29
CA UNK E 140 10.35 39.05 -37.35
C UNK E 140 11.19 39.48 -36.16
N UNK E 141 11.52 40.77 -36.06
CA UNK E 141 12.18 41.27 -34.87
C UNK E 141 11.26 41.39 -33.67
N UNK E 142 9.95 41.35 -33.89
CA UNK E 142 8.99 41.41 -32.80
C UNK E 142 8.86 42.78 -32.17
N UNK E 143 7.83 42.96 -31.36
CA UNK E 143 7.60 44.19 -30.63
C UNK E 143 8.21 44.17 -29.24
N UNK E 144 9.02 43.15 -28.93
CA UNK E 144 9.44 42.90 -27.58
C UNK E 144 8.43 42.15 -26.74
N UNK E 145 7.18 42.05 -27.20
CA UNK E 145 6.14 41.26 -26.54
C UNK E 145 5.80 40.08 -27.41
N UNK E 146 6.02 38.85 -26.94
CA UNK E 146 5.84 37.69 -27.84
C UNK E 146 4.41 37.48 -28.31
N UNK E 147 3.44 37.58 -27.41
CA UNK E 147 2.04 37.41 -27.80
C UNK E 147 1.61 38.48 -28.80
N UNK E 148 2.24 39.65 -28.75
CA UNK E 148 1.86 40.79 -29.59
C UNK E 148 3.07 41.34 -30.32
N UNK E 149 3.64 40.57 -31.27
CA UNK E 149 4.83 41.06 -31.98
C UNK E 149 4.51 42.17 -32.97
N UNK E 150 3.31 42.18 -33.53
CA UNK E 150 2.95 43.24 -34.46
C UNK E 150 3.87 43.27 -35.65
N UNK E 151 4.43 44.44 -35.92
CA UNK E 151 5.27 44.63 -37.08
C UNK E 151 4.45 44.72 -38.35
N UNK E 152 5.13 44.70 -39.50
CA UNK E 152 4.39 44.80 -40.77
C UNK E 152 3.57 43.58 -41.10
N UNK E 153 4.06 42.38 -40.78
CA UNK E 153 3.34 41.16 -41.15
C UNK E 153 2.12 40.95 -40.26
N UNK E 154 2.33 40.98 -38.94
CA UNK E 154 1.30 40.55 -38.01
C UNK E 154 0.38 41.67 -37.57
N UNK E 155 0.80 42.92 -37.72
CA UNK E 155 -0.07 44.08 -37.48
C UNK E 155 0.17 45.12 -38.56
N UNK E 156 -0.20 44.81 -39.80
CA UNK E 156 0.02 45.78 -40.88
C UNK E 156 -0.84 47.03 -40.76
N UNK E 157 -2.12 46.85 -40.39
CA UNK E 157 -3.01 48.00 -40.28
C UNK E 157 -2.82 48.77 -38.98
N UNK E 158 -2.04 48.24 -38.04
CA UNK E 158 -1.72 48.93 -36.81
C UNK E 158 -2.91 49.43 -36.02
N UNK E 159 -3.89 48.57 -35.76
CA UNK E 159 -4.99 48.96 -34.90
C UNK E 159 -4.50 49.14 -33.48
N UNK E 160 -5.20 49.99 -32.73
CA UNK E 160 -4.78 50.32 -31.39
C UNK E 160 -3.45 51.05 -31.39
N UNK E 161 -3.35 52.10 -32.21
CA UNK E 161 -2.12 52.91 -32.24
C UNK E 161 -1.89 53.57 -30.89
N UNK E 162 -2.95 54.01 -30.23
CA UNK E 162 -2.88 54.43 -28.85
C UNK E 162 -2.95 53.21 -27.93
N UNK E 163 -2.44 53.37 -26.71
CA UNK E 163 -2.45 52.25 -25.78
C UNK E 163 -3.87 51.86 -25.36
N UNK E 164 -4.78 52.83 -25.29
CA UNK E 164 -6.13 52.53 -24.84
C UNK E 164 -6.85 51.60 -25.80
N UNK E 165 -6.84 51.92 -27.10
CA UNK E 165 -7.53 51.08 -28.06
C UNK E 165 -6.84 49.74 -28.22
N UNK E 166 -5.50 49.71 -28.14
CA UNK E 166 -4.81 48.43 -28.20
C UNK E 166 -5.14 47.56 -27.00
N UNK E 167 -5.30 48.18 -25.82
CA UNK E 167 -5.65 47.43 -24.62
C UNK E 167 -7.09 46.92 -24.68
N UNK E 168 -7.99 47.75 -25.20
CA UNK E 168 -9.38 47.30 -25.38
C UNK E 168 -9.46 46.18 -26.39
N UNK E 169 -8.73 46.31 -27.52
CA UNK E 169 -8.68 45.25 -28.51
C UNK E 169 -7.99 44.00 -27.97
N UNK E 170 -7.13 44.14 -26.97
CA UNK E 170 -6.51 42.97 -26.34
C UNK E 170 -7.49 42.27 -25.41
N UNK E 171 -8.20 43.06 -24.60
CA UNK E 171 -9.32 42.53 -23.84
C UNK E 171 -10.32 41.81 -24.75
N UNK E 172 -10.55 42.39 -25.93
CA UNK E 172 -11.45 41.79 -26.92
C UNK E 172 -10.88 40.50 -27.47
N UNK E 173 -9.60 40.49 -27.84
CA UNK E 173 -8.98 39.26 -28.33
C UNK E 173 -9.03 38.17 -27.28
N UNK E 174 -8.84 38.54 -26.01
CA UNK E 174 -8.84 37.56 -24.93
C UNK E 174 -10.23 36.97 -24.76
N UNK E 175 -11.26 37.82 -24.67
CA UNK E 175 -12.60 37.27 -24.46
C UNK E 175 -13.09 36.52 -25.70
N UNK E 176 -12.78 37.03 -26.90
CA UNK E 176 -13.05 36.31 -28.14
C UNK E 176 -12.44 34.93 -28.11
N UNK E 177 -11.19 34.82 -27.66
CA UNK E 177 -10.53 33.52 -27.62
C UNK E 177 -11.09 32.60 -26.56
N UNK E 178 -11.38 33.15 -25.37
CA UNK E 178 -12.02 32.35 -24.32
C UNK E 178 -13.39 31.85 -24.78
N UNK E 179 -14.07 32.61 -25.63
CA UNK E 179 -15.34 32.14 -26.20
C UNK E 179 -15.11 31.05 -27.23
N UNK E 180 -14.09 31.22 -28.07
CA UNK E 180 -13.85 30.26 -29.15
C UNK E 180 -13.34 28.93 -28.63
N UNK E 181 -12.56 28.93 -27.54
CA UNK E 181 -12.10 27.68 -26.95
C UNK E 181 -13.26 26.86 -26.41
N UNK E 182 -14.14 27.52 -25.65
CA UNK E 182 -15.38 26.86 -25.23
C UNK E 182 -16.20 26.41 -26.42
N UNK E 183 -16.15 27.16 -27.52
CA UNK E 183 -16.87 26.78 -28.73
C UNK E 183 -16.38 25.45 -29.28
N UNK E 184 -15.07 25.35 -29.55
CA UNK E 184 -14.53 24.12 -30.14
C UNK E 184 -14.67 22.94 -29.17
N UNK E 185 -14.58 23.21 -27.86
CA UNK E 185 -14.92 22.18 -26.88
C UNK E 185 -16.35 21.70 -27.06
N UNK E 186 -17.29 22.64 -27.23
CA UNK E 186 -18.67 22.27 -27.50
C UNK E 186 -18.82 21.45 -28.76
N UNK E 187 -18.07 21.80 -29.81
CA UNK E 187 -18.06 20.98 -31.02
C UNK E 187 -17.63 19.55 -30.68
N UNK E 188 -16.61 19.41 -29.84
CA UNK E 188 -16.15 18.07 -29.46
C UNK E 188 -17.24 17.28 -28.76
N UNK E 189 -17.85 17.85 -27.73
CA UNK E 189 -18.80 17.08 -26.93
C UNK E 189 -20.10 16.86 -27.70
N UNK E 190 -20.59 17.87 -28.40
CA UNK E 190 -21.78 17.72 -29.23
C UNK E 190 -21.58 16.63 -30.29
N UNK E 191 -20.56 16.80 -31.14
CA UNK E 191 -20.27 15.80 -32.14
C UNK E 191 -20.03 14.43 -31.55
N UNK E 192 -19.58 14.37 -30.30
CA UNK E 192 -19.43 13.10 -29.61
C UNK E 192 -20.79 12.48 -29.33
N UNK E 193 -21.67 13.20 -28.62
CA UNK E 193 -22.94 12.64 -28.22
C UNK E 193 -23.95 12.68 -29.37
N UNK E 194 -24.11 13.85 -30.00
CA UNK E 194 -25.08 13.97 -31.08
C UNK E 194 -24.64 13.20 -32.32
N UNK E 195 -23.50 13.58 -32.87
CA UNK E 195 -22.94 12.87 -34.02
C UNK E 195 -23.41 13.35 -35.37
N UNK E 196 -24.23 14.41 -35.43
CA UNK E 196 -24.73 14.92 -36.70
C UNK E 196 -23.99 16.16 -37.16
N UNK E 197 -22.98 16.60 -36.41
CA UNK E 197 -22.32 17.86 -36.69
C UNK E 197 -22.90 18.96 -35.83
N UNK E 198 -22.09 19.97 -35.51
CA UNK E 198 -22.55 20.99 -34.55
C UNK E 198 -23.74 21.80 -35.04
N UNK E 199 -23.70 22.26 -36.30
CA UNK E 199 -24.79 23.11 -36.79
C UNK E 199 -26.09 22.32 -36.95
N UNK E 200 -26.00 21.12 -37.54
CA UNK E 200 -27.18 20.28 -37.64
C UNK E 200 -27.74 19.94 -36.26
N UNK E 201 -26.87 19.79 -35.27
CA UNK E 201 -27.31 19.60 -33.90
C UNK E 201 -28.08 20.81 -33.40
N UNK E 202 -27.51 22.01 -33.58
CA UNK E 202 -28.20 23.23 -33.23
C UNK E 202 -29.57 23.31 -33.89
N UNK E 203 -29.67 22.90 -35.16
CA UNK E 203 -30.95 22.92 -35.85
C UNK E 203 -31.92 21.91 -35.27
N UNK E 204 -31.43 20.71 -34.90
CA UNK E 204 -32.25 19.78 -34.13
C UNK E 204 -32.79 20.45 -32.88
N UNK E 205 -32.06 21.42 -32.34
CA UNK E 205 -32.55 22.22 -31.22
C UNK E 205 -33.35 23.46 -31.64
N UNK E 206 -33.38 23.79 -32.93
CA UNK E 206 -34.03 25.02 -33.37
C UNK E 206 -35.52 24.77 -33.57
N UNK E 207 -35.85 23.93 -34.56
CA UNK E 207 -37.25 23.63 -34.82
C UNK E 207 -37.91 22.93 -33.63
N UNK E 208 -37.13 22.19 -32.85
CA UNK E 208 -37.61 21.53 -31.64
C UNK E 208 -36.60 21.78 -30.53
N UNK E 209 -36.76 22.87 -29.78
CA UNK E 209 -35.96 23.02 -28.55
C UNK E 209 -36.27 21.96 -27.51
N UNK E 210 -37.46 21.37 -27.57
CA UNK E 210 -37.83 20.26 -26.70
C UNK E 210 -36.99 19.01 -26.95
N UNK E 211 -36.22 18.98 -28.05
CA UNK E 211 -35.28 17.90 -28.30
C UNK E 211 -34.34 17.76 -27.11
N UNK E 212 -33.50 18.78 -26.90
CA UNK E 212 -32.68 18.90 -25.70
C UNK E 212 -31.92 17.61 -25.43
N UNK E 213 -30.87 17.35 -26.21
CA UNK E 213 -30.11 16.12 -26.15
C UNK E 213 -29.57 15.79 -24.77
N UNK E 214 -29.64 16.73 -23.82
CA UNK E 214 -29.14 16.49 -22.47
C UNK E 214 -29.79 15.25 -21.87
N UNK E 215 -31.12 15.25 -21.76
CA UNK E 215 -31.81 14.13 -21.14
C UNK E 215 -31.71 12.87 -22.00
N UNK E 216 -31.59 13.02 -23.33
CA UNK E 216 -31.46 11.85 -24.20
C UNK E 216 -30.16 11.12 -23.92
N UNK E 217 -29.03 11.83 -24.02
CA UNK E 217 -27.70 11.27 -23.74
C UNK E 217 -27.44 10.00 -24.53
N UNK E 218 -27.89 9.98 -25.79
CA UNK E 218 -27.67 8.87 -26.70
C UNK E 218 -26.55 9.20 -27.67
N UNK E 219 -25.85 8.17 -28.13
CA UNK E 219 -24.65 8.36 -28.94
C UNK E 219 -24.61 7.37 -30.09
N UNK E 220 -24.45 7.89 -31.30
CA UNK E 220 -24.20 7.07 -32.48
C UNK E 220 -23.32 7.85 -33.44
N UNK E 221 -22.67 7.13 -34.34
CA UNK E 221 -21.73 7.73 -35.28
C UNK E 221 -22.44 8.36 -36.48
N UNK F 1 -28.12 56.65 -9.78
CA UNK F 1 -29.02 55.51 -9.89
C UNK F 1 -29.25 55.14 -11.36
N UNK F 2 -29.54 53.86 -11.63
CA UNK F 2 -29.82 53.44 -13.01
C UNK F 2 -31.16 53.95 -13.49
N UNK F 3 -31.23 54.32 -14.77
CA UNK F 3 -32.46 54.85 -15.35
C UNK F 3 -33.04 53.90 -16.38
N UNK F 4 -34.36 53.92 -16.53
CA UNK F 4 -35.03 53.00 -17.43
C UNK F 4 -36.09 53.76 -18.23
N UNK F 5 -35.77 54.06 -19.49
CA UNK F 5 -36.62 54.89 -20.35
C UNK F 5 -37.00 56.23 -19.70
N UNK F 6 -36.00 57.07 -19.45
CA UNK F 6 -36.24 58.35 -18.79
C UNK F 6 -36.24 59.50 -19.78
N UNK F 7 -36.63 60.67 -19.28
CA UNK F 7 -36.67 61.88 -20.10
C UNK F 7 -36.37 63.10 -19.22
N UNK F 8 -36.21 64.26 -19.85
CA UNK F 8 -35.91 65.49 -19.13
C UNK F 8 -37.04 65.83 -18.17
N UNK F 9 -38.28 65.70 -18.66
CA UNK F 9 -39.46 65.94 -17.84
C UNK F 9 -39.48 64.94 -16.68
N UNK F 10 -39.34 63.66 -17.02
CA UNK F 10 -39.31 62.58 -16.03
C UNK F 10 -38.27 62.83 -14.95
N UNK F 11 -37.02 63.06 -15.36
CA UNK F 11 -35.92 63.29 -14.42
C UNK F 11 -36.04 64.60 -13.65
N UNK F 12 -36.88 65.51 -14.13
CA UNK F 12 -37.07 66.78 -13.45
C UNK F 12 -37.81 66.64 -12.11
N UNK F 13 -38.70 65.66 -12.02
CA UNK F 13 -39.44 65.43 -10.78
C UNK F 13 -39.20 64.08 -10.11
N UNK F 14 -38.67 63.13 -10.87
CA UNK F 14 -38.30 61.83 -10.31
C UNK F 14 -36.83 61.84 -9.90
N UNK F 15 -36.58 61.92 -8.60
CA UNK F 15 -35.22 62.10 -8.09
C UNK F 15 -34.71 60.90 -7.28
N UNK F 16 -35.30 59.74 -7.51
CA UNK F 16 -34.89 58.53 -6.80
C UNK F 16 -35.30 58.54 -5.35
N UNK F 17 -36.31 59.34 -5.01
CA UNK F 17 -36.78 59.45 -3.65
C UNK F 17 -37.73 58.30 -3.32
N UNK F 18 -38.53 57.90 -4.30
CA UNK F 18 -39.48 56.81 -4.13
C UNK F 18 -38.83 55.48 -4.48
N UNK F 19 -39.21 54.41 -3.77
CA UNK F 19 -38.66 53.09 -4.08
C UNK F 19 -39.06 52.62 -5.47
N UNK F 20 -38.08 52.17 -6.25
CA UNK F 20 -38.34 51.70 -7.60
C UNK F 20 -38.27 52.82 -8.63
N UNK F 21 -37.65 53.92 -8.26
CA UNK F 21 -37.54 55.07 -9.15
C UNK F 21 -36.45 54.84 -10.21
N UNK F 22 -36.88 54.51 -11.42
CA UNK F 22 -35.97 54.38 -12.54
C UNK F 22 -36.19 55.52 -13.54
N UNK F 23 -36.89 56.55 -13.08
CA UNK F 23 -37.16 57.70 -13.92
C UNK F 23 -38.09 57.39 -15.08
N UNK F 24 -38.93 56.38 -14.90
CA UNK F 24 -39.84 55.96 -15.97
C UNK F 24 -41.21 56.61 -15.85
N UNK F 25 -41.45 57.60 -16.71
CA UNK F 25 -42.75 58.25 -16.80
C UNK F 25 -42.85 59.00 -18.12
N UNK F 26 -42.84 58.26 -19.25
CA UNK F 26 -42.81 58.88 -20.57
C UNK F 26 -44.07 59.67 -20.93
N UNK F 27 -45.09 59.64 -20.07
CA UNK F 27 -46.29 60.45 -20.30
C UNK F 27 -46.39 61.61 -19.29
N UNK F 28 -45.71 61.46 -18.16
CA UNK F 28 -45.64 62.53 -17.18
C UNK F 28 -46.78 62.56 -16.19
N UNK F 29 -47.34 61.39 -15.88
CA UNK F 29 -48.49 61.31 -14.98
C UNK F 29 -48.18 61.84 -13.58
N UNK F 30 -46.93 61.73 -13.16
CA UNK F 30 -46.55 62.09 -11.81
C UNK F 30 -45.97 63.51 -11.73
N UNK F 31 -46.06 64.24 -12.85
CA UNK F 31 -45.60 65.62 -12.90
C UNK F 31 -46.36 66.48 -11.89
N UNK F 32 -45.62 67.14 -10.97
CA UNK F 32 -46.22 67.92 -9.89
C UNK F 32 -46.90 69.20 -10.37
N UNK F 33 -46.74 69.52 -11.65
CA UNK F 33 -47.37 70.71 -12.21
C UNK F 33 -48.83 70.46 -12.54
N UNK F 34 -49.71 71.27 -11.95
CA UNK F 34 -51.13 71.18 -12.22
C UNK F 34 -51.77 69.90 -11.71
N UNK F 35 -51.54 69.59 -10.45
CA UNK F 35 -52.07 68.38 -9.86
C UNK F 35 -53.46 68.60 -9.28
N UNK F 36 -54.27 67.55 -9.27
CA UNK F 36 -55.61 67.60 -8.73
C UNK F 36 -56.33 66.28 -8.91
N UNK F 37 -57.40 66.08 -8.14
CA UNK F 37 -58.18 64.86 -8.22
C UNK F 37 -57.36 63.63 -7.88
N UNK F 38 -57.15 62.77 -8.87
CA UNK F 38 -56.41 61.53 -8.68
C UNK F 38 -55.08 61.52 -9.42
N UNK F 39 -54.84 62.54 -10.23
CA UNK F 39 -53.55 62.69 -10.89
C UNK F 39 -52.63 63.52 -9.99
N UNK F 40 -52.07 62.86 -8.99
CA UNK F 40 -51.20 63.49 -8.00
C UNK F 40 -50.11 62.50 -7.62
N UNK F 41 -48.86 62.97 -7.52
CA UNK F 41 -47.69 62.14 -7.22
C UNK F 41 -47.87 61.18 -6.04
N UNK F 42 -48.28 61.71 -4.88
CA UNK F 42 -48.42 60.90 -3.67
C UNK F 42 -49.49 59.83 -3.86
N UNK F 43 -50.64 60.24 -4.40
CA UNK F 43 -51.74 59.30 -4.63
C UNK F 43 -51.38 58.25 -5.66
N UNK F 44 -50.63 58.64 -6.69
CA UNK F 44 -50.20 57.67 -7.70
C UNK F 44 -49.21 56.67 -7.13
N UNK F 45 -48.38 57.12 -6.19
CA UNK F 45 -47.44 56.23 -5.52
C UNK F 45 -48.20 55.22 -4.67
N UNK F 46 -49.11 55.73 -3.85
CA UNK F 46 -49.94 54.91 -3.00
C UNK F 46 -50.72 53.88 -3.83
N UNK F 47 -51.27 54.34 -4.95
CA UNK F 47 -52.03 53.49 -5.85
C UNK F 47 -51.19 52.40 -6.45
N UNK F 48 -49.95 52.72 -6.82
CA UNK F 48 -49.04 51.72 -7.34
C UNK F 48 -48.79 50.66 -6.27
N UNK F 49 -48.59 51.11 -5.04
CA UNK F 49 -48.36 50.19 -3.94
C UNK F 49 -49.54 49.24 -3.72
N UNK F 50 -50.75 49.79 -3.69
CA UNK F 50 -51.94 48.98 -3.47
C UNK F 50 -52.23 47.99 -4.60
N UNK F 51 -52.25 48.48 -5.84
CA UNK F 51 -52.44 47.61 -7.00
C UNK F 51 -51.36 46.53 -7.01
N UNK F 52 -50.17 46.88 -6.54
CA UNK F 52 -49.05 45.95 -6.48
C UNK F 52 -49.22 44.85 -5.45
N UNK F 53 -49.65 45.22 -4.25
CA UNK F 53 -49.87 44.23 -3.20
C UNK F 53 -51.00 43.28 -3.61
N UNK F 54 -52.12 43.85 -4.04
CA UNK F 54 -53.26 43.04 -4.44
C UNK F 54 -52.91 42.13 -5.61
N UNK F 55 -52.13 42.63 -6.56
CA UNK F 55 -51.71 41.80 -7.69
C UNK F 55 -50.74 40.72 -7.26
N UNK F 56 -49.97 41.00 -6.21
CA UNK F 56 -49.09 39.97 -5.64
C UNK F 56 -49.90 38.84 -5.04
N UNK F 57 -51.00 39.19 -4.35
CA UNK F 57 -51.89 38.18 -3.80
C UNK F 57 -52.59 37.38 -4.91
N UNK F 58 -53.04 38.10 -5.94
CA UNK F 58 -53.82 37.50 -7.01
C UNK F 58 -53.04 36.66 -7.99
N UNK F 59 -51.79 37.04 -8.22
CA UNK F 59 -50.93 36.29 -9.16
C UNK F 59 -50.67 34.89 -8.62
N UNK F 60 -50.63 34.76 -7.30
CA UNK F 60 -50.49 33.46 -6.67
C UNK F 60 -51.85 32.77 -6.62
N UNK F 61 -52.86 33.51 -6.16
CA UNK F 61 -54.19 32.94 -6.02
C UNK F 61 -54.82 32.40 -7.29
N UNK F 62 -54.37 32.91 -8.43
CA UNK F 62 -54.93 32.52 -9.72
C UNK F 62 -54.26 31.28 -10.29
N UNK F 63 -53.10 30.93 -9.73
CA UNK F 63 -52.30 29.83 -10.25
C UNK F 63 -52.23 28.66 -9.28
N UNK F 64 -52.48 28.93 -8.00
CA UNK F 64 -52.33 27.91 -6.96
C UNK F 64 -53.29 26.71 -7.09
N UNK F 65 -54.61 26.95 -7.28
CA UNK F 65 -55.50 25.80 -7.41
C UNK F 65 -55.20 24.96 -8.65
N UNK F 66 -54.78 25.62 -9.72
CA UNK F 66 -54.46 24.92 -10.96
C UNK F 66 -53.20 24.07 -10.78
N UNK F 67 -52.23 24.60 -10.05
CA UNK F 67 -51.00 23.88 -9.75
C UNK F 67 -51.23 22.72 -8.78
N UNK F 68 -51.80 23.04 -7.62
CA UNK F 68 -52.04 22.05 -6.57
C UNK F 68 -53.00 20.95 -7.04
N UNK F 69 -53.82 21.28 -8.04
CA UNK F 69 -54.72 20.30 -8.62
C UNK F 69 -54.01 19.41 -9.62
N UNK F 70 -53.02 19.98 -10.32
CA UNK F 70 -52.25 19.23 -11.30
C UNK F 70 -51.25 18.31 -10.59
N UNK F 71 -50.99 18.61 -9.32
CA UNK F 71 -50.13 17.75 -8.50
C UNK F 71 -50.97 16.69 -7.81
N UNK F 72 -51.89 17.12 -6.96
CA UNK F 72 -52.79 16.20 -6.28
C UNK F 72 -52.98 16.49 -4.81
N UNK F 73 -52.51 17.63 -4.35
CA UNK F 73 -52.63 18.01 -2.94
C UNK F 73 -54.06 18.46 -2.60
N UNK F 74 -54.83 18.79 -3.63
CA UNK F 74 -56.22 19.21 -3.45
C UNK F 74 -57.14 18.45 -4.41
N UNK F 75 -58.41 18.27 -4.02
CA UNK F 75 -59.38 17.55 -4.86
C UNK F 75 -59.59 18.22 -6.23
N UNK F 76 -60.02 17.44 -7.22
CA UNK F 76 -60.19 17.92 -8.58
C UNK F 76 -61.36 18.89 -8.73
N UNK F 77 -62.30 18.84 -7.78
CA UNK F 77 -63.46 19.71 -7.83
C UNK F 77 -63.06 21.16 -7.56
N UNK F 78 -62.03 21.35 -6.75
CA UNK F 78 -61.51 22.67 -6.43
C UNK F 78 -60.26 22.98 -7.22
N UNK F 79 -59.95 22.11 -8.19
CA UNK F 79 -58.77 22.29 -9.03
C UNK F 79 -59.13 23.06 -10.30
N UNK F 80 -59.95 24.09 -10.13
CA UNK F 80 -60.46 24.85 -11.27
C UNK F 80 -59.51 25.97 -11.68
N UNK F 81 -59.62 26.39 -12.94
CA UNK F 81 -58.89 27.55 -13.43
C UNK F 81 -59.42 28.80 -12.76
N UNK F 82 -58.64 29.87 -12.79
CA UNK F 82 -59.00 31.11 -12.07
C UNK F 82 -60.30 31.74 -12.59
N UNK F 83 -60.61 31.50 -13.86
CA UNK F 83 -61.82 32.04 -14.45
C UNK F 83 -63.01 31.08 -14.39
N UNK F 84 -62.76 29.88 -13.88
CA UNK F 84 -63.79 28.85 -13.78
C UNK F 84 -64.36 28.75 -12.36
N UNK F 85 -63.86 29.61 -11.47
CA UNK F 85 -64.26 29.57 -10.06
C UNK F 85 -65.64 30.17 -9.82
N UNK F 86 -66.16 30.88 -10.82
CA UNK F 86 -67.44 31.54 -10.69
C UNK F 86 -67.34 33.04 -10.82
N UNK F 87 -66.11 33.51 -11.01
CA UNK F 87 -65.84 34.94 -11.20
C UNK F 87 -66.45 35.44 -12.52
N UNK F 88 -66.48 34.53 -13.50
CA UNK F 88 -67.14 34.76 -14.78
C UNK F 88 -68.03 33.56 -15.09
N UNK F 89 -69.29 33.59 -14.61
CA UNK F 89 -70.28 32.49 -14.71
C UNK F 89 -70.43 31.80 -16.09
N UNK F 90 -70.44 32.55 -17.20
CA UNK F 90 -70.56 31.79 -18.46
C UNK F 90 -69.28 31.04 -18.84
N UNK F 91 -68.21 31.24 -18.06
CA UNK F 91 -66.95 30.54 -18.31
C UNK F 91 -66.75 29.41 -17.30
N UNK F 92 -67.62 29.35 -16.29
CA UNK F 92 -67.54 28.32 -15.28
C UNK F 92 -68.12 28.78 -13.95
N UNK F 93 -68.85 27.88 -13.29
CA UNK F 93 -69.41 28.18 -11.98
C UNK F 93 -69.09 27.06 -11.00
N UNK F 94 -69.01 27.41 -9.72
CA UNK F 94 -68.80 26.42 -8.67
C UNK F 94 -69.75 26.70 -7.51
N UNK F 95 -70.35 25.65 -6.97
CA UNK F 95 -71.31 25.81 -5.89
C UNK F 95 -70.67 25.84 -4.51
N UNK F 96 -70.47 27.04 -3.99
CA UNK F 96 -69.90 27.23 -2.66
C UNK F 96 -70.98 27.18 -1.59
N UNK F 97 -70.61 27.54 -0.37
CA UNK F 97 -71.53 27.52 0.76
C UNK F 97 -72.63 28.57 0.61
N UNK F 98 -72.35 29.60 -0.18
CA UNK F 98 -73.31 30.66 -0.42
C UNK F 98 -73.44 31.00 -1.89
N UNK F 99 -74.44 31.82 -2.21
CA UNK F 99 -74.65 32.30 -3.57
C UNK F 99 -73.55 33.30 -3.92
N UNK F 100 -73.16 33.33 -5.20
CA UNK F 100 -72.11 34.22 -5.67
C UNK F 100 -72.37 35.70 -5.39
N UNK F 101 -73.63 36.12 -5.55
CA UNK F 101 -73.99 37.52 -5.32
C UNK F 101 -74.06 37.81 -3.83
N UNK F 102 -74.46 36.79 -3.06
CA UNK F 102 -74.50 36.91 -1.60
C UNK F 102 -73.08 37.03 -1.08
N UNK F 103 -72.21 36.15 -1.60
CA UNK F 103 -70.78 36.19 -1.28
C UNK F 103 -70.19 37.54 -1.65
N UNK F 104 -70.68 38.11 -2.76
CA UNK F 104 -70.23 39.42 -3.19
C UNK F 104 -70.65 40.51 -2.21
N UNK F 105 -71.87 40.41 -1.69
CA UNK F 105 -72.34 41.36 -0.69
C UNK F 105 -71.51 41.26 0.59
N UNK F 106 -71.21 40.03 1.01
CA UNK F 106 -70.36 39.79 2.17
C UNK F 106 -68.99 40.43 1.97
N UNK F 107 -68.44 40.18 0.78
CA UNK F 107 -67.14 40.71 0.38
C UNK F 107 -67.10 42.22 0.50
N UNK F 108 -68.09 42.88 -0.11
CA UNK F 108 -68.18 44.33 -0.07
C UNK F 108 -68.42 44.84 1.35
N UNK F 109 -69.04 44.02 2.17
CA UNK F 109 -69.31 44.39 3.56
C UNK F 109 -68.02 44.46 4.37
N UNK F 110 -67.17 43.45 4.25
CA UNK F 110 -65.91 43.43 4.99
C UNK F 110 -64.90 44.44 4.41
N UNK F 111 -64.75 44.37 3.09
CA UNK F 111 -63.86 45.27 2.38
C UNK F 111 -64.27 46.72 2.60
N UNK F 112 -65.55 46.94 2.88
CA UNK F 112 -66.04 48.29 3.11
C UNK F 112 -65.37 48.94 4.31
N UNK F 113 -65.31 48.20 5.42
CA UNK F 113 -64.68 48.71 6.62
C UNK F 113 -63.19 48.80 6.39
N UNK F 114 -62.61 47.68 5.95
CA UNK F 114 -61.16 47.59 5.79
C UNK F 114 -60.58 48.67 4.89
N UNK F 115 -61.37 49.09 3.89
CA UNK F 115 -60.91 50.09 2.94
C UNK F 115 -61.27 51.52 3.33
N UNK F 116 -62.50 51.72 3.82
CA UNK F 116 -62.91 53.06 4.24
C UNK F 116 -62.00 53.59 5.35
N UNK F 117 -61.64 52.72 6.29
CA UNK F 117 -60.74 53.16 7.37
C UNK F 117 -59.35 53.50 6.82
N UNK F 118 -58.86 52.65 5.93
CA UNK F 118 -57.56 52.84 5.30
C UNK F 118 -57.50 54.18 4.57
N UNK F 119 -58.62 54.56 3.96
CA UNK F 119 -58.69 55.85 3.28
C UNK F 119 -58.70 56.96 4.31
N UNK F 120 -59.40 56.73 5.41
CA UNK F 120 -59.46 57.75 6.46
C UNK F 120 -58.10 58.01 7.08
N UNK F 121 -57.17 57.06 6.95
CA UNK F 121 -55.80 57.33 7.36
C UNK F 121 -55.03 58.15 6.32
N UNK F 122 -55.51 58.13 5.08
CA UNK F 122 -54.90 58.93 4.03
C UNK F 122 -55.39 60.37 4.11
N UNK F 123 -56.67 60.54 4.39
CA UNK F 123 -57.27 61.87 4.50
C UNK F 123 -56.90 62.56 5.82
N UNK F 124 -56.93 61.79 6.90
CA UNK F 124 -56.56 62.29 8.21
C UNK F 124 -55.79 61.23 8.98
N UNK F 125 -54.45 61.23 8.84
CA UNK F 125 -53.54 60.23 9.41
C UNK F 125 -53.75 59.97 10.90
N UNK F 126 -54.08 61.02 11.64
CA UNK F 126 -54.26 60.90 13.08
C UNK F 126 -55.46 60.08 13.49
N UNK F 127 -56.44 59.97 12.60
CA UNK F 127 -57.68 59.26 12.89
C UNK F 127 -57.48 57.75 12.94
N UNK F 128 -58.60 57.02 13.06
CA UNK F 128 -58.61 55.56 13.17
C UNK F 128 -57.87 55.10 14.43
N UNK F 129 -57.77 55.99 15.41
CA UNK F 129 -57.16 55.69 16.67
C UNK F 129 -57.93 56.35 17.80
N UNK F 130 -58.67 57.39 17.45
CA UNK F 130 -59.45 58.16 18.42
C UNK F 130 -60.81 57.51 18.65
N UNK F 131 -61.51 57.20 17.57
CA UNK F 131 -62.83 56.58 17.65
C UNK F 131 -62.73 55.14 18.16
N UNK F 132 -63.65 54.75 19.03
CA UNK F 132 -63.67 53.40 19.57
C UNK F 132 -63.91 52.37 18.47
N UNK F 133 -63.33 51.18 18.64
CA UNK F 133 -63.47 50.10 17.67
C UNK F 133 -63.03 48.77 18.30
N UNK F 134 -63.73 48.36 19.35
CA UNK F 134 -63.40 47.14 20.09
C UNK F 134 -61.97 47.13 20.63
N UNK F 135 -61.41 48.32 20.83
CA UNK F 135 -60.05 48.44 21.32
C UNK F 135 -59.00 48.15 20.26
N UNK F 136 -59.44 48.10 19.01
CA UNK F 136 -58.54 47.82 17.89
C UNK F 136 -57.90 49.10 17.35
N UNK F 137 -58.44 50.24 17.77
CA UNK F 137 -57.97 51.53 17.29
C UNK F 137 -56.54 51.85 17.74
N UNK F 138 -56.07 51.14 18.75
CA UNK F 138 -54.71 51.32 19.25
C UNK F 138 -53.67 50.87 18.23
N UNK F 139 -53.95 49.81 17.50
CA UNK F 139 -53.03 49.29 16.51
C UNK F 139 -53.31 49.80 15.11
N UNK F 140 -54.31 50.67 15.00
CA UNK F 140 -54.72 51.23 13.72
C UNK F 140 -54.36 52.71 13.65
N UNK F 141 -53.28 53.09 14.34
CA UNK F 141 -52.89 54.49 14.45
C UNK F 141 -52.12 55.03 13.26
N UNK F 142 -51.64 54.15 12.40
CA UNK F 142 -50.84 54.57 11.26
C UNK F 142 -49.42 54.86 11.68
N UNK F 143 -48.69 55.58 10.84
CA UNK F 143 -47.28 55.87 11.12
C UNK F 143 -46.84 57.20 10.50
N UNK F 144 -47.80 57.98 10.01
CA UNK F 144 -47.49 59.21 9.32
C UNK F 144 -47.33 58.97 7.84
N UNK F 145 -46.99 57.73 7.49
CA UNK F 145 -46.95 57.29 6.11
C UNK F 145 -48.16 56.43 5.81
N UNK F 146 -49.03 56.89 4.89
CA UNK F 146 -50.29 56.21 4.57
C UNK F 146 -50.09 54.80 4.02
N UNK F 147 -49.16 54.64 3.08
CA UNK F 147 -48.93 53.35 2.44
C UNK F 147 -48.31 52.33 3.39
N UNK F 148 -47.55 52.83 4.37
CA UNK F 148 -46.81 51.96 5.28
C UNK F 148 -47.18 52.22 6.75
N UNK F 149 -48.32 51.66 7.18
CA UNK F 149 -48.84 51.87 8.55
C UNK F 149 -48.03 51.16 9.64
N UNK F 150 -47.71 49.89 9.42
CA UNK F 150 -47.01 49.09 10.42
C UNK F 150 -47.85 48.84 11.66
N UNK F 151 -47.21 48.87 12.82
CA UNK F 151 -47.89 48.62 14.08
C UNK F 151 -47.97 47.15 14.41
N UNK F 152 -48.76 46.80 15.44
CA UNK F 152 -48.92 45.42 15.91
C UNK F 152 -49.76 44.56 14.97
N UNK F 153 -50.67 45.20 14.24
CA UNK F 153 -51.59 44.49 13.37
C UNK F 153 -50.98 44.21 11.99
N UNK F 154 -50.31 45.21 11.43
CA UNK F 154 -49.78 45.10 10.08
C UNK F 154 -48.29 44.78 10.03
N UNK F 155 -47.61 44.88 11.17
CA UNK F 155 -46.20 44.51 11.25
C UNK F 155 -45.81 43.93 12.60
N UNK F 156 -46.31 42.73 12.92
CA UNK F 156 -46.02 42.11 14.22
C UNK F 156 -44.61 41.53 14.30
N UNK F 157 -43.98 41.30 13.15
CA UNK F 157 -42.65 40.68 13.12
C UNK F 157 -41.53 41.73 13.14
N UNK F 158 -41.90 42.98 13.35
CA UNK F 158 -40.95 44.07 13.50
C UNK F 158 -39.90 44.20 12.41
N UNK F 159 -40.32 44.02 11.15
CA UNK F 159 -39.42 44.19 10.02
C UNK F 159 -39.09 45.66 9.80
N UNK F 160 -38.01 45.92 9.07
CA UNK F 160 -37.59 47.29 8.76
C UNK F 160 -37.29 48.10 10.00
N UNK F 161 -36.54 47.52 10.93
CA UNK F 161 -36.17 48.22 12.16
C UNK F 161 -35.22 49.38 11.87
N UNK F 162 -34.35 49.21 10.88
CA UNK F 162 -33.40 50.25 10.50
C UNK F 162 -33.69 50.79 9.10
N UNK F 163 -33.04 51.90 8.76
CA UNK F 163 -33.32 52.62 7.51
C UNK F 163 -32.86 51.86 6.27
N UNK F 164 -31.61 51.39 6.31
CA UNK F 164 -30.99 50.73 5.16
C UNK F 164 -31.70 49.43 4.80
N UNK F 165 -32.41 48.88 5.78
CA UNK F 165 -33.18 47.66 5.58
C UNK F 165 -34.57 48.00 5.07
N UNK F 166 -35.17 49.03 5.67
CA UNK F 166 -36.50 49.46 5.31
C UNK F 166 -36.60 49.89 3.85
N UNK F 167 -35.68 50.75 3.41
CA UNK F 167 -35.71 51.22 2.02
C UNK F 167 -35.49 50.08 1.04
N UNK F 168 -34.70 49.10 1.47
CA UNK F 168 -34.35 47.96 0.63
C UNK F 168 -35.59 47.08 0.46
N UNK F 169 -36.33 46.92 1.56
CA UNK F 169 -37.51 46.08 1.56
C UNK F 169 -38.64 46.77 0.79
N UNK F 170 -38.68 48.10 0.85
CA UNK F 170 -39.65 48.85 0.06
C UNK F 170 -39.36 48.65 -1.41
N UNK F 171 -38.07 48.72 -1.76
CA UNK F 171 -37.65 48.52 -3.15
C UNK F 171 -38.08 47.14 -3.65
N UNK F 172 -37.78 46.12 -2.85
CA UNK F 172 -38.14 44.75 -3.21
C UNK F 172 -39.65 44.60 -3.36
N UNK F 173 -40.39 45.26 -2.48
CA UNK F 173 -41.85 45.22 -2.49
C UNK F 173 -42.39 45.80 -3.79
N UNK F 174 -41.85 46.94 -4.20
CA UNK F 174 -42.29 47.59 -5.42
C UNK F 174 -41.98 46.73 -6.65
N UNK F 175 -40.78 46.16 -6.69
CA UNK F 175 -40.40 45.31 -7.82
C UNK F 175 -41.30 44.07 -7.93
N UNK F 176 -41.52 43.41 -6.81
CA UNK F 176 -42.38 42.23 -6.77
C UNK F 176 -43.82 42.58 -7.17
N UNK F 177 -44.24 43.77 -6.78
CA UNK F 177 -45.58 44.25 -7.11
C UNK F 177 -45.75 44.48 -8.60
N UNK F 178 -44.74 45.09 -9.22
CA UNK F 178 -44.82 45.35 -10.65
C UNK F 178 -44.79 44.04 -11.44
N UNK F 179 -43.94 43.12 -11.01
CA UNK F 179 -43.86 41.81 -11.68
C UNK F 179 -45.19 41.09 -11.56
N UNK F 180 -45.80 41.17 -10.38
CA UNK F 180 -47.08 40.52 -10.16
C UNK F 180 -48.21 41.15 -10.98
N UNK F 181 -48.16 42.47 -11.14
CA UNK F 181 -49.16 43.16 -11.94
C UNK F 181 -49.07 42.72 -13.41
N UNK F 182 -47.84 42.68 -13.93
CA UNK F 182 -47.65 42.17 -15.29
C UNK F 182 -48.09 40.72 -15.38
N UNK F 183 -47.95 39.99 -14.28
CA UNK F 183 -48.39 38.59 -14.23
C UNK F 183 -49.90 38.49 -14.36
N UNK F 184 -50.64 39.34 -13.65
CA UNK F 184 -52.09 39.38 -13.75
C UNK F 184 -52.54 39.74 -15.16
N UNK F 185 -51.94 40.78 -15.73
CA UNK F 185 -52.26 41.17 -17.11
C UNK F 185 -52.04 39.99 -18.06
N UNK F 186 -50.93 39.29 -17.83
CA UNK F 186 -50.60 38.11 -18.60
C UNK F 186 -51.67 37.04 -18.46
N UNK F 187 -52.16 36.84 -17.24
CA UNK F 187 -53.23 35.87 -17.00
C UNK F 187 -54.45 36.23 -17.84
N UNK F 188 -54.80 37.52 -17.82
CA UNK F 188 -55.97 37.99 -18.56
C UNK F 188 -55.84 37.71 -20.05
N UNK F 189 -54.77 38.20 -20.69
CA UNK F 189 -54.66 38.02 -22.14
C UNK F 189 -54.41 36.57 -22.58
N UNK F 190 -53.52 35.87 -21.86
CA UNK F 190 -53.24 34.46 -22.16
C UNK F 190 -54.51 33.64 -22.06
N UNK F 191 -55.29 33.88 -21.01
CA UNK F 191 -56.54 33.18 -20.84
C UNK F 191 -57.53 33.57 -21.93
N UNK F 192 -57.43 34.81 -22.38
CA UNK F 192 -58.34 35.33 -23.39
C UNK F 192 -58.03 34.82 -24.79
N UNK F 193 -56.82 34.30 -24.98
CA UNK F 193 -56.41 33.84 -26.31
C UNK F 193 -56.29 32.31 -26.42
N UNK F 194 -55.88 31.66 -25.34
CA UNK F 194 -55.69 30.21 -25.35
C UNK F 194 -56.96 29.45 -24.98
N UNK F 195 -57.66 29.94 -23.96
CA UNK F 195 -58.88 29.30 -23.50
C UNK F 195 -58.61 28.28 -22.40
N UNK F 196 -57.34 28.18 -22.02
CA UNK F 196 -56.94 27.28 -20.94
C UNK F 196 -56.24 28.07 -19.84
N UNK F 197 -55.97 27.41 -18.72
CA UNK F 197 -55.29 28.04 -17.61
C UNK F 197 -53.86 28.43 -17.95
N UNK F 198 -53.30 29.39 -17.20
CA UNK F 198 -51.93 29.86 -17.40
C UNK F 198 -50.88 28.81 -17.10
N UNK F 199 -51.15 27.92 -16.15
CA UNK F 199 -50.21 26.88 -15.79
C UNK F 199 -50.19 25.83 -16.88
N UNK F 200 -51.34 25.63 -17.52
CA UNK F 200 -51.43 24.72 -18.64
C UNK F 200 -50.66 25.28 -19.82
N UNK F 201 -50.71 26.60 -19.96
CA UNK F 201 -49.94 27.29 -20.98
C UNK F 201 -48.44 27.12 -20.72
N UNK F 202 -48.07 27.18 -19.45
CA UNK F 202 -46.68 26.99 -19.05
C UNK F 202 -46.21 25.58 -19.37
N UNK F 203 -47.04 24.59 -19.05
CA UNK F 203 -46.72 23.19 -19.33
C UNK F 203 -46.60 22.95 -20.83
N UNK F 204 -47.51 23.56 -21.59
CA UNK F 204 -47.52 23.38 -23.04
C UNK F 204 -46.31 24.06 -23.67
N UNK F 205 -45.84 25.13 -23.05
CA UNK F 205 -44.66 25.83 -23.55
C UNK F 205 -43.39 25.06 -23.23
N UNK F 206 -43.32 24.52 -22.01
CA UNK F 206 -42.17 23.72 -21.61
C UNK F 206 -42.07 22.46 -22.45
N UNK F 207 -43.22 21.85 -22.75
CA UNK F 207 -43.27 20.65 -23.58
C UNK F 207 -42.73 20.92 -24.97
N UNK F 208 -43.37 21.85 -25.69
CA UNK F 208 -42.95 22.19 -27.04
C UNK F 208 -42.91 23.70 -27.21
N UNK F 209 -41.74 24.31 -26.99
CA UNK F 209 -41.52 25.76 -27.09
C UNK F 209 -41.83 26.31 -28.49
N UNK F 210 -41.36 25.62 -29.52
CA UNK F 210 -41.52 26.09 -30.88
C UNK F 210 -42.96 26.07 -31.35
N UNK F 211 -43.65 24.95 -31.12
CA UNK F 211 -45.02 24.79 -31.58
C UNK F 211 -46.05 25.53 -30.73
N UNK F 212 -45.93 25.44 -29.41
CA UNK F 212 -46.84 26.12 -28.51
C UNK F 212 -46.36 27.54 -28.22
N UNK F 213 -46.88 28.50 -28.97
CA UNK F 213 -46.39 29.87 -28.90
C UNK F 213 -47.48 30.88 -29.23
N UNK F 214 -47.24 32.13 -28.88
CA UNK F 214 -48.18 33.21 -29.15
C UNK F 214 -48.42 33.39 -30.65
N UNK F 215 -47.39 33.16 -31.45
CA UNK F 215 -47.48 33.27 -32.89
C UNK F 215 -48.35 32.15 -33.46
N UNK F 216 -48.43 31.05 -32.74
CA UNK F 216 -49.20 29.89 -33.17
C UNK F 216 -50.68 29.99 -32.81
N UNK F 217 -50.96 30.22 -31.54
CA UNK F 217 -52.33 30.26 -31.04
C UNK F 217 -52.99 31.61 -31.29
N UNK F 218 -53.99 31.62 -32.18
CA UNK F 218 -54.76 32.85 -32.46
C UNK F 218 -56.24 32.65 -32.15
N UNK G 1 -87.11 62.23 42.50
CA UNK G 1 -87.86 61.39 41.58
C UNK G 1 -87.72 59.91 41.97
N UNK G 2 -88.74 59.09 41.67
CA UNK G 2 -88.66 57.66 41.97
C UNK G 2 -87.66 56.96 41.05
N UNK G 3 -86.94 55.98 41.60
CA UNK G 3 -85.93 55.24 40.84
C UNK G 3 -86.35 53.79 40.64
N UNK G 4 -85.92 53.19 39.54
CA UNK G 4 -86.31 51.83 39.22
C UNK G 4 -85.09 51.06 38.74
N UNK G 5 -84.54 50.21 39.61
CA UNK G 5 -83.31 49.48 39.35
C UNK G 5 -82.16 50.40 38.92
N UNK G 6 -81.75 51.29 39.82
CA UNK G 6 -80.69 52.25 39.50
C UNK G 6 -79.35 51.83 40.09
N UNK G 7 -78.31 52.56 39.69
CA UNK G 7 -76.96 52.29 40.19
C UNK G 7 -76.18 53.61 40.25
N UNK G 8 -74.98 53.57 40.83
CA UNK G 8 -74.14 54.75 40.94
C UNK G 8 -73.78 55.30 39.56
N UNK G 9 -73.41 54.38 38.67
CA UNK G 9 -73.09 54.74 37.29
C UNK G 9 -74.32 55.34 36.64
N UNK G 10 -75.44 54.63 36.71
CA UNK G 10 -76.70 55.07 36.17
C UNK G 10 -77.08 56.48 36.65
N UNK G 11 -77.12 56.66 37.96
CA UNK G 11 -77.50 57.94 38.55
C UNK G 11 -76.47 59.05 38.30
N UNK G 12 -75.27 58.67 37.89
CA UNK G 12 -74.24 59.67 37.61
C UNK G 12 -74.53 60.48 36.34
N UNK G 13 -75.21 59.88 35.36
CA UNK G 13 -75.55 60.58 34.13
C UNK G 13 -77.05 60.72 33.86
N UNK G 14 -77.86 59.91 34.54
CA UNK G 14 -79.31 60.04 34.43
C UNK G 14 -79.84 60.92 35.56
N UNK G 15 -80.19 62.15 35.22
CA UNK G 15 -80.57 63.15 36.23
C UNK G 15 -82.03 63.57 36.15
N UNK G 16 -82.87 62.74 35.56
CA UNK G 16 -84.29 63.03 35.45
C UNK G 16 -84.58 64.12 34.44
N UNK G 17 -83.65 64.34 33.53
CA UNK G 17 -83.80 65.37 32.50
C UNK G 17 -84.68 64.88 31.36
N UNK G 18 -84.54 63.60 31.02
CA UNK G 18 -85.31 62.99 29.95
C UNK G 18 -86.61 62.42 30.50
N UNK G 19 -87.68 62.49 29.71
CA UNK G 19 -88.97 61.94 30.14
C UNK G 19 -88.90 60.42 30.33
N UNK G 20 -89.37 59.94 31.48
CA UNK G 20 -89.33 58.52 31.78
C UNK G 20 -88.04 58.09 32.43
N UNK G 21 -87.31 59.05 32.99
CA UNK G 21 -86.04 58.76 33.65
C UNK G 21 -86.26 58.17 35.04
N UNK G 22 -86.10 56.86 35.14
CA UNK G 22 -86.17 56.18 36.43
C UNK G 22 -84.78 55.67 36.82
N UNK G 23 -83.76 56.20 36.16
CA UNK G 23 -82.39 55.82 36.44
C UNK G 23 -82.09 54.38 36.09
N UNK G 24 -82.83 53.83 35.12
CA UNK G 24 -82.64 52.45 34.73
C UNK G 24 -81.68 52.30 33.55
N UNK G 25 -80.47 51.85 33.85
CA UNK G 25 -79.48 51.53 32.83
C UNK G 25 -78.39 50.66 33.43
N UNK G 26 -78.75 49.43 33.83
CA UNK G 26 -77.82 48.54 34.54
C UNK G 26 -76.64 48.07 33.68
N UNK G 27 -76.61 48.43 32.40
CA UNK G 27 -75.47 48.11 31.54
C UNK G 27 -74.66 49.35 31.18
N UNK G 28 -75.31 50.51 31.25
CA UNK G 28 -74.62 51.77 31.04
C UNK G 28 -74.55 52.22 29.60
N UNK G 29 -75.55 51.84 28.81
CA UNK G 29 -75.56 52.17 27.37
C UNK G 29 -75.55 53.66 27.11
N UNK G 30 -76.13 54.44 28.02
CA UNK G 30 -76.28 55.86 27.81
C UNK G 30 -75.17 56.67 28.48
N UNK G 31 -74.17 55.97 29.00
CA UNK G 31 -73.01 56.60 29.63
C UNK G 31 -72.29 57.51 28.64
N UNK G 32 -72.17 58.80 28.97
CA UNK G 32 -71.59 59.82 28.09
C UNK G 32 -70.08 59.64 27.88
N UNK G 33 -69.48 58.72 28.61
CA UNK G 33 -68.05 58.46 28.48
C UNK G 33 -67.76 57.55 27.29
N UNK G 34 -66.94 58.05 26.37
CA UNK G 34 -66.53 57.26 25.21
C UNK G 34 -67.66 56.98 24.25
N UNK G 35 -68.37 58.04 23.85
CA UNK G 35 -69.50 57.89 22.94
C UNK G 35 -69.05 57.96 21.48
N UNK G 36 -69.80 57.28 20.61
CA UNK G 36 -69.52 57.27 19.19
C UNK G 36 -70.47 56.36 18.44
N UNK G 37 -70.55 56.54 17.14
CA UNK G 37 -71.44 55.75 16.30
C UNK G 37 -72.89 55.86 16.71
N UNK G 38 -73.46 54.77 17.21
CA UNK G 38 -74.87 54.74 17.61
C UNK G 38 -75.05 54.59 19.12
N UNK G 39 -73.95 54.36 19.83
CA UNK G 39 -73.99 54.33 21.29
C UNK G 39 -73.75 55.74 21.82
N UNK G 40 -74.80 56.56 21.77
CA UNK G 40 -74.75 57.95 22.20
C UNK G 40 -76.08 58.30 22.87
N UNK G 41 -76.03 59.01 24.00
CA UNK G 41 -77.21 59.37 24.79
C UNK G 41 -78.37 59.96 23.97
N UNK G 42 -78.09 61.00 23.18
CA UNK G 42 -79.13 61.67 22.40
C UNK G 42 -79.76 60.72 21.38
N UNK G 43 -78.91 60.00 20.66
CA UNK G 43 -79.38 59.05 19.66
C UNK G 43 -80.16 57.91 20.27
N UNK G 44 -79.73 57.45 21.45
CA UNK G 44 -80.44 56.38 22.15
C UNK G 44 -81.81 56.86 22.63
N UNK G 45 -81.90 58.13 23.02
CA UNK G 45 -83.17 58.70 23.43
C UNK G 45 -84.13 58.76 22.24
N UNK G 46 -83.63 59.33 21.14
CA UNK G 46 -84.38 59.43 19.91
C UNK G 46 -84.86 58.06 19.46
N UNK G 47 -83.97 57.08 19.52
CA UNK G 47 -84.27 55.72 19.12
C UNK G 47 -85.36 55.10 19.97
N UNK G 48 -85.31 55.37 21.27
CA UNK G 48 -86.34 54.87 22.17
C UNK G 48 -87.68 55.47 21.78
N UNK G 49 -87.66 56.76 21.47
CA UNK G 49 -88.89 57.44 21.07
C UNK G 49 -89.48 56.85 19.79
N UNK G 50 -88.65 56.64 18.78
CA UNK G 50 -89.11 56.08 17.51
C UNK G 50 -89.61 54.65 17.61
N UNK G 51 -88.80 53.76 18.20
CA UNK G 51 -89.23 52.38 18.43
C UNK G 51 -90.52 52.36 19.24
N UNK G 52 -90.66 53.32 20.14
CA UNK G 52 -91.86 53.43 20.97
C UNK G 52 -93.11 53.83 20.22
N UNK G 53 -92.99 54.83 19.35
CA UNK G 53 -94.12 55.29 18.55
C UNK G 53 -94.56 54.17 17.60
N UNK G 54 -93.59 53.61 16.88
CA UNK G 54 -93.89 52.55 15.93
C UNK G 54 -94.50 51.33 16.62
N UNK G 55 -94.00 50.99 17.81
CA UNK G 55 -94.55 49.87 18.55
C UNK G 55 -95.94 50.20 19.08
N UNK G 56 -96.21 51.46 19.34
CA UNK G 56 -97.56 51.88 19.72
C UNK G 56 -98.53 51.68 18.57
N UNK G 57 -98.09 52.00 17.36
CA UNK G 57 -98.93 51.76 16.19
C UNK G 57 -99.13 50.26 15.93
N UNK G 58 -98.06 49.49 16.08
CA UNK G 58 -98.07 48.07 15.77
C UNK G 58 -98.80 47.21 16.78
N UNK G 59 -98.74 47.60 18.06
CA UNK G 59 -99.41 46.84 19.11
C UNK G 59 -100.92 46.86 18.92
N UNK G 60 -101.42 47.95 18.35
CA UNK G 60 -102.83 48.05 18.01
C UNK G 60 -103.08 47.34 16.69
N UNK G 61 -102.26 47.63 15.69
CA UNK G 61 -102.44 47.06 14.37
C UNK G 61 -102.39 45.55 14.29
N UNK G 62 -101.73 44.93 15.27
CA UNK G 62 -101.56 43.48 15.29
C UNK G 62 -102.73 42.77 15.96
N UNK G 63 -103.54 43.55 16.68
CA UNK G 63 -104.62 42.98 17.48
C UNK G 63 -106.00 43.39 16.94
N UNK G 64 -106.04 44.49 16.20
CA UNK G 64 -107.31 45.05 15.73
C UNK G 64 -108.09 44.14 14.76
N UNK G 65 -107.44 43.60 13.71
CA UNK G 65 -108.21 42.73 12.81
C UNK G 65 -108.70 41.45 13.50
N UNK G 66 -107.91 40.94 14.44
CA UNK G 66 -108.30 39.74 15.18
C UNK G 66 -109.49 40.02 16.09
N UNK G 67 -109.49 41.21 16.70
CA UNK G 67 -110.59 41.64 17.56
C UNK G 67 -111.86 41.94 16.77
N UNK G 68 -111.73 42.84 15.80
CA UNK G 68 -112.87 43.27 14.98
C UNK G 68 -113.46 42.12 14.19
N UNK G 69 -112.65 41.10 13.94
CA UNK G 69 -113.13 39.90 13.26
C UNK G 69 -113.85 38.97 14.21
N UNK G 70 -113.42 38.95 15.46
CA UNK G 70 -114.05 38.11 16.48
C UNK G 70 -115.38 38.74 16.92
N UNK G 71 -115.55 40.02 16.63
CA UNK G 71 -116.80 40.71 16.92
C UNK G 71 -117.74 40.59 15.72
N UNK G 72 -117.31 41.15 14.59
CA UNK G 72 -118.09 41.06 13.37
C UNK G 72 -118.19 42.35 12.59
N UNK G 73 -117.40 43.34 12.97
CA UNK G 73 -117.42 44.63 12.28
C UNK G 73 -116.70 44.59 10.95
N UNK G 74 -115.88 43.54 10.75
CA UNK G 74 -115.15 43.35 9.51
C UNK G 74 -115.32 41.92 9.01
N UNK G 75 -115.23 41.72 7.68
CA UNK G 75 -115.37 40.38 7.09
C UNK G 75 -114.31 39.39 7.59
N UNK G 76 -114.63 38.10 7.54
CA UNK G 76 -113.74 37.06 8.06
C UNK G 76 -112.49 36.86 7.22
N UNK G 77 -112.53 37.31 5.97
CA UNK G 77 -111.39 37.19 5.08
C UNK G 77 -110.26 38.10 5.52
N UNK G 78 -110.61 39.24 6.10
CA UNK G 78 -109.62 40.20 6.61
C UNK G 78 -109.48 40.09 8.12
N UNK G 79 -110.08 39.05 8.70
CA UNK G 79 -110.03 38.83 10.13
C UNK G 79 -108.87 37.91 10.48
N UNK G 80 -107.73 38.14 9.82
CA UNK G 80 -106.56 37.28 9.97
C UNK G 80 -105.70 37.68 11.16
N UNK G 81 -104.93 36.73 11.68
CA UNK G 81 -103.94 37.01 12.70
C UNK G 81 -102.82 37.87 12.12
N UNK G 82 -102.06 38.53 12.98
CA UNK G 82 -101.03 39.46 12.51
C UNK G 82 -99.94 38.80 11.69
N UNK G 83 -99.71 37.51 11.93
CA UNK G 83 -98.69 36.77 11.19
C UNK G 83 -99.26 36.03 9.97
N UNK G 84 -100.58 36.10 9.80
CA UNK G 84 -101.25 35.44 8.69
C UNK G 84 -101.57 36.40 7.55
N UNK G 85 -101.19 37.66 7.72
CA UNK G 85 -101.50 38.69 6.75
C UNK G 85 -100.62 38.63 5.50
N UNK G 86 -99.54 37.85 5.58
CA UNK G 86 -98.62 37.74 4.47
C UNK G 86 -97.23 38.24 4.84
N UNK G 87 -97.08 38.70 6.08
CA UNK G 87 -95.81 39.17 6.60
C UNK G 87 -94.81 38.02 6.71
N UNK G 88 -95.35 36.82 6.98
CA UNK G 88 -94.59 35.58 7.00
C UNK G 88 -95.35 34.54 6.17
N UNK G 89 -95.10 34.50 4.85
CA UNK G 89 -95.79 33.65 3.87
C UNK G 89 -95.99 32.17 4.25
N UNK G 90 -94.99 31.48 4.84
CA UNK G 90 -95.29 30.09 5.17
C UNK G 90 -96.24 29.95 6.36
N UNK G 91 -96.59 31.07 7.00
CA UNK G 91 -97.52 31.06 8.12
C UNK G 91 -98.90 31.56 7.69
N UNK G 92 -98.98 32.09 6.48
CA UNK G 92 -100.23 32.59 5.95
C UNK G 92 -100.02 33.68 4.92
N UNK G 93 -100.82 33.65 3.85
CA UNK G 93 -100.77 34.67 2.82
C UNK G 93 -102.15 35.20 2.52
N UNK G 94 -102.22 36.45 2.08
CA UNK G 94 -103.49 37.04 1.66
C UNK G 94 -103.28 37.80 0.35
N UNK G 95 -104.23 37.65 -0.57
CA UNK G 95 -104.11 38.28 -1.88
C UNK G 95 -104.65 39.70 -1.91
N UNK G 96 -103.75 40.67 -1.79
CA UNK G 96 -104.13 42.08 -1.84
C UNK G 96 -104.16 42.58 -3.29
N UNK G 97 -104.29 43.89 -3.44
CA UNK G 97 -104.36 44.51 -4.75
C UNK G 97 -103.04 44.38 -5.51
N UNK G 98 -101.96 44.19 -4.77
CA UNK G 98 -100.64 44.05 -5.37
C UNK G 98 -99.86 42.87 -4.79
N UNK G 99 -98.75 42.54 -5.42
CA UNK G 99 -97.87 41.49 -4.94
C UNK G 99 -97.16 41.96 -3.67
N UNK G 100 -96.89 41.02 -2.76
CA UNK G 100 -96.24 41.34 -1.50
C UNK G 100 -94.88 42.04 -1.64
N UNK G 101 -94.09 41.60 -2.62
CA UNK G 101 -92.78 42.20 -2.85
C UNK G 101 -92.92 43.55 -3.53
N UNK G 102 -93.95 43.68 -4.36
CA UNK G 102 -94.23 44.95 -5.02
C UNK G 102 -94.69 45.96 -3.97
N UNK G 103 -95.58 45.50 -3.10
CA UNK G 103 -96.05 46.30 -1.98
C UNK G 103 -94.88 46.71 -1.09
N UNK G 104 -93.91 45.81 -0.96
CA UNK G 104 -92.71 46.09 -0.19
C UNK G 104 -91.87 47.19 -0.83
N UNK G 105 -91.76 47.15 -2.15
CA UNK G 105 -91.04 48.18 -2.88
C UNK G 105 -91.72 49.54 -2.72
N UNK G 106 -93.06 49.54 -2.81
CA UNK G 106 -93.86 50.75 -2.61
C UNK G 106 -93.60 51.32 -1.21
N UNK G 107 -93.65 50.42 -0.24
CA UNK G 107 -93.43 50.75 1.17
C UNK G 107 -92.08 51.43 1.37
N UNK G 108 -91.03 50.80 0.85
CA UNK G 108 -89.69 51.34 0.96
C UNK G 108 -89.54 52.66 0.20
N UNK G 109 -90.35 52.82 -0.83
CA UNK G 109 -90.34 54.05 -1.63
C UNK G 109 -90.86 55.24 -0.84
N UNK G 110 -92.00 55.06 -0.18
CA UNK G 110 -92.58 56.14 0.62
C UNK G 110 -91.79 56.39 1.91
N UNK G 111 -91.52 55.30 2.61
CA UNK G 111 -90.74 55.35 3.84
C UNK G 111 -89.36 55.93 3.58
N UNK G 112 -88.88 55.79 2.36
CA UNK G 112 -87.57 56.32 2.01
C UNK G 112 -87.51 57.82 2.17
N UNK G 113 -88.51 58.51 1.63
CA UNK G 113 -88.56 59.97 1.74
C UNK G 113 -88.83 60.34 3.18
N UNK G 114 -89.90 59.76 3.72
CA UNK G 114 -90.37 60.12 5.06
C UNK G 114 -89.28 59.95 6.13
N UNK G 115 -88.39 58.99 5.93
CA UNK G 115 -87.33 58.70 6.89
C UNK G 115 -86.03 59.45 6.60
N UNK G 116 -85.64 59.50 5.33
CA UNK G 116 -84.41 60.21 4.96
C UNK G 116 -84.50 61.68 5.36
N UNK G 117 -85.66 62.30 5.15
CA UNK G 117 -85.82 63.70 5.52
C UNK G 117 -85.75 63.87 7.04
N UNK G 118 -86.43 62.98 7.75
CA UNK G 118 -86.44 62.98 9.21
C UNK G 118 -85.03 62.87 9.78
N UNK G 119 -84.18 62.10 9.11
CA UNK G 119 -82.79 61.97 9.52
C UNK G 119 -82.06 63.26 9.23
N UNK G 120 -82.38 63.86 8.08
CA UNK G 120 -81.72 65.11 7.71
C UNK G 120 -82.06 66.24 8.69
N UNK G 121 -83.15 66.10 9.43
CA UNK G 121 -83.41 67.06 10.51
C UNK G 121 -82.59 66.76 11.76
N UNK G 122 -82.12 65.52 11.88
CA UNK G 122 -81.27 65.14 13.00
C UNK G 122 -79.83 65.58 12.73
N UNK G 123 -79.38 65.43 11.48
CA UNK G 123 -78.03 65.79 11.10
C UNK G 123 -77.87 67.31 10.95
N UNK G 124 -78.87 67.93 10.33
CA UNK G 124 -78.89 69.38 10.15
C UNK G 124 -80.31 69.91 10.36
N UNK G 125 -80.65 70.27 11.61
CA UNK G 125 -81.99 70.71 12.02
C UNK G 125 -82.57 71.82 11.14
N UNK G 126 -81.73 72.73 10.66
CA UNK G 126 -82.20 73.84 9.85
C UNK G 126 -82.72 73.44 8.49
N UNK G 127 -82.29 72.28 8.00
CA UNK G 127 -82.68 71.82 6.68
C UNK G 127 -84.13 71.35 6.61
N UNK G 128 -84.51 70.78 5.48
CA UNK G 128 -85.87 70.33 5.20
C UNK G 128 -86.86 71.49 5.25
N UNK G 129 -86.34 72.69 5.03
CA UNK G 129 -87.16 73.89 4.97
C UNK G 129 -86.65 74.82 3.89
N UNK G 130 -85.38 74.64 3.53
CA UNK G 130 -84.73 75.47 2.53
C UNK G 130 -85.00 74.95 1.12
N UNK G 131 -84.78 73.65 0.92
CA UNK G 131 -84.99 73.01 -0.36
C UNK G 131 -86.48 72.93 -0.70
N UNK G 132 -86.82 73.18 -1.96
CA UNK G 132 -88.21 73.14 -2.39
C UNK G 132 -88.78 71.72 -2.28
N UNK G 133 -90.08 71.63 -2.01
CA UNK G 133 -90.76 70.35 -1.86
C UNK G 133 -92.27 70.54 -1.93
N UNK G 134 -92.75 71.03 -3.07
CA UNK G 134 -94.17 71.32 -3.27
C UNK G 134 -94.73 72.30 -2.25
N UNK G 135 -93.86 73.12 -1.67
CA UNK G 135 -94.28 74.08 -0.65
C UNK G 135 -94.55 73.44 0.70
N UNK G 136 -94.11 72.19 0.86
CA UNK G 136 -94.32 71.47 2.11
C UNK G 136 -93.17 71.73 3.09
N UNK G 137 -92.09 72.31 2.59
CA UNK G 137 -90.90 72.56 3.40
C UNK G 137 -91.15 73.57 4.51
N UNK G 138 -92.22 74.35 4.37
CA UNK G 138 -92.59 75.33 5.39
C UNK G 138 -93.01 74.68 6.70
N UNK G 139 -93.69 73.54 6.62
CA UNK G 139 -94.15 72.84 7.81
C UNK G 139 -93.22 71.74 8.24
N UNK G 140 -92.10 71.61 7.52
CA UNK G 140 -91.10 70.59 7.81
C UNK G 140 -89.83 71.21 8.36
N UNK G 141 -89.98 72.32 9.07
CA UNK G 141 -88.84 73.08 9.56
C UNK G 141 -88.23 72.56 10.85
N UNK G 142 -88.93 71.66 11.52
CA UNK G 142 -88.47 71.15 12.79
C UNK G 142 -88.71 72.14 13.92
N UNK G 143 -88.02 71.95 15.04
CA UNK G 143 -88.24 72.81 16.20
C UNK G 143 -86.99 72.94 17.05
N UNK G 144 -85.86 72.46 16.53
CA UNK G 144 -84.62 72.46 17.28
C UNK G 144 -84.47 71.15 18.04
N UNK G 145 -85.61 70.52 18.31
CA UNK G 145 -85.63 69.19 18.90
C UNK G 145 -85.98 68.17 17.82
N UNK G 146 -85.05 67.25 17.52
CA UNK G 146 -85.23 66.26 16.45
C UNK G 146 -86.42 65.33 16.68
N UNK G 147 -86.56 64.81 17.89
CA UNK G 147 -87.63 63.86 18.19
C UNK G 147 -89.02 64.52 18.19
N UNK G 148 -89.05 65.80 18.50
CA UNK G 148 -90.31 66.52 18.63
C UNK G 148 -90.38 67.73 17.69
N UNK G 149 -90.70 67.49 16.42
CA UNK G 149 -90.74 68.55 15.39
C UNK G 149 -91.93 69.50 15.51
N UNK G 150 -93.12 68.95 15.71
CA UNK G 150 -94.33 69.76 15.79
C UNK G 150 -94.68 70.42 14.47
N UNK G 151 -95.16 71.66 14.53
CA UNK G 151 -95.54 72.38 13.33
C UNK G 151 -96.96 72.08 12.90
N UNK G 152 -97.34 72.55 11.70
CA UNK G 152 -98.70 72.37 11.17
C UNK G 152 -98.98 70.94 10.72
N UNK G 153 -97.93 70.23 10.31
CA UNK G 153 -98.07 68.87 9.79
C UNK G 153 -98.12 67.82 10.89
N UNK G 154 -97.23 67.96 11.87
CA UNK G 154 -97.10 66.96 12.93
C UNK G 154 -97.81 67.33 14.23
N UNK G 155 -98.23 68.60 14.33
CA UNK G 155 -99.00 69.03 15.50
C UNK G 155 -100.01 70.11 15.17
N UNK G 156 -101.07 69.76 14.41
CA UNK G 156 -102.08 70.74 14.01
C UNK G 156 -103.04 71.10 15.15
N UNK G 157 -103.11 70.26 16.18
CA UNK G 157 -104.03 70.48 17.28
C UNK G 157 -103.41 71.29 18.41
N UNK G 158 -102.22 71.81 18.17
CA UNK G 158 -101.53 72.70 19.11
C UNK G 158 -101.40 72.19 20.53
N UNK G 159 -101.10 70.91 20.69
CA UNK G 159 -100.88 70.33 22.01
C UNK G 159 -99.56 70.82 22.60
N UNK G 160 -99.42 70.68 23.92
CA UNK G 160 -98.22 71.08 24.62
C UNK G 160 -97.90 72.55 24.46
N UNK G 161 -98.91 73.40 24.63
CA UNK G 161 -98.72 74.85 24.52
C UNK G 161 -97.85 75.39 25.65
N UNK G 162 -97.97 74.80 26.83
CA UNK G 162 -97.18 75.20 27.99
C UNK G 162 -96.21 74.11 28.43
N UNK G 163 -95.28 74.47 29.31
CA UNK G 163 -94.19 73.57 29.71
C UNK G 163 -94.67 72.40 30.56
N UNK G 164 -95.46 72.71 31.58
CA UNK G 164 -95.92 71.71 32.55
C UNK G 164 -96.81 70.66 31.88
N UNK G 165 -97.39 71.02 30.74
CA UNK G 165 -98.23 70.11 29.99
C UNK G 165 -97.38 69.30 29.03
N UNK G 166 -96.44 69.98 28.38
CA UNK G 166 -95.55 69.35 27.41
C UNK G 166 -94.71 68.24 28.02
N UNK G 167 -94.07 68.52 29.16
CA UNK G 167 -93.23 67.50 29.81
C UNK G 167 -94.07 66.32 30.28
N UNK G 168 -95.32 66.60 30.65
CA UNK G 168 -96.23 65.58 31.16
C UNK G 168 -96.64 64.67 30.02
N UNK G 169 -96.87 65.27 28.85
CA UNK G 169 -97.30 64.51 27.69
C UNK G 169 -96.13 63.71 27.12
N UNK G 170 -94.92 64.25 27.24
CA UNK G 170 -93.73 63.51 26.84
C UNK G 170 -93.58 62.28 27.73
N UNK G 171 -93.79 62.47 29.02
CA UNK G 171 -93.70 61.38 29.98
C UNK G 171 -94.70 60.28 29.62
N UNK G 172 -95.94 60.68 29.39
CA UNK G 172 -96.99 59.73 29.04
C UNK G 172 -96.66 58.99 27.74
N UNK G 173 -96.09 59.73 26.79
CA UNK G 173 -95.71 59.17 25.50
C UNK G 173 -94.65 58.07 25.67
N UNK G 174 -93.64 58.36 26.50
CA UNK G 174 -92.58 57.40 26.74
C UNK G 174 -93.11 56.14 27.43
N UNK G 175 -93.97 56.33 28.43
CA UNK G 175 -94.54 55.18 29.14
C UNK G 175 -95.37 54.29 28.21
N UNK G 176 -96.25 54.93 27.43
CA UNK G 176 -97.08 54.21 26.48
C UNK G 176 -96.25 53.48 25.44
N UNK G 177 -95.13 54.10 25.05
CA UNK G 177 -94.23 53.51 24.08
C UNK G 177 -93.55 52.28 24.62
N UNK G 178 -93.11 52.33 25.88
CA UNK G 178 -92.44 51.18 26.48
C UNK G 178 -93.42 50.03 26.66
N UNK G 179 -94.63 50.35 27.10
CA UNK G 179 -95.65 49.33 27.28
C UNK G 179 -95.99 48.67 25.94
N UNK G 180 -96.06 49.48 24.89
CA UNK G 180 -96.36 48.96 23.57
C UNK G 180 -95.23 48.10 23.01
N UNK G 181 -93.98 48.47 23.32
CA UNK G 181 -92.84 47.68 22.89
C UNK G 181 -92.85 46.31 23.55
N UNK G 182 -93.10 46.29 24.86
CA UNK G 182 -93.23 45.01 25.55
C UNK G 182 -94.41 44.22 25.00
N UNK G 183 -95.43 44.94 24.54
CA UNK G 183 -96.59 44.30 23.93
C UNK G 183 -96.22 43.59 22.63
N UNK G 184 -95.43 44.26 21.79
CA UNK G 184 -94.95 43.65 20.54
C UNK G 184 -94.10 42.41 20.82
N UNK G 185 -93.16 42.54 21.75
CA UNK G 185 -92.32 41.41 22.12
C UNK G 185 -93.19 40.23 22.57
N UNK G 186 -94.22 40.57 23.35
CA UNK G 186 -95.18 39.58 23.82
C UNK G 186 -95.89 38.92 22.66
N UNK G 187 -96.29 39.70 21.66
CA UNK G 187 -96.93 39.14 20.47
C UNK G 187 -96.00 38.13 19.81
N UNK G 188 -94.74 38.50 19.67
CA UNK G 188 -93.77 37.63 19.03
C UNK G 188 -93.64 36.29 19.76
N UNK G 189 -93.31 36.32 21.05
CA UNK G 189 -93.09 35.07 21.76
C UNK G 189 -94.37 34.24 21.97
N UNK G 190 -95.47 34.90 22.35
CA UNK G 190 -96.75 34.22 22.53
C UNK G 190 -97.18 33.54 21.24
N UNK G 191 -97.03 34.24 20.12
CA UNK G 191 -97.36 33.66 18.83
C UNK G 191 -96.41 32.53 18.50
N UNK G 192 -95.17 32.65 18.96
CA UNK G 192 -94.16 31.65 18.66
C UNK G 192 -94.31 30.38 19.48
N UNK G 193 -95.08 30.45 20.58
CA UNK G 193 -95.25 29.29 21.45
C UNK G 193 -96.66 28.66 21.39
N UNK G 194 -97.67 29.50 21.19
CA UNK G 194 -99.05 29.02 21.16
C UNK G 194 -99.49 28.58 19.76
N UNK G 195 -99.13 29.38 18.76
CA UNK G 195 -99.50 29.09 17.38
C UNK G 195 -100.81 29.74 17.01
N UNK G 196 -101.38 30.50 17.94
CA UNK G 196 -102.63 31.21 17.70
C UNK G 196 -102.41 32.70 17.94
N UNK G 197 -103.41 33.51 17.60
CA UNK G 197 -103.34 34.94 17.81
C UNK G 197 -103.29 35.33 19.27
N UNK G 198 -102.79 36.53 19.58
CA UNK G 198 -102.68 37.03 20.95
C UNK G 198 -104.03 37.27 21.60
N UNK G 199 -105.03 37.65 20.81
CA UNK G 199 -106.37 37.90 21.34
C UNK G 199 -107.01 36.58 21.69
N UNK G 200 -106.70 35.55 20.93
CA UNK G 200 -107.19 34.21 21.20
C UNK G 200 -106.56 33.70 22.49
N UNK G 201 -105.30 34.07 22.70
CA UNK G 201 -104.60 33.73 23.93
C UNK G 201 -105.26 34.43 25.11
N UNK G 202 -105.67 35.67 24.90
CA UNK G 202 -106.35 36.44 25.93
C UNK G 202 -107.69 35.80 26.28
N UNK G 203 -108.44 35.41 25.27
CA UNK G 203 -109.74 34.77 25.48
C UNK G 203 -109.57 33.43 26.20
N UNK G 204 -108.54 32.69 25.82
CA UNK G 204 -108.29 31.38 26.41
C UNK G 204 -107.84 31.53 27.86
N UNK G 205 -107.16 32.63 28.17
CA UNK G 205 -106.72 32.90 29.54
C UNK G 205 -107.88 33.35 30.41
N UNK G 206 -108.73 34.21 29.86
CA UNK G 206 -109.91 34.68 30.58
C UNK G 206 -110.86 33.51 30.87
N UNK G 207 -110.99 32.62 29.89
CA UNK G 207 -111.85 31.45 30.05
C UNK G 207 -111.36 30.55 31.18
N UNK G 208 -110.14 30.05 31.05
CA UNK G 208 -109.55 29.18 32.07
C UNK G 208 -108.13 29.63 32.39
N UNK G 209 -107.98 30.46 33.42
CA UNK G 209 -106.68 31.00 33.86
C UNK G 209 -105.70 29.91 34.28
N UNK G 210 -106.17 28.94 35.06
CA UNK G 210 -105.30 27.89 35.59
C UNK G 210 -104.78 26.95 34.50
N UNK G 211 -105.68 26.49 33.64
CA UNK G 211 -105.30 25.54 32.59
C UNK G 211 -104.57 26.16 31.40
N UNK G 212 -105.07 27.30 30.93
CA UNK G 212 -104.43 27.99 29.82
C UNK G 212 -103.35 28.95 30.32
N UNK G 213 -102.11 28.48 30.33
CA UNK G 213 -101.02 29.23 30.92
C UNK G 213 -99.69 28.93 30.25
N UNK G 214 -98.71 29.80 30.48
CA UNK G 214 -97.37 29.63 29.91
C UNK G 214 -96.71 28.32 30.38
N UNK G 215 -97.01 27.94 31.63
CA UNK G 215 -96.46 26.72 32.19
C UNK G 215 -97.07 25.49 31.51
N UNK G 216 -98.26 25.67 30.96
CA UNK G 216 -98.99 24.58 30.31
C UNK G 216 -98.57 24.38 28.85
N UNK G 217 -98.64 25.46 28.07
CA UNK G 217 -98.36 25.40 26.65
C UNK G 217 -96.85 25.46 26.36
N UNK G 218 -96.31 24.35 25.86
CA UNK G 218 -94.90 24.29 25.49
C UNK G 218 -94.73 23.93 24.01
N UNK H 1 68.07 10.34 -39.83
CA UNK H 1 67.34 9.48 -40.75
C UNK H 1 68.03 8.14 -40.91
N UNK H 2 67.57 7.14 -40.15
CA UNK H 2 68.10 5.79 -40.22
C UNK H 2 67.14 4.81 -40.87
N UNK H 3 66.01 5.29 -41.40
CA UNK H 3 65.03 4.42 -42.00
C UNK H 3 63.93 4.03 -41.03
N UNK H 4 62.68 4.15 -41.47
CA UNK H 4 61.52 3.95 -40.62
C UNK H 4 60.64 2.84 -41.18
N UNK H 5 60.45 1.78 -40.41
CA UNK H 5 59.50 0.75 -40.83
C UNK H 5 58.09 1.30 -40.82
N UNK H 6 57.75 2.17 -39.89
CA UNK H 6 56.51 2.93 -39.99
C UNK H 6 56.88 4.40 -40.11
N UNK H 7 56.65 5.02 -41.27
CA UNK H 7 57.11 6.40 -41.47
C UNK H 7 56.73 7.39 -40.38
N UNK H 8 55.45 7.48 -40.03
CA UNK H 8 55.05 8.43 -39.00
C UNK H 8 55.66 8.10 -37.64
N UNK H 9 55.75 6.82 -37.32
CA UNK H 9 56.12 6.39 -35.98
C UNK H 9 57.58 6.68 -35.68
N UNK H 10 57.85 7.11 -34.45
CA UNK H 10 59.20 7.39 -34.00
C UNK H 10 59.92 6.10 -33.63
N UNK H 11 61.23 6.20 -33.54
CA UNK H 11 62.03 5.04 -33.17
C UNK H 11 62.03 4.86 -31.65
N UNK H 12 62.09 3.61 -31.18
CA UNK H 12 62.40 3.38 -29.77
C UNK H 12 63.76 3.98 -29.43
N UNK H 13 63.85 4.59 -28.25
CA UNK H 13 65.08 5.26 -27.87
C UNK H 13 66.27 4.33 -27.82
N UNK H 14 66.05 3.06 -27.46
CA UNK H 14 67.15 2.11 -27.30
C UNK H 14 67.73 1.63 -28.61
N UNK H 15 67.08 1.91 -29.75
CA UNK H 15 67.65 1.61 -31.06
C UNK H 15 68.43 2.84 -31.50
N UNK H 16 69.73 2.83 -31.21
CA UNK H 16 70.58 4.00 -31.43
C UNK H 16 70.65 4.38 -32.90
N UNK H 17 70.72 3.38 -33.78
CA UNK H 17 71.09 3.59 -35.16
C UNK H 17 72.48 3.08 -35.48
N UNK H 18 73.20 2.57 -34.48
CA UNK H 18 74.51 1.97 -34.68
C UNK H 18 74.43 0.51 -35.09
N UNK H 19 73.29 -0.12 -34.94
CA UNK H 19 73.16 -1.50 -35.38
C UNK H 19 72.80 -1.57 -36.86
N UNK H 20 73.41 -2.47 -37.62
CA UNK H 20 72.96 -2.70 -38.99
C UNK H 20 71.53 -3.23 -39.01
N UNK H 21 70.78 -2.83 -40.03
CA UNK H 21 69.39 -3.25 -40.13
C UNK H 21 68.46 -2.56 -39.16
N UNK H 22 68.90 -1.49 -38.52
CA UNK H 22 68.07 -0.74 -37.56
C UNK H 22 67.10 0.13 -38.34
N UNK H 23 65.85 -0.33 -38.46
CA UNK H 23 64.77 0.47 -39.00
C UNK H 23 63.79 0.91 -37.92
N UNK H 24 64.22 0.86 -36.66
CA UNK H 24 63.39 1.32 -35.55
C UNK H 24 62.25 0.40 -35.21
N UNK H 25 62.42 -0.90 -35.39
CA UNK H 25 61.33 -1.87 -35.33
C UNK H 25 61.51 -2.78 -34.12
N UNK H 26 60.78 -2.46 -33.04
CA UNK H 26 60.65 -3.33 -31.88
C UNK H 26 59.35 -3.00 -31.16
N UNK H 27 58.19 -3.18 -31.81
CA UNK H 27 56.93 -2.70 -31.23
C UNK H 27 56.56 -3.37 -29.93
N UNK H 28 57.03 -4.58 -29.66
CA UNK H 28 56.71 -5.27 -28.41
C UNK H 28 57.82 -5.12 -27.37
N UNK H 29 58.77 -4.22 -27.61
CA UNK H 29 59.80 -3.90 -26.64
C UNK H 29 60.64 -5.07 -26.17
N UNK H 30 60.95 -6.00 -27.08
CA UNK H 30 61.76 -7.15 -26.69
C UNK H 30 63.21 -6.77 -26.45
N UNK H 31 63.71 -5.76 -27.16
CA UNK H 31 65.11 -5.36 -27.09
C UNK H 31 65.33 -4.12 -26.23
N UNK H 32 64.35 -3.74 -25.41
CA UNK H 32 64.51 -2.57 -24.55
C UNK H 32 65.69 -2.75 -23.60
N UNK H 33 65.85 -3.94 -23.04
CA UNK H 33 67.04 -4.24 -22.22
C UNK H 33 68.23 -4.55 -23.13
N UNK H 34 69.38 -3.94 -22.89
CA UNK H 34 70.49 -4.08 -23.85
C UNK H 34 71.02 -5.49 -23.99
N UNK H 35 71.07 -6.28 -22.91
CA UNK H 35 71.52 -7.65 -23.02
C UNK H 35 70.59 -8.45 -23.93
N UNK H 36 69.29 -8.24 -23.79
CA UNK H 36 68.34 -8.81 -24.74
C UNK H 36 68.68 -8.39 -26.16
N UNK H 37 69.07 -7.13 -26.35
CA UNK H 37 69.36 -6.64 -27.69
C UNK H 37 70.58 -7.35 -28.28
N UNK H 38 71.65 -7.51 -27.49
CA UNK H 38 72.81 -8.29 -27.96
C UNK H 38 72.39 -9.70 -28.36
N UNK H 39 71.76 -10.41 -27.42
CA UNK H 39 71.38 -11.80 -27.66
C UNK H 39 70.52 -11.92 -28.91
N UNK H 40 69.58 -11.01 -29.09
CA UNK H 40 68.71 -11.06 -30.26
C UNK H 40 69.43 -10.65 -31.53
N UNK H 41 70.50 -9.87 -31.44
CA UNK H 41 71.31 -9.59 -32.63
C UNK H 41 71.98 -10.87 -33.11
N UNK H 42 72.59 -11.62 -32.18
CA UNK H 42 73.16 -12.90 -32.57
C UNK H 42 72.08 -13.86 -33.08
N UNK H 43 70.91 -13.85 -32.43
CA UNK H 43 69.83 -14.75 -32.82
C UNK H 43 69.33 -14.43 -34.23
N UNK H 44 69.18 -13.14 -34.54
CA UNK H 44 68.77 -12.75 -35.88
C UNK H 44 69.84 -13.12 -36.91
N UNK H 45 71.11 -12.98 -36.53
CA UNK H 45 72.18 -13.38 -37.44
C UNK H 45 72.09 -14.86 -37.80
N UNK H 46 71.95 -15.73 -36.79
CA UNK H 46 72.03 -17.16 -37.04
C UNK H 46 70.75 -17.67 -37.70
N UNK H 47 69.58 -17.23 -37.21
CA UNK H 47 68.33 -17.58 -37.88
C UNK H 47 68.32 -17.10 -39.32
N UNK H 48 68.82 -15.89 -39.56
CA UNK H 48 68.85 -15.37 -40.92
C UNK H 48 69.79 -16.13 -41.84
N UNK H 49 70.97 -16.49 -41.35
CA UNK H 49 71.92 -17.24 -42.18
C UNK H 49 71.39 -18.64 -42.49
N UNK H 50 71.00 -19.39 -41.45
CA UNK H 50 70.43 -20.71 -41.68
C UNK H 50 69.22 -20.61 -42.61
N UNK H 51 68.43 -19.54 -42.49
CA UNK H 51 67.26 -19.39 -43.36
C UNK H 51 67.67 -19.15 -44.81
N UNK H 52 68.75 -18.38 -45.03
CA UNK H 52 69.24 -18.19 -46.39
C UNK H 52 69.65 -19.51 -47.02
N UNK H 53 70.53 -20.26 -46.33
CA UNK H 53 70.93 -21.56 -46.86
C UNK H 53 69.74 -22.47 -47.08
N UNK H 54 68.83 -22.54 -46.11
CA UNK H 54 67.70 -23.44 -46.23
C UNK H 54 66.79 -23.10 -47.39
N UNK H 55 66.42 -21.82 -47.51
CA UNK H 55 65.58 -21.40 -48.62
C UNK H 55 66.25 -21.74 -49.95
N UNK H 56 67.56 -21.52 -50.05
CA UNK H 56 68.29 -21.89 -51.26
C UNK H 56 68.16 -23.38 -51.54
N UNK H 57 68.57 -24.23 -50.58
CA UNK H 57 68.53 -25.67 -50.76
C UNK H 57 67.15 -26.26 -50.92
N UNK H 58 66.11 -25.50 -50.60
CA UNK H 58 64.74 -25.94 -50.81
C UNK H 58 64.22 -25.53 -52.18
N UNK H 59 64.61 -24.36 -52.66
CA UNK H 59 64.04 -23.82 -53.90
C UNK H 59 64.85 -24.18 -55.13
N UNK H 60 66.18 -24.07 -55.06
CA UNK H 60 66.99 -24.26 -56.27
C UNK H 60 67.03 -25.71 -56.75
N UNK H 61 67.26 -26.72 -55.89
CA UNK H 61 67.16 -28.10 -56.38
C UNK H 61 65.83 -28.41 -57.03
N UNK H 62 64.75 -27.77 -56.58
CA UNK H 62 63.45 -28.00 -57.20
C UNK H 62 63.40 -27.42 -58.61
N UNK H 63 63.82 -26.17 -58.79
CA UNK H 63 63.73 -25.56 -60.11
C UNK H 63 64.68 -26.26 -61.08
N UNK H 64 65.84 -26.70 -60.59
CA UNK H 64 66.73 -27.51 -61.42
C UNK H 64 66.06 -28.81 -61.82
N UNK H 65 65.44 -29.50 -60.86
CA UNK H 65 64.78 -30.77 -61.17
C UNK H 65 63.65 -30.58 -62.17
N UNK H 66 62.83 -29.54 -61.99
CA UNK H 66 61.68 -29.31 -62.86
C UNK H 66 62.12 -28.90 -64.25
N UNK H 67 63.21 -28.13 -64.36
CA UNK H 67 63.77 -27.84 -65.67
C UNK H 67 64.25 -29.13 -66.33
N UNK H 68 64.75 -30.08 -65.54
CA UNK H 68 65.24 -31.34 -66.06
C UNK H 68 66.75 -31.48 -66.06
N UNK H 69 67.47 -30.43 -65.69
CA UNK H 69 68.93 -30.48 -65.66
C UNK H 69 69.41 -31.60 -64.73
N UNK H 70 68.78 -31.73 -63.56
CA UNK H 70 69.05 -32.79 -62.62
C UNK H 70 67.73 -33.36 -62.13
N UNK H 71 67.81 -34.40 -61.30
CA UNK H 71 66.65 -35.01 -60.67
C UNK H 71 66.92 -35.10 -59.18
N UNK H 72 66.25 -34.26 -58.40
CA UNK H 72 66.44 -34.20 -56.96
C UNK H 72 65.07 -34.24 -56.29
N UNK H 73 64.89 -35.04 -55.24
CA UNK H 73 63.60 -35.07 -54.55
C UNK H 73 63.22 -33.70 -53.99
N UNK H 74 61.92 -33.53 -53.75
CA UNK H 74 61.43 -32.30 -53.14
C UNK H 74 62.03 -32.14 -51.74
N UNK H 75 62.17 -30.88 -51.31
CA UNK H 75 62.83 -30.60 -50.04
C UNK H 75 62.15 -31.33 -48.88
N UNK H 76 60.83 -31.44 -48.93
CA UNK H 76 60.10 -32.19 -47.92
C UNK H 76 60.21 -33.70 -48.14
N UNK H 77 60.30 -34.14 -49.39
CA UNK H 77 60.48 -35.56 -49.69
C UNK H 77 61.93 -35.99 -49.62
N UNK H 78 62.87 -35.06 -49.41
CA UNK H 78 64.27 -35.46 -49.32
C UNK H 78 64.55 -36.31 -48.08
N UNK H 79 63.76 -36.13 -47.03
CA UNK H 79 64.01 -36.85 -45.79
C UNK H 79 63.77 -38.35 -45.93
N UNK H 80 62.75 -38.74 -46.68
CA UNK H 80 62.38 -40.15 -46.80
C UNK H 80 63.38 -40.95 -47.64
N UNK H 81 64.24 -40.28 -48.41
CA UNK H 81 65.09 -40.98 -49.36
C UNK H 81 66.10 -41.88 -48.65
N UNK H 82 66.67 -42.79 -49.43
CA UNK H 82 67.68 -43.73 -48.95
C UNK H 82 69.06 -43.10 -49.08
N UNK H 83 69.87 -43.27 -48.03
CA UNK H 83 71.20 -42.68 -47.97
C UNK H 83 72.19 -43.73 -47.50
N UNK H 84 73.48 -43.39 -47.59
CA UNK H 84 74.53 -44.35 -47.25
C UNK H 84 74.66 -44.59 -45.76
N UNK H 85 73.88 -43.91 -44.92
CA UNK H 85 73.89 -44.13 -43.49
C UNK H 85 72.45 -44.13 -42.99
N UNK H 86 72.23 -44.83 -41.88
CA UNK H 86 70.94 -44.74 -41.21
C UNK H 86 70.71 -43.31 -40.75
N UNK H 87 69.49 -42.82 -40.95
CA UNK H 87 69.18 -41.45 -40.57
C UNK H 87 69.46 -41.19 -39.09
N UNK H 88 69.32 -42.23 -38.26
CA UNK H 88 69.69 -42.09 -36.85
C UNK H 88 71.18 -41.79 -36.71
N UNK H 89 72.03 -42.53 -37.43
CA UNK H 89 73.47 -42.25 -37.43
C UNK H 89 73.74 -40.83 -37.90
N UNK H 90 73.15 -40.43 -39.02
CA UNK H 90 73.27 -39.06 -39.50
C UNK H 90 72.94 -38.06 -38.40
N UNK H 91 71.87 -38.33 -37.65
CA UNK H 91 71.46 -37.44 -36.59
C UNK H 91 72.50 -37.35 -35.49
N UNK H 92 73.05 -38.50 -35.07
CA UNK H 92 74.02 -38.48 -33.98
C UNK H 92 75.28 -37.73 -34.41
N UNK H 93 75.73 -37.94 -35.64
CA UNK H 93 76.85 -37.15 -36.19
C UNK H 93 76.54 -35.65 -36.07
N UNK H 94 75.44 -35.25 -36.70
CA UNK H 94 75.04 -33.83 -36.72
C UNK H 94 74.97 -33.26 -35.31
N UNK H 95 74.42 -34.02 -34.37
CA UNK H 95 74.26 -33.53 -33.00
C UNK H 95 75.60 -33.33 -32.33
N UNK H 96 76.51 -34.31 -32.45
CA UNK H 96 77.81 -34.18 -31.80
C UNK H 96 78.55 -32.95 -32.34
N UNK H 97 78.61 -32.83 -33.67
CA UNK H 97 79.35 -31.73 -34.27
C UNK H 97 78.75 -30.38 -33.87
N UNK H 98 77.44 -30.23 -34.02
CA UNK H 98 76.81 -28.97 -33.64
C UNK H 98 76.96 -28.69 -32.15
N UNK H 99 76.97 -29.74 -31.33
CA UNK H 99 77.17 -29.59 -29.90
C UNK H 99 78.54 -29.01 -29.60
N UNK H 100 79.55 -29.36 -30.38
CA UNK H 100 80.86 -28.74 -30.20
C UNK H 100 80.84 -27.29 -30.67
N UNK H 101 80.49 -27.07 -31.94
CA UNK H 101 80.64 -25.76 -32.56
C UNK H 101 79.79 -24.72 -31.84
N UNK H 102 78.50 -25.01 -31.69
CA UNK H 102 77.58 -24.06 -31.08
C UNK H 102 78.06 -23.64 -29.69
N UNK H 103 78.65 -24.55 -28.94
CA UNK H 103 79.10 -24.17 -27.60
C UNK H 103 80.34 -23.30 -27.67
N UNK H 104 81.20 -23.50 -28.69
CA UNK H 104 82.30 -22.54 -28.86
C UNK H 104 81.77 -21.14 -29.20
N UNK H 105 80.86 -21.06 -30.17
CA UNK H 105 80.24 -19.78 -30.51
C UNK H 105 79.61 -19.13 -29.30
N UNK H 106 78.93 -19.92 -28.47
CA UNK H 106 78.30 -19.40 -27.27
C UNK H 106 79.33 -18.87 -26.29
N UNK H 107 80.46 -19.57 -26.14
CA UNK H 107 81.56 -19.05 -25.35
C UNK H 107 81.99 -17.67 -25.86
N UNK H 108 81.94 -17.47 -27.17
CA UNK H 108 82.26 -16.13 -27.69
C UNK H 108 81.19 -15.13 -27.34
N UNK H 109 79.92 -15.54 -27.34
CA UNK H 109 78.85 -14.60 -26.98
C UNK H 109 79.02 -14.12 -25.55
N UNK H 110 79.27 -15.06 -24.63
CA UNK H 110 79.38 -14.68 -23.22
C UNK H 110 80.68 -13.92 -22.94
N UNK H 111 81.80 -14.45 -23.41
CA UNK H 111 83.12 -13.90 -23.12
C UNK H 111 83.84 -13.70 -24.46
N UNK H 112 83.59 -12.58 -25.13
CA UNK H 112 84.16 -12.38 -26.47
C UNK H 112 85.68 -12.50 -26.50
N UNK H 113 86.18 -13.11 -27.58
CA UNK H 113 87.60 -13.33 -27.76
C UNK H 113 88.16 -14.55 -27.05
N UNK H 114 87.34 -15.29 -26.31
CA UNK H 114 87.84 -16.36 -25.45
C UNK H 114 88.10 -17.66 -26.20
N UNK H 115 87.43 -17.88 -27.32
CA UNK H 115 87.57 -19.14 -28.06
C UNK H 115 88.25 -18.90 -29.41
N UNK H 116 88.96 -17.79 -29.57
CA UNK H 116 89.45 -17.40 -30.89
C UNK H 116 90.54 -18.32 -31.43
N UNK H 117 91.20 -19.11 -30.59
CA UNK H 117 92.33 -19.91 -31.04
C UNK H 117 91.96 -21.38 -31.10
N UNK H 118 92.66 -22.10 -31.98
CA UNK H 118 92.56 -23.54 -32.07
C UNK H 118 93.05 -24.17 -30.77
N UNK H 119 92.24 -24.96 -30.08
CA UNK H 119 92.70 -25.60 -28.84
C UNK H 119 93.65 -26.76 -29.09
N UNK H 120 93.76 -27.22 -30.33
CA UNK H 120 94.67 -28.28 -30.71
C UNK H 120 95.99 -27.66 -31.15
N UNK H 121 95.93 -26.84 -32.18
CA UNK H 121 97.10 -26.13 -32.69
C UNK H 121 97.14 -24.76 -32.04
N UNK H 122 98.16 -24.52 -31.21
CA UNK H 122 98.20 -23.27 -30.44
C UNK H 122 98.49 -22.06 -31.32
N UNK H 123 99.06 -22.26 -32.50
CA UNK H 123 99.09 -21.23 -33.52
C UNK H 123 97.76 -21.23 -34.24
N UNK H 124 97.66 -20.49 -35.35
CA UNK H 124 96.44 -20.49 -36.17
C UNK H 124 95.23 -20.06 -35.35
N UNK H 125 95.36 -18.94 -34.66
CA UNK H 125 94.27 -18.38 -33.88
C UNK H 125 93.38 -17.51 -34.78
N UNK H 126 92.33 -16.97 -34.21
CA UNK H 126 91.59 -15.99 -35.00
C UNK H 126 91.99 -14.57 -34.61
N UNK H 127 91.92 -13.63 -35.56
CA UNK H 127 92.06 -12.23 -35.18
C UNK H 127 90.87 -11.80 -34.33
N UNK H 128 91.07 -10.71 -33.58
CA UNK H 128 90.02 -10.17 -32.74
C UNK H 128 88.98 -9.48 -33.60
N UNK H 129 87.77 -10.04 -33.66
CA UNK H 129 86.70 -9.44 -34.42
C UNK H 129 85.60 -8.94 -33.51
N UNK H 130 84.37 -8.88 -34.03
CA UNK H 130 83.21 -8.53 -33.23
C UNK H 130 82.31 -9.76 -33.06
N UNK H 131 81.53 -9.76 -31.99
CA UNK H 131 80.70 -10.91 -31.66
C UNK H 131 79.71 -11.15 -32.79
N UNK H 132 79.82 -12.30 -33.44
CA UNK H 132 78.98 -12.65 -34.56
C UNK H 132 79.62 -12.51 -35.92
N UNK H 133 80.89 -12.12 -35.98
CA UNK H 133 81.60 -11.92 -37.25
C UNK H 133 83.03 -12.42 -37.10
N UNK H 134 83.22 -13.74 -37.05
CA UNK H 134 84.56 -14.29 -36.84
C UNK H 134 85.43 -14.10 -38.07
N UNK H 135 86.65 -13.60 -37.86
CA UNK H 135 87.55 -13.37 -38.98
C UNK H 135 88.36 -14.60 -39.34
N UNK H 136 89.63 -14.37 -39.71
CA UNK H 136 90.55 -15.48 -39.91
C UNK H 136 90.06 -16.48 -40.94
N UNK H 137 90.12 -17.75 -40.56
CA UNK H 137 89.77 -18.84 -41.48
C UNK H 137 88.33 -18.72 -41.96
N UNK H 138 87.47 -18.08 -41.18
CA UNK H 138 86.07 -17.93 -41.56
C UNK H 138 85.86 -16.90 -42.67
N UNK H 139 86.89 -16.14 -43.03
CA UNK H 139 86.81 -15.16 -44.11
C UNK H 139 88.03 -15.32 -45.02
N UNK H 140 88.10 -16.43 -45.76
CA UNK H 140 89.30 -16.67 -46.59
C UNK H 140 89.51 -15.64 -47.67
N UNK H 141 88.43 -15.20 -48.34
CA UNK H 141 88.56 -14.18 -49.35
C UNK H 141 88.80 -12.79 -48.76
N UNK H 142 88.71 -12.66 -47.43
CA UNK H 142 89.10 -11.44 -46.73
C UNK H 142 88.30 -10.23 -47.21
N UNK H 143 86.98 -10.41 -47.30
CA UNK H 143 86.12 -9.28 -47.66
C UNK H 143 86.02 -8.30 -46.49
N UNK H 144 85.72 -7.05 -46.82
CA UNK H 144 85.62 -6.00 -45.82
C UNK H 144 84.27 -6.06 -45.13
N UNK H 145 84.23 -6.47 -43.78
CA UNK H 145 82.94 -6.58 -43.04
C UNK H 145 82.47 -5.22 -42.55
N UNK H 146 81.98 -4.42 -43.47
CA UNK H 146 81.55 -3.06 -43.18
C UNK H 146 80.02 -3.00 -43.10
N UNK H 147 79.51 -1.81 -42.80
CA UNK H 147 78.10 -1.55 -43.01
C UNK H 147 77.80 -1.68 -44.50
N UNK H 148 76.51 -1.86 -44.81
CA UNK H 148 76.02 -2.17 -46.15
C UNK H 148 76.38 -3.60 -46.54
N UNK H 149 77.54 -4.09 -46.10
CA UNK H 149 77.81 -5.52 -46.19
C UNK H 149 77.03 -6.28 -45.12
N UNK H 150 77.15 -5.84 -43.86
CA UNK H 150 76.35 -6.41 -42.79
C UNK H 150 74.87 -6.11 -42.99
N UNK H 151 74.56 -4.92 -43.49
CA UNK H 151 73.16 -4.57 -43.75
C UNK H 151 72.56 -5.46 -44.84
N UNK H 152 73.35 -5.81 -45.85
CA UNK H 152 72.86 -6.73 -46.88
C UNK H 152 72.73 -8.15 -46.32
N UNK H 153 73.67 -8.56 -45.47
CA UNK H 153 73.54 -9.86 -44.81
C UNK H 153 72.24 -9.95 -44.02
N UNK H 154 71.91 -8.89 -43.28
CA UNK H 154 70.70 -8.89 -42.47
C UNK H 154 69.46 -8.79 -43.34
N UNK H 155 69.53 -8.02 -44.43
CA UNK H 155 68.37 -7.88 -45.31
C UNK H 155 68.04 -9.20 -46.00
N UNK H 156 69.04 -9.85 -46.59
CA UNK H 156 68.81 -11.16 -47.19
C UNK H 156 68.43 -12.20 -46.15
N UNK H 157 68.94 -12.07 -44.93
CA UNK H 157 68.54 -12.98 -43.87
C UNK H 157 67.07 -12.82 -43.50
N UNK H 158 66.58 -11.58 -43.43
CA UNK H 158 65.19 -11.36 -43.07
C UNK H 158 64.26 -11.80 -44.20
N UNK H 159 64.62 -11.46 -45.44
CA UNK H 159 63.84 -11.93 -46.58
C UNK H 159 63.84 -13.44 -46.66
N UNK H 160 64.92 -14.09 -46.25
CA UNK H 160 64.98 -15.54 -46.32
C UNK H 160 64.25 -16.22 -45.16
N UNK H 161 64.19 -15.57 -43.99
CA UNK H 161 63.37 -16.09 -42.91
C UNK H 161 61.89 -16.03 -43.28
N UNK H 162 61.44 -14.87 -43.77
CA UNK H 162 60.09 -14.78 -44.31
C UNK H 162 59.86 -15.81 -45.40
N UNK H 163 60.84 -15.96 -46.30
CA UNK H 163 60.74 -16.94 -47.37
C UNK H 163 60.48 -18.34 -46.82
N UNK H 164 61.29 -18.76 -45.84
CA UNK H 164 61.13 -20.10 -45.27
C UNK H 164 59.74 -20.27 -44.67
N UNK H 165 59.29 -19.28 -43.90
CA UNK H 165 57.92 -19.32 -43.38
C UNK H 165 56.91 -19.57 -44.50
N UNK H 166 57.07 -18.82 -45.61
CA UNK H 166 56.19 -19.00 -46.75
C UNK H 166 56.28 -20.40 -47.34
N UNK H 167 57.48 -20.97 -47.35
CA UNK H 167 57.66 -22.31 -47.90
C UNK H 167 56.89 -23.34 -47.06
N UNK H 168 57.07 -23.32 -45.75
CA UNK H 168 56.44 -24.35 -44.93
C UNK H 168 54.92 -24.20 -44.94
N UNK H 169 54.41 -22.96 -44.79
CA UNK H 169 52.96 -22.80 -44.76
C UNK H 169 52.36 -23.10 -46.13
N UNK H 170 52.98 -22.59 -47.20
CA UNK H 170 52.56 -22.92 -48.56
C UNK H 170 52.47 -24.42 -48.75
N UNK H 171 53.58 -25.14 -48.55
CA UNK H 171 53.57 -26.58 -48.74
C UNK H 171 52.51 -27.26 -47.89
N UNK H 172 52.23 -26.71 -46.70
CA UNK H 172 51.16 -27.27 -45.88
C UNK H 172 49.81 -27.18 -46.59
N UNK H 173 49.49 -26.01 -47.15
CA UNK H 173 48.15 -25.86 -47.72
C UNK H 173 48.05 -26.44 -49.13
N UNK H 174 49.11 -26.35 -49.93
CA UNK H 174 49.07 -26.70 -51.35
C UNK H 174 49.57 -28.11 -51.65
N UNK H 175 50.31 -28.72 -50.74
CA UNK H 175 50.83 -30.06 -50.99
C UNK H 175 51.85 -30.17 -52.10
N UNK H 176 52.47 -29.06 -52.50
CA UNK H 176 53.46 -29.08 -53.56
C UNK H 176 54.73 -28.33 -53.16
N UNK H 177 55.60 -28.08 -54.14
CA UNK H 177 56.84 -27.36 -53.88
C UNK H 177 56.70 -25.87 -54.15
N UNK H 178 57.61 -25.07 -53.58
CA UNK H 178 57.51 -23.61 -53.75
C UNK H 178 57.57 -23.15 -55.20
N UNK H 179 58.51 -23.70 -55.98
CA UNK H 179 58.56 -23.35 -57.40
C UNK H 179 57.34 -23.87 -58.15
N UNK H 180 56.82 -25.03 -57.75
CA UNK H 180 55.53 -25.47 -58.28
C UNK H 180 54.44 -24.45 -57.99
N UNK H 181 54.44 -23.87 -56.79
CA UNK H 181 53.49 -22.82 -56.46
C UNK H 181 53.67 -21.61 -57.34
N UNK H 182 54.92 -21.20 -57.57
CA UNK H 182 55.16 -20.02 -58.42
C UNK H 182 54.68 -20.27 -59.84
N UNK H 183 54.94 -21.45 -60.39
CA UNK H 183 54.43 -21.77 -61.72
C UNK H 183 52.91 -21.74 -61.75
N UNK H 184 52.27 -22.39 -60.78
CA UNK H 184 50.81 -22.39 -60.71
C UNK H 184 50.27 -20.97 -60.67
N UNK H 185 50.92 -20.09 -59.91
CA UNK H 185 50.43 -18.71 -59.81
C UNK H 185 50.63 -17.96 -61.13
N UNK H 186 51.84 -18.02 -61.70
CA UNK H 186 52.11 -17.29 -62.93
C UNK H 186 51.20 -17.77 -64.06
N UNK H 187 50.75 -19.03 -64.00
CA UNK H 187 49.80 -19.55 -64.97
C UNK H 187 48.57 -18.65 -65.10
N UNK H 188 47.71 -18.63 -64.08
CA UNK H 188 46.54 -17.77 -64.05
C UNK H 188 46.48 -17.11 -62.67
N UNK H 189 47.14 -15.96 -62.51
CA UNK H 189 47.28 -15.38 -61.16
C UNK H 189 45.97 -14.97 -60.52
N UNK H 190 45.04 -14.39 -61.27
CA UNK H 190 43.80 -13.92 -60.67
C UNK H 190 42.90 -15.06 -60.23
N UNK H 191 43.12 -16.27 -60.75
CA UNK H 191 42.35 -17.43 -60.34
C UNK H 191 43.18 -18.48 -59.61
N UNK H 192 44.49 -18.25 -59.46
CA UNK H 192 45.35 -19.11 -58.65
C UNK H 192 45.99 -18.23 -57.57
N UNK H 193 45.40 -18.26 -56.38
CA UNK H 193 45.78 -17.39 -55.28
C UNK H 193 45.39 -18.12 -53.99
N UNK H 194 46.00 -17.70 -52.87
CA UNK H 194 45.64 -18.25 -51.56
C UNK H 194 44.14 -18.23 -51.36
N UNK H 195 43.45 -17.27 -51.97
CA UNK H 195 41.99 -17.25 -51.95
C UNK H 195 41.44 -18.56 -52.54
N UNK H 196 41.85 -18.90 -53.76
CA UNK H 196 41.41 -20.14 -54.37
C UNK H 196 42.10 -21.35 -53.75
N UNK H 197 43.27 -21.17 -53.13
CA UNK H 197 43.97 -22.30 -52.54
C UNK H 197 43.23 -22.85 -51.33
N UNK H 198 42.48 -22.00 -50.64
CA UNK H 198 41.72 -22.44 -49.47
C UNK H 198 40.33 -22.93 -49.85
N UNK I 1 -44.38 71.40 -43.07
CA UNK I 1 -45.01 70.09 -43.04
C UNK I 1 -44.95 69.43 -41.68
N UNK I 2 -46.07 68.86 -41.25
CA UNK I 2 -46.15 68.18 -39.95
C UNK I 2 -46.75 66.78 -40.10
N UNK I 3 -45.89 65.77 -40.05
CA UNK I 3 -46.34 64.39 -40.16
C UNK I 3 -47.13 63.99 -38.92
N UNK I 4 -46.83 64.64 -37.80
CA UNK I 4 -47.52 64.39 -36.55
C UNK I 4 -47.80 65.69 -35.82
N UNK I 5 -48.95 66.32 -36.12
CA UNK I 5 -49.33 67.56 -35.46
C UNK I 5 -49.79 67.32 -34.02
N UNK I 6 -49.11 67.94 -33.05
CA UNK I 6 -48.01 68.82 -33.32
C UNK I 6 -46.72 68.39 -32.63
N UNK I 7 -45.98 67.51 -33.29
CA UNK I 7 -44.69 67.07 -32.79
C UNK I 7 -43.60 67.93 -33.41
N UNK I 8 -42.75 68.50 -32.55
CA UNK I 8 -41.68 69.39 -32.99
C UNK I 8 -40.73 68.70 -33.97
N UNK I 9 -40.51 69.32 -35.11
CA UNK I 9 -39.59 68.81 -36.11
C UNK I 9 -38.17 68.84 -35.57
N UNK I 10 -37.38 67.78 -35.83
CA UNK I 10 -35.98 67.73 -35.42
C UNK I 10 -35.21 68.94 -35.94
N UNK I 11 -34.19 69.36 -35.22
CA UNK I 11 -33.43 70.55 -35.57
C UNK I 11 -32.77 70.47 -36.94
N UNK I 12 -32.35 69.27 -37.33
CA UNK I 12 -31.63 69.07 -38.58
C UNK I 12 -32.56 69.01 -39.80
N UNK I 13 -33.87 69.11 -39.56
CA UNK I 13 -34.84 69.18 -40.65
C UNK I 13 -35.48 70.57 -40.70
N UNK I 14 -34.71 71.54 -41.20
CA UNK I 14 -35.11 72.93 -41.19
C UNK I 14 -35.98 73.34 -42.37
N UNK I 15 -36.54 72.35 -43.06
CA UNK I 15 -37.40 72.61 -44.21
C UNK I 15 -36.67 73.13 -45.43
N UNK I 16 -35.34 73.03 -45.42
CA UNK I 16 -34.55 73.47 -46.56
C UNK I 16 -34.42 72.34 -47.58
N UNK I 17 -35.13 71.26 -47.35
CA UNK I 17 -35.17 70.13 -48.27
C UNK I 17 -36.59 69.85 -48.73
N UNK I 18 -36.75 69.46 -50.01
CA UNK I 18 -38.08 69.08 -50.51
C UNK I 18 -38.55 67.81 -49.81
N UNK I 19 -39.79 67.82 -49.34
CA UNK I 19 -40.36 66.68 -48.65
C UNK I 19 -40.16 66.71 -47.15
N UNK I 20 -39.67 67.83 -46.64
CA UNK I 20 -39.43 67.97 -45.21
C UNK I 20 -40.75 68.11 -44.45
N UNK I 21 -41.18 67.02 -43.84
CA UNK I 21 -42.36 67.03 -42.99
C UNK I 21 -41.99 66.70 -41.55
N UNK I 22 -40.69 66.81 -41.25
CA UNK I 22 -40.18 66.59 -39.91
C UNK I 22 -40.28 65.15 -39.44
N UNK I 23 -40.25 64.21 -40.37
CA UNK I 23 -40.38 62.80 -40.01
C UNK I 23 -39.05 62.07 -39.99
N UNK I 24 -38.46 61.97 -38.80
CA UNK I 24 -37.27 61.17 -38.57
C UNK I 24 -37.19 60.86 -37.08
N UNK I 25 -38.14 60.07 -36.57
CA UNK I 25 -38.26 59.82 -35.13
C UNK I 25 -37.09 59.03 -34.54
N UNK I 26 -36.38 58.29 -35.39
CA UNK I 26 -35.27 57.47 -34.92
C UNK I 26 -33.93 58.19 -35.03
N UNK I 27 -33.95 59.37 -35.63
CA UNK I 27 -32.77 60.20 -35.74
C UNK I 27 -31.67 59.60 -36.60
N UNK I 28 -32.03 59.15 -37.80
CA UNK I 28 -31.07 58.55 -38.71
C UNK I 28 -30.28 59.63 -39.44
N UNK I 29 -30.90 60.77 -39.69
CA UNK I 29 -30.27 61.83 -40.46
C UNK I 29 -29.74 62.94 -39.55
N UNK I 30 -29.38 62.60 -38.33
CA UNK I 30 -28.83 63.56 -37.38
C UNK I 30 -27.52 64.14 -37.91
N UNK I 31 -26.79 63.31 -38.65
CA UNK I 31 -25.55 63.74 -39.28
C UNK I 31 -25.85 64.26 -40.69
N UNK I 32 -25.24 65.39 -41.06
CA UNK I 32 -25.43 66.03 -42.36
C UNK I 32 -25.13 65.11 -43.55
N UNK I 33 -23.97 64.46 -43.54
CA UNK I 33 -23.60 63.55 -44.62
C UNK I 33 -24.57 62.38 -44.72
N UNK I 34 -25.02 61.89 -43.57
CA UNK I 34 -26.05 60.86 -43.51
C UNK I 34 -27.34 61.32 -44.16
N UNK I 35 -27.72 62.57 -43.88
CA UNK I 35 -28.91 63.18 -44.47
C UNK I 35 -28.77 63.28 -46.00
N UNK I 36 -27.59 63.65 -46.47
CA UNK I 36 -27.33 63.70 -47.90
C UNK I 36 -27.50 62.33 -48.55
N UNK I 37 -26.76 61.35 -48.03
CA UNK I 37 -26.79 60.00 -48.57
C UNK I 37 -28.20 59.42 -48.55
N UNK I 38 -28.96 59.75 -47.51
CA UNK I 38 -30.33 59.27 -47.37
C UNK I 38 -31.30 60.00 -48.30
N UNK I 39 -30.98 61.26 -48.63
CA UNK I 39 -31.76 61.99 -49.61
C UNK I 39 -31.58 61.33 -50.97
N UNK I 40 -30.32 61.08 -51.34
CA UNK I 40 -30.02 60.38 -52.58
C UNK I 40 -30.71 59.03 -52.63
N UNK I 41 -30.58 58.26 -51.55
CA UNK I 41 -31.15 56.93 -51.48
C UNK I 41 -32.68 56.96 -51.57
N UNK I 42 -33.30 57.99 -51.00
CA UNK I 42 -34.75 58.15 -51.06
C UNK I 42 -35.18 58.46 -52.48
N UNK I 43 -34.43 59.33 -53.14
CA UNK I 43 -34.69 59.64 -54.54
C UNK I 43 -34.58 58.39 -55.42
N UNK I 44 -33.51 57.63 -55.24
CA UNK I 44 -33.26 56.46 -56.09
C UNK I 44 -34.26 55.31 -55.83
N UNK I 45 -34.37 54.88 -54.57
CA UNK I 45 -35.34 53.86 -54.20
C UNK I 45 -36.74 54.30 -54.63
N UNK I 46 -37.01 55.59 -54.50
CA UNK I 46 -38.30 56.14 -54.87
C UNK I 46 -38.60 56.04 -56.35
N UNK I 47 -37.63 56.43 -57.17
CA UNK I 47 -37.80 56.40 -58.62
C UNK I 47 -37.91 54.98 -59.15
N UNK I 48 -37.02 54.10 -58.69
CA UNK I 48 -37.08 52.69 -59.07
C UNK I 48 -38.38 52.04 -58.61
N UNK I 49 -38.90 52.51 -57.47
CA UNK I 49 -40.18 52.00 -56.97
C UNK I 49 -41.34 52.48 -57.84
N UNK I 50 -41.27 53.73 -58.29
CA UNK I 50 -42.31 54.26 -59.17
C UNK I 50 -42.35 53.47 -60.47
N UNK I 51 -41.18 53.33 -61.10
CA UNK I 51 -41.06 52.57 -62.34
C UNK I 51 -41.55 51.13 -62.15
N UNK I 52 -41.05 50.48 -61.09
CA UNK I 52 -41.40 49.10 -60.81
C UNK I 52 -42.88 48.87 -60.57
N UNK I 53 -43.46 49.69 -59.70
CA UNK I 53 -44.88 49.60 -59.39
C UNK I 53 -45.74 49.84 -60.62
N UNK I 54 -45.36 50.84 -61.41
CA UNK I 54 -46.06 51.09 -62.68
C UNK I 54 -46.01 49.85 -63.55
N UNK I 55 -44.82 49.26 -63.67
CA UNK I 55 -44.63 48.06 -64.46
C UNK I 55 -45.27 46.81 -63.88
N UNK I 56 -45.74 46.91 -62.64
CA UNK I 56 -46.41 45.78 -61.99
C UNK I 56 -47.93 45.87 -62.11
N UNK I 57 -48.46 47.07 -61.93
CA UNK I 57 -49.90 47.28 -61.94
C UNK I 57 -50.44 47.51 -63.35
N UNK I 58 -49.82 48.43 -64.08
CA UNK I 58 -50.33 48.84 -65.39
C UNK I 58 -50.50 47.72 -66.44
N UNK I 59 -49.51 46.83 -66.58
CA UNK I 59 -49.74 45.74 -67.54
C UNK I 59 -50.90 44.82 -67.16
N UNK I 60 -51.16 44.69 -65.87
CA UNK I 60 -52.25 43.83 -65.39
C UNK I 60 -53.62 44.43 -65.66
N UNK I 61 -53.73 45.75 -65.54
CA UNK I 61 -54.99 46.44 -65.79
C UNK I 61 -55.41 46.30 -67.26
N UNK I 62 -54.44 46.46 -68.16
CA UNK I 62 -54.70 46.34 -69.60
C UNK I 62 -55.02 44.90 -70.01
N UNK I 63 -54.57 43.95 -69.21
CA UNK I 63 -54.87 42.54 -69.47
C UNK I 63 -56.30 42.23 -69.04
N UNK I 64 -56.75 42.89 -67.98
CA UNK I 64 -58.10 42.72 -67.46
C UNK I 64 -59.16 43.20 -68.44
N UNK I 65 -58.90 44.33 -69.08
CA UNK I 65 -59.81 44.89 -70.07
C UNK I 65 -59.51 44.35 -71.48
N UNK I 66 -58.72 43.28 -71.53
CA UNK I 66 -58.50 42.52 -72.75
C UNK I 66 -57.75 43.23 -73.86
N UNK I 67 -57.03 44.30 -73.53
CA UNK I 67 -56.23 45.02 -74.53
C UNK I 67 -55.06 44.17 -75.03
N UNK I 68 -54.28 43.62 -74.10
CA UNK I 68 -53.15 42.76 -74.46
C UNK I 68 -52.91 41.71 -73.38
N UNK I 69 -52.75 40.46 -73.81
CA UNK I 69 -52.49 39.36 -72.89
C UNK I 69 -51.06 39.39 -72.37
N UNK I 70 -50.89 39.96 -71.18
CA UNK I 70 -49.58 40.08 -70.55
C UNK I 70 -49.54 39.28 -69.25
N UNK I 71 -48.55 38.36 -69.14
CA UNK I 71 -48.39 37.57 -67.93
C UNK I 71 -48.04 38.44 -66.73
N UNK I 72 -48.52 38.07 -65.54
CA UNK I 72 -48.31 38.84 -64.33
C UNK I 72 -46.85 38.96 -63.95
N UNK I 73 -46.54 39.95 -63.11
CA UNK I 73 -45.15 40.29 -62.81
C UNK I 73 -44.39 39.17 -62.10
N UNK I 74 -45.07 38.42 -61.25
CA UNK I 74 -44.42 37.38 -60.46
C UNK I 74 -44.27 36.06 -61.22
N UNK I 75 -44.75 36.04 -62.46
CA UNK I 75 -44.66 34.86 -63.29
C UNK I 75 -44.16 35.25 -64.69
N UNK I 76 -43.41 36.34 -64.75
CA UNK I 76 -42.97 36.90 -66.02
C UNK I 76 -41.58 36.43 -66.44
N UNK I 77 -40.78 36.01 -65.46
CA UNK I 77 -39.41 35.63 -65.72
C UNK I 77 -39.23 34.21 -66.24
N UNK I 78 -40.27 33.40 -66.13
CA UNK I 78 -40.13 31.96 -66.39
C UNK I 78 -39.99 31.57 -67.86
N UNK I 79 -38.75 31.50 -68.32
CA UNK I 79 -38.37 30.88 -69.59
C UNK I 79 -39.21 31.27 -70.81
N UNK I 80 -39.28 32.57 -71.10
CA UNK I 80 -40.05 33.04 -72.25
C UNK I 80 -39.25 33.88 -73.24
N UNK I 81 -37.98 34.14 -72.92
CA UNK I 81 -37.21 35.12 -73.69
C UNK I 81 -36.11 34.51 -74.55
N UNK I 82 -35.58 35.32 -75.46
CA UNK I 82 -34.63 34.85 -76.46
C UNK I 82 -33.22 34.67 -75.92
N UNK I 83 -32.79 35.56 -75.05
CA UNK I 83 -31.39 35.58 -74.62
C UNK I 83 -31.15 34.95 -73.25
N UNK I 84 -32.20 34.39 -72.66
CA UNK I 84 -32.12 33.75 -71.33
C UNK I 84 -31.78 34.72 -70.20
N UNK I 85 -32.23 34.39 -68.99
CA UNK I 85 -32.09 35.29 -67.85
C UNK I 85 -30.67 35.48 -67.35
N UNK I 86 -29.80 34.50 -67.58
CA UNK I 86 -28.42 34.59 -67.11
C UNK I 86 -27.64 35.63 -67.90
N UNK I 87 -27.71 35.53 -69.22
CA UNK I 87 -27.06 36.50 -70.11
C UNK I 87 -27.61 37.90 -69.83
N UNK I 88 -28.93 37.98 -69.72
CA UNK I 88 -29.62 39.21 -69.36
C UNK I 88 -29.08 39.78 -68.06
N UNK I 89 -28.77 38.90 -67.12
CA UNK I 89 -28.23 39.31 -65.83
C UNK I 89 -26.82 39.85 -65.95
N UNK I 90 -26.01 39.21 -66.80
CA UNK I 90 -24.64 39.67 -66.99
C UNK I 90 -24.64 41.07 -67.61
N UNK I 91 -25.41 41.20 -68.70
CA UNK I 91 -25.58 42.49 -69.35
C UNK I 91 -26.01 43.56 -68.35
N UNK I 92 -27.13 43.29 -67.69
CA UNK I 92 -27.69 44.19 -66.68
C UNK I 92 -26.65 44.59 -65.65
N UNK I 93 -25.93 43.60 -65.12
CA UNK I 93 -24.92 43.82 -64.10
C UNK I 93 -23.81 44.74 -64.59
N UNK I 94 -23.39 44.55 -65.84
CA UNK I 94 -22.34 45.38 -66.41
C UNK I 94 -22.77 46.83 -66.58
N UNK I 95 -23.87 47.03 -67.32
CA UNK I 95 -24.36 48.37 -67.58
C UNK I 95 -24.70 49.11 -66.28
N UNK I 96 -25.28 48.40 -65.34
CA UNK I 96 -25.59 49.00 -64.05
C UNK I 96 -24.34 49.27 -63.22
N UNK I 97 -23.32 48.45 -63.39
CA UNK I 97 -22.06 48.69 -62.70
C UNK I 97 -21.51 50.03 -63.15
N UNK I 98 -21.44 50.21 -64.46
CA UNK I 98 -20.95 51.46 -65.03
C UNK I 98 -21.79 52.66 -64.57
N UNK I 99 -23.10 52.60 -64.84
CA UNK I 99 -24.00 53.70 -64.53
C UNK I 99 -24.01 54.09 -63.04
N UNK I 100 -24.11 53.09 -62.17
CA UNK I 100 -24.18 53.32 -60.74
C UNK I 100 -22.86 53.80 -60.14
N UNK I 101 -21.74 53.32 -60.68
CA UNK I 101 -20.45 53.83 -60.24
C UNK I 101 -20.31 55.30 -60.65
N UNK I 102 -20.81 55.60 -61.84
CA UNK I 102 -20.82 56.96 -62.37
C UNK I 102 -21.59 57.90 -61.42
N UNK I 103 -22.84 57.54 -61.14
CA UNK I 103 -23.67 58.33 -60.23
C UNK I 103 -23.04 58.42 -58.84
N UNK I 104 -22.40 57.33 -58.42
CA UNK I 104 -21.73 57.30 -57.13
C UNK I 104 -20.64 58.35 -57.06
N UNK I 105 -19.84 58.41 -58.12
CA UNK I 105 -18.80 59.43 -58.23
C UNK I 105 -19.41 60.82 -58.20
N UNK I 106 -20.59 60.95 -58.80
CA UNK I 106 -21.31 62.24 -58.72
C UNK I 106 -21.68 62.59 -57.28
N UNK I 107 -22.05 61.58 -56.49
CA UNK I 107 -22.44 61.81 -55.10
C UNK I 107 -21.23 62.15 -54.24
N UNK I 108 -20.12 61.46 -54.48
CA UNK I 108 -18.88 61.69 -53.73
C UNK I 108 -18.27 63.04 -54.08
N UNK I 109 -18.40 63.43 -55.35
CA UNK I 109 -17.86 64.70 -55.82
C UNK I 109 -18.73 65.22 -56.96
N UNK I 110 -19.53 66.26 -56.69
CA UNK I 110 -20.60 66.75 -57.58
C UNK I 110 -20.12 67.16 -58.98
N UNK I 111 -19.09 67.98 -59.07
CA UNK I 111 -18.65 68.49 -60.35
C UNK I 111 -17.67 67.58 -61.08
N UNK I 112 -17.32 66.47 -60.45
CA UNK I 112 -16.30 65.57 -61.00
C UNK I 112 -16.77 64.80 -62.23
N UNK I 113 -18.04 64.41 -62.25
CA UNK I 113 -18.59 63.65 -63.36
C UNK I 113 -19.74 64.39 -64.04
N UNK I 114 -19.49 64.85 -65.27
CA UNK I 114 -20.49 65.62 -66.03
C UNK I 114 -20.30 65.50 -67.53
N UNK I 115 -19.08 65.21 -67.96
CA UNK I 115 -18.78 65.14 -69.39
C UNK I 115 -18.59 63.72 -69.91
N UNK I 116 -18.87 63.54 -71.19
CA UNK I 116 -18.77 62.23 -71.84
C UNK I 116 -17.30 61.85 -71.98
N UNK I 117 -16.91 60.71 -71.38
CA UNK I 117 -15.52 60.24 -71.44
C UNK I 117 -15.05 59.92 -72.86
N UNK I 118 -15.98 59.57 -73.74
CA UNK I 118 -15.64 59.30 -75.13
C UNK I 118 -15.67 60.59 -75.95
N UNK I 119 -16.85 61.18 -76.07
CA UNK I 119 -17.02 62.42 -76.81
C UNK I 119 -17.06 63.60 -75.84
N UNK I 120 -15.89 64.10 -75.48
CA UNK I 120 -15.75 65.12 -74.44
C UNK I 120 -16.38 66.45 -74.80
N UNK I 121 -16.77 66.60 -76.06
CA UNK I 121 -17.45 67.81 -76.53
C UNK I 121 -18.78 68.02 -75.83
N UNK I 122 -19.55 66.95 -75.69
CA UNK I 122 -20.85 67.03 -75.03
C UNK I 122 -20.71 66.96 -73.52
N UNK I 123 -21.52 67.74 -72.81
CA UNK I 123 -21.42 67.82 -71.36
C UNK I 123 -22.76 68.14 -70.70
N UNK I 124 -22.85 67.85 -69.41
CA UNK I 124 -24.05 68.09 -68.64
C UNK I 124 -23.88 69.32 -67.75
N UNK I 125 -24.84 70.25 -67.81
CA UNK I 125 -24.76 71.53 -67.08
C UNK I 125 -24.72 71.30 -65.57
N UNK I 126 -23.89 72.08 -64.88
CA UNK I 126 -23.75 71.97 -63.43
C UNK I 126 -25.07 72.21 -62.72
N UNK I 127 -25.60 71.15 -62.10
CA UNK I 127 -26.89 71.21 -61.44
C UNK I 127 -26.82 70.71 -60.01
N UNK I 128 -27.92 70.12 -59.55
CA UNK I 128 -27.97 69.58 -58.19
C UNK I 128 -27.70 68.08 -58.16
N UNK I 129 -27.04 67.63 -57.10
CA UNK I 129 -26.78 66.21 -56.89
C UNK I 129 -28.09 65.46 -56.68
N UNK I 130 -28.34 64.47 -57.55
CA UNK I 130 -29.59 63.74 -57.52
C UNK I 130 -30.56 64.26 -58.56
N UNK I 131 -30.26 65.44 -59.08
CA UNK I 131 -31.07 66.04 -60.15
C UNK I 131 -30.15 66.45 -61.29
N UNK I 132 -29.75 65.48 -62.14
CA UNK I 132 -28.74 65.68 -63.18
C UNK I 132 -29.15 66.72 -64.23
N UNK I 133 -30.30 66.51 -64.87
CA UNK I 133 -30.76 67.43 -65.90
C UNK I 133 -30.00 67.27 -67.20
N UNK I 134 -29.93 68.35 -67.98
CA UNK I 134 -29.23 68.33 -69.26
C UNK I 134 -29.88 67.40 -70.26
N UNK I 135 -29.15 66.35 -70.64
CA UNK I 135 -29.67 65.37 -71.58
C UNK I 135 -30.74 64.49 -70.94
N UNK I 136 -30.70 64.40 -69.61
CA UNK I 136 -31.70 63.63 -68.87
C UNK I 136 -33.04 64.37 -68.82
N UNK I 137 -33.01 65.64 -69.20
CA UNK I 137 -34.22 66.45 -69.26
C UNK I 137 -34.37 67.11 -70.63
N UNK I 138 -34.76 66.32 -71.63
CA UNK I 138 -34.87 66.82 -73.01
C UNK I 138 -36.04 67.79 -73.20
N UNK I 139 -37.08 67.65 -72.39
CA UNK I 139 -38.25 68.52 -72.52
C UNK I 139 -38.09 69.80 -71.70
N UNK I 140 -36.92 69.97 -71.11
CA UNK I 140 -36.56 71.20 -70.40
C UNK I 140 -37.55 71.68 -69.35
N UNK I 141 -38.18 70.74 -68.65
CA UNK I 141 -39.07 71.10 -67.55
C UNK I 141 -38.28 71.76 -66.43
N UNK I 142 -38.91 72.72 -65.75
CA UNK I 142 -38.25 73.43 -64.66
C UNK I 142 -38.22 72.60 -63.37
N UNK I 143 -37.03 72.36 -62.84
CA UNK I 143 -36.85 71.62 -61.58
C UNK I 143 -37.27 72.48 -60.38
N UNK I 144 -38.56 72.84 -60.32
CA UNK I 144 -39.06 73.67 -59.23
C UNK I 144 -39.17 72.86 -57.94
N UNK I 145 -39.28 73.57 -56.82
CA UNK I 145 -39.43 72.92 -55.53
C UNK I 145 -40.69 72.06 -55.51
N UNK I 146 -41.77 72.59 -56.07
CA UNK I 146 -43.04 71.88 -56.13
C UNK I 146 -42.92 70.55 -56.89
N UNK I 147 -42.26 70.61 -58.05
CA UNK I 147 -42.07 69.41 -58.86
C UNK I 147 -41.22 68.37 -58.13
N UNK I 148 -40.21 68.85 -57.40
CA UNK I 148 -39.33 67.98 -56.63
C UNK I 148 -40.10 67.26 -55.51
N UNK I 149 -40.85 68.03 -54.72
CA UNK I 149 -41.60 67.45 -53.61
C UNK I 149 -42.75 66.57 -54.10
N UNK I 150 -43.23 66.85 -55.31
CA UNK I 150 -44.19 65.96 -55.96
C UNK I 150 -43.52 64.64 -56.33
N UNK I 151 -42.30 64.73 -56.85
CA UNK I 151 -41.50 63.56 -57.20
C UNK I 151 -41.29 62.68 -55.98
N UNK I 152 -40.87 63.30 -54.90
CA UNK I 152 -40.60 62.60 -53.65
C UNK I 152 -41.90 62.00 -53.07
N UNK I 153 -43.00 62.73 -53.20
CA UNK I 153 -44.29 62.24 -52.73
C UNK I 153 -44.74 60.98 -53.47
N UNK I 154 -44.82 61.07 -54.80
CA UNK I 154 -45.19 59.92 -55.63
C UNK I 154 -44.20 58.77 -55.42
N UNK I 155 -42.95 59.11 -55.14
CA UNK I 155 -41.93 58.12 -54.86
C UNK I 155 -42.18 57.33 -53.58
N UNK I 156 -42.52 58.04 -52.51
CA UNK I 156 -42.83 57.41 -51.23
C UNK I 156 -44.09 56.55 -51.33
N UNK I 157 -45.12 57.11 -51.97
CA UNK I 157 -46.36 56.39 -52.21
C UNK I 157 -46.10 55.10 -52.98
N UNK I 158 -45.24 55.18 -54.00
CA UNK I 158 -44.92 54.02 -54.83
C UNK I 158 -44.09 52.99 -54.07
N UNK I 159 -43.22 53.44 -53.18
CA UNK I 159 -42.43 52.51 -52.36
C UNK I 159 -43.35 51.70 -51.45
N UNK I 160 -44.22 52.42 -50.73
CA UNK I 160 -45.20 51.75 -49.88
C UNK I 160 -46.08 50.82 -50.69
N UNK I 161 -46.40 51.25 -51.91
CA UNK I 161 -47.20 50.45 -52.83
C UNK I 161 -46.49 49.18 -53.25
N UNK I 162 -45.17 49.25 -53.34
CA UNK I 162 -44.38 48.08 -53.73
C UNK I 162 -44.35 47.08 -52.59
N UNK I 163 -44.15 47.58 -51.36
CA UNK I 163 -44.22 46.72 -50.19
C UNK I 163 -45.59 46.04 -50.14
N UNK I 164 -46.62 46.82 -50.42
CA UNK I 164 -47.98 46.32 -50.49
C UNK I 164 -48.12 45.22 -51.52
N UNK I 165 -47.57 45.43 -52.70
CA UNK I 165 -47.63 44.43 -53.77
C UNK I 165 -46.97 43.13 -53.32
N UNK I 166 -45.78 43.24 -52.77
CA UNK I 166 -45.01 42.08 -52.31
C UNK I 166 -45.78 41.27 -51.27
N UNK I 167 -46.21 41.94 -50.20
CA UNK I 167 -46.93 41.26 -49.13
C UNK I 167 -48.26 40.66 -49.61
N UNK I 168 -49.02 41.44 -50.37
CA UNK I 168 -50.32 40.99 -50.90
C UNK I 168 -50.18 39.77 -51.78
N UNK I 169 -49.19 39.77 -52.67
CA UNK I 169 -48.95 38.59 -53.48
C UNK I 169 -48.51 37.41 -52.61
N UNK I 170 -47.71 37.72 -51.60
CA UNK I 170 -47.22 36.70 -50.69
C UNK I 170 -48.35 35.99 -49.95
N UNK I 171 -49.40 36.74 -49.66
CA UNK I 171 -50.54 36.20 -48.90
C UNK I 171 -51.62 35.59 -49.79
N UNK I 172 -52.17 36.39 -50.70
CA UNK I 172 -53.27 35.95 -51.54
C UNK I 172 -52.85 34.98 -52.65
N UNK I 173 -51.80 35.33 -53.37
CA UNK I 173 -51.32 34.52 -54.47
C UNK I 173 -51.83 34.99 -55.83
N UNK I 174 -52.40 36.19 -55.85
CA UNK I 174 -52.89 36.78 -57.09
C UNK I 174 -52.24 38.14 -57.31
N UNK I 175 -52.63 38.82 -58.38
CA UNK I 175 -52.09 40.13 -58.68
C UNK I 175 -52.70 41.21 -57.81
N UNK I 176 -52.04 42.39 -57.76
CA UNK I 176 -52.52 43.52 -56.97
C UNK I 176 -53.86 44.05 -57.46
N UNK I 177 -54.03 44.13 -58.78
CA UNK I 177 -55.28 44.60 -59.36
C UNK I 177 -56.38 43.57 -59.14
N UNK I 178 -56.00 42.30 -59.13
CA UNK I 178 -56.93 41.22 -58.85
C UNK I 178 -57.46 41.38 -57.43
N UNK I 179 -56.54 41.61 -56.49
CA UNK I 179 -56.89 41.86 -55.10
C UNK I 179 -57.78 43.09 -54.95
N UNK I 180 -57.48 44.14 -55.71
CA UNK I 180 -58.29 45.34 -55.71
C UNK I 180 -59.71 45.05 -56.17
N UNK I 181 -59.83 44.28 -57.26
CA UNK I 181 -61.15 43.90 -57.79
C UNK I 181 -61.95 43.09 -56.78
N UNK I 182 -61.29 42.11 -56.15
CA UNK I 182 -61.94 41.29 -55.14
C UNK I 182 -62.33 42.11 -53.91
N UNK I 183 -61.60 43.19 -53.67
CA UNK I 183 -61.93 44.10 -52.58
C UNK I 183 -63.15 44.94 -52.95
N UNK I 184 -63.25 45.29 -54.23
CA UNK I 184 -64.40 46.04 -54.72
C UNK I 184 -65.66 45.18 -54.68
N UNK I 185 -65.49 43.89 -54.97
CA UNK I 185 -66.60 42.93 -54.97
C UNK I 185 -67.35 42.92 -53.64
N UNK I 186 -66.66 42.56 -52.56
CA UNK I 186 -67.26 42.57 -51.23
C UNK I 186 -66.25 43.10 -50.22
N UNK I 187 -66.25 44.43 -50.01
CA UNK I 187 -65.28 45.14 -49.16
C UNK I 187 -65.24 44.65 -47.71
N UNK I 188 -66.39 44.35 -47.13
CA UNK I 188 -66.45 44.00 -45.71
C UNK I 188 -66.21 42.51 -45.44
N UNK I 189 -65.96 41.75 -46.51
CA UNK I 189 -65.72 40.32 -46.36
C UNK I 189 -64.47 39.89 -47.11
N UNK I 190 -63.74 40.87 -47.65
CA UNK I 190 -62.50 40.61 -48.37
C UNK I 190 -61.41 41.60 -47.98
N UNK I 191 -60.78 41.36 -46.84
CA UNK I 191 -59.67 42.19 -46.38
C UNK I 191 -58.50 41.30 -45.97
N UNK I 192 -57.53 41.89 -45.28
CA UNK I 192 -56.38 41.14 -44.77
C UNK I 192 -56.86 40.16 -43.69
N UNK I 193 -57.98 40.48 -43.06
CA UNK I 193 -58.55 39.66 -42.01
C UNK I 193 -58.96 38.28 -42.52
N UNK I 194 -59.67 38.25 -43.65
CA UNK I 194 -60.17 36.99 -44.19
C UNK I 194 -59.09 36.19 -44.94
N UNK I 195 -58.15 36.90 -45.55
CA UNK I 195 -57.10 36.26 -46.33
C UNK I 195 -56.07 35.53 -45.47
N UNK I 196 -55.84 36.01 -44.26
CA UNK I 196 -54.91 35.37 -43.34
C UNK I 196 -55.57 34.20 -42.61
N UNK J 1 0.23 27.74 3.85
CA UNK J 1 -0.90 26.83 4.04
C UNK J 1 -1.82 26.77 2.82
N UNK J 2 -1.40 27.41 1.73
CA UNK J 2 -2.12 27.39 0.47
C UNK J 2 -1.39 26.43 -0.46
N UNK J 3 -1.92 25.21 -0.59
CA UNK J 3 -1.28 24.18 -1.39
C UNK J 3 -1.13 24.65 -2.83
N UNK J 4 0.05 24.43 -3.40
CA UNK J 4 0.37 24.98 -4.71
C UNK J 4 1.57 24.24 -5.30
N UNK J 5 1.75 24.41 -6.61
CA UNK J 5 2.89 23.83 -7.32
C UNK J 5 4.14 24.63 -6.98
N UNK J 6 5.15 23.96 -6.44
CA UNK J 6 6.39 24.60 -6.02
C UNK J 6 7.57 23.79 -6.54
N UNK J 7 8.44 24.43 -7.33
CA UNK J 7 9.69 23.83 -7.78
C UNK J 7 10.78 24.89 -7.81
N UNK J 8 12.01 24.44 -8.02
CA UNK J 8 13.16 25.30 -8.31
C UNK J 8 13.74 24.92 -9.67
N UNK J 9 14.28 25.93 -10.36
CA UNK J 9 14.86 25.73 -11.68
C UNK J 9 16.33 25.36 -11.58
N UNK J 10 16.75 24.46 -12.46
CA UNK J 10 18.14 24.04 -12.67
C UNK J 10 18.93 23.93 -11.36
N UNK J 11 18.53 23.02 -10.46
CA UNK J 11 19.33 22.87 -9.23
C UNK J 11 20.64 22.17 -9.47
N UNK J 12 20.63 21.12 -10.28
CA UNK J 12 21.81 20.32 -10.56
C UNK J 12 22.08 20.35 -12.05
N UNK J 13 23.33 20.58 -12.43
CA UNK J 13 23.69 20.68 -13.83
C UNK J 13 23.91 19.30 -14.43
N UNK J 14 23.28 19.06 -15.58
CA UNK J 14 23.45 17.80 -16.31
C UNK J 14 24.84 17.75 -16.92
N UNK J 15 25.67 16.84 -16.42
CA UNK J 15 27.06 16.76 -16.87
C UNK J 15 27.58 15.34 -16.64
N UNK J 16 28.56 14.95 -17.46
CA UNK J 16 29.27 13.69 -17.28
C UNK J 16 30.49 13.82 -16.38
N UNK J 17 30.72 15.00 -15.79
CA UNK J 17 31.91 15.20 -14.98
C UNK J 17 31.91 14.29 -13.77
N UNK J 18 30.77 14.14 -13.12
CA UNK J 18 30.67 13.29 -11.94
C UNK J 18 30.39 11.83 -12.28
N UNK J 19 29.98 11.54 -13.52
CA UNK J 19 30.02 10.17 -14.00
C UNK J 19 31.44 9.60 -13.93
N UNK J 20 32.44 10.46 -14.14
CA UNK J 20 33.84 10.05 -14.18
C UNK J 20 34.52 10.10 -12.81
N UNK J 21 33.83 10.58 -11.77
CA UNK J 21 34.36 10.65 -10.41
C UNK J 21 33.61 9.65 -9.54
N UNK J 22 34.09 8.41 -9.43
CA UNK J 22 33.36 7.40 -8.64
C UNK J 22 33.30 7.78 -7.17
N UNK J 23 32.11 7.61 -6.59
CA UNK J 23 31.90 8.01 -5.21
C UNK J 23 31.77 9.50 -5.03
N UNK J 24 31.37 10.22 -6.08
CA UNK J 24 31.20 11.68 -6.00
C UNK J 24 30.26 12.08 -4.87
N UNK J 25 29.30 11.22 -4.54
CA UNK J 25 28.28 11.58 -3.56
C UNK J 25 28.84 11.63 -2.14
N UNK J 26 29.89 10.88 -1.86
CA UNK J 26 30.48 10.79 -0.53
C UNK J 26 31.81 11.52 -0.51
N UNK J 27 32.04 12.32 0.54
CA UNK J 27 33.28 13.06 0.65
C UNK J 27 34.47 12.14 0.89
N UNK J 28 34.25 10.99 1.53
CA UNK J 28 35.33 10.03 1.75
C UNK J 28 35.56 9.17 0.52
N UNK J 29 34.49 8.60 -0.04
CA UNK J 29 34.62 7.69 -1.16
C UNK J 29 35.17 8.41 -2.39
N UNK J 30 34.84 9.70 -2.55
CA UNK J 30 35.28 10.43 -3.73
C UNK J 30 36.80 10.51 -3.82
N UNK J 31 37.49 10.43 -2.69
CA UNK J 31 38.95 10.41 -2.70
C UNK J 31 39.53 9.19 -3.38
N UNK J 32 38.69 8.19 -3.72
CA UNK J 32 39.14 7.02 -4.42
C UNK J 32 39.69 5.98 -3.47
N UNK J 33 40.05 4.82 -4.03
CA UNK J 33 40.44 3.68 -3.18
C UNK J 33 41.92 3.72 -2.77
N UNK J 34 42.17 3.49 -1.49
CA UNK J 34 43.44 3.00 -1.00
C UNK J 34 43.47 1.50 -0.82
N UNK J 35 42.29 0.89 -0.60
CA UNK J 35 42.15 -0.54 -0.45
C UNK J 35 40.90 -0.98 -1.23
N UNK J 36 40.74 -2.29 -1.37
CA UNK J 36 39.58 -2.82 -2.07
C UNK J 36 38.27 -2.56 -1.34
N UNK J 37 38.32 -2.28 -0.03
CA UNK J 37 37.08 -2.05 0.72
C UNK J 37 36.29 -0.89 0.12
N UNK J 38 37.00 0.12 -0.37
CA UNK J 38 36.38 1.23 -1.09
C UNK J 38 35.34 0.74 -2.10
N UNK J 39 35.73 -0.23 -2.94
CA UNK J 39 34.85 -0.68 -4.02
C UNK J 39 33.52 -1.17 -3.46
N UNK J 40 33.53 -1.82 -2.31
CA UNK J 40 32.27 -2.30 -1.75
C UNK J 40 31.45 -1.14 -1.18
N UNK J 41 32.12 -0.21 -0.50
CA UNK J 41 31.40 0.89 0.13
C UNK J 41 30.69 1.75 -0.92
N UNK J 42 31.36 2.00 -2.04
CA UNK J 42 30.76 2.72 -3.15
C UNK J 42 29.39 2.14 -3.53
N UNK J 43 29.23 0.82 -3.44
CA UNK J 43 27.96 0.23 -3.82
C UNK J 43 26.99 0.14 -2.66
N UNK J 44 27.50 0.02 -1.43
CA UNK J 44 26.60 -0.10 -0.28
C UNK J 44 25.98 1.24 0.10
N UNK J 45 26.66 2.35 -0.22
CA UNK J 45 26.19 3.68 0.14
C UNK J 45 25.54 4.44 -1.01
N UNK J 46 25.40 3.81 -2.19
CA UNK J 46 24.99 4.55 -3.37
C UNK J 46 23.58 5.12 -3.22
N UNK J 47 22.66 4.36 -2.63
CA UNK J 47 21.29 4.82 -2.48
C UNK J 47 20.99 5.35 -1.09
N UNK J 48 21.97 5.40 -0.20
CA UNK J 48 21.78 5.92 1.15
C UNK J 48 21.89 7.45 1.08
N UNK J 49 20.79 8.08 0.65
CA UNK J 49 20.83 9.52 0.36
C UNK J 49 21.02 10.35 1.62
N UNK J 50 20.25 10.05 2.67
CA UNK J 50 20.35 10.82 3.91
C UNK J 50 21.68 10.63 4.61
N UNK J 51 22.55 9.75 4.12
CA UNK J 51 23.94 9.73 4.52
C UNK J 51 24.82 10.61 3.64
N UNK J 52 24.37 10.93 2.42
CA UNK J 52 25.12 11.80 1.54
C UNK J 52 24.97 13.27 1.93
N UNK J 53 23.76 13.66 2.32
CA UNK J 53 23.47 15.05 2.66
C UNK J 53 22.44 15.08 3.77
N UNK J 54 22.45 16.17 4.53
CA UNK J 54 21.49 16.34 5.61
C UNK J 54 20.33 17.25 5.22
N UNK J 55 20.33 17.78 3.99
CA UNK J 55 19.28 18.67 3.54
C UNK J 55 18.09 17.86 3.07
N UNK J 56 16.96 18.02 3.75
CA UNK J 56 15.77 17.22 3.44
C UNK J 56 15.29 17.45 2.01
N UNK J 57 15.43 18.66 1.49
CA UNK J 57 14.96 18.97 0.15
C UNK J 57 15.75 18.19 -0.90
N UNK J 58 17.07 18.20 -0.80
CA UNK J 58 17.90 17.43 -1.73
C UNK J 58 17.55 15.94 -1.68
N UNK J 59 17.42 15.41 -0.47
CA UNK J 59 17.06 13.99 -0.31
C UNK J 59 15.74 13.70 -0.98
N UNK J 60 14.73 14.55 -0.75
CA UNK J 60 13.42 14.34 -1.35
C UNK J 60 13.49 14.38 -2.87
N UNK J 61 14.31 15.27 -3.42
CA UNK J 61 14.44 15.35 -4.87
C UNK J 61 15.09 14.10 -5.44
N UNK J 62 16.14 13.61 -4.77
CA UNK J 62 16.76 12.35 -5.18
C UNK J 62 15.74 11.20 -5.14
N UNK J 63 14.98 11.11 -4.05
CA UNK J 63 13.99 10.04 -3.91
C UNK J 63 12.99 10.09 -5.05
N UNK J 64 12.44 11.27 -5.32
CA UNK J 64 11.44 11.45 -6.35
C UNK J 64 11.95 10.99 -7.72
N UNK J 65 13.10 11.53 -8.14
CA UNK J 65 13.64 11.14 -9.44
C UNK J 65 13.97 9.66 -9.49
N UNK J 66 14.49 9.11 -8.40
CA UNK J 66 14.77 7.68 -8.35
C UNK J 66 13.50 6.88 -8.61
N UNK J 67 12.37 7.29 -8.02
CA UNK J 67 11.12 6.61 -8.32
C UNK J 67 10.81 6.67 -9.80
N UNK J 68 11.09 7.80 -10.45
CA UNK J 68 10.93 7.83 -11.90
C UNK J 68 11.80 6.77 -12.58
N UNK J 69 13.06 6.63 -12.14
CA UNK J 69 13.90 5.60 -12.72
C UNK J 69 13.31 4.21 -12.58
N UNK J 70 12.81 3.89 -11.38
CA UNK J 70 12.15 2.60 -11.16
C UNK J 70 11.00 2.40 -12.14
N UNK J 71 10.11 3.39 -12.25
CA UNK J 71 8.96 3.24 -13.15
C UNK J 71 9.39 3.06 -14.59
N UNK J 72 10.44 3.78 -15.01
CA UNK J 72 11.00 3.59 -16.34
C UNK J 72 11.40 2.13 -16.55
N UNK J 73 12.11 1.55 -15.57
CA UNK J 73 12.52 0.15 -15.69
C UNK J 73 11.30 -0.77 -15.76
N UNK J 74 10.27 -0.48 -14.97
CA UNK J 74 9.08 -1.33 -14.97
C UNK J 74 8.39 -1.28 -16.32
N UNK J 75 8.29 -0.09 -16.92
CA UNK J 75 7.66 0.02 -18.23
C UNK J 75 8.49 -0.67 -19.30
N UNK J 76 9.82 -0.60 -19.20
CA UNK J 76 10.67 -1.33 -20.14
C UNK J 76 10.47 -2.83 -20.00
N UNK J 77 10.27 -3.29 -18.77
CA UNK J 77 10.06 -4.71 -18.49
C UNK J 77 8.70 -5.18 -19.03
N UNK J 78 7.65 -4.39 -18.83
CA UNK J 78 6.35 -4.70 -19.43
C UNK J 78 6.42 -4.67 -20.95
N UNK J 79 7.11 -3.68 -21.51
CA UNK J 79 7.37 -3.67 -22.94
C UNK J 79 8.01 -4.97 -23.38
N UNK J 80 8.95 -5.48 -22.59
CA UNK J 80 9.53 -6.77 -22.90
C UNK J 80 8.51 -7.89 -22.91
N UNK J 81 7.65 -7.93 -21.89
CA UNK J 81 6.70 -9.04 -21.79
C UNK J 81 5.68 -9.02 -22.93
N UNK J 82 5.14 -7.84 -23.24
CA UNK J 82 4.18 -7.76 -24.35
C UNK J 82 4.86 -8.02 -25.68
N UNK J 83 6.08 -7.51 -25.87
CA UNK J 83 6.76 -7.74 -27.14
C UNK J 83 7.07 -9.22 -27.34
N UNK J 84 7.56 -9.89 -26.30
CA UNK J 84 7.77 -11.33 -26.41
C UNK J 84 6.46 -12.08 -26.60
N UNK J 85 5.36 -11.55 -26.05
CA UNK J 85 4.06 -12.14 -26.30
C UNK J 85 3.63 -12.01 -27.74
N UNK J 86 4.04 -10.94 -28.41
CA UNK J 86 3.66 -10.73 -29.80
C UNK J 86 4.56 -11.48 -30.76
N UNK J 87 5.87 -11.47 -30.50
CA UNK J 87 6.88 -11.92 -31.44
C UNK J 87 7.39 -13.33 -31.18
N UNK J 88 7.45 -13.76 -29.92
CA UNK J 88 8.02 -15.07 -29.58
C UNK J 88 7.07 -15.92 -28.77
N UNK J 89 5.76 -15.78 -28.97
CA UNK J 89 4.80 -16.54 -28.19
C UNK J 89 3.88 -17.36 -29.09
N UNK J 90 3.31 -18.39 -28.47
CA UNK J 90 2.24 -19.18 -29.06
C UNK J 90 0.86 -18.74 -28.55
N UNK J 91 0.69 -17.43 -28.31
CA UNK J 91 -0.48 -16.96 -27.58
C UNK J 91 -1.77 -17.10 -28.39
N UNK J 92 -1.68 -17.08 -29.72
CA UNK J 92 -2.88 -17.23 -30.52
C UNK J 92 -3.35 -18.69 -30.54
N UNK J 93 -2.41 -19.61 -30.76
CA UNK J 93 -2.75 -21.04 -30.69
C UNK J 93 -3.32 -21.39 -29.32
N UNK J 94 -2.68 -20.92 -28.25
CA UNK J 94 -3.22 -21.12 -26.91
C UNK J 94 -4.60 -20.49 -26.79
N UNK J 95 -4.77 -19.29 -27.35
CA UNK J 95 -6.06 -18.60 -27.30
C UNK J 95 -7.16 -19.44 -27.93
N UNK J 96 -6.82 -20.28 -28.92
CA UNK J 96 -7.81 -21.20 -29.46
C UNK J 96 -8.09 -22.35 -28.49
N UNK J 97 -7.05 -23.05 -28.06
CA UNK J 97 -7.17 -24.29 -27.29
C UNK J 97 -6.44 -24.10 -25.96
N UNK J 98 -7.05 -23.40 -25.00
CA UNK J 98 -6.31 -23.08 -23.77
C UNK J 98 -6.08 -24.28 -22.86
N UNK J 99 -7.05 -25.20 -22.78
CA UNK J 99 -6.94 -26.32 -21.87
C UNK J 99 -5.89 -27.35 -22.30
N UNK J 100 -5.34 -27.22 -23.50
CA UNK J 100 -4.32 -28.15 -23.99
C UNK J 100 -2.97 -27.46 -24.15
N UNK J 101 -2.91 -26.38 -24.93
CA UNK J 101 -1.64 -25.74 -25.24
C UNK J 101 -1.01 -25.16 -23.96
N UNK J 102 0.32 -25.27 -23.87
CA UNK J 102 1.05 -24.69 -22.75
C UNK J 102 1.59 -23.32 -23.14
N UNK J 103 1.35 -22.30 -22.32
CA UNK J 103 1.83 -20.95 -22.66
C UNK J 103 3.35 -20.88 -22.70
N UNK J 104 3.88 -20.32 -23.78
CA UNK J 104 5.32 -20.18 -23.98
C UNK J 104 5.60 -18.83 -24.60
N UNK J 105 6.45 -18.04 -23.95
CA UNK J 105 6.78 -16.70 -24.44
C UNK J 105 8.28 -16.47 -24.55
N UNK J 106 9.09 -17.53 -24.48
CA UNK J 106 10.53 -17.38 -24.65
C UNK J 106 11.05 -18.51 -25.52
N UNK J 107 11.87 -18.17 -26.51
CA UNK J 107 12.51 -19.12 -27.40
C UNK J 107 14.01 -18.91 -27.31
N UNK J 108 14.76 -20.00 -27.28
CA UNK J 108 16.22 -19.90 -27.15
C UNK J 108 16.88 -20.16 -28.49
N UNK J 109 18.07 -19.58 -28.66
CA UNK J 109 18.85 -19.75 -29.87
C UNK J 109 19.54 -21.12 -29.87
N UNK J 110 19.75 -21.71 -31.04
CA UNK J 110 20.47 -22.98 -31.11
C UNK J 110 21.97 -22.78 -31.21
N UNK J 111 22.66 -22.65 -30.08
CA UNK J 111 24.10 -22.43 -30.11
C UNK J 111 24.85 -23.66 -29.61
N UNK J 112 24.67 -23.99 -28.34
CA UNK J 112 25.61 -24.87 -27.65
C UNK J 112 24.96 -26.17 -27.23
N UNK J 113 23.77 -26.46 -27.73
CA UNK J 113 22.97 -27.58 -27.31
C UNK J 113 21.70 -27.17 -26.59
N UNK J 114 21.58 -25.89 -26.24
CA UNK J 114 20.50 -25.42 -25.38
C UNK J 114 19.14 -25.45 -26.06
N UNK J 115 19.08 -25.71 -27.37
CA UNK J 115 17.78 -25.72 -28.05
C UNK J 115 16.86 -26.79 -27.51
N UNK J 116 17.37 -27.74 -26.72
CA UNK J 116 16.51 -28.73 -26.08
C UNK J 116 15.51 -28.06 -25.16
N UNK J 117 15.85 -26.87 -24.63
CA UNK J 117 14.94 -26.15 -23.77
C UNK J 117 13.72 -25.62 -24.53
N UNK J 118 13.79 -25.58 -25.85
CA UNK J 118 12.61 -25.30 -26.67
C UNK J 118 11.81 -26.58 -26.78
N UNK J 119 10.90 -26.79 -25.82
CA UNK J 119 10.11 -27.99 -25.78
C UNK J 119 8.78 -27.86 -26.48
N UNK J 120 8.09 -29.00 -26.60
CA UNK J 120 6.77 -29.05 -27.24
C UNK J 120 5.76 -28.40 -26.30
N UNK J 121 5.34 -27.18 -26.62
CA UNK J 121 4.32 -26.54 -25.78
C UNK J 121 2.95 -26.54 -26.45
N UNK J 122 2.81 -27.22 -27.58
CA UNK J 122 1.58 -27.23 -28.33
C UNK J 122 1.55 -26.13 -29.38
N UNK J 123 0.51 -26.18 -30.21
CA UNK J 123 0.34 -25.19 -31.26
C UNK J 123 1.45 -25.17 -32.27
N UNK J 124 2.13 -26.30 -32.46
CA UNK J 124 3.28 -26.32 -33.35
C UNK J 124 4.37 -25.38 -32.92
N UNK J 125 4.61 -25.26 -31.62
CA UNK J 125 5.52 -24.27 -31.07
C UNK J 125 6.49 -24.92 -30.09
N UNK J 126 7.78 -24.64 -30.29
CA UNK J 126 8.86 -25.08 -29.43
C UNK J 126 9.33 -23.89 -28.60
N UNK J 127 9.39 -24.07 -27.29
CA UNK J 127 9.87 -22.99 -26.44
C UNK J 127 9.80 -23.35 -24.98
N UNK J 128 9.98 -22.32 -24.15
CA UNK J 128 9.96 -22.44 -22.69
C UNK J 128 8.56 -22.09 -22.20
N UNK J 129 7.98 -22.97 -21.40
CA UNK J 129 6.67 -22.71 -20.81
C UNK J 129 6.78 -21.63 -19.74
N UNK J 130 5.88 -20.64 -19.79
CA UNK J 130 5.91 -19.49 -18.90
C UNK J 130 4.86 -19.66 -17.82
N UNK J 131 5.20 -19.29 -16.59
CA UNK J 131 4.32 -19.40 -15.44
C UNK J 131 3.91 -18.04 -14.87
N UNK J 132 4.21 -16.96 -15.60
CA UNK J 132 3.89 -15.63 -15.12
C UNK J 132 2.39 -15.37 -15.12
N UNK J 133 1.69 -15.82 -16.16
CA UNK J 133 0.26 -15.64 -16.26
C UNK J 133 -0.22 -14.64 -17.29
N UNK J 134 0.67 -14.14 -18.14
CA UNK J 134 0.30 -13.06 -19.07
C UNK J 134 -0.77 -13.49 -20.07
N UNK J 135 -0.82 -14.77 -20.43
CA UNK J 135 -1.82 -15.21 -21.40
C UNK J 135 -3.24 -15.05 -20.84
N UNK J 136 -3.42 -15.39 -19.57
CA UNK J 136 -4.73 -15.26 -18.96
C UNK J 136 -5.12 -13.80 -18.76
N UNK J 137 -4.14 -12.93 -18.50
CA UNK J 137 -4.41 -11.49 -18.43
C UNK J 137 -4.84 -10.98 -19.81
N UNK J 138 -4.04 -11.27 -20.83
CA UNK J 138 -4.33 -10.78 -22.17
C UNK J 138 -5.68 -11.28 -22.68
N UNK J 139 -6.01 -12.55 -22.38
CA UNK J 139 -7.33 -13.05 -22.74
C UNK J 139 -8.42 -12.32 -21.97
N UNK J 140 -8.21 -12.10 -20.67
CA UNK J 140 -9.18 -11.37 -19.87
C UNK J 140 -9.33 -9.92 -20.32
N UNK J 141 -8.33 -9.38 -21.00
CA UNK J 141 -8.38 -8.01 -21.50
C UNK J 141 -8.95 -7.93 -22.91
N UNK J 142 -9.41 -9.05 -23.48
CA UNK J 142 -9.94 -9.06 -24.82
C UNK J 142 -8.89 -9.07 -25.92
N UNK J 143 -7.61 -9.08 -25.58
CA UNK J 143 -6.55 -9.05 -26.58
C UNK J 143 -6.57 -10.34 -27.38
N UNK J 144 -6.56 -10.22 -28.71
CA UNK J 144 -6.61 -11.37 -29.61
C UNK J 144 -5.35 -11.50 -30.45
N UNK J 145 -4.99 -10.47 -31.22
CA UNK J 145 -3.89 -10.57 -32.17
C UNK J 145 -2.56 -10.27 -31.50
N UNK J 146 -1.49 -10.78 -32.12
CA UNK J 146 -0.15 -10.35 -31.73
C UNK J 146 0.05 -8.87 -31.96
N UNK J 147 -0.66 -8.30 -32.95
CA UNK J 147 -0.52 -6.89 -33.24
C UNK J 147 -0.87 -6.03 -32.03
N UNK J 148 -1.97 -6.36 -31.35
CA UNK J 148 -2.36 -5.60 -30.16
C UNK J 148 -1.26 -5.67 -29.10
N UNK J 149 -0.62 -6.83 -28.95
CA UNK J 149 0.51 -6.94 -28.03
C UNK J 149 1.67 -6.07 -28.48
N UNK J 150 1.91 -5.98 -29.79
CA UNK J 150 2.94 -5.07 -30.30
C UNK J 150 2.63 -3.63 -29.89
N UNK J 151 1.39 -3.19 -30.12
CA UNK J 151 1.02 -1.83 -29.77
C UNK J 151 1.18 -1.56 -28.29
N UNK J 152 0.85 -2.54 -27.44
CA UNK J 152 1.03 -2.37 -26.02
C UNK J 152 2.50 -2.29 -25.65
N UNK J 153 3.34 -3.09 -26.32
CA UNK J 153 4.79 -3.03 -26.05
C UNK J 153 5.36 -1.68 -26.47
N UNK J 154 4.87 -1.12 -27.56
CA UNK J 154 5.34 0.19 -28.00
C UNK J 154 4.89 1.28 -27.03
N UNK J 155 3.63 1.24 -26.62
CA UNK J 155 3.18 2.20 -25.63
C UNK J 155 3.94 2.10 -24.33
N UNK J 156 4.22 0.87 -23.88
CA UNK J 156 5.00 0.67 -22.66
C UNK J 156 6.40 1.25 -22.83
N UNK J 157 7.01 1.05 -24.00
CA UNK J 157 8.34 1.61 -24.24
C UNK J 157 8.30 3.13 -24.19
N UNK J 158 7.27 3.73 -24.82
CA UNK J 158 7.11 5.17 -24.78
C UNK J 158 6.98 5.67 -23.35
N UNK J 159 6.20 4.98 -22.52
CA UNK J 159 6.05 5.41 -21.15
C UNK J 159 7.32 5.22 -20.34
N UNK J 160 8.11 4.19 -20.64
CA UNK J 160 9.44 4.10 -20.07
C UNK J 160 10.25 5.35 -20.38
N UNK J 161 10.20 5.80 -21.64
CA UNK J 161 10.92 7.01 -22.03
C UNK J 161 10.38 8.23 -21.29
N UNK J 162 9.06 8.33 -21.13
CA UNK J 162 8.47 9.48 -20.45
C UNK J 162 8.84 9.51 -18.98
N UNK J 163 8.78 8.36 -18.30
CA UNK J 163 9.14 8.32 -16.89
C UNK J 163 10.61 8.68 -16.69
N UNK J 164 11.49 8.08 -17.49
CA UNK J 164 12.90 8.42 -17.41
C UNK J 164 13.11 9.92 -17.62
N UNK J 165 12.45 10.47 -18.65
CA UNK J 165 12.56 11.90 -18.91
C UNK J 165 12.11 12.72 -17.70
N UNK J 166 10.98 12.34 -17.09
CA UNK J 166 10.49 13.10 -15.94
C UNK J 166 11.43 13.02 -14.76
N UNK J 167 12.10 11.88 -14.58
CA UNK J 167 13.13 11.80 -13.55
C UNK J 167 14.23 12.81 -13.78
N UNK J 168 14.80 12.82 -14.99
CA UNK J 168 15.83 13.82 -15.28
C UNK J 168 15.29 15.23 -15.15
N UNK J 169 14.02 15.44 -15.53
CA UNK J 169 13.44 16.77 -15.55
C UNK J 169 13.25 17.31 -14.15
N UNK J 170 12.71 16.50 -13.25
CA UNK J 170 12.44 16.91 -11.88
C UNK J 170 13.63 16.76 -10.96
N UNK J 171 14.75 16.22 -11.44
CA UNK J 171 15.98 16.41 -10.67
C UNK J 171 16.85 17.54 -11.17
N UNK J 172 16.85 17.79 -12.48
CA UNK J 172 17.76 18.75 -13.08
C UNK J 172 17.12 20.04 -13.55
N UNK J 173 15.81 20.03 -13.86
CA UNK J 173 15.16 21.24 -14.33
C UNK J 173 14.20 21.80 -13.28
N UNK J 174 13.03 21.19 -13.14
CA UNK J 174 11.99 21.68 -12.23
C UNK J 174 11.90 20.70 -11.05
N UNK J 175 12.66 21.00 -10.00
CA UNK J 175 12.74 20.09 -8.85
C UNK J 175 11.83 20.59 -7.74
N UNK J 176 10.82 19.83 -7.34
CA UNK J 176 9.84 20.33 -6.37
C UNK J 176 10.46 20.80 -5.06
N UNK J 177 9.84 21.82 -4.46
CA UNK J 177 10.28 22.32 -3.17
C UNK J 177 9.88 21.36 -2.06
N UNK J 178 10.56 21.48 -0.92
CA UNK J 178 10.30 20.57 0.20
C UNK J 178 8.85 20.67 0.67
N UNK J 179 8.28 21.88 0.62
CA UNK J 179 6.88 22.06 1.02
C UNK J 179 5.96 21.29 0.09
N UNK J 180 6.33 21.18 -1.19
CA UNK J 180 5.52 20.42 -2.15
C UNK J 180 5.41 18.96 -1.74
N UNK J 181 6.53 18.35 -1.35
CA UNK J 181 6.51 16.96 -0.90
C UNK J 181 5.69 16.81 0.37
N UNK J 182 5.82 17.74 1.30
CA UNK J 182 5.18 17.60 2.60
C UNK J 182 3.69 17.85 2.56
N UNK J 183 3.12 18.25 1.41
CA UNK J 183 1.68 18.43 1.31
C UNK J 183 1.03 17.05 1.26
N UNK J 184 0.86 16.48 2.47
CA UNK J 184 0.41 15.11 2.61
C UNK J 184 -1.08 14.99 2.29
N UNK J 185 -1.89 15.97 2.71
CA UNK J 185 -3.31 15.92 2.43
C UNK J 185 -3.57 15.95 0.92
N UNK J 186 -2.83 16.79 0.20
CA UNK J 186 -2.96 16.82 -1.26
C UNK J 186 -2.55 15.48 -1.87
N UNK J 187 -1.46 14.90 -1.38
CA UNK J 187 -0.97 13.64 -1.95
C UNK J 187 -1.95 12.51 -1.71
N UNK J 188 -2.43 12.37 -0.47
CA UNK J 188 -3.40 11.32 -0.16
C UNK J 188 -4.71 11.54 -0.92
N UNK J 189 -5.15 12.80 -1.03
CA UNK J 189 -6.36 13.08 -1.78
C UNK J 189 -6.22 12.69 -3.25
N UNK J 190 -5.04 12.91 -3.83
CA UNK J 190 -4.86 12.60 -5.25
C UNK J 190 -4.58 11.13 -5.50
N UNK J 191 -3.99 10.43 -4.53
CA UNK J 191 -3.75 9.00 -4.72
C UNK J 191 -4.99 8.17 -4.42
N UNK J 192 -5.81 8.60 -3.46
CA UNK J 192 -7.09 7.94 -3.22
C UNK J 192 -8.05 8.17 -4.38
N UNK J 193 -8.35 9.44 -4.68
CA UNK J 193 -9.38 9.74 -5.67
C UNK J 193 -8.84 9.71 -7.09
N UNK J 194 -7.66 10.31 -7.33
CA UNK J 194 -7.14 10.42 -8.68
C UNK J 194 -6.51 9.14 -9.20
N UNK J 195 -5.56 8.57 -8.46
CA UNK J 195 -4.83 7.40 -8.94
C UNK J 195 -5.68 6.14 -8.86
N UNK J 196 -6.08 5.76 -7.64
CA UNK J 196 -6.82 4.51 -7.45
C UNK J 196 -8.22 4.61 -8.02
N UNK J 197 -8.91 5.71 -7.76
CA UNK J 197 -10.28 5.87 -8.21
C UNK J 197 -10.43 5.93 -9.72
N UNK J 198 -9.73 6.88 -10.35
CA UNK J 198 -9.85 7.02 -11.81
C UNK J 198 -9.19 5.85 -12.52
N UNK J 199 -8.20 5.21 -11.90
CA UNK J 199 -7.66 3.99 -12.47
C UNK J 199 -8.68 2.86 -12.49
N UNK J 200 -9.30 2.60 -11.34
CA UNK J 200 -10.30 1.55 -11.27
C UNK J 200 -11.49 1.85 -12.19
N UNK J 201 -11.88 3.11 -12.28
CA UNK J 201 -12.99 3.49 -13.17
C UNK J 201 -12.61 3.28 -14.63
N UNK J 202 -11.40 3.72 -15.01
CA UNK J 202 -10.93 3.50 -16.38
C UNK J 202 -10.91 2.03 -16.73
N UNK J 203 -10.43 1.19 -15.80
CA UNK J 203 -10.37 -0.23 -16.08
C UNK J 203 -11.78 -0.82 -16.20
N UNK J 204 -12.70 -0.39 -15.34
CA UNK J 204 -14.08 -0.81 -15.50
C UNK J 204 -14.61 -0.44 -16.89
N UNK J 205 -14.21 0.73 -17.39
CA UNK J 205 -14.57 1.13 -18.74
C UNK J 205 -14.08 0.16 -19.80
N UNK J 206 -12.76 -0.11 -19.80
CA UNK J 206 -12.23 -1.06 -20.76
C UNK J 206 -12.94 -2.41 -20.67
N UNK J 207 -13.24 -2.85 -19.44
CA UNK J 207 -13.83 -4.17 -19.27
C UNK J 207 -15.24 -4.23 -19.82
N UNK J 208 -16.06 -3.22 -19.52
CA UNK J 208 -17.43 -3.26 -20.02
C UNK J 208 -17.49 -3.02 -21.52
N UNK J 209 -16.49 -2.36 -22.10
CA UNK J 209 -16.51 -2.12 -23.54
C UNK J 209 -15.67 -3.09 -24.35
N UNK J 210 -14.69 -3.75 -23.73
CA UNK J 210 -13.81 -4.64 -24.48
C UNK J 210 -13.79 -6.03 -23.88
N UNK J 211 -13.44 -6.13 -22.60
CA UNK J 211 -13.21 -7.44 -21.98
C UNK J 211 -14.48 -8.29 -21.97
N UNK J 212 -15.57 -7.74 -21.45
CA UNK J 212 -16.83 -8.50 -21.39
C UNK J 212 -17.28 -9.01 -22.76
N UNK J 213 -17.42 -8.16 -23.80
CA UNK J 213 -17.92 -8.68 -25.08
C UNK J 213 -16.99 -9.69 -25.75
N UNK J 214 -15.72 -9.32 -25.89
CA UNK J 214 -14.75 -10.21 -26.54
C UNK J 214 -14.69 -11.54 -25.81
N UNK J 215 -14.80 -11.51 -24.48
CA UNK J 215 -14.85 -12.77 -23.75
C UNK J 215 -16.16 -13.50 -23.95
N UNK J 216 -17.25 -12.77 -24.27
CA UNK J 216 -18.48 -13.46 -24.65
C UNK J 216 -18.32 -14.22 -25.95
N UNK J 217 -17.62 -13.62 -26.92
CA UNK J 217 -17.42 -14.32 -28.20
C UNK J 217 -16.42 -15.46 -28.05
N UNK J 218 -15.39 -15.28 -27.21
CA UNK J 218 -14.47 -16.38 -26.93
C UNK J 218 -15.19 -17.54 -26.27
N UNK J 219 -15.98 -17.25 -25.23
CA UNK J 219 -16.69 -18.31 -24.51
C UNK J 219 -17.73 -18.99 -25.38
N UNK J 220 -18.31 -18.28 -26.35
CA UNK J 220 -19.28 -18.87 -27.26
C UNK J 220 -18.63 -19.68 -28.37
N UNK J 221 -17.32 -19.89 -28.31
CA UNK J 221 -16.63 -20.70 -29.28
C UNK J 221 -16.26 -20.00 -30.57
N UNK J 222 -16.52 -18.69 -30.68
CA UNK J 222 -16.19 -17.98 -31.90
C UNK J 222 -14.68 -17.97 -32.11
N UNK J 223 -14.26 -18.03 -33.36
CA UNK J 223 -12.84 -17.95 -33.67
C UNK J 223 -12.34 -16.54 -33.39
N UNK J 224 -11.18 -16.39 -32.73
CA UNK J 224 -10.71 -15.05 -32.36
C UNK J 224 -10.53 -14.09 -33.52
N UNK J 225 -10.15 -14.58 -34.71
CA UNK J 225 -10.04 -13.69 -35.85
C UNK J 225 -11.41 -13.22 -36.32
N UNK J 226 -12.45 -14.04 -36.12
CA UNK J 226 -13.81 -13.66 -36.49
C UNK J 226 -14.49 -12.78 -35.46
N UNK J 227 -13.91 -12.65 -34.27
CA UNK J 227 -14.51 -11.79 -33.24
C UNK J 227 -14.39 -10.33 -33.68
N UNK J 228 -15.46 -9.55 -33.59
CA UNK J 228 -15.35 -8.11 -33.86
C UNK J 228 -14.23 -7.47 -33.07
N UNK J 229 -13.61 -6.45 -33.67
CA UNK J 229 -12.58 -5.70 -32.98
C UNK J 229 -13.19 -4.96 -31.79
N UNK J 230 -12.39 -4.67 -30.76
CA UNK J 230 -12.97 -4.06 -29.54
C UNK J 230 -13.66 -2.73 -29.77
N UNK J 231 -13.20 -1.93 -30.74
CA UNK J 231 -13.84 -0.64 -30.98
C UNK J 231 -15.13 -0.76 -31.78
N UNK J 232 -15.31 -1.88 -32.51
CA UNK J 232 -16.59 -2.10 -33.17
C UNK J 232 -17.72 -2.25 -32.16
N UNK J 233 -17.40 -2.66 -30.93
CA UNK J 233 -18.40 -2.67 -29.87
C UNK J 233 -18.68 -1.26 -29.37
N UNK J 234 -17.73 -0.35 -29.51
CA UNK J 234 -17.96 1.03 -29.11
C UNK J 234 -18.77 1.77 -30.17
N UNK J 235 -18.50 1.50 -31.45
CA UNK J 235 -19.19 2.16 -32.55
C UNK J 235 -20.63 1.66 -32.67
N UNK J 236 -20.81 0.48 -33.24
CA UNK J 236 -22.13 -0.13 -33.35
C UNK J 236 -22.50 -0.73 -32.00
N UNK J 237 -23.40 -0.06 -31.28
CA UNK J 237 -23.91 -0.59 -30.03
C UNK J 237 -24.79 -1.81 -30.22
N UNK J 238 -25.09 -2.19 -31.47
CA UNK J 238 -25.89 -3.38 -31.70
C UNK J 238 -25.12 -4.65 -31.40
N UNK J 239 -23.79 -4.64 -31.57
CA UNK J 239 -22.98 -5.79 -31.20
C UNK J 239 -23.10 -6.06 -29.70
N UNK J 240 -22.79 -5.03 -28.89
CA UNK J 240 -22.96 -5.14 -27.45
C UNK J 240 -24.39 -5.50 -27.09
N UNK J 241 -25.37 -4.80 -27.68
CA UNK J 241 -26.77 -5.03 -27.34
C UNK J 241 -27.18 -6.47 -27.62
N UNK J 242 -26.71 -7.03 -28.73
CA UNK J 242 -26.89 -8.46 -28.97
C UNK J 242 -26.26 -9.28 -27.85
N UNK J 243 -25.06 -8.89 -27.42
CA UNK J 243 -24.45 -9.58 -26.28
C UNK J 243 -25.06 -9.12 -24.96
N UNK J 244 -25.17 -7.81 -24.77
CA UNK J 244 -25.64 -7.22 -23.52
C UNK J 244 -26.72 -6.18 -23.86
N UNK J 245 -27.99 -6.53 -23.72
CA UNK J 245 -29.06 -5.64 -24.24
C UNK J 245 -29.14 -4.29 -23.57
N UNK J 246 -28.68 -4.17 -22.33
CA UNK J 246 -28.83 -2.92 -21.57
C UNK J 246 -28.23 -1.73 -22.32
N UNK J 247 -27.22 -1.96 -23.15
CA UNK J 247 -26.58 -0.88 -23.89
C UNK J 247 -27.50 -0.21 -24.89
N UNK J 248 -28.73 -0.68 -25.06
CA UNK J 248 -29.67 0.02 -25.92
C UNK J 248 -30.26 1.26 -25.27
N UNK J 249 -30.06 1.44 -23.96
CA UNK J 249 -30.72 2.53 -23.25
C UNK J 249 -30.03 3.87 -23.47
N UNK J 250 -28.70 3.88 -23.52
CA UNK J 250 -27.98 5.13 -23.69
C UNK J 250 -27.63 5.78 -22.38
N UNK J 251 -27.31 4.98 -21.38
CA UNK J 251 -26.92 5.42 -20.04
C UNK J 251 -28.00 6.26 -19.36
N UNK J 252 -29.22 6.29 -19.90
CA UNK J 252 -30.31 6.94 -19.19
C UNK J 252 -30.67 6.26 -17.87
N UNK J 253 -30.62 4.93 -17.72
CA UNK J 253 -30.89 4.35 -16.40
C UNK J 253 -29.85 4.76 -15.36
N UNK J 254 -28.65 5.15 -15.79
CA UNK J 254 -27.64 5.59 -14.85
C UNK J 254 -28.02 6.91 -14.21
N UNK J 255 -28.48 7.87 -15.02
CA UNK J 255 -28.89 9.16 -14.48
C UNK J 255 -30.25 9.09 -13.81
N UNK J 256 -31.14 8.22 -14.27
CA UNK J 256 -32.47 8.08 -13.68
C UNK J 256 -32.50 7.10 -12.53
N UNK J 257 -31.34 6.60 -12.09
CA UNK J 257 -31.21 5.72 -10.93
C UNK J 257 -31.96 4.40 -11.14
N UNK J 258 -32.19 4.02 -12.39
CA UNK J 258 -32.74 2.70 -12.73
C UNK J 258 -31.67 1.63 -12.78
N UNK J 259 -30.65 1.75 -11.94
CA UNK J 259 -29.43 0.97 -12.08
C UNK J 259 -29.68 -0.53 -12.07
N UNK J 260 -30.79 -0.99 -11.47
CA UNK J 260 -31.08 -2.41 -11.44
C UNK J 260 -31.17 -3.00 -12.84
N UNK J 261 -31.60 -2.19 -13.83
CA UNK J 261 -31.68 -2.66 -15.20
C UNK J 261 -30.31 -3.04 -15.77
N UNK J 262 -29.22 -2.57 -15.17
CA UNK J 262 -27.88 -2.97 -15.58
C UNK J 262 -27.44 -4.29 -14.98
N UNK J 263 -28.32 -5.02 -14.31
CA UNK J 263 -27.96 -6.31 -13.73
C UNK J 263 -27.57 -7.31 -14.81
N UNK J 264 -27.68 -6.89 -16.07
CA UNK J 264 -27.28 -7.74 -17.19
C UNK J 264 -25.78 -7.98 -17.19
N UNK J 265 -24.98 -6.91 -17.25
CA UNK J 265 -23.53 -7.03 -17.29
C UNK J 265 -22.84 -6.60 -16.01
N UNK J 266 -23.59 -6.11 -15.02
CA UNK J 266 -23.07 -5.81 -13.69
C UNK J 266 -23.76 -6.74 -12.71
N UNK J 267 -23.02 -7.69 -12.15
CA UNK J 267 -23.62 -8.79 -11.42
C UNK J 267 -22.89 -9.02 -10.10
N UNK J 268 -23.63 -9.65 -9.17
CA UNK J 268 -23.09 -10.03 -7.86
C UNK J 268 -23.18 -11.54 -7.67
N UNK J 269 -23.05 -12.30 -8.75
CA UNK J 269 -23.25 -13.75 -8.68
C UNK J 269 -22.21 -14.41 -7.77
N UNK J 270 -20.95 -14.05 -7.95
CA UNK J 270 -19.88 -14.68 -7.19
C UNK J 270 -19.60 -16.08 -7.70
N UNK J 271 -18.69 -16.75 -7.00
CA UNK J 271 -18.25 -18.04 -7.47
C UNK J 271 -17.40 -17.91 -8.72
N UNK J 272 -17.39 -18.98 -9.53
CA UNK J 272 -16.57 -19.07 -10.71
C UNK J 272 -17.40 -19.37 -11.94
N UNK J 273 -16.98 -18.84 -13.08
CA UNK J 273 -17.58 -19.21 -14.35
C UNK J 273 -17.16 -20.63 -14.70
N UNK J 274 -18.08 -21.58 -14.83
CA UNK J 274 -17.67 -22.99 -15.02
C UNK J 274 -16.99 -23.27 -16.34
N UNK J 275 -17.13 -22.38 -17.34
CA UNK J 275 -16.44 -22.59 -18.61
C UNK J 275 -14.97 -22.22 -18.50
N UNK J 276 -14.67 -21.04 -17.95
CA UNK J 276 -13.29 -20.56 -17.85
C UNK J 276 -12.64 -20.86 -16.52
N UNK J 277 -13.41 -21.24 -15.49
CA UNK J 277 -12.83 -21.44 -14.18
C UNK J 277 -12.35 -20.19 -13.49
N UNK J 278 -12.56 -19.00 -14.08
CA UNK J 278 -12.22 -17.75 -13.45
C UNK J 278 -13.47 -17.02 -12.98
N UNK J 279 -13.23 -15.94 -12.25
CA UNK J 279 -14.32 -15.15 -11.70
C UNK J 279 -15.14 -14.51 -12.82
N UNK J 280 -16.42 -14.30 -12.54
CA UNK J 280 -17.31 -13.69 -13.51
C UNK J 280 -16.88 -12.27 -13.85
N UNK J 281 -16.67 -12.01 -15.14
CA UNK J 281 -16.22 -10.69 -15.57
C UNK J 281 -17.28 -9.63 -15.29
N UNK J 282 -18.55 -10.00 -15.29
CA UNK J 282 -19.59 -9.06 -14.87
C UNK J 282 -19.36 -8.62 -13.42
N UNK J 283 -19.11 -9.60 -12.55
CA UNK J 283 -18.78 -9.29 -11.16
C UNK J 283 -17.53 -8.43 -11.06
N UNK J 284 -16.56 -8.62 -11.96
CA UNK J 284 -15.31 -7.90 -11.86
C UNK J 284 -15.47 -6.45 -12.32
N UNK J 285 -16.18 -6.22 -13.42
CA UNK J 285 -16.45 -4.85 -13.86
C UNK J 285 -17.26 -4.11 -12.80
N UNK J 286 -18.35 -4.74 -12.33
CA UNK J 286 -19.11 -4.16 -11.22
C UNK J 286 -18.20 -3.83 -10.04
N UNK J 287 -17.26 -4.73 -9.76
CA UNK J 287 -16.32 -4.54 -8.66
C UNK J 287 -15.48 -3.28 -8.86
N UNK J 288 -14.83 -3.17 -10.02
CA UNK J 288 -14.00 -1.99 -10.28
C UNK J 288 -14.82 -0.71 -10.24
N UNK J 289 -16.10 -0.76 -10.64
CA UNK J 289 -16.94 0.41 -10.52
C UNK J 289 -17.14 0.80 -9.05
N UNK J 290 -17.55 -0.17 -8.22
CA UNK J 290 -17.76 0.13 -6.81
C UNK J 290 -16.48 0.67 -6.15
N UNK J 291 -15.35 0.00 -6.39
CA UNK J 291 -14.07 0.47 -5.87
C UNK J 291 -13.79 1.89 -6.32
N UNK J 292 -14.05 2.19 -7.59
CA UNK J 292 -13.86 3.54 -8.10
C UNK J 292 -14.66 4.55 -7.29
N UNK J 293 -15.94 4.26 -7.03
CA UNK J 293 -16.75 5.17 -6.23
C UNK J 293 -16.15 5.33 -4.84
N UNK J 294 -15.78 4.21 -4.21
CA UNK J 294 -15.28 4.28 -2.83
C UNK J 294 -14.03 5.15 -2.72
N UNK J 295 -13.10 5.00 -3.67
CA UNK J 295 -11.87 5.78 -3.61
C UNK J 295 -12.09 7.23 -3.99
N UNK J 296 -12.95 7.47 -4.99
CA UNK J 296 -13.29 8.85 -5.33
C UNK J 296 -13.91 9.58 -4.14
N UNK J 297 -14.68 8.86 -3.31
CA UNK J 297 -15.18 9.45 -2.08
C UNK J 297 -14.06 9.65 -1.08
N UNK J 298 -13.23 8.62 -0.89
CA UNK J 298 -12.17 8.68 0.11
C UNK J 298 -11.19 9.82 -0.17
N UNK J 299 -11.05 10.24 -1.41
CA UNK J 299 -10.14 11.30 -1.78
C UNK J 299 -10.57 12.70 -1.43
N UNK J 300 -11.72 12.88 -0.78
CA UNK J 300 -12.17 14.20 -0.32
C UNK J 300 -12.10 14.34 1.19
N UNK J 301 -11.41 13.43 1.88
CA UNK J 301 -11.41 13.47 3.34
C UNK J 301 -10.53 14.59 3.87
N UNK J 302 -9.47 14.94 3.14
CA UNK J 302 -8.39 15.77 3.68
C UNK J 302 -8.49 17.20 3.13
N UNK J 303 -8.34 18.18 4.02
CA UNK J 303 -8.47 19.57 3.63
C UNK J 303 -7.20 20.04 2.92
N UNK J 304 -7.40 20.90 1.92
CA UNK J 304 -6.28 21.45 1.16
C UNK J 304 -6.36 22.96 1.12
N UNK J 305 -7.09 23.52 0.16
CA UNK J 305 -7.14 24.96 -0.04
C UNK J 305 -8.51 25.57 0.17
N UNK J 306 -9.55 24.77 0.46
CA UNK J 306 -10.91 25.28 0.49
C UNK J 306 -11.61 25.05 1.82
N UNK J 307 -10.86 24.88 2.91
CA UNK J 307 -11.44 24.90 4.23
C UNK J 307 -12.23 23.69 4.64
N UNK J 308 -12.96 23.08 3.69
CA UNK J 308 -13.67 21.84 3.99
C UNK J 308 -12.66 20.71 4.14
N UNK J 309 -13.01 19.73 4.95
CA UNK J 309 -12.18 18.54 5.09
C UNK J 309 -11.35 18.54 6.35
N UNK J 310 -10.44 17.56 6.40
CA UNK J 310 -9.69 17.26 7.59
C UNK J 310 -8.23 17.69 7.46
N UNK J 311 -7.68 18.19 8.56
CA UNK J 311 -6.24 18.21 8.74
C UNK J 311 -5.86 16.95 9.52
N UNK J 312 -4.81 16.28 9.06
CA UNK J 312 -4.44 15.00 9.67
C UNK J 312 -3.87 15.21 11.06
N UNK J 313 -3.12 16.29 11.26
CA UNK J 313 -2.58 16.63 12.57
C UNK J 313 -3.69 16.76 13.61
N UNK J 314 -4.79 17.41 13.25
CA UNK J 314 -5.93 17.50 14.16
C UNK J 314 -6.43 16.11 14.56
N UNK J 315 -6.62 15.24 13.57
CA UNK J 315 -7.13 13.90 13.85
C UNK J 315 -6.21 13.15 14.79
N UNK J 316 -4.90 13.16 14.50
CA UNK J 316 -3.94 12.53 15.39
C UNK J 316 -4.07 13.04 16.82
N UNK J 317 -4.00 14.37 16.99
CA UNK J 317 -3.92 14.92 18.33
C UNK J 317 -5.16 14.61 19.17
N UNK J 318 -6.33 14.49 18.54
CA UNK J 318 -7.54 14.21 19.30
C UNK J 318 -7.56 12.81 19.88
N UNK J 319 -6.73 11.90 19.38
CA UNK J 319 -6.77 10.49 19.76
C UNK J 319 -5.75 10.23 20.87
N UNK J 320 -6.22 10.26 22.12
CA UNK J 320 -5.38 9.99 23.28
C UNK J 320 -6.27 9.52 24.41
N UNK J 321 -5.70 8.74 25.32
CA UNK J 321 -6.49 8.12 26.37
C UNK J 321 -5.73 7.91 27.67
N UNK J 322 -6.43 7.31 28.65
CA UNK J 322 -5.83 7.14 30.00
C UNK J 322 -4.65 6.19 30.03
N UNK J 323 -4.49 5.33 29.03
CA UNK J 323 -3.37 4.38 29.02
C UNK J 323 -2.19 4.91 28.25
N UNK J 324 -2.43 5.74 27.23
CA UNK J 324 -1.39 6.14 26.28
C UNK J 324 -0.97 7.59 26.41
N UNK J 325 -1.47 8.31 27.41
CA UNK J 325 -1.02 9.67 27.62
C UNK J 325 -1.55 10.61 26.57
N UNK J 326 -0.63 11.38 25.97
CA UNK J 326 -0.97 12.35 24.95
C UNK J 326 -0.93 11.76 23.54
N UNK J 327 -0.83 10.44 23.42
CA UNK J 327 -0.46 9.73 22.21
C UNK J 327 -0.96 10.27 20.89
N UNK J 328 -0.15 10.09 19.83
CA UNK J 328 -0.39 10.55 18.47
C UNK J 328 0.03 12.00 18.30
N UNK J 329 0.18 12.71 19.41
CA UNK J 329 0.73 14.06 19.40
C UNK J 329 2.18 13.98 18.98
N UNK J 330 2.49 14.52 17.80
CA UNK J 330 3.84 14.56 17.28
C UNK J 330 4.06 13.71 16.06
N UNK J 331 3.13 12.80 15.74
CA UNK J 331 3.35 11.89 14.63
C UNK J 331 3.29 12.59 13.28
N UNK J 332 2.45 13.62 13.14
CA UNK J 332 2.43 14.36 11.88
C UNK J 332 3.78 14.99 11.59
N UNK J 333 4.49 15.42 12.63
CA UNK J 333 5.80 16.03 12.44
C UNK J 333 6.85 14.98 12.09
N UNK J 334 6.71 13.76 12.61
CA UNK J 334 7.66 12.70 12.31
C UNK J 334 7.44 12.19 10.89
N UNK J 335 6.18 11.94 10.52
CA UNK J 335 5.83 11.36 9.23
C UNK J 335 5.95 12.34 8.08
N UNK J 336 6.10 13.64 8.34
CA UNK J 336 6.41 14.61 7.31
C UNK J 336 7.88 15.02 7.33
N UNK J 337 8.70 14.32 8.11
CA UNK J 337 10.11 14.61 8.25
C UNK J 337 11.00 13.45 7.87
N UNK J 338 10.68 12.23 8.31
CA UNK J 338 11.52 11.06 8.11
C UNK J 338 11.03 10.26 6.90
N UNK J 339 11.89 10.14 5.90
CA UNK J 339 11.58 9.22 4.80
C UNK J 339 11.57 7.77 5.27
N UNK J 340 12.54 7.39 6.11
CA UNK J 340 12.62 6.01 6.58
C UNK J 340 11.37 5.57 7.34
N UNK J 341 10.73 6.50 8.06
CA UNK J 341 9.48 6.18 8.74
C UNK J 341 8.39 5.81 7.73
N UNK J 342 8.18 6.68 6.73
CA UNK J 342 7.20 6.42 5.70
C UNK J 342 7.50 5.11 4.98
N UNK J 343 8.77 4.90 4.62
CA UNK J 343 9.15 3.66 3.95
C UNK J 343 8.90 2.45 4.84
N UNK J 344 9.04 2.62 6.16
CA UNK J 344 8.75 1.51 7.07
C UNK J 344 7.27 1.14 7.03
N UNK J 345 6.39 2.12 7.23
CA UNK J 345 4.95 1.80 7.20
C UNK J 345 4.54 1.25 5.85
N UNK J 346 5.04 1.86 4.76
CA UNK J 346 4.64 1.47 3.42
C UNK J 346 5.17 0.09 3.05
N UNK J 347 6.37 -0.27 3.51
CA UNK J 347 6.88 -1.61 3.28
C UNK J 347 6.05 -2.63 4.04
N UNK J 348 5.74 -2.33 5.31
CA UNK J 348 4.88 -3.22 6.09
C UNK J 348 3.56 -3.48 5.37
N UNK J 349 2.85 -2.40 5.01
CA UNK J 349 1.53 -2.55 4.44
C UNK J 349 1.55 -3.12 3.03
N UNK J 350 2.58 -2.79 2.25
CA UNK J 350 2.66 -3.28 0.88
C UNK J 350 3.00 -4.76 0.85
N UNK J 351 3.90 -5.21 1.75
CA UNK J 351 4.19 -6.63 1.82
C UNK J 351 3.01 -7.43 2.34
N UNK J 352 2.40 -6.98 3.43
CA UNK J 352 1.19 -7.62 3.93
C UNK J 352 0.14 -7.71 2.84
N UNK J 353 -0.01 -6.63 2.06
CA UNK J 353 -0.91 -6.64 0.92
C UNK J 353 -0.54 -7.73 -0.08
N UNK J 354 0.75 -7.81 -0.45
CA UNK J 354 1.18 -8.81 -1.42
C UNK J 354 0.81 -10.22 -0.96
N UNK J 355 0.94 -10.49 0.34
CA UNK J 355 0.57 -11.81 0.86
C UNK J 355 -0.93 -12.03 0.74
N UNK J 356 -1.72 -11.01 1.08
CA UNK J 356 -3.18 -11.13 0.94
C UNK J 356 -3.55 -11.39 -0.51
N UNK J 357 -2.87 -10.72 -1.45
CA UNK J 357 -3.07 -10.97 -2.87
C UNK J 357 -2.80 -12.43 -3.18
N UNK J 358 -1.69 -12.96 -2.66
CA UNK J 358 -1.35 -14.36 -2.89
C UNK J 358 -2.49 -15.29 -2.50
N UNK J 359 -3.10 -15.06 -1.33
CA UNK J 359 -4.25 -15.91 -0.96
C UNK J 359 -5.43 -15.69 -1.89
N UNK J 360 -5.81 -14.43 -2.11
CA UNK J 360 -7.07 -14.17 -2.80
C UNK J 360 -7.04 -14.60 -4.26
N UNK J 361 -5.87 -14.62 -4.89
CA UNK J 361 -5.81 -14.99 -6.29
C UNK J 361 -5.95 -16.50 -6.49
N UNK J 362 -5.49 -17.33 -5.55
CA UNK J 362 -5.74 -18.76 -5.68
C UNK J 362 -7.17 -19.10 -5.28
N UNK J 363 -7.64 -18.53 -4.17
CA UNK J 363 -8.97 -18.92 -3.71
C UNK J 363 -10.08 -18.27 -4.56
N UNK J 364 -9.75 -17.30 -5.40
CA UNK J 364 -10.71 -16.64 -6.27
C UNK J 364 -10.01 -16.32 -7.58
N UNK J 365 -9.77 -17.32 -8.42
CA UNK J 365 -8.98 -17.10 -9.64
C UNK J 365 -9.61 -16.05 -10.54
N UNK J 366 -8.93 -14.93 -10.74
CA UNK J 366 -9.57 -13.79 -11.43
C UNK J 366 -9.50 -13.85 -12.95
N UNK J 367 -8.60 -14.65 -13.49
CA UNK J 367 -8.48 -14.68 -14.94
C UNK J 367 -9.00 -15.99 -15.52
N UNK J 368 -9.50 -15.97 -16.76
CA UNK J 368 -9.95 -17.21 -17.39
C UNK J 368 -8.80 -18.19 -17.59
N UNK J 369 -9.09 -19.47 -17.39
CA UNK J 369 -8.14 -20.56 -17.61
C UNK J 369 -6.86 -20.37 -16.78
N UNK J 370 -6.98 -19.70 -15.64
CA UNK J 370 -5.88 -19.53 -14.72
C UNK J 370 -5.87 -20.61 -13.64
N UNK J 371 -7.04 -20.95 -13.10
CA UNK J 371 -7.10 -21.91 -12.01
C UNK J 371 -6.55 -23.28 -12.41
N UNK J 372 -6.87 -23.74 -13.63
CA UNK J 372 -6.46 -25.05 -14.10
C UNK J 372 -5.00 -25.10 -14.57
N UNK J 373 -4.36 -23.95 -14.77
CA UNK J 373 -2.94 -23.89 -15.10
C UNK J 373 -2.18 -23.89 -13.77
N UNK J 374 -1.87 -25.10 -13.28
CA UNK J 374 -1.32 -25.22 -11.93
C UNK J 374 0.09 -24.64 -11.83
N UNK J 375 0.87 -24.72 -12.90
CA UNK J 375 2.19 -24.10 -12.88
C UNK J 375 2.12 -22.61 -12.64
N UNK J 376 1.20 -21.94 -13.35
CA UNK J 376 1.05 -20.49 -13.17
C UNK J 376 0.53 -20.17 -11.77
N UNK J 377 -0.42 -20.96 -11.25
CA UNK J 377 -0.99 -20.65 -9.95
C UNK J 377 0.03 -20.86 -8.83
N UNK J 378 0.69 -22.01 -8.81
CA UNK J 378 1.74 -22.25 -7.83
C UNK J 378 2.81 -21.16 -7.93
N UNK J 379 3.21 -20.83 -9.16
CA UNK J 379 4.24 -19.80 -9.35
C UNK J 379 3.80 -18.46 -8.80
N UNK J 380 2.54 -18.07 -9.02
CA UNK J 380 2.06 -16.78 -8.56
C UNK J 380 2.01 -16.72 -7.05
N UNK J 381 1.35 -17.70 -6.42
CA UNK J 381 1.28 -17.74 -4.97
C UNK J 381 2.67 -17.68 -4.35
N UNK J 382 3.56 -18.59 -4.75
CA UNK J 382 4.91 -18.61 -4.19
C UNK J 382 5.62 -17.27 -4.38
N UNK J 383 5.58 -16.74 -5.60
CA UNK J 383 6.21 -15.47 -5.92
C UNK J 383 5.75 -14.36 -4.97
N UNK J 384 4.43 -14.16 -4.87
CA UNK J 384 3.94 -13.04 -4.07
C UNK J 384 4.19 -13.25 -2.59
N UNK J 385 4.19 -14.50 -2.11
CA UNK J 385 4.63 -14.73 -0.73
C UNK J 385 6.05 -14.22 -0.52
N UNK J 386 6.96 -14.54 -1.45
CA UNK J 386 8.34 -14.09 -1.27
C UNK J 386 8.43 -12.57 -1.27
N UNK J 387 7.76 -11.91 -2.24
CA UNK J 387 7.79 -10.45 -2.28
C UNK J 387 7.30 -9.88 -0.96
N UNK J 388 6.15 -10.37 -0.47
CA UNK J 388 5.62 -9.88 0.79
C UNK J 388 6.60 -10.00 1.94
N UNK J 389 7.14 -11.20 2.15
CA UNK J 389 8.05 -11.41 3.26
C UNK J 389 9.27 -10.50 3.22
N UNK J 390 9.91 -10.43 2.04
CA UNK J 390 11.04 -9.51 1.88
C UNK J 390 10.65 -8.09 2.25
N UNK J 391 9.53 -7.60 1.71
CA UNK J 391 9.11 -6.23 1.98
C UNK J 391 8.91 -5.99 3.47
N UNK J 392 8.40 -6.98 4.20
CA UNK J 392 8.17 -6.78 5.63
C UNK J 392 9.49 -6.70 6.39
N UNK J 393 10.44 -7.60 6.08
CA UNK J 393 11.76 -7.47 6.72
C UNK J 393 12.35 -6.09 6.42
N UNK J 394 12.11 -5.57 5.21
CA UNK J 394 12.54 -4.21 4.92
C UNK J 394 11.89 -3.19 5.83
N UNK J 395 10.59 -3.34 6.09
CA UNK J 395 9.90 -2.44 7.01
C UNK J 395 10.58 -2.42 8.37
N UNK J 396 11.01 -3.58 8.86
CA UNK J 396 11.78 -3.59 10.11
C UNK J 396 13.08 -2.83 9.96
N UNK J 397 13.81 -3.06 8.87
CA UNK J 397 15.09 -2.37 8.67
C UNK J 397 14.92 -0.86 8.73
N UNK J 398 13.85 -0.32 8.13
CA UNK J 398 13.73 1.13 8.07
C UNK J 398 13.09 1.70 9.33
N UNK J 399 12.25 0.94 10.04
CA UNK J 399 11.91 1.35 11.39
C UNK J 399 13.16 1.50 12.25
N UNK J 400 14.11 0.59 12.08
CA UNK J 400 15.37 0.68 12.83
C UNK J 400 16.18 1.88 12.40
N UNK J 401 16.28 2.13 11.08
CA UNK J 401 17.04 3.28 10.62
C UNK J 401 16.40 4.57 11.12
N UNK J 402 15.08 4.62 11.20
CA UNK J 402 14.43 5.76 11.82
C UNK J 402 14.88 5.90 13.27
N UNK J 403 14.77 4.83 14.05
CA UNK J 403 15.13 4.92 15.47
C UNK J 403 16.55 5.43 15.64
N UNK J 404 17.49 4.94 14.84
CA UNK J 404 18.88 5.34 15.04
C UNK J 404 19.11 6.76 14.54
N UNK J 405 18.59 7.12 13.37
CA UNK J 405 18.98 8.36 12.71
C UNK J 405 18.04 9.54 12.93
N UNK J 406 16.72 9.32 12.86
CA UNK J 406 15.76 10.42 12.83
C UNK J 406 15.03 10.63 14.16
N UNK J 407 15.22 9.75 15.13
CA UNK J 407 14.53 9.85 16.40
C UNK J 407 15.22 10.88 17.29
N UNK J 408 14.46 11.83 17.83
CA UNK J 408 15.01 12.87 18.69
C UNK J 408 13.90 13.38 19.61
N UNK J 409 13.87 12.92 20.86
CA UNK J 409 12.80 13.35 21.78
C UNK J 409 12.86 14.82 22.15
N UNK J 410 14.02 15.46 22.02
CA UNK J 410 14.12 16.88 22.34
C UNK J 410 13.55 17.77 21.24
N UNK J 411 13.18 17.20 20.10
CA UNK J 411 12.73 18.01 18.96
C UNK J 411 11.39 17.53 18.43
N UNK J 412 11.30 16.26 18.05
CA UNK J 412 10.07 15.67 17.53
C UNK J 412 9.68 14.51 18.42
N UNK J 413 8.92 14.81 19.47
CA UNK J 413 8.54 13.87 20.49
C UNK J 413 7.19 13.24 20.16
N UNK J 414 7.02 11.98 20.58
CA UNK J 414 5.73 11.30 20.51
C UNK J 414 5.55 10.47 21.77
N UNK J 415 4.37 10.58 22.37
CA UNK J 415 4.12 9.91 23.64
C UNK J 415 4.05 8.40 23.48
N UNK J 416 3.36 7.93 22.44
CA UNK J 416 3.24 6.48 22.23
C UNK J 416 4.60 5.83 22.07
N UNK J 417 5.45 6.42 21.22
CA UNK J 417 6.79 5.87 20.99
C UNK J 417 7.60 5.86 22.28
N UNK J 418 7.52 6.95 23.05
CA UNK J 418 8.26 7.02 24.31
C UNK J 418 7.80 5.94 25.28
N UNK J 419 6.49 5.71 25.37
CA UNK J 419 5.99 4.68 26.30
C UNK J 419 6.43 3.30 25.88
N UNK J 420 6.32 2.98 24.58
CA UNK J 420 6.83 1.71 24.08
C UNK J 420 8.29 1.54 24.48
N UNK J 421 9.13 2.51 24.14
CA UNK J 421 10.53 2.48 24.55
C UNK J 421 10.67 2.30 26.07
N UNK J 422 9.67 2.77 26.83
CA UNK J 422 9.74 2.73 28.27
C UNK J 422 9.28 1.39 28.86
N UNK J 423 8.76 0.47 28.05
CA UNK J 423 8.57 -0.90 28.53
C UNK J 423 8.99 -1.94 27.48
N UNK J 424 10.03 -1.60 26.70
CA UNK J 424 10.56 -2.52 25.69
C UNK J 424 10.94 -3.87 26.29
N UNK J 425 11.44 -3.89 27.53
CA UNK J 425 11.81 -5.15 28.16
C UNK J 425 10.59 -6.04 28.37
N UNK J 426 9.48 -5.45 28.79
CA UNK J 426 8.26 -6.25 28.94
C UNK J 426 7.80 -6.78 27.60
N UNK J 427 7.73 -5.90 26.58
CA UNK J 427 7.26 -6.34 25.26
C UNK J 427 8.08 -7.52 24.76
N UNK J 428 9.42 -7.37 24.76
CA UNK J 428 10.27 -8.40 24.17
C UNK J 428 10.27 -9.66 25.01
N UNK J 429 10.22 -9.53 26.35
CA UNK J 429 10.15 -10.73 27.19
C UNK J 429 8.89 -11.55 26.90
N UNK J 430 7.75 -10.87 26.78
CA UNK J 430 6.50 -11.58 26.51
C UNK J 430 6.50 -12.22 25.12
N UNK J 431 6.95 -11.49 24.11
CA UNK J 431 7.07 -12.08 22.77
C UNK J 431 7.97 -13.31 22.80
N UNK J 432 9.09 -13.21 23.51
CA UNK J 432 9.98 -14.37 23.70
C UNK J 432 9.21 -15.56 24.23
N UNK J 433 8.47 -15.37 25.34
CA UNK J 433 7.72 -16.48 25.93
C UNK J 433 6.74 -17.08 24.91
N UNK J 434 5.95 -16.24 24.24
CA UNK J 434 4.97 -16.74 23.28
C UNK J 434 5.67 -17.56 22.20
N UNK J 435 6.85 -17.13 21.78
CA UNK J 435 7.58 -17.89 20.77
C UNK J 435 7.97 -19.26 21.29
N UNK J 436 8.41 -19.36 22.55
CA UNK J 436 8.78 -20.68 23.07
C UNK J 436 7.54 -21.58 23.17
N UNK J 437 6.46 -21.05 23.75
CA UNK J 437 5.22 -21.80 23.85
C UNK J 437 4.75 -22.29 22.49
N UNK J 438 4.84 -21.45 21.46
CA UNK J 438 4.38 -21.83 20.14
C UNK J 438 5.31 -22.87 19.50
N UNK J 439 6.61 -22.74 19.69
CA UNK J 439 7.55 -23.76 19.26
C UNK J 439 7.17 -25.12 19.80
N UNK J 440 7.06 -25.22 21.12
CA UNK J 440 6.71 -26.51 21.72
C UNK J 440 5.37 -27.01 21.20
N UNK J 441 4.32 -26.19 21.29
CA UNK J 441 2.97 -26.66 21.05
C UNK J 441 2.56 -26.59 19.60
N UNK J 442 3.50 -26.39 18.68
CA UNK J 442 3.27 -26.65 17.27
C UNK J 442 4.26 -27.69 16.74
N UNK J 443 5.56 -27.42 16.82
CA UNK J 443 6.55 -28.34 16.27
C UNK J 443 6.75 -29.56 17.17
N UNK J 444 6.74 -29.36 18.48
CA UNK J 444 6.87 -30.48 19.40
C UNK J 444 5.78 -31.51 19.22
N UNK J 445 4.63 -31.11 18.69
CA UNK J 445 3.58 -32.08 18.36
C UNK J 445 4.00 -32.94 17.18
N UNK J 446 4.65 -32.34 16.19
CA UNK J 446 5.23 -33.14 15.11
C UNK J 446 6.22 -34.15 15.65
N UNK J 447 7.13 -33.71 16.52
CA UNK J 447 8.10 -34.65 17.08
C UNK J 447 7.39 -35.75 17.85
N UNK J 448 6.34 -35.40 18.58
CA UNK J 448 5.51 -36.40 19.24
C UNK J 448 5.00 -37.44 18.25
N UNK J 449 4.51 -36.98 17.09
CA UNK J 449 3.94 -37.90 16.11
C UNK J 449 5.02 -38.78 15.47
N UNK J 450 6.18 -38.21 15.14
CA UNK J 450 7.28 -39.01 14.60
C UNK J 450 7.69 -40.09 15.59
N UNK J 451 7.80 -39.73 16.87
CA UNK J 451 8.25 -40.71 17.86
C UNK J 451 7.21 -41.79 18.07
N UNK J 452 5.93 -41.43 18.12
CA UNK J 452 4.88 -42.44 18.29
C UNK J 452 4.80 -43.36 17.08
N UNK J 453 4.93 -42.80 15.87
CA UNK J 453 4.84 -43.60 14.66
C UNK J 453 6.03 -44.54 14.53
N UNK J 454 7.22 -44.08 14.92
CA UNK J 454 8.39 -44.96 14.88
C UNK J 454 8.27 -46.10 15.89
N UNK J 455 7.69 -45.83 17.06
CA UNK J 455 7.54 -46.84 18.10
C UNK J 455 6.38 -47.80 17.85
N UNK J 456 5.66 -47.64 16.74
CA UNK J 456 4.51 -48.49 16.47
C UNK J 456 3.33 -48.19 17.36
N UNK J 457 2.98 -46.90 17.47
CA UNK J 457 1.86 -46.46 18.30
C UNK J 457 1.09 -45.35 17.58
N UNK J 458 0.59 -45.61 16.38
CA UNK J 458 -0.12 -44.55 15.64
C UNK J 458 -1.39 -44.09 16.33
N UNK J 459 -1.93 -44.88 17.26
CA UNK J 459 -3.09 -44.46 18.04
C UNK J 459 -2.72 -43.42 19.08
N UNK J 460 -1.44 -43.29 19.42
CA UNK J 460 -0.97 -42.30 20.38
C UNK J 460 -0.44 -41.04 19.69
N UNK J 461 -0.68 -40.88 18.39
CA UNK J 461 -0.25 -39.69 17.67
C UNK J 461 -1.29 -38.59 17.79
N UNK J 462 -1.02 -37.46 17.14
CA UNK J 462 -2.00 -36.39 16.95
C UNK J 462 -2.50 -36.48 15.51
N UNK J 463 -3.68 -37.06 15.34
CA UNK J 463 -4.17 -37.38 14.01
C UNK J 463 -5.69 -37.31 13.99
N UNK J 464 -6.25 -37.25 12.78
CA UNK J 464 -7.69 -37.35 12.63
C UNK J 464 -8.22 -38.72 13.03
N UNK J 465 -7.34 -39.72 13.11
CA UNK J 465 -7.72 -41.07 13.52
C UNK J 465 -7.26 -41.42 14.92
N UNK J 466 -6.61 -40.49 15.64
CA UNK J 466 -6.12 -40.80 16.97
C UNK J 466 -6.53 -39.74 17.98
N UNK J 467 -5.74 -38.67 18.10
CA UNK J 467 -6.03 -37.57 19.01
C UNK J 467 -6.28 -36.34 18.15
N UNK J 468 -7.55 -36.02 17.92
CA UNK J 468 -7.91 -35.03 16.92
C UNK J 468 -7.75 -33.61 17.47
N UNK J 469 -7.11 -32.75 16.70
CA UNK J 469 -6.99 -31.33 16.98
C UNK J 469 -7.67 -30.59 15.84
N UNK J 470 -8.99 -30.55 15.88
CA UNK J 470 -9.77 -29.99 14.77
C UNK J 470 -9.72 -28.46 14.81
N UNK J 471 -9.48 -27.80 13.68
CA UNK J 471 -9.62 -26.34 13.62
C UNK J 471 -11.08 -25.93 13.62
N UNK J 472 -11.74 -26.09 14.77
CA UNK J 472 -13.19 -25.88 14.86
C UNK J 472 -13.57 -24.48 14.43
N UNK J 473 -12.77 -23.48 14.82
CA UNK J 473 -13.11 -22.09 14.50
C UNK J 473 -13.09 -21.86 12.99
N UNK J 474 -12.00 -22.22 12.33
CA UNK J 474 -11.92 -22.03 10.88
C UNK J 474 -13.02 -22.81 10.16
N UNK J 475 -13.29 -24.04 10.60
CA UNK J 475 -14.36 -24.84 10.00
C UNK J 475 -15.70 -24.12 10.11
N UNK J 476 -16.00 -23.58 11.30
CA UNK J 476 -17.21 -22.81 11.48
C UNK J 476 -17.26 -21.61 10.55
N UNK J 477 -16.10 -20.96 10.36
CA UNK J 477 -16.05 -19.79 9.50
C UNK J 477 -16.40 -20.16 8.06
N UNK J 478 -15.71 -21.17 7.50
CA UNK J 478 -15.98 -21.52 6.11
C UNK J 478 -17.38 -22.06 5.93
N UNK J 479 -17.95 -22.69 6.97
CA UNK J 479 -19.37 -23.01 6.93
C UNK J 479 -20.22 -21.76 6.79
N UNK J 480 -19.92 -20.73 7.59
CA UNK J 480 -20.71 -19.50 7.53
C UNK J 480 -20.61 -18.83 6.16
N UNK J 481 -19.43 -18.85 5.54
CA UNK J 481 -19.31 -18.37 4.17
C UNK J 481 -20.15 -19.22 3.22
N UNK J 482 -20.16 -20.54 3.42
CA UNK J 482 -20.95 -21.41 2.57
C UNK J 482 -22.44 -21.08 2.66
N UNK J 483 -22.91 -20.72 3.86
CA UNK J 483 -24.31 -20.37 4.04
C UNK J 483 -24.63 -18.92 3.71
N UNK J 484 -23.60 -18.08 3.51
CA UNK J 484 -23.83 -16.66 3.28
C UNK J 484 -24.74 -16.34 2.10
N UNK J 485 -24.52 -16.88 0.89
CA UNK J 485 -25.35 -16.44 -0.25
C UNK J 485 -26.81 -16.78 -0.03
N UNK J 486 -27.68 -15.81 -0.30
CA UNK J 486 -29.10 -15.94 -0.05
C UNK J 486 -29.52 -15.60 1.36
N UNK J 487 -28.62 -15.68 2.34
CA UNK J 487 -28.94 -15.38 3.72
C UNK J 487 -28.35 -14.04 4.14
N UNK J 488 -27.08 -14.04 4.55
CA UNK J 488 -26.39 -12.79 4.88
C UNK J 488 -25.79 -12.11 3.66
N UNK J 489 -26.02 -12.63 2.46
CA UNK J 489 -25.71 -11.93 1.21
C UNK J 489 -26.74 -12.34 0.18
N UNK J 490 -28.00 -11.94 0.37
CA UNK J 490 -29.05 -12.38 -0.56
C UNK J 490 -28.78 -12.03 -2.01
N UNK J 491 -28.02 -10.96 -2.27
CA UNK J 491 -27.65 -10.64 -3.64
C UNK J 491 -26.62 -11.60 -4.22
N UNK J 492 -25.85 -12.27 -3.37
CA UNK J 492 -24.85 -13.23 -3.84
C UNK J 492 -25.53 -14.52 -4.28
N UNK J 493 -25.31 -14.91 -5.53
CA UNK J 493 -25.91 -16.15 -6.01
C UNK J 493 -25.25 -17.38 -5.39
N UNK J 494 -23.93 -17.44 -5.44
CA UNK J 494 -23.17 -18.58 -4.95
C UNK J 494 -22.22 -18.13 -3.84
N UNK J 495 -21.44 -19.09 -3.33
CA UNK J 495 -20.49 -18.81 -2.27
C UNK J 495 -19.44 -17.80 -2.74
N UNK J 496 -18.83 -17.13 -1.77
CA UNK J 496 -17.79 -16.15 -2.07
C UNK J 496 -16.60 -16.77 -2.78
N UNK J 497 -16.27 -18.01 -2.44
CA UNK J 497 -15.21 -18.77 -3.08
C UNK J 497 -15.54 -20.24 -2.94
N UNK J 498 -15.16 -21.03 -3.95
CA UNK J 498 -15.49 -22.44 -3.94
C UNK J 498 -14.75 -23.22 -2.85
N UNK J 499 -13.79 -22.60 -2.17
CA UNK J 499 -13.19 -23.25 -1.01
C UNK J 499 -14.18 -23.29 0.16
N UNK J 500 -15.11 -22.33 0.23
CA UNK J 500 -16.12 -22.34 1.27
C UNK J 500 -17.21 -23.35 0.96
N UNK J 501 -18.09 -23.00 0.04
CA UNK J 501 -19.33 -23.73 -0.20
C UNK J 501 -19.17 -25.18 -0.61
N UNK J 502 -19.91 -26.07 0.06
CA UNK J 502 -19.87 -27.47 -0.30
C UNK J 502 -20.45 -27.71 -1.69
N UNK J 503 -19.92 -28.74 -2.34
CA UNK J 503 -20.32 -29.01 -3.71
C UNK J 503 -19.81 -27.94 -4.65
N UNK J 504 -20.45 -27.88 -5.82
CA UNK J 504 -20.10 -26.91 -6.86
C UNK J 504 -18.60 -27.00 -7.21
N UNK J 505 -18.13 -28.23 -7.36
CA UNK J 505 -16.79 -28.44 -7.90
C UNK J 505 -16.72 -27.90 -9.31
N UNK J 506 -15.64 -27.19 -9.64
CA UNK J 506 -15.47 -26.62 -10.97
C UNK J 506 -14.30 -27.30 -11.66
N UNK J 507 -14.56 -27.84 -12.85
CA UNK J 507 -13.57 -28.54 -13.65
C UNK J 507 -13.52 -27.94 -15.05
N UNK J 508 -12.31 -27.83 -15.58
CA UNK J 508 -12.08 -27.30 -16.92
C UNK J 508 -11.07 -28.20 -17.63
N UNK J 509 -11.43 -28.71 -18.80
CA UNK J 509 -10.54 -29.59 -19.53
C UNK J 509 -10.19 -30.86 -18.81
N UNK J 510 -11.13 -31.41 -18.04
CA UNK J 510 -10.89 -32.57 -17.21
C UNK J 510 -10.15 -32.29 -15.91
N UNK J 511 -9.48 -31.15 -15.79
CA UNK J 511 -8.77 -30.80 -14.57
C UNK J 511 -9.68 -29.98 -13.66
N UNK J 512 -9.55 -30.20 -12.35
CA UNK J 512 -10.35 -29.44 -11.39
C UNK J 512 -9.82 -28.01 -11.32
N UNK J 513 -10.70 -27.08 -10.96
CA UNK J 513 -10.30 -25.71 -10.70
C UNK J 513 -10.33 -25.39 -9.21
N UNK J 514 -11.50 -25.53 -8.59
CA UNK J 514 -11.63 -25.42 -7.13
C UNK J 514 -12.78 -26.30 -6.67
N UNK J 515 -12.62 -26.85 -5.47
CA UNK J 515 -13.60 -27.61 -4.72
C UNK J 515 -13.41 -27.25 -3.25
N UNK J 516 -14.34 -27.61 -2.36
CA UNK J 516 -14.17 -27.25 -0.95
C UNK J 516 -12.91 -27.86 -0.34
N UNK J 517 -12.09 -26.99 0.25
CA UNK J 517 -10.83 -27.41 0.86
C UNK J 517 -11.09 -27.93 2.27
N UNK J 518 -10.82 -29.22 2.54
CA UNK J 518 -11.06 -29.74 3.89
C UNK J 518 -10.03 -29.20 4.88
N UNK J 519 -10.39 -29.26 6.15
CA UNK J 519 -9.52 -28.82 7.24
C UNK J 519 -9.54 -29.86 8.35
N UNK J 520 -8.36 -30.24 8.82
CA UNK J 520 -8.26 -31.23 9.88
C UNK J 520 -7.01 -31.06 10.72
N UNK J 521 -6.69 -32.09 11.51
CA UNK J 521 -5.57 -32.01 12.45
C UNK J 521 -4.27 -31.61 11.75
N UNK J 522 -4.05 -32.11 10.53
CA UNK J 522 -2.87 -31.73 9.77
C UNK J 522 -2.84 -30.23 9.53
N UNK J 523 -3.97 -29.66 9.09
CA UNK J 523 -4.05 -28.23 8.83
C UNK J 523 -3.88 -27.42 10.11
N UNK J 524 -4.47 -27.90 11.20
CA UNK J 524 -4.27 -27.30 12.53
C UNK J 524 -2.79 -27.18 12.86
N UNK J 525 -2.08 -28.32 12.87
CA UNK J 525 -0.67 -28.33 13.22
C UNK J 525 0.13 -27.40 12.32
N UNK J 526 -0.10 -27.46 11.01
CA UNK J 526 0.64 -26.58 10.10
C UNK J 526 0.37 -25.10 10.43
N UNK J 527 -0.89 -24.76 10.69
CA UNK J 527 -1.23 -23.37 10.94
C UNK J 527 -0.54 -22.85 12.19
N UNK J 528 -0.45 -23.68 13.23
CA UNK J 528 0.32 -23.26 14.39
C UNK J 528 1.81 -23.16 14.08
N UNK J 529 2.31 -23.95 13.11
CA UNK J 529 3.68 -23.73 12.65
C UNK J 529 3.81 -22.33 12.06
N UNK J 530 2.85 -21.91 11.25
CA UNK J 530 2.92 -20.58 10.64
C UNK J 530 2.87 -19.49 11.70
N UNK J 531 1.94 -19.63 12.67
CA UNK J 531 1.93 -18.73 13.81
C UNK J 531 3.29 -18.64 14.46
N UNK J 532 3.88 -19.79 14.80
CA UNK J 532 5.18 -19.85 15.43
C UNK J 532 6.24 -19.08 14.64
N UNK J 533 6.44 -19.44 13.37
CA UNK J 533 7.48 -18.83 12.56
C UNK J 533 7.29 -17.32 12.44
N UNK J 534 6.05 -16.88 12.21
CA UNK J 534 5.80 -15.45 12.13
C UNK J 534 6.16 -14.76 13.44
N UNK J 535 5.76 -15.35 14.56
CA UNK J 535 6.05 -14.74 15.86
C UNK J 535 7.55 -14.62 16.10
N UNK J 536 8.33 -15.60 15.65
CA UNK J 536 9.78 -15.51 15.88
C UNK J 536 10.40 -14.45 14.97
N UNK J 537 9.93 -14.35 13.73
CA UNK J 537 10.40 -13.27 12.85
C UNK J 537 10.10 -11.91 13.48
N UNK J 538 8.87 -11.72 13.94
CA UNK J 538 8.48 -10.47 14.59
C UNK J 538 9.36 -10.23 15.81
N UNK J 539 9.66 -11.28 16.57
CA UNK J 539 10.52 -11.12 17.73
C UNK J 539 11.87 -10.54 17.34
N UNK J 540 12.53 -11.15 16.36
CA UNK J 540 13.87 -10.70 15.99
C UNK J 540 13.84 -9.25 15.50
N UNK J 541 12.87 -8.94 14.65
CA UNK J 541 12.86 -7.62 14.02
C UNK J 541 12.46 -6.53 15.02
N UNK J 542 11.36 -6.76 15.77
CA UNK J 542 10.91 -5.80 16.75
C UNK J 542 11.96 -5.59 17.84
N UNK J 543 12.58 -6.66 18.31
CA UNK J 543 13.69 -6.52 19.23
C UNK J 543 14.80 -5.68 18.62
N UNK J 544 15.06 -5.86 17.33
CA UNK J 544 16.05 -5.03 16.68
C UNK J 544 15.70 -3.55 16.71
N UNK J 545 14.43 -3.23 16.48
CA UNK J 545 14.02 -1.84 16.48
C UNK J 545 14.10 -1.24 17.88
N UNK J 546 13.48 -1.90 18.87
CA UNK J 546 13.28 -1.27 20.18
C UNK J 546 14.60 -1.10 20.94
N UNK J 547 15.60 -1.94 20.68
CA UNK J 547 16.89 -1.79 21.34
C UNK J 547 17.97 -1.26 20.41
N UNK J 548 17.58 -0.62 19.31
CA UNK J 548 18.56 -0.01 18.42
C UNK J 548 19.24 1.19 19.08
N UNK J 549 18.48 1.99 19.84
CA UNK J 549 19.05 3.15 20.53
C UNK J 549 20.05 2.71 21.59
N UNK J 550 19.63 1.84 22.49
CA UNK J 550 20.40 1.53 23.69
C UNK J 550 19.90 0.22 24.28
N UNK J 551 20.66 -0.27 25.27
CA UNK J 551 20.28 -1.45 26.04
C UNK J 551 21.11 -1.46 27.31
N UNK J 552 20.78 -2.39 28.21
CA UNK J 552 21.56 -2.52 29.44
C UNK J 552 22.99 -2.94 29.14
N UNK J 553 23.21 -3.63 28.03
CA UNK J 553 24.55 -4.06 27.67
C UNK J 553 25.35 -2.91 27.05
N UNK J 554 24.72 -2.14 26.19
CA UNK J 554 25.40 -1.03 25.49
C UNK J 554 24.53 0.23 25.63
N UNK J 555 24.84 1.11 26.58
CA UNK J 555 23.97 2.30 26.77
C UNK J 555 24.05 3.30 25.62
N UNK J 556 25.19 3.40 24.93
CA UNK J 556 25.37 4.37 23.84
C UNK J 556 25.26 3.71 22.45
N UNK J 557 24.35 2.74 22.27
CA UNK J 557 24.36 1.96 21.03
C UNK J 557 24.05 2.82 19.81
N UNK J 558 23.17 3.81 19.96
CA UNK J 558 22.80 4.65 18.82
C UNK J 558 23.99 5.42 18.26
N UNK J 559 25.00 5.68 19.09
CA UNK J 559 26.19 6.37 18.59
C UNK J 559 27.05 5.48 17.71
N UNK J 560 26.83 4.16 17.74
CA UNK J 560 27.57 3.24 16.89
C UNK J 560 26.94 3.07 15.53
N UNK J 561 25.73 3.58 15.32
CA UNK J 561 25.10 3.59 14.01
C UNK J 561 24.04 2.51 13.87
N UNK J 562 23.41 2.51 12.70
CA UNK J 562 22.44 1.48 12.37
C UNK J 562 23.11 0.17 11.97
N UNK J 563 24.22 0.25 11.24
CA UNK J 563 24.90 -0.91 10.66
C UNK J 563 26.34 -0.92 11.15
N UNK J 564 26.63 -1.77 12.12
CA UNK J 564 27.97 -1.91 12.66
C UNK J 564 28.12 -3.35 13.14
N UNK J 565 29.34 -3.89 13.09
CA UNK J 565 29.49 -5.34 13.30
C UNK J 565 29.26 -5.76 14.73
N UNK J 566 29.56 -4.89 15.70
CA UNK J 566 29.69 -5.29 17.09
C UNK J 566 30.18 -4.11 17.92
N UNK J 567 30.32 -4.29 19.23
CA UNK J 567 31.15 -3.41 20.04
C UNK J 567 32.30 -4.17 20.71
N UNK J 568 32.70 -5.30 20.13
CA UNK J 568 33.90 -5.99 20.55
C UNK J 568 33.64 -7.23 21.39
N UNK J 569 34.73 -7.93 21.70
CA UNK J 569 34.61 -9.18 22.48
C UNK J 569 34.22 -8.98 23.93
N UNK J 570 34.22 -7.75 24.43
CA UNK J 570 33.95 -7.50 25.82
C UNK J 570 32.48 -7.65 26.19
N UNK J 571 32.21 -7.46 27.48
CA UNK J 571 30.89 -7.68 28.07
C UNK J 571 30.38 -9.08 27.76
N UNK J 572 31.30 -10.05 27.71
CA UNK J 572 30.99 -11.38 27.26
C UNK J 572 31.09 -11.60 25.76
N UNK J 573 31.06 -10.52 24.98
CA UNK J 573 31.04 -10.52 23.52
C UNK J 573 29.75 -9.87 23.07
N UNK J 574 29.86 -8.97 22.09
CA UNK J 574 28.73 -8.15 21.69
C UNK J 574 28.47 -8.23 20.18
N UNK J 575 28.84 -9.34 19.54
CA UNK J 575 28.59 -9.47 18.11
C UNK J 575 27.10 -9.45 17.81
N UNK J 576 26.74 -8.78 16.72
CA UNK J 576 25.38 -8.76 16.19
C UNK J 576 24.39 -8.08 17.13
N UNK J 577 24.82 -7.03 17.81
CA UNK J 577 23.90 -6.21 18.59
C UNK J 577 23.22 -5.13 17.74
N UNK J 578 23.76 -4.83 16.57
CA UNK J 578 23.21 -3.76 15.74
C UNK J 578 21.83 -4.15 15.22
N UNK J 579 21.00 -3.14 14.99
CA UNK J 579 19.70 -3.39 14.38
C UNK J 579 19.84 -4.03 13.00
N UNK J 580 20.89 -3.65 12.26
CA UNK J 580 21.17 -4.29 10.98
C UNK J 580 21.30 -5.81 11.14
N UNK J 581 22.09 -6.24 12.13
CA UNK J 581 22.24 -7.67 12.38
C UNK J 581 20.94 -8.31 12.83
N UNK J 582 20.01 -7.54 13.37
CA UNK J 582 18.68 -8.09 13.62
C UNK J 582 17.89 -8.27 12.33
N UNK J 583 18.12 -7.39 11.34
CA UNK J 583 17.50 -7.61 10.04
C UNK J 583 18.12 -8.82 9.35
N UNK J 584 19.44 -8.92 9.40
CA UNK J 584 20.18 -10.09 8.96
C UNK J 584 19.62 -11.37 9.56
N UNK J 585 19.45 -11.40 10.88
CA UNK J 585 18.90 -12.60 11.51
C UNK J 585 17.44 -12.82 11.15
N UNK J 586 16.66 -11.76 10.98
CA UNK J 586 15.27 -11.92 10.63
C UNK J 586 15.02 -12.38 9.22
N UNK J 587 15.97 -12.14 8.31
CA UNK J 587 15.83 -12.62 6.94
C UNK J 587 15.79 -14.15 6.91
N UNK J 588 16.65 -14.80 7.67
CA UNK J 588 16.63 -16.26 7.74
C UNK J 588 15.27 -16.78 8.20
N UNK J 589 14.66 -16.10 9.17
CA UNK J 589 13.39 -16.59 9.68
C UNK J 589 12.23 -16.27 8.76
N UNK J 590 12.32 -15.17 8.01
CA UNK J 590 11.35 -14.96 6.94
C UNK J 590 11.47 -16.06 5.90
N UNK J 591 12.71 -16.47 5.59
CA UNK J 591 12.92 -17.58 4.66
C UNK J 591 12.30 -18.88 5.21
N UNK J 592 12.52 -19.16 6.48
CA UNK J 592 11.96 -20.34 7.11
C UNK J 592 10.42 -20.33 7.05
N UNK J 593 9.82 -19.24 7.52
CA UNK J 593 8.38 -19.12 7.55
C UNK J 593 7.77 -19.27 6.16
N UNK J 594 8.25 -18.47 5.20
CA UNK J 594 7.68 -18.51 3.86
C UNK J 594 7.92 -19.86 3.19
N UNK J 595 9.06 -20.48 3.46
CA UNK J 595 9.32 -21.81 2.92
C UNK J 595 8.27 -22.80 3.39
N UNK J 596 8.01 -22.84 4.70
CA UNK J 596 7.00 -23.77 5.19
C UNK J 596 5.63 -23.41 4.64
N UNK J 597 5.38 -22.11 4.40
CA UNK J 597 4.08 -21.73 3.87
C UNK J 597 3.88 -22.28 2.47
N UNK J 598 4.87 -22.08 1.59
CA UNK J 598 4.69 -22.52 0.21
C UNK J 598 4.72 -24.04 0.10
N UNK J 599 5.52 -24.72 0.95
CA UNK J 599 5.44 -26.17 1.01
C UNK J 599 4.04 -26.63 1.43
N UNK J 600 3.46 -25.93 2.41
CA UNK J 600 2.09 -26.22 2.83
C UNK J 600 1.11 -26.02 1.67
N UNK J 601 1.33 -24.99 0.85
CA UNK J 601 0.45 -24.73 -0.28
C UNK J 601 0.55 -25.83 -1.31
N UNK J 602 1.76 -26.10 -1.80
CA UNK J 602 1.94 -27.15 -2.80
C UNK J 602 1.37 -28.48 -2.32
N UNK J 603 1.78 -28.89 -1.11
CA UNK J 603 1.35 -30.16 -0.54
C UNK J 603 -0.18 -30.25 -0.47
N UNK J 604 -0.80 -29.24 0.13
CA UNK J 604 -2.25 -29.28 0.34
C UNK J 604 -3.01 -29.21 -0.99
N UNK J 605 -2.55 -28.38 -1.93
CA UNK J 605 -3.26 -28.22 -3.19
C UNK J 605 -3.16 -29.46 -4.06
N UNK J 606 -1.98 -30.09 -4.09
CA UNK J 606 -1.84 -31.32 -4.86
C UNK J 606 -2.57 -32.49 -4.19
N UNK J 607 -2.69 -32.46 -2.87
CA UNK J 607 -3.30 -33.59 -2.18
C UNK J 607 -4.82 -33.52 -2.20
N UNK J 608 -5.39 -32.36 -1.89
CA UNK J 608 -6.81 -32.25 -1.62
C UNK J 608 -7.57 -31.40 -2.63
N UNK J 609 -6.88 -30.78 -3.59
CA UNK J 609 -7.55 -29.87 -4.51
C UNK J 609 -7.32 -30.32 -5.94
N UNK J 610 -6.12 -30.09 -6.47
CA UNK J 610 -5.84 -30.31 -7.88
C UNK J 610 -5.89 -31.79 -8.24
N UNK J 611 -6.13 -32.05 -9.51
CA UNK J 611 -6.28 -33.40 -10.01
C UNK J 611 -7.17 -33.40 -11.25
N UNK J 612 -7.39 -34.60 -11.76
CA UNK J 612 -8.23 -34.81 -12.93
C UNK J 612 -9.58 -35.38 -12.51
N UNK J 613 -10.59 -35.15 -13.34
CA UNK J 613 -11.95 -35.58 -13.02
C UNK J 613 -12.47 -36.46 -14.16
N UNK J 614 -13.19 -37.52 -13.78
CA UNK J 614 -13.77 -38.44 -14.74
C UNK J 614 -14.92 -37.80 -15.48
N UNK J 615 -15.30 -38.44 -16.60
CA UNK J 615 -16.53 -38.08 -17.28
C UNK J 615 -17.74 -38.27 -16.36
N UNK J 616 -17.69 -39.28 -15.49
CA UNK J 616 -18.73 -39.52 -14.50
C UNK J 616 -18.47 -38.82 -13.18
N UNK J 617 -17.40 -38.02 -13.10
CA UNK J 617 -17.19 -37.16 -11.96
C UNK J 617 -16.36 -37.72 -10.83
N UNK J 618 -15.49 -38.68 -11.10
CA UNK J 618 -14.59 -39.21 -10.07
C UNK J 618 -13.28 -38.44 -10.13
N UNK J 619 -12.93 -37.78 -9.04
CA UNK J 619 -11.75 -36.92 -8.98
C UNK J 619 -10.57 -37.73 -8.47
N UNK J 620 -9.47 -37.69 -9.21
CA UNK J 620 -8.19 -38.25 -8.80
C UNK J 620 -7.22 -37.10 -8.56
N UNK J 621 -6.84 -36.91 -7.30
CA UNK J 621 -5.93 -35.82 -6.95
C UNK J 621 -4.47 -36.21 -7.24
N UNK J 622 -3.67 -35.20 -7.61
CA UNK J 622 -2.29 -35.41 -8.03
C UNK J 622 -1.54 -36.30 -7.05
N UNK J 623 -1.71 -36.06 -5.76
CA UNK J 623 -1.30 -36.99 -4.73
C UNK J 623 -2.56 -37.51 -4.02
N UNK J 624 -2.44 -38.69 -3.42
CA UNK J 624 -3.64 -39.45 -3.10
C UNK J 624 -4.40 -39.05 -1.85
N UNK J 625 -4.63 -37.75 -1.68
CA UNK J 625 -5.21 -37.29 -0.42
C UNK J 625 -4.35 -37.62 0.77
N UNK J 626 -3.04 -37.69 0.58
CA UNK J 626 -2.12 -38.13 1.61
C UNK J 626 -1.67 -37.01 2.52
N UNK J 627 -2.28 -35.82 2.40
CA UNK J 627 -1.91 -34.72 3.29
C UNK J 627 -2.33 -35.02 4.73
N UNK J 628 -3.54 -35.53 4.92
CA UNK J 628 -4.08 -35.70 6.27
C UNK J 628 -3.26 -36.69 7.09
N UNK J 629 -2.79 -37.76 6.45
CA UNK J 629 -2.09 -38.82 7.18
C UNK J 629 -0.57 -38.77 7.06
N UNK J 630 -0.02 -38.02 6.12
CA UNK J 630 1.43 -37.97 5.94
C UNK J 630 2.08 -36.67 6.38
N UNK J 631 1.34 -35.55 6.40
CA UNK J 631 1.94 -34.28 6.79
C UNK J 631 2.06 -34.10 8.29
N UNK J 632 1.39 -34.94 9.09
CA UNK J 632 1.36 -34.77 10.54
C UNK J 632 2.65 -35.33 11.16
N UNK J 633 3.69 -35.50 10.35
CA UNK J 633 4.92 -36.10 10.80
C UNK J 633 6.05 -35.57 9.94
N UNK J 634 7.18 -35.26 10.57
CA UNK J 634 8.32 -34.70 9.83
C UNK J 634 8.84 -35.69 8.81
N UNK J 635 8.88 -36.98 9.18
CA UNK J 635 9.28 -38.01 8.24
C UNK J 635 8.38 -38.02 7.01
N UNK J 636 7.09 -37.72 7.20
CA UNK J 636 6.18 -37.64 6.06
C UNK J 636 6.51 -36.49 5.13
N UNK J 637 6.95 -35.36 5.68
CA UNK J 637 7.40 -34.26 4.84
C UNK J 637 8.67 -34.64 4.09
N UNK J 638 9.61 -35.29 4.77
CA UNK J 638 10.85 -35.70 4.11
C UNK J 638 10.56 -36.69 2.97
N UNK J 639 9.64 -37.62 3.20
CA UNK J 639 9.45 -38.77 2.31
C UNK J 639 8.38 -38.52 1.25
N UNK J 640 7.15 -38.25 1.68
CA UNK J 640 6.01 -38.14 0.78
C UNK J 640 5.89 -36.77 0.11
N UNK J 641 6.70 -35.79 0.53
CA UNK J 641 6.72 -34.49 -0.13
C UNK J 641 8.05 -34.26 -0.83
N UNK J 642 9.15 -34.15 -0.08
CA UNK J 642 10.43 -33.81 -0.69
C UNK J 642 10.95 -34.94 -1.57
N UNK J 643 11.13 -36.13 -0.98
CA UNK J 643 11.69 -37.25 -1.73
C UNK J 643 10.81 -37.62 -2.93
N UNK J 644 9.49 -37.61 -2.75
CA UNK J 644 8.59 -37.97 -3.82
C UNK J 644 8.59 -36.92 -4.93
N UNK J 645 8.26 -35.68 -4.59
CA UNK J 645 8.03 -34.66 -5.59
C UNK J 645 9.30 -34.08 -6.19
N UNK J 646 10.47 -34.48 -5.70
CA UNK J 646 11.73 -34.08 -6.32
C UNK J 646 12.14 -34.98 -7.47
N UNK J 647 11.36 -36.03 -7.76
CA UNK J 647 11.73 -36.96 -8.81
C UNK J 647 11.73 -36.29 -10.18
N UNK J 648 10.79 -35.38 -10.42
CA UNK J 648 10.74 -34.69 -11.70
C UNK J 648 12.00 -33.85 -11.93
N UNK J 649 12.46 -33.12 -10.92
CA UNK J 649 13.57 -32.22 -11.15
C UNK J 649 14.89 -32.98 -11.25
N UNK J 650 15.00 -34.13 -10.57
CA UNK J 650 16.19 -34.96 -10.71
C UNK J 650 16.10 -35.91 -11.90
N UNK J 651 14.95 -35.97 -12.57
CA UNK J 651 14.76 -36.74 -13.79
C UNK J 651 14.60 -35.85 -15.02
N UNK J 652 14.86 -34.56 -14.89
CA UNK J 652 14.59 -33.63 -15.98
C UNK J 652 15.67 -33.62 -17.05
N UNK J 653 16.84 -34.21 -16.77
CA UNK J 653 17.91 -34.22 -17.77
C UNK J 653 17.44 -34.93 -19.05
N UNK J 654 17.80 -34.36 -20.20
CA UNK J 654 17.38 -34.90 -21.47
C UNK J 654 16.04 -34.41 -21.97
N UNK J 655 15.38 -33.52 -21.24
CA UNK J 655 14.10 -32.94 -21.63
C UNK J 655 14.23 -31.43 -21.68
N UNK J 656 13.11 -30.75 -21.99
CA UNK J 656 13.10 -29.30 -21.96
C UNK J 656 13.10 -28.73 -20.55
N UNK J 657 12.85 -29.56 -19.54
CA UNK J 657 12.86 -29.14 -18.15
C UNK J 657 14.24 -29.28 -17.50
N UNK J 658 15.26 -29.71 -18.26
CA UNK J 658 16.57 -29.97 -17.67
C UNK J 658 17.19 -28.70 -17.09
N UNK J 659 16.78 -27.52 -17.57
CA UNK J 659 17.27 -26.28 -16.96
C UNK J 659 16.87 -26.21 -15.50
N UNK J 660 15.69 -26.72 -15.15
CA UNK J 660 15.29 -26.75 -13.75
C UNK J 660 16.11 -27.74 -12.95
N UNK J 661 16.59 -28.82 -13.57
CA UNK J 661 17.54 -29.69 -12.87
C UNK J 661 18.85 -28.98 -12.60
N UNK J 662 19.38 -28.30 -13.62
CA UNK J 662 20.61 -27.54 -13.45
C UNK J 662 20.47 -26.47 -12.39
N UNK J 663 19.34 -25.76 -12.35
CA UNK J 663 19.15 -24.72 -11.35
C UNK J 663 18.93 -25.31 -9.96
N UNK J 664 18.30 -26.48 -9.89
CA UNK J 664 18.23 -27.23 -8.64
C UNK J 664 19.63 -27.42 -8.04
N UNK J 665 20.52 -28.03 -8.82
CA UNK J 665 21.86 -28.31 -8.28
C UNK J 665 22.65 -27.03 -8.03
N UNK J 666 22.56 -26.07 -8.95
CA UNK J 666 23.32 -24.84 -8.77
C UNK J 666 22.86 -24.03 -7.57
N UNK J 667 21.55 -24.04 -7.30
CA UNK J 667 21.05 -23.31 -6.15
C UNK J 667 21.45 -24.00 -4.85
N UNK J 668 21.43 -25.34 -4.84
CA UNK J 668 22.07 -26.06 -3.75
C UNK J 668 23.52 -25.58 -3.56
N UNK J 669 24.23 -25.39 -4.67
CA UNK J 669 25.64 -25.02 -4.58
C UNK J 669 25.82 -23.64 -3.96
N UNK J 670 25.05 -22.64 -4.40
CA UNK J 670 25.26 -21.31 -3.85
C UNK J 670 24.79 -21.26 -2.41
N UNK J 671 23.79 -22.06 -2.05
CA UNK J 671 23.35 -22.11 -0.66
C UNK J 671 24.44 -22.66 0.24
N UNK J 672 25.05 -23.78 -0.15
CA UNK J 672 26.17 -24.31 0.63
C UNK J 672 27.35 -23.35 0.60
N UNK J 673 27.51 -22.61 -0.50
CA UNK J 673 28.57 -21.62 -0.63
C UNK J 673 28.41 -20.52 0.42
N UNK J 674 27.16 -20.16 0.74
CA UNK J 674 26.94 -19.10 1.72
C UNK J 674 27.46 -19.50 3.09
N UNK J 675 27.50 -20.80 3.38
CA UNK J 675 27.91 -21.26 4.70
C UNK J 675 29.38 -20.93 4.98
N UNK J 676 30.20 -20.78 3.93
CA UNK J 676 31.58 -20.35 4.15
C UNK J 676 31.62 -18.98 4.79
N UNK J 677 30.81 -18.05 4.28
CA UNK J 677 30.78 -16.71 4.85
C UNK J 677 30.08 -16.69 6.20
N UNK J 678 28.98 -17.42 6.33
CA UNK J 678 28.20 -17.34 7.56
C UNK J 678 28.91 -18.01 8.73
N UNK J 679 29.76 -19.01 8.49
CA UNK J 679 30.39 -19.74 9.59
C UNK J 679 31.78 -19.23 9.93
N UNK J 680 32.37 -18.34 9.13
CA UNK J 680 33.74 -17.92 9.39
C UNK J 680 33.83 -16.43 9.72
N UNK J 681 35.01 -15.85 9.61
CA UNK J 681 35.22 -14.46 9.99
C UNK J 681 36.44 -13.90 9.29
N UNK J 682 36.43 -12.58 9.10
CA UNK J 682 37.36 -11.94 8.17
C UNK J 682 38.81 -11.95 8.62
N UNK J 683 39.09 -12.25 9.89
CA UNK J 683 40.48 -12.27 10.33
C UNK J 683 41.29 -13.37 9.67
N UNK J 684 40.72 -14.58 9.66
CA UNK J 684 41.33 -15.70 8.95
C UNK J 684 41.62 -15.31 7.50
N UNK J 685 40.59 -14.80 6.81
CA UNK J 685 40.72 -14.51 5.40
C UNK J 685 41.76 -13.43 5.14
N UNK J 686 41.83 -12.42 6.02
CA UNK J 686 42.82 -11.38 5.83
C UNK J 686 44.24 -11.92 6.01
N UNK J 687 44.43 -12.85 6.95
CA UNK J 687 45.76 -13.45 7.11
C UNK J 687 46.15 -14.27 5.87
N UNK J 688 45.25 -15.16 5.43
CA UNK J 688 45.48 -15.91 4.20
C UNK J 688 45.85 -14.98 3.05
N UNK J 689 45.08 -13.90 2.91
CA UNK J 689 45.34 -12.90 1.88
C UNK J 689 46.73 -12.31 2.06
N UNK J 690 47.21 -12.18 3.30
CA UNK J 690 48.59 -11.73 3.49
C UNK J 690 49.57 -12.66 2.80
N UNK J 691 49.36 -13.97 2.92
CA UNK J 691 50.27 -14.89 2.20
C UNK J 691 50.14 -14.75 0.68
N UNK J 692 48.91 -14.69 0.17
CA UNK J 692 48.72 -14.55 -1.27
C UNK J 692 49.37 -13.26 -1.79
N UNK J 693 49.21 -12.17 -1.04
CA UNK J 693 49.83 -10.89 -1.39
C UNK J 693 51.34 -11.04 -1.44
N UNK J 694 51.93 -11.74 -0.46
CA UNK J 694 53.36 -12.02 -0.53
C UNK J 694 53.72 -12.66 -1.87
N UNK J 695 52.93 -13.66 -2.28
CA UNK J 695 53.22 -14.34 -3.55
C UNK J 695 53.16 -13.38 -4.72
N UNK J 696 52.25 -12.41 -4.69
CA UNK J 696 52.18 -11.46 -5.80
C UNK J 696 53.33 -10.48 -5.80
N UNK J 697 53.70 -9.95 -4.63
CA UNK J 697 54.87 -9.06 -4.59
C UNK J 697 56.13 -9.79 -5.06
N UNK J 698 56.21 -11.09 -4.83
CA UNK J 698 57.37 -11.83 -5.32
C UNK J 698 57.52 -11.71 -6.83
N UNK J 699 56.41 -11.60 -7.57
CA UNK J 699 56.44 -11.55 -9.03
C UNK J 699 56.09 -10.17 -9.57
N UNK J 700 56.12 -9.14 -8.73
CA UNK J 700 55.88 -7.74 -9.14
C UNK J 700 54.48 -7.55 -9.67
N UNK J 701 53.51 -8.29 -9.15
CA UNK J 701 52.15 -8.22 -9.68
C UNK J 701 51.16 -7.98 -8.54
N UNK J 702 51.64 -7.42 -7.44
CA UNK J 702 50.73 -6.99 -6.38
C UNK J 702 50.02 -5.72 -6.79
N UNK J 703 48.71 -5.62 -6.61
CA UNK J 703 47.97 -4.43 -7.05
C UNK J 703 48.11 -3.28 -6.06
N UNK J 704 47.95 -2.06 -6.59
CA UNK J 704 48.00 -0.89 -5.73
C UNK J 704 46.77 -0.81 -4.84
N UNK J 705 45.59 -1.06 -5.39
CA UNK J 705 44.39 -1.18 -4.57
C UNK J 705 44.56 -2.40 -3.68
N UNK J 706 45.01 -2.19 -2.44
CA UNK J 706 45.40 -3.29 -1.57
C UNK J 706 44.23 -4.25 -1.35
N UNK J 707 44.41 -5.55 -1.55
CA UNK J 707 43.33 -6.51 -1.29
C UNK J 707 43.04 -6.63 0.19
N UNK J 708 41.75 -6.61 0.53
CA UNK J 708 41.27 -6.75 1.90
C UNK J 708 40.14 -7.77 1.94
N UNK J 709 40.08 -8.53 3.01
CA UNK J 709 38.92 -9.37 3.24
C UNK J 709 37.68 -8.50 3.42
N UNK J 710 36.52 -9.09 3.18
CA UNK J 710 35.27 -8.34 3.36
C UNK J 710 35.12 -7.88 4.80
N UNK J 711 34.39 -6.78 4.98
CA UNK J 711 34.07 -6.35 6.33
C UNK J 711 33.20 -7.40 7.03
N UNK J 712 33.17 -7.33 8.36
CA UNK J 712 32.33 -8.24 9.14
C UNK J 712 30.88 -8.16 8.68
N UNK J 713 30.38 -6.94 8.53
CA UNK J 713 29.02 -6.74 8.07
C UNK J 713 28.85 -7.27 6.65
N UNK J 714 29.81 -7.00 5.76
CA UNK J 714 29.69 -7.52 4.40
C UNK J 714 29.75 -9.04 4.37
N UNK J 715 30.63 -9.65 5.18
CA UNK J 715 30.58 -11.09 5.34
C UNK J 715 29.18 -11.58 5.64
N UNK J 716 28.51 -10.93 6.60
CA UNK J 716 27.14 -11.33 6.91
C UNK J 716 26.20 -11.12 5.73
N UNK J 717 26.34 -9.99 5.02
CA UNK J 717 25.39 -9.66 3.97
C UNK J 717 25.53 -10.60 2.78
N UNK J 718 26.76 -10.80 2.31
CA UNK J 718 27.06 -11.84 1.34
C UNK J 718 26.46 -13.17 1.77
N UNK J 719 26.79 -13.60 2.99
CA UNK J 719 26.26 -14.84 3.52
C UNK J 719 24.75 -15.00 3.41
N UNK J 720 24.00 -14.05 3.96
CA UNK J 720 22.54 -14.16 3.94
C UNK J 720 22.01 -14.03 2.52
N UNK J 721 22.68 -13.26 1.66
CA UNK J 721 22.22 -13.08 0.29
C UNK J 721 22.32 -14.40 -0.49
N UNK J 722 23.44 -15.11 -0.35
CA UNK J 722 23.59 -16.39 -1.03
C UNK J 722 22.75 -17.48 -0.38
N UNK J 723 22.62 -17.46 0.94
CA UNK J 723 21.72 -18.40 1.59
C UNK J 723 20.32 -18.27 1.02
N UNK J 724 19.80 -17.04 0.97
CA UNK J 724 18.44 -16.81 0.49
C UNK J 724 18.30 -17.15 -1.00
N UNK J 725 19.27 -16.72 -1.81
CA UNK J 725 19.20 -17.02 -3.24
C UNK J 725 19.23 -18.52 -3.49
N UNK J 726 20.14 -19.23 -2.81
CA UNK J 726 20.25 -20.67 -3.00
C UNK J 726 19.00 -21.42 -2.58
N UNK J 727 18.52 -21.15 -1.37
CA UNK J 727 17.31 -21.83 -0.91
C UNK J 727 16.12 -21.54 -1.81
N UNK J 728 15.90 -20.25 -2.09
CA UNK J 728 14.71 -19.86 -2.83
C UNK J 728 14.75 -20.41 -4.25
N UNK J 729 15.91 -20.33 -4.91
CA UNK J 729 16.02 -20.87 -6.27
C UNK J 729 15.94 -22.39 -6.29
N UNK J 730 16.43 -23.05 -5.25
CA UNK J 730 16.25 -24.49 -5.15
C UNK J 730 14.77 -24.85 -5.12
N UNK J 731 14.00 -24.24 -4.22
CA UNK J 731 12.56 -24.48 -4.21
C UNK J 731 11.93 -24.07 -5.52
N UNK J 732 12.49 -23.06 -6.19
CA UNK J 732 11.99 -22.61 -7.48
C UNK J 732 12.06 -23.73 -8.51
N UNK J 733 13.27 -24.26 -8.73
CA UNK J 733 13.46 -25.35 -9.68
C UNK J 733 12.59 -26.56 -9.32
N UNK J 734 12.63 -26.96 -8.05
CA UNK J 734 11.80 -28.04 -7.54
C UNK J 734 10.33 -27.85 -7.93
N UNK J 735 9.76 -26.69 -7.58
CA UNK J 735 8.35 -26.43 -7.84
C UNK J 735 8.04 -26.46 -9.33
N UNK J 736 8.84 -25.74 -10.14
CA UNK J 736 8.50 -25.58 -11.55
C UNK J 736 8.61 -26.90 -12.31
N UNK J 737 9.68 -27.66 -12.09
CA UNK J 737 9.78 -28.98 -12.70
C UNK J 737 8.61 -29.86 -12.27
N UNK J 738 8.35 -29.91 -10.97
CA UNK J 738 7.28 -30.77 -10.44
C UNK J 738 5.94 -30.45 -11.10
N UNK J 739 5.51 -29.19 -11.01
CA UNK J 739 4.17 -28.82 -11.44
C UNK J 739 4.06 -28.70 -12.95
N UNK J 740 5.16 -28.49 -13.67
CA UNK J 740 5.08 -28.50 -15.12
C UNK J 740 4.98 -29.93 -15.64
N UNK J 741 5.65 -30.87 -14.98
CA UNK J 741 5.56 -32.26 -15.40
C UNK J 741 4.21 -32.87 -15.04
N UNK J 742 3.82 -32.80 -13.76
CA UNK J 742 2.64 -33.52 -13.29
C UNK J 742 1.36 -32.70 -13.35
N UNK J 743 1.44 -31.43 -13.74
CA UNK J 743 0.26 -30.59 -13.83
C UNK J 743 -0.33 -30.54 -15.23
N UNK K 1 -58.19 46.99 33.26
CA UNK K 1 -56.82 47.23 32.79
C UNK K 1 -56.04 48.19 33.70
N UNK K 2 -56.06 47.90 35.00
CA UNK K 2 -55.33 48.68 36.00
C UNK K 2 -54.73 47.74 37.05
N UNK K 3 -54.25 48.32 38.17
CA UNK K 3 -53.69 47.53 39.27
C UNK K 3 -54.80 47.14 40.27
N UNK K 4 -54.70 45.94 40.85
CA UNK K 4 -55.71 45.41 41.77
C UNK K 4 -57.05 45.14 41.04
N UNK K 5 -56.95 44.80 39.74
CA UNK K 5 -58.11 44.53 38.86
C UNK K 5 -58.98 43.39 39.42
N UNK K 6 -60.07 43.01 38.74
CA UNK K 6 -61.00 42.03 39.32
C UNK K 6 -60.49 40.59 39.50
N UNK K 7 -59.35 40.29 38.89
CA UNK K 7 -58.76 38.97 38.94
C UNK K 7 -57.75 38.77 40.07
N UNK K 8 -57.29 39.87 40.63
CA UNK K 8 -56.29 39.83 41.68
C UNK K 8 -56.66 40.87 42.75
N UNK K 9 -56.06 40.76 43.94
CA UNK K 9 -56.30 41.74 45.00
C UNK K 9 -57.47 41.42 45.91
N UNK K 10 -57.49 42.04 47.09
CA UNK K 10 -58.55 41.81 48.03
C UNK K 10 -59.93 42.07 47.43
N UNK K 11 -59.98 42.73 46.27
CA UNK K 11 -61.29 43.06 45.68
C UNK K 11 -61.67 42.28 44.42
N UNK K 12 -60.99 41.18 44.17
CA UNK K 12 -61.24 40.33 43.02
C UNK K 12 -62.64 39.76 43.05
N UNK K 13 -63.02 39.09 41.97
CA UNK K 13 -64.31 38.43 41.90
C UNK K 13 -64.22 37.04 42.55
N UNK K 14 -65.34 36.56 43.11
CA UNK K 14 -65.40 35.29 43.86
C UNK K 14 -66.46 34.27 43.41
N UNK K 15 -66.19 32.99 43.74
CA UNK K 15 -66.96 31.88 43.21
C UNK K 15 -68.44 31.78 43.56
N UNK K 16 -68.88 32.50 44.59
CA UNK K 16 -70.29 32.50 44.95
C UNK K 16 -70.85 33.87 44.71
N UNK K 17 -70.11 34.65 43.92
CA UNK K 17 -70.47 36.02 43.63
C UNK K 17 -70.56 36.75 44.97
N UNK K 18 -71.58 37.59 45.08
CA UNK K 18 -71.83 38.38 46.29
C UNK K 18 -71.96 37.53 47.56
N UNK K 19 -72.15 36.23 47.39
CA UNK K 19 -72.31 35.35 48.54
C UNK K 19 -71.02 34.75 49.02
N UNK K 20 -69.93 35.02 48.32
CA UNK K 20 -68.66 34.41 48.66
C UNK K 20 -68.31 34.65 50.12
N UNK K 21 -68.86 35.72 50.67
CA UNK K 21 -68.61 36.06 52.08
C UNK K 21 -67.11 36.10 52.34
N UNK K 22 -66.71 35.63 53.51
CA UNK K 22 -65.28 35.62 53.88
C UNK K 22 -64.50 34.45 53.25
N UNK K 23 -63.25 34.71 52.87
CA UNK K 23 -62.45 33.69 52.22
C UNK K 23 -61.25 33.19 53.03
N UNK K 24 -60.78 32.00 52.69
CA UNK K 24 -59.63 31.39 53.37
C UNK K 24 -58.54 32.45 53.50
N UNK K 25 -57.96 32.59 54.69
CA UNK K 25 -56.93 33.59 54.90
C UNK K 25 -55.70 33.45 53.97
N UNK K 26 -55.51 32.28 53.38
CA UNK K 26 -54.35 32.04 52.53
C UNK K 26 -54.66 32.32 51.06
N UNK K 27 -55.92 32.59 50.75
CA UNK K 27 -56.33 32.96 49.39
C UNK K 27 -56.46 34.49 49.38
N UNK K 28 -55.34 35.17 49.23
CA UNK K 28 -55.29 36.62 49.31
C UNK K 28 -55.29 37.24 47.92
N UNK K 29 -55.98 36.57 47.01
CA UNK K 29 -56.13 37.03 45.65
C UNK K 29 -54.80 37.40 45.04
N UNK K 30 -53.75 36.66 45.37
CA UNK K 30 -52.43 36.95 44.82
C UNK K 30 -51.94 36.02 43.69
N UNK K 31 -52.74 35.00 43.36
CA UNK K 31 -52.40 34.05 42.31
C UNK K 31 -53.55 33.94 41.33
N UNK K 32 -53.22 33.76 40.06
CA UNK K 32 -54.19 33.61 39.00
C UNK K 32 -55.29 32.62 39.35
N UNK K 33 -56.50 32.91 38.92
CA UNK K 33 -57.59 31.98 39.10
C UNK K 33 -58.03 31.88 40.54
N UNK K 34 -57.66 32.88 41.34
CA UNK K 34 -58.05 32.93 42.75
C UNK K 34 -59.48 33.43 42.95
N UNK K 35 -60.45 32.53 42.94
CA UNK K 35 -61.85 32.90 43.20
C UNK K 35 -62.23 32.77 44.68
N UNK K 36 -61.23 32.62 45.55
CA UNK K 36 -61.46 32.48 47.00
C UNK K 36 -62.14 31.18 47.41
N UNK K 37 -61.99 30.14 46.60
CA UNK K 37 -62.56 28.81 46.82
C UNK K 37 -61.63 27.71 47.34
N UNK K 38 -61.78 27.38 48.63
CA UNK K 38 -61.10 26.23 49.20
C UNK K 38 -61.87 25.70 50.40
N UNK K 39 -63.07 25.20 50.12
CA UNK K 39 -63.97 24.71 51.14
C UNK K 39 -63.39 23.52 51.89
N UNK K 40 -62.56 22.73 51.24
CA UNK K 40 -62.00 21.54 51.88
C UNK K 40 -60.69 21.68 52.65
N UNK K 41 -60.09 22.87 52.61
CA UNK K 41 -58.83 23.12 53.29
C UNK K 41 -57.61 22.56 52.53
N UNK K 42 -57.84 21.89 51.39
CA UNK K 42 -56.74 21.28 50.61
C UNK K 42 -55.45 22.08 50.41
N UNK K 43 -55.53 23.38 50.19
CA UNK K 43 -54.32 24.17 49.92
C UNK K 43 -53.95 25.01 51.15
N UNK K 44 -54.31 24.54 52.33
CA UNK K 44 -54.05 25.28 53.55
C UNK K 44 -52.57 25.47 53.87
N UNK K 45 -51.75 24.50 53.47
CA UNK K 45 -50.30 24.61 53.64
C UNK K 45 -49.67 25.32 52.42
N UNK K 46 -48.80 26.27 52.69
CA UNK K 46 -48.15 27.06 51.62
C UNK K 46 -47.43 26.25 50.55
N UNK K 47 -46.92 25.08 50.93
CA UNK K 47 -46.20 24.23 50.01
C UNK K 47 -47.12 23.25 49.31
N UNK K 48 -48.20 22.83 49.97
CA UNK K 48 -49.17 21.95 49.32
C UNK K 48 -49.97 22.79 48.32
N UNK K 49 -50.16 24.04 48.69
CA UNK K 49 -50.86 24.97 47.84
C UNK K 49 -50.02 25.08 46.59
N UNK K 50 -48.73 25.36 46.79
CA UNK K 50 -47.81 25.46 45.65
C UNK K 50 -47.86 24.30 44.68
N UNK K 51 -48.04 23.10 45.19
CA UNK K 51 -48.08 21.91 44.34
C UNK K 51 -49.41 21.74 43.65
N UNK K 52 -50.47 22.12 44.33
CA UNK K 52 -51.80 22.04 43.74
C UNK K 52 -51.94 23.05 42.60
N UNK K 53 -51.30 24.19 42.76
CA UNK K 53 -51.30 25.17 41.66
C UNK K 53 -50.68 24.58 40.40
N UNK K 54 -49.58 23.83 40.54
CA UNK K 54 -48.90 23.23 39.39
C UNK K 54 -49.67 22.03 38.86
N UNK K 55 -50.27 21.26 39.76
CA UNK K 55 -51.10 20.13 39.32
C UNK K 55 -52.28 20.69 38.54
N UNK K 56 -52.76 21.85 38.97
CA UNK K 56 -53.91 22.47 38.30
C UNK K 56 -53.52 23.07 36.98
N UNK K 57 -52.40 23.78 36.91
CA UNK K 57 -51.99 24.35 35.63
C UNK K 57 -51.59 23.34 34.59
N UNK K 58 -51.08 22.19 35.03
CA UNK K 58 -50.69 21.13 34.12
C UNK K 58 -51.86 20.25 33.67
N UNK K 59 -52.86 20.11 34.53
CA UNK K 59 -54.04 19.34 34.20
C UNK K 59 -54.80 20.20 33.18
N UNK K 60 -54.82 21.51 33.43
CA UNK K 60 -55.44 22.48 32.51
C UNK K 60 -54.85 22.28 31.08
N UNK K 61 -53.55 22.46 30.93
CA UNK K 61 -52.91 22.33 29.63
C UNK K 61 -53.19 21.01 28.96
N UNK K 62 -53.24 19.95 29.75
CA UNK K 62 -53.50 18.62 29.22
C UNK K 62 -54.96 18.54 28.80
N UNK K 63 -55.87 19.09 29.60
CA UNK K 63 -57.28 19.04 29.33
C UNK K 63 -57.67 19.86 28.12
N UNK K 64 -57.11 21.05 28.00
CA UNK K 64 -57.40 21.89 26.83
C UNK K 64 -57.10 21.12 25.54
N UNK K 65 -55.95 20.45 25.50
CA UNK K 65 -55.54 19.68 24.33
C UNK K 65 -56.42 18.46 24.07
N UNK K 66 -56.85 17.82 25.15
CA UNK K 66 -57.68 16.63 25.05
C UNK K 66 -59.07 17.02 24.64
N UNK K 67 -59.57 18.12 25.22
CA UNK K 67 -60.90 18.64 24.86
C UNK K 67 -60.96 18.89 23.36
N UNK K 68 -60.08 19.74 22.87
CA UNK K 68 -59.99 19.99 21.43
C UNK K 68 -59.70 18.69 20.68
N UNK K 69 -58.85 17.85 21.26
CA UNK K 69 -58.50 16.59 20.61
C UNK K 69 -59.62 15.59 20.54
N UNK K 70 -60.30 15.41 21.65
CA UNK K 70 -61.41 14.46 21.74
C UNK K 70 -62.54 14.79 20.73
N UNK K 71 -62.78 16.08 20.52
CA UNK K 71 -63.85 16.51 19.63
C UNK K 71 -63.54 16.58 18.12
N UNK K 72 -62.43 17.22 17.78
CA UNK K 72 -62.03 17.42 16.38
C UNK K 72 -62.34 16.30 15.39
N UNK K 73 -61.79 15.12 15.59
CA UNK K 73 -62.08 14.01 14.69
C UNK K 73 -63.58 13.75 14.56
N UNK K 74 -64.32 13.86 15.65
CA UNK K 74 -65.75 13.67 15.56
C UNK K 74 -66.34 14.73 14.63
N UNK K 75 -65.95 15.98 14.84
CA UNK K 75 -66.46 17.11 14.07
C UNK K 75 -66.23 16.95 12.58
N UNK K 76 -65.03 16.54 12.20
CA UNK K 76 -64.73 16.38 10.79
C UNK K 76 -65.48 15.17 10.26
N UNK K 77 -65.51 14.10 11.03
CA UNK K 77 -66.15 12.89 10.55
C UNK K 77 -67.61 13.14 10.24
N UNK K 78 -68.18 14.10 10.94
CA UNK K 78 -69.57 14.42 10.71
C UNK K 78 -69.73 15.39 9.55
N UNK K 79 -68.61 15.89 9.02
CA UNK K 79 -68.64 16.81 7.89
C UNK K 79 -68.03 16.20 6.64
N UNK K 80 -68.04 14.87 6.58
CA UNK K 80 -67.51 14.14 5.41
C UNK K 80 -66.21 13.36 5.59
N UNK K 81 -65.30 13.81 6.45
CA UNK K 81 -64.04 13.12 6.66
C UNK K 81 -64.28 11.74 7.28
N UNK K 82 -63.68 10.71 6.68
CA UNK K 82 -63.89 9.34 7.13
C UNK K 82 -62.66 8.79 7.84
N UNK K 83 -62.79 8.47 9.12
CA UNK K 83 -61.69 7.94 9.89
C UNK K 83 -62.02 6.48 10.17
N UNK K 84 -61.11 5.75 10.82
CA UNK K 84 -61.43 4.37 11.19
C UNK K 84 -62.56 4.47 12.22
N UNK K 85 -62.32 5.29 13.23
CA UNK K 85 -63.30 5.58 14.25
C UNK K 85 -62.98 6.98 14.77
N UNK K 86 -63.96 7.89 14.67
CA UNK K 86 -63.74 9.28 15.07
C UNK K 86 -64.02 9.52 16.56
N UNK K 87 -65.02 8.80 17.07
CA UNK K 87 -65.40 8.91 18.47
C UNK K 87 -64.18 8.73 19.38
N UNK K 88 -63.86 9.74 20.18
CA UNK K 88 -62.67 9.73 21.03
C UNK K 88 -62.36 8.48 21.87
N UNK K 89 -63.39 7.90 22.50
CA UNK K 89 -63.24 6.72 23.33
C UNK K 89 -63.28 5.38 22.58
N UNK K 90 -63.22 5.43 21.26
CA UNK K 90 -63.13 4.22 20.42
C UNK K 90 -61.94 4.35 19.47
N UNK K 91 -61.26 5.49 19.56
CA UNK K 91 -60.14 5.83 18.70
C UNK K 91 -58.93 4.97 18.87
N UNK K 92 -58.69 4.46 20.08
CA UNK K 92 -57.53 3.63 20.33
C UNK K 92 -57.65 2.28 19.63
N UNK K 93 -58.86 1.74 19.58
CA UNK K 93 -59.13 0.42 19.00
C UNK K 93 -58.80 0.20 17.54
N UNK K 94 -58.64 1.28 16.78
CA UNK K 94 -58.37 1.17 15.34
C UNK K 94 -56.96 0.70 15.00
N UNK K 95 -56.09 0.66 16.01
CA UNK K 95 -54.73 0.15 15.80
C UNK K 95 -54.73 -1.38 15.86
N UNK K 96 -55.92 -1.94 16.09
CA UNK K 96 -56.14 -3.38 16.07
C UNK K 96 -56.83 -3.72 14.75
N UNK K 97 -57.27 -2.70 14.03
CA UNK K 97 -58.00 -2.88 12.77
C UNK K 97 -57.17 -3.47 11.64
N UNK K 98 -57.84 -4.06 10.66
CA UNK K 98 -57.17 -4.69 9.53
C UNK K 98 -56.02 -3.85 8.94
N UNK K 99 -56.33 -2.62 8.56
CA UNK K 99 -55.34 -1.76 7.92
C UNK K 99 -54.49 -0.91 8.87
N UNK K 100 -54.74 -1.02 10.17
CA UNK K 100 -53.99 -0.24 11.15
C UNK K 100 -54.63 1.13 11.41
N UNK K 101 -53.80 2.09 11.79
CA UNK K 101 -54.27 3.42 12.14
C UNK K 101 -53.84 4.42 11.06
N UNK K 102 -54.80 4.97 10.33
CA UNK K 102 -54.50 5.95 9.28
C UNK K 102 -54.97 7.37 9.67
N UNK K 103 -54.01 8.28 9.80
CA UNK K 103 -54.30 9.66 10.16
C UNK K 103 -55.20 10.36 9.12
N UNK K 104 -56.27 10.96 9.62
CA UNK K 104 -57.24 11.61 8.75
C UNK K 104 -57.80 10.58 7.78
N UNK K 105 -57.55 9.31 8.07
CA UNK K 105 -58.07 8.21 7.29
C UNK K 105 -57.26 8.04 6.01
N UNK K 106 -55.99 8.42 6.07
CA UNK K 106 -55.08 8.35 4.92
C UNK K 106 -53.93 7.37 5.08
N UNK K 107 -53.96 6.28 4.32
CA UNK K 107 -52.93 5.25 4.33
C UNK K 107 -51.48 5.75 4.26
N UNK K 108 -51.30 6.93 3.69
CA UNK K 108 -49.97 7.52 3.57
C UNK K 108 -49.65 8.40 4.78
N UNK K 109 -50.52 8.33 5.78
CA UNK K 109 -50.30 9.10 6.98
C UNK K 109 -50.08 8.21 8.20
N UNK K 110 -48.86 8.21 8.74
CA UNK K 110 -48.54 7.39 9.89
C UNK K 110 -48.67 5.90 9.53
N UNK K 111 -49.89 5.47 9.23
CA UNK K 111 -50.17 4.08 8.89
C UNK K 111 -49.70 3.11 9.98
N UNK K 112 -49.87 3.50 11.24
CA UNK K 112 -49.42 2.67 12.36
C UNK K 112 -50.05 1.28 12.34
N UNK K 113 -49.25 0.26 12.64
CA UNK K 113 -49.75 -1.12 12.66
C UNK K 113 -49.48 -1.89 13.99
N UNK K 114 -48.62 -1.34 14.86
CA UNK K 114 -48.25 -1.99 16.13
C UNK K 114 -48.40 -1.06 17.34
N UNK K 115 -49.14 -1.52 18.33
CA UNK K 115 -49.37 -0.70 19.52
C UNK K 115 -48.15 -0.68 20.44
N UNK K 116 -47.48 -1.82 20.54
CA UNK K 116 -46.30 -1.94 21.37
C UNK K 116 -45.18 -0.98 20.92
N UNK K 117 -45.20 -0.61 19.64
CA UNK K 117 -44.22 0.34 19.13
C UNK K 117 -44.60 1.79 19.49
N UNK K 118 -45.92 2.04 19.52
CA UNK K 118 -46.45 3.35 19.90
C UNK K 118 -46.21 3.58 21.40
N UNK K 119 -46.50 2.55 22.17
CA UNK K 119 -46.29 2.57 23.60
C UNK K 119 -44.81 2.80 23.89
N UNK K 120 -43.94 2.01 23.28
CA UNK K 120 -42.50 2.18 23.45
C UNK K 120 -41.99 3.60 23.23
N UNK K 121 -42.28 4.16 22.07
CA UNK K 121 -41.83 5.51 21.76
C UNK K 121 -42.36 6.52 22.75
N UNK K 122 -43.67 6.42 23.04
CA UNK K 122 -44.33 7.32 23.94
C UNK K 122 -43.64 7.32 25.26
N UNK K 123 -43.38 6.11 25.74
CA UNK K 123 -42.70 5.94 27.00
C UNK K 123 -41.40 6.73 26.98
N UNK K 124 -40.55 6.48 25.98
CA UNK K 124 -39.26 7.17 25.87
C UNK K 124 -39.35 8.67 25.70
N UNK K 125 -40.17 9.12 24.76
CA UNK K 125 -40.36 10.54 24.47
C UNK K 125 -40.96 11.33 25.64
N UNK K 126 -42.07 10.83 26.17
CA UNK K 126 -42.73 11.52 27.26
C UNK K 126 -41.79 11.50 28.47
N UNK K 127 -41.18 10.34 28.71
CA UNK K 127 -40.27 10.15 29.82
C UNK K 127 -39.23 11.25 29.78
N UNK K 128 -38.69 11.48 28.58
CA UNK K 128 -37.67 12.50 28.37
C UNK K 128 -38.18 13.94 28.58
N UNK K 129 -39.21 14.36 27.84
CA UNK K 129 -39.71 15.73 27.97
C UNK K 129 -40.21 16.02 29.38
N UNK K 130 -40.83 15.04 30.03
CA UNK K 130 -41.30 15.29 31.39
C UNK K 130 -40.08 15.49 32.31
N UNK K 131 -39.05 14.70 32.08
CA UNK K 131 -37.80 14.87 32.82
C UNK K 131 -37.28 16.28 32.63
N UNK K 132 -37.16 16.70 31.36
CA UNK K 132 -36.78 18.06 30.98
C UNK K 132 -37.55 19.11 31.75
N UNK K 133 -38.85 18.89 31.88
CA UNK K 133 -39.74 19.79 32.60
C UNK K 133 -39.35 20.08 34.05
N UNK K 134 -38.88 19.05 34.76
CA UNK K 134 -38.51 19.18 36.17
C UNK K 134 -37.10 19.69 36.45
N UNK K 135 -36.13 19.23 35.68
CA UNK K 135 -34.74 19.63 35.91
C UNK K 135 -34.19 20.62 34.90
N UNK K 136 -34.76 20.60 33.70
CA UNK K 136 -34.31 21.44 32.61
C UNK K 136 -33.85 20.44 31.56
N UNK K 137 -33.34 20.94 30.44
CA UNK K 137 -32.89 20.08 29.34
C UNK K 137 -32.45 20.86 28.08
N UNK K 138 -32.80 20.33 26.90
CA UNK K 138 -32.39 20.97 25.66
C UNK K 138 -33.03 22.33 25.41
N UNK K 139 -34.26 22.53 25.87
CA UNK K 139 -34.93 23.80 25.64
C UNK K 139 -34.69 24.82 26.75
N UNK K 140 -33.82 24.48 27.69
CA UNK K 140 -33.51 25.42 28.76
C UNK K 140 -33.62 24.88 30.18
N UNK K 141 -33.06 25.64 31.11
CA UNK K 141 -33.08 25.26 32.50
C UNK K 141 -34.35 25.76 33.17
N UNK K 142 -34.75 25.10 34.24
CA UNK K 142 -35.99 25.46 34.92
C UNK K 142 -35.80 26.70 35.79
N UNK K 143 -36.39 27.82 35.39
CA UNK K 143 -36.31 29.03 36.20
C UNK K 143 -37.64 29.18 36.91
N UNK K 144 -38.72 29.00 36.15
CA UNK K 144 -40.09 28.93 36.68
C UNK K 144 -40.71 27.62 36.21
N UNK K 145 -41.29 26.87 37.15
CA UNK K 145 -41.82 25.52 36.90
C UNK K 145 -43.01 25.38 35.96
N UNK K 146 -43.89 26.39 35.94
CA UNK K 146 -45.10 26.34 35.10
C UNK K 146 -45.07 27.34 33.96
N UNK K 147 -44.23 28.36 34.13
CA UNK K 147 -44.12 29.42 33.16
C UNK K 147 -42.68 29.61 32.65
N UNK K 148 -42.09 28.53 32.13
CA UNK K 148 -40.70 28.56 31.66
C UNK K 148 -40.42 29.77 30.76
N UNK K 149 -41.27 29.94 29.75
CA UNK K 149 -41.11 31.04 28.81
C UNK K 149 -39.97 30.70 27.90
N UNK K 150 -39.24 31.70 27.45
CA UNK K 150 -38.10 31.48 26.58
C UNK K 150 -38.51 30.74 25.33
N UNK K 151 -38.13 29.47 25.21
CA UNK K 151 -38.50 28.70 24.04
C UNK K 151 -39.99 28.45 23.97
N UNK K 152 -40.68 28.56 25.10
CA UNK K 152 -42.10 28.29 25.13
C UNK K 152 -42.99 29.51 25.00
N UNK K 153 -42.40 30.70 25.14
CA UNK K 153 -43.06 31.96 24.84
C UNK K 153 -42.30 32.60 23.68
N UNK K 154 -42.34 31.95 22.51
CA UNK K 154 -41.64 32.45 21.34
C UNK K 154 -42.24 33.72 20.71
N UNK K 155 -43.48 34.07 21.05
CA UNK K 155 -44.10 35.27 20.50
C UNK K 155 -43.98 36.46 21.45
N UNK K 156 -43.39 36.23 22.62
CA UNK K 156 -43.25 37.26 23.62
C UNK K 156 -44.57 37.75 24.21
N UNK K 157 -45.64 37.00 23.96
CA UNK K 157 -46.96 37.38 24.46
C UNK K 157 -47.02 37.81 25.93
N UNK K 158 -46.27 37.12 26.78
CA UNK K 158 -46.28 37.36 28.22
C UNK K 158 -45.04 38.16 28.63
N UNK K 159 -44.40 38.77 27.64
CA UNK K 159 -43.19 39.55 27.89
C UNK K 159 -43.55 40.79 28.73
N UNK K 160 -44.79 41.24 28.63
CA UNK K 160 -45.26 42.35 29.45
C UNK K 160 -46.00 41.89 30.74
N UNK K 161 -45.45 42.27 31.91
CA UNK K 161 -46.00 41.89 33.22
C UNK K 161 -47.52 41.94 33.32
N UNK K 162 -48.05 43.16 33.25
CA UNK K 162 -49.49 43.36 33.36
C UNK K 162 -50.26 42.39 32.46
N UNK K 163 -49.73 42.15 31.26
CA UNK K 163 -50.40 41.31 30.26
C UNK K 163 -50.28 39.86 30.61
N UNK K 164 -49.17 39.53 31.23
CA UNK K 164 -48.87 38.19 31.65
C UNK K 164 -49.86 37.86 32.78
N UNK K 165 -50.05 38.81 33.70
CA UNK K 165 -51.01 38.68 34.79
C UNK K 165 -52.39 38.25 34.27
N UNK K 166 -52.83 38.89 33.20
CA UNK K 166 -54.11 38.61 32.58
C UNK K 166 -54.19 37.22 31.94
N UNK K 167 -53.16 36.89 31.14
CA UNK K 167 -53.07 35.61 30.44
C UNK K 167 -53.01 34.40 31.38
N UNK K 168 -52.22 34.49 32.44
CA UNK K 168 -52.19 33.41 33.46
C UNK K 168 -53.64 33.11 33.85
N UNK K 169 -54.47 34.14 33.85
CA UNK K 169 -55.88 34.02 34.19
C UNK K 169 -56.76 33.48 33.07
N UNK K 170 -56.50 33.91 31.84
CA UNK K 170 -57.28 33.39 30.73
C UNK K 170 -56.92 31.92 30.57
N UNK K 171 -55.65 31.61 30.80
CA UNK K 171 -55.16 30.23 30.68
C UNK K 171 -55.84 29.37 31.72
N UNK K 172 -55.78 29.83 32.96
CA UNK K 172 -56.44 29.07 34.02
C UNK K 172 -57.95 28.93 33.79
N UNK K 173 -58.62 29.96 33.28
CA UNK K 173 -60.07 29.88 33.06
C UNK K 173 -60.47 28.97 31.89
N UNK K 174 -59.70 29.01 30.80
CA UNK K 174 -60.02 28.18 29.65
C UNK K 174 -59.74 26.74 30.04
N UNK K 175 -58.74 26.56 30.90
CA UNK K 175 -58.34 25.23 31.37
C UNK K 175 -59.39 24.61 32.31
N UNK K 176 -59.84 25.38 33.28
CA UNK K 176 -60.90 24.91 34.17
C UNK K 176 -62.16 24.59 33.39
N UNK K 177 -62.37 25.25 32.26
CA UNK K 177 -63.53 24.94 31.48
C UNK K 177 -63.33 23.58 30.79
N UNK K 178 -62.12 23.36 30.29
CA UNK K 178 -61.78 22.11 29.61
C UNK K 178 -61.76 20.91 30.54
N UNK K 179 -61.23 21.06 31.74
CA UNK K 179 -61.24 19.96 32.70
C UNK K 179 -62.68 19.58 32.96
N UNK K 180 -63.48 20.57 33.28
CA UNK K 180 -64.89 20.40 33.58
C UNK K 180 -65.57 19.65 32.45
N UNK K 181 -65.29 20.07 31.22
CA UNK K 181 -65.91 19.46 30.07
C UNK K 181 -65.43 18.05 29.87
N UNK K 182 -64.14 17.85 30.10
CA UNK K 182 -63.58 16.52 29.95
C UNK K 182 -64.32 15.60 30.87
N UNK K 183 -64.51 16.07 32.10
CA UNK K 183 -65.24 15.30 33.11
C UNK K 183 -66.63 14.91 32.56
N UNK K 184 -67.28 15.84 31.88
CA UNK K 184 -68.57 15.55 31.26
C UNK K 184 -68.41 14.51 30.14
N UNK K 185 -67.37 14.67 29.33
CA UNK K 185 -67.06 13.72 28.25
C UNK K 185 -66.95 12.30 28.77
N UNK K 186 -66.26 12.13 29.90
CA UNK K 186 -66.11 10.80 30.53
C UNK K 186 -67.44 10.23 31.01
N UNK K 187 -68.21 11.07 31.70
CA UNK K 187 -69.49 10.65 32.22
C UNK K 187 -70.52 10.40 31.11
N UNK K 188 -70.51 11.24 30.07
CA UNK K 188 -71.46 11.08 28.98
C UNK K 188 -71.18 9.82 28.21
N UNK K 189 -69.93 9.62 27.84
CA UNK K 189 -69.56 8.42 27.11
C UNK K 189 -70.00 7.20 27.91
N UNK K 190 -69.70 7.22 29.21
CA UNK K 190 -70.04 6.09 30.06
C UNK K 190 -71.56 5.86 30.14
N UNK K 191 -72.31 6.94 30.35
CA UNK K 191 -73.77 6.88 30.50
C UNK K 191 -74.51 6.70 29.17
N UNK K 192 -74.25 7.59 28.22
CA UNK K 192 -74.90 7.58 26.90
C UNK K 192 -74.37 6.52 25.94
N UNK K 193 -73.06 6.29 25.97
CA UNK K 193 -72.39 5.31 25.11
C UNK K 193 -72.19 5.82 23.69
N UNK K 194 -72.39 7.12 23.50
CA UNK K 194 -72.24 7.75 22.17
C UNK K 194 -71.25 8.91 22.27
N UNK K 195 -70.84 9.45 21.12
CA UNK K 195 -69.90 10.57 21.05
C UNK K 195 -70.49 11.82 21.70
N UNK K 196 -69.65 12.70 22.23
CA UNK K 196 -70.10 13.92 22.90
C UNK K 196 -70.69 14.94 21.93
N UNK K 197 -70.44 14.71 20.64
CA UNK K 197 -70.99 15.54 19.57
C UNK K 197 -72.31 14.91 19.16
N UNK K 198 -72.40 13.59 19.21
CA UNK K 198 -73.66 12.93 18.93
C UNK K 198 -74.64 13.11 20.10
N UNK K 199 -74.16 13.68 21.21
CA UNK K 199 -74.99 13.98 22.39
C UNK K 199 -75.63 15.34 22.15
N UNK K 200 -74.84 16.24 21.58
CA UNK K 200 -75.32 17.59 21.32
C UNK K 200 -76.41 17.57 20.23
N UNK K 201 -76.17 16.75 19.21
CA UNK K 201 -77.09 16.58 18.10
C UNK K 201 -78.40 15.95 18.56
N UNK K 202 -78.29 15.02 19.49
CA UNK K 202 -79.47 14.33 20.02
C UNK K 202 -80.25 15.20 21.03
N UNK K 203 -79.56 16.01 21.83
CA UNK K 203 -80.20 16.93 22.77
C UNK K 203 -80.95 18.00 21.97
N UNK K 204 -80.24 18.59 21.02
CA UNK K 204 -80.81 19.67 20.22
C UNK K 204 -82.00 19.23 19.40
N UNK K 205 -82.07 17.95 19.05
CA UNK K 205 -83.21 17.44 18.28
C UNK K 205 -84.45 17.40 19.16
N UNK K 206 -84.25 17.36 20.47
CA UNK K 206 -85.36 17.34 21.41
C UNK K 206 -84.90 17.71 22.84
N UNK K 207 -84.33 18.91 23.01
CA UNK K 207 -83.86 19.39 24.32
C UNK K 207 -84.62 18.92 25.57
N UNK K 208 -85.92 18.76 25.43
CA UNK K 208 -86.78 18.39 26.55
C UNK K 208 -86.88 16.89 26.81
N UNK K 209 -86.66 16.10 25.77
CA UNK K 209 -86.72 14.65 25.89
C UNK K 209 -85.35 13.95 25.83
N UNK K 210 -84.40 14.54 25.10
CA UNK K 210 -83.08 13.94 24.96
C UNK K 210 -82.08 14.67 25.84
N UNK K 211 -82.02 14.27 27.11
CA UNK K 211 -81.12 14.85 28.11
C UNK K 211 -80.76 13.79 29.16
N UNK K 212 -79.95 14.15 30.14
CA UNK K 212 -79.50 13.20 31.17
C UNK K 212 -80.64 12.47 31.92
N UNK K 213 -81.76 13.18 32.15
CA UNK K 213 -82.90 12.64 32.90
C UNK K 213 -83.45 11.36 32.27
N UNK K 214 -83.37 11.23 30.95
CA UNK K 214 -83.83 10.02 30.32
C UNK K 214 -83.00 8.79 30.70
N UNK K 215 -81.78 9.00 31.18
CA UNK K 215 -80.90 7.91 31.62
C UNK K 215 -80.97 7.68 33.13
N UNK K 216 -81.84 8.42 33.80
CA UNK K 216 -81.95 8.38 35.27
C UNK K 216 -82.30 7.03 35.88
N UNK K 217 -83.11 6.22 35.20
CA UNK K 217 -83.54 4.93 35.74
C UNK K 217 -82.58 3.82 35.42
N UNK K 218 -81.68 4.08 34.50
CA UNK K 218 -80.67 3.11 34.18
C UNK K 218 -79.71 3.17 35.37
N UNK K 219 -78.94 2.10 35.60
CA UNK K 219 -78.00 2.06 36.72
C UNK K 219 -78.65 1.89 38.09
N UNK K 220 -79.80 1.22 38.13
CA UNK K 220 -80.50 1.04 39.40
C UNK K 220 -80.42 -0.42 39.83
N UNK K 221 -80.04 -0.62 41.09
CA UNK K 221 -79.95 -1.97 41.64
C UNK K 221 -81.32 -2.59 41.52
N UNK K 222 -81.35 -3.91 41.40
CA UNK K 222 -82.59 -4.64 41.15
C UNK K 222 -82.32 -5.25 39.79
N UNK K 223 -83.35 -5.40 38.96
CA UNK K 223 -83.12 -5.95 37.61
C UNK K 223 -82.72 -4.89 36.59
N UNK L 1 40.88 -20.94 45.07
CA UNK L 1 39.95 -21.90 44.50
C UNK L 1 38.53 -21.63 44.97
N UNK L 2 38.19 -22.21 46.12
CA UNK L 2 36.99 -21.88 46.89
C UNK L 2 35.69 -22.47 46.32
N UNK L 3 35.67 -22.88 45.06
CA UNK L 3 34.56 -23.64 44.50
C UNK L 3 34.91 -24.06 43.08
N UNK L 4 34.02 -24.85 42.48
CA UNK L 4 34.21 -25.38 41.12
C UNK L 4 34.28 -24.26 40.09
N UNK L 5 35.31 -24.31 39.23
CA UNK L 5 36.33 -25.35 39.22
C UNK L 5 37.48 -25.04 40.17
N UNK L 6 37.87 -26.04 40.98
CA UNK L 6 38.92 -25.82 41.97
C UNK L 6 40.27 -25.56 41.35
N UNK L 7 40.47 -25.92 40.08
CA UNK L 7 41.74 -25.73 39.41
C UNK L 7 41.90 -24.35 38.79
N UNK L 8 40.85 -23.52 38.82
CA UNK L 8 40.91 -22.19 38.23
C UNK L 8 40.19 -21.21 39.15
N UNK L 9 40.96 -20.35 39.81
CA UNK L 9 40.36 -19.33 40.66
C UNK L 9 39.66 -18.26 39.84
N UNK L 10 40.19 -17.93 38.65
CA UNK L 10 39.52 -16.97 37.79
C UNK L 10 38.16 -17.45 37.32
N UNK L 11 37.96 -18.76 37.21
CA UNK L 11 36.66 -19.27 36.78
C UNK L 11 35.70 -19.39 37.96
N UNK L 12 36.20 -19.81 39.13
CA UNK L 12 35.34 -19.94 40.29
C UNK L 12 34.77 -18.59 40.74
N UNK L 13 35.51 -17.51 40.52
CA UNK L 13 35.05 -16.18 40.88
C UNK L 13 34.10 -15.58 39.85
N UNK L 14 33.87 -16.27 38.74
CA UNK L 14 32.88 -15.83 37.76
C UNK L 14 31.48 -15.96 38.35
N UNK L 15 30.69 -14.88 38.40
CA UNK L 15 29.33 -15.00 38.93
C UNK L 15 28.30 -15.48 37.92
N UNK L 16 28.68 -15.59 36.65
CA UNK L 16 27.75 -15.96 35.61
C UNK L 16 27.70 -17.48 35.46
N UNK L 17 26.80 -17.96 34.60
CA UNK L 17 26.74 -19.38 34.28
C UNK L 17 27.99 -19.85 33.55
N UNK L 18 28.72 -18.93 32.92
CA UNK L 18 29.97 -19.27 32.23
C UNK L 18 30.88 -20.11 33.10
N UNK L 19 30.98 -19.77 34.40
CA UNK L 19 31.85 -20.50 35.32
C UNK L 19 31.65 -22.01 35.20
N UNK L 20 30.40 -22.46 35.12
CA UNK L 20 30.16 -23.90 35.00
C UNK L 20 30.70 -24.41 33.66
N UNK L 21 30.28 -23.79 32.56
CA UNK L 21 30.65 -24.26 31.23
C UNK L 21 32.17 -24.39 31.09
N UNK L 22 32.88 -23.28 31.33
CA UNK L 22 34.33 -23.28 31.19
C UNK L 22 35.02 -24.17 32.21
N UNK L 23 34.35 -24.49 33.33
CA UNK L 23 34.90 -25.48 34.22
C UNK L 23 34.97 -26.85 33.58
N UNK L 24 34.00 -27.17 32.73
CA UNK L 24 33.97 -28.47 32.07
C UNK L 24 34.97 -28.51 30.93
N UNK L 25 34.94 -27.50 30.06
CA UNK L 25 35.75 -27.51 28.85
C UNK L 25 37.24 -27.32 29.10
N UNK L 26 37.65 -26.99 30.32
CA UNK L 26 39.05 -26.74 30.61
C UNK L 26 39.62 -27.76 31.60
N UNK L 27 38.85 -28.80 31.93
CA UNK L 27 39.23 -29.70 33.02
C UNK L 27 40.49 -30.51 32.66
N UNK L 28 40.72 -30.75 31.37
CA UNK L 28 41.86 -31.58 30.97
C UNK L 28 43.05 -30.78 30.48
N UNK L 29 42.90 -29.46 30.31
CA UNK L 29 44.03 -28.61 29.90
C UNK L 29 44.85 -28.29 31.14
N UNK L 30 45.68 -29.26 31.54
CA UNK L 30 46.39 -29.19 32.81
C UNK L 30 47.34 -27.99 32.86
N UNK L 31 47.97 -27.66 31.73
CA UNK L 31 48.95 -26.58 31.70
C UNK L 31 48.34 -25.23 32.08
N UNK L 32 47.02 -25.10 31.98
CA UNK L 32 46.35 -23.84 32.30
C UNK L 32 45.75 -23.83 33.70
N UNK L 33 45.93 -24.89 34.47
CA UNK L 33 45.39 -24.95 35.82
C UNK L 33 46.26 -24.17 36.81
N UNK L 34 45.65 -23.73 37.89
CA UNK L 34 46.36 -22.95 38.90
C UNK L 34 47.43 -23.79 39.57
N UNK L 35 48.61 -23.17 39.76
CA UNK L 35 49.73 -23.79 40.49
C UNK L 35 50.27 -25.03 39.78
N UNK L 36 50.10 -25.09 38.46
CA UNK L 36 50.59 -26.25 37.72
C UNK L 36 52.11 -26.26 37.73
N UNK L 37 52.69 -27.45 37.83
CA UNK L 37 54.11 -27.66 37.64
C UNK L 37 54.31 -28.68 36.52
N UNK L 38 55.57 -28.84 36.10
CA UNK L 38 55.87 -29.86 35.10
C UNK L 38 55.64 -31.25 35.68
N UNK L 39 56.06 -31.47 36.93
CA UNK L 39 55.86 -32.77 37.55
C UNK L 39 54.38 -33.13 37.67
N UNK L 40 53.58 -32.20 38.19
CA UNK L 40 52.14 -32.41 38.25
C UNK L 40 51.56 -32.67 36.86
N UNK L 41 52.03 -31.91 35.86
CA UNK L 41 51.57 -32.10 34.49
C UNK L 41 51.77 -33.56 34.05
N UNK L 42 53.02 -34.02 34.08
CA UNK L 42 53.34 -35.36 33.62
C UNK L 42 52.59 -36.42 34.43
N UNK L 43 52.51 -36.23 35.75
CA UNK L 43 51.86 -37.24 36.59
C UNK L 43 50.37 -37.33 36.31
N UNK L 44 49.71 -36.19 36.16
CA UNK L 44 48.29 -36.20 35.81
C UNK L 44 48.06 -36.85 34.46
N UNK L 45 48.94 -36.58 33.48
CA UNK L 45 48.80 -37.22 32.18
C UNK L 45 48.93 -38.73 32.31
N UNK L 46 49.98 -39.18 33.01
CA UNK L 46 50.25 -40.61 33.19
C UNK L 46 49.03 -41.31 33.79
N UNK L 47 48.54 -40.79 34.91
CA UNK L 47 47.36 -41.38 35.55
C UNK L 47 46.17 -41.36 34.60
N UNK L 48 45.99 -40.26 33.87
CA UNK L 48 44.91 -40.22 32.88
C UNK L 48 45.06 -41.31 31.84
N UNK L 49 46.29 -41.67 31.49
CA UNK L 49 46.52 -42.76 30.55
C UNK L 49 46.04 -44.08 31.13
N UNK L 50 46.37 -44.34 32.40
CA UNK L 50 45.84 -45.55 33.04
C UNK L 50 44.32 -45.53 33.06
N UNK L 51 43.72 -44.38 33.34
CA UNK L 51 42.26 -44.29 33.34
C UNK L 51 41.66 -44.59 31.98
N UNK L 52 42.28 -44.07 30.92
CA UNK L 52 41.83 -44.39 29.56
C UNK L 52 41.91 -45.88 29.30
N UNK L 53 43.06 -46.50 29.60
CA UNK L 53 43.20 -47.94 29.39
C UNK L 53 42.11 -48.70 30.13
N UNK L 54 41.83 -48.31 31.38
CA UNK L 54 40.76 -48.96 32.13
C UNK L 54 39.42 -48.81 31.41
N UNK L 55 39.13 -47.63 30.87
CA UNK L 55 37.89 -47.44 30.13
C UNK L 55 37.83 -48.39 28.93
N UNK L 56 38.95 -48.53 28.22
CA UNK L 56 38.97 -49.35 27.02
C UNK L 56 38.73 -50.83 27.37
N UNK L 57 39.41 -51.31 28.40
CA UNK L 57 39.21 -52.69 28.83
C UNK L 57 37.77 -52.92 29.30
N UNK L 58 37.23 -52.00 30.10
CA UNK L 58 35.87 -52.14 30.57
C UNK L 58 34.88 -52.16 29.41
N UNK L 59 35.15 -51.36 28.38
CA UNK L 59 34.27 -51.29 27.22
C UNK L 59 34.28 -52.59 26.44
N UNK L 60 35.48 -53.13 26.16
CA UNK L 60 35.55 -54.39 25.44
C UNK L 60 34.97 -55.53 26.27
N UNK L 61 35.20 -55.50 27.59
CA UNK L 61 34.58 -56.46 28.49
C UNK L 61 33.06 -56.41 28.38
N UNK L 62 32.49 -55.20 28.30
CA UNK L 62 31.05 -55.09 28.14
C UNK L 62 30.55 -55.68 26.83
N UNK L 63 31.26 -55.39 25.73
CA UNK L 63 30.89 -55.98 24.45
C UNK L 63 30.90 -57.51 24.52
N UNK L 64 31.98 -58.08 25.07
CA UNK L 64 32.06 -59.52 25.24
C UNK L 64 30.88 -60.05 26.03
N UNK L 65 30.62 -59.46 27.20
CA UNK L 65 29.53 -59.91 28.05
C UNK L 65 28.21 -59.92 27.30
N UNK L 66 27.93 -58.84 26.55
CA UNK L 66 26.63 -58.75 25.89
C UNK L 66 26.50 -59.72 24.75
N UNK L 67 27.56 -59.92 23.96
CA UNK L 67 27.48 -60.93 22.92
C UNK L 67 27.24 -62.31 23.54
N UNK L 68 27.92 -62.60 24.65
CA UNK L 68 27.77 -63.93 25.26
C UNK L 68 26.37 -64.12 25.85
N UNK L 69 25.80 -63.07 26.44
CA UNK L 69 24.60 -63.19 27.25
C UNK L 69 23.32 -62.93 26.48
N UNK L 70 23.38 -62.16 25.38
CA UNK L 70 22.20 -61.84 24.59
C UNK L 70 22.39 -62.08 23.10
N UNK L 71 23.54 -62.60 22.67
CA UNK L 71 23.89 -62.65 21.27
C UNK L 71 23.74 -64.02 20.65
N UNK L 72 24.15 -64.10 19.37
CA UNK L 72 23.97 -65.25 18.50
C UNK L 72 25.23 -66.08 18.32
N UNK L 73 26.29 -65.80 19.09
CA UNK L 73 27.63 -66.25 18.73
C UNK L 73 27.69 -67.74 18.42
N UNK L 74 27.18 -68.56 19.33
CA UNK L 74 27.23 -70.01 19.13
C UNK L 74 26.42 -70.42 17.90
N UNK L 75 25.22 -69.87 17.74
CA UNK L 75 24.44 -70.14 16.53
C UNK L 75 25.10 -69.57 15.29
N UNK L 76 25.79 -68.43 15.44
CA UNK L 76 26.40 -67.78 14.29
C UNK L 76 27.58 -68.59 13.75
N UNK L 77 28.33 -69.24 14.65
CA UNK L 77 29.49 -70.01 14.23
C UNK L 77 29.10 -71.15 13.29
N UNK L 78 27.92 -71.74 13.50
CA UNK L 78 27.53 -72.88 12.68
C UNK L 78 27.10 -72.44 11.28
N UNK L 79 26.46 -71.28 11.15
CA UNK L 79 26.04 -70.73 9.86
C UNK L 79 26.46 -69.27 9.77
N UNK L 80 27.72 -69.01 9.39
CA UNK L 80 28.18 -67.60 9.35
C UNK L 80 27.44 -66.76 8.32
N UNK L 81 26.94 -67.37 7.25
CA UNK L 81 26.36 -66.63 6.13
C UNK L 81 24.84 -66.53 6.18
N UNK L 82 24.20 -67.03 7.25
CA UNK L 82 22.75 -66.91 7.34
C UNK L 82 22.25 -66.54 8.73
N UNK L 83 23.12 -66.15 9.64
CA UNK L 83 22.72 -65.67 10.96
C UNK L 83 23.13 -64.21 11.08
N UNK L 84 22.16 -63.34 11.31
CA UNK L 84 22.47 -61.95 11.65
C UNK L 84 22.97 -61.90 13.09
N UNK L 85 24.18 -61.39 13.33
CA UNK L 85 24.69 -61.33 14.70
C UNK L 85 23.89 -60.35 15.55
N UNK L 86 23.94 -60.57 16.86
CA UNK L 86 23.19 -59.76 17.81
C UNK L 86 24.17 -58.97 18.67
N UNK L 87 24.02 -57.64 18.63
CA UNK L 87 24.77 -56.76 19.52
C UNK L 87 24.33 -56.94 20.97
N UNK L 88 23.05 -56.73 21.23
CA UNK L 88 22.50 -56.82 22.58
C UNK L 88 20.98 -56.76 22.46
N UNK L 89 20.31 -56.96 23.60
CA UNK L 89 18.86 -56.95 23.64
C UNK L 89 18.34 -55.52 23.87
N UNK L 90 17.10 -55.30 23.48
CA UNK L 90 16.42 -54.01 23.60
C UNK L 90 15.34 -54.14 24.67
N UNK L 91 15.50 -53.43 25.78
CA UNK L 91 14.42 -53.29 26.75
C UNK L 91 14.09 -51.79 26.83
N UNK L 92 13.10 -51.38 26.05
CA UNK L 92 12.64 -49.99 26.03
C UNK L 92 11.15 -49.97 26.32
N UNK L 93 10.73 -49.43 27.48
CA UNK L 93 9.29 -49.38 27.80
C UNK L 93 8.48 -48.46 26.90
N UNK L 94 9.11 -47.77 25.95
CA UNK L 94 8.38 -46.93 25.01
C UNK L 94 7.94 -47.68 23.77
N UNK L 95 8.41 -48.91 23.57
CA UNK L 95 8.01 -49.69 22.41
C UNK L 95 6.52 -50.00 22.43
N UNK L 96 5.87 -49.81 21.28
CA UNK L 96 4.60 -50.45 21.06
C UNK L 96 4.83 -51.92 20.75
N UNK L 97 3.72 -52.66 20.65
CA UNK L 97 3.84 -54.06 20.22
C UNK L 97 4.50 -54.21 18.86
N UNK L 98 4.19 -53.40 17.84
CA UNK L 98 4.87 -53.57 16.54
C UNK L 98 6.39 -53.46 16.61
N UNK L 99 6.93 -52.64 17.52
CA UNK L 99 8.38 -52.54 17.63
C UNK L 99 8.96 -53.81 18.27
N UNK L 100 8.29 -54.32 19.30
CA UNK L 100 8.71 -55.59 19.90
C UNK L 100 8.74 -56.67 18.83
N UNK L 101 7.73 -56.70 17.96
CA UNK L 101 7.68 -57.73 16.92
C UNK L 101 8.77 -57.51 15.87
N UNK L 102 8.88 -56.28 15.34
CA UNK L 102 9.74 -56.04 14.20
C UNK L 102 11.21 -56.09 14.56
N UNK L 103 11.57 -55.73 15.78
CA UNK L 103 12.97 -55.79 16.19
C UNK L 103 13.38 -57.16 16.71
N UNK L 104 12.43 -58.04 17.00
CA UNK L 104 12.75 -59.42 17.39
C UNK L 104 13.21 -60.19 16.15
N UNK L 105 14.50 -60.45 16.07
CA UNK L 105 15.10 -61.09 14.90
C UNK L 105 16.41 -61.74 15.31
N UNK L 106 17.14 -62.27 14.34
CA UNK L 106 18.35 -63.00 14.64
C UNK L 106 18.12 -64.28 15.42
N UNK L 107 16.88 -64.77 15.45
CA UNK L 107 16.56 -65.96 16.20
C UNK L 107 16.68 -65.75 17.70
N UNK L 108 16.02 -64.73 18.22
CA UNK L 108 16.07 -64.38 19.63
C UNK L 108 14.65 -64.31 20.18
N UNK L 109 14.56 -64.21 21.51
CA UNK L 109 13.28 -64.26 22.20
C UNK L 109 12.60 -62.90 22.33
N UNK L 110 13.33 -61.82 22.08
CA UNK L 110 12.74 -60.49 22.13
C UNK L 110 13.44 -59.56 21.17
N UNK L 111 13.11 -58.26 21.25
CA UNK L 111 13.75 -57.29 20.35
C UNK L 111 15.24 -57.16 20.61
N UNK L 112 16.01 -57.11 19.53
CA UNK L 112 17.46 -57.05 19.58
C UNK L 112 17.97 -56.12 18.49
N UNK L 113 19.21 -55.67 18.65
CA UNK L 113 19.90 -54.93 17.62
C UNK L 113 20.89 -55.85 16.92
N UNK L 114 20.94 -55.77 15.60
CA UNK L 114 21.93 -56.51 14.82
C UNK L 114 23.25 -55.74 14.90
N UNK L 115 24.32 -56.44 15.26
CA UNK L 115 25.61 -55.82 15.38
C UNK L 115 26.23 -55.59 14.01
N UNK L 116 26.79 -54.39 13.81
CA UNK L 116 27.49 -54.06 12.58
C UNK L 116 28.94 -53.67 12.84
N UNK L 117 29.47 -54.04 14.02
CA UNK L 117 30.86 -53.81 14.36
C UNK L 117 31.78 -54.91 13.85
N UNK L 118 31.24 -56.09 13.55
CA UNK L 118 32.06 -57.17 13.04
C UNK L 118 32.87 -57.92 14.07
N UNK L 119 32.42 -57.92 15.33
CA UNK L 119 33.16 -58.62 16.38
C UNK L 119 32.94 -60.12 16.33
N UNK L 120 31.81 -60.57 15.77
CA UNK L 120 31.56 -62.00 15.62
C UNK L 120 32.60 -62.64 14.70
N UNK L 121 32.83 -62.03 13.54
CA UNK L 121 33.80 -62.58 12.59
C UNK L 121 35.20 -62.59 13.18
N UNK L 122 35.57 -61.52 13.89
CA UNK L 122 36.89 -61.41 14.50
C UNK L 122 37.09 -62.48 15.57
N UNK L 123 36.19 -62.53 16.56
CA UNK L 123 36.32 -63.49 17.64
C UNK L 123 36.24 -64.93 17.12
N UNK L 124 35.42 -65.16 16.11
CA UNK L 124 35.38 -66.48 15.47
C UNK L 124 36.71 -66.81 14.82
N UNK L 125 37.30 -65.85 14.11
CA UNK L 125 38.55 -66.09 13.41
C UNK L 125 39.70 -66.37 14.37
N UNK L 126 39.74 -65.73 15.54
CA UNK L 126 40.88 -65.88 16.43
C UNK L 126 40.78 -67.10 17.33
N UNK L 127 39.68 -67.86 17.28
CA UNK L 127 39.58 -69.11 18.00
C UNK L 127 38.44 -69.19 19.01
N UNK L 128 37.78 -68.09 19.35
CA UNK L 128 36.66 -68.16 20.26
C UNK L 128 35.50 -68.89 19.61
N UNK L 129 34.85 -69.77 20.38
CA UNK L 129 33.77 -70.60 19.85
C UNK L 129 32.53 -70.59 20.72
N UNK L 130 32.67 -70.62 22.04
CA UNK L 130 31.55 -70.73 22.95
C UNK L 130 31.31 -69.42 23.67
N UNK L 131 30.08 -69.25 24.17
CA UNK L 131 29.81 -68.13 25.06
C UNK L 131 30.67 -68.18 26.30
N UNK L 132 31.05 -69.39 26.72
CA UNK L 132 31.92 -69.56 27.88
C UNK L 132 33.26 -68.86 27.64
N UNK L 133 33.87 -69.09 26.47
CA UNK L 133 35.09 -68.38 26.11
C UNK L 133 34.91 -66.88 26.22
N UNK L 134 33.77 -66.37 25.73
CA UNK L 134 33.52 -64.94 25.78
C UNK L 134 33.42 -64.43 27.20
N UNK L 135 32.78 -65.20 28.09
CA UNK L 135 32.71 -64.80 29.49
C UNK L 135 34.10 -64.76 30.13
N UNK L 136 34.92 -65.78 29.86
CA UNK L 136 36.29 -65.74 30.37
C UNK L 136 37.03 -64.51 29.87
N UNK L 137 36.84 -64.16 28.60
CA UNK L 137 37.41 -62.92 28.08
C UNK L 137 36.93 -61.71 28.84
N UNK L 138 35.62 -61.59 29.02
CA UNK L 138 35.04 -60.40 29.66
C UNK L 138 35.53 -60.24 31.09
N UNK L 139 35.61 -61.33 31.83
CA UNK L 139 36.11 -61.24 33.21
C UNK L 139 37.59 -60.90 33.22
N UNK L 140 38.35 -61.45 32.26
CA UNK L 140 39.76 -61.09 32.15
C UNK L 140 39.94 -59.61 31.89
N UNK L 141 39.09 -59.02 31.04
CA UNK L 141 39.23 -57.61 30.70
C UNK L 141 38.75 -56.71 31.83
N UNK L 142 37.67 -57.09 32.50
CA UNK L 142 37.26 -56.37 33.71
C UNK L 142 38.41 -56.36 34.72
N UNK L 143 39.09 -57.50 34.86
CA UNK L 143 40.28 -57.56 35.71
C UNK L 143 41.34 -56.57 35.25
N UNK L 144 41.63 -56.53 33.95
CA UNK L 144 42.65 -55.63 33.44
C UNK L 144 42.27 -54.17 33.67
N UNK L 145 40.99 -53.84 33.49
CA UNK L 145 40.52 -52.49 33.80
C UNK L 145 40.80 -52.15 35.25
N UNK L 146 40.49 -53.07 36.17
CA UNK L 146 40.75 -52.82 37.57
C UNK L 146 42.24 -52.57 37.82
N UNK L 147 43.11 -53.39 37.22
CA UNK L 147 44.54 -53.19 37.48
C UNK L 147 45.04 -51.90 36.83
N UNK L 148 44.38 -51.43 35.77
CA UNK L 148 44.71 -50.12 35.24
C UNK L 148 44.41 -49.02 36.25
N UNK L 149 43.19 -49.04 36.80
CA UNK L 149 42.86 -48.12 37.88
C UNK L 149 43.87 -48.23 39.02
N UNK L 150 44.32 -49.45 39.32
CA UNK L 150 45.24 -49.67 40.43
C UNK L 150 46.59 -49.00 40.16
N UNK L 151 47.14 -49.17 38.96
CA UNK L 151 48.43 -48.57 38.65
C UNK L 151 48.33 -47.06 38.56
N UNK L 152 47.28 -46.55 37.93
CA UNK L 152 47.09 -45.12 37.86
C UNK L 152 46.98 -44.48 39.22
N UNK L 153 46.21 -45.10 40.11
CA UNK L 153 46.17 -44.65 41.50
C UNK L 153 47.54 -44.73 42.14
N UNK L 154 48.26 -45.82 41.91
CA UNK L 154 49.53 -46.05 42.59
C UNK L 154 50.56 -44.98 42.24
N UNK L 155 50.69 -44.65 40.95
CA UNK L 155 51.72 -43.72 40.54
C UNK L 155 51.37 -42.26 40.82
N UNK L 156 50.31 -42.02 41.58
CA UNK L 156 50.02 -40.67 42.05
C UNK L 156 50.45 -40.46 43.49
N UNK L 157 50.87 -41.52 44.21
CA UNK L 157 51.43 -41.32 45.54
C UNK L 157 52.95 -41.21 45.46
N UNK L 158 53.56 -40.44 46.36
CA UNK L 158 55.01 -40.24 46.32
C UNK L 158 55.78 -41.56 46.41
N UNK L 159 57.02 -41.51 45.91
CA UNK L 159 57.91 -42.66 45.76
C UNK L 159 57.40 -43.63 44.70
N UNK L 160 56.14 -43.49 44.31
CA UNK L 160 55.60 -44.14 43.13
C UNK L 160 55.31 -43.17 42.00
N UNK L 161 55.35 -41.87 42.25
CA UNK L 161 55.23 -40.89 41.18
C UNK L 161 56.58 -40.66 40.54
N UNK L 162 56.70 -40.80 39.23
CA UNK L 162 58.01 -40.66 38.57
C UNK L 162 58.41 -39.21 38.39
N UNK L 163 59.72 -38.99 38.38
CA UNK L 163 60.25 -37.68 38.07
C UNK L 163 60.07 -37.36 36.59
N UNK L 164 60.10 -36.06 36.27
CA UNK L 164 59.98 -35.67 34.87
C UNK L 164 61.20 -36.12 34.08
N UNK L 165 62.35 -36.24 34.73
CA UNK L 165 63.53 -36.76 34.06
C UNK L 165 63.29 -38.18 33.56
N UNK L 166 62.52 -38.96 34.31
CA UNK L 166 62.17 -40.32 33.87
C UNK L 166 61.26 -40.28 32.65
N UNK L 167 60.26 -39.39 32.66
CA UNK L 167 59.40 -39.23 31.49
C UNK L 167 60.18 -38.79 30.27
N UNK L 168 61.25 -38.03 30.46
CA UNK L 168 62.05 -37.52 29.36
C UNK L 168 63.20 -38.44 28.97
N UNK L 169 63.24 -39.65 29.53
CA UNK L 169 64.19 -40.67 29.08
C UNK L 169 63.60 -41.31 27.82
N UNK L 170 63.92 -40.71 26.67
CA UNK L 170 63.27 -41.11 25.42
C UNK L 170 63.86 -42.39 24.83
N UNK L 171 65.19 -42.54 24.91
CA UNK L 171 65.85 -43.70 24.31
C UNK L 171 65.36 -45.00 24.94
N UNK L 172 65.28 -45.04 26.27
CA UNK L 172 64.83 -46.24 26.96
C UNK L 172 63.38 -46.58 26.57
N UNK L 173 62.50 -45.58 26.61
CA UNK L 173 61.10 -45.81 26.27
C UNK L 173 60.96 -46.28 24.82
N UNK L 174 61.80 -45.79 23.91
CA UNK L 174 61.75 -46.26 22.54
C UNK L 174 62.22 -47.70 22.43
N UNK L 175 63.31 -48.04 23.13
CA UNK L 175 63.80 -49.41 23.09
C UNK L 175 62.74 -50.38 23.60
N UNK L 176 62.08 -50.05 24.72
CA UNK L 176 61.09 -50.96 25.28
C UNK L 176 59.80 -50.97 24.48
N UNK L 177 59.44 -49.84 23.86
CA UNK L 177 58.22 -49.82 23.08
C UNK L 177 58.39 -50.56 21.75
N UNK L 178 59.52 -50.35 21.09
CA UNK L 178 59.80 -51.06 19.85
C UNK L 178 59.98 -52.56 20.12
N UNK L 179 60.91 -52.91 21.01
CA UNK L 179 61.23 -54.32 21.21
C UNK L 179 60.13 -55.04 21.98
N UNK L 180 59.63 -54.42 23.04
CA UNK L 180 58.67 -55.09 23.91
C UNK L 180 57.22 -54.84 23.57
N UNK L 181 56.82 -53.57 23.53
CA UNK L 181 55.42 -53.25 23.30
C UNK L 181 54.98 -53.65 21.90
N UNK L 182 55.80 -53.37 20.89
CA UNK L 182 55.47 -53.77 19.52
C UNK L 182 55.90 -55.21 19.26
N UNK L 183 57.20 -55.48 19.36
CA UNK L 183 57.75 -56.78 19.00
C UNK L 183 57.25 -57.97 19.79
N UNK L 184 57.40 -57.94 21.11
CA UNK L 184 57.03 -59.11 21.91
C UNK L 184 55.53 -59.34 21.88
N UNK L 185 54.75 -58.26 21.84
CA UNK L 185 53.30 -58.42 21.73
C UNK L 185 52.93 -59.11 20.42
N UNK L 186 53.54 -58.68 19.31
CA UNK L 186 53.30 -59.32 18.03
C UNK L 186 53.71 -60.79 18.06
N UNK L 187 54.89 -61.07 18.63
CA UNK L 187 55.37 -62.45 18.75
C UNK L 187 54.38 -63.32 19.51
N UNK L 188 53.92 -62.82 20.66
CA UNK L 188 52.92 -63.56 21.43
C UNK L 188 51.65 -63.77 20.63
N UNK L 189 51.24 -62.76 19.85
CA UNK L 189 50.04 -62.92 19.04
C UNK L 189 50.20 -64.01 17.99
N UNK L 190 51.35 -64.06 17.33
CA UNK L 190 51.68 -65.21 16.49
C UNK L 190 51.54 -66.50 17.28
N UNK L 191 51.96 -66.49 18.55
CA UNK L 191 51.71 -67.63 19.40
C UNK L 191 50.25 -68.02 19.48
N UNK L 192 49.37 -67.05 19.77
CA UNK L 192 47.95 -67.36 19.86
C UNK L 192 47.43 -67.91 18.55
N UNK L 193 47.90 -67.38 17.43
CA UNK L 193 47.45 -67.87 16.13
C UNK L 193 47.83 -69.33 15.93
N UNK L 194 49.09 -69.69 16.19
CA UNK L 194 49.50 -71.06 15.89
C UNK L 194 48.99 -72.06 16.93
N UNK L 195 48.77 -71.63 18.16
CA UNK L 195 48.33 -72.54 19.21
C UNK L 195 46.81 -72.67 19.31
N UNK L 196 46.06 -71.63 18.95
CA UNK L 196 44.63 -71.64 19.19
C UNK L 196 43.85 -71.41 17.90
N UNK L 197 44.15 -70.30 17.21
CA UNK L 197 43.32 -69.89 16.08
C UNK L 197 43.43 -70.85 14.92
N UNK L 198 44.64 -71.28 14.58
CA UNK L 198 44.84 -72.20 13.45
C UNK L 198 44.28 -73.57 13.82
N UNK L 199 44.53 -74.12 15.03
CA UNK L 199 43.81 -75.34 15.43
C UNK L 199 42.30 -75.22 15.32
N UNK L 200 41.71 -74.14 15.86
CA UNK L 200 40.28 -73.93 15.72
C UNK L 200 39.86 -73.83 14.27
N UNK L 201 40.76 -73.38 13.40
CA UNK L 201 40.51 -73.38 11.97
C UNK L 201 40.57 -74.78 11.37
N UNK L 202 41.22 -75.73 12.06
CA UNK L 202 41.33 -77.08 11.56
C UNK L 202 40.51 -78.07 12.37
N UNK L 203 39.61 -77.59 13.23
CA UNK L 203 38.74 -78.44 14.00
C UNK L 203 39.15 -78.70 15.42
N UNK L 204 40.38 -78.34 15.79
CA UNK L 204 40.89 -78.59 17.13
C UNK L 204 40.49 -77.44 18.06
N UNK L 205 39.82 -77.77 19.15
CA UNK L 205 39.47 -76.79 20.18
C UNK L 205 40.57 -76.80 21.24
N UNK L 206 41.43 -75.80 21.19
CA UNK L 206 42.55 -75.67 22.11
C UNK L 206 42.23 -74.54 23.09
N UNK L 207 42.18 -74.88 24.37
CA UNK L 207 41.97 -73.88 25.41
C UNK L 207 43.07 -73.99 26.46
N UNK L 208 42.93 -73.26 27.58
CA UNK L 208 43.95 -73.27 28.61
C UNK L 208 44.14 -74.64 29.25
N UNK L 209 43.13 -75.50 29.19
CA UNK L 209 43.23 -76.79 29.87
C UNK L 209 44.17 -77.74 29.13
N UNK L 210 44.04 -77.82 27.80
CA UNK L 210 44.71 -78.85 27.01
C UNK L 210 45.82 -78.30 26.12
N UNK L 211 46.13 -77.00 26.17
CA UNK L 211 47.08 -76.45 25.21
C UNK L 211 48.52 -76.90 25.48
N UNK L 212 48.79 -77.56 26.61
CA UNK L 212 50.10 -78.14 26.86
C UNK L 212 50.23 -79.55 26.32
N UNK L 213 49.11 -80.29 26.22
CA UNK L 213 49.14 -81.60 25.61
C UNK L 213 49.30 -81.51 24.10
N UNK L 214 48.57 -80.60 23.45
CA UNK L 214 48.54 -80.53 22.00
C UNK L 214 49.84 -79.95 21.47
N UNK L 215 50.34 -80.54 20.34
CA UNK L 215 51.43 -79.92 19.60
C UNK L 215 50.86 -78.97 18.54
N UNK L 216 51.46 -77.79 18.35
CA UNK L 216 51.04 -76.94 17.24
C UNK L 216 51.43 -77.48 15.88
N UNK L 217 52.56 -78.20 15.81
CA UNK L 217 53.04 -78.80 14.57
C UNK L 217 53.60 -80.18 14.93
N UNK L 218 53.41 -81.17 14.04
CA UNK L 218 53.88 -82.52 14.38
C UNK L 218 55.36 -82.62 14.67
N UNK L 219 56.18 -81.86 13.94
CA UNK L 219 57.63 -81.85 14.15
C UNK L 219 58.09 -80.66 14.96
N UNK L 220 57.17 -79.84 15.47
CA UNK L 220 57.50 -78.48 15.86
C UNK L 220 58.58 -78.40 16.92
N UNK L 221 59.28 -77.27 16.92
CA UNK L 221 60.42 -77.00 17.78
C UNK L 221 61.53 -78.02 17.56
N UNK L 222 62.56 -77.62 16.83
CA UNK L 222 63.55 -78.56 16.38
C UNK L 222 63.92 -78.29 14.94
N UNK L 223 62.91 -78.13 14.07
CA UNK L 223 63.17 -77.48 12.78
C UNK L 223 63.40 -75.98 12.94
N UNK L 224 62.82 -75.36 13.97
CA UNK L 224 63.10 -73.96 14.26
C UNK L 224 64.54 -73.77 14.71
N UNK L 225 64.98 -74.57 15.69
CA UNK L 225 66.33 -74.41 16.23
C UNK L 225 67.39 -74.97 15.30
N UNK L 226 67.05 -75.97 14.48
CA UNK L 226 67.98 -76.44 13.46
C UNK L 226 68.26 -75.38 12.42
N UNK L 227 67.29 -74.49 12.18
CA UNK L 227 67.38 -73.54 11.11
C UNK L 227 66.73 -73.98 9.83
N UNK L 228 65.96 -75.06 9.83
CA UNK L 228 65.21 -75.50 8.67
C UNK L 228 63.73 -75.21 8.96
N UNK L 229 63.32 -73.98 8.68
CA UNK L 229 61.99 -73.53 9.07
C UNK L 229 60.91 -73.91 8.07
N UNK L 230 61.30 -74.32 6.86
CA UNK L 230 60.33 -74.63 5.81
C UNK L 230 59.43 -75.80 6.16
N UNK L 231 59.84 -76.65 7.12
CA UNK L 231 58.97 -77.72 7.56
C UNK L 231 57.67 -77.18 8.16
N UNK L 232 57.67 -75.94 8.62
CA UNK L 232 56.47 -75.30 9.12
C UNK L 232 55.56 -74.80 8.01
N UNK L 233 56.09 -74.61 6.81
CA UNK L 233 55.30 -74.18 5.66
C UNK L 233 54.83 -75.35 4.81
N UNK L 234 54.97 -76.57 5.32
CA UNK L 234 54.97 -77.74 4.45
C UNK L 234 53.58 -78.08 3.93
N UNK L 235 52.65 -78.40 4.84
CA UNK L 235 51.34 -78.90 4.45
C UNK L 235 50.28 -77.85 4.77
N UNK L 236 50.03 -76.91 3.87
CA UNK L 236 49.01 -75.88 4.16
C UNK L 236 47.61 -76.43 4.05
N UNK L 237 46.61 -75.62 4.36
CA UNK L 237 45.23 -76.05 4.18
C UNK L 237 44.91 -76.17 2.70
N UNK L 238 43.96 -77.06 2.39
CA UNK L 238 43.58 -77.28 1.00
C UNK L 238 42.69 -76.16 0.50
N UNK L 239 42.80 -75.86 -0.80
CA UNK L 239 41.92 -74.88 -1.42
C UNK L 239 40.45 -75.27 -1.28
N UNK L 240 40.17 -76.55 -1.02
CA UNK L 240 38.84 -77.01 -0.61
C UNK L 240 38.92 -77.29 0.88
N UNK L 241 38.36 -76.39 1.67
CA UNK L 241 38.50 -76.42 3.12
C UNK L 241 37.26 -75.79 3.74
N UNK L 242 36.77 -76.39 4.82
CA UNK L 242 35.65 -75.85 5.58
C UNK L 242 36.19 -75.37 6.93
N UNK L 243 35.91 -74.09 7.25
CA UNK L 243 36.74 -73.37 8.21
C UNK L 243 36.64 -73.95 9.62
N UNK L 244 35.47 -74.41 10.02
CA UNK L 244 35.34 -74.99 11.36
C UNK L 244 35.69 -76.47 11.40
N UNK L 245 36.16 -77.04 10.29
CA UNK L 245 36.25 -78.49 10.14
C UNK L 245 37.67 -78.92 9.80
N UNK L 246 37.90 -80.22 9.90
CA UNK L 246 39.16 -80.84 9.53
C UNK L 246 39.23 -81.23 8.06
N UNK L 247 38.15 -81.01 7.31
CA UNK L 247 38.18 -81.22 5.87
C UNK L 247 39.14 -80.23 5.22
N UNK L 248 40.06 -80.74 4.41
CA UNK L 248 41.07 -79.92 3.79
C UNK L 248 42.13 -79.39 4.72
N UNK L 249 42.08 -79.75 6.01
CA UNK L 249 43.00 -79.18 6.98
C UNK L 249 44.43 -79.67 6.72
N UNK L 250 45.38 -78.73 6.80
CA UNK L 250 46.79 -79.04 6.70
C UNK L 250 47.43 -79.13 8.08
N UNK L 251 48.76 -79.09 8.07
CA UNK L 251 49.55 -79.02 9.30
C UNK L 251 50.45 -77.80 9.36
N UNK L 252 50.60 -77.07 8.26
CA UNK L 252 51.47 -75.91 8.25
C UNK L 252 51.00 -74.88 9.26
N UNK L 253 51.96 -74.23 9.93
CA UNK L 253 51.66 -73.17 10.87
C UNK L 253 52.15 -71.81 10.40
N UNK L 254 53.00 -71.75 9.37
CA UNK L 254 53.57 -70.51 8.88
C UNK L 254 53.70 -70.59 7.37
N UNK L 255 52.84 -69.87 6.64
CA UNK L 255 52.86 -69.90 5.19
C UNK L 255 52.95 -68.47 4.65
N UNK L 256 53.24 -68.37 3.35
CA UNK L 256 53.24 -67.11 2.60
C UNK L 256 52.49 -67.34 1.29
N UNK L 257 51.20 -67.68 1.40
CA UNK L 257 50.42 -68.06 0.24
C UNK L 257 50.11 -66.84 -0.63
N UNK L 258 49.46 -65.82 -0.05
CA UNK L 258 49.31 -64.54 -0.71
C UNK L 258 47.91 -64.15 -1.08
N UNK L 259 46.94 -65.07 -1.07
CA UNK L 259 45.59 -64.70 -1.47
C UNK L 259 44.60 -64.77 -0.33
N UNK L 260 43.43 -65.34 -0.60
CA UNK L 260 42.40 -65.52 0.40
C UNK L 260 42.04 -67.00 0.54
N UNK L 261 41.44 -67.32 1.67
CA UNK L 261 40.81 -68.61 1.89
C UNK L 261 39.57 -68.70 1.01
N UNK L 262 39.48 -69.69 0.11
CA UNK L 262 38.35 -69.70 -0.84
C UNK L 262 36.97 -69.71 -0.18
N UNK L 263 36.83 -70.34 0.99
CA UNK L 263 35.53 -70.39 1.64
C UNK L 263 35.23 -69.08 2.38
N UNK L 264 36.14 -68.67 3.27
CA UNK L 264 35.90 -67.53 4.14
C UNK L 264 36.16 -66.19 3.47
N UNK L 265 36.81 -66.18 2.31
CA UNK L 265 37.16 -64.96 1.58
C UNK L 265 38.07 -64.04 2.38
N UNK L 266 38.77 -64.58 3.38
CA UNK L 266 39.67 -63.79 4.21
C UNK L 266 41.09 -64.34 4.12
N UNK L 267 42.02 -63.62 4.73
CA UNK L 267 43.42 -63.99 4.68
C UNK L 267 43.68 -65.32 5.38
N UNK L 268 44.72 -66.03 4.93
CA UNK L 268 45.09 -67.30 5.54
C UNK L 268 45.64 -67.09 6.94
N UNK L 269 45.17 -67.90 7.89
CA UNK L 269 45.64 -67.76 9.27
C UNK L 269 47.13 -68.04 9.40
N UNK L 270 47.65 -68.99 8.60
CA UNK L 270 49.08 -69.25 8.60
C UNK L 270 49.86 -68.07 8.04
N UNK L 271 49.32 -67.40 7.02
CA UNK L 271 49.89 -66.15 6.54
C UNK L 271 50.00 -65.12 7.67
N UNK L 272 48.92 -64.95 8.44
CA UNK L 272 48.92 -63.91 9.46
C UNK L 272 49.88 -64.25 10.60
N UNK L 273 49.93 -65.52 11.00
CA UNK L 273 50.90 -65.91 12.02
C UNK L 273 52.32 -65.63 11.56
N UNK L 274 52.64 -66.04 10.34
CA UNK L 274 53.96 -65.76 9.78
C UNK L 274 54.25 -64.26 9.78
N UNK L 275 53.26 -63.46 9.38
CA UNK L 275 53.40 -62.01 9.35
C UNK L 275 53.81 -61.46 10.72
N UNK L 276 53.00 -61.75 11.75
CA UNK L 276 53.28 -61.20 13.06
C UNK L 276 54.61 -61.70 13.61
N UNK L 277 54.99 -62.94 13.29
CA UNK L 277 56.30 -63.44 13.68
C UNK L 277 57.41 -62.61 13.06
N UNK L 278 57.33 -62.39 11.74
CA UNK L 278 58.41 -61.69 11.04
C UNK L 278 58.55 -60.23 11.50
N UNK L 279 57.43 -59.49 11.50
CA UNK L 279 57.52 -58.11 11.96
C UNK L 279 57.90 -58.05 13.43
N UNK L 280 57.53 -59.09 14.20
CA UNK L 280 57.95 -59.15 15.59
C UNK L 280 59.48 -59.24 15.69
N UNK L 281 60.10 -60.02 14.80
CA UNK L 281 61.56 -60.08 14.78
C UNK L 281 62.14 -58.73 14.41
N UNK L 282 61.52 -58.05 13.43
CA UNK L 282 62.03 -56.74 13.03
C UNK L 282 61.95 -55.74 14.17
N UNK L 283 60.86 -55.76 14.94
CA UNK L 283 60.73 -54.84 16.07
C UNK L 283 61.70 -55.20 17.18
N UNK L 284 61.87 -56.50 17.46
CA UNK L 284 62.83 -56.92 18.48
C UNK L 284 64.23 -56.42 18.13
N UNK L 285 64.71 -56.72 16.93
CA UNK L 285 66.05 -56.29 16.57
C UNK L 285 66.15 -54.76 16.47
N UNK L 286 65.07 -54.09 16.05
CA UNK L 286 65.11 -52.64 15.95
C UNK L 286 65.02 -51.91 17.26
N UNK L 287 64.51 -52.55 18.30
CA UNK L 287 64.43 -51.99 19.63
C UNK L 287 65.72 -52.01 20.42
N UNK L 288 66.84 -52.31 19.77
CA UNK L 288 68.16 -52.27 20.39
C UNK L 288 69.00 -51.12 19.84
N UNK L 289 68.37 -50.08 19.31
CA UNK L 289 69.10 -49.05 18.60
C UNK L 289 69.66 -47.98 19.53
N UNK L 290 68.92 -47.61 20.56
CA UNK L 290 69.23 -46.44 21.36
C UNK L 290 69.96 -46.83 22.65
N UNK L 291 70.72 -45.87 23.17
CA UNK L 291 71.61 -46.11 24.29
C UNK L 291 70.89 -45.90 25.62
N UNK L 292 71.10 -46.84 26.55
CA UNK L 292 70.56 -46.74 27.90
C UNK L 292 71.67 -46.87 28.93
N UNK L 293 71.78 -48.02 29.58
CA UNK L 293 72.66 -48.19 30.72
C UNK L 293 73.88 -49.07 30.47
N UNK L 294 74.09 -49.55 29.24
CA UNK L 294 75.08 -50.59 29.00
C UNK L 294 76.24 -50.15 28.11
N UNK L 295 76.36 -48.85 27.81
CA UNK L 295 77.50 -48.35 27.08
C UNK L 295 77.46 -48.58 25.58
N UNK L 296 76.31 -48.94 25.02
CA UNK L 296 76.14 -49.09 23.58
C UNK L 296 74.81 -48.49 23.19
N UNK L 297 74.72 -48.02 21.95
CA UNK L 297 73.51 -47.44 21.42
C UNK L 297 73.71 -46.00 20.99
N UNK L 298 72.61 -45.42 20.53
CA UNK L 298 72.62 -44.08 19.94
C UNK L 298 72.16 -43.03 20.94
N UNK L 299 72.72 -41.84 20.80
CA UNK L 299 72.18 -40.63 21.38
C UNK L 299 71.35 -39.95 20.30
N UNK L 300 70.02 -40.02 20.43
CA UNK L 300 69.14 -39.39 19.44
C UNK L 300 69.51 -37.93 19.25
N UNK L 301 69.87 -37.25 20.34
CA UNK L 301 70.32 -35.88 20.23
C UNK L 301 71.51 -35.77 19.28
N UNK L 302 72.49 -36.68 19.42
CA UNK L 302 73.68 -36.59 18.59
C UNK L 302 73.37 -36.85 17.12
N UNK L 303 72.45 -37.78 16.85
CA UNK L 303 72.05 -38.04 15.47
C UNK L 303 71.38 -36.81 14.87
N UNK L 304 70.47 -36.18 15.64
CA UNK L 304 69.83 -34.97 15.15
C UNK L 304 70.83 -33.85 14.91
N UNK L 305 71.78 -33.66 15.84
CA UNK L 305 72.83 -32.66 15.65
C UNK L 305 73.65 -32.95 14.41
N UNK L 306 73.80 -34.23 14.05
CA UNK L 306 74.69 -34.61 12.95
C UNK L 306 74.08 -34.38 11.57
N UNK L 307 72.75 -34.29 11.47
CA UNK L 307 72.09 -34.26 10.17
C UNK L 307 71.85 -32.82 9.71
N UNK L 308 72.95 -32.18 9.34
CA UNK L 308 72.91 -30.81 8.84
C UNK L 308 73.65 -30.80 7.50
N UNK L 309 72.93 -30.61 6.40
CA UNK L 309 73.59 -30.65 5.08
C UNK L 309 74.58 -29.52 4.94
N UNK L 310 75.77 -29.78 4.40
CA UNK L 310 76.67 -28.68 4.04
C UNK L 310 76.04 -27.82 2.97
N UNK L 311 76.68 -26.72 2.65
CA UNK L 311 76.06 -25.78 1.73
C UNK L 311 74.88 -25.04 2.36
N UNK L 312 74.37 -25.58 3.46
CA UNK L 312 73.51 -24.84 4.35
C UNK L 312 72.10 -24.56 3.84
N UNK L 313 71.59 -25.38 2.93
CA UNK L 313 70.24 -25.15 2.43
C UNK L 313 69.17 -25.42 3.47
N UNK L 314 69.51 -26.17 4.54
CA UNK L 314 68.64 -26.33 5.69
C UNK L 314 69.16 -25.59 6.91
N UNK L 315 70.08 -24.65 6.71
CA UNK L 315 70.61 -23.87 7.81
C UNK L 315 71.32 -24.74 8.82
N UNK L 316 70.85 -24.70 10.07
CA UNK L 316 71.43 -25.48 11.15
C UNK L 316 70.82 -26.88 11.25
N UNK L 317 70.00 -27.27 10.28
CA UNK L 317 69.56 -28.66 10.21
C UNK L 317 68.58 -29.00 11.30
N UNK L 318 68.90 -30.05 12.06
CA UNK L 318 68.02 -30.56 13.10
C UNK L 318 68.58 -30.29 14.50
N UNK L 319 69.52 -29.34 14.62
CA UNK L 319 70.12 -29.05 15.91
C UNK L 319 69.09 -28.47 16.87
N UNK L 320 69.12 -28.95 18.10
CA UNK L 320 68.19 -28.51 19.12
C UNK L 320 66.82 -29.15 19.07
N UNK L 321 66.56 -30.00 18.07
CA UNK L 321 65.23 -30.60 17.95
C UNK L 321 64.96 -31.61 19.06
N UNK L 322 66.01 -32.25 19.59
CA UNK L 322 65.80 -33.24 20.64
C UNK L 322 65.14 -32.61 21.86
N UNK L 323 65.66 -31.47 22.33
CA UNK L 323 65.04 -30.79 23.45
C UNK L 323 63.73 -30.15 23.03
N UNK L 324 63.66 -29.61 21.81
CA UNK L 324 62.44 -28.97 21.35
C UNK L 324 61.25 -29.93 21.41
N UNK L 325 61.47 -31.19 21.07
CA UNK L 325 60.39 -32.18 21.08
C UNK L 325 60.24 -32.83 22.44
N UNK L 326 61.35 -33.19 23.09
CA UNK L 326 61.26 -33.89 24.36
C UNK L 326 60.68 -33.01 25.45
N UNK L 327 60.86 -31.69 25.35
CA UNK L 327 60.32 -30.76 26.33
C UNK L 327 58.90 -30.31 26.03
N UNK L 328 58.35 -30.65 24.87
CA UNK L 328 57.03 -30.18 24.46
C UNK L 328 56.11 -31.38 24.29
N UNK L 329 55.18 -31.57 25.22
CA UNK L 329 54.22 -32.66 25.11
C UNK L 329 53.26 -32.43 23.94
N UNK L 330 53.08 -31.18 23.50
CA UNK L 330 52.20 -30.92 22.38
C UNK L 330 52.84 -31.31 21.05
N UNK L 331 54.15 -31.09 20.92
CA UNK L 331 54.87 -31.59 19.74
C UNK L 331 54.74 -33.11 19.67
N UNK L 332 54.97 -33.79 20.78
CA UNK L 332 54.87 -35.24 20.82
C UNK L 332 53.45 -35.71 20.46
N UNK L 333 52.43 -35.08 21.06
CA UNK L 333 51.07 -35.45 20.73
C UNK L 333 50.74 -35.17 19.27
N UNK L 334 51.34 -34.12 18.70
CA UNK L 334 51.11 -33.83 17.29
C UNK L 334 51.69 -34.90 16.38
N UNK L 335 52.95 -35.29 16.62
CA UNK L 335 53.54 -36.37 15.83
C UNK L 335 52.75 -37.68 16.01
N UNK L 336 52.38 -38.00 17.25
CA UNK L 336 51.64 -39.23 17.51
C UNK L 336 50.30 -39.23 16.77
N UNK L 337 49.57 -38.10 16.84
CA UNK L 337 48.26 -38.05 16.20
C UNK L 337 48.39 -38.07 14.67
N UNK L 338 49.42 -37.42 14.12
CA UNK L 338 49.61 -37.44 12.69
C UNK L 338 49.87 -38.87 12.20
N UNK L 339 50.87 -39.52 12.79
CA UNK L 339 51.18 -40.90 12.41
C UNK L 339 49.98 -41.80 12.61
N UNK L 340 49.32 -41.67 13.77
CA UNK L 340 48.19 -42.54 14.10
C UNK L 340 47.02 -42.32 13.16
N UNK L 341 46.83 -41.08 12.68
CA UNK L 341 45.80 -40.84 11.70
C UNK L 341 46.11 -41.47 10.35
N UNK L 342 47.37 -41.35 9.91
CA UNK L 342 47.78 -42.01 8.67
C UNK L 342 47.51 -43.52 8.75
N UNK L 343 48.00 -44.17 9.82
CA UNK L 343 47.79 -45.61 9.89
C UNK L 343 46.34 -45.98 10.18
N UNK L 344 45.52 -45.03 10.67
CA UNK L 344 44.09 -45.31 10.81
C UNK L 344 43.43 -45.36 9.43
N UNK L 345 43.74 -44.39 8.57
CA UNK L 345 43.25 -44.48 7.20
C UNK L 345 43.80 -45.72 6.51
N UNK L 346 45.05 -46.09 6.82
CA UNK L 346 45.65 -47.27 6.24
C UNK L 346 44.88 -48.52 6.62
N UNK L 347 44.53 -48.64 7.91
CA UNK L 347 43.67 -49.73 8.36
C UNK L 347 42.36 -49.73 7.58
N UNK L 348 41.75 -48.56 7.41
CA UNK L 348 40.50 -48.49 6.67
C UNK L 348 40.67 -49.01 5.25
N UNK L 349 41.76 -48.62 4.58
CA UNK L 349 41.94 -48.98 3.18
C UNK L 349 42.32 -50.44 3.01
N UNK L 350 42.98 -51.04 4.01
CA UNK L 350 43.45 -52.42 3.88
C UNK L 350 42.46 -53.45 4.41
N UNK L 351 41.53 -53.06 5.29
CA UNK L 351 40.57 -54.05 5.80
C UNK L 351 39.41 -54.31 4.86
N UNK L 352 39.11 -53.38 3.94
CA UNK L 352 38.08 -53.66 2.94
C UNK L 352 38.66 -54.42 1.75
N UNK L 353 39.93 -54.16 1.42
CA UNK L 353 40.56 -54.79 0.27
C UNK L 353 41.16 -56.15 0.61
N UNK L 354 41.76 -56.29 1.80
CA UNK L 354 42.36 -57.55 2.26
C UNK L 354 41.74 -57.95 3.59
N UNK L 355 40.51 -58.46 3.57
CA UNK L 355 39.83 -58.82 4.82
C UNK L 355 40.57 -59.94 5.54
N UNK L 356 40.77 -59.77 6.84
CA UNK L 356 41.52 -60.71 7.65
C UNK L 356 40.64 -61.60 8.52
N UNK L 357 39.32 -61.42 8.49
CA UNK L 357 38.41 -62.15 9.36
C UNK L 357 37.47 -63.03 8.53
N UNK L 358 37.27 -64.26 8.99
CA UNK L 358 36.42 -65.20 8.27
C UNK L 358 34.99 -64.69 8.18
N UNK L 359 34.45 -64.71 6.96
CA UNK L 359 33.04 -64.42 6.69
C UNK L 359 32.67 -62.97 7.02
N UNK L 360 33.61 -62.04 6.86
CA UNK L 360 33.31 -60.64 7.13
C UNK L 360 33.08 -59.92 5.81
N UNK L 361 33.74 -60.38 4.75
CA UNK L 361 33.61 -59.74 3.44
C UNK L 361 32.22 -59.90 2.84
N UNK L 362 31.47 -60.92 3.26
CA UNK L 362 30.11 -61.11 2.78
C UNK L 362 29.11 -60.27 3.55
N UNK L 363 29.45 -59.85 4.77
CA UNK L 363 28.61 -58.93 5.54
C UNK L 363 28.90 -57.53 5.06
N UNK L 364 28.04 -57.00 4.20
CA UNK L 364 28.32 -55.75 3.51
C UNK L 364 28.07 -54.55 4.43
N UNK L 365 27.04 -54.60 5.26
CA UNK L 365 26.78 -53.52 6.20
C UNK L 365 27.96 -53.34 7.15
N UNK L 366 28.59 -54.43 7.54
CA UNK L 366 29.73 -54.34 8.44
C UNK L 366 30.95 -53.74 7.75
N UNK L 367 31.23 -54.16 6.52
CA UNK L 367 32.38 -53.60 5.81
C UNK L 367 32.21 -52.10 5.57
N UNK L 368 31.00 -51.69 5.18
CA UNK L 368 30.73 -50.26 4.99
C UNK L 368 30.86 -49.52 6.33
N UNK L 369 30.22 -50.05 7.37
CA UNK L 369 30.24 -49.38 8.66
C UNK L 369 31.66 -49.21 9.19
N UNK L 370 32.48 -50.26 9.06
CA UNK L 370 33.87 -50.19 9.55
C UNK L 370 34.69 -49.21 8.73
N UNK L 371 34.54 -49.23 7.41
CA UNK L 371 35.31 -48.29 6.60
C UNK L 371 34.97 -46.85 6.96
N UNK L 372 33.67 -46.56 7.06
CA UNK L 372 33.22 -45.21 7.41
C UNK L 372 33.74 -44.80 8.78
N UNK L 373 33.44 -45.62 9.79
CA UNK L 373 33.99 -45.50 11.14
C UNK L 373 35.44 -45.05 11.15
N UNK L 374 36.33 -45.86 10.58
CA UNK L 374 37.75 -45.57 10.69
C UNK L 374 38.15 -44.35 9.86
N UNK L 375 37.45 -44.06 8.77
CA UNK L 375 37.85 -42.87 8.01
C UNK L 375 37.48 -41.59 8.76
N UNK L 376 36.33 -41.57 9.44
CA UNK L 376 36.00 -40.39 10.22
C UNK L 376 36.91 -40.25 11.43
N UNK L 377 37.18 -41.36 12.13
CA UNK L 377 38.17 -41.33 13.22
C UNK L 377 39.49 -40.75 12.71
N UNK L 378 39.96 -41.25 11.56
CA UNK L 378 41.23 -40.79 11.01
C UNK L 378 41.18 -39.29 10.74
N UNK L 379 40.06 -38.79 10.22
CA UNK L 379 39.96 -37.37 9.96
C UNK L 379 40.08 -36.54 11.23
N UNK L 380 39.27 -36.87 12.23
CA UNK L 380 39.35 -36.11 13.49
C UNK L 380 40.76 -36.17 14.07
N UNK L 381 41.40 -37.34 14.02
CA UNK L 381 42.76 -37.48 14.54
C UNK L 381 43.73 -36.57 13.79
N UNK L 382 43.55 -36.42 12.47
CA UNK L 382 44.44 -35.55 11.71
C UNK L 382 44.25 -34.08 12.11
N UNK L 383 42.98 -33.62 12.16
CA UNK L 383 42.75 -32.24 12.58
C UNK L 383 43.36 -31.98 13.95
N UNK L 384 43.21 -32.93 14.87
CA UNK L 384 43.83 -32.78 16.18
C UNK L 384 45.35 -32.69 16.11
N UNK L 385 45.96 -33.49 15.23
CA UNK L 385 47.41 -33.43 15.08
C UNK L 385 47.86 -32.03 14.72
N UNK L 386 47.17 -31.39 13.78
CA UNK L 386 47.57 -30.03 13.40
C UNK L 386 47.25 -29.05 14.52
N UNK L 387 46.11 -29.24 15.19
CA UNK L 387 45.78 -28.42 16.35
C UNK L 387 46.94 -28.38 17.34
N UNK L 388 47.50 -29.53 17.66
CA UNK L 388 48.59 -29.56 18.63
C UNK L 388 49.92 -29.10 18.04
N UNK L 389 50.09 -29.14 16.72
CA UNK L 389 51.19 -28.39 16.13
C UNK L 389 51.10 -26.91 16.43
N UNK L 390 49.91 -26.33 16.24
CA UNK L 390 49.72 -24.91 16.55
C UNK L 390 49.94 -24.63 18.04
N UNK L 391 49.30 -25.42 18.91
CA UNK L 391 49.49 -25.22 20.35
C UNK L 391 50.96 -25.32 20.70
N UNK L 392 51.70 -26.21 20.03
CA UNK L 392 53.14 -26.26 20.24
C UNK L 392 53.78 -24.93 19.92
N UNK L 393 53.47 -24.37 18.74
CA UNK L 393 54.09 -23.11 18.34
C UNK L 393 53.80 -22.00 19.35
N UNK L 394 52.63 -22.02 19.99
CA UNK L 394 52.28 -20.95 20.92
C UNK L 394 52.95 -21.19 22.28
N UNK L 395 52.72 -22.36 22.88
CA UNK L 395 53.05 -22.55 24.30
C UNK L 395 54.51 -22.95 24.50
N UNK L 396 55.02 -23.88 23.70
CA UNK L 396 56.32 -24.49 23.97
C UNK L 396 57.45 -23.99 23.10
N UNK L 397 57.16 -23.49 21.91
CA UNK L 397 58.22 -23.19 20.95
C UNK L 397 59.12 -22.08 21.47
N UNK L 398 60.43 -22.35 21.45
CA UNK L 398 61.44 -21.39 21.89
C UNK L 398 62.22 -20.92 20.68
N UNK L 399 61.96 -19.71 20.16
CA UNK L 399 62.61 -19.29 18.91
C UNK L 399 64.13 -19.33 18.95
N UNK L 400 64.73 -18.90 20.06
CA UNK L 400 66.19 -18.80 20.12
C UNK L 400 66.84 -20.17 20.12
N UNK L 401 66.22 -21.15 20.78
CA UNK L 401 66.78 -22.50 20.86
C UNK L 401 66.59 -23.29 19.57
N UNK L 402 65.69 -22.88 18.68
CA UNK L 402 65.53 -23.49 17.37
C UNK L 402 66.06 -22.60 16.25
N UNK L 403 66.99 -21.72 16.56
CA UNK L 403 67.39 -20.68 15.62
C UNK L 403 68.02 -21.30 14.38
N UNK L 404 67.43 -20.97 13.23
CA UNK L 404 67.95 -21.32 11.91
C UNK L 404 67.97 -22.83 11.66
N UNK L 405 67.25 -23.62 12.45
CA UNK L 405 67.07 -25.01 12.11
C UNK L 405 65.86 -25.16 11.18
N UNK L 406 65.54 -26.40 10.81
CA UNK L 406 64.48 -26.65 9.84
C UNK L 406 63.14 -26.13 10.37
N UNK L 407 62.91 -26.29 11.67
CA UNK L 407 61.62 -25.92 12.26
C UNK L 407 61.40 -24.41 12.19
N UNK L 408 62.40 -23.62 12.56
CA UNK L 408 62.26 -22.17 12.46
C UNK L 408 62.09 -21.74 11.02
N UNK L 409 62.78 -22.41 10.10
CA UNK L 409 62.66 -22.08 8.68
C UNK L 409 61.26 -22.34 8.15
N UNK L 410 60.52 -23.29 8.75
CA UNK L 410 59.10 -23.40 8.43
C UNK L 410 58.40 -22.05 8.63
N UNK L 411 58.61 -21.42 9.79
CA UNK L 411 58.01 -20.12 10.03
C UNK L 411 58.57 -19.07 9.08
N UNK L 412 59.86 -19.17 8.77
CA UNK L 412 60.55 -18.12 8.02
C UNK L 412 60.00 -17.96 6.60
N UNK L 413 59.58 -19.06 5.96
CA UNK L 413 59.00 -18.97 4.62
C UNK L 413 57.56 -19.47 4.61
N UNK L 414 56.79 -19.07 5.62
CA UNK L 414 55.41 -19.56 5.74
C UNK L 414 54.50 -19.04 4.65
N UNK L 415 54.82 -17.90 4.03
CA UNK L 415 53.95 -17.35 3.01
C UNK L 415 54.06 -18.12 1.69
N UNK L 416 55.25 -18.64 1.38
CA UNK L 416 55.38 -19.52 0.22
C UNK L 416 54.58 -20.80 0.42
N UNK L 417 54.70 -21.40 1.61
CA UNK L 417 53.95 -22.63 1.91
C UNK L 417 52.45 -22.37 1.78
N UNK L 418 51.94 -21.40 2.54
CA UNK L 418 50.51 -21.14 2.55
C UNK L 418 50.02 -20.75 1.16
N UNK L 419 50.79 -19.93 0.44
CA UNK L 419 50.35 -19.47 -0.87
C UNK L 419 50.28 -20.62 -1.87
N UNK L 420 51.22 -21.57 -1.80
CA UNK L 420 51.19 -22.70 -2.73
C UNK L 420 50.14 -23.72 -2.37
N UNK L 421 49.85 -23.93 -1.09
CA UNK L 421 48.67 -24.70 -0.74
C UNK L 421 47.41 -24.03 -1.28
N UNK L 422 47.36 -22.71 -1.24
CA UNK L 422 46.24 -22.00 -1.81
C UNK L 422 46.15 -22.23 -3.32
N UNK L 423 47.30 -22.22 -4.00
CA UNK L 423 47.28 -22.44 -5.45
C UNK L 423 46.78 -23.85 -5.78
N UNK L 424 47.34 -24.87 -5.13
CA UNK L 424 46.91 -26.24 -5.39
C UNK L 424 45.42 -26.42 -5.12
N UNK L 425 44.94 -25.87 -4.00
CA UNK L 425 43.51 -25.99 -3.70
C UNK L 425 42.66 -25.27 -4.75
N UNK L 426 43.13 -24.13 -5.27
CA UNK L 426 42.35 -23.41 -6.27
C UNK L 426 42.34 -24.15 -7.60
N UNK L 427 43.50 -24.68 -8.02
CA UNK L 427 43.55 -25.46 -9.25
C UNK L 427 42.62 -26.68 -9.16
N UNK L 428 42.81 -27.49 -8.12
CA UNK L 428 41.95 -28.66 -7.93
C UNK L 428 40.48 -28.27 -7.90
N UNK L 429 40.15 -27.18 -7.18
CA UNK L 429 38.75 -26.82 -7.03
C UNK L 429 38.13 -26.35 -8.34
N UNK L 430 38.76 -25.36 -8.97
CA UNK L 430 38.33 -24.88 -10.28
C UNK L 430 38.08 -26.02 -11.25
N UNK L 431 39.04 -26.93 -11.37
CA UNK L 431 38.94 -27.89 -12.47
C UNK L 431 38.08 -29.10 -12.15
N UNK L 432 38.15 -29.60 -10.91
CA UNK L 432 37.27 -30.70 -10.55
C UNK L 432 35.81 -30.25 -10.62
N UNK L 433 35.50 -29.11 -9.99
CA UNK L 433 34.14 -28.58 -10.08
C UNK L 433 33.76 -28.29 -11.52
N UNK L 434 34.70 -27.74 -12.29
CA UNK L 434 34.42 -27.40 -13.68
C UNK L 434 34.06 -28.60 -14.52
N UNK L 435 34.82 -29.70 -14.36
CA UNK L 435 34.53 -30.90 -15.13
C UNK L 435 33.20 -31.51 -14.71
N UNK L 436 32.94 -31.57 -13.39
CA UNK L 436 31.64 -32.09 -12.96
C UNK L 436 30.49 -31.27 -13.54
N UNK L 437 30.62 -29.94 -13.54
CA UNK L 437 29.54 -29.09 -14.01
C UNK L 437 29.37 -29.21 -15.52
N UNK L 438 30.48 -29.26 -16.26
CA UNK L 438 30.41 -29.53 -17.70
C UNK L 438 29.65 -30.82 -17.99
N UNK L 439 30.01 -31.91 -17.29
CA UNK L 439 29.32 -33.18 -17.54
C UNK L 439 27.85 -33.09 -17.19
N UNK L 440 27.50 -32.35 -16.13
CA UNK L 440 26.09 -32.18 -15.79
C UNK L 440 25.34 -31.41 -16.87
N UNK L 441 25.98 -30.40 -17.46
CA UNK L 441 25.33 -29.65 -18.53
C UNK L 441 25.16 -30.53 -19.77
N UNK L 442 26.16 -31.35 -20.09
CA UNK L 442 26.05 -32.26 -21.23
C UNK L 442 24.88 -33.20 -21.04
N UNK L 443 24.74 -33.79 -19.84
CA UNK L 443 23.63 -34.71 -19.63
C UNK L 443 22.30 -33.96 -19.56
N UNK L 444 22.31 -32.70 -19.14
CA UNK L 444 21.08 -31.91 -19.17
C UNK L 444 20.61 -31.70 -20.60
N UNK L 445 21.52 -31.31 -21.48
CA UNK L 445 21.23 -31.08 -22.90
C UNK L 445 21.18 -32.38 -23.71
N UNK L 446 21.26 -33.53 -23.05
CA UNK L 446 21.07 -34.80 -23.70
C UNK L 446 22.22 -35.30 -24.53
N UNK L 447 23.44 -34.83 -24.29
CA UNK L 447 24.60 -35.21 -25.09
C UNK L 447 25.69 -35.78 -24.19
N UNK L 448 25.48 -36.98 -23.63
CA UNK L 448 26.52 -37.59 -22.79
C UNK L 448 27.84 -37.79 -23.52
N UNK L 449 27.81 -37.97 -24.84
CA UNK L 449 29.03 -38.17 -25.61
C UNK L 449 29.93 -36.94 -25.61
N UNK L 450 29.44 -35.81 -25.12
CA UNK L 450 30.22 -34.58 -25.04
C UNK L 450 30.91 -34.38 -23.70
N UNK L 451 30.75 -35.32 -22.76
CA UNK L 451 31.39 -35.24 -21.46
C UNK L 451 32.91 -35.25 -21.60
N UNK L 452 33.58 -34.79 -20.54
CA UNK L 452 35.02 -34.89 -20.41
C UNK L 452 35.29 -36.02 -19.41
N UNK L 453 35.64 -37.19 -19.94
CA UNK L 453 35.87 -38.39 -19.13
C UNK L 453 37.34 -38.78 -19.30
N UNK L 454 38.13 -38.51 -18.26
CA UNK L 454 39.57 -38.74 -18.30
C UNK L 454 39.85 -40.09 -17.65
N UNK L 455 40.52 -40.97 -18.40
CA UNK L 455 40.85 -42.27 -17.86
C UNK L 455 41.88 -42.14 -16.75
N UNK L 456 41.69 -42.76 -15.62
CA UNK L 456 42.73 -42.76 -14.56
C UNK L 456 43.87 -43.71 -14.91
N UNK L 457 44.59 -43.37 -15.98
CA UNK L 457 45.52 -44.31 -16.59
C UNK L 457 46.74 -44.57 -15.73
N UNK L 458 47.09 -43.66 -14.83
CA UNK L 458 48.25 -43.88 -13.97
C UNK L 458 47.95 -44.93 -12.91
N UNK L 459 46.83 -44.76 -12.20
CA UNK L 459 46.42 -45.78 -11.23
C UNK L 459 46.14 -47.10 -11.91
N UNK L 460 45.52 -47.06 -13.11
CA UNK L 460 45.30 -48.28 -13.88
C UNK L 460 46.62 -48.97 -14.19
N UNK L 461 47.64 -48.18 -14.54
CA UNK L 461 48.95 -48.74 -14.81
C UNK L 461 49.58 -49.32 -13.54
N UNK L 462 49.26 -48.75 -12.38
CA UNK L 462 49.74 -49.34 -11.12
C UNK L 462 49.03 -50.66 -10.84
N UNK L 463 47.72 -50.72 -11.06
CA UNK L 463 46.98 -51.97 -10.89
C UNK L 463 47.52 -53.04 -11.84
N UNK L 464 47.81 -52.67 -13.08
CA UNK L 464 48.48 -53.60 -13.98
C UNK L 464 49.83 -54.02 -13.40
N UNK L 465 50.58 -53.07 -12.86
CA UNK L 465 51.85 -53.40 -12.21
C UNK L 465 51.65 -54.44 -11.12
N UNK L 466 50.48 -54.48 -10.50
CA UNK L 466 50.17 -55.48 -9.47
C UNK L 466 49.72 -56.81 -10.04
N UNK L 467 49.57 -56.91 -11.36
CA UNK L 467 49.11 -58.13 -11.99
C UNK L 467 47.64 -58.15 -12.34
N UNK L 468 46.97 -57.01 -12.35
CA UNK L 468 45.58 -56.96 -12.80
C UNK L 468 45.55 -56.90 -14.32
N UNK L 469 44.70 -57.72 -14.94
CA UNK L 469 44.69 -57.86 -16.38
C UNK L 469 43.61 -57.03 -17.07
N UNK L 470 42.84 -56.24 -16.31
CA UNK L 470 41.68 -55.57 -16.87
C UNK L 470 42.03 -54.54 -17.93
N UNK L 471 43.24 -54.00 -17.91
CA UNK L 471 43.59 -52.88 -18.78
C UNK L 471 44.64 -53.21 -19.82
N UNK L 472 45.24 -54.39 -19.76
CA UNK L 472 46.21 -54.84 -20.75
C UNK L 472 47.36 -53.89 -20.96
N UNK L 473 48.08 -53.55 -19.90
CA UNK L 473 49.25 -52.69 -20.03
C UNK L 473 50.55 -53.47 -20.13
N UNK L 474 50.56 -54.74 -19.72
CA UNK L 474 51.70 -55.63 -19.89
C UNK L 474 52.97 -55.01 -19.30
N UNK L 475 52.90 -54.72 -18.01
CA UNK L 475 54.06 -54.26 -17.25
C UNK L 475 54.37 -55.31 -16.19
N UNK L 476 55.30 -55.03 -15.29
CA UNK L 476 55.74 -56.03 -14.33
C UNK L 476 54.56 -56.64 -13.59
N UNK L 477 54.63 -57.96 -13.38
CA UNK L 477 53.57 -58.78 -12.79
C UNK L 477 52.36 -58.92 -13.72
N UNK L 478 52.15 -57.94 -14.60
CA UNK L 478 51.21 -58.06 -15.70
C UNK L 478 51.87 -58.61 -16.96
N UNK L 479 53.19 -58.82 -16.94
CA UNK L 479 53.96 -59.26 -18.11
C UNK L 479 54.75 -60.50 -17.76
N UNK L 480 54.92 -61.39 -18.75
CA UNK L 480 55.54 -62.69 -18.50
C UNK L 480 57.05 -62.59 -18.35
N UNK L 481 57.71 -61.70 -19.10
CA UNK L 481 59.16 -61.62 -19.08
C UNK L 481 59.71 -60.79 -17.94
N UNK L 482 58.85 -60.29 -17.05
CA UNK L 482 59.32 -59.37 -16.02
C UNK L 482 60.11 -60.12 -14.94
N UNK L 483 61.32 -59.66 -14.60
CA UNK L 483 62.03 -60.26 -13.45
C UNK L 483 61.22 -60.25 -12.17
N UNK L 484 60.43 -59.20 -11.95
CA UNK L 484 59.59 -59.14 -10.75
C UNK L 484 58.58 -60.27 -10.72
N UNK L 485 58.09 -60.70 -11.89
CA UNK L 485 57.18 -61.84 -11.92
C UNK L 485 57.91 -63.14 -11.63
N UNK L 486 59.09 -63.31 -12.21
CA UNK L 486 59.86 -64.53 -11.99
C UNK L 486 60.27 -64.69 -10.53
N UNK L 487 60.64 -63.59 -9.88
CA UNK L 487 61.21 -63.68 -8.53
C UNK L 487 60.20 -64.20 -7.51
N UNK L 488 58.91 -63.91 -7.70
CA UNK L 488 57.89 -64.34 -6.77
C UNK L 488 56.94 -65.42 -7.25
N UNK L 489 57.17 -66.00 -8.44
CA UNK L 489 56.24 -67.01 -8.95
C UNK L 489 56.11 -68.18 -7.99
N UNK L 490 57.21 -68.58 -7.34
CA UNK L 490 57.18 -69.75 -6.48
C UNK L 490 56.55 -69.48 -5.11
N UNK L 491 56.26 -68.22 -4.78
CA UNK L 491 55.81 -67.90 -3.43
C UNK L 491 54.38 -67.35 -3.46
N UNK L 492 54.25 -66.03 -3.25
CA UNK L 492 52.95 -65.42 -3.04
C UNK L 492 52.19 -65.14 -4.32
N UNK L 493 52.87 -65.09 -5.46
CA UNK L 493 52.23 -64.59 -6.68
C UNK L 493 51.07 -65.44 -7.17
N UNK L 494 51.07 -66.78 -7.09
CA UNK L 494 49.86 -67.51 -7.52
C UNK L 494 48.61 -67.12 -6.73
N UNK L 495 48.69 -67.08 -5.40
CA UNK L 495 47.55 -66.67 -4.61
C UNK L 495 47.20 -65.20 -4.79
N UNK L 496 48.22 -64.35 -4.89
CA UNK L 496 47.99 -62.91 -5.06
C UNK L 496 47.32 -62.63 -6.41
N UNK L 497 47.95 -63.05 -7.50
CA UNK L 497 47.38 -62.89 -8.84
C UNK L 497 46.00 -63.54 -8.92
N UNK L 498 45.79 -64.64 -8.21
CA UNK L 498 44.47 -65.25 -8.18
C UNK L 498 43.47 -64.30 -7.53
N UNK L 499 43.85 -63.65 -6.43
CA UNK L 499 42.92 -62.82 -5.68
C UNK L 499 42.64 -61.51 -6.40
N UNK L 500 43.66 -60.90 -7.00
CA UNK L 500 43.49 -59.58 -7.60
C UNK L 500 42.61 -59.65 -8.83
N UNK L 501 42.61 -60.78 -9.55
CA UNK L 501 41.83 -60.93 -10.76
C UNK L 501 40.50 -61.63 -10.54
N UNK L 502 40.16 -61.95 -9.29
CA UNK L 502 38.79 -62.32 -8.97
C UNK L 502 37.91 -61.08 -9.00
N UNK L 503 36.71 -61.22 -9.58
CA UNK L 503 35.84 -60.09 -9.82
C UNK L 503 34.89 -59.80 -8.66
N UNK L 504 34.78 -60.71 -7.69
CA UNK L 504 33.83 -60.51 -6.59
C UNK L 504 34.40 -59.63 -5.48
N UNK L 505 35.71 -59.73 -5.21
CA UNK L 505 36.29 -59.08 -4.05
C UNK L 505 36.55 -57.59 -4.33
N UNK L 506 37.02 -56.89 -3.30
CA UNK L 506 37.35 -55.47 -3.40
C UNK L 506 38.86 -55.24 -3.52
N UNK L 507 39.60 -56.22 -4.03
CA UNK L 507 41.04 -56.12 -4.16
C UNK L 507 41.36 -55.41 -5.47
N UNK L 508 41.82 -54.15 -5.38
CA UNK L 508 42.11 -53.30 -6.53
C UNK L 508 40.95 -53.30 -7.53
N UNK L 509 39.82 -52.77 -7.06
CA UNK L 509 38.63 -52.65 -7.89
C UNK L 509 38.95 -51.92 -9.19
N UNK L 510 38.21 -52.28 -10.25
CA UNK L 510 38.37 -51.62 -11.54
C UNK L 510 37.93 -50.17 -11.46
N UNK L 511 38.70 -49.29 -12.10
CA UNK L 511 38.50 -47.85 -11.98
C UNK L 511 38.30 -47.26 -13.36
N UNK L 512 37.53 -46.18 -13.42
CA UNK L 512 37.27 -45.45 -14.64
C UNK L 512 37.21 -43.96 -14.40
N UNK L 513 36.65 -43.22 -15.36
CA UNK L 513 36.63 -41.76 -15.23
C UNK L 513 35.93 -41.23 -13.98
N UNK L 514 34.82 -41.88 -13.58
CA UNK L 514 34.15 -41.47 -12.35
C UNK L 514 35.08 -41.52 -11.15
N UNK L 515 36.01 -42.49 -11.15
CA UNK L 515 36.99 -42.59 -10.07
C UNK L 515 38.03 -41.49 -10.16
N UNK L 516 38.43 -41.13 -11.39
CA UNK L 516 39.31 -39.98 -11.60
C UNK L 516 38.75 -38.73 -10.94
N UNK L 517 37.50 -38.39 -11.28
CA UNK L 517 36.90 -37.16 -10.76
C UNK L 517 36.82 -37.17 -9.23
N UNK L 518 36.30 -38.26 -8.65
CA UNK L 518 36.21 -38.23 -7.19
C UNK L 518 37.59 -38.19 -6.54
N UNK L 519 38.58 -38.85 -7.15
CA UNK L 519 39.93 -38.78 -6.58
C UNK L 519 40.46 -37.37 -6.59
N UNK L 520 40.05 -36.56 -7.57
CA UNK L 520 40.50 -35.18 -7.55
C UNK L 520 39.72 -34.31 -6.59
N UNK L 521 38.45 -34.64 -6.34
CA UNK L 521 37.75 -34.01 -5.22
C UNK L 521 38.45 -34.32 -3.91
N UNK L 522 38.83 -35.58 -3.71
CA UNK L 522 39.53 -35.98 -2.49
C UNK L 522 40.84 -35.23 -2.36
N UNK L 523 41.60 -35.13 -3.46
CA UNK L 523 42.81 -34.30 -3.45
C UNK L 523 42.48 -32.88 -3.01
N UNK L 524 41.38 -32.33 -3.53
CA UNK L 524 40.97 -30.98 -3.17
C UNK L 524 40.72 -30.86 -1.67
N UNK L 525 40.00 -31.83 -1.10
CA UNK L 525 39.69 -31.76 0.32
C UNK L 525 40.92 -31.90 1.20
N UNK L 526 41.81 -32.84 0.85
CA UNK L 526 43.06 -32.96 1.59
C UNK L 526 43.86 -31.65 1.52
N UNK L 527 43.90 -31.02 0.35
CA UNK L 527 44.71 -29.82 0.19
C UNK L 527 44.10 -28.61 0.89
N UNK L 528 42.77 -28.52 0.91
CA UNK L 528 42.14 -27.37 1.53
C UNK L 528 42.14 -27.50 3.05
N UNK L 529 41.77 -28.68 3.56
CA UNK L 529 41.87 -28.93 4.99
C UNK L 529 43.30 -28.69 5.46
N UNK L 530 44.27 -29.23 4.71
CA UNK L 530 45.67 -29.03 5.06
C UNK L 530 46.05 -27.56 4.98
N UNK L 531 45.49 -26.82 4.02
CA UNK L 531 45.80 -25.40 3.90
C UNK L 531 45.32 -24.65 5.14
N UNK L 532 44.06 -24.89 5.53
CA UNK L 532 43.51 -24.24 6.72
C UNK L 532 44.36 -24.54 7.94
N UNK L 533 44.64 -25.83 8.18
CA UNK L 533 45.38 -26.20 9.39
C UNK L 533 46.81 -25.66 9.38
N UNK L 534 47.47 -25.71 8.22
CA UNK L 534 48.86 -25.26 8.15
C UNK L 534 48.94 -23.76 8.33
N UNK L 535 48.04 -23.02 7.67
CA UNK L 535 48.01 -21.58 7.88
C UNK L 535 47.71 -21.24 9.33
N UNK L 536 46.78 -21.99 9.94
CA UNK L 536 46.48 -21.76 11.35
C UNK L 536 47.68 -21.98 12.24
N UNK L 537 48.46 -23.03 11.98
CA UNK L 537 49.60 -23.34 12.85
C UNK L 537 50.74 -22.35 12.62
N UNK L 538 50.99 -21.98 11.36
CA UNK L 538 52.11 -21.09 11.06
C UNK L 538 51.79 -19.63 11.37
N UNK L 539 50.53 -19.25 11.44
CA UNK L 539 50.13 -17.92 11.84
C UNK L 539 49.68 -17.85 13.30
N UNK L 540 49.91 -18.92 14.07
CA UNK L 540 49.45 -18.93 15.46
C UNK L 540 50.24 -17.96 16.32
N UNK L 541 51.53 -17.79 16.04
CA UNK L 541 52.33 -16.83 16.80
C UNK L 541 52.15 -15.40 16.34
N UNK L 542 51.64 -15.18 15.13
CA UNK L 542 51.35 -13.84 14.70
C UNK L 542 51.17 -13.73 13.20
N UNK L 543 50.53 -12.64 12.79
CA UNK L 543 50.40 -12.25 11.39
C UNK L 543 50.62 -10.75 11.29
N UNK L 544 50.48 -10.20 10.09
CA UNK L 544 50.53 -8.75 9.97
C UNK L 544 49.32 -8.09 10.63
N UNK L 545 48.18 -8.77 10.62
CA UNK L 545 46.99 -8.24 11.26
C UNK L 545 47.07 -8.33 12.78
N UNK L 546 47.77 -9.35 13.31
CA UNK L 546 47.92 -9.53 14.75
C UNK L 546 49.33 -10.04 15.03
N UNK L 547 50.33 -9.15 15.02
CA UNK L 547 51.73 -9.61 15.18
C UNK L 547 52.03 -10.17 16.56
N UNK L 548 51.26 -9.83 17.58
CA UNK L 548 51.51 -10.30 18.94
C UNK L 548 50.58 -11.45 19.33
N UNK L 549 50.10 -12.22 18.34
CA UNK L 549 49.07 -13.21 18.62
C UNK L 549 49.53 -14.24 19.65
N UNK L 550 50.82 -14.55 19.68
CA UNK L 550 51.33 -15.54 20.64
C UNK L 550 51.02 -15.14 22.07
N UNK L 551 50.90 -13.84 22.34
CA UNK L 551 50.61 -13.36 23.69
C UNK L 551 49.16 -13.57 24.09
N UNK L 552 48.30 -13.98 23.17
CA UNK L 552 46.87 -14.13 23.46
C UNK L 552 46.42 -15.56 23.62
N UNK L 553 47.29 -16.53 23.36
CA UNK L 553 46.97 -17.92 23.56
C UNK L 553 46.36 -18.59 22.33
N UNK L 554 46.20 -19.91 22.44
CA UNK L 554 45.63 -20.69 21.35
C UNK L 554 44.22 -20.23 21.02
N UNK L 555 43.34 -20.18 22.01
CA UNK L 555 41.92 -19.85 21.79
C UNK L 555 41.60 -18.51 22.44
N UNK L 556 41.14 -17.57 21.63
CA UNK L 556 40.54 -16.33 22.10
C UNK L 556 39.43 -15.94 21.14
N UNK L 557 38.45 -15.15 21.58
CA UNK L 557 37.34 -14.78 20.67
C UNK L 557 37.81 -14.15 19.38
N UNK L 558 38.69 -13.14 19.50
CA UNK L 558 39.07 -12.27 18.40
C UNK L 558 39.92 -11.13 18.95
N UNK L 559 40.19 -10.12 18.12
CA UNK L 559 40.93 -8.93 18.55
C UNK L 559 40.12 -7.65 18.35
N UNK L 560 38.80 -7.75 18.37
CA UNK L 560 37.93 -6.60 18.24
C UNK L 560 37.66 -6.20 16.81
N UNK L 561 36.80 -5.19 16.61
CA UNK L 561 36.50 -4.71 15.26
C UNK L 561 37.50 -3.74 14.69
N UNK L 562 38.57 -3.43 15.40
CA UNK L 562 39.57 -2.53 14.87
C UNK L 562 40.40 -3.17 13.78
N UNK L 563 41.24 -2.34 13.16
CA UNK L 563 42.19 -2.79 12.13
C UNK L 563 41.49 -3.55 11.00
N UNK L 564 40.21 -3.30 10.79
CA UNK L 564 39.44 -3.94 9.74
C UNK L 564 38.43 -4.96 10.23
N UNK L 565 38.60 -5.48 11.45
CA UNK L 565 37.80 -6.58 11.96
C UNK L 565 38.65 -7.84 12.03
N UNK L 566 38.50 -8.59 13.12
CA UNK L 566 39.45 -9.66 13.39
C UNK L 566 38.78 -10.95 13.85
N UNK L 567 37.51 -11.18 13.50
CA UNK L 567 36.85 -12.41 13.93
C UNK L 567 37.57 -13.62 13.36
N UNK L 568 37.55 -14.71 14.13
CA UNK L 568 38.10 -16.00 13.72
C UNK L 568 39.57 -15.88 13.33
N UNK L 569 40.32 -15.05 14.05
CA UNK L 569 41.75 -14.86 13.78
C UNK L 569 42.65 -15.76 14.62
N UNK L 570 42.10 -16.49 15.58
CA UNK L 570 42.94 -17.34 16.40
C UNK L 570 43.21 -18.67 15.71
N UNK L 571 44.23 -19.37 16.21
CA UNK L 571 44.57 -20.69 15.68
C UNK L 571 43.45 -21.69 15.94
N UNK L 572 42.89 -21.67 17.16
CA UNK L 572 41.73 -22.50 17.46
C UNK L 572 40.62 -22.28 16.44
N UNK L 573 40.44 -21.03 16.02
CA UNK L 573 39.43 -20.76 14.99
C UNK L 573 39.80 -21.42 13.67
N UNK L 574 41.09 -21.55 13.37
CA UNK L 574 41.50 -22.26 12.17
C UNK L 574 41.18 -23.74 12.26
N UNK L 575 41.41 -24.34 13.43
CA UNK L 575 40.95 -25.72 13.64
C UNK L 575 39.44 -25.81 13.40
N UNK L 576 38.68 -24.94 14.09
CA UNK L 576 37.23 -24.94 13.98
C UNK L 576 36.77 -24.86 12.53
N UNK L 577 37.44 -24.03 11.73
CA UNK L 577 37.12 -23.95 10.31
C UNK L 577 37.50 -25.24 9.57
N UNK L 578 38.64 -25.82 9.91
CA UNK L 578 39.12 -26.99 9.19
C UNK L 578 38.26 -28.22 9.45
N UNK L 579 37.59 -28.29 10.60
CA UNK L 579 36.75 -29.46 10.87
C UNK L 579 35.65 -29.57 9.83
N UNK L 580 35.10 -28.42 9.40
CA UNK L 580 34.08 -28.45 8.35
C UNK L 580 34.63 -29.07 7.09
N UNK L 581 35.83 -28.66 6.69
CA UNK L 581 36.44 -29.21 5.49
C UNK L 581 36.78 -30.68 5.64
N UNK L 582 37.17 -31.12 6.84
CA UNK L 582 37.40 -32.54 7.05
C UNK L 582 36.12 -33.34 6.89
N UNK L 583 35.02 -32.86 7.50
CA UNK L 583 33.74 -33.55 7.34
C UNK L 583 33.35 -33.61 5.87
N UNK L 584 33.65 -32.55 5.12
CA UNK L 584 33.38 -32.57 3.69
C UNK L 584 34.21 -33.63 2.99
N UNK L 585 35.52 -33.65 3.26
CA UNK L 585 36.43 -34.57 2.61
C UNK L 585 36.06 -36.02 2.89
N UNK L 586 35.90 -36.37 4.17
CA UNK L 586 35.51 -37.73 4.53
C UNK L 586 34.11 -38.04 4.03
N UNK L 587 33.27 -37.02 3.88
CA UNK L 587 32.00 -37.23 3.23
C UNK L 587 32.15 -37.67 1.78
N UNK L 588 33.07 -37.03 1.06
CA UNK L 588 33.33 -37.44 -0.31
C UNK L 588 33.95 -38.84 -0.37
N UNK L 589 34.90 -39.11 0.52
CA UNK L 589 35.56 -40.41 0.56
C UNK L 589 34.53 -41.51 0.81
N UNK L 590 33.68 -41.31 1.81
CA UNK L 590 32.76 -42.37 2.18
C UNK L 590 31.59 -42.49 1.21
N UNK L 591 31.08 -41.37 0.69
CA UNK L 591 30.12 -41.45 -0.42
C UNK L 591 30.69 -42.31 -1.55
N UNK L 592 31.92 -42.00 -1.97
CA UNK L 592 32.63 -42.75 -2.99
C UNK L 592 32.65 -44.24 -2.68
N UNK L 593 33.23 -44.60 -1.53
CA UNK L 593 33.38 -46.00 -1.17
C UNK L 593 32.03 -46.72 -1.14
N UNK L 594 31.06 -46.13 -0.45
CA UNK L 594 29.79 -46.81 -0.24
C UNK L 594 29.01 -46.97 -1.54
N UNK L 595 29.09 -45.98 -2.43
CA UNK L 595 28.37 -46.12 -3.69
C UNK L 595 29.04 -47.14 -4.60
N UNK L 596 30.37 -47.11 -4.68
CA UNK L 596 31.07 -48.09 -5.52
C UNK L 596 30.78 -49.51 -5.03
N UNK L 597 30.77 -49.71 -3.71
CA UNK L 597 30.53 -51.06 -3.20
C UNK L 597 29.06 -51.46 -3.30
N UNK L 598 28.14 -50.54 -3.01
CA UNK L 598 26.72 -50.89 -3.09
C UNK L 598 26.33 -51.20 -4.52
N UNK L 599 27.01 -50.60 -5.51
CA UNK L 599 26.77 -51.02 -6.88
C UNK L 599 27.49 -52.34 -7.20
N UNK L 600 28.68 -52.55 -6.63
CA UNK L 600 29.36 -53.82 -6.82
C UNK L 600 28.54 -54.98 -6.27
N UNK L 601 28.04 -54.82 -5.03
CA UNK L 601 27.30 -55.88 -4.37
C UNK L 601 26.00 -56.22 -5.08
N UNK L 602 25.48 -55.31 -5.90
CA UNK L 602 24.25 -55.54 -6.63
C UNK L 602 24.49 -56.06 -8.04
N UNK L 603 25.74 -56.31 -8.42
CA UNK L 603 26.05 -56.65 -9.80
C UNK L 603 25.81 -55.54 -10.79
N UNK L 604 25.60 -54.31 -10.33
CA UNK L 604 25.22 -53.18 -11.18
C UNK L 604 26.31 -52.12 -11.23
N UNK L 605 27.57 -52.56 -11.24
CA UNK L 605 28.75 -51.71 -11.31
C UNK L 605 28.61 -50.61 -12.37
N UNK L 606 27.93 -50.92 -13.48
CA UNK L 606 27.76 -49.94 -14.54
C UNK L 606 27.07 -48.69 -14.05
N UNK L 607 26.11 -48.83 -13.12
CA UNK L 607 25.37 -47.66 -12.66
C UNK L 607 26.30 -46.64 -12.04
N UNK L 608 27.23 -47.08 -11.19
CA UNK L 608 28.25 -46.18 -10.71
C UNK L 608 29.11 -45.66 -11.85
N UNK L 609 29.57 -46.55 -12.73
CA UNK L 609 30.53 -46.14 -13.75
C UNK L 609 29.97 -45.04 -14.64
N UNK L 610 28.69 -45.11 -14.99
CA UNK L 610 28.08 -44.10 -15.85
C UNK L 610 27.52 -42.91 -15.08
N UNK L 611 27.04 -43.11 -13.86
CA UNK L 611 26.34 -42.05 -13.13
C UNK L 611 27.25 -41.24 -12.23
N UNK L 612 28.48 -41.68 -11.98
CA UNK L 612 29.34 -40.94 -11.07
C UNK L 612 30.10 -39.80 -11.75
N UNK L 613 29.90 -39.59 -13.05
CA UNK L 613 30.65 -38.56 -13.75
C UNK L 613 29.92 -37.22 -13.80
N UNK L 614 28.69 -37.16 -13.29
CA UNK L 614 27.97 -35.91 -13.16
C UNK L 614 27.24 -35.90 -11.82
N UNK L 615 27.16 -34.71 -11.21
CA UNK L 615 26.75 -34.61 -9.82
C UNK L 615 25.28 -34.95 -9.62
N UNK L 616 24.43 -34.68 -10.62
CA UNK L 616 23.05 -35.14 -10.50
C UNK L 616 22.98 -36.64 -10.39
N UNK L 617 23.94 -37.35 -10.99
CA UNK L 617 24.00 -38.78 -10.82
C UNK L 617 24.21 -39.18 -9.37
N UNK L 618 25.10 -38.47 -8.68
CA UNK L 618 25.29 -38.74 -7.25
C UNK L 618 24.03 -38.41 -6.46
N UNK L 619 23.37 -37.30 -6.79
CA UNK L 619 22.21 -36.89 -6.00
C UNK L 619 21.04 -37.83 -6.19
N UNK L 620 20.84 -38.31 -7.43
CA UNK L 620 19.66 -39.07 -7.80
C UNK L 620 19.85 -40.57 -7.65
N UNK L 621 20.99 -41.10 -8.10
CA UNK L 621 21.21 -42.54 -8.18
C UNK L 621 21.94 -43.10 -6.97
N UNK L 622 22.39 -42.24 -6.04
CA UNK L 622 23.00 -42.70 -4.80
C UNK L 622 22.14 -42.32 -3.60
N UNK L 623 22.07 -41.03 -3.23
CA UNK L 623 21.34 -40.63 -2.03
C UNK L 623 19.84 -40.84 -2.18
N UNK L 624 19.24 -40.20 -3.20
CA UNK L 624 17.80 -40.31 -3.41
C UNK L 624 17.36 -41.75 -3.57
N UNK L 625 18.10 -42.52 -4.37
CA UNK L 625 17.68 -43.88 -4.70
C UNK L 625 17.76 -44.80 -3.48
N UNK L 626 18.82 -44.67 -2.69
CA UNK L 626 19.06 -45.56 -1.56
C UNK L 626 18.41 -45.06 -0.26
N UNK L 627 17.75 -43.91 -0.27
CA UNK L 627 16.96 -43.50 0.89
C UNK L 627 15.59 -44.19 0.95
N UNK L 628 15.25 -45.01 -0.05
CA UNK L 628 13.87 -45.48 -0.22
C UNK L 628 13.43 -46.34 0.96
N UNK L 629 14.20 -47.37 1.30
CA UNK L 629 13.81 -48.22 2.43
C UNK L 629 13.97 -47.48 3.75
N UNK L 630 15.03 -46.67 3.89
CA UNK L 630 15.28 -45.92 5.12
C UNK L 630 14.08 -45.07 5.52
N UNK L 631 13.70 -44.13 4.64
CA UNK L 631 12.64 -43.19 4.97
C UNK L 631 11.28 -43.85 5.15
N UNK L 632 11.14 -45.12 4.78
CA UNK L 632 9.93 -45.89 5.04
C UNK L 632 10.05 -46.77 6.26
N UNK L 633 11.08 -46.57 7.09
CA UNK L 633 11.22 -47.36 8.31
C UNK L 633 10.01 -47.23 9.22
N UNK L 634 9.30 -46.12 9.12
CA UNK L 634 7.98 -45.95 9.70
C UNK L 634 7.20 -44.96 8.84
N UNK L 635 5.90 -45.20 8.71
CA UNK L 635 5.07 -44.38 7.86
C UNK L 635 3.61 -44.49 8.32
N UNK L 636 2.66 -43.78 7.71
CA UNK L 636 1.25 -43.93 8.15
C UNK L 636 0.74 -45.36 8.07
N UNK L 637 1.41 -46.25 7.34
CA UNK L 637 0.92 -47.62 7.18
C UNK L 637 1.57 -48.61 8.13
N UNK L 638 2.58 -48.21 8.87
CA UNK L 638 3.17 -49.09 9.86
C UNK L 638 4.64 -48.76 10.07
N UNK L 639 5.34 -49.72 10.66
CA UNK L 639 6.76 -49.60 10.99
C UNK L 639 7.46 -50.87 10.55
N UNK L 640 8.79 -50.85 10.65
CA UNK L 640 9.60 -52.04 10.53
C UNK L 640 10.91 -51.79 11.28
N UNK L 641 11.84 -52.74 11.20
CA UNK L 641 13.10 -52.62 11.93
C UNK L 641 13.91 -51.41 11.51
N UNK L 642 13.64 -50.84 10.34
CA UNK L 642 14.38 -49.66 9.89
C UNK L 642 13.92 -48.37 10.55
N UNK L 643 12.87 -48.40 11.38
CA UNK L 643 12.36 -47.16 11.97
C UNK L 643 13.41 -46.47 12.83
N UNK L 644 14.18 -47.24 13.60
CA UNK L 644 15.24 -46.64 14.43
C UNK L 644 16.24 -45.90 13.56
N UNK L 645 16.42 -46.34 12.31
CA UNK L 645 17.31 -45.62 11.41
C UNK L 645 16.60 -44.45 10.75
N UNK L 646 15.30 -44.55 10.52
CA UNK L 646 14.56 -43.41 10.01
C UNK L 646 14.57 -42.29 11.04
N UNK L 647 14.12 -42.59 12.26
CA UNK L 647 14.16 -41.63 13.36
C UNK L 647 15.53 -40.99 13.48
N UNK L 648 16.57 -41.80 13.69
CA UNK L 648 17.93 -41.27 13.81
C UNK L 648 18.27 -40.40 12.61
N UNK L 649 17.87 -40.83 11.40
CA UNK L 649 18.16 -40.05 10.19
C UNK L 649 17.67 -38.62 10.33
N UNK L 650 16.45 -38.45 10.85
CA UNK L 650 15.94 -37.11 11.07
C UNK L 650 16.63 -36.45 12.27
N UNK L 651 16.86 -37.22 13.32
CA UNK L 651 17.59 -36.72 14.48
C UNK L 651 18.85 -35.99 14.05
N UNK L 652 19.69 -36.64 13.23
CA UNK L 652 20.86 -35.98 12.69
C UNK L 652 20.51 -34.71 11.94
N UNK L 653 19.56 -34.81 10.99
CA UNK L 653 19.08 -33.62 10.29
C UNK L 653 18.72 -32.51 11.25
N UNK L 654 18.10 -32.85 12.38
CA UNK L 654 17.76 -31.86 13.38
C UNK L 654 19.01 -31.29 14.03
N UNK L 655 19.88 -32.17 14.55
CA UNK L 655 21.03 -31.70 15.32
C UNK L 655 21.91 -30.81 14.46
N UNK L 656 22.30 -31.32 13.29
CA UNK L 656 22.99 -30.52 12.28
C UNK L 656 22.37 -29.14 12.14
N UNK L 657 21.06 -29.09 11.89
CA UNK L 657 20.40 -27.80 11.67
C UNK L 657 20.45 -26.93 12.93
N UNK L 658 20.28 -27.54 14.10
CA UNK L 658 20.43 -26.80 15.34
C UNK L 658 21.82 -26.15 15.41
N UNK L 659 22.85 -26.88 14.99
CA UNK L 659 24.19 -26.31 14.97
C UNK L 659 24.24 -24.99 14.24
N UNK L 660 23.50 -24.89 13.12
CA UNK L 660 23.53 -23.68 12.32
C UNK L 660 23.21 -22.45 13.17
N UNK L 661 22.25 -22.57 14.08
CA UNK L 661 21.96 -21.48 15.02
C UNK L 661 23.24 -20.93 15.62
N UNK L 662 23.95 -21.78 16.38
CA UNK L 662 25.13 -21.31 17.09
C UNK L 662 26.20 -20.78 16.14
N UNK L 663 26.14 -21.18 14.88
CA UNK L 663 27.16 -20.79 13.92
C UNK L 663 26.80 -19.51 13.19
N UNK L 664 25.52 -19.19 13.07
CA UNK L 664 25.08 -18.02 12.31
C UNK L 664 24.70 -16.87 13.23
N UNK L 665 23.88 -17.13 14.23
CA UNK L 665 23.63 -16.16 15.28
C UNK L 665 24.87 -16.00 16.14
N UNK L 666 25.25 -14.77 16.44
CA UNK L 666 26.35 -14.52 17.35
C UNK L 666 25.83 -13.87 18.62
N UNK L 667 26.73 -13.56 19.55
CA UNK L 667 26.38 -13.54 20.98
C UNK L 667 25.50 -12.37 21.37
N UNK L 668 25.86 -11.15 20.96
CA UNK L 668 25.20 -9.97 21.49
C UNK L 668 23.69 -10.02 21.41
N UNK L 669 23.17 -10.58 20.32
CA UNK L 669 21.73 -10.80 20.18
C UNK L 669 21.18 -11.54 21.40
N UNK L 670 21.81 -12.66 21.74
CA UNK L 670 21.32 -13.49 22.84
C UNK L 670 21.57 -12.82 24.18
N UNK L 671 22.64 -12.04 24.32
CA UNK L 671 22.89 -11.41 25.61
C UNK L 671 21.80 -10.38 25.92
N UNK L 672 21.46 -9.52 24.96
CA UNK L 672 20.36 -8.59 25.18
C UNK L 672 19.05 -9.33 25.45
N UNK L 673 18.77 -10.37 24.66
CA UNK L 673 17.56 -11.16 24.90
C UNK L 673 17.50 -11.67 26.34
N UNK L 674 18.63 -12.21 26.82
CA UNK L 674 18.67 -12.76 28.17
C UNK L 674 18.49 -11.66 29.21
N UNK L 675 18.94 -10.44 28.91
CA UNK L 675 18.68 -9.34 29.83
C UNK L 675 17.19 -9.09 29.98
N UNK L 676 16.46 -9.07 28.85
CA UNK L 676 15.00 -8.96 28.95
C UNK L 676 14.41 -10.10 29.76
N UNK L 677 14.98 -11.30 29.64
CA UNK L 677 14.44 -12.44 30.39
C UNK L 677 14.71 -12.31 31.89
N UNK L 678 15.88 -11.79 32.26
CA UNK L 678 16.17 -11.54 33.68
C UNK L 678 15.17 -10.55 34.26
N UNK L 679 14.94 -9.43 33.55
CA UNK L 679 13.88 -8.53 33.97
C UNK L 679 12.56 -9.27 34.15
N UNK L 680 12.19 -10.10 33.17
CA UNK L 680 10.92 -10.83 33.24
C UNK L 680 10.82 -11.67 34.51
N UNK L 681 11.89 -12.40 34.84
CA UNK L 681 11.83 -13.28 36.00
C UNK L 681 11.72 -12.49 37.30
N UNK L 682 12.47 -11.39 37.41
CA UNK L 682 12.45 -10.65 38.67
C UNK L 682 11.11 -9.97 38.90
N UNK L 683 10.37 -9.66 37.84
CA UNK L 683 9.12 -8.93 37.95
C UNK L 683 7.89 -9.83 37.85
N UNK L 684 8.05 -11.14 37.97
CA UNK L 684 6.92 -12.06 37.89
C UNK L 684 6.60 -12.60 39.27
N UNK L 685 5.39 -12.35 39.80
CA UNK L 685 5.04 -12.85 41.12
C UNK L 685 5.12 -14.36 41.21
N UNK L 686 5.30 -14.83 42.44
CA UNK L 686 5.48 -16.25 42.77
C UNK L 686 6.81 -16.78 42.22
N UNK L 687 7.15 -16.45 40.98
CA UNK L 687 8.40 -16.93 40.42
C UNK L 687 9.60 -16.18 41.00
N UNK L 688 9.46 -14.89 41.28
CA UNK L 688 10.56 -14.15 41.89
C UNK L 688 10.83 -14.58 43.33
N UNK L 689 10.02 -15.49 43.89
CA UNK L 689 10.42 -16.16 45.11
C UNK L 689 11.63 -17.05 44.89
N UNK L 690 11.91 -17.40 43.64
CA UNK L 690 13.03 -18.26 43.27
C UNK L 690 14.10 -17.40 42.62
N UNK L 691 15.33 -17.55 43.11
CA UNK L 691 16.46 -16.77 42.62
C UNK L 691 17.54 -17.70 42.09
N UNK L 692 18.18 -17.30 40.99
CA UNK L 692 19.28 -18.07 40.45
C UNK L 692 20.55 -17.79 41.25
N UNK L 693 21.34 -18.85 41.47
CA UNK L 693 22.63 -18.66 42.11
C UNK L 693 23.69 -18.19 41.13
N UNK L 694 23.48 -18.40 39.83
CA UNK L 694 24.46 -18.03 38.82
C UNK L 694 23.79 -17.16 37.76
N UNK L 695 24.38 -16.00 37.50
CA UNK L 695 23.81 -15.00 36.60
C UNK L 695 23.70 -15.53 35.18
N UNK L 696 22.49 -15.70 34.65
CA UNK L 696 22.33 -16.23 33.28
C UNK L 696 22.89 -15.27 32.24
N UNK L 697 23.83 -15.76 31.44
CA UNK L 697 24.41 -14.99 30.35
C UNK L 697 24.42 -15.83 29.08
N UNK L 698 24.57 -15.15 27.95
CA UNK L 698 24.71 -15.83 26.68
C UNK L 698 26.06 -16.53 26.59
N UNK L 699 26.09 -17.63 25.86
CA UNK L 699 27.31 -18.40 25.68
C UNK L 699 28.41 -17.52 25.10
N UNK L 700 29.66 -17.86 25.43
CA UNK L 700 30.80 -17.13 24.92
C UNK L 700 30.89 -17.26 23.39
N UNK L 701 31.69 -16.37 22.80
CA UNK L 701 31.92 -16.39 21.36
C UNK L 701 32.53 -17.71 20.93
N UNK L 702 33.71 -18.03 21.47
CA UNK L 702 34.35 -19.31 21.18
C UNK L 702 33.43 -20.46 21.58
N UNK L 703 32.82 -20.37 22.76
CA UNK L 703 31.93 -21.44 23.21
C UNK L 703 30.84 -21.72 22.18
N UNK L 704 30.34 -20.69 21.51
CA UNK L 704 29.32 -20.91 20.50
C UNK L 704 29.89 -21.56 19.26
N UNK L 705 31.10 -21.15 18.86
CA UNK L 705 31.76 -21.87 17.77
C UNK L 705 31.88 -23.36 18.09
N UNK L 706 32.27 -23.70 19.32
CA UNK L 706 32.43 -25.09 19.71
C UNK L 706 31.07 -25.81 19.73
N UNK L 707 30.08 -25.22 20.39
CA UNK L 707 28.78 -25.87 20.52
C UNK L 707 28.14 -26.10 19.16
N UNK L 708 28.26 -25.11 18.27
CA UNK L 708 27.68 -25.24 16.94
C UNK L 708 28.43 -26.24 16.08
N UNK L 709 29.76 -26.27 16.18
CA UNK L 709 30.53 -27.31 15.49
C UNK L 709 30.17 -28.70 16.00
N UNK L 710 29.89 -28.83 17.29
CA UNK L 710 29.54 -30.12 17.86
C UNK L 710 28.18 -30.58 17.37
N UNK L 711 27.20 -29.66 17.32
CA UNK L 711 25.91 -30.06 16.76
C UNK L 711 26.04 -30.40 15.29
N UNK L 712 26.77 -29.57 14.53
CA UNK L 712 27.01 -29.84 13.12
C UNK L 712 27.61 -31.22 12.91
N UNK L 713 28.58 -31.59 13.75
CA UNK L 713 29.28 -32.86 13.58
C UNK L 713 28.44 -34.04 14.03
N UNK L 714 27.76 -33.93 15.17
CA UNK L 714 26.90 -35.01 15.63
C UNK L 714 25.80 -35.28 14.61
N UNK L 715 25.18 -34.21 14.08
CA UNK L 715 24.17 -34.40 13.06
C UNK L 715 24.73 -35.00 11.79
N UNK L 716 25.89 -34.51 11.36
CA UNK L 716 26.61 -35.07 10.22
C UNK L 716 26.77 -36.59 10.35
N UNK L 717 27.44 -37.01 11.44
CA UNK L 717 27.79 -38.42 11.64
C UNK L 717 26.54 -39.27 11.77
N UNK L 718 25.57 -38.83 12.58
CA UNK L 718 24.38 -39.64 12.83
C UNK L 718 23.50 -39.76 11.58
N UNK L 719 23.41 -38.67 10.81
CA UNK L 719 22.67 -38.72 9.55
C UNK L 719 23.29 -39.73 8.61
N UNK L 720 24.60 -39.59 8.35
CA UNK L 720 25.22 -40.50 7.40
C UNK L 720 25.22 -41.93 7.91
N UNK L 721 25.35 -42.13 9.22
CA UNK L 721 25.33 -43.48 9.76
C UNK L 721 23.97 -44.13 9.55
N UNK L 722 22.90 -43.39 9.83
CA UNK L 722 21.56 -43.94 9.61
C UNK L 722 21.36 -44.31 8.14
N UNK L 723 21.76 -43.43 7.22
CA UNK L 723 21.58 -43.73 5.81
C UNK L 723 22.44 -44.91 5.37
N UNK L 724 23.70 -44.94 5.81
CA UNK L 724 24.62 -46.02 5.45
C UNK L 724 24.05 -47.36 5.87
N UNK L 725 23.76 -47.51 7.16
CA UNK L 725 23.35 -48.80 7.69
C UNK L 725 21.98 -49.20 7.16
N UNK L 726 21.03 -48.26 7.10
CA UNK L 726 19.71 -48.63 6.61
C UNK L 726 19.75 -49.01 5.13
N UNK L 727 20.50 -48.25 4.33
CA UNK L 727 20.54 -48.52 2.90
C UNK L 727 21.28 -49.82 2.59
N UNK L 728 22.30 -50.16 3.37
CA UNK L 728 22.99 -51.43 3.10
C UNK L 728 22.24 -52.60 3.72
N UNK L 729 22.05 -52.57 5.04
CA UNK L 729 21.42 -53.68 5.75
C UNK L 729 20.01 -53.95 5.25
N UNK L 730 19.27 -52.89 4.89
CA UNK L 730 17.94 -53.10 4.34
C UNK L 730 17.97 -54.02 3.13
N UNK L 731 18.99 -53.87 2.30
CA UNK L 731 19.22 -54.78 1.18
C UNK L 731 20.11 -55.96 1.55
N UNK L 732 21.04 -55.76 2.48
CA UNK L 732 22.12 -56.71 2.75
C UNK L 732 22.75 -57.16 1.44
N UNK L 733 23.33 -56.19 0.74
CA UNK L 733 23.76 -56.42 -0.62
C UNK L 733 23.48 -55.20 -1.47
N UNK M 1 -21.60 1.55 52.15
CA UNK M 1 -21.35 1.21 53.55
C UNK M 1 -20.55 2.28 54.32
N UNK M 2 -21.04 3.53 54.24
CA UNK M 2 -20.45 4.67 54.95
C UNK M 2 -21.60 5.60 55.39
N UNK M 3 -21.26 6.79 55.89
CA UNK M 3 -22.27 7.77 56.30
C UNK M 3 -22.68 8.66 55.10
N UNK M 4 -23.93 9.13 55.05
CA UNK M 4 -24.42 9.97 53.93
C UNK M 4 -24.56 9.18 52.62
N UNK M 5 -24.67 7.83 52.74
CA UNK M 5 -24.78 6.86 51.61
C UNK M 5 -25.87 7.18 50.57
N UNK M 6 -26.17 6.29 49.61
CA UNK M 6 -27.11 6.66 48.53
C UNK M 6 -28.63 6.65 48.87
N UNK M 7 -28.94 6.22 50.07
CA UNK M 7 -30.31 6.10 50.54
C UNK M 7 -30.71 7.23 51.48
N UNK M 8 -29.73 7.97 51.97
CA UNK M 8 -29.98 9.06 52.91
C UNK M 8 -29.05 10.22 52.53
N UNK M 9 -29.31 11.41 53.06
CA UNK M 9 -28.44 12.55 52.79
C UNK M 9 -28.85 13.36 51.56
N UNK M 10 -28.33 14.58 51.48
CA UNK M 10 -28.67 15.46 50.39
C UNK M 10 -28.25 14.83 49.06
N UNK M 11 -27.43 13.78 49.12
CA UNK M 11 -26.95 13.17 47.89
C UNK M 11 -27.49 11.79 47.58
N UNK M 12 -28.64 11.46 48.14
CA UNK M 12 -29.27 10.17 47.92
C UNK M 12 -29.71 10.00 46.48
N UNK M 13 -30.14 8.79 46.13
CA UNK M 13 -30.73 8.57 44.83
C UNK M 13 -32.20 9.06 44.82
N UNK M 14 -32.69 9.50 43.66
CA UNK M 14 -34.04 10.08 43.47
C UNK M 14 -34.91 9.44 42.38
N UNK M 15 -36.24 9.55 42.54
CA UNK M 15 -37.22 8.87 41.68
C UNK M 15 -37.26 9.15 40.18
N UNK M 16 -36.64 10.24 39.75
CA UNK M 16 -36.60 10.50 38.30
C UNK M 16 -35.17 10.40 37.86
N UNK M 17 -34.37 9.77 38.69
CA UNK M 17 -32.96 9.66 38.44
C UNK M 17 -32.39 11.05 38.32
N UNK M 18 -31.50 11.22 37.34
CA UNK M 18 -30.85 12.49 37.05
C UNK M 18 -31.83 13.63 36.77
N UNK M 19 -33.10 13.28 36.55
CA UNK M 19 -34.08 14.29 36.27
C UNK M 19 -34.83 14.76 37.51
N UNK M 20 -34.61 14.14 38.65
CA UNK M 20 -35.37 14.48 39.85
C UNK M 20 -35.36 15.97 40.12
N UNK M 21 -34.29 16.63 39.66
CA UNK M 21 -34.18 18.07 39.84
C UNK M 21 -34.31 18.41 41.31
N UNK M 22 -34.94 19.55 41.58
CA UNK M 22 -35.10 20.01 42.96
C UNK M 22 -36.21 19.26 43.68
N UNK M 23 -36.02 19.01 44.98
CA UNK M 23 -37.01 18.25 45.74
C UNK M 23 -37.65 19.05 46.84
N UNK M 24 -38.82 18.57 47.27
CA UNK M 24 -39.57 19.23 48.33
C UNK M 24 -38.63 19.56 49.49
N UNK M 25 -38.67 20.81 49.94
CA UNK M 25 -37.82 21.22 51.04
C UNK M 25 -37.92 20.33 52.28
N UNK M 26 -39.01 19.57 52.40
CA UNK M 26 -39.24 18.74 53.58
C UNK M 26 -38.76 17.28 53.39
N UNK M 27 -38.35 16.95 52.18
CA UNK M 27 -37.78 15.64 51.89
C UNK M 27 -36.25 15.88 51.85
N UNK M 28 -35.63 15.88 53.03
CA UNK M 28 -34.21 16.18 53.20
C UNK M 28 -33.38 14.91 53.33
N UNK M 29 -33.90 13.84 52.73
CA UNK M 29 -33.23 12.54 52.74
C UNK M 29 -32.86 12.06 54.14
N UNK M 30 -33.72 12.32 55.11
CA UNK M 30 -33.44 11.89 56.48
C UNK M 30 -34.26 10.69 56.96
N UNK M 31 -35.14 10.19 56.11
CA UNK M 31 -35.96 9.02 56.41
C UNK M 31 -35.85 7.97 55.30
N UNK M 32 -35.89 6.71 55.71
CA UNK M 32 -35.84 5.59 54.77
C UNK M 32 -36.81 5.75 53.62
N UNK M 33 -36.36 5.35 52.45
CA UNK M 33 -37.22 5.34 51.28
C UNK M 33 -37.46 6.74 50.70
N UNK M 34 -36.68 7.72 51.15
CA UNK M 34 -36.79 9.08 50.61
C UNK M 34 -36.16 9.18 49.22
N UNK M 35 -36.99 9.11 48.19
CA UNK M 35 -36.53 9.27 46.82
C UNK M 35 -36.88 10.66 46.35
N UNK M 36 -37.22 11.55 47.29
CA UNK M 36 -37.58 12.94 47.00
C UNK M 36 -38.89 13.14 46.21
N UNK M 37 -39.80 12.18 46.33
CA UNK M 37 -41.07 12.20 45.63
C UNK M 37 -42.32 12.57 46.42
N UNK M 38 -42.84 13.77 46.14
CA UNK M 38 -44.08 14.25 46.75
C UNK M 38 -44.66 15.36 45.86
N UNK M 39 -45.01 14.97 44.64
CA UNK M 39 -45.57 15.88 43.66
C UNK M 39 -46.91 16.44 44.11
N UNK M 40 -47.68 15.70 44.90
CA UNK M 40 -48.96 16.20 45.38
C UNK M 40 -49.00 17.05 46.67
N UNK M 41 -47.86 17.21 47.33
CA UNK M 41 -47.77 17.99 48.56
C UNK M 41 -48.35 17.29 49.81
N UNK M 42 -48.80 16.04 49.66
CA UNK M 42 -49.44 15.29 50.75
C UNK M 42 -48.70 15.25 52.11
N UNK M 43 -47.38 15.15 52.08
CA UNK M 43 -46.62 15.06 53.32
C UNK M 43 -45.97 16.41 53.65
N UNK M 44 -46.59 17.49 53.19
CA UNK M 44 -46.05 18.82 53.42
C UNK M 44 -46.03 19.25 54.88
N UNK M 45 -47.03 18.80 55.66
CA UNK M 45 -47.06 19.07 57.11
C UNK M 45 -46.24 18.00 57.81
N UNK M 46 -45.39 18.41 58.75
CA UNK M 46 -44.53 17.50 59.52
C UNK M 46 -45.24 16.34 60.24
N UNK M 47 -46.44 16.62 60.77
CA UNK M 47 -47.22 15.62 61.48
C UNK M 47 -47.98 14.70 60.52
N UNK M 48 -48.45 15.23 59.41
CA UNK M 48 -49.14 14.41 58.38
C UNK M 48 -48.11 13.53 57.69
N UNK M 49 -46.94 14.09 57.52
CA UNK M 49 -45.84 13.35 56.95
C UNK M 49 -45.64 12.17 57.89
N UNK M 50 -45.45 12.46 59.16
CA UNK M 50 -45.26 11.40 60.17
C UNK M 50 -46.28 10.26 60.10
N UNK M 51 -47.54 10.59 59.84
CA UNK M 51 -48.56 9.55 59.78
C UNK M 51 -48.49 8.80 58.46
N UNK M 52 -48.22 9.50 57.37
CA UNK M 52 -48.11 8.81 56.06
C UNK M 52 -46.97 7.81 56.08
N UNK M 53 -45.92 8.09 56.83
CA UNK M 53 -44.81 7.12 56.90
C UNK M 53 -45.26 5.86 57.62
N UNK M 54 -46.14 6.01 58.61
CA UNK M 54 -46.63 4.87 59.37
C UNK M 54 -47.66 4.11 58.58
N UNK M 55 -48.47 4.82 57.81
CA UNK M 55 -49.45 4.16 56.97
C UNK M 55 -48.69 3.42 55.89
N UNK M 56 -47.58 3.99 55.46
CA UNK M 56 -46.79 3.38 54.40
C UNK M 56 -46.08 2.17 54.92
N UNK M 57 -45.41 2.30 56.04
CA UNK M 57 -44.77 1.12 56.57
C UNK M 57 -45.69 -0.02 56.95
N UNK M 58 -46.88 0.29 57.48
CA UNK M 58 -47.84 -0.73 57.83
C UNK M 58 -48.51 -1.34 56.60
N UNK M 59 -48.72 -0.56 55.55
CA UNK M 59 -49.32 -1.09 54.32
C UNK M 59 -48.25 -2.00 53.70
N UNK M 60 -46.99 -1.56 53.68
CA UNK M 60 -45.90 -2.45 53.18
C UNK M 60 -45.95 -3.83 53.85
N UNK M 61 -45.87 -3.86 55.18
CA UNK M 61 -45.85 -5.12 55.92
C UNK M 61 -47.01 -6.02 55.60
N UNK M 62 -48.17 -5.42 55.40
CA UNK M 62 -49.37 -6.17 55.12
C UNK M 62 -49.31 -6.70 53.68
N UNK M 63 -48.82 -5.86 52.77
CA UNK M 63 -48.72 -6.19 51.35
C UNK M 63 -47.70 -7.27 51.13
N UNK M 64 -46.56 -7.16 51.78
CA UNK M 64 -45.55 -8.23 51.64
C UNK M 64 -46.14 -9.59 52.00
N UNK M 65 -46.91 -9.65 53.08
CA UNK M 65 -47.56 -10.90 53.49
C UNK M 65 -48.66 -11.33 52.54
N UNK M 66 -49.43 -10.36 52.03
CA UNK M 66 -50.50 -10.66 51.10
C UNK M 66 -49.92 -11.13 49.78
N UNK M 67 -48.89 -10.45 49.31
CA UNK M 67 -48.25 -10.86 48.04
C UNK M 67 -47.83 -12.32 48.09
N UNK M 68 -46.93 -12.63 49.00
CA UNK M 68 -46.52 -14.02 49.23
C UNK M 68 -47.74 -14.92 49.45
N UNK M 69 -48.69 -14.46 50.25
CA UNK M 69 -49.85 -15.24 50.60
C UNK M 69 -50.76 -15.49 49.42
N UNK M 70 -51.05 -14.44 48.68
CA UNK M 70 -51.88 -14.52 47.51
C UNK M 70 -51.32 -15.55 46.50
N UNK M 71 -50.00 -15.54 46.31
CA UNK M 71 -49.40 -16.43 45.32
C UNK M 71 -49.15 -17.88 45.75
N UNK M 72 -48.57 -18.05 46.93
CA UNK M 72 -48.23 -19.38 47.44
C UNK M 72 -49.15 -20.55 47.10
N UNK M 73 -50.41 -20.53 47.54
CA UNK M 73 -51.33 -21.63 47.22
C UNK M 73 -51.41 -21.86 45.70
N UNK M 74 -51.35 -20.78 44.92
CA UNK M 74 -51.43 -20.98 43.49
C UNK M 74 -50.21 -21.76 43.01
N UNK M 75 -49.05 -21.34 43.48
CA UNK M 75 -47.82 -22.00 43.10
C UNK M 75 -47.84 -23.49 43.43
N UNK M 76 -48.33 -23.85 44.61
CA UNK M 76 -48.31 -25.26 44.98
C UNK M 76 -49.33 -26.02 44.18
N UNK M 77 -50.49 -25.41 44.02
CA UNK M 77 -51.56 -26.08 43.32
C UNK M 77 -51.13 -26.42 41.90
N UNK M 78 -50.23 -25.63 41.35
CA UNK M 78 -49.79 -25.90 39.99
C UNK M 78 -48.65 -26.90 39.97
N UNK M 79 -48.23 -27.34 41.14
CA UNK M 79 -47.15 -28.31 41.25
C UNK M 79 -47.63 -29.60 41.88
N UNK M 80 -48.92 -29.89 41.76
CA UNK M 80 -49.52 -31.10 42.31
C UNK M 80 -50.42 -30.97 43.55
N UNK M 81 -50.15 -30.01 44.43
CA UNK M 81 -50.98 -29.82 45.65
C UNK M 81 -52.43 -29.45 45.30
N UNK M 82 -53.39 -30.12 45.94
CA UNK M 82 -54.79 -29.87 45.63
C UNK M 82 -55.54 -29.16 46.78
N UNK M 83 -56.02 -27.94 46.53
CA UNK M 83 -56.74 -27.18 47.53
C UNK M 83 -58.17 -27.10 47.03
N UNK M 84 -59.09 -26.62 47.87
CA UNK M 84 -60.46 -26.42 47.42
C UNK M 84 -60.42 -25.40 46.27
N UNK M 85 -59.78 -24.26 46.53
CA UNK M 85 -59.53 -23.25 45.52
C UNK M 85 -58.23 -22.52 45.88
N UNK M 86 -57.25 -22.55 44.97
CA UNK M 86 -55.95 -21.94 45.20
C UNK M 86 -55.89 -20.45 44.83
N UNK M 87 -56.59 -20.08 43.75
CA UNK M 87 -56.63 -18.72 43.28
C UNK M 87 -57.02 -17.80 44.41
N UNK M 88 -56.16 -16.86 44.75
CA UNK M 88 -56.37 -15.97 45.89
C UNK M 88 -57.74 -15.34 46.07
N UNK M 89 -58.32 -14.81 44.98
CA UNK M 89 -59.63 -14.17 45.00
C UNK M 89 -60.85 -15.12 44.94
N UNK M 90 -60.61 -16.43 45.08
CA UNK M 90 -61.70 -17.40 45.10
C UNK M 90 -61.52 -18.26 46.35
N UNK M 91 -60.47 -17.96 47.09
CA UNK M 91 -60.08 -18.69 48.29
C UNK M 91 -61.05 -18.59 49.45
N UNK M 92 -61.75 -17.47 49.60
CA UNK M 92 -62.67 -17.34 50.72
C UNK M 92 -63.93 -18.20 50.52
N UNK M 93 -64.37 -18.33 49.28
CA UNK M 93 -65.62 -19.05 49.00
C UNK M 93 -65.62 -20.51 49.41
N UNK M 94 -64.45 -21.06 49.67
CA UNK M 94 -64.37 -22.48 50.00
C UNK M 94 -64.89 -22.84 51.38
N UNK M 95 -65.13 -21.82 52.21
CA UNK M 95 -65.72 -22.01 53.53
C UNK M 95 -67.23 -22.18 53.44
N UNK M 96 -67.73 -22.15 52.20
CA UNK M 96 -69.13 -22.37 51.91
C UNK M 96 -69.21 -23.74 51.26
N UNK M 97 -68.04 -24.30 50.94
CA UNK M 97 -67.99 -25.59 50.25
C UNK M 97 -68.48 -26.75 51.12
N UNK M 98 -68.92 -27.82 50.46
CA UNK M 98 -69.44 -28.99 51.15
C UNK M 98 -68.63 -29.40 52.38
N UNK M 99 -67.32 -29.61 52.20
CA UNK M 99 -66.44 -30.07 53.27
C UNK M 99 -65.77 -28.97 54.12
N UNK M 100 -66.10 -27.72 53.84
CA UNK M 100 -65.51 -26.61 54.58
C UNK M 100 -64.14 -26.26 54.01
N UNK M 101 -63.33 -25.65 54.86
CA UNK M 101 -62.02 -25.16 54.47
C UNK M 101 -60.93 -26.07 55.06
N UNK M 102 -60.20 -26.76 54.18
CA UNK M 102 -59.12 -27.66 54.60
C UNK M 102 -57.75 -27.09 54.21
N UNK M 103 -56.94 -26.75 55.20
CA UNK M 103 -55.61 -26.21 54.97
C UNK M 103 -54.73 -27.17 54.21
N UNK M 104 -54.08 -26.67 53.16
CA UNK M 104 -53.26 -27.52 52.30
C UNK M 104 -54.10 -28.66 51.73
N UNK M 105 -55.42 -28.52 51.83
CA UNK M 105 -56.36 -29.48 51.28
C UNK M 105 -56.42 -30.72 52.13
N UNK M 106 -56.12 -30.57 53.42
CA UNK M 106 -56.11 -31.69 54.39
C UNK M 106 -57.18 -31.60 55.48
N UNK M 107 -58.17 -32.50 55.44
CA UNK M 107 -59.26 -32.51 56.41
C UNK M 107 -58.85 -32.40 57.88
N UNK M 108 -57.65 -32.87 58.20
CA UNK M 108 -57.17 -32.84 59.58
C UNK M 108 -56.50 -31.49 59.87
N UNK M 109 -56.65 -30.57 58.94
CA UNK M 109 -56.07 -29.25 59.09
C UNK M 109 -57.11 -28.14 59.12
N UNK M 110 -57.31 -27.60 60.31
CA UNK M 110 -58.27 -26.52 60.51
C UNK M 110 -59.67 -27.09 60.31
N UNK M 111 -59.93 -27.53 59.08
CA UNK M 111 -61.24 -28.07 58.71
C UNK M 111 -62.36 -27.11 59.12
N UNK M 112 -62.19 -25.82 58.79
CA UNK M 112 -63.18 -24.80 59.13
C UNK M 112 -64.47 -25.02 58.39
N UNK M 113 -65.58 -24.84 59.11
CA UNK M 113 -66.92 -25.03 58.57
C UNK M 113 -67.86 -23.81 58.69
N UNK M 114 -67.53 -22.85 59.55
CA UNK M 114 -68.36 -21.65 59.77
C UNK M 114 -67.61 -20.34 59.64
N UNK M 115 -68.12 -19.46 58.79
CA UNK M 115 -67.45 -18.18 58.58
C UNK M 115 -67.66 -17.23 59.76
N UNK M 116 -68.86 -17.23 60.29
CA UNK M 116 -69.18 -16.38 61.41
C UNK M 116 -68.27 -16.62 62.63
N UNK M 117 -67.73 -17.82 62.74
CA UNK M 117 -66.79 -18.15 63.82
C UNK M 117 -65.38 -17.64 63.46
N UNK M 118 -65.04 -17.69 62.17
CA UNK M 118 -63.76 -17.16 61.71
C UNK M 118 -63.78 -15.65 61.90
N UNK M 119 -64.90 -15.05 61.50
CA UNK M 119 -65.03 -13.61 61.61
C UNK M 119 -64.92 -13.15 63.07
N UNK M 120 -65.68 -13.79 63.94
CA UNK M 120 -65.66 -13.43 65.36
C UNK M 120 -64.27 -13.45 65.96
N UNK M 121 -63.56 -14.56 65.74
CA UNK M 121 -62.22 -14.71 66.28
C UNK M 121 -61.29 -13.63 65.76
N UNK M 122 -61.34 -13.40 64.44
CA UNK M 122 -60.49 -12.40 63.80
C UNK M 122 -60.75 -11.06 64.40
N UNK M 123 -62.02 -10.77 64.60
CA UNK M 123 -62.42 -9.51 65.18
C UNK M 123 -61.73 -9.31 66.53
N UNK M 124 -61.91 -10.27 67.42
CA UNK M 124 -61.32 -10.21 68.75
C UNK M 124 -59.80 -10.18 68.75
N UNK M 125 -59.19 -11.13 68.04
CA UNK M 125 -57.73 -11.22 67.96
C UNK M 125 -57.07 -9.98 67.37
N UNK M 126 -57.53 -9.58 66.19
CA UNK M 126 -56.95 -8.45 65.52
C UNK M 126 -57.22 -7.22 66.35
N UNK M 127 -58.43 -7.15 66.89
CA UNK M 127 -58.84 -6.02 67.71
C UNK M 127 -57.82 -5.87 68.83
N UNK M 128 -57.51 -6.98 69.48
CA UNK M 128 -56.53 -7.00 70.55
C UNK M 128 -55.11 -6.58 70.14
N UNK M 129 -54.49 -7.31 69.21
CA UNK M 129 -53.13 -7.00 68.79
C UNK M 129 -52.97 -5.58 68.21
N UNK M 130 -53.97 -5.13 67.44
CA UNK M 130 -53.89 -3.80 66.87
C UNK M 130 -53.92 -2.80 68.02
N UNK M 131 -54.70 -3.13 69.06
CA UNK M 131 -54.76 -2.28 70.24
C UNK M 131 -53.39 -2.23 70.90
N UNK M 132 -52.79 -3.39 71.11
CA UNK M 132 -51.44 -3.50 71.65
C UNK M 132 -50.47 -2.61 70.88
N UNK M 133 -50.66 -2.56 69.57
CA UNK M 133 -49.78 -1.79 68.65
C UNK M 133 -49.68 -0.31 68.95
N UNK M 134 -50.82 0.30 69.31
CA UNK M 134 -50.88 1.71 69.62
C UNK M 134 -50.55 2.15 71.06
N UNK M 135 -50.96 1.35 72.03
CA UNK M 135 -50.74 1.69 73.43
C UNK M 135 -49.64 0.88 74.12
N UNK M 136 -49.48 -0.36 73.69
CA UNK M 136 -48.56 -1.27 74.33
C UNK M 136 -49.43 -2.45 74.74
N UNK M 137 -48.82 -3.46 75.35
CA UNK M 137 -49.55 -4.67 75.74
C UNK M 137 -48.62 -5.74 76.29
N UNK M 138 -48.93 -7.01 75.99
CA UNK M 138 -48.14 -8.13 76.50
C UNK M 138 -46.70 -8.19 75.99
N UNK M 139 -46.47 -7.84 74.73
CA UNK M 139 -45.11 -7.92 74.22
C UNK M 139 -44.30 -6.65 74.46
N UNK M 140 -44.86 -5.72 75.21
CA UNK M 140 -44.12 -4.51 75.53
C UNK M 140 -44.84 -3.20 75.25
N UNK M 141 -44.27 -2.14 75.80
CA UNK M 141 -44.84 -0.81 75.68
C UNK M 141 -44.36 -0.19 74.38
N UNK M 142 -45.12 0.76 73.87
CA UNK M 142 -44.78 1.40 72.62
C UNK M 142 -43.67 2.43 72.83
N UNK M 143 -42.45 2.15 72.36
CA UNK M 143 -41.35 3.12 72.46
C UNK M 143 -41.17 3.78 71.10
N UNK M 144 -41.22 2.95 70.06
CA UNK M 144 -41.25 3.42 68.66
C UNK M 144 -42.43 2.74 67.99
N UNK M 145 -43.21 3.53 67.28
CA UNK M 145 -44.46 3.06 66.68
C UNK M 145 -44.39 2.02 65.55
N UNK M 146 -43.35 2.13 64.72
CA UNK M 146 -43.20 1.24 63.58
C UNK M 146 -42.08 0.25 63.78
N UNK M 147 -41.14 0.63 64.62
CA UNK M 147 -39.96 -0.19 64.88
C UNK M 147 -39.83 -0.58 66.37
N UNK M 148 -40.87 -1.20 66.91
CA UNK M 148 -40.89 -1.59 68.32
C UNK M 148 -39.59 -2.31 68.74
N UNK M 149 -39.26 -3.36 68.00
CA UNK M 149 -38.06 -4.12 68.29
C UNK M 149 -38.35 -5.03 69.47
N UNK M 150 -37.34 -5.24 70.30
CA UNK M 150 -37.48 -6.07 71.48
C UNK M 150 -37.96 -7.44 71.12
N UNK M 151 -39.24 -7.71 71.33
CA UNK M 151 -39.80 -9.02 71.01
C UNK M 151 -39.94 -9.22 69.52
N UNK M 152 -39.95 -8.12 68.77
CA UNK M 152 -40.14 -8.18 67.33
C UNK M 152 -38.85 -8.18 66.54
N UNK M 153 -37.73 -7.88 67.22
CA UNK M 153 -36.39 -8.02 66.68
C UNK M 153 -35.68 -9.05 67.56
N UNK M 154 -36.15 -10.29 67.52
CA UNK M 154 -35.56 -11.33 68.36
C UNK M 154 -34.17 -11.76 67.93
N UNK M 155 -33.82 -11.54 66.66
CA UNK M 155 -32.48 -11.92 66.18
C UNK M 155 -31.45 -10.80 66.33
N UNK M 156 -31.86 -9.64 66.80
CA UNK M 156 -30.93 -8.52 66.93
C UNK M 156 -30.45 -7.98 65.58
N UNK M 157 -31.16 -8.30 64.50
CA UNK M 157 -30.77 -7.85 63.18
C UNK M 157 -30.52 -6.35 63.04
N UNK M 158 -31.35 -5.56 63.71
CA UNK M 158 -31.24 -4.12 63.64
C UNK M 158 -30.60 -3.52 64.89
N UNK M 159 -29.91 -4.36 65.65
CA UNK M 159 -29.26 -3.90 66.87
C UNK M 159 -28.10 -2.94 66.54
N UNK M 160 -27.57 -3.05 65.32
CA UNK M 160 -26.55 -2.12 64.87
C UNK M 160 -27.13 -0.96 64.02
N UNK M 161 -26.96 0.27 64.51
CA UNK M 161 -27.48 1.47 63.87
C UNK M 161 -27.32 1.52 62.36
N UNK M 162 -26.07 1.55 61.92
CA UNK M 162 -25.78 1.61 60.50
C UNK M 162 -26.54 0.55 59.70
N UNK M 163 -26.66 -0.65 60.26
CA UNK M 163 -27.32 -1.78 59.60
C UNK M 163 -28.84 -1.62 59.67
N UNK M 164 -29.29 -0.95 60.70
CA UNK M 164 -30.71 -0.72 60.86
C UNK M 164 -31.12 0.31 59.78
N UNK M 165 -30.30 1.35 59.61
CA UNK M 165 -30.53 2.36 58.58
C UNK M 165 -30.79 1.75 57.20
N UNK M 166 -30.02 0.72 56.87
CA UNK M 166 -30.11 0.00 55.60
C UNK M 166 -31.38 -0.87 55.52
N UNK M 167 -31.63 -1.64 56.57
CA UNK M 167 -32.81 -2.51 56.63
C UNK M 167 -34.12 -1.75 56.55
N UNK M 168 -34.22 -0.61 57.22
CA UNK M 168 -35.43 0.23 57.13
C UNK M 168 -35.69 0.50 55.65
N UNK M 169 -34.60 0.60 54.89
CA UNK M 169 -34.69 0.86 53.46
C UNK M 169 -35.03 -0.39 52.62
N UNK M 170 -34.48 -1.54 52.98
CA UNK M 170 -34.77 -2.76 52.22
C UNK M 170 -36.22 -3.12 52.47
N UNK M 171 -36.67 -2.84 53.68
CA UNK M 171 -38.04 -3.11 54.11
C UNK M 171 -38.97 -2.24 53.33
N UNK M 172 -38.71 -0.96 53.34
CA UNK M 172 -39.56 -0.06 52.57
C UNK M 172 -39.58 -0.37 51.06
N UNK M 173 -38.45 -0.83 50.50
CA UNK M 173 -38.33 -1.10 49.07
C UNK M 173 -39.06 -2.39 48.66
N UNK M 174 -38.86 -3.46 49.42
CA UNK M 174 -39.51 -4.72 49.12
C UNK M 174 -41.00 -4.52 49.35
N UNK M 175 -41.35 -3.64 50.29
CA UNK M 175 -42.77 -3.38 50.58
C UNK M 175 -43.49 -2.58 49.49
N UNK M 176 -42.79 -1.58 48.94
CA UNK M 176 -43.33 -0.76 47.86
C UNK M 176 -43.48 -1.59 46.62
N UNK M 177 -42.69 -2.63 46.51
CA UNK M 177 -42.81 -3.50 45.34
C UNK M 177 -44.03 -4.38 45.55
N UNK M 178 -44.27 -4.80 46.79
CA UNK M 178 -45.43 -5.64 47.10
C UNK M 178 -46.76 -4.91 46.99
N UNK M 179 -46.80 -3.67 47.47
CA UNK M 179 -48.01 -2.86 47.28
C UNK M 179 -48.31 -2.73 45.81
N UNK M 180 -47.28 -2.34 45.07
CA UNK M 180 -47.39 -2.18 43.62
C UNK M 180 -47.92 -3.44 42.98
N UNK M 181 -47.33 -4.58 43.30
CA UNK M 181 -47.76 -5.82 42.71
C UNK M 181 -49.16 -6.19 43.13
N UNK M 182 -49.48 -5.94 44.39
CA UNK M 182 -50.83 -6.27 44.85
C UNK M 182 -51.81 -5.52 44.02
N UNK M 183 -51.56 -4.23 43.84
CA UNK M 183 -52.43 -3.40 43.01
C UNK M 183 -52.59 -4.10 41.64
N UNK M 184 -51.48 -4.61 41.10
CA UNK M 184 -51.53 -5.32 39.84
C UNK M 184 -52.42 -6.55 39.96
N UNK M 185 -52.29 -7.27 41.07
CA UNK M 185 -53.13 -8.44 41.37
C UNK M 185 -54.61 -8.12 41.34
N UNK M 186 -55.02 -7.00 41.93
CA UNK M 186 -56.45 -6.61 41.94
C UNK M 186 -56.95 -6.28 40.52
N UNK M 187 -56.14 -5.56 39.77
CA UNK M 187 -56.54 -5.13 38.45
C UNK M 187 -56.54 -6.30 37.47
N UNK M 188 -55.62 -7.23 37.64
CA UNK M 188 -55.53 -8.37 36.74
C UNK M 188 -56.70 -9.28 37.00
N UNK M 189 -56.93 -9.62 38.25
CA UNK M 189 -58.03 -10.47 38.61
C UNK M 189 -59.31 -9.89 38.04
N UNK M 190 -59.48 -8.58 38.21
CA UNK M 190 -60.68 -7.93 37.73
C UNK M 190 -60.82 -7.95 36.22
N UNK M 191 -59.71 -7.67 35.53
CA UNK M 191 -59.67 -7.62 34.06
C UNK M 191 -59.61 -9.00 33.40
N UNK M 192 -58.64 -9.82 33.80
CA UNK M 192 -58.41 -11.14 33.22
C UNK M 192 -59.37 -12.21 33.72
N UNK M 193 -59.74 -12.12 35.00
CA UNK M 193 -60.63 -13.08 35.63
C UNK M 193 -59.88 -14.37 35.99
N UNK M 194 -58.56 -14.36 35.84
CA UNK M 194 -57.73 -15.54 36.16
C UNK M 194 -56.68 -15.27 37.25
N UNK M 195 -56.06 -16.33 37.78
CA UNK M 195 -55.04 -16.21 38.82
C UNK M 195 -53.82 -15.48 38.27
N UNK M 196 -53.11 -14.76 39.14
CA UNK M 196 -51.96 -13.95 38.73
C UNK M 196 -50.78 -14.78 38.21
N UNK M 197 -50.83 -16.08 38.50
CA UNK M 197 -49.81 -17.02 38.09
C UNK M 197 -50.26 -17.56 36.75
N UNK M 198 -51.56 -17.73 36.61
CA UNK M 198 -52.11 -18.17 35.33
C UNK M 198 -52.04 -17.03 34.29
N UNK M 199 -51.62 -15.83 34.71
CA UNK M 199 -51.46 -14.71 33.79
C UNK M 199 -50.02 -14.75 33.28
N UNK M 200 -49.14 -15.17 34.15
CA UNK M 200 -47.74 -15.24 33.81
C UNK M 200 -47.56 -16.39 32.83
N UNK M 201 -48.21 -17.50 33.11
CA UNK M 201 -48.14 -18.65 32.23
C UNK M 201 -48.72 -18.33 30.85
N UNK M 202 -49.80 -17.57 30.84
CA UNK M 202 -50.47 -17.19 29.61
C UNK M 202 -49.67 -16.13 28.80
N UNK M 203 -49.01 -15.21 29.51
CA UNK M 203 -48.18 -14.19 28.86
C UNK M 203 -46.96 -14.88 28.21
N UNK M 204 -46.28 -15.70 29.01
CA UNK M 204 -45.08 -16.38 28.56
C UNK M 204 -45.30 -17.30 27.37
N UNK M 205 -46.50 -17.86 27.27
CA UNK M 205 -46.82 -18.72 26.15
C UNK M 205 -46.87 -17.89 24.87
N UNK M 206 -47.18 -16.60 24.98
CA UNK M 206 -47.27 -15.73 23.81
C UNK M 206 -47.13 -14.23 24.17
N UNK M 207 -46.03 -13.87 24.81
CA UNK M 207 -45.77 -12.50 25.26
C UNK M 207 -46.32 -11.38 24.37
N UNK M 208 -46.36 -11.62 23.06
CA UNK M 208 -46.79 -10.61 22.12
C UNK M 208 -48.29 -10.56 21.93
N UNK M 209 -48.96 -11.68 22.12
CA UNK M 209 -50.42 -11.73 21.96
C UNK M 209 -51.18 -11.83 23.30
N UNK M 210 -50.58 -12.41 24.33
CA UNK M 210 -51.23 -12.56 25.62
C UNK M 210 -50.70 -11.53 26.61
N UNK M 211 -51.27 -10.32 26.57
CA UNK M 211 -50.89 -9.22 27.45
C UNK M 211 -52.09 -8.28 27.63
N UNK M 212 -51.92 -7.20 28.39
CA UNK M 212 -53.06 -6.31 28.71
C UNK M 212 -53.80 -5.73 27.51
N UNK M 213 -53.06 -5.46 26.45
CA UNK M 213 -53.62 -4.86 25.24
C UNK M 213 -54.75 -5.67 24.64
N UNK M 214 -54.70 -6.99 24.79
CA UNK M 214 -55.76 -7.84 24.28
C UNK M 214 -57.11 -7.61 25.01
N UNK M 215 -57.04 -7.00 26.19
CA UNK M 215 -58.23 -6.68 26.98
C UNK M 215 -58.63 -5.21 26.78
N UNK M 216 -57.94 -4.50 25.89
CA UNK M 216 -58.18 -3.08 25.69
C UNK M 216 -59.57 -2.67 25.24
N UNK M 217 -60.24 -3.51 24.43
CA UNK M 217 -61.56 -3.19 23.89
C UNK M 217 -62.71 -3.65 24.76
N UNK M 218 -62.39 -4.39 25.81
CA UNK M 218 -63.41 -4.82 26.74
C UNK M 218 -63.58 -3.58 27.62
N UNK M 219 -64.72 -3.46 28.29
CA UNK M 219 -64.97 -2.30 29.15
C UNK M 219 -65.27 -1.03 28.38
N UNK M 220 -65.87 -1.15 27.20
CA UNK M 220 -66.16 0.03 26.40
C UNK M 220 -67.65 0.29 26.32
N UNK M 221 -68.04 1.52 26.62
CA UNK M 221 -69.44 1.89 26.55
C UNK M 221 -69.98 1.54 25.15
N UNK M 222 -71.27 1.28 25.08
CA UNK M 222 -71.87 0.83 23.84
C UNK M 222 -72.22 -0.62 24.15
N UNK M 223 -72.23 -1.50 23.14
CA UNK M 223 -72.55 -2.88 23.43
C UNK M 223 -71.39 -3.69 23.98
N UNK N 1 39.54 -9.40 36.38
CA UNK N 1 39.35 -8.27 35.48
C UNK N 1 40.30 -8.35 34.29
N UNK N 2 39.87 -7.81 33.15
CA UNK N 2 40.74 -7.76 31.97
C UNK N 2 41.99 -6.97 32.30
N UNK N 3 43.12 -7.41 31.76
CA UNK N 3 44.34 -6.65 31.87
C UNK N 3 44.39 -5.64 30.73
N UNK N 4 44.88 -4.42 31.02
CA UNK N 4 45.09 -3.39 30.02
C UNK N 4 46.47 -2.80 30.23
N UNK N 5 47.25 -2.71 29.16
CA UNK N 5 48.61 -2.20 29.26
C UNK N 5 48.84 -1.10 28.22
N UNK N 6 49.80 -0.24 28.54
CA UNK N 6 50.27 0.82 27.66
C UNK N 6 51.74 0.54 27.37
N UNK N 7 52.17 0.86 26.15
CA UNK N 7 53.55 0.63 25.72
C UNK N 7 54.18 1.96 25.33
N UNK N 8 55.50 2.07 25.54
CA UNK N 8 56.17 3.36 25.38
C UNK N 8 56.22 3.84 23.94
N UNK N 9 55.66 3.07 22.99
CA UNK N 9 55.40 3.59 21.65
C UNK N 9 54.30 4.63 21.65
N UNK N 10 53.62 4.83 22.78
CA UNK N 10 52.53 5.78 22.88
C UNK N 10 53.01 7.19 22.57
N UNK N 11 52.21 7.91 21.77
CA UNK N 11 52.52 9.28 21.37
C UNK N 11 51.64 10.30 22.08
N UNK N 12 50.76 9.87 22.99
CA UNK N 12 49.94 10.76 23.79
C UNK N 12 48.93 11.58 23.02
N UNK N 13 48.17 10.94 22.14
CA UNK N 13 47.11 11.61 21.40
C UNK N 13 45.78 11.63 22.14
N UNK N 14 45.68 10.91 23.27
CA UNK N 14 44.55 10.87 24.19
C UNK N 14 43.34 10.12 23.65
N UNK N 15 43.43 9.54 22.45
CA UNK N 15 42.23 8.96 21.81
C UNK N 15 41.75 7.68 22.51
N UNK N 16 42.65 6.91 23.13
CA UNK N 16 42.19 5.74 23.87
C UNK N 16 41.31 6.14 25.05
N UNK N 17 41.70 7.19 25.78
CA UNK N 17 40.89 7.67 26.90
C UNK N 17 39.56 8.22 26.40
N UNK N 18 39.60 8.97 25.29
CA UNK N 18 38.36 9.53 24.75
C UNK N 18 37.41 8.44 24.31
N UNK N 19 37.95 7.32 23.84
CA UNK N 19 37.11 6.23 23.35
C UNK N 19 36.53 5.37 24.46
N UNK N 20 37.20 5.30 25.61
CA UNK N 20 36.83 4.34 26.64
C UNK N 20 35.44 4.64 27.20
N UNK N 21 34.52 3.67 27.19
CA UNK N 21 33.16 3.90 27.67
C UNK N 21 32.94 3.64 29.15
N UNK N 22 33.98 3.25 29.90
CA UNK N 22 33.85 3.03 31.33
C UNK N 22 34.88 3.82 32.14
N UNK N 23 35.66 4.68 31.49
CA UNK N 23 36.71 5.47 32.13
C UNK N 23 37.68 4.55 32.88
N UNK N 24 38.53 3.90 32.09
CA UNK N 24 39.56 3.02 32.63
C UNK N 24 40.91 3.73 32.55
N UNK N 25 41.06 4.59 31.54
CA UNK N 25 42.34 5.13 31.12
C UNK N 25 42.47 6.61 31.47
N UNK N 26 43.70 7.05 31.71
CA UNK N 26 44.04 8.43 31.98
C UNK N 26 45.26 8.83 31.16
N UNK N 27 45.50 10.14 31.12
CA UNK N 27 46.72 10.69 30.56
C UNK N 27 47.59 11.18 31.72
N UNK N 28 48.81 10.66 31.80
CA UNK N 28 49.75 11.03 32.85
C UNK N 28 50.95 11.70 32.18
N UNK N 29 51.67 12.55 32.92
CA UNK N 29 52.85 13.19 32.33
C UNK N 29 53.97 12.18 32.07
N UNK N 30 54.81 12.52 31.10
CA UNK N 30 55.87 11.65 30.61
C UNK N 30 56.78 12.50 29.74
N UNK N 31 58.05 12.07 29.62
CA UNK N 31 59.01 12.80 28.82
C UNK N 31 59.42 12.15 27.52
N UNK N 32 58.79 11.05 27.12
CA UNK N 32 59.25 10.25 26.00
C UNK N 32 58.72 10.60 24.63
N UNK N 33 57.69 11.43 24.54
CA UNK N 33 57.17 11.91 23.26
C UNK N 33 56.99 13.42 23.31
N UNK N 34 56.58 14.00 22.19
CA UNK N 34 56.42 15.45 22.11
C UNK N 34 55.23 15.93 22.92
N UNK N 35 54.12 15.19 22.88
CA UNK N 35 52.93 15.56 23.64
C UNK N 35 53.16 15.48 25.14
N UNK N 36 54.29 14.94 25.58
CA UNK N 36 54.71 14.92 26.98
C UNK N 36 53.70 14.18 27.87
N UNK N 37 52.91 13.29 27.29
CA UNK N 37 51.91 12.55 28.04
C UNK N 37 51.84 11.13 27.50
N UNK N 38 51.50 10.20 28.39
CA UNK N 38 51.37 8.80 28.04
C UNK N 38 50.11 8.26 28.72
N UNK N 39 49.51 7.26 28.13
CA UNK N 39 48.27 6.73 28.68
C UNK N 39 48.56 5.84 29.88
N UNK N 40 47.50 5.49 30.60
CA UNK N 40 47.62 4.65 31.77
C UNK N 40 46.26 4.03 32.04
N UNK N 41 46.26 2.85 32.67
CA UNK N 41 45.05 2.07 32.94
C UNK N 41 44.92 1.80 34.42
N UNK N 42 44.57 2.82 35.23
CA UNK N 42 44.47 2.62 36.68
C UNK N 42 43.15 2.03 37.15
N UNK N 43 42.16 1.85 36.28
CA UNK N 43 40.83 1.42 36.71
C UNK N 43 40.35 0.24 35.88
N UNK N 44 41.21 -0.76 35.67
CA UNK N 44 40.84 -1.89 34.83
C UNK N 44 39.76 -2.76 35.47
N UNK N 45 39.43 -2.55 36.74
CA UNK N 45 38.33 -3.30 37.32
C UNK N 45 36.99 -2.91 36.70
N UNK N 46 36.93 -1.76 36.03
CA UNK N 46 35.76 -1.32 35.30
C UNK N 46 35.85 -1.63 33.82
N UNK N 47 36.96 -2.21 33.38
CA UNK N 47 37.19 -2.47 31.97
C UNK N 47 36.25 -3.55 31.47
N UNK N 48 35.47 -3.25 30.43
CA UNK N 48 34.54 -4.24 29.90
C UNK N 48 35.12 -5.02 28.73
N UNK N 49 36.25 -4.59 28.16
CA UNK N 49 36.92 -5.36 27.13
C UNK N 49 36.44 -5.13 25.71
N UNK N 50 35.84 -3.98 25.42
CA UNK N 50 35.27 -3.71 24.09
C UNK N 50 36.33 -3.33 23.07
N UNK N 51 37.54 -2.96 23.52
CA UNK N 51 38.67 -2.60 22.66
C UNK N 51 38.39 -1.38 21.77
N UNK N 52 37.54 -0.46 22.22
CA UNK N 52 37.40 0.81 21.51
C UNK N 52 38.70 1.61 21.54
N UNK N 53 39.42 1.53 22.65
CA UNK N 53 40.74 2.15 22.74
C UNK N 53 41.67 1.63 21.66
N UNK N 54 41.70 0.30 21.48
CA UNK N 54 42.55 -0.29 20.44
C UNK N 54 42.12 0.14 19.06
N UNK N 55 40.80 0.21 18.81
CA UNK N 55 40.32 0.80 17.57
C UNK N 55 40.76 2.25 17.41
N UNK N 56 41.06 2.94 18.51
CA UNK N 56 41.40 4.36 18.46
C UNK N 56 42.90 4.63 18.33
N UNK N 57 43.76 3.64 18.55
CA UNK N 57 45.19 3.90 18.60
C UNK N 57 45.76 4.06 17.19
N UNK N 58 46.54 5.11 16.93
CA UNK N 58 47.19 5.28 15.63
C UNK N 58 48.58 4.69 15.52
N UNK N 59 49.10 4.09 16.59
CA UNK N 59 50.47 3.60 16.60
C UNK N 59 50.54 2.23 15.94
N UNK N 60 51.61 2.00 15.20
CA UNK N 60 51.85 0.73 14.54
C UNK N 60 53.11 0.05 15.07
N UNK N 61 52.98 -0.99 15.90
CA UNK N 61 51.70 -1.58 16.29
C UNK N 61 51.08 -0.85 17.49
N UNK N 62 49.97 -1.38 18.02
CA UNK N 62 49.20 -0.71 19.05
C UNK N 62 50.05 -0.38 20.27
N UNK N 63 49.64 0.67 20.98
CA UNK N 63 50.25 1.03 22.26
C UNK N 63 49.30 0.84 23.45
N UNK N 64 48.01 0.62 23.21
CA UNK N 64 47.11 0.03 24.20
C UNK N 64 46.94 -1.43 23.84
N UNK N 65 46.91 -2.30 24.84
CA UNK N 65 46.48 -3.68 24.62
C UNK N 65 45.51 -4.09 25.70
N UNK N 66 44.43 -4.71 25.29
CA UNK N 66 43.44 -5.28 26.19
C UNK N 66 43.59 -6.80 26.12
N UNK N 67 44.06 -7.39 27.20
CA UNK N 67 44.15 -8.84 27.35
C UNK N 67 42.94 -9.28 28.17
N UNK N 68 41.88 -9.70 27.48
CA UNK N 68 40.71 -10.26 28.15
C UNK N 68 41.11 -11.37 29.10
N UNK N 69 40.62 -11.28 30.33
CA UNK N 69 41.06 -12.13 31.42
C UNK N 69 39.87 -12.57 32.26
N UNK N 70 40.04 -12.69 33.57
CA UNK N 70 39.01 -13.23 34.44
C UNK N 70 37.75 -12.36 34.42
N UNK N 71 36.62 -12.99 34.17
CA UNK N 71 35.35 -12.28 34.03
C UNK N 71 34.76 -11.92 35.39
N UNK N 72 34.15 -10.75 35.46
CA UNK N 72 33.42 -10.27 36.63
C UNK N 72 32.08 -9.70 36.17
N UNK N 73 31.23 -9.35 37.15
CA UNK N 73 29.98 -8.67 36.83
C UNK N 73 30.25 -7.39 36.05
N UNK N 74 31.29 -6.65 36.42
CA UNK N 74 31.62 -5.42 35.72
C UNK N 74 32.18 -5.68 34.33
N UNK N 75 32.97 -6.74 34.17
CA UNK N 75 33.58 -6.99 32.87
C UNK N 75 32.58 -7.59 31.90
N UNK N 76 31.57 -8.29 32.39
CA UNK N 76 30.51 -8.81 31.53
C UNK N 76 29.43 -7.79 31.24
N UNK N 77 29.56 -6.55 31.74
CA UNK N 77 28.60 -5.51 31.45
C UNK N 77 27.20 -5.80 31.94
N UNK N 78 27.08 -6.52 33.04
CA UNK N 78 25.76 -6.91 33.55
C UNK N 78 25.15 -5.79 34.36
N UNK N 79 23.90 -5.45 34.06
CA UNK N 79 23.11 -4.56 34.89
C UNK N 79 22.19 -5.32 35.82
N UNK N 80 22.48 -6.60 36.06
CA UNK N 80 21.64 -7.46 36.87
C UNK N 80 22.48 -8.50 37.62
N UNK O 1 -71.75 15.83 84.30
CA UNK O 1 -72.30 17.19 84.39
C UNK O 1 -71.40 18.15 85.20
N UNK O 2 -70.12 18.16 84.85
CA UNK O 2 -69.12 19.07 85.45
C UNK O 2 -68.16 19.57 84.34
N UNK O 3 -67.09 20.26 84.74
CA UNK O 3 -66.08 20.79 83.80
C UNK O 3 -64.99 19.73 83.54
N UNK O 4 -64.50 19.65 82.31
CA UNK O 4 -63.52 18.63 81.92
C UNK O 4 -64.17 17.23 81.80
N UNK O 5 -65.50 17.21 81.62
CA UNK O 5 -66.30 15.97 81.50
C UNK O 5 -65.73 14.96 80.47
N UNK O 6 -66.39 13.82 80.25
CA UNK O 6 -65.81 12.78 79.39
C UNK O 6 -65.73 13.08 77.89
N UNK O 7 -66.36 14.15 77.45
CA UNK O 7 -66.43 14.52 76.04
C UNK O 7 -65.41 15.59 75.63
N UNK O 8 -64.88 16.28 76.63
CA UNK O 8 -63.88 17.30 76.41
C UNK O 8 -62.75 17.14 77.44
N UNK O 9 -61.63 17.81 77.19
CA UNK O 9 -60.51 17.79 78.14
C UNK O 9 -59.54 16.64 77.92
N UNK O 10 -58.35 16.77 78.52
CA UNK O 10 -57.33 15.75 78.38
C UNK O 10 -57.82 14.40 78.87
N UNK O 11 -58.96 14.38 79.56
CA UNK O 11 -59.43 13.10 80.05
C UNK O 11 -60.66 12.50 79.36
N UNK O 12 -61.00 13.03 78.20
CA UNK O 12 -62.13 12.54 77.45
C UNK O 12 -62.03 11.07 77.11
N UNK O 13 -63.13 10.54 76.61
CA UNK O 13 -63.14 9.16 76.15
C UNK O 13 -62.59 9.14 74.71
N UNK O 14 -61.93 8.03 74.35
CA UNK O 14 -61.24 7.86 73.05
C UNK O 14 -61.69 6.64 72.20
N UNK O 15 -61.48 6.75 70.88
CA UNK O 15 -61.99 5.77 69.92
C UNK O 15 -61.51 4.35 70.02
N UNK O 16 -60.42 4.11 70.72
CA UNK O 16 -59.93 2.74 70.87
C UNK O 16 -60.09 2.32 72.30
N UNK O 17 -60.90 3.10 73.01
CA UNK O 17 -61.11 2.89 74.43
C UNK O 17 -59.74 3.01 75.10
N UNK O 18 -59.50 2.11 76.04
CA UNK O 18 -58.24 2.05 76.77
C UNK O 18 -57.00 1.91 75.88
N UNK O 19 -57.20 1.49 74.64
CA UNK O 19 -56.09 1.31 73.72
C UNK O 19 -55.78 2.54 72.90
N UNK O 20 -56.52 3.63 73.12
CA UNK O 20 -56.29 4.83 72.31
C UNK O 20 -54.84 5.29 72.42
N UNK O 21 -54.20 4.94 73.52
CA UNK O 21 -52.80 5.33 73.72
C UNK O 21 -52.66 6.83 73.53
N UNK O 22 -51.56 7.26 72.94
CA UNK O 22 -51.34 8.68 72.71
C UNK O 22 -52.12 9.23 71.49
N UNK O 23 -52.52 10.49 71.55
CA UNK O 23 -53.28 11.05 70.45
C UNK O 23 -52.58 12.23 69.79
N UNK O 24 -53.02 12.53 68.57
CA UNK O 24 -52.45 13.61 67.78
C UNK O 24 -52.34 14.85 68.66
N UNK O 25 -51.18 15.51 68.64
CA UNK O 25 -51.00 16.68 69.50
C UNK O 25 -52.04 17.79 69.31
N UNK O 26 -52.73 17.78 68.16
CA UNK O 26 -53.71 18.81 67.82
C UNK O 26 -55.17 18.49 68.23
N UNK O 27 -55.39 17.24 68.66
CA UNK O 27 -56.70 16.79 69.15
C UNK O 27 -56.60 16.85 70.66
N UNK O 28 -56.74 18.06 71.18
CA UNK O 28 -56.59 18.33 72.60
C UNK O 28 -57.93 18.33 73.30
N UNK O 29 -58.86 17.52 72.77
CA UNK O 29 -60.18 17.38 73.35
C UNK O 29 -60.85 18.71 73.67
N UNK O 30 -60.70 19.67 72.77
CA UNK O 30 -61.32 20.96 72.97
C UNK O 30 -62.50 21.23 72.03
N UNK O 31 -62.76 20.28 71.12
CA UNK O 31 -63.88 20.41 70.16
C UNK O 31 -64.78 19.19 70.27
N UNK O 32 -66.09 19.40 70.11
CA UNK O 32 -67.06 18.31 70.17
C UNK O 32 -66.70 17.11 69.30
N UNK O 33 -66.93 15.92 69.83
CA UNK O 33 -66.72 14.71 69.05
C UNK O 33 -65.25 14.35 68.90
N UNK O 34 -64.41 14.91 69.76
CA UNK O 34 -62.98 14.62 69.76
C UNK O 34 -62.69 13.31 70.50
N UNK O 35 -62.61 12.22 69.75
CA UNK O 35 -62.28 10.91 70.29
C UNK O 35 -60.79 10.63 70.08
N UNK O 36 -60.05 11.68 69.73
CA UNK O 36 -58.61 11.60 69.48
C UNK O 36 -58.24 10.76 68.26
N UNK O 37 -59.09 10.78 67.24
CA UNK O 37 -58.91 9.98 66.04
C UNK O 37 -58.53 10.73 64.76
N UNK O 38 -57.28 10.57 64.36
CA UNK O 38 -56.78 11.16 63.14
C UNK O 38 -55.52 10.43 62.71
N UNK O 39 -55.69 9.13 62.43
CA UNK O 39 -54.61 8.27 61.98
C UNK O 39 -54.01 8.71 60.64
N UNK O 40 -54.80 9.34 59.78
CA UNK O 40 -54.30 9.79 58.48
C UNK O 40 -53.62 11.17 58.43
N UNK O 41 -53.67 11.92 59.54
CA UNK O 41 -53.10 13.25 59.64
C UNK O 41 -53.91 14.34 58.91
N UNK O 42 -55.09 13.98 58.39
CA UNK O 42 -55.94 14.91 57.62
C UNK O 42 -56.22 16.26 58.26
N UNK O 43 -56.32 16.30 59.58
CA UNK O 43 -56.63 17.57 60.22
C UNK O 43 -55.42 18.13 60.96
N UNK O 44 -54.23 17.82 60.44
CA UNK O 44 -52.97 18.27 61.06
C UNK O 44 -52.77 19.78 61.01
N UNK O 45 -53.22 20.43 59.92
CA UNK O 45 -53.19 21.89 59.83
C UNK O 45 -54.42 22.48 60.51
N UNK O 46 -54.22 23.54 61.28
CA UNK O 46 -55.29 24.17 62.07
C UNK O 46 -56.46 24.73 61.26
N UNK O 47 -56.18 25.16 60.04
CA UNK O 47 -57.20 25.69 59.15
C UNK O 47 -57.90 24.57 58.36
N UNK O 48 -57.20 23.51 58.01
CA UNK O 48 -57.81 22.38 57.31
C UNK O 48 -58.64 21.63 58.33
N UNK O 49 -58.20 21.69 59.58
CA UNK O 49 -58.91 21.04 60.67
C UNK O 49 -60.23 21.80 60.77
N UNK O 50 -60.14 23.13 60.79
CA UNK O 50 -61.33 23.97 60.86
C UNK O 50 -62.37 23.68 59.80
N UNK O 51 -61.93 23.33 58.61
CA UNK O 51 -62.83 23.06 57.50
C UNK O 51 -63.40 21.65 57.54
N UNK O 52 -62.62 20.70 58.01
CA UNK O 52 -63.09 19.32 58.12
C UNK O 52 -64.19 19.26 59.19
N UNK O 53 -64.08 20.09 60.22
CA UNK O 53 -65.09 20.15 61.25
C UNK O 53 -66.42 20.64 60.69
N UNK O 54 -66.37 21.64 59.81
CA UNK O 54 -67.57 22.15 59.16
C UNK O 54 -68.15 21.16 58.14
N UNK O 55 -67.29 20.51 57.38
CA UNK O 55 -67.73 19.52 56.40
C UNK O 55 -68.39 18.40 57.16
N UNK O 56 -67.84 18.09 58.33
CA UNK O 56 -68.37 17.01 59.17
C UNK O 56 -69.72 17.35 59.76
N UNK O 57 -69.84 18.53 60.34
CA UNK O 57 -71.12 18.93 60.92
C UNK O 57 -72.23 19.10 59.88
N UNK O 58 -71.86 19.52 58.67
CA UNK O 58 -72.84 19.71 57.63
C UNK O 58 -73.21 18.40 56.97
N UNK O 59 -72.30 17.45 56.94
CA UNK O 59 -72.61 16.16 56.35
C UNK O 59 -73.49 15.45 57.34
N UNK O 60 -73.21 15.67 58.63
CA UNK O 60 -74.02 15.10 59.72
C UNK O 60 -75.49 15.57 59.56
N UNK O 61 -75.71 16.88 59.51
CA UNK O 61 -77.06 17.42 59.39
C UNK O 61 -77.77 16.92 58.16
N UNK O 62 -77.03 16.71 57.10
CA UNK O 62 -77.63 16.24 55.87
C UNK O 62 -77.97 14.75 55.98
N UNK O 63 -77.11 14.01 56.68
CA UNK O 63 -77.24 12.56 56.80
C UNK O 63 -78.36 12.21 57.73
N UNK O 64 -78.46 12.95 58.82
CA UNK O 64 -79.57 12.74 59.75
C UNK O 64 -80.91 12.83 59.03
N UNK O 65 -81.08 13.87 58.22
CA UNK O 65 -82.29 14.07 57.45
C UNK O 65 -82.50 12.99 56.37
N UNK O 66 -81.42 12.60 55.70
CA UNK O 66 -81.51 11.59 54.66
C UNK O 66 -81.84 10.24 55.26
N UNK O 67 -81.15 9.88 56.34
CA UNK O 67 -81.40 8.62 57.04
C UNK O 67 -82.87 8.52 57.38
N UNK O 68 -83.36 9.42 58.23
CA UNK O 68 -84.78 9.45 58.59
C UNK O 68 -85.66 9.47 57.34
N UNK O 69 -85.24 10.23 56.33
CA UNK O 69 -86.00 10.39 55.09
C UNK O 69 -86.04 9.16 54.17
N UNK O 70 -84.88 8.54 54.00
CA UNK O 70 -84.77 7.35 53.20
C UNK O 70 -85.63 6.23 53.81
N UNK O 71 -85.71 6.16 55.14
CA UNK O 71 -86.49 5.11 55.79
C UNK O 71 -88.01 5.35 55.92
N UNK O 72 -88.41 6.54 56.36
CA UNK O 72 -89.82 6.86 56.59
C UNK O 72 -90.85 6.29 55.61
N UNK O 73 -90.82 6.73 54.35
CA UNK O 73 -91.75 6.20 53.34
C UNK O 73 -91.78 4.67 53.32
N UNK O 74 -90.62 4.02 53.45
CA UNK O 74 -90.61 2.57 53.47
C UNK O 74 -91.42 2.05 54.66
N UNK O 75 -91.15 2.59 55.84
CA UNK O 75 -91.83 2.20 57.08
C UNK O 75 -93.35 2.32 56.98
N UNK O 76 -93.83 3.42 56.42
CA UNK O 76 -95.26 3.65 56.31
C UNK O 76 -95.82 2.69 55.28
N UNK O 77 -95.13 2.58 54.14
CA UNK O 77 -95.60 1.73 53.07
C UNK O 77 -95.74 0.30 53.53
N UNK O 78 -94.98 -0.06 54.55
CA UNK O 78 -95.05 -1.43 55.04
C UNK O 78 -96.13 -1.56 56.09
N UNK O 79 -96.76 -0.44 56.43
CA UNK O 79 -97.82 -0.42 57.43
C UNK O 79 -99.14 0.01 56.81
N UNK O 80 -99.25 -0.21 55.50
CA UNK O 80 -100.47 0.12 54.75
C UNK O 80 -100.40 1.30 53.75
N UNK O 81 -99.65 2.35 54.07
CA UNK O 81 -99.58 3.54 53.20
C UNK O 81 -99.08 3.14 51.81
N UNK O 82 -99.75 3.61 50.77
CA UNK O 82 -99.37 3.24 49.41
C UNK O 82 -98.74 4.41 48.67
N UNK O 83 -97.46 4.29 48.34
CA UNK O 83 -96.79 5.35 47.61
C UNK O 83 -96.58 4.82 46.22
N UNK O 84 -96.13 5.66 45.30
CA UNK O 84 -95.79 5.21 43.95
C UNK O 84 -94.63 4.20 44.08
N UNK O 85 -93.59 4.62 44.82
CA UNK O 85 -92.44 3.78 45.17
C UNK O 85 -91.87 4.34 46.47
N UNK O 86 -91.85 3.51 47.50
CA UNK O 86 -91.40 3.93 48.83
C UNK O 86 -89.89 3.78 49.01
N UNK O 87 -89.34 2.74 48.38
CA UNK O 87 -87.93 2.42 48.47
C UNK O 87 -87.09 3.61 48.06
N UNK O 88 -86.34 4.17 49.00
CA UNK O 88 -85.59 5.40 48.80
C UNK O 88 -84.85 5.56 47.47
N UNK O 89 -84.13 4.54 47.04
CA UNK O 89 -83.39 4.61 45.78
C UNK O 89 -84.22 4.36 44.52
N UNK O 90 -85.54 4.30 44.64
CA UNK O 90 -86.43 4.14 43.47
C UNK O 90 -87.44 5.29 43.45
N UNK O 91 -87.40 6.12 44.50
CA UNK O 91 -88.34 7.22 44.72
C UNK O 91 -88.26 8.34 43.73
N UNK O 92 -87.10 8.58 43.15
CA UNK O 92 -87.01 9.65 42.17
C UNK O 92 -87.76 9.25 40.89
N UNK O 93 -87.73 7.97 40.57
CA UNK O 93 -88.34 7.48 39.33
C UNK O 93 -89.84 7.71 39.15
N UNK O 94 -90.55 7.96 40.25
CA UNK O 94 -92.01 8.14 40.19
C UNK O 94 -92.48 9.46 39.58
N UNK O 95 -91.55 10.36 39.31
CA UNK O 95 -91.90 11.60 38.65
C UNK O 95 -91.96 11.35 37.15
N UNK O 96 -91.70 10.11 36.75
CA UNK O 96 -91.75 9.74 35.34
C UNK O 96 -93.01 8.90 35.19
N UNK O 97 -93.61 8.55 36.30
CA UNK O 97 -94.80 7.71 36.31
C UNK O 97 -96.00 8.39 35.65
N UNK O 98 -96.96 7.57 35.25
CA UNK O 98 -98.18 8.06 34.61
C UNK O 98 -98.80 9.26 35.35
N UNK O 99 -99.15 9.08 36.61
CA UNK O 99 -99.80 10.15 37.38
C UNK O 99 -98.87 11.18 38.06
N UNK O 100 -97.57 11.03 37.85
CA UNK O 100 -96.60 11.95 38.45
C UNK O 100 -96.22 11.52 39.87
N UNK O 101 -95.81 12.50 40.66
CA UNK O 101 -95.35 12.27 42.04
C UNK O 101 -96.41 12.75 43.04
N UNK O 102 -97.05 11.82 43.75
CA UNK O 102 -98.07 12.19 44.71
C UNK O 102 -97.58 11.96 46.15
N UNK O 103 -97.48 13.04 46.91
CA UNK O 103 -97.02 12.95 48.28
C UNK O 103 -97.93 12.05 49.14
N UNK O 104 -97.32 11.11 49.87
CA UNK O 104 -98.06 10.20 50.71
C UNK O 104 -99.06 9.41 49.89
N UNK O 105 -98.89 9.48 48.56
CA UNK O 105 -99.73 8.75 47.63
C UNK O 105 -101.06 9.46 47.39
N UNK O 106 -101.08 10.77 47.61
CA UNK O 106 -102.28 11.60 47.47
C UNK O 106 -102.24 12.64 46.33
N UNK O 107 -103.02 12.39 45.28
CA UNK O 107 -103.09 13.27 44.13
C UNK O 107 -103.28 14.75 44.46
N UNK O 108 -103.81 15.05 45.65
CA UNK O 108 -104.02 16.45 46.07
C UNK O 108 -102.80 16.97 46.78
N UNK O 109 -101.74 16.17 46.76
CA UNK O 109 -100.51 16.55 47.42
C UNK O 109 -99.35 16.71 46.44
N UNK O 110 -98.96 17.96 46.21
CA UNK O 110 -97.87 18.27 45.30
C UNK O 110 -98.27 17.93 43.86
N UNK O 111 -98.51 16.64 43.62
CA UNK O 111 -98.88 16.13 42.30
C UNK O 111 -97.88 16.60 41.24
N UNK O 112 -96.58 16.51 41.54
CA UNK O 112 -95.55 16.93 40.59
C UNK O 112 -95.60 16.10 39.32
N UNK O 113 -95.40 16.77 38.18
CA UNK O 113 -95.43 16.10 36.88
C UNK O 113 -94.18 16.36 35.99
N UNK O 114 -93.36 17.36 36.38
CA UNK O 114 -92.16 17.71 35.62
C UNK O 114 -90.89 17.79 36.48
N UNK O 115 -89.87 17.04 36.07
CA UNK O 115 -88.62 17.00 36.81
C UNK O 115 -87.79 18.27 36.59
N UNK O 116 -87.82 18.77 35.37
CA UNK O 116 -87.11 20.00 35.04
C UNK O 116 -87.61 21.19 35.88
N UNK O 117 -88.87 21.12 36.32
CA UNK O 117 -89.42 22.18 37.17
C UNK O 117 -88.96 22.01 38.61
N UNK O 118 -88.84 20.75 39.02
CA UNK O 118 -88.33 20.45 40.35
C UNK O 118 -86.85 20.84 40.44
N UNK O 119 -86.09 20.45 39.43
CA UNK O 119 -84.68 20.78 39.38
C UNK O 119 -84.48 22.30 39.41
N UNK O 120 -85.18 22.99 38.53
CA UNK O 120 -85.08 24.44 38.48
C UNK O 120 -85.23 25.14 39.84
N UNK O 121 -86.35 24.86 40.50
CA UNK O 121 -86.62 25.45 41.81
C UNK O 121 -85.54 25.15 42.84
N UNK O 122 -85.19 23.86 42.95
CA UNK O 122 -84.18 23.41 43.89
C UNK O 122 -82.92 24.20 43.66
N UNK O 123 -82.54 24.30 42.39
CA UNK O 123 -81.33 25.02 42.02
C UNK O 123 -81.38 26.43 42.62
N UNK O 124 -82.45 27.15 42.33
CA UNK O 124 -82.63 28.52 42.82
C UNK O 124 -82.72 28.62 44.34
N UNK O 125 -83.62 27.84 44.93
CA UNK O 125 -83.81 27.83 46.39
C UNK O 125 -82.55 27.45 47.18
N UNK O 126 -81.95 26.32 46.81
CA UNK O 126 -80.80 25.81 47.51
C UNK O 126 -79.63 26.79 47.29
N UNK O 127 -79.50 27.26 46.05
CA UNK O 127 -78.45 28.22 45.71
C UNK O 127 -78.55 29.41 46.65
N UNK O 128 -79.80 29.82 46.92
CA UNK O 128 -80.05 30.97 47.78
C UNK O 128 -79.74 30.71 49.26
N UNK O 129 -80.35 29.68 49.83
CA UNK O 129 -80.11 29.40 51.22
C UNK O 129 -78.68 29.05 51.50
N UNK O 130 -78.02 28.40 50.54
CA UNK O 130 -76.63 28.04 50.76
C UNK O 130 -75.76 29.31 50.75
N UNK O 131 -76.09 30.23 49.84
CA UNK O 131 -75.43 31.53 49.80
C UNK O 131 -75.61 32.21 51.15
N UNK O 132 -76.84 32.26 51.64
CA UNK O 132 -77.14 32.84 52.96
C UNK O 132 -76.25 32.24 54.04
N UNK O 133 -76.07 30.92 54.00
CA UNK O 133 -75.23 30.21 55.00
C UNK O 133 -73.82 30.78 55.16
N UNK O 134 -73.17 31.10 54.04
CA UNK O 134 -71.82 31.61 54.03
C UNK O 134 -71.64 33.10 54.32
N UNK O 135 -72.50 33.95 53.76
CA UNK O 135 -72.35 35.39 53.91
C UNK O 135 -73.32 36.03 54.91
N UNK O 136 -74.47 35.37 55.08
CA UNK O 136 -75.54 35.89 55.90
C UNK O 136 -76.70 36.14 54.93
N UNK O 137 -77.83 36.66 55.43
CA UNK O 137 -78.99 36.89 54.56
C UNK O 137 -80.21 37.30 55.36
N UNK O 138 -81.39 36.79 54.97
CA UNK O 138 -82.62 37.17 55.66
C UNK O 138 -82.70 36.75 57.11
N UNK O 139 -82.25 35.54 57.44
CA UNK O 139 -82.34 35.05 58.81
C UNK O 139 -81.20 35.53 59.69
N UNK O 140 -80.40 36.46 59.18
CA UNK O 140 -79.30 37.00 59.96
C UNK O 140 -77.92 36.87 59.32
N UNK O 141 -76.97 37.55 59.97
CA UNK O 141 -75.59 37.58 59.51
C UNK O 141 -74.82 36.43 60.13
N UNK O 142 -73.73 36.04 59.46
CA UNK O 142 -72.91 34.92 59.92
C UNK O 142 -72.00 35.31 61.08
N UNK O 143 -72.35 34.89 62.29
CA UNK O 143 -71.50 35.14 63.44
C UNK O 143 -70.72 33.87 63.75
N UNK O 144 -71.40 32.73 63.66
CA UNK O 144 -70.76 31.41 63.76
C UNK O 144 -71.21 30.53 62.59
N UNK O 145 -70.26 29.98 61.86
CA UNK O 145 -70.53 29.23 60.63
C UNK O 145 -71.39 27.99 60.70
N UNK O 146 -71.28 27.25 61.81
CA UNK O 146 -72.04 26.02 62.00
C UNK O 146 -73.12 26.14 63.06
N UNK O 147 -72.92 27.11 63.94
CA UNK O 147 -73.83 27.34 65.04
C UNK O 147 -74.42 28.76 65.06
N UNK O 148 -75.08 29.16 63.97
CA UNK O 148 -75.67 30.49 63.85
C UNK O 148 -76.52 30.82 65.07
N UNK O 149 -77.44 29.91 65.39
CA UNK O 149 -78.34 30.11 66.50
C UNK O 149 -79.36 31.15 66.08
N UNK O 150 -79.74 32.02 67.01
CA UNK O 150 -80.71 33.06 66.71
C UNK O 150 -81.98 32.48 66.10
N UNK O 151 -82.16 32.64 64.80
CA UNK O 151 -83.35 32.12 64.15
C UNK O 151 -83.36 30.60 64.16
N UNK O 152 -82.18 29.99 64.23
CA UNK O 152 -82.06 28.53 64.14
C UNK O 152 -82.10 27.83 65.49
N UNK O 153 -81.91 28.62 66.56
CA UNK O 153 -82.09 28.14 67.95
C UNK O 153 -83.28 28.90 68.53
N UNK O 154 -84.47 28.70 67.96
CA UNK O 154 -85.66 29.39 68.43
C UNK O 154 -86.14 28.99 69.82
N UNK O 155 -85.80 27.78 70.28
CA UNK O 155 -86.20 27.31 71.61
C UNK O 155 -85.18 27.65 72.69
N UNK O 156 -84.03 28.21 72.28
CA UNK O 156 -83.00 28.57 73.25
C UNK O 156 -82.36 27.37 73.89
N UNK O 157 -82.46 26.22 73.23
CA UNK O 157 -81.89 24.99 73.78
C UNK O 157 -80.39 25.08 74.10
N UNK O 158 -79.66 25.82 73.28
CA UNK O 158 -78.22 25.93 73.47
C UNK O 158 -77.84 27.27 74.10
N UNK O 159 -78.83 27.93 74.69
CA UNK O 159 -78.64 29.23 75.33
C UNK O 159 -77.74 29.12 76.58
N UNK O 160 -77.70 27.94 77.18
CA UNK O 160 -76.79 27.69 78.29
C UNK O 160 -75.48 27.01 77.84
N UNK O 161 -74.35 27.70 78.04
CA UNK O 161 -73.02 27.20 77.66
C UNK O 161 -72.80 25.70 77.87
N UNK O 162 -72.76 25.31 79.14
CA UNK O 162 -72.56 23.92 79.52
C UNK O 162 -73.46 22.98 78.74
N UNK O 163 -74.71 23.37 78.53
CA UNK O 163 -75.68 22.51 77.86
C UNK O 163 -75.40 22.48 76.38
N UNK O 164 -74.92 23.60 75.86
CA UNK O 164 -74.57 23.70 74.46
C UNK O 164 -73.38 22.74 74.21
N UNK O 165 -72.42 22.75 75.13
CA UNK O 165 -71.25 21.88 75.04
C UNK O 165 -71.68 20.44 74.80
N UNK O 166 -72.65 19.99 75.58
CA UNK O 166 -73.17 18.62 75.48
C UNK O 166 -73.87 18.33 74.16
N UNK O 167 -74.75 19.25 73.75
CA UNK O 167 -75.54 19.14 72.52
C UNK O 167 -74.69 19.11 71.25
N UNK O 168 -73.67 19.96 71.15
CA UNK O 168 -72.73 19.91 70.01
C UNK O 168 -72.25 18.45 69.89
N UNK O 169 -72.07 17.80 71.04
CA UNK O 169 -71.66 16.39 71.11
C UNK O 169 -72.77 15.36 70.78
N UNK O 170 -74.01 15.59 71.18
CA UNK O 170 -75.10 14.66 70.88
C UNK O 170 -75.38 14.76 69.39
N UNK O 171 -75.26 15.98 68.88
CA UNK O 171 -75.46 16.29 67.45
C UNK O 171 -74.41 15.55 66.66
N UNK O 172 -73.16 15.80 66.98
CA UNK O 172 -72.09 15.14 66.26
C UNK O 172 -72.21 13.63 66.32
N UNK O 173 -72.63 13.08 67.46
CA UNK O 173 -72.76 11.62 67.64
C UNK O 173 -73.92 10.99 66.87
N UNK O 174 -75.07 11.65 66.90
CA UNK O 174 -76.23 11.15 66.17
C UNK O 174 -75.91 11.28 64.68
N UNK O 175 -75.14 12.32 64.34
CA UNK O 175 -74.77 12.57 62.95
C UNK O 175 -73.80 11.54 62.37
N UNK O 176 -72.79 11.16 63.16
CA UNK O 176 -71.80 10.16 62.73
C UNK O 176 -72.44 8.80 62.63
N UNK O 177 -73.55 8.61 63.34
CA UNK O 177 -74.24 7.35 63.27
C UNK O 177 -75.02 7.35 61.98
N UNK O 178 -75.56 8.51 61.61
CA UNK O 178 -76.33 8.64 60.39
C UNK O 178 -75.48 8.55 59.14
N UNK O 179 -74.32 9.20 59.15
CA UNK O 179 -73.40 9.09 58.00
C UNK O 179 -73.04 7.64 57.77
N UNK O 180 -72.64 6.99 58.85
CA UNK O 180 -72.27 5.59 58.84
C UNK O 180 -73.39 4.75 58.23
N UNK O 181 -74.59 4.92 58.76
CA UNK O 181 -75.76 4.15 58.36
C UNK O 181 -76.13 4.40 56.91
N UNK O 182 -75.93 5.63 56.47
CA UNK O 182 -76.24 6.02 55.09
C UNK O 182 -75.34 5.25 54.18
N UNK O 183 -74.06 5.21 54.54
CA UNK O 183 -73.08 4.48 53.77
C UNK O 183 -73.56 3.02 53.66
N UNK O 184 -74.09 2.50 54.76
CA UNK O 184 -74.61 1.14 54.76
C UNK O 184 -75.76 1.06 53.79
N UNK O 185 -76.60 2.08 53.79
CA UNK O 185 -77.73 2.17 52.87
C UNK O 185 -77.30 2.11 51.43
N UNK O 186 -76.23 2.82 51.06
CA UNK O 186 -75.74 2.82 49.68
C UNK O 186 -75.20 1.45 49.26
N UNK O 187 -74.42 0.86 50.16
CA UNK O 187 -73.82 -0.44 49.89
C UNK O 187 -74.84 -1.59 49.91
N UNK O 188 -75.82 -1.50 50.79
CA UNK O 188 -76.85 -2.51 50.85
C UNK O 188 -77.71 -2.47 49.61
N UNK O 189 -78.21 -1.29 49.26
CA UNK O 189 -79.00 -1.17 48.04
C UNK O 189 -78.22 -1.73 46.84
N UNK O 190 -76.97 -1.30 46.72
CA UNK O 190 -76.14 -1.75 45.59
C UNK O 190 -75.94 -3.25 45.57
N UNK O 191 -75.65 -3.84 46.74
CA UNK O 191 -75.42 -5.29 46.85
C UNK O 191 -76.70 -6.13 46.83
N UNK O 192 -77.61 -5.81 47.75
CA UNK O 192 -78.87 -6.54 47.89
C UNK O 192 -79.91 -6.25 46.82
N UNK O 193 -80.01 -4.98 46.42
CA UNK O 193 -80.99 -4.54 45.43
C UNK O 193 -82.39 -4.39 46.05
N UNK O 194 -82.45 -4.41 47.38
CA UNK O 194 -83.73 -4.24 48.09
C UNK O 194 -83.63 -3.06 49.06
N UNK O 195 -84.78 -2.66 49.61
CA UNK O 195 -84.83 -1.55 50.56
C UNK O 195 -84.16 -1.94 51.87
N UNK O 196 -83.62 -0.95 52.60
CA UNK O 196 -82.91 -1.18 53.86
C UNK O 196 -83.77 -1.76 55.00
N UNK O 197 -85.08 -1.56 54.84
CA UNK O 197 -86.09 -2.09 55.76
C UNK O 197 -86.42 -3.52 55.33
N UNK O 198 -86.45 -3.75 54.03
CA UNK O 198 -86.64 -5.10 53.53
C UNK O 198 -85.39 -5.97 53.76
N UNK O 199 -84.32 -5.35 54.29
CA UNK O 199 -83.09 -6.07 54.61
C UNK O 199 -83.17 -6.47 56.06
N UNK O 200 -83.83 -5.63 56.85
CA UNK O 200 -83.92 -5.88 58.28
C UNK O 200 -84.89 -7.02 58.48
N UNK O 201 -85.93 -7.01 57.66
CA UNK O 201 -86.95 -8.05 57.72
C UNK O 201 -86.41 -9.39 57.26
N UNK O 202 -85.58 -9.38 56.23
CA UNK O 202 -85.00 -10.60 55.68
C UNK O 202 -83.91 -11.20 56.58
N UNK O 203 -83.14 -10.33 57.24
CA UNK O 203 -82.11 -10.76 58.19
C UNK O 203 -82.81 -11.40 59.38
N UNK O 204 -83.79 -10.70 59.95
CA UNK O 204 -84.51 -11.18 61.13
C UNK O 204 -85.26 -12.50 60.95
N UNK O 205 -85.65 -12.77 59.70
CA UNK O 205 -86.33 -14.02 59.40
C UNK O 205 -85.37 -15.18 59.57
N UNK O 206 -84.09 -14.92 59.30
CA UNK O 206 -83.07 -15.95 59.37
C UNK O 206 -81.66 -15.35 59.58
N UNK O 207 -81.47 -14.62 60.68
CA UNK O 207 -80.19 -13.94 60.99
C UNK O 207 -78.92 -14.70 60.59
N UNK O 208 -78.97 -16.02 60.59
CA UNK O 208 -77.81 -16.84 60.28
C UNK O 208 -77.61 -17.14 58.80
N UNK O 209 -78.70 -17.12 58.03
CA UNK O 209 -78.62 -17.36 56.60
C UNK O 209 -78.82 -16.10 55.75
N UNK O 210 -79.57 -15.13 56.26
CA UNK O 210 -79.83 -13.94 55.47
C UNK O 210 -79.00 -12.79 56.01
N UNK O 211 -77.75 -12.71 55.55
CA UNK O 211 -76.84 -11.62 55.94
C UNK O 211 -75.85 -11.37 54.81
N UNK O 212 -74.92 -10.43 55.00
CA UNK O 212 -73.97 -10.08 53.94
C UNK O 212 -73.20 -11.26 53.31
N UNK O 213 -72.78 -12.19 54.15
CA UNK O 213 -72.02 -13.36 53.69
C UNK O 213 -72.67 -14.10 52.52
N UNK O 214 -73.99 -14.11 52.47
CA UNK O 214 -74.67 -14.79 51.38
C UNK O 214 -74.39 -14.15 50.01
N UNK O 215 -73.97 -12.87 50.03
CA UNK O 215 -73.67 -12.12 48.81
C UNK O 215 -72.14 -12.11 48.52
N UNK O 216 -71.39 -12.82 49.35
CA UNK O 216 -69.93 -12.88 49.22
C UNK O 216 -69.39 -13.36 47.87
N UNK O 217 -70.05 -14.34 47.25
CA UNK O 217 -69.61 -14.88 45.95
C UNK O 217 -70.15 -14.12 44.76
N UNK O 218 -71.01 -13.15 44.99
CA UNK O 218 -71.46 -12.36 43.87
C UNK O 218 -70.34 -11.33 43.72
N UNK O 219 -70.21 -10.76 42.53
CA UNK O 219 -69.18 -9.77 42.27
C UNK O 219 -67.78 -10.34 42.09
N UNK O 220 -67.70 -11.58 41.59
CA UNK O 220 -66.41 -12.21 41.46
C UNK O 220 -66.02 -12.35 40.02
N UNK O 221 -64.83 -11.86 39.69
CA UNK O 221 -64.31 -11.95 38.33
C UNK O 221 -64.42 -13.40 37.87
N UNK O 222 -64.54 -13.61 36.58
CA UNK O 222 -64.80 -14.95 36.05
C UNK O 222 -66.20 -14.80 35.48
N UNK O 223 -66.97 -15.89 35.44
CA UNK O 223 -68.32 -15.77 34.92
C UNK O 223 -69.32 -15.27 35.97
N UNK P 1 46.16 18.81 44.69
CA UNK P 1 45.19 18.47 45.72
C UNK P 1 43.76 18.69 45.28
N UNK P 2 42.95 17.64 45.38
CA UNK P 2 41.55 17.69 44.98
C UNK P 2 40.70 16.98 46.01
N UNK P 3 39.57 17.59 46.35
CA UNK P 3 38.64 17.02 47.31
C UNK P 3 37.36 16.61 46.59
N UNK P 4 37.03 15.32 46.56
CA UNK P 4 35.81 14.89 45.87
C UNK P 4 34.57 15.45 46.54
N UNK P 5 33.65 16.02 45.78
CA UNK P 5 32.38 16.46 46.38
C UNK P 5 31.60 15.26 46.90
N UNK P 6 31.12 15.38 48.13
CA UNK P 6 30.33 14.31 48.72
C UNK P 6 28.97 14.22 48.03
N UNK P 7 28.45 13.00 47.95
CA UNK P 7 27.13 12.81 47.39
C UNK P 7 26.08 13.38 48.33
N UNK P 8 25.31 14.35 47.84
CA UNK P 8 24.27 14.95 48.64
C UNK P 8 22.94 14.29 48.31
N UNK P 9 22.37 13.46 49.19
CA UNK P 9 20.99 13.02 48.99
C UNK P 9 20.06 14.20 49.12
N UNK P 10 18.76 14.00 48.95
CA UNK P 10 17.78 15.08 48.87
C UNK P 10 18.03 15.96 47.65
N UNK P 11 19.07 15.69 46.86
CA UNK P 11 19.22 16.32 45.57
C UNK P 11 18.11 15.84 44.65
N UNK P 12 17.43 16.73 43.94
CA UNK P 12 16.30 16.31 43.11
C UNK P 12 16.74 15.41 41.96
N UNK P 13 15.78 14.60 41.50
CA UNK P 13 15.99 13.72 40.37
C UNK P 13 15.16 14.18 39.18
N UNK P 14 15.56 13.83 37.96
CA UNK P 14 14.82 14.30 36.77
C UNK P 14 13.38 13.80 36.75
N UNK P 15 12.56 14.54 36.02
CA UNK P 15 11.15 14.20 35.85
C UNK P 15 11.04 13.07 34.84
N UNK P 16 10.46 11.95 35.25
CA UNK P 16 10.44 10.75 34.42
C UNK P 16 9.36 9.81 34.94
N UNK P 17 8.64 9.17 34.01
CA UNK P 17 7.50 8.35 34.37
C UNK P 17 7.81 6.92 34.77
N UNK P 18 9.06 6.49 34.64
CA UNK P 18 9.44 5.12 34.96
C UNK P 18 9.58 4.27 33.72
N UNK P 19 10.46 3.27 33.80
CA UNK P 19 10.69 2.36 32.67
C UNK P 19 11.09 1.00 33.21
N UNK P 20 11.03 -0.01 32.33
CA UNK P 20 11.56 -1.32 32.63
C UNK P 20 13.08 -1.38 32.55
N UNK P 21 13.73 -0.27 32.22
CA UNK P 21 15.16 -0.25 32.04
C UNK P 21 15.96 0.07 33.26
N UNK P 22 15.31 0.35 34.38
CA UNK P 22 15.96 0.82 35.58
C UNK P 22 16.57 -0.27 36.42
N UNK P 23 16.67 -0.01 37.72
CA UNK P 23 17.42 -0.86 38.63
C UNK P 23 16.75 -2.21 38.80
N UNK P 24 17.57 -3.18 39.23
CA UNK P 24 17.09 -4.53 39.54
C UNK P 24 17.66 -4.96 40.89
N UNK P 25 17.56 -6.26 41.20
CA UNK P 25 18.09 -6.75 42.47
C UNK P 25 19.59 -6.49 42.61
N UNK P 26 20.31 -6.36 41.50
CA UNK P 26 21.74 -6.07 41.56
C UNK P 26 22.02 -4.83 42.41
N UNK P 27 21.17 -3.81 42.31
CA UNK P 27 21.37 -2.59 43.06
C UNK P 27 21.16 -2.80 44.56
N UNK P 28 20.36 -3.79 44.93
CA UNK P 28 20.03 -4.02 46.33
C UNK P 28 21.15 -4.76 47.06
N UNK P 29 21.73 -5.77 46.42
CA UNK P 29 22.64 -6.69 47.10
C UNK P 29 24.09 -6.55 46.65
N UNK P 30 24.36 -5.84 45.56
CA UNK P 30 25.69 -5.82 44.97
C UNK P 30 26.24 -4.40 44.88
N UNK P 31 25.73 -3.58 43.95
CA UNK P 31 26.15 -2.18 43.85
C UNK P 31 25.23 -1.48 42.86
N UNK P 32 25.17 -0.16 42.96
CA UNK P 32 24.59 0.67 41.90
C UNK P 32 25.42 1.94 41.78
N UNK P 33 24.95 2.87 40.96
CA UNK P 33 25.75 4.04 40.61
C UNK P 33 24.86 5.28 40.69
N UNK P 34 25.49 6.44 40.87
CA UNK P 34 24.75 7.70 40.97
C UNK P 34 25.50 8.77 40.20
N UNK P 35 24.82 9.45 39.29
CA UNK P 35 25.40 10.57 38.55
C UNK P 35 24.65 11.85 38.90
N UNK P 36 25.41 12.89 39.27
CA UNK P 36 24.87 14.20 39.58
C UNK P 36 25.40 15.22 38.58
N UNK P 37 24.57 16.21 38.27
CA UNK P 37 25.01 17.27 37.36
C UNK P 37 24.21 18.54 37.64
N UNK P 38 24.72 19.65 37.14
CA UNK P 38 24.07 20.95 37.32
C UNK P 38 23.47 21.38 35.98
N UNK P 39 22.17 21.66 35.98
CA UNK P 39 21.56 22.08 34.73
C UNK P 39 21.14 23.54 34.77
N UNK P 40 21.29 24.28 33.67
CA UNK P 40 20.86 25.68 33.67
C UNK P 40 19.36 25.87 33.56
N UNK P 41 18.61 24.81 33.25
CA UNK P 41 17.18 24.94 32.96
C UNK P 41 16.54 23.56 33.02
N UNK P 42 15.25 23.51 32.70
CA UNK P 42 14.55 22.25 32.50
C UNK P 42 14.65 21.87 31.04
N UNK P 43 15.27 20.72 30.77
CA UNK P 43 15.48 20.26 29.41
C UNK P 43 14.94 18.84 29.27
N UNK P 44 14.72 18.43 28.04
CA UNK P 44 14.44 17.02 27.75
C UNK P 44 15.75 16.36 27.34
N UNK P 45 16.03 15.19 27.91
CA UNK P 45 17.19 14.43 27.51
C UNK P 45 16.80 12.97 27.39
N UNK P 46 17.54 12.25 26.55
CA UNK P 46 17.33 10.82 26.38
C UNK P 46 17.97 10.07 27.54
N UNK P 47 17.20 9.20 28.17
CA UNK P 47 17.70 8.35 29.24
C UNK P 47 18.49 7.20 28.65
N UNK P 48 19.65 6.86 29.23
CA UNK P 48 20.42 5.71 28.72
C UNK P 48 19.68 4.38 28.80
N UNK P 49 18.53 4.35 29.47
CA UNK P 49 17.78 3.12 29.67
C UNK P 49 16.38 3.23 29.09
N UNK P 50 15.53 4.12 29.62
CA UNK P 50 14.18 4.25 29.12
C UNK P 50 14.10 5.10 27.86
N UNK P 51 13.11 5.99 27.82
CA UNK P 51 12.96 6.93 26.72
C UNK P 51 13.45 8.31 27.06
N UNK P 52 12.52 9.25 27.27
CA UNK P 52 12.84 10.66 27.47
C UNK P 52 12.50 11.10 28.89
N UNK P 53 13.38 11.88 29.49
CA UNK P 53 13.14 12.46 30.81
C UNK P 53 13.39 13.96 30.77
N UNK P 54 12.94 14.64 31.82
CA UNK P 54 13.10 16.08 31.92
C UNK P 54 14.12 16.36 33.02
N UNK P 55 15.33 16.71 32.58
CA UNK P 55 16.33 17.35 33.41
C UNK P 55 15.77 18.58 34.11
N UNK P 56 15.99 18.66 35.42
CA UNK P 56 15.51 19.77 36.23
C UNK P 56 16.53 20.89 36.29
N UNK P 57 16.03 22.13 36.41
CA UNK P 57 16.87 23.28 36.62
C UNK P 57 17.58 23.17 37.97
N UNK P 58 18.91 23.25 37.95
CA UNK P 58 19.70 23.12 39.15
C UNK P 58 20.32 21.74 39.30
N UNK P 59 20.63 21.37 40.53
CA UNK P 59 21.25 20.05 40.76
C UNK P 59 20.30 18.91 40.45
N UNK P 60 20.84 17.92 39.73
CA UNK P 60 20.15 16.69 39.35
C UNK P 60 20.91 15.49 39.90
N UNK P 61 20.17 14.54 40.46
CA UNK P 61 20.71 13.27 40.91
C UNK P 61 19.99 12.15 40.18
N UNK P 62 20.75 11.15 39.71
CA UNK P 62 20.19 10.07 38.90
C UNK P 62 20.91 8.77 39.23
N UNK P 63 20.17 7.81 39.80
CA UNK P 63 20.73 6.50 40.12
C UNK P 63 20.60 5.56 38.92
N UNK P 64 21.71 5.00 38.48
CA UNK P 64 21.78 4.09 37.35
C UNK P 64 22.35 2.75 37.81
N UNK P 65 22.25 1.75 36.94
CA UNK P 65 22.59 0.38 37.31
C UNK P 65 24.05 0.03 37.04
N UNK P 66 24.66 0.62 36.02
CA UNK P 66 26.03 0.32 35.64
C UNK P 66 26.84 1.60 35.50
N UNK P 67 28.15 1.49 35.72
CA UNK P 67 29.04 2.63 35.53
C UNK P 67 28.96 3.15 34.10
N UNK P 68 28.88 2.25 33.12
CA UNK P 68 28.87 2.66 31.72
C UNK P 68 27.66 3.50 31.39
N UNK P 69 26.53 3.29 32.07
CA UNK P 69 25.37 4.14 31.85
C UNK P 69 25.63 5.56 32.36
N UNK P 70 26.26 5.68 33.52
CA UNK P 70 26.66 7.00 34.02
C UNK P 70 27.58 7.69 33.05
N UNK P 71 28.60 6.98 32.55
CA UNK P 71 29.55 7.63 31.67
C UNK P 71 28.95 7.96 30.31
N UNK P 72 28.02 7.14 29.83
CA UNK P 72 27.33 7.45 28.58
C UNK P 72 26.50 8.72 28.72
N UNK P 73 25.61 8.74 29.71
CA UNK P 73 24.78 9.93 29.93
C UNK P 73 25.65 11.16 30.15
N UNK P 74 26.72 11.01 30.93
CA UNK P 74 27.59 12.16 31.20
C UNK P 74 28.28 12.66 29.95
N UNK P 75 28.78 11.75 29.12
CA UNK P 75 29.32 12.11 27.81
C UNK P 75 28.32 12.95 27.02
N UNK P 76 27.06 12.52 27.00
CA UNK P 76 26.05 13.27 26.25
C UNK P 76 25.76 14.62 26.90
N UNK P 77 25.66 14.67 28.23
CA UNK P 77 25.44 15.92 28.93
C UNK P 77 26.54 16.92 28.62
N UNK P 78 27.78 16.44 28.56
CA UNK P 78 28.91 17.31 28.24
C UNK P 78 28.91 17.70 26.77
N UNK P 79 28.33 16.86 25.91
CA UNK P 79 28.36 17.10 24.46
C UNK P 79 27.15 17.91 24.00
N UNK P 80 25.94 17.35 24.10
CA UNK P 80 24.75 17.99 23.56
C UNK P 80 24.45 19.27 24.33
N UNK P 81 24.23 19.14 25.63
CA UNK P 81 24.26 20.28 26.51
C UNK P 81 25.72 20.55 26.87
N UNK P 82 25.96 21.59 27.65
CA UNK P 82 27.32 21.87 28.13
C UNK P 82 27.24 21.81 29.65
N UNK P 83 27.33 20.60 30.20
CA UNK P 83 27.01 20.35 31.59
C UNK P 83 28.14 19.58 32.25
N UNK P 84 28.56 20.05 33.43
CA UNK P 84 29.50 19.31 34.25
C UNK P 84 28.78 18.21 35.01
N UNK P 85 29.40 17.05 35.08
CA UNK P 85 28.80 15.91 35.77
C UNK P 85 29.86 15.26 36.65
N UNK P 86 29.38 14.56 37.67
CA UNK P 86 30.19 13.64 38.44
C UNK P 86 29.36 12.38 38.65
N UNK P 87 30.03 11.27 38.94
CA UNK P 87 29.29 10.10 39.35
C UNK P 87 30.14 9.24 40.27
N UNK P 88 29.42 8.39 41.01
CA UNK P 88 29.90 7.64 42.16
C UNK P 88 29.38 6.21 42.06
N UNK P 89 30.07 5.32 42.77
CA UNK P 89 29.59 3.96 43.03
C UNK P 89 29.02 3.91 44.45
N UNK P 90 27.91 3.20 44.61
CA UNK P 90 27.21 3.10 45.89
C UNK P 90 26.98 1.62 46.20
N UNK P 91 27.53 1.18 47.34
CA UNK P 91 27.41 -0.17 47.86
C UNK P 91 26.18 -0.28 48.75
N UNK P 92 25.67 -1.51 48.97
CA UNK P 92 24.46 -1.67 49.80
C UNK P 92 24.64 -1.30 51.26
N UNK P 93 25.87 -1.07 51.73
CA UNK P 93 26.09 -0.62 53.09
C UNK P 93 25.82 0.87 53.26
N UNK P 94 25.59 1.59 52.16
CA UNK P 94 25.49 3.03 52.18
C UNK P 94 26.78 3.72 51.82
N UNK P 95 27.91 3.02 51.93
CA UNK P 95 29.19 3.60 51.54
C UNK P 95 29.14 4.09 50.11
N UNK P 96 29.80 5.23 49.87
CA UNK P 96 29.86 5.85 48.56
C UNK P 96 31.31 5.91 48.13
N UNK P 97 31.56 5.69 46.83
CA UNK P 97 32.89 5.78 46.26
C UNK P 97 32.84 6.73 45.07
N UNK P 98 33.47 7.90 45.22
CA UNK P 98 33.59 8.83 44.10
C UNK P 98 34.41 8.20 42.99
N UNK P 99 33.92 8.33 41.75
CA UNK P 99 34.57 7.69 40.60
C UNK P 99 35.01 8.69 39.55
N UNK P 100 34.17 9.63 39.15
CA UNK P 100 34.49 10.39 37.95
C UNK P 100 33.88 11.79 37.93
N UNK P 101 34.67 12.81 37.56
CA UNK P 101 36.09 12.82 37.19
C UNK P 101 37.01 12.61 38.38
N UNK P 102 37.90 11.61 38.27
CA UNK P 102 38.66 11.14 39.42
C UNK P 102 39.50 12.25 40.05
N UNK P 103 40.13 13.09 39.22
CA UNK P 103 40.99 14.17 39.68
C UNK P 103 40.25 15.49 39.84
N UNK P 104 38.98 15.54 39.49
CA UNK P 104 38.35 16.80 39.15
C UNK P 104 38.75 17.29 37.78
N UNK P 105 39.71 16.64 37.14
CA UNK P 105 40.06 16.88 35.74
C UNK P 105 39.65 15.66 34.93
N UNK P 106 39.06 15.89 33.77
CA UNK P 106 38.70 14.79 32.89
C UNK P 106 39.95 14.00 32.51
N UNK P 107 39.84 12.67 32.36
CA UNK P 107 41.04 11.84 32.20
C UNK P 107 41.74 12.01 30.87
N UNK P 108 41.08 12.58 29.85
CA UNK P 108 41.76 12.82 28.58
C UNK P 108 42.67 14.04 28.63
N UNK P 109 42.58 14.85 29.68
CA UNK P 109 43.48 15.97 29.89
C UNK P 109 44.53 15.56 30.92
N UNK P 110 45.80 15.59 30.53
CA UNK P 110 46.87 15.15 31.41
C UNK P 110 46.91 16.03 32.65
N UNK P 111 46.91 15.39 33.83
CA UNK P 111 47.00 16.06 35.10
C UNK P 111 48.21 15.52 35.89
N UNK P 112 49.00 16.40 36.49
CA UNK P 112 50.31 15.96 37.01
C UNK P 112 50.26 15.06 38.24
N UNK P 113 49.16 15.07 39.01
CA UNK P 113 49.10 14.18 40.14
C UNK P 113 48.85 12.73 39.84
N UNK P 114 48.96 12.30 38.58
CA UNK P 114 48.53 10.97 38.15
C UNK P 114 49.73 10.03 38.06
N UNK P 115 49.56 8.83 38.61
CA UNK P 115 50.62 7.83 38.66
C UNK P 115 50.38 6.75 37.61
N UNK P 116 51.47 6.28 37.00
CA UNK P 116 51.34 5.30 35.93
C UNK P 116 50.90 3.94 36.45
N UNK P 117 49.97 3.32 35.72
CA UNK P 117 49.48 1.98 36.01
C UNK P 117 49.46 1.19 34.71
N UNK P 118 49.99 -0.04 34.78
CA UNK P 118 50.01 -0.91 33.61
C UNK P 118 50.84 -0.42 32.46
N UNK P 119 51.80 0.47 32.71
CA UNK P 119 52.65 1.02 31.66
C UNK P 119 53.90 0.13 31.54
N UNK P 120 54.12 -0.42 30.36
CA UNK P 120 55.32 -1.20 30.05
C UNK P 120 56.22 -0.37 29.16
N UNK P 121 57.50 -0.27 29.53
CA UNK P 121 58.43 0.64 28.87
C UNK P 121 59.24 -0.13 27.84
N UNK P 122 58.54 -0.52 26.77
CA UNK P 122 59.11 -1.27 25.65
C UNK P 122 58.08 -1.30 24.54
N UNK P 123 58.56 -1.56 23.32
CA UNK P 123 57.66 -1.86 22.22
C UNK P 123 56.87 -3.13 22.51
N UNK P 124 55.68 -3.23 21.93
CA UNK P 124 54.84 -4.39 22.21
C UNK P 124 55.47 -5.67 21.68
N UNK P 125 56.28 -5.57 20.62
CA UNK P 125 56.88 -6.75 20.03
C UNK P 125 58.01 -7.36 20.83
N UNK P 126 58.46 -6.69 21.89
CA UNK P 126 59.54 -7.20 22.72
C UNK P 126 59.03 -8.06 23.87
N UNK P 127 57.73 -8.33 23.94
CA UNK P 127 57.22 -9.27 24.94
C UNK P 127 57.81 -10.65 24.67
N UNK P 128 58.09 -11.38 25.74
CA UNK P 128 58.75 -12.67 25.64
C UNK P 128 57.78 -13.73 25.13
N UNK P 129 58.31 -14.88 24.71
CA UNK P 129 57.45 -15.96 24.28
C UNK P 129 56.83 -16.66 25.49
N UNK P 130 55.61 -17.19 25.35
CA UNK P 130 54.95 -17.86 26.49
C UNK P 130 55.82 -18.86 27.21
N UNK P 131 56.66 -19.61 26.47
CA UNK P 131 57.50 -20.65 27.07
C UNK P 131 58.41 -20.06 28.15
N UNK P 132 58.79 -18.80 28.03
CA UNK P 132 59.69 -18.20 29.01
C UNK P 132 58.99 -17.83 30.31
N UNK P 133 57.67 -17.80 30.35
CA UNK P 133 56.93 -17.58 31.59
C UNK P 133 56.11 -18.80 31.98
N UNK P 134 56.31 -19.92 31.28
CA UNK P 134 55.55 -21.13 31.55
C UNK P 134 55.84 -21.64 32.97
N UNK P 135 54.79 -22.15 33.61
CA UNK P 135 54.83 -22.70 34.97
C UNK P 135 55.06 -21.63 36.03
N UNK P 136 55.41 -20.41 35.60
CA UNK P 136 55.32 -19.25 36.47
C UNK P 136 53.94 -18.62 36.30
N UNK P 137 53.45 -17.99 37.36
CA UNK P 137 52.14 -17.37 37.27
C UNK P 137 52.06 -16.20 36.32
N UNK P 138 53.21 -15.68 35.88
CA UNK P 138 53.24 -14.45 35.12
C UNK P 138 52.74 -14.65 33.68
N UNK P 139 52.37 -13.54 33.07
CA UNK P 139 52.08 -13.35 31.66
C UNK P 139 53.13 -12.43 31.06
N UNK P 140 53.53 -12.67 29.81
CA UNK P 140 54.60 -11.84 29.21
C UNK P 140 54.29 -10.35 29.17
N UNK P 141 53.02 -9.96 29.24
CA UNK P 141 52.65 -8.55 29.27
C UNK P 141 52.59 -7.98 30.68
N UNK P 142 52.64 -8.83 31.72
CA UNK P 142 52.66 -8.32 33.09
C UNK P 142 54.00 -7.70 33.44
N UNK P 143 55.04 -7.97 32.67
CA UNK P 143 56.35 -7.39 32.92
C UNK P 143 56.42 -5.93 32.48
N UNK Q 1 75.42 18.23 15.82
CA UNK Q 1 75.28 17.19 14.78
C UNK Q 1 73.87 16.62 14.70
N UNK Q 2 73.41 16.30 13.49
CA UNK Q 2 72.08 15.72 13.33
C UNK Q 2 72.06 14.23 13.68
N UNK Q 3 71.05 13.83 14.44
CA UNK Q 3 70.86 12.44 14.81
C UNK Q 3 69.86 11.81 13.85
N UNK Q 4 70.01 10.52 13.61
CA UNK Q 4 69.13 9.81 12.71
C UNK Q 4 69.43 10.08 11.26
N UNK Q 5 68.72 9.40 10.36
CA UNK Q 5 68.99 9.56 8.92
C UNK Q 5 68.48 10.89 8.39
N UNK Q 6 68.99 11.25 7.22
CA UNK Q 6 68.61 12.48 6.55
C UNK Q 6 67.14 12.44 6.15
N UNK Q 7 66.50 13.60 6.17
CA UNK Q 7 65.09 13.66 5.78
C UNK Q 7 64.95 13.44 4.28
N UNK Q 8 63.95 12.66 3.90
CA UNK Q 8 63.78 12.24 2.53
C UNK Q 8 64.49 10.95 2.18
N UNK Q 9 65.37 10.46 3.05
CA UNK Q 9 66.05 9.21 2.79
C UNK Q 9 65.09 8.03 2.92
N UNK Q 10 65.31 7.02 2.09
CA UNK Q 10 64.53 5.80 2.17
C UNK Q 10 65.11 4.90 3.26
N UNK Q 11 64.26 4.43 4.15
CA UNK Q 11 64.68 3.55 5.23
C UNK Q 11 63.87 2.26 5.16
N UNK Q 12 64.50 1.20 5.64
CA UNK Q 12 63.89 -0.12 5.75
C UNK Q 12 63.45 -0.31 7.20
N UNK Q 13 62.18 -0.68 7.38
CA UNK Q 13 61.60 -0.84 8.71
C UNK Q 13 62.03 -2.17 9.28
N UNK Q 14 62.63 -2.14 10.48
CA UNK Q 14 63.09 -3.34 11.16
C UNK Q 14 62.20 -3.75 12.31
N UNK Q 15 61.15 -3.00 12.61
CA UNK Q 15 60.23 -3.37 13.68
C UNK Q 15 59.35 -4.53 13.22
N UNK Q 16 59.49 -5.68 13.88
CA UNK Q 16 58.85 -6.90 13.39
C UNK Q 16 57.34 -6.81 13.43
N UNK Q 17 56.77 -6.08 14.39
CA UNK Q 17 55.32 -5.96 14.48
C UNK Q 17 54.77 -4.83 13.63
N UNK Q 18 55.60 -4.21 12.79
CA UNK Q 18 55.12 -3.16 11.91
C UNK Q 18 54.51 -3.75 10.65
N UNK Q 19 53.39 -3.15 10.21
CA UNK Q 19 52.78 -3.54 8.95
C UNK Q 19 53.75 -3.43 7.80
N UNK Q 20 54.68 -2.48 7.87
CA UNK Q 20 55.66 -2.25 6.82
C UNK Q 20 57.00 -2.94 7.10
N UNK Q 21 56.98 -4.00 7.91
CA UNK Q 21 58.22 -4.68 8.29
C UNK Q 21 58.90 -5.28 7.07
N UNK Q 22 60.20 -5.02 6.95
CA UNK Q 22 61.07 -5.37 5.83
C UNK Q 22 60.70 -4.60 4.57
N UNK Q 23 59.74 -3.69 4.62
CA UNK Q 23 59.49 -2.74 3.56
C UNK Q 23 60.29 -1.48 3.74
N UNK Q 24 60.00 -0.49 2.90
CA UNK Q 24 60.69 0.80 2.96
C UNK Q 24 59.69 1.94 3.06
N UNK Q 25 60.18 3.07 3.56
CA UNK Q 25 59.40 4.29 3.61
C UNK Q 25 60.34 5.47 3.56
N UNK Q 26 59.77 6.66 3.43
CA UNK Q 26 60.56 7.89 3.34
C UNK Q 26 60.58 8.60 4.69
N UNK Q 27 61.76 9.10 5.06
CA UNK Q 27 61.90 9.85 6.29
C UNK Q 27 61.28 11.23 6.13
N UNK Q 28 60.55 11.67 7.15
CA UNK Q 28 59.94 13.00 7.14
C UNK Q 28 60.78 13.93 8.00
N UNK Q 29 60.82 13.67 9.31
CA UNK Q 29 61.58 14.48 10.26
C UNK Q 29 62.07 13.58 11.37
N UNK Q 30 63.31 13.84 11.82
CA UNK Q 30 63.89 13.12 12.94
C UNK Q 30 63.97 14.09 14.11
N UNK Q 31 63.11 13.89 15.10
CA UNK Q 31 63.11 14.73 16.29
C UNK Q 31 64.46 14.67 17.00
N UNK Q 32 65.19 15.79 16.98
CA UNK Q 32 66.52 15.85 17.55
C UNK Q 32 66.51 15.88 19.08
N UNK Q 33 65.37 16.14 19.69
CA UNK Q 33 65.26 16.11 21.15
C UNK Q 33 65.56 14.70 21.65
N UNK Q 34 66.60 14.51 22.46
CA UNK Q 34 66.80 13.19 23.09
C UNK Q 34 65.70 12.89 24.09
N UNK Q 35 65.78 11.73 24.74
CA UNK Q 35 64.73 11.24 25.64
C UNK Q 35 63.47 10.87 24.87
N UNK Q 36 63.36 11.33 23.62
CA UNK Q 36 62.32 10.85 22.72
C UNK Q 36 62.72 9.46 22.24
N UNK Q 37 61.95 8.45 22.63
CA UNK Q 37 62.36 7.07 22.41
C UNK Q 37 62.20 6.61 20.98
N UNK Q 38 61.33 7.26 20.20
CA UNK Q 38 61.06 6.86 18.81
C UNK Q 38 61.02 8.10 17.93
N UNK Q 39 62.20 8.68 17.64
CA UNK Q 39 62.22 10.01 17.01
C UNK Q 39 62.03 10.01 15.51
N UNK Q 40 62.15 8.89 14.81
CA UNK Q 40 62.16 8.89 13.35
C UNK Q 40 60.72 8.80 12.84
N UNK Q 41 60.33 9.72 11.97
CA UNK Q 41 58.98 9.76 11.42
C UNK Q 41 59.04 9.31 9.97
N UNK Q 42 58.34 8.21 9.65
CA UNK Q 42 58.37 7.61 8.33
C UNK Q 42 56.98 7.62 7.73
N UNK Q 43 56.89 8.02 6.45
CA UNK Q 43 55.67 7.97 5.66
C UNK Q 43 55.77 6.84 4.65
N UNK Q 44 54.63 6.22 4.35
CA UNK Q 44 54.61 4.99 3.57
C UNK Q 44 53.68 5.12 2.35
N UNK Q 45 54.00 4.33 1.33
CA UNK Q 45 53.19 4.32 0.12
C UNK Q 45 51.81 3.68 0.36
N UNK Q 46 51.73 2.70 1.25
CA UNK Q 46 50.50 1.95 1.49
C UNK Q 46 50.02 2.14 2.92
N UNK Q 47 48.71 2.31 3.09
CA UNK Q 47 48.14 2.39 4.43
C UNK Q 47 48.15 1.00 5.08
N UNK Q 48 48.23 0.98 6.41
CA UNK Q 48 48.18 -0.28 7.13
C UNK Q 48 46.73 -0.64 7.41
N UNK Q 49 46.50 -1.62 8.29
CA UNK Q 49 45.14 -2.06 8.56
C UNK Q 49 44.35 -1.03 9.36
N UNK Q 50 45.01 -0.01 9.91
CA UNK Q 50 44.33 1.08 10.58
C UNK Q 50 44.23 2.33 9.71
N UNK Q 51 44.37 2.16 8.39
CA UNK Q 51 44.29 3.27 7.43
C UNK Q 51 45.25 4.40 7.77
N UNK Q 52 46.39 4.04 8.35
CA UNK Q 52 47.43 4.99 8.75
C UNK Q 52 48.62 4.79 7.84
N UNK Q 53 49.24 5.89 7.41
CA UNK Q 53 50.34 5.84 6.47
C UNK Q 53 51.63 6.45 7.00
N UNK Q 54 51.68 6.79 8.28
CA UNK Q 54 52.90 7.30 8.90
C UNK Q 54 53.08 6.66 10.27
N UNK Q 55 54.32 6.56 10.70
CA UNK Q 55 54.58 5.96 12.00
C UNK Q 55 55.95 6.38 12.48
N UNK Q 56 56.13 6.41 13.80
CA UNK Q 56 57.39 6.74 14.42
C UNK Q 56 58.14 5.47 14.82
N UNK Q 57 59.46 5.52 14.67
CA UNK Q 57 60.32 4.38 14.89
C UNK Q 57 61.59 4.84 15.61
N UNK Q 58 62.20 3.91 16.31
CA UNK Q 58 63.47 4.14 16.98
C UNK Q 58 64.62 4.16 15.97
N UNK Q 59 65.75 4.71 16.40
CA UNK Q 59 66.91 4.82 15.51
C UNK Q 59 67.38 3.45 15.04
N UNK Q 60 67.33 2.44 15.91
CA UNK Q 60 67.76 1.09 15.57
C UNK Q 60 66.67 0.28 14.87
N UNK Q 61 65.53 0.89 14.55
CA UNK Q 61 64.46 0.23 13.83
C UNK Q 61 64.35 0.70 12.39
N UNK Q 62 65.18 1.64 11.96
CA UNK Q 62 65.22 2.11 10.58
C UNK Q 62 66.62 1.84 10.04
N UNK Q 63 66.71 1.40 8.79
CA UNK Q 63 67.99 1.18 8.13
C UNK Q 63 68.01 1.92 6.80
N UNK Q 64 68.84 2.96 6.70
CA UNK Q 64 68.85 3.78 5.51
C UNK Q 64 69.24 2.95 4.28
N UNK Q 65 68.42 3.03 3.24
CA UNK Q 65 68.61 2.28 2.00
C UNK Q 65 68.44 3.25 0.83
N UNK Q 66 69.33 3.16 -0.15
CA UNK Q 66 69.27 4.05 -1.29
C UNK Q 66 68.54 3.42 -2.47
N UNK R 1 42.03 -51.33 -26.76
CA UNK R 1 43.19 -50.49 -26.99
C UNK R 1 43.82 -50.07 -25.66
N UNK R 2 44.13 -48.77 -25.53
CA UNK R 2 44.67 -48.25 -24.29
C UNK R 2 43.64 -48.44 -23.17
N UNK R 3 44.13 -48.87 -22.01
CA UNK R 3 43.31 -48.99 -20.80
C UNK R 3 42.11 -49.92 -21.00
N UNK R 4 42.24 -50.88 -21.91
CA UNK R 4 41.15 -51.78 -22.22
C UNK R 4 40.02 -51.17 -23.02
N UNK R 5 40.17 -49.93 -23.49
CA UNK R 5 39.13 -49.27 -24.25
C UNK R 5 39.12 -49.78 -25.69
N UNK R 6 38.07 -49.42 -26.42
CA UNK R 6 37.99 -49.71 -27.84
C UNK R 6 37.77 -48.41 -28.61
N UNK R 7 38.31 -48.29 -29.82
CA UNK R 7 38.02 -47.10 -30.64
C UNK R 7 36.52 -46.92 -30.81
N UNK R 8 36.08 -45.66 -30.77
CA UNK R 8 34.66 -45.39 -30.90
C UNK R 8 34.14 -45.75 -32.29
N UNK R 9 35.02 -45.77 -33.30
CA UNK R 9 34.63 -46.25 -34.62
C UNK R 9 34.28 -47.74 -34.60
N UNK R 10 34.81 -48.49 -33.64
CA UNK R 10 34.56 -49.92 -33.52
C UNK R 10 33.59 -50.27 -32.40
N UNK R 11 32.99 -49.28 -31.74
CA UNK R 11 32.19 -49.53 -30.55
C UNK R 11 30.72 -49.68 -30.92
N UNK R 12 30.13 -50.83 -30.56
CA UNK R 12 28.69 -51.01 -30.76
C UNK R 12 27.89 -50.03 -29.92
N UNK R 13 28.32 -49.81 -28.67
CA UNK R 13 27.58 -48.93 -27.78
C UNK R 13 27.55 -47.49 -28.32
N UNK R 14 28.67 -47.05 -28.90
CA UNK R 14 28.74 -45.71 -29.49
C UNK R 14 27.71 -45.54 -30.61
N UNK R 15 27.66 -46.51 -31.53
CA UNK R 15 26.69 -46.45 -32.63
C UNK R 15 25.27 -46.60 -32.12
N UNK R 16 25.05 -47.37 -31.05
CA UNK R 16 23.73 -47.46 -30.45
C UNK R 16 23.30 -46.12 -29.87
N UNK R 17 24.25 -45.36 -29.31
CA UNK R 17 23.94 -44.04 -28.78
C UNK R 17 23.56 -43.09 -29.91
N UNK R 18 24.36 -43.05 -30.97
CA UNK R 18 24.00 -42.22 -32.11
C UNK R 18 22.61 -42.58 -32.65
N UNK R 19 22.33 -43.88 -32.77
CA UNK R 19 21.03 -44.31 -33.28
C UNK R 19 19.89 -43.85 -32.39
N UNK R 20 20.02 -44.08 -31.08
CA UNK R 20 18.92 -43.74 -30.17
C UNK R 20 18.71 -42.24 -30.10
N UNK R 21 19.79 -41.46 -30.16
CA UNK R 21 19.65 -40.00 -30.21
C UNK R 21 18.89 -39.57 -31.45
N UNK R 22 19.32 -40.05 -32.62
CA UNK R 22 18.70 -39.62 -33.87
C UNK R 22 17.23 -40.02 -33.91
N UNK R 23 16.92 -41.27 -33.52
CA UNK R 23 15.52 -41.70 -33.49
C UNK R 23 14.71 -40.89 -32.49
N UNK R 24 15.34 -40.44 -31.39
CA UNK R 24 14.63 -39.58 -30.45
C UNK R 24 14.23 -38.25 -31.10
N UNK R 25 15.20 -37.58 -31.73
CA UNK R 25 14.92 -36.33 -32.44
C UNK R 25 13.89 -36.53 -33.55
N UNK R 26 13.91 -37.70 -34.21
CA UNK R 26 12.92 -37.97 -35.24
C UNK R 26 11.53 -38.20 -34.65
N UNK R 27 11.48 -38.80 -33.46
CA UNK R 27 10.20 -38.91 -32.75
C UNK R 27 9.64 -37.53 -32.46
N UNK R 28 10.49 -36.58 -32.09
CA UNK R 28 10.02 -35.20 -31.99
C UNK R 28 9.63 -34.64 -33.35
N UNK R 29 10.31 -35.08 -34.42
CA UNK R 29 10.06 -34.51 -35.74
C UNK R 29 8.72 -34.95 -36.32
N UNK R 30 8.23 -36.14 -35.93
CA UNK R 30 6.97 -36.64 -36.47
C UNK R 30 5.77 -35.78 -36.10
N UNK R 31 5.92 -34.85 -35.15
CA UNK R 31 4.79 -34.06 -34.67
C UNK R 31 4.51 -32.83 -35.53
N UNK R 32 5.47 -32.39 -36.33
CA UNK R 32 5.40 -31.12 -37.04
C UNK R 32 5.34 -31.34 -38.55
N UNK R 33 4.69 -30.42 -39.24
CA UNK R 33 4.66 -30.45 -40.69
C UNK R 33 6.08 -30.30 -41.22
N UNK R 34 6.50 -31.11 -42.20
CA UNK R 34 7.91 -31.10 -42.61
C UNK R 34 8.38 -29.77 -43.17
N UNK R 35 7.48 -28.93 -43.66
CA UNK R 35 7.88 -27.60 -44.10
C UNK R 35 8.03 -26.60 -42.96
N UNK R 36 7.53 -26.92 -41.77
CA UNK R 36 7.52 -25.98 -40.67
C UNK R 36 8.93 -25.72 -40.16
N UNK R 37 9.06 -24.64 -39.39
CA UNK R 37 10.35 -24.20 -38.86
C UNK R 37 10.83 -25.07 -37.69
N UNK R 38 9.94 -25.50 -36.77
CA UNK R 38 10.37 -26.53 -35.81
C UNK R 38 10.95 -27.77 -36.49
N UNK R 39 10.37 -28.17 -37.61
CA UNK R 39 10.90 -29.32 -38.35
C UNK R 39 12.31 -29.05 -38.84
N UNK R 40 12.53 -27.90 -39.48
CA UNK R 40 13.87 -27.57 -39.96
C UNK R 40 14.87 -27.49 -38.81
N UNK R 41 14.41 -27.02 -37.65
CA UNK R 41 15.29 -26.95 -36.48
C UNK R 41 15.70 -28.35 -36.02
N UNK R 42 14.73 -29.26 -35.93
CA UNK R 42 15.05 -30.62 -35.50
C UNK R 42 15.93 -31.31 -36.53
N UNK R 43 15.74 -31.01 -37.81
CA UNK R 43 16.63 -31.53 -38.84
C UNK R 43 18.05 -31.00 -38.65
N UNK R 44 18.17 -29.72 -38.29
CA UNK R 44 19.50 -29.15 -38.07
C UNK R 44 20.17 -29.81 -36.87
N UNK R 45 19.41 -30.08 -35.81
CA UNK R 45 19.98 -30.78 -34.67
C UNK R 45 20.40 -32.20 -35.05
N UNK R 46 19.64 -32.84 -35.95
CA UNK R 46 20.00 -34.19 -36.39
C UNK R 46 21.30 -34.17 -37.18
N UNK R 47 21.42 -33.26 -38.14
CA UNK R 47 22.65 -33.14 -38.91
C UNK R 47 23.83 -32.81 -38.00
N UNK R 48 23.62 -31.95 -36.99
CA UNK R 48 24.68 -31.63 -36.05
C UNK R 48 25.07 -32.84 -35.20
N UNK R 49 24.09 -33.70 -34.88
CA UNK R 49 24.38 -34.93 -34.14
C UNK R 49 25.26 -35.86 -34.97
N UNK R 50 24.86 -36.12 -36.21
CA UNK R 50 25.66 -36.96 -37.09
C UNK R 50 27.07 -36.40 -37.24
N UNK R 51 27.19 -35.09 -37.41
CA UNK R 51 28.51 -34.48 -37.49
C UNK R 51 29.31 -34.75 -36.21
N UNK R 52 28.65 -34.66 -35.06
CA UNK R 52 29.34 -34.88 -33.79
C UNK R 52 29.91 -36.30 -33.71
N UNK R 53 29.03 -37.30 -33.81
CA UNK R 53 29.49 -38.68 -33.65
C UNK R 53 30.50 -39.07 -34.73
N UNK R 54 30.28 -38.60 -35.96
CA UNK R 54 31.20 -38.92 -37.04
C UNK R 54 32.57 -38.31 -36.78
N UNK R 55 32.60 -37.10 -36.22
CA UNK R 55 33.90 -36.49 -35.93
C UNK R 55 34.61 -37.20 -34.79
N UNK R 56 33.88 -37.54 -33.72
CA UNK R 56 34.53 -38.26 -32.62
C UNK R 56 35.08 -39.60 -33.12
N UNK R 57 34.31 -40.29 -33.97
CA UNK R 57 34.81 -41.53 -34.56
C UNK R 57 36.05 -41.31 -35.40
N UNK R 58 36.05 -40.26 -36.23
CA UNK R 58 37.18 -40.02 -37.13
C UNK R 58 38.46 -39.73 -36.36
N UNK R 59 38.41 -38.79 -35.41
CA UNK R 59 39.65 -38.30 -34.80
C UNK R 59 40.23 -39.28 -33.77
N UNK R 60 39.74 -40.51 -33.71
CA UNK R 60 40.42 -41.56 -32.98
C UNK R 60 40.15 -41.65 -31.51
N UNK R 61 39.03 -41.13 -31.03
CA UNK R 61 38.71 -41.19 -29.61
C UNK R 61 38.39 -42.62 -29.20
N UNK R 62 38.93 -43.04 -28.06
CA UNK R 62 38.60 -44.33 -27.50
C UNK R 62 37.31 -44.24 -26.69
N UNK R 63 36.59 -45.34 -26.63
CA UNK R 63 35.31 -45.39 -25.93
C UNK R 63 35.39 -46.41 -24.81
N UNK R 64 34.61 -46.15 -23.75
CA UNK R 64 34.40 -47.14 -22.72
C UNK R 64 33.25 -48.07 -23.06
N UNK R 65 33.01 -49.03 -22.16
CA UNK R 65 31.84 -49.89 -22.30
C UNK R 65 30.55 -49.09 -22.32
N UNK R 66 30.59 -47.85 -21.83
CA UNK R 66 29.47 -46.92 -21.86
C UNK R 66 29.18 -46.36 -23.23
N UNK R 67 30.07 -46.58 -24.20
CA UNK R 67 29.89 -46.01 -25.52
C UNK R 67 30.19 -44.53 -25.62
N UNK R 68 30.97 -44.00 -24.67
CA UNK R 68 31.28 -42.58 -24.57
C UNK R 68 32.78 -42.37 -24.66
N UNK R 69 33.23 -41.27 -25.29
CA UNK R 69 34.67 -41.00 -25.37
C UNK R 69 35.31 -40.93 -23.99
N UNK R 70 36.48 -41.54 -23.86
CA UNK R 70 37.37 -41.35 -22.73
C UNK R 70 38.68 -40.76 -23.23
N UNK R 71 39.23 -39.80 -22.48
CA UNK R 71 40.43 -39.07 -22.90
C UNK R 71 41.68 -39.68 -22.30
N UNK R 72 42.70 -39.85 -23.13
CA UNK R 72 43.99 -40.41 -22.71
C UNK R 72 44.94 -39.23 -22.50
N UNK R 73 45.21 -38.90 -21.23
CA UNK R 73 46.06 -37.77 -20.91
C UNK R 73 47.47 -38.19 -20.52
N UNK R 74 47.80 -39.49 -20.60
CA UNK R 74 49.11 -39.98 -20.20
C UNK R 74 50.25 -39.34 -20.98
N UNK R 75 49.96 -38.78 -22.15
CA UNK R 75 50.99 -38.27 -23.02
C UNK R 75 51.24 -39.11 -24.25
N UNK R 76 50.65 -40.31 -24.31
CA UNK R 76 50.65 -41.15 -25.51
C UNK R 76 50.41 -40.30 -26.75
N UNK R 77 51.33 -40.40 -27.71
CA UNK R 77 51.36 -39.48 -28.83
C UNK R 77 50.14 -39.64 -29.73
N UNK R 78 49.41 -40.74 -29.62
CA UNK R 78 48.19 -40.91 -30.40
C UNK R 78 47.04 -40.05 -29.90
N UNK R 79 47.20 -39.32 -28.80
CA UNK R 79 46.06 -38.62 -28.21
C UNK R 79 46.44 -37.23 -27.69
N UNK R 80 47.47 -36.62 -28.27
CA UNK R 80 47.85 -35.28 -27.83
C UNK R 80 46.76 -34.25 -28.09
N UNK R 81 45.89 -34.51 -29.08
CA UNK R 81 44.76 -33.63 -29.30
C UNK R 81 43.76 -33.61 -28.16
N UNK R 82 43.83 -34.58 -27.25
CA UNK R 82 42.87 -34.66 -26.15
C UNK R 82 43.29 -33.87 -24.93
N UNK R 83 44.57 -33.47 -24.82
CA UNK R 83 45.01 -32.70 -23.67
C UNK R 83 46.26 -31.88 -23.94
N UNK R 84 47.35 -32.54 -24.35
CA UNK R 84 48.65 -31.86 -24.43
C UNK R 84 48.60 -30.69 -25.40
N UNK R 85 47.96 -30.85 -26.54
CA UNK R 85 47.92 -29.78 -27.53
C UNK R 85 46.97 -28.65 -27.11
N UNK R 86 45.71 -28.93 -26.77
CA UNK R 86 44.88 -27.87 -26.19
C UNK R 86 45.47 -27.31 -24.92
N UNK R 87 46.25 -28.11 -24.18
CA UNK R 87 46.90 -27.62 -22.99
C UNK R 87 47.98 -26.59 -23.29
N UNK R 88 48.79 -26.85 -24.31
CA UNK R 88 49.78 -25.85 -24.71
C UNK R 88 49.09 -24.60 -25.20
N UNK R 89 47.98 -24.75 -25.93
CA UNK R 89 47.23 -23.56 -26.35
C UNK R 89 46.76 -22.77 -25.13
N UNK R 90 46.19 -23.48 -24.15
CA UNK R 90 45.74 -22.80 -22.93
C UNK R 90 46.88 -22.05 -22.26
N UNK R 91 47.99 -22.74 -22.01
CA UNK R 91 49.11 -22.08 -21.34
C UNK R 91 49.61 -20.86 -22.11
N UNK R 92 49.53 -20.91 -23.45
CA UNK R 92 49.89 -19.73 -24.23
C UNK R 92 48.92 -18.57 -23.95
N UNK R 93 47.62 -18.85 -23.92
CA UNK R 93 46.65 -17.78 -23.72
C UNK R 93 46.71 -17.25 -22.29
N UNK R 94 46.74 -18.15 -21.30
CA UNK R 94 46.80 -17.72 -19.91
C UNK R 94 48.08 -16.95 -19.61
N UNK R 95 49.21 -17.44 -20.12
CA UNK R 95 50.45 -16.68 -19.99
C UNK R 95 50.35 -15.33 -20.65
N UNK R 96 49.67 -15.24 -21.79
CA UNK R 96 49.42 -13.97 -22.43
C UNK R 96 48.67 -13.01 -21.49
N UNK R 97 47.52 -13.45 -20.98
CA UNK R 97 46.70 -12.60 -20.12
C UNK R 97 47.51 -12.12 -18.92
N UNK R 98 48.14 -13.06 -18.21
CA UNK R 98 48.86 -12.67 -16.99
C UNK R 98 50.04 -11.78 -17.28
N UNK R 99 50.74 -12.03 -18.39
CA UNK R 99 51.89 -11.21 -18.75
C UNK R 99 51.45 -9.79 -19.09
N UNK R 100 50.30 -9.66 -19.76
CA UNK R 100 49.80 -8.34 -20.12
C UNK R 100 49.36 -7.59 -18.87
N UNK R 101 48.60 -8.24 -18.00
CA UNK R 101 48.18 -7.61 -16.76
C UNK R 101 49.35 -7.16 -15.90
N UNK R 102 50.37 -8.02 -15.81
CA UNK R 102 51.59 -7.63 -15.10
C UNK R 102 52.26 -6.44 -15.76
N UNK R 103 52.27 -6.40 -17.10
CA UNK R 103 52.85 -5.25 -17.80
C UNK R 103 52.10 -3.97 -17.46
N UNK R 104 50.78 -4.05 -17.37
CA UNK R 104 49.98 -2.88 -17.02
C UNK R 104 50.28 -2.41 -15.60
N UNK R 105 50.30 -3.35 -14.65
CA UNK R 105 50.58 -2.99 -13.26
C UNK R 105 51.95 -2.37 -13.10
N UNK R 106 52.96 -2.91 -13.80
CA UNK R 106 54.28 -2.29 -13.74
C UNK R 106 54.25 -0.91 -14.38
N UNK R 107 53.46 -0.74 -15.44
CA UNK R 107 53.44 0.54 -16.15
C UNK R 107 52.79 1.64 -15.33
N UNK R 108 51.79 1.32 -14.51
CA UNK R 108 51.09 2.35 -13.73
C UNK R 108 51.61 2.48 -12.30
N UNK R 109 52.59 1.67 -11.90
CA UNK R 109 52.93 1.58 -10.48
C UNK R 109 53.61 2.85 -9.96
N UNK R 110 54.30 3.59 -10.83
CA UNK R 110 54.94 4.83 -10.42
C UNK R 110 54.12 6.06 -10.74
N UNK R 111 52.85 5.89 -11.12
CA UNK R 111 51.95 7.02 -11.29
C UNK R 111 51.68 7.69 -9.94
N UNK R 112 51.21 8.93 -10.00
CA UNK R 112 50.97 9.70 -8.78
C UNK R 112 49.86 9.09 -7.93
N UNK R 113 48.84 8.53 -8.57
CA UNK R 113 47.79 7.78 -7.87
C UNK R 113 47.61 6.45 -8.60
N UNK R 114 48.36 5.42 -8.20
CA UNK R 114 48.28 4.15 -8.96
C UNK R 114 46.88 3.55 -8.97
N UNK R 115 46.21 3.49 -7.82
CA UNK R 115 44.87 2.89 -7.76
C UNK R 115 43.92 3.55 -8.75
N UNK R 116 44.18 4.81 -9.12
CA UNK R 116 43.29 5.51 -10.03
C UNK R 116 43.18 4.79 -11.36
N UNK R 117 44.28 4.22 -11.85
CA UNK R 117 44.22 3.49 -13.11
C UNK R 117 43.82 2.03 -12.93
N UNK R 118 43.69 1.57 -11.70
CA UNK R 118 43.22 0.20 -11.49
C UNK R 118 41.69 0.12 -11.50
N UNK R 119 41.01 1.20 -11.13
CA UNK R 119 39.55 1.24 -11.17
C UNK R 119 39.02 1.92 -12.44
N UNK R 120 39.81 2.78 -13.07
CA UNK R 120 39.47 3.37 -14.36
C UNK R 120 40.60 3.03 -15.30
N UNK R 121 40.35 2.13 -16.25
CA UNK R 121 41.40 1.57 -17.08
C UNK R 121 41.96 2.63 -18.02
N UNK R 122 43.28 2.71 -18.08
CA UNK R 122 43.97 3.51 -19.11
C UNK R 122 43.93 2.68 -20.39
N UNK R 123 42.84 2.84 -21.15
CA UNK R 123 42.65 2.01 -22.35
C UNK R 123 43.74 2.24 -23.39
N UNK R 124 44.24 3.45 -23.66
CA UNK R 124 45.36 3.58 -24.59
C UNK R 124 46.58 2.76 -24.17
N UNK R 125 46.96 2.83 -22.89
CA UNK R 125 48.08 2.02 -22.40
C UNK R 125 47.78 0.54 -22.55
N UNK R 126 46.56 0.12 -22.20
CA UNK R 126 46.19 -1.28 -22.33
C UNK R 126 46.31 -1.75 -23.78
N UNK R 127 45.84 -0.94 -24.72
CA UNK R 127 45.94 -1.31 -26.13
C UNK R 127 47.39 -1.37 -26.58
N UNK R 128 48.22 -0.47 -26.07
CA UNK R 128 49.65 -0.54 -26.36
C UNK R 128 50.25 -1.85 -25.87
N UNK R 129 49.75 -2.37 -24.74
CA UNK R 129 50.39 -3.50 -24.09
C UNK R 129 49.79 -4.86 -24.45
N UNK R 130 48.60 -4.92 -25.04
CA UNK R 130 47.93 -6.22 -25.20
C UNK R 130 48.75 -7.15 -26.07
N UNK R 131 49.40 -6.62 -27.10
CA UNK R 131 50.11 -7.47 -28.04
C UNK R 131 51.52 -7.84 -27.59
N UNK R 132 51.95 -7.38 -26.41
CA UNK R 132 53.17 -7.94 -25.81
C UNK R 132 52.97 -9.41 -25.46
N UNK R 133 51.72 -9.81 -25.18
CA UNK R 133 51.42 -11.19 -24.86
C UNK R 133 51.71 -12.15 -26.00
N UNK R 134 51.75 -11.64 -27.23
CA UNK R 134 52.12 -12.49 -28.36
C UNK R 134 53.49 -13.11 -28.15
N UNK R 135 54.44 -12.34 -27.64
CA UNK R 135 55.79 -12.82 -27.39
C UNK R 135 56.08 -13.03 -25.91
N UNK R 136 55.04 -13.09 -25.07
CA UNK R 136 55.24 -13.33 -23.64
C UNK R 136 56.22 -14.45 -23.27
N UNK R 137 56.29 -15.60 -23.97
CA UNK R 137 57.26 -16.62 -23.51
C UNK R 137 58.71 -16.19 -23.66
N UNK R 138 59.05 -15.51 -24.76
CA UNK R 138 60.40 -14.97 -24.90
C UNK R 138 60.64 -13.86 -23.88
N UNK R 139 59.66 -12.98 -23.69
CA UNK R 139 59.84 -11.87 -22.75
C UNK R 139 60.05 -12.37 -21.32
N UNK R 140 59.24 -13.36 -20.90
CA UNK R 140 59.32 -13.86 -19.54
C UNK R 140 60.56 -14.72 -19.35
N UNK R 141 60.95 -15.48 -20.36
CA UNK R 141 62.20 -16.23 -20.28
C UNK R 141 63.39 -15.28 -20.16
N UNK R 142 63.41 -14.23 -20.98
CA UNK R 142 64.49 -13.24 -20.91
C UNK R 142 64.50 -12.52 -19.57
N UNK R 143 63.32 -12.26 -19.00
CA UNK R 143 63.27 -11.61 -17.69
C UNK R 143 63.77 -12.55 -16.61
N UNK R 144 63.37 -13.82 -16.66
CA UNK R 144 63.87 -14.80 -15.71
C UNK R 144 65.39 -14.86 -15.75
N UNK R 145 65.98 -14.87 -16.94
CA UNK R 145 67.45 -14.88 -17.02
C UNK R 145 68.05 -13.57 -16.52
N UNK R 146 67.45 -12.44 -16.87
CA UNK R 146 67.98 -11.13 -16.52
C UNK R 146 67.74 -10.76 -15.07
N UNK R 147 66.86 -11.48 -14.37
CA UNK R 147 66.56 -11.15 -13.00
C UNK R 147 65.55 -10.05 -12.82
N UNK R 148 64.73 -9.79 -13.83
CA UNK R 148 63.66 -8.81 -13.73
C UNK R 148 62.29 -9.43 -13.46
N UNK R 149 62.21 -10.76 -13.38
CA UNK R 149 60.93 -11.42 -13.20
C UNK R 149 60.52 -11.47 -11.73
N UNK R 150 61.48 -11.69 -10.84
CA UNK R 150 61.21 -11.90 -9.42
C UNK R 150 61.78 -10.72 -8.63
N UNK R 151 60.99 -10.24 -7.67
CA UNK R 151 61.44 -9.17 -6.78
C UNK R 151 62.53 -9.68 -5.84
N UNK R 152 63.51 -8.83 -5.58
CA UNK R 152 64.68 -9.22 -4.79
C UNK R 152 64.38 -9.15 -3.30
N UNK R 153 64.72 -10.23 -2.59
CA UNK R 153 64.59 -10.34 -1.14
C UNK R 153 63.16 -10.02 -0.68
N UNK R 154 62.26 -10.94 -1.01
CA UNK R 154 60.86 -10.81 -0.63
C UNK R 154 60.36 -12.11 0.00
N UNK S 1 74.03 -76.57 6.71
CA UNK S 1 73.14 -77.71 6.94
C UNK S 1 73.20 -78.17 8.39
N UNK S 2 74.41 -78.19 8.97
CA UNK S 2 74.58 -78.52 10.37
C UNK S 2 74.39 -77.26 11.21
N UNK S 3 73.38 -77.19 12.07
CA UNK S 3 73.13 -75.94 12.81
C UNK S 3 74.28 -75.55 13.72
N UNK S 4 74.85 -76.49 14.47
CA UNK S 4 75.97 -76.16 15.35
C UNK S 4 77.14 -75.60 14.58
N UNK S 5 77.37 -76.12 13.36
CA UNK S 5 78.49 -75.65 12.56
C UNK S 5 78.28 -74.21 12.11
N UNK S 6 77.11 -73.91 11.53
CA UNK S 6 76.85 -72.58 11.01
C UNK S 6 76.76 -71.56 12.14
N UNK S 7 76.09 -71.94 13.25
CA UNK S 7 75.93 -71.01 14.36
C UNK S 7 77.28 -70.74 15.02
N UNK S 8 78.10 -71.78 15.18
CA UNK S 8 79.41 -71.60 15.79
C UNK S 8 80.33 -70.79 14.90
N UNK S 9 80.29 -71.03 13.58
CA UNK S 9 81.12 -70.26 12.67
C UNK S 9 80.71 -68.80 12.63
N UNK S 10 79.40 -68.55 12.47
CA UNK S 10 78.93 -67.17 12.35
C UNK S 10 79.15 -66.40 13.64
N UNK S 11 78.89 -67.03 14.79
CA UNK S 11 79.08 -66.33 16.06
C UNK S 11 80.55 -66.14 16.37
N UNK S 12 81.39 -67.13 16.06
CA UNK S 12 82.82 -66.96 16.25
C UNK S 12 83.40 -65.87 15.37
N UNK S 13 82.96 -65.80 14.12
CA UNK S 13 83.43 -64.75 13.22
C UNK S 13 82.92 -63.38 13.65
N UNK S 14 81.68 -63.32 14.15
CA UNK S 14 81.14 -62.03 14.62
C UNK S 14 81.91 -61.53 15.83
N UNK S 15 82.07 -62.39 16.84
CA UNK S 15 82.89 -62.03 18.00
C UNK S 15 84.30 -61.64 17.57
N UNK S 16 84.85 -62.35 16.59
CA UNK S 16 86.20 -62.06 16.13
C UNK S 16 86.30 -60.68 15.50
N UNK S 17 85.40 -60.37 14.58
CA UNK S 17 85.39 -59.05 13.95
C UNK S 17 85.22 -57.95 15.01
N UNK S 18 84.23 -58.10 15.88
CA UNK S 18 84.01 -57.12 16.93
C UNK S 18 85.17 -56.98 17.89
N UNK S 19 86.02 -58.00 17.99
CA UNK S 19 87.13 -57.97 18.92
C UNK S 19 88.40 -57.37 18.31
N UNK S 20 88.83 -57.88 17.16
CA UNK S 20 90.11 -57.49 16.57
C UNK S 20 89.98 -56.55 15.38
N UNK S 21 88.77 -56.31 14.86
CA UNK S 21 88.61 -55.54 13.63
C UNK S 21 87.89 -54.23 13.90
N UNK S 22 86.61 -54.31 14.27
CA UNK S 22 85.74 -53.15 14.40
C UNK S 22 85.71 -52.57 15.82
N UNK S 23 86.60 -53.01 16.70
CA UNK S 23 86.53 -52.58 18.09
C UNK S 23 86.86 -51.10 18.25
N UNK S 24 87.96 -50.65 17.61
CA UNK S 24 88.36 -49.25 17.74
C UNK S 24 87.32 -48.31 17.15
N UNK S 25 86.83 -48.64 15.95
CA UNK S 25 85.75 -47.87 15.33
C UNK S 25 84.54 -47.79 16.25
N UNK S 26 84.09 -48.95 16.74
CA UNK S 26 82.98 -49.02 17.69
C UNK S 26 83.19 -48.06 18.86
N UNK S 27 84.39 -48.09 19.45
CA UNK S 27 84.62 -47.32 20.68
C UNK S 27 84.72 -45.84 20.40
N UNK S 28 85.36 -45.44 19.29
CA UNK S 28 85.45 -44.02 18.98
C UNK S 28 84.10 -43.44 18.61
N UNK S 29 83.22 -44.24 17.99
CA UNK S 29 81.90 -43.75 17.67
C UNK S 29 81.00 -43.69 18.91
N UNK S 30 81.04 -44.73 19.76
CA UNK S 30 80.26 -44.70 20.99
C UNK S 30 80.79 -43.65 21.95
N UNK S 31 82.04 -43.21 21.78
CA UNK S 31 82.61 -42.16 22.61
C UNK S 31 82.28 -40.78 22.09
N UNK S 32 82.35 -40.56 20.77
CA UNK S 32 82.01 -39.24 20.25
C UNK S 32 80.50 -39.01 20.27
N UNK S 33 79.71 -40.06 20.07
CA UNK S 33 78.25 -39.92 20.14
C UNK S 33 77.79 -39.80 21.59
N UNK S 34 78.46 -40.50 22.51
CA UNK S 34 78.27 -40.28 23.93
C UNK S 34 76.91 -40.70 24.47
N UNK S 35 76.77 -40.49 25.77
CA UNK S 35 75.56 -40.87 26.48
C UNK S 35 74.41 -39.92 26.11
N UNK S 36 73.18 -40.44 25.98
CA UNK S 36 72.04 -39.56 25.73
C UNK S 36 71.86 -38.57 26.86
N UNK S 37 71.45 -37.35 26.51
CA UNK S 37 71.32 -36.27 27.48
C UNK S 37 70.05 -35.47 27.19
N UNK S 38 69.39 -35.03 28.26
CA UNK S 38 68.23 -34.17 28.16
C UNK S 38 68.58 -32.81 28.75
N UNK S 39 68.24 -31.74 28.01
CA UNK S 39 68.52 -30.37 28.43
C UNK S 39 70.00 -30.21 28.81
N UNK S 40 70.87 -30.63 27.91
CA UNK S 40 72.30 -30.43 28.07
C UNK S 40 72.97 -31.28 29.13
N UNK S 41 72.25 -32.23 29.72
CA UNK S 41 72.80 -33.05 30.79
C UNK S 41 72.24 -34.46 30.70
N UNK S 42 73.00 -35.43 31.20
CA UNK S 42 72.60 -36.83 31.09
C UNK S 42 71.29 -37.09 31.84
N UNK S 43 70.61 -38.16 31.44
CA UNK S 43 69.32 -38.48 32.03
C UNK S 43 69.43 -38.72 33.53
N UNK S 44 70.54 -39.31 33.98
CA UNK S 44 70.71 -39.58 35.41
C UNK S 44 70.97 -38.30 36.19
N UNK S 45 71.85 -37.44 35.67
CA UNK S 45 72.10 -36.16 36.34
C UNK S 45 70.84 -35.30 36.37
N UNK S 46 70.04 -35.37 35.30
CA UNK S 46 68.76 -34.67 35.28
C UNK S 46 67.79 -35.17 36.33
N UNK S 47 68.06 -36.32 36.95
CA UNK S 47 67.23 -36.81 38.04
C UNK S 47 66.55 -38.14 37.81
N UNK S 48 66.75 -38.80 36.67
CA UNK S 48 66.18 -40.12 36.45
C UNK S 48 66.98 -41.15 37.23
N UNK S 49 66.38 -41.68 38.30
CA UNK S 49 67.09 -42.58 39.20
C UNK S 49 67.58 -43.83 38.51
N UNK S 50 66.86 -44.29 37.48
CA UNK S 50 67.16 -45.56 36.82
C UNK S 50 67.98 -45.39 35.55
N UNK S 51 68.45 -44.17 35.27
CA UNK S 51 69.22 -43.89 34.07
C UNK S 51 70.72 -43.91 34.32
N UNK S 52 71.17 -44.39 35.49
CA UNK S 52 72.59 -44.51 35.78
C UNK S 52 73.11 -45.77 35.09
N UNK S 53 74.14 -45.62 34.25
CA UNK S 53 74.65 -46.78 33.54
C UNK S 53 75.43 -47.68 34.48
N UNK S 54 75.51 -48.95 34.11
CA UNK S 54 76.05 -49.99 34.99
C UNK S 54 77.53 -50.18 34.67
N UNK S 55 78.39 -49.60 35.51
CA UNK S 55 79.82 -49.69 35.27
C UNK S 55 80.41 -51.00 35.78
N UNK S 56 79.69 -51.71 36.65
CA UNK S 56 80.19 -52.99 37.15
C UNK S 56 80.31 -54.02 36.02
N UNK S 57 79.20 -54.24 35.29
CA UNK S 57 79.21 -55.21 34.22
C UNK S 57 80.17 -54.82 33.10
N UNK S 58 80.32 -53.51 32.86
CA UNK S 58 81.18 -53.04 31.78
C UNK S 58 82.67 -53.22 32.07
N UNK S 59 83.04 -53.53 33.32
CA UNK S 59 84.44 -53.79 33.64
C UNK S 59 84.79 -55.21 33.24
N UNK S 60 85.88 -55.36 32.50
CA UNK S 60 86.34 -56.66 32.04
C UNK S 60 87.85 -56.73 32.11
N UNK S 61 88.36 -57.85 32.61
CA UNK S 61 89.80 -58.07 32.65
C UNK S 61 90.37 -58.43 31.28
N UNK S 62 89.52 -58.62 30.28
CA UNK S 62 89.94 -58.62 28.88
C UNK S 62 90.79 -57.39 28.62
N UNK S 63 92.02 -57.54 28.13
CA UNK S 63 92.94 -56.39 28.06
C UNK S 63 92.41 -55.19 27.30
N UNK S 64 91.68 -55.40 26.20
CA UNK S 64 91.26 -54.26 25.39
C UNK S 64 89.98 -53.61 25.89
N UNK S 65 89.25 -54.26 26.78
CA UNK S 65 87.98 -53.74 27.27
C UNK S 65 86.75 -54.45 26.74
N UNK S 66 86.94 -55.50 25.94
CA UNK S 66 85.81 -56.31 25.47
C UNK S 66 85.11 -56.93 26.67
N UNK S 67 83.79 -56.71 26.77
CA UNK S 67 83.06 -57.09 27.96
C UNK S 67 81.83 -57.94 27.64
N UNK S 68 80.94 -58.12 28.63
CA UNK S 68 79.77 -58.96 28.43
C UNK S 68 78.84 -58.36 27.40
N UNK S 69 78.69 -57.03 27.39
CA UNK S 69 77.78 -56.39 26.45
C UNK S 69 78.27 -56.57 25.02
N UNK S 70 79.59 -56.46 24.80
CA UNK S 70 80.14 -56.72 23.48
C UNK S 70 79.85 -58.16 23.04
N UNK S 71 80.07 -59.11 23.94
CA UNK S 71 79.73 -60.51 23.66
C UNK S 71 78.27 -60.63 23.23
N UNK S 72 77.37 -60.02 23.99
CA UNK S 72 75.95 -60.14 23.69
C UNK S 72 75.60 -59.55 22.34
N UNK S 73 76.15 -58.37 22.02
CA UNK S 73 75.83 -57.73 20.75
C UNK S 73 76.36 -58.54 19.58
N UNK S 74 77.68 -58.79 19.55
CA UNK S 74 78.26 -59.47 18.40
C UNK S 74 77.76 -60.90 18.28
N UNK S 75 77.61 -61.60 19.40
CA UNK S 75 77.06 -62.94 19.36
C UNK S 75 75.62 -62.96 18.85
N UNK S 76 74.83 -61.96 19.24
CA UNK S 76 73.49 -61.81 18.69
C UNK S 76 73.55 -61.68 17.17
N UNK S 77 74.44 -60.82 16.67
CA UNK S 77 74.61 -60.70 15.21
C UNK S 77 74.95 -62.05 14.59
N UNK S 78 75.95 -62.74 15.15
CA UNK S 78 76.36 -64.02 14.60
C UNK S 78 75.24 -65.04 14.57
N UNK S 79 74.35 -65.02 15.57
CA UNK S 79 73.23 -65.95 15.56
C UNK S 79 72.15 -65.54 14.57
N UNK S 80 71.99 -64.23 14.33
CA UNK S 80 71.01 -63.78 13.34
C UNK S 80 71.48 -64.11 11.93
N UNK S 81 72.77 -63.86 11.64
CA UNK S 81 73.34 -64.30 10.37
C UNK S 81 73.29 -65.81 10.25
N UNK S 82 73.56 -66.52 11.36
CA UNK S 82 73.60 -67.97 11.33
C UNK S 82 72.24 -68.55 10.99
N UNK S 83 71.21 -68.17 11.73
CA UNK S 83 69.86 -68.63 11.41
C UNK S 83 69.37 -68.07 10.09
N UNK S 84 69.95 -66.98 9.61
CA UNK S 84 69.63 -66.51 8.27
C UNK S 84 70.14 -67.49 7.22
N UNK S 85 71.40 -67.92 7.33
CA UNK S 85 71.97 -68.83 6.35
C UNK S 85 71.32 -70.22 6.47
N UNK S 86 70.99 -70.63 7.70
CA UNK S 86 70.32 -71.90 7.90
C UNK S 86 68.94 -71.87 7.26
N UNK S 87 68.11 -70.91 7.65
CA UNK S 87 66.75 -70.83 7.11
C UNK S 87 66.76 -70.63 5.61
N UNK S 88 67.74 -69.89 5.09
CA UNK S 88 67.81 -69.62 3.67
C UNK S 88 68.35 -70.81 2.87
N UNK S 89 69.07 -71.73 3.52
CA UNK S 89 69.59 -72.88 2.81
C UNK S 89 68.53 -73.96 2.62
N UNK S 90 67.70 -74.18 3.63
CA UNK S 90 66.62 -75.16 3.57
C UNK S 90 65.41 -74.67 2.78
N UNK S 91 65.49 -73.49 2.16
CA UNK S 91 64.37 -72.93 1.45
C UNK S 91 63.89 -73.83 0.32
N UNK S 92 64.81 -74.17 -0.59
CA UNK S 92 64.41 -74.65 -1.90
C UNK S 92 63.96 -73.56 -2.83
N UNK S 93 64.04 -72.31 -2.41
CA UNK S 93 63.66 -71.19 -3.26
C UNK S 93 64.72 -70.95 -4.33
N UNK S 94 64.25 -70.72 -5.55
CA UNK S 94 65.14 -70.42 -6.67
C UNK S 94 64.41 -69.42 -7.57
N UNK S 95 65.02 -68.27 -7.86
CA UNK S 95 64.39 -67.34 -8.79
C UNK S 95 64.55 -67.79 -10.24
N UNK S 96 63.53 -67.55 -11.04
CA UNK S 96 63.60 -67.80 -12.48
C UNK S 96 64.51 -66.75 -13.12
N UNK S 97 65.66 -67.19 -13.62
CA UNK S 97 66.60 -66.29 -14.27
C UNK S 97 65.95 -65.51 -15.42
N UNK T 1 11.78 10.57 50.99
CA UNK T 1 12.61 10.77 49.82
C UNK T 1 12.91 9.41 49.18
N UNK T 2 13.16 9.41 47.87
CA UNK T 2 13.42 8.19 47.13
C UNK T 2 14.90 7.83 47.07
N UNK T 3 15.78 8.70 47.56
CA UNK T 3 17.21 8.40 47.65
C UNK T 3 17.68 8.71 49.07
N UNK T 4 18.14 7.67 49.77
CA UNK T 4 18.63 7.83 51.14
C UNK T 4 19.78 6.86 51.35
N UNK T 5 21.00 7.40 51.54
CA UNK T 5 22.15 6.56 51.83
C UNK T 5 22.01 5.80 53.15
N UNK T 6 21.03 6.14 53.98
CA UNK T 6 20.82 5.42 55.22
C UNK T 6 20.01 4.15 55.00
N UNK T 7 18.93 4.24 54.23
CA UNK T 7 18.07 3.09 53.92
C UNK T 7 18.14 2.82 52.42
N UNK T 8 18.96 1.85 52.03
CA UNK T 8 19.08 1.51 50.61
C UNK T 8 18.05 0.51 50.16
N UNK T 9 17.50 -0.31 51.07
CA UNK T 9 16.40 -1.17 50.69
C UNK T 9 15.23 -0.39 50.13
N UNK T 10 14.88 0.72 50.78
CA UNK T 10 13.91 1.63 50.22
C UNK T 10 14.47 2.32 48.98
N UNK T 11 15.76 2.64 49.01
CA UNK T 11 16.38 3.37 47.90
C UNK T 11 16.48 2.50 46.66
N UNK T 12 16.74 1.21 46.83
CA UNK T 12 16.87 0.26 45.73
C UNK T 12 15.61 -0.57 45.52
N UNK T 13 14.50 -0.21 46.15
CA UNK T 13 13.25 -0.89 45.89
C UNK T 13 13.12 -2.28 46.48
N UNK T 14 13.83 -2.56 47.57
CA UNK T 14 13.83 -3.89 48.18
C UNK T 14 12.63 -4.02 49.09
N UNK T 15 11.47 -4.25 48.48
CA UNK T 15 10.21 -4.35 49.20
C UNK T 15 9.54 -5.70 48.99
N UNK T 16 8.57 -5.98 49.85
CA UNK T 16 7.67 -7.12 49.71
C UNK T 16 6.37 -6.56 49.12
N UNK T 17 6.19 -6.70 47.81
CA UNK T 17 5.08 -6.03 47.14
C UNK T 17 3.75 -6.67 47.48
N UNK T 18 3.67 -8.00 47.44
CA UNK T 18 2.40 -8.70 47.67
C UNK T 18 2.40 -9.53 48.94
N UNK T 19 3.46 -9.47 49.75
CA UNK T 19 3.47 -10.15 51.03
C UNK T 19 2.41 -9.61 51.97
N UNK T 20 1.60 -10.51 52.55
CA UNK T 20 0.44 -10.10 53.32
C UNK T 20 0.81 -9.61 54.71
N UNK T 21 1.66 -10.36 55.42
CA UNK T 21 2.11 -10.06 56.77
C UNK T 21 0.99 -10.24 57.79
N UNK T 22 -0.23 -10.54 57.35
CA UNK T 22 -1.35 -10.83 58.22
C UNK T 22 -1.09 -12.12 58.99
N UNK T 23 -1.88 -12.39 60.04
CA UNK T 23 -1.73 -13.66 60.77
C UNK T 23 -2.36 -14.81 60.00
N UNK T 24 -2.18 -16.00 60.55
CA UNK T 24 -2.59 -17.24 59.89
C UNK T 24 -4.10 -17.28 59.66
N UNK T 25 -4.55 -17.45 58.41
CA UNK T 25 -5.97 -17.77 58.19
C UNK T 25 -6.26 -19.23 58.42
N UNK T 26 -5.24 -20.09 58.43
CA UNK T 26 -5.40 -21.49 58.80
C UNK T 26 -5.74 -21.59 60.27
N UNK T 27 -6.90 -22.15 60.59
CA UNK T 27 -7.22 -22.40 61.98
C UNK T 27 -6.34 -23.51 62.53
N UNK T 28 -6.17 -23.51 63.86
CA UNK T 28 -5.40 -24.56 64.50
C UNK T 28 -6.18 -25.88 64.44
N UNK T 29 -5.61 -26.92 65.07
CA UNK T 29 -6.08 -28.29 65.00
C UNK T 29 -5.89 -28.84 63.59
N UNK T 30 -6.22 -28.04 62.58
CA UNK T 30 -5.74 -28.30 61.22
C UNK T 30 -4.22 -28.09 61.15
N UNK T 31 -3.76 -26.95 61.67
CA UNK T 31 -2.34 -26.66 61.69
C UNK T 31 -1.56 -27.71 62.48
N UNK T 32 -2.02 -28.03 63.70
CA UNK T 32 -1.32 -29.04 64.50
C UNK T 32 -1.35 -30.42 63.82
N UNK T 33 -2.46 -30.73 63.15
CA UNK T 33 -2.55 -31.92 62.31
C UNK T 33 -1.38 -32.00 61.33
N UNK T 34 -1.25 -30.99 60.47
CA UNK T 34 -0.20 -31.05 59.45
C UNK T 34 1.19 -30.85 60.05
N UNK T 35 1.29 -30.17 61.19
CA UNK T 35 2.58 -29.94 61.81
C UNK T 35 3.13 -31.22 62.41
N UNK T 36 2.25 -32.05 62.98
CA UNK T 36 2.72 -33.32 63.52
C UNK T 36 2.87 -34.38 62.45
N UNK T 37 2.10 -34.29 61.35
CA UNK T 37 2.18 -35.36 60.35
C UNK T 37 3.23 -35.10 59.28
N UNK T 38 3.42 -33.86 58.85
CA UNK T 38 4.46 -33.53 57.88
C UNK T 38 5.82 -33.28 58.53
N UNK T 39 5.90 -33.39 59.87
CA UNK T 39 7.16 -33.11 60.55
C UNK T 39 8.33 -34.00 60.11
N UNK T 40 8.18 -35.31 59.92
CA UNK T 40 9.34 -36.12 59.50
C UNK T 40 9.94 -35.70 58.17
N UNK T 41 9.19 -34.97 57.34
CA UNK T 41 9.67 -34.57 56.02
C UNK T 41 10.28 -33.18 56.02
N UNK T 42 10.47 -32.56 57.19
CA UNK T 42 10.98 -31.20 57.28
C UNK T 42 12.49 -31.14 57.49
N UNK T 43 13.18 -32.28 57.53
CA UNK T 43 14.63 -32.32 57.53
C UNK T 43 15.08 -32.53 56.08
N UNK T 44 15.71 -31.50 55.50
CA UNK T 44 15.89 -31.49 54.05
C UNK T 44 16.81 -32.61 53.58
N UNK T 45 17.93 -32.85 54.29
CA UNK T 45 18.79 -33.95 53.91
C UNK T 45 18.09 -35.30 54.01
N UNK T 46 17.43 -35.53 55.14
CA UNK T 46 16.67 -36.76 55.32
C UNK T 46 15.59 -36.90 54.25
N UNK T 47 14.90 -35.81 53.93
CA UNK T 47 13.88 -35.87 52.88
C UNK T 47 14.49 -36.23 51.53
N UNK T 48 15.68 -35.67 51.24
CA UNK T 48 16.35 -36.00 50.00
C UNK T 48 16.65 -37.49 49.92
N UNK T 49 17.18 -38.05 51.01
CA UNK T 49 17.48 -39.48 51.00
C UNK T 49 16.21 -40.32 50.87
N UNK T 50 15.15 -39.95 51.61
CA UNK T 50 13.89 -40.69 51.53
C UNK T 50 13.29 -40.63 50.13
N UNK T 51 13.48 -39.51 49.43
CA UNK T 51 12.91 -39.38 48.09
C UNK T 51 13.73 -40.15 47.06
N UNK T 52 15.06 -40.10 47.16
CA UNK T 52 15.89 -40.79 46.18
C UNK T 52 15.79 -42.30 46.35
N UNK T 53 15.92 -42.78 47.59
CA UNK T 53 15.85 -44.21 47.82
C UNK T 53 14.42 -44.72 47.76
N UNK T 54 13.47 -43.96 48.32
CA UNK T 54 12.07 -44.37 48.24
C UNK T 54 11.55 -44.39 46.81
N UNK T 55 11.73 -43.29 46.10
CA UNK T 55 11.32 -43.25 44.71
C UNK T 55 12.09 -44.21 43.82
N UNK T 56 13.37 -44.41 44.12
CA UNK T 56 14.16 -45.33 43.33
C UNK T 56 13.70 -46.77 43.49
N UNK T 57 13.50 -47.20 44.73
CA UNK T 57 13.02 -48.56 44.96
C UNK T 57 11.58 -48.72 44.46
N UNK T 58 10.75 -47.68 44.61
CA UNK T 58 9.41 -47.71 44.04
C UNK T 58 9.45 -47.95 42.54
N UNK T 59 10.30 -47.19 41.84
CA UNK T 59 10.50 -47.38 40.41
C UNK T 59 10.93 -48.80 40.10
N UNK T 60 11.97 -49.28 40.80
CA UNK T 60 12.42 -50.66 40.62
C UNK T 60 11.30 -51.65 40.81
N UNK T 61 10.37 -51.35 41.72
CA UNK T 61 9.28 -52.28 42.00
C UNK T 61 8.29 -52.33 40.84
N UNK T 62 7.78 -51.17 40.44
CA UNK T 62 6.81 -51.16 39.34
C UNK T 62 7.43 -51.59 38.02
N UNK T 63 8.75 -51.48 37.89
CA UNK T 63 9.42 -51.95 36.69
C UNK T 63 9.62 -53.47 36.71
N UNK T 64 9.98 -54.02 37.87
CA UNK T 64 10.22 -55.45 37.95
C UNK T 64 8.93 -56.26 37.90
N UNK T 65 7.83 -55.68 38.37
CA UNK T 65 6.56 -56.39 38.47
C UNK T 65 5.57 -56.00 37.38
N UNK T 66 6.02 -55.32 36.34
CA UNK T 66 5.13 -54.91 35.26
C UNK T 66 4.64 -56.12 34.48
N UNK T 67 3.42 -56.00 33.94
CA UNK T 67 2.76 -57.07 33.21
C UNK T 67 2.71 -56.75 31.73
N UNK T 68 2.77 -57.81 30.91
CA UNK T 68 2.68 -57.65 29.47
C UNK T 68 1.40 -57.02 28.99
N UNK T 69 0.34 -57.07 29.80
CA UNK T 69 -0.90 -56.36 29.48
C UNK T 69 -0.74 -54.85 29.62
N UNK T 70 0.36 -54.39 30.21
CA UNK T 70 0.67 -52.97 30.34
C UNK T 70 1.80 -52.57 29.40
N UNK T 71 2.91 -53.30 29.43
CA UNK T 71 4.06 -53.02 28.59
C UNK T 71 4.17 -54.07 27.49
N UNK T 72 4.20 -53.67 26.22
CA UNK T 72 4.54 -54.64 25.16
C UNK T 72 5.93 -55.24 25.32
N UNK T 73 6.83 -54.57 26.06
CA UNK T 73 8.20 -55.05 26.16
C UNK T 73 8.29 -56.28 27.06
N UNK T 74 7.40 -56.40 28.05
CA UNK T 74 7.35 -57.64 28.83
C UNK T 74 6.57 -58.72 28.12
N UNK T 75 5.46 -58.35 27.46
CA UNK T 75 4.67 -59.30 26.70
C UNK T 75 5.51 -60.05 25.67
N UNK T 76 6.56 -59.41 25.15
CA UNK T 76 7.41 -60.03 24.17
C UNK T 76 6.72 -60.17 22.83
N UNK T 77 7.46 -60.61 21.81
CA UNK T 77 6.84 -60.85 20.51
C UNK T 77 5.82 -61.97 20.58
N UNK T 78 4.69 -61.77 19.90
CA UNK T 78 3.65 -62.78 19.82
C UNK T 78 3.49 -63.35 18.43
N UNK T 79 4.31 -62.92 17.47
CA UNK T 79 4.22 -63.37 16.10
C UNK T 79 5.38 -64.28 15.73
N UNK T 80 5.22 -65.13 14.72
CA UNK T 80 6.34 -65.92 14.22
C UNK T 80 7.45 -65.01 13.70
N UNK T 81 8.68 -65.23 14.15
CA UNK T 81 9.78 -64.35 13.73
C UNK T 81 9.96 -64.37 12.21
N UNK T 82 10.07 -63.17 11.63
CA UNK T 82 10.22 -63.03 10.19
C UNK T 82 11.63 -63.45 9.76
N UNK T 83 11.88 -63.34 8.46
CA UNK T 83 13.14 -63.76 7.87
C UNK T 83 13.86 -62.55 7.30
N UNK T 84 15.16 -62.45 7.56
CA UNK T 84 15.95 -61.35 7.09
C UNK T 84 16.06 -61.29 5.58
N UNK T 85 16.65 -60.20 5.06
CA UNK T 85 16.77 -60.04 3.60
C UNK T 85 17.42 -61.22 2.89
N UNK T 86 18.65 -61.56 3.29
CA UNK T 86 19.28 -62.79 2.83
C UNK T 86 19.41 -63.84 3.92
N UNK T 87 19.37 -63.42 5.18
CA UNK T 87 19.79 -64.22 6.33
C UNK T 87 18.62 -64.44 7.29
N UNK T 88 18.92 -64.97 8.47
CA UNK T 88 17.92 -65.24 9.49
C UNK T 88 17.49 -63.99 10.26
N UNK U 1 14.10 -59.95 32.81
CA UNK U 1 13.83 -59.47 34.16
C UNK U 1 14.88 -58.45 34.58
N UNK U 2 16.16 -58.80 34.44
CA UNK U 2 17.23 -57.89 34.82
C UNK U 2 17.19 -56.57 34.05
N UNK U 3 16.96 -56.52 32.73
CA UNK U 3 16.81 -55.22 32.07
C UNK U 3 15.70 -54.36 32.65
N UNK U 4 14.61 -54.98 33.13
CA UNK U 4 13.56 -54.20 33.77
C UNK U 4 14.02 -53.58 35.08
N UNK U 5 15.14 -54.05 35.64
CA UNK U 5 15.70 -53.42 36.83
C UNK U 5 16.76 -52.39 36.45
N UNK U 6 17.69 -52.74 35.55
CA UNK U 6 18.85 -51.89 35.30
C UNK U 6 18.59 -50.79 34.27
N UNK U 7 17.60 -50.93 33.41
CA UNK U 7 17.31 -49.86 32.45
C UNK U 7 16.75 -48.65 33.18
N UNK U 8 15.76 -48.78 34.07
CA UNK U 8 15.38 -47.61 34.88
C UNK U 8 16.44 -47.21 35.89
N UNK U 9 17.31 -48.14 36.29
CA UNK U 9 18.35 -47.81 37.25
C UNK U 9 19.36 -46.82 36.68
N UNK U 10 19.84 -47.06 35.46
CA UNK U 10 20.83 -46.19 34.83
C UNK U 10 20.20 -45.15 33.92
N UNK U 11 18.90 -45.23 33.66
CA UNK U 11 18.25 -44.28 32.79
C UNK U 11 17.38 -43.29 33.53
N UNK U 12 17.12 -43.56 34.81
CA UNK U 12 16.29 -42.68 35.62
C UNK U 12 16.94 -42.36 36.97
N UNK U 13 17.20 -43.40 37.77
CA UNK U 13 17.75 -43.18 39.11
C UNK U 13 19.16 -42.60 39.03
N UNK U 14 20.04 -43.25 38.27
CA UNK U 14 21.42 -42.77 38.15
C UNK U 14 21.50 -41.36 37.60
N UNK U 15 20.77 -40.98 36.53
CA UNK U 15 20.85 -39.57 36.08
C UNK U 15 20.27 -38.60 37.08
N UNK U 16 19.22 -38.97 37.81
CA UNK U 16 18.67 -38.07 38.81
C UNK U 16 19.66 -37.83 39.95
N UNK U 17 20.27 -38.91 40.44
CA UNK U 17 21.24 -38.78 41.53
C UNK U 17 22.47 -38.00 41.07
N UNK U 18 22.99 -38.34 39.88
CA UNK U 18 24.18 -37.65 39.39
C UNK U 18 23.92 -36.18 39.13
N UNK U 19 22.75 -35.85 38.55
CA UNK U 19 22.44 -34.46 38.27
C UNK U 19 22.22 -33.67 39.55
N UNK U 20 21.53 -34.25 40.53
CA UNK U 20 21.34 -33.57 41.80
C UNK U 20 22.66 -33.35 42.52
N UNK U 21 23.48 -34.41 42.59
CA UNK U 21 24.77 -34.31 43.28
C UNK U 21 25.68 -33.29 42.62
N UNK U 22 25.86 -33.40 41.29
CA UNK U 22 26.67 -32.44 40.57
C UNK U 22 26.12 -31.02 40.73
N UNK U 23 24.79 -30.89 40.79
CA UNK U 23 24.20 -29.58 41.05
C UNK U 23 24.67 -29.03 42.38
N UNK U 24 24.66 -29.86 43.43
CA UNK U 24 25.10 -29.42 44.74
C UNK U 24 26.58 -29.04 44.73
N UNK U 25 27.44 -29.92 44.21
CA UNK U 25 28.86 -29.61 44.14
C UNK U 25 29.11 -28.31 43.37
N UNK U 26 28.36 -28.09 42.29
CA UNK U 26 28.60 -26.95 41.43
C UNK U 26 28.07 -25.65 42.08
N UNK U 27 27.05 -25.74 42.92
CA UNK U 27 26.53 -24.55 43.58
C UNK U 27 27.15 -24.29 44.95
N UNK U 28 28.08 -25.13 45.41
CA UNK U 28 28.66 -24.97 46.74
C UNK U 28 29.50 -23.71 46.83
N UNK U 29 29.63 -23.22 48.07
CA UNK U 29 30.44 -22.03 48.38
C UNK U 29 31.29 -22.35 49.60
N UNK U 30 32.60 -22.20 49.46
CA UNK U 30 33.51 -22.44 50.58
C UNK U 30 33.90 -21.13 51.25
N UNK V 1 32.55 14.86 -23.07
CA UNK V 1 33.09 13.92 -24.05
C UNK V 1 34.28 13.19 -23.46
N UNK V 2 35.28 13.95 -23.01
CA UNK V 2 36.40 13.36 -22.32
C UNK V 2 35.95 12.64 -21.06
N UNK V 3 35.04 13.25 -20.30
CA UNK V 3 34.49 12.62 -19.11
C UNK V 3 33.69 11.36 -19.45
N UNK V 4 33.02 11.34 -20.61
CA UNK V 4 32.23 10.17 -20.98
C UNK V 4 33.14 8.99 -21.35
N UNK V 5 34.19 9.24 -22.14
CA UNK V 5 35.18 8.20 -22.39
C UNK V 5 35.79 7.72 -21.08
N UNK V 6 36.03 8.63 -20.14
CA UNK V 6 36.52 8.22 -18.83
C UNK V 6 35.54 7.26 -18.16
N UNK V 7 34.25 7.63 -18.12
CA UNK V 7 33.26 6.74 -17.53
C UNK V 7 33.24 5.39 -18.21
N UNK V 8 33.32 5.38 -19.54
CA UNK V 8 33.35 4.12 -20.28
C UNK V 8 34.63 3.33 -20.04
N UNK V 9 35.66 3.95 -19.48
CA UNK V 9 36.87 3.22 -19.10
C UNK V 9 36.80 2.60 -17.72
N UNK V 10 35.72 2.84 -16.97
CA UNK V 10 35.65 2.39 -15.59
C UNK V 10 35.42 0.89 -15.53
N UNK V 11 35.89 0.27 -14.44
CA UNK V 11 36.04 -1.17 -14.28
C UNK V 11 34.82 -1.97 -14.73
N UNK V 12 33.60 -1.70 -14.22
CA UNK V 12 32.47 -2.55 -14.64
C UNK V 12 32.13 -2.40 -16.11
N UNK V 13 32.20 -1.19 -16.66
CA UNK V 13 31.82 -0.99 -18.07
C UNK V 13 32.84 -1.65 -18.99
N UNK V 14 34.13 -1.39 -18.76
CA UNK V 14 35.17 -2.09 -19.51
C UNK V 14 35.04 -3.60 -19.38
N UNK V 15 34.56 -4.07 -18.22
CA UNK V 15 34.39 -5.51 -18.04
C UNK V 15 33.24 -6.05 -18.88
N UNK V 16 32.09 -5.33 -18.92
CA UNK V 16 30.98 -5.81 -19.73
C UNK V 16 31.34 -5.80 -21.21
N UNK V 17 31.99 -4.74 -21.67
CA UNK V 17 32.42 -4.70 -23.06
C UNK V 17 33.38 -5.85 -23.37
N UNK V 18 34.37 -6.03 -22.51
CA UNK V 18 35.41 -7.04 -22.74
C UNK V 18 34.82 -8.45 -22.76
N UNK V 19 34.02 -8.80 -21.75
CA UNK V 19 33.45 -10.13 -21.68
C UNK V 19 32.33 -10.34 -22.69
N UNK V 20 31.65 -9.26 -23.09
CA UNK V 20 30.64 -9.40 -24.14
C UNK V 20 31.29 -9.72 -25.47
N UNK V 21 32.40 -9.04 -25.78
CA UNK V 21 33.17 -9.40 -26.96
C UNK V 21 33.65 -10.84 -26.87
N UNK V 22 34.22 -11.21 -25.72
CA UNK V 22 34.73 -12.57 -25.56
C UNK V 22 33.62 -13.60 -25.72
N UNK V 23 32.42 -13.29 -25.24
CA UNK V 23 31.31 -14.22 -25.34
C UNK V 23 30.85 -14.36 -26.78
N UNK V 24 30.70 -13.25 -27.49
CA UNK V 24 30.37 -13.35 -28.91
C UNK V 24 31.38 -14.17 -29.68
N UNK V 25 32.67 -13.95 -29.41
CA UNK V 25 33.73 -14.72 -30.06
C UNK V 25 33.58 -16.21 -29.78
N UNK V 26 33.53 -16.59 -28.50
CA UNK V 26 33.46 -18.01 -28.16
C UNK V 26 32.18 -18.65 -28.70
N UNK V 27 31.07 -17.90 -28.69
CA UNK V 27 29.82 -18.41 -29.23
C UNK V 27 29.96 -18.70 -30.71
N UNK V 28 30.55 -17.77 -31.46
CA UNK V 28 30.69 -17.98 -32.90
C UNK V 28 31.65 -19.12 -33.21
N UNK V 29 32.72 -19.24 -32.42
CA UNK V 29 33.64 -20.37 -32.60
C UNK V 29 32.93 -21.69 -32.37
N UNK V 30 32.11 -21.77 -31.32
CA UNK V 30 31.31 -22.97 -31.11
C UNK V 30 30.18 -23.10 -32.11
N UNK V 31 29.90 -22.06 -32.88
CA UNK V 31 28.90 -22.14 -33.94
C UNK V 31 29.49 -22.74 -35.21
N UNK V 32 30.74 -22.37 -35.56
CA UNK V 32 31.41 -22.95 -36.72
C UNK V 32 32.16 -24.21 -36.41
N UNK V 33 32.49 -24.46 -35.14
CA UNK V 33 33.23 -25.64 -34.74
C UNK V 33 32.58 -26.22 -33.50
N UNK V 34 31.38 -26.76 -33.63
CA UNK V 34 30.62 -27.22 -32.45
C UNK V 34 31.16 -28.55 -31.93
N UNK V 35 30.73 -28.87 -30.71
CA UNK V 35 31.13 -30.08 -29.99
C UNK V 35 32.63 -30.02 -29.78
N UNK V 36 33.43 -30.96 -30.29
CA UNK V 36 34.88 -30.90 -30.22
C UNK V 36 35.42 -31.13 -28.80
N UNK V 37 35.75 -32.38 -28.50
CA UNK V 37 36.50 -32.71 -27.31
C UNK V 37 38.01 -32.59 -27.50
N UNK V 38 38.48 -32.40 -28.73
CA UNK V 38 39.90 -32.48 -29.03
C UNK V 38 40.28 -31.37 -30.00
N UNK V 39 41.59 -31.18 -30.13
CA UNK V 39 42.20 -30.34 -31.15
C UNK V 39 42.51 -31.21 -32.36
N UNK V 40 41.64 -31.23 -33.37
CA UNK V 40 41.72 -32.27 -34.41
C UNK V 40 42.78 -32.01 -35.47
N UNK V 41 43.37 -30.82 -35.53
CA UNK V 41 44.24 -30.48 -36.65
C UNK V 41 45.64 -31.04 -36.48
N UNK W 1 -38.62 15.69 -15.62
CA UNK W 1 -38.91 14.88 -14.45
C UNK W 1 -39.12 13.42 -14.93
N UNK W 2 -40.26 12.81 -14.60
CA UNK W 2 -40.56 11.46 -15.05
C UNK W 2 -40.34 10.37 -14.03
N UNK W 3 -40.26 10.70 -12.74
CA UNK W 3 -40.06 9.70 -11.69
C UNK W 3 -40.21 10.33 -10.31
N UNK W 4 -40.60 9.54 -9.29
CA UNK W 4 -40.47 10.03 -7.91
C UNK W 4 -39.03 10.19 -7.49
N UNK W 5 -38.09 9.55 -8.20
CA UNK W 5 -36.67 9.75 -7.94
C UNK W 5 -36.29 11.21 -8.01
N UNK W 6 -36.95 11.99 -8.88
CA UNK W 6 -36.68 13.42 -8.95
C UNK W 6 -36.99 14.10 -7.63
N UNK W 7 -38.12 13.74 -7.00
CA UNK W 7 -38.49 14.37 -5.74
C UNK W 7 -37.46 14.08 -4.65
N UNK W 8 -36.99 12.84 -4.57
CA UNK W 8 -36.02 12.49 -3.52
C UNK W 8 -34.65 13.08 -3.84
N UNK W 9 -34.34 13.26 -5.12
CA UNK W 9 -33.04 13.81 -5.49
C UNK W 9 -32.99 15.31 -5.22
N UNK W 10 -34.02 16.05 -5.61
CA UNK W 10 -34.10 17.46 -5.24
C UNK W 10 -34.36 17.62 -3.75
N UNK W 11 -34.84 16.56 -3.09
CA UNK W 11 -35.09 16.61 -1.65
C UNK W 11 -33.78 16.53 -0.88
N UNK W 12 -33.03 15.44 -1.05
CA UNK W 12 -31.73 15.32 -0.39
C UNK W 12 -30.78 16.41 -0.88
N UNK W 13 -30.79 16.67 -2.19
CA UNK W 13 -29.94 17.72 -2.75
C UNK W 13 -30.25 19.07 -2.14
N UNK W 14 -31.49 19.56 -2.31
CA UNK W 14 -31.84 20.89 -1.82
C UNK W 14 -31.78 20.96 -0.30
N UNK W 15 -31.96 19.84 0.39
CA UNK W 15 -31.85 19.84 1.85
C UNK W 15 -30.39 20.02 2.29
N UNK W 16 -29.46 19.37 1.60
CA UNK W 16 -28.05 19.56 1.92
C UNK W 16 -27.56 20.92 1.46
N UNK W 17 -28.03 21.38 0.29
CA UNK W 17 -27.75 22.74 -0.15
C UNK W 17 -28.22 23.77 0.87
N UNK W 18 -29.40 23.55 1.44
CA UNK W 18 -29.91 24.45 2.46
C UNK W 18 -29.10 24.35 3.74
N UNK W 19 -28.68 23.13 4.10
CA UNK W 19 -27.85 22.94 5.28
C UNK W 19 -26.55 23.73 5.16
N UNK W 20 -25.74 23.41 4.16
CA UNK W 20 -24.50 24.14 3.97
C UNK W 20 -24.69 25.61 3.64
N UNK W 21 -25.88 25.98 3.16
CA UNK W 21 -26.15 27.34 2.71
C UNK W 21 -26.07 28.35 3.85
N UNK W 22 -27.02 28.28 4.79
CA UNK W 22 -27.09 29.24 5.88
C UNK W 22 -26.26 28.79 7.08
N UNK W 23 -26.63 27.67 7.67
CA UNK W 23 -25.91 27.16 8.83
C UNK W 23 -26.32 25.73 9.09
N UNK W 24 -25.73 25.17 10.16
CA UNK W 24 -25.98 23.80 10.59
C UNK W 24 -25.45 22.79 9.58
N UNK W 25 -24.26 23.09 9.02
CA UNK W 25 -23.51 22.19 8.16
C UNK W 25 -22.12 22.79 7.94
N UNK W 26 -21.07 21.98 8.00
CA UNK W 26 -19.71 22.51 7.80
C UNK W 26 -19.50 23.10 6.43
N UNK W 27 -19.77 24.40 6.27
CA UNK W 27 -19.52 25.08 5.02
C UNK W 27 -18.01 25.31 4.84
N UNK W 28 -17.64 25.93 3.72
CA UNK W 28 -16.24 26.25 3.49
C UNK W 28 -15.73 27.26 4.49
N UNK W 29 -16.60 28.14 4.99
CA UNK W 29 -16.26 29.14 5.98
C UNK W 29 -16.64 28.72 7.40
N UNK W 30 -17.03 27.45 7.60
CA UNK W 30 -17.43 26.95 8.91
C UNK W 30 -16.78 25.60 9.12
N UNK W 31 -15.74 25.56 9.96
CA UNK W 31 -15.04 24.32 10.28
C UNK W 31 -15.64 23.68 11.53
N UNK W 32 -15.76 22.35 11.50
CA UNK W 32 -16.39 21.61 12.58
C UNK W 32 -15.35 20.86 13.40
N UNK W 33 -15.74 20.54 14.65
CA UNK W 33 -14.86 19.87 15.60
C UNK W 33 -15.45 18.56 16.11
N UNK W 34 -16.62 18.61 16.74
CA UNK W 34 -17.26 17.39 17.24
C UNK W 34 -18.78 17.58 17.33
N UNK W 35 -19.17 23.67 14.96
CA UNK W 35 -19.04 24.50 13.77
C UNK W 35 -18.36 25.83 14.07
N UNK W 36 -17.03 25.82 14.15
CA UNK W 36 -16.28 27.05 14.31
C UNK W 36 -16.20 27.80 12.99
N UNK W 37 -16.10 29.13 13.08
CA UNK W 37 -15.99 29.97 11.91
C UNK W 37 -14.53 30.09 11.48
N UNK W 38 -14.29 30.04 10.18
CA UNK W 38 -12.95 30.20 9.62
C UNK W 38 -13.07 30.85 8.24
N UNK W 39 -11.95 31.35 7.75
CA UNK W 39 -11.91 32.02 6.46
C UNK W 39 -11.32 31.09 5.41
N UNK W 40 -12.03 30.95 4.29
CA UNK W 40 -11.53 30.16 3.17
C UNK W 40 -10.56 30.93 2.30
N UNK W 41 -10.61 32.26 2.34
CA UNK W 41 -9.89 33.08 1.39
C UNK W 41 -10.51 33.16 0.03
N UNK W 42 -11.46 32.28 -0.28
CA UNK W 42 -12.14 32.25 -1.57
C UNK W 42 -13.39 33.11 -1.48
N UNK W 43 -13.41 34.23 -2.20
CA UNK W 43 -14.53 35.15 -2.11
C UNK W 43 -15.74 34.61 -2.85
N UNK W 44 -16.91 35.09 -2.44
CA UNK W 44 -18.18 34.67 -3.01
C UNK W 44 -19.12 35.87 -3.01
N UNK W 45 -19.87 36.03 -4.10
CA UNK W 45 -20.87 37.09 -4.15
C UNK W 45 -21.95 36.94 -3.10
N UNK W 46 -22.21 35.70 -2.67
CA UNK W 46 -23.21 35.47 -1.63
C UNK W 46 -22.75 36.07 -0.32
N UNK W 47 -23.58 36.87 0.35
CA UNK W 47 -23.12 37.58 1.56
C UNK W 47 -22.94 36.69 2.77
N UNK W 48 -23.53 35.50 2.79
CA UNK W 48 -23.50 34.65 3.97
C UNK W 48 -22.30 33.70 3.99
N UNK W 49 -21.31 33.92 3.14
CA UNK W 49 -20.12 33.10 3.15
C UNK W 49 -20.26 31.73 2.53
N UNK W 50 -21.41 31.41 1.96
CA UNK W 50 -21.62 30.13 1.29
C UNK W 50 -20.94 30.17 -0.08
N UNK W 51 -19.87 29.40 -0.24
CA UNK W 51 -18.97 29.52 -1.38
C UNK W 51 -19.31 28.49 -2.46
N UNK W 52 -18.50 28.50 -3.52
CA UNK W 52 -18.66 27.55 -4.62
C UNK W 52 -18.15 26.17 -4.25
N UNK W 53 -17.05 26.09 -3.51
CA UNK W 53 -16.56 24.80 -3.03
C UNK W 53 -17.61 24.11 -2.19
N UNK W 54 -18.25 24.84 -1.27
CA UNK W 54 -19.30 24.26 -0.45
C UNK W 54 -20.58 24.04 -1.23
N UNK W 55 -20.80 24.79 -2.31
CA UNK W 55 -21.93 24.51 -3.20
C UNK W 55 -21.77 23.14 -3.85
N UNK W 56 -20.60 22.91 -4.45
CA UNK W 56 -20.31 21.60 -5.03
C UNK W 56 -20.38 20.50 -3.98
N UNK W 57 -19.82 20.75 -2.79
CA UNK W 57 -19.84 19.75 -1.73
C UNK W 57 -21.27 19.38 -1.35
N UNK W 58 -22.09 20.38 -1.02
CA UNK W 58 -23.47 20.11 -0.60
C UNK W 58 -24.29 19.48 -1.70
N UNK W 59 -24.02 19.84 -2.95
CA UNK W 59 -24.70 19.16 -4.05
C UNK W 59 -24.36 17.69 -4.12
N UNK W 60 -23.06 17.37 -4.08
CA UNK W 60 -22.64 15.97 -4.17
C UNK W 60 -23.15 15.18 -2.98
N UNK W 61 -23.16 15.79 -1.80
CA UNK W 61 -23.69 15.10 -0.62
C UNK W 61 -25.19 14.85 -0.78
N UNK W 62 -25.91 15.84 -1.30
CA UNK W 62 -27.32 15.62 -1.59
C UNK W 62 -27.55 14.53 -2.62
N UNK W 63 -26.56 14.29 -3.49
CA UNK W 63 -26.67 13.21 -4.45
C UNK W 63 -26.29 11.86 -3.85
N UNK W 64 -25.35 11.83 -2.90
CA UNK W 64 -25.04 10.59 -2.20
C UNK W 64 -26.24 10.16 -1.37
N UNK W 65 -26.78 11.07 -0.56
CA UNK W 65 -28.00 10.79 0.18
C UNK W 65 -29.14 10.44 -0.76
N UNK W 66 -29.26 11.17 -1.87
CA UNK W 66 -30.42 10.99 -2.74
C UNK W 66 -30.39 9.66 -3.48
N UNK W 67 -29.24 9.32 -4.06
CA UNK W 67 -29.11 8.06 -4.78
C UNK W 67 -29.16 6.88 -3.81
N UNK W 68 -28.54 7.02 -2.64
CA UNK W 68 -28.65 5.98 -1.63
C UNK W 68 -30.09 5.76 -1.17
N UNK W 69 -30.84 6.86 -1.00
CA UNK W 69 -32.21 6.74 -0.53
C UNK W 69 -33.11 6.17 -1.62
N UNK W 70 -32.97 6.66 -2.86
CA UNK W 70 -33.83 6.16 -3.95
C UNK W 70 -33.53 4.70 -4.23
N UNK W 71 -32.26 4.30 -4.18
CA UNK W 71 -31.94 2.88 -4.32
C UNK W 71 -32.38 2.08 -3.10
N UNK W 72 -32.54 2.73 -1.94
CA UNK W 72 -33.16 2.07 -0.81
C UNK W 72 -34.67 2.02 -0.87
N UNK W 73 -35.29 2.87 -1.70
CA UNK W 73 -36.73 2.92 -1.88
C UNK W 73 -37.19 1.98 -2.98
N UNK W 74 -36.41 1.87 -4.05
CA UNK W 74 -36.75 1.02 -5.18
C UNK W 74 -36.44 -0.44 -4.89
N UNK W 75 -35.33 -0.71 -4.20
CA UNK W 75 -34.98 -2.08 -3.84
C UNK W 75 -35.74 -2.59 -2.63
N UNK W 76 -36.68 -1.82 -2.09
CA UNK W 76 -37.59 -2.31 -1.06
C UNK W 76 -39.01 -2.27 -1.61
N UNK W 77 -39.52 -1.06 -1.88
CA UNK W 77 -40.85 -0.90 -2.41
C UNK W 77 -41.42 0.49 -2.18
N UNK X 1 -5.24 12.66 33.48
CA UNK X 1 -5.42 11.36 34.13
C UNK X 1 -4.79 10.24 33.34
N UNK X 2 -3.94 9.46 34.01
CA UNK X 2 -3.18 8.40 33.36
C UNK X 2 -3.17 7.16 34.24
N UNK X 3 -3.23 5.99 33.60
CA UNK X 3 -3.39 4.73 34.31
C UNK X 3 -2.06 4.13 34.76
N UNK X 4 -1.00 4.30 33.99
CA UNK X 4 0.28 3.70 34.29
C UNK X 4 1.16 4.70 35.03
N UNK X 5 1.75 4.26 36.14
CA UNK X 5 2.61 5.06 36.99
C UNK X 5 3.88 4.28 37.29
N UNK X 6 4.93 4.95 37.74
CA UNK X 6 6.14 4.22 38.15
C UNK X 6 5.87 3.35 39.37
N UNK X 7 6.74 2.37 39.58
CA UNK X 7 6.55 1.41 40.66
C UNK X 7 6.83 2.09 42.00
N UNK X 8 5.82 2.10 42.88
CA UNK X 8 5.95 2.66 44.22
C UNK X 8 6.48 4.09 44.21
N UNK X 9 6.21 4.81 43.11
CA UNK X 9 6.62 6.19 42.98
C UNK X 9 8.04 6.41 42.49
N UNK X 10 8.90 5.39 42.54
CA UNK X 10 10.30 5.56 42.16
C UNK X 10 10.48 5.23 40.68
N UNK X 11 10.63 6.23 39.82
CA UNK X 11 10.66 5.98 38.37
C UNK X 11 11.99 5.45 37.85
N UNK X 12 12.95 5.17 38.71
CA UNK X 12 14.24 4.64 38.28
C UNK X 12 14.51 3.25 38.80
N UNK X 13 13.58 2.68 39.56
CA UNK X 13 13.52 1.24 39.78
C UNK X 13 12.84 0.62 38.57
N UNK X 14 13.50 -0.37 37.96
CA UNK X 14 13.06 -0.91 36.69
C UNK X 14 11.77 -1.72 36.70
N UNK X 15 10.62 -1.04 36.73
CA UNK X 15 9.31 -1.67 36.58
C UNK X 15 8.28 -0.56 36.44
N UNK X 16 7.00 -0.96 36.34
CA UNK X 16 5.90 -0.04 36.22
C UNK X 16 4.72 -0.57 37.02
N UNK X 17 3.78 0.32 37.32
CA UNK X 17 2.54 -0.03 38.00
C UNK X 17 1.39 0.05 37.00
N UNK X 18 0.67 -1.05 36.85
CA UNK X 18 -0.43 -1.18 35.90
C UNK X 18 -1.61 -1.81 36.62
N UNK X 19 -2.79 -1.85 35.97
CA UNK X 19 -3.88 -2.66 36.54
C UNK X 19 -3.48 -4.11 36.75
N UNK X 20 -2.53 -4.62 35.97
CA UNK X 20 -2.10 -6.00 36.14
C UNK X 20 -1.25 -6.15 37.40
N UNK X 21 -0.34 -5.20 37.64
CA UNK X 21 0.59 -5.31 38.76
C UNK X 21 -0.05 -4.87 40.07
N UNK X 22 -0.38 -3.58 40.16
CA UNK X 22 -0.88 -2.98 41.39
C UNK X 22 -2.36 -2.67 41.18
N UNK X 23 -3.22 -3.53 41.74
CA UNK X 23 -4.65 -3.40 41.66
C UNK X 23 -5.20 -4.00 42.94
N UNK X 24 -6.26 -3.43 43.52
CA UNK X 24 -6.78 -3.99 44.78
C UNK X 24 -7.17 -5.45 44.65
N UNK X 25 -7.85 -5.83 43.57
CA UNK X 25 -8.18 -7.23 43.34
C UNK X 25 -6.91 -8.08 43.24
N UNK X 26 -5.95 -7.64 42.43
CA UNK X 26 -4.72 -8.41 42.24
C UNK X 26 -3.92 -8.44 43.54
N UNK X 27 -3.76 -7.28 44.19
CA UNK X 27 -2.96 -7.23 45.41
C UNK X 27 -3.55 -8.09 46.51
N UNK X 28 -4.88 -8.07 46.66
CA UNK X 28 -5.52 -8.92 47.65
C UNK X 28 -5.33 -10.39 47.32
N UNK X 29 -5.59 -10.77 46.06
CA UNK X 29 -5.51 -12.17 45.68
C UNK X 29 -4.10 -12.72 45.88
N UNK X 30 -3.10 -12.00 45.38
CA UNK X 30 -1.73 -12.45 45.56
C UNK X 30 -1.33 -12.47 47.03
N UNK X 31 -1.75 -11.46 47.79
CA UNK X 31 -1.48 -11.43 49.23
C UNK X 31 -2.12 -12.58 49.96
N UNK X 32 -3.19 -13.17 49.41
CA UNK X 32 -3.89 -14.25 50.07
C UNK X 32 -3.50 -15.63 49.51
N UNK X 33 -2.49 -15.69 48.65
CA UNK X 33 -1.92 -16.97 48.28
C UNK X 33 -0.88 -17.41 49.32
N UNK X 34 -0.73 -18.72 49.54
CA UNK X 34 0.14 -19.18 50.62
C UNK X 34 1.58 -18.67 50.53
N UNK X 35 2.16 -18.67 49.33
CA UNK X 35 3.54 -18.21 49.18
C UNK X 35 3.76 -16.81 49.73
N UNK X 36 2.72 -15.99 49.75
CA UNK X 36 2.84 -14.60 50.18
C UNK X 36 2.33 -14.37 51.59
N UNK X 37 2.16 -15.42 52.38
CA UNK X 37 1.79 -15.31 53.79
C UNK X 37 3.07 -15.37 54.59
N UNK X 38 3.70 -14.21 54.77
CA UNK X 38 5.07 -14.14 55.27
C UNK X 38 5.18 -14.47 56.75
N UNK X 39 4.10 -14.32 57.52
CA UNK X 39 4.14 -14.60 58.95
C UNK X 39 3.76 -16.02 59.29
N UNK X 40 3.18 -16.77 58.34
CA UNK X 40 2.74 -18.14 58.59
C UNK X 40 3.93 -19.09 58.53
N UNK X 41 3.86 -20.15 59.31
CA UNK X 41 4.87 -21.21 59.23
C UNK X 41 4.93 -21.75 57.81
N UNK X 42 6.10 -21.79 57.18
CA UNK X 42 6.19 -22.28 55.80
C UNK X 42 5.65 -23.69 55.61
N UNK X 43 5.63 -24.52 56.66
CA UNK X 43 5.14 -25.89 56.52
C UNK X 43 3.68 -25.89 56.07
N UNK X 44 2.86 -25.02 56.66
CA UNK X 44 1.44 -24.99 56.31
C UNK X 44 1.24 -24.48 54.88
N UNK X 45 1.97 -23.44 54.50
CA UNK X 45 1.89 -22.93 53.14
C UNK X 45 2.31 -24.02 52.15
N UNK X 46 3.34 -24.78 52.49
CA UNK X 46 3.70 -25.93 51.67
C UNK X 46 2.60 -26.96 51.61
N UNK X 47 1.89 -27.17 52.72
CA UNK X 47 0.74 -28.08 52.70
C UNK X 47 -0.28 -27.62 51.67
N UNK X 48 -0.66 -26.34 51.73
CA UNK X 48 -1.67 -25.82 50.80
C UNK X 48 -1.20 -25.93 49.35
N UNK X 49 0.03 -25.49 49.08
CA UNK X 49 0.56 -25.54 47.71
C UNK X 49 0.58 -26.98 47.20
N UNK X 50 1.10 -27.90 48.02
CA UNK X 50 1.15 -29.29 47.61
C UNK X 50 -0.22 -29.88 47.38
N UNK X 51 -1.18 -29.56 48.23
CA UNK X 51 -2.55 -30.04 48.05
C UNK X 51 -3.11 -29.59 46.72
N UNK X 52 -3.01 -28.28 46.44
CA UNK X 52 -3.54 -27.76 45.18
C UNK X 52 -2.85 -28.41 43.97
N UNK X 53 -1.51 -28.40 43.96
CA UNK X 53 -0.79 -28.85 42.78
C UNK X 53 -0.91 -30.36 42.59
N UNK X 54 -0.63 -31.13 43.64
CA UNK X 54 -0.82 -32.57 43.58
C UNK X 54 -2.21 -32.94 43.11
N UNK X 55 -3.23 -32.24 43.60
CA UNK X 55 -4.58 -32.48 43.09
C UNK X 55 -4.67 -32.17 41.60
N UNK X 56 -4.02 -31.10 41.15
CA UNK X 56 -4.13 -30.71 39.74
C UNK X 56 -3.47 -31.73 38.81
N UNK X 57 -2.28 -32.23 39.19
CA UNK X 57 -1.47 -33.02 38.28
C UNK X 57 -2.14 -34.31 37.84
N UNK X 58 -3.15 -34.80 38.58
CA UNK X 58 -3.74 -36.10 38.27
C UNK X 58 -4.41 -36.08 36.91
N UNK X 59 -5.07 -34.97 36.56
CA UNK X 59 -5.83 -34.88 35.33
C UNK X 59 -5.06 -35.21 34.07
N UNK X 60 -4.05 -34.41 33.74
CA UNK X 60 -3.31 -34.63 32.49
C UNK X 60 -2.62 -35.99 32.40
N UNK X 61 -2.06 -36.47 33.51
CA UNK X 61 -1.39 -37.77 33.47
C UNK X 61 -2.36 -38.89 33.11
N UNK X 62 -3.55 -38.87 33.72
CA UNK X 62 -4.51 -39.94 33.50
C UNK X 62 -5.15 -39.81 32.12
N UNK X 63 -5.58 -38.61 31.76
CA UNK X 63 -6.32 -38.44 30.52
C UNK X 63 -5.43 -38.49 29.28
N UNK X 64 -4.18 -38.04 29.38
CA UNK X 64 -3.29 -38.00 28.24
C UNK X 64 -2.26 -39.13 28.21
N UNK X 65 -2.10 -39.88 29.31
CA UNK X 65 -1.07 -40.88 29.41
C UNK X 65 -1.19 -42.02 28.42
N UNK X 66 -0.23 -42.95 28.46
CA UNK X 66 -0.24 -44.06 27.51
C UNK X 66 -1.30 -45.11 27.81
N UNK X 67 -1.63 -45.29 29.09
CA UNK X 67 -2.67 -46.23 29.49
C UNK X 67 -4.05 -45.57 29.56
N UNK X 68 -4.20 -44.40 28.95
CA UNK X 68 -5.45 -43.63 29.07
C UNK X 68 -6.65 -44.41 28.56
N UNK X 69 -6.48 -45.18 27.47
CA UNK X 69 -7.59 -45.88 26.85
C UNK X 69 -7.76 -47.29 27.37
N UNK X 70 -6.97 -47.70 28.36
CA UNK X 70 -7.17 -48.94 29.11
C UNK X 70 -7.68 -48.52 30.48
N UNK X 71 -8.99 -48.30 30.60
CA UNK X 71 -9.59 -47.78 31.82
C UNK X 71 -9.25 -48.63 33.05
N UNK X 72 -8.72 -49.84 32.87
CA UNK X 72 -8.38 -50.68 34.00
C UNK X 72 -7.16 -50.13 34.74
N UNK X 73 -6.14 -49.69 34.00
CA UNK X 73 -4.98 -49.04 34.59
C UNK X 73 -4.93 -47.54 34.34
N UNK X 74 -5.70 -47.04 33.35
CA UNK X 74 -5.67 -45.62 33.05
C UNK X 74 -6.01 -44.76 34.25
N UNK X 75 -7.01 -45.18 35.03
CA UNK X 75 -7.33 -44.49 36.28
C UNK X 75 -6.13 -44.51 37.23
N UNK X 76 -5.44 -45.65 37.31
CA UNK X 76 -4.29 -45.80 38.18
C UNK X 76 -3.05 -45.09 37.67
N UNK X 77 -3.11 -44.45 36.50
CA UNK X 77 -2.03 -43.59 36.04
C UNK X 77 -1.70 -42.41 36.93
N UNK X 78 -2.39 -42.26 38.07
CA UNK X 78 -2.08 -41.19 39.02
C UNK X 78 -0.76 -41.41 39.74
N UNK X 79 -0.26 -42.66 39.74
CA UNK X 79 1.09 -42.94 40.23
C UNK X 79 2.10 -42.00 39.57
N UNK X 80 1.88 -41.67 38.30
CA UNK X 80 2.80 -40.77 37.60
C UNK X 80 2.80 -39.38 38.22
N UNK X 81 1.61 -38.86 38.54
CA UNK X 81 1.54 -37.60 39.26
C UNK X 81 2.25 -37.69 40.59
N UNK X 82 2.08 -38.81 41.30
CA UNK X 82 2.84 -39.01 42.53
C UNK X 82 4.34 -38.95 42.31
N UNK X 83 4.82 -39.60 41.24
CA UNK X 83 6.24 -39.57 40.95
C UNK X 83 6.73 -38.17 40.63
N UNK X 84 5.91 -37.39 39.92
CA UNK X 84 6.29 -36.01 39.65
C UNK X 84 6.32 -35.18 40.93
N UNK X 85 5.44 -35.48 41.89
CA UNK X 85 5.54 -34.85 43.21
C UNK X 85 6.85 -35.22 43.87
N UNK X 86 7.28 -36.48 43.74
CA UNK X 86 8.56 -36.89 44.30
C UNK X 86 9.71 -36.10 43.67
N UNK X 87 9.72 -36.02 42.33
CA UNK X 87 10.81 -35.35 41.63
C UNK X 87 10.83 -33.87 41.97
N UNK X 88 9.67 -33.23 41.95
CA UNK X 88 9.59 -31.82 42.32
C UNK X 88 10.05 -31.59 43.75
N UNK X 89 9.72 -32.52 44.65
CA UNK X 89 10.16 -32.39 46.03
C UNK X 89 11.68 -32.54 46.15
N UNK X 90 12.27 -33.37 45.30
CA UNK X 90 13.73 -33.42 45.21
C UNK X 90 14.28 -32.09 44.74
N UNK X 91 13.65 -31.50 43.71
CA UNK X 91 14.11 -30.21 43.18
C UNK X 91 14.02 -29.11 44.24
N UNK X 92 12.91 -29.07 44.97
CA UNK X 92 12.78 -28.16 46.09
C UNK X 92 13.89 -28.38 47.10
N UNK X 93 14.10 -29.64 47.50
CA UNK X 93 15.07 -29.94 48.54
C UNK X 93 16.47 -29.48 48.15
N UNK X 94 16.91 -29.82 46.93
CA UNK X 94 18.24 -29.41 46.52
C UNK X 94 18.30 -27.92 46.24
N UNK X 95 17.16 -27.29 45.92
CA UNK X 95 17.15 -25.83 45.80
C UNK X 95 17.44 -25.18 47.14
N UNK X 96 16.80 -25.67 48.20
CA UNK X 96 17.06 -25.10 49.52
C UNK X 96 18.45 -25.42 50.03
N UNK X 97 18.88 -26.68 49.86
CA UNK X 97 20.23 -27.05 50.27
C UNK X 97 21.26 -26.17 49.57
N UNK X 98 21.06 -25.93 48.28
CA UNK X 98 21.99 -25.10 47.53
C UNK X 98 21.88 -23.62 47.90
N UNK X 99 20.68 -23.15 48.24
CA UNK X 99 20.43 -21.73 48.35
C UNK X 99 20.67 -21.18 49.75
N UNK X 100 20.37 -21.95 50.78
CA UNK X 100 20.41 -21.47 52.16
C UNK X 100 21.32 -22.35 53.00
N UNK X 101 22.21 -21.72 53.76
CA UNK X 101 23.02 -22.42 54.74
C UNK X 101 22.32 -22.46 56.09
N UNK X 102 22.92 -23.21 57.02
CA UNK X 102 22.24 -23.53 58.28
C UNK X 102 21.92 -22.27 59.07
N UNK X 103 22.92 -21.45 59.33
CA UNK X 103 22.72 -20.30 60.22
C UNK X 103 22.51 -18.97 59.51
N UNK X 104 22.10 -19.02 58.25
CA UNK X 104 21.91 -17.73 57.60
C UNK X 104 20.49 -17.21 57.84
N UNK X 105 20.33 -15.89 57.95
CA UNK X 105 19.00 -15.31 58.11
C UNK X 105 18.26 -15.24 56.77
N UNK X 106 17.00 -14.84 56.85
CA UNK X 106 16.17 -14.77 55.67
C UNK X 106 16.73 -13.76 54.68
N UNK X 107 16.58 -14.06 53.39
CA UNK X 107 16.95 -13.15 52.32
C UNK X 107 15.74 -12.40 51.78
N UNK X 108 14.56 -12.66 52.32
CA UNK X 108 13.36 -11.96 51.91
C UNK X 108 13.46 -10.48 52.29
N UNK X 109 12.69 -9.62 51.63
CA UNK X 109 12.70 -8.21 52.01
C UNK X 109 12.15 -8.00 53.41
N UNK X 110 12.75 -7.06 54.14
CA UNK X 110 12.32 -6.68 55.48
C UNK X 110 11.67 -5.29 55.48
N UNK X 111 11.21 -4.83 54.33
CA UNK X 111 10.48 -3.58 54.21
C UNK X 111 9.12 -3.85 53.57
N UNK X 112 8.18 -2.95 53.82
CA UNK X 112 6.91 -2.98 53.13
C UNK X 112 6.93 -1.98 51.98
N UNK X 113 5.86 -2.00 51.19
CA UNK X 113 5.75 -1.09 50.06
C UNK X 113 5.69 0.36 50.51
N UNK X 114 5.22 0.59 51.73
CA UNK X 114 5.06 1.93 52.28
C UNK X 114 6.27 2.40 53.07
N UNK X 115 7.32 1.59 53.16
CA UNK X 115 8.56 2.01 53.78
C UNK X 115 8.79 1.52 55.20
N UNK X 116 7.77 1.03 55.88
CA UNK X 116 7.94 0.61 57.26
C UNK X 116 8.69 -0.73 57.32
N UNK X 117 9.46 -0.89 58.39
CA UNK X 117 10.24 -2.10 58.61
C UNK X 117 9.33 -3.29 58.82
N UNK X 118 9.74 -4.43 58.24
CA UNK X 118 8.94 -5.64 58.23
C UNK X 118 9.78 -6.79 58.77
N UNK X 119 9.10 -7.86 59.21
CA UNK X 119 9.89 -9.04 59.57
C UNK X 119 9.98 -9.98 58.37
N UNK X 120 11.18 -10.40 57.97
CA UNK X 120 11.33 -11.13 56.71
C UNK X 120 10.78 -12.54 56.79
N UNK X 121 10.26 -13.01 55.65
CA UNK X 121 9.68 -14.35 55.56
C UNK X 121 10.73 -15.40 55.88
N UNK X 122 10.35 -16.37 56.72
CA UNK X 122 11.25 -17.47 57.05
C UNK X 122 11.30 -18.52 55.96
N UNK X 123 10.43 -18.43 54.96
CA UNK X 123 10.53 -19.30 53.79
C UNK X 123 11.92 -19.26 53.19
N UNK X 124 12.54 -18.07 53.17
CA UNK X 124 13.87 -17.88 52.62
C UNK X 124 14.98 -18.24 53.60
N UNK X 125 14.72 -19.19 54.49
CA UNK X 125 15.73 -19.73 55.38
C UNK X 125 15.89 -21.21 55.09
N UNK X 126 17.01 -21.77 55.54
CA UNK X 126 17.25 -23.19 55.34
C UNK X 126 16.19 -24.03 56.05
N UNK X 127 15.90 -23.71 57.31
CA UNK X 127 14.87 -24.46 58.03
C UNK X 127 13.49 -24.17 57.48
N UNK X 128 13.19 -22.90 57.20
CA UNK X 128 11.90 -22.57 56.62
C UNK X 128 11.69 -23.22 55.26
N UNK X 129 12.73 -23.24 54.43
CA UNK X 129 12.60 -23.88 53.13
C UNK X 129 12.44 -25.39 53.27
N UNK X 130 13.19 -26.01 54.18
CA UNK X 130 13.00 -27.44 54.43
C UNK X 130 11.58 -27.74 54.87
N UNK X 131 11.00 -26.87 55.70
CA UNK X 131 9.62 -27.07 56.13
C UNK X 131 8.65 -26.91 54.97
N UNK X 132 8.87 -25.91 54.11
CA UNK X 132 8.00 -25.75 52.95
C UNK X 132 8.11 -26.94 51.99
N UNK X 133 9.29 -27.55 51.89
CA UNK X 133 9.44 -28.72 51.02
C UNK X 133 8.72 -29.93 51.61
N UNK X 134 8.88 -30.17 52.91
CA UNK X 134 8.14 -31.25 53.54
C UNK X 134 6.64 -31.06 53.42
N UNK X 135 6.18 -29.82 53.59
CA UNK X 135 4.76 -29.55 53.45
C UNK X 135 4.27 -29.73 52.02
N UNK X 136 5.08 -29.32 51.04
CA UNK X 136 4.66 -29.51 49.65
C UNK X 136 4.62 -30.99 49.29
N UNK X 137 5.56 -31.77 49.81
CA UNK X 137 5.52 -33.21 49.57
C UNK X 137 4.27 -33.83 50.18
N UNK X 138 4.07 -33.62 51.49
CA UNK X 138 2.91 -34.18 52.17
C UNK X 138 1.61 -33.78 51.48
N UNK X 139 1.41 -32.46 51.29
CA UNK X 139 0.20 -31.99 50.64
C UNK X 139 0.08 -32.46 49.21
N UNK X 140 1.22 -32.70 48.53
CA UNK X 140 1.17 -33.11 47.13
C UNK X 140 0.74 -34.56 46.97
N UNK X 141 1.41 -35.48 47.68
CA UNK X 141 0.96 -36.87 47.74
C UNK X 141 -0.51 -36.92 48.15
N UNK X 142 -0.87 -36.15 49.17
CA UNK X 142 -2.24 -36.16 49.67
C UNK X 142 -3.22 -35.68 48.62
N UNK X 143 -2.85 -34.64 47.86
CA UNK X 143 -3.74 -34.12 46.84
C UNK X 143 -3.91 -35.09 45.68
N UNK X 144 -2.84 -35.78 45.30
CA UNK X 144 -2.95 -36.82 44.29
C UNK X 144 -3.91 -37.90 44.77
N UNK X 145 -3.74 -38.36 46.01
CA UNK X 145 -4.62 -39.39 46.56
C UNK X 145 -6.07 -38.91 46.54
N UNK X 146 -6.30 -37.65 46.91
CA UNK X 146 -7.66 -37.14 46.95
C UNK X 146 -8.29 -37.07 45.57
N UNK X 147 -7.52 -36.65 44.56
CA UNK X 147 -8.05 -36.62 43.20
C UNK X 147 -8.34 -38.03 42.70
N UNK X 148 -7.45 -38.98 42.98
CA UNK X 148 -7.66 -40.35 42.55
C UNK X 148 -8.85 -40.99 43.27
N UNK X 149 -9.16 -40.52 44.48
CA UNK X 149 -10.30 -41.03 45.21
C UNK X 149 -11.62 -40.71 44.52
N UNK X 150 -11.65 -39.70 43.64
CA UNK X 150 -12.85 -39.31 42.92
C UNK X 150 -12.71 -39.74 41.46
N UNK X 151 -13.40 -40.83 41.10
CA UNK X 151 -13.46 -41.32 39.74
C UNK X 151 -14.84 -41.18 39.13
N UNK X 152 -15.80 -40.65 39.89
CA UNK X 152 -17.22 -40.89 39.64
C UNK X 152 -17.98 -39.61 39.38
N UNK X 153 -18.95 -39.70 38.45
CA UNK X 153 -19.90 -38.65 38.12
C UNK X 153 -19.17 -37.37 37.74
N UNK X 154 -18.24 -37.48 36.79
CA UNK X 154 -17.52 -36.32 36.27
C UNK X 154 -17.47 -36.45 34.76
N UNK X 155 -17.77 -35.35 34.07
CA UNK X 155 -17.92 -35.38 32.61
C UNK X 155 -16.64 -35.85 31.90
N UNK X 156 -15.49 -35.76 32.57
CA UNK X 156 -14.23 -36.22 32.00
C UNK X 156 -13.48 -37.02 33.07
N UNK X 157 -13.75 -38.32 33.18
CA UNK X 157 -13.05 -39.18 34.15
C UNK X 157 -11.70 -39.67 33.62
#